data_8ZOE
#
_entry.id   8ZOE
#
_cell.length_a   1.00
_cell.length_b   1.00
_cell.length_c   1.00
_cell.angle_alpha   90.00
_cell.angle_beta   90.00
_cell.angle_gamma   90.00
#
_symmetry.space_group_name_H-M   'P 1'
#
loop_
_entity.id
_entity.type
_entity.pdbx_description
1 polymer VCPI-9
2 polymer VCPI-8
3 polymer VCPI-7
4 polymer VCPI-1
5 polymer 'Photosystem I P700 chlorophyll a apoprotein A1'
6 polymer 'Photosystem I P700 chlorophyll a apoprotein A2'
7 polymer 'Photosystem I reaction center subunit II'
8 polymer 'Photosystem I reaction center subunit IV'
9 polymer 'Photosystem I reaction center subunit III'
10 polymer PsaR
11 polymer 'Photosystem I reaction center subunit VIII'
12 polymer 'Photosystem I reaction center subunit IX'
13 polymer 'PSI subunit V'
14 polymer PsaM
15 polymer PsaS
16 polymer 'Photosystem I iron-sulfur center'
17 non-polymer (1~{R},3~{S})-6-[(3~{E},5~{E},7~{E},9~{E},11~{E},13~{E},15~{Z},17~{E})-16-(hydroxymethyl)-3,7,12-trimethyl-18-[(1~{S},4~{S},6~{R})-2,2,6-trimethyl-4-oxidanyl-7-oxabicyclo[4.1.0]heptan-1-yl]octadeca-1,3,5,7,9,11,13,15,17-nonaenylidene]-1,5,5-trimethyl-cyclohexane-1,3-diol
18 non-polymer '[(2~{Z},4~{E},6~{E},8~{E},10~{E},12~{E},14~{E})-17-[(4~{S},6~{R})-4-acetyloxy-2,2,6-trimethyl-6-oxidanyl-cyclohexylidene]-6,11,15-trimethyl-2-[(~{E})-2-[(1~{S},4~{S},6~{R})-2,2,6-trimethyl-4-oxidanyl-7-oxabicyclo[4.1.0]heptan-1-yl]ethenyl]heptadeca-2,4,6,8,10,12,14,16-octaenyl] octanoate'
19 non-polymer "(3S,5R,6S,3'S,5'R,6'S)-5,6,5',6'-DIEPOXY-5,6,5',6'- TETRAHYDRO-BETA,BETA-CAROTENE-3,3'-DIOL"
20 non-polymer "beta,beta-carotene-4,4'-dione"
21 non-polymer 1,2-DIPALMITOYL-PHOSPHATIDYL-GLYCEROLE
22 non-polymer 'CHLOROPHYLL A'
23 non-polymer 'DIGALACTOSYL DIACYL GLYCEROL (DGDG)'
24 non-polymer 1,2-DI-O-ACYL-3-O-[6-DEOXY-6-SULFO-ALPHA-D-GLUCOPYRANOSYL]-SN-GLYCEROL
25 non-polymer PHYLLOQUINONE
26 non-polymer BETA-CAROTENE
27 non-polymer 'IRON/SULFUR CLUSTER'
28 non-polymer 1,2-DISTEAROYL-MONOGALACTOSYL-DIGLYCERIDE
#
loop_
_entity_poly.entity_id
_entity_poly.type
_entity_poly.pdbx_seq_one_letter_code
_entity_poly.pdbx_strand_id
1 'polypeptide(L)'
;MKTAAILAVLACAANAFVFPTPKVSQTVVRGTPFDTVSKDELAVENKAMAGKSVFERAMADFNGRYPAVAALGLGPSAKA
ERWNGRHAMFGWIVLLATGYAQAHGLLPEGGMDAKEWGTWVIVSTTNGEQVTIPAARAAIAIGHLHFGAVGVFAAYSKNS
VKDRLLLEPGEKDEAPAGLFPALRPGLTKEAEMLNGRVAMLGLVALVAVSAATGQDILSVIDQGLGGLLLKA
;
9
2 'polypeptide(L)'
;MKVTAVLSLLAAPLLASAFIAPAPKATRARGVMSMAQSKALPFLKAPAKLDGSLAGDFGFDPMGISDQVANLKYVRAAEL
KHCRVAMLGFLGWVVQQYVHLPGEIYAESNPLKALTSVPLLSQIQIFLFIGAIELATLDQTYTADKPWDLGFDPLNFSKG
KSEQQMKDLEVKELKNGRVAMIAIMGLIAQTLYTGVPLFS
;
8
3 'polypeptide(L)'
;MKLLSFACLLGAATAFVPSMPTTTRTRGAVRMMAEKSKAVPFLPRPAALDGSVVGDVGFDPVGFTSWLPLSYLQEAEIKH
CRIAMLATLGWIVADFVHLPGAVHEVSSLAAHDVAVKSGALAQILIWTSIAEAISVIAISQMLEGSGRQPGDFKFDPLNF
AKDEKSLKKMQLSELKNGRLAMLAFSGIVTQAALTGHAFPYM
;
7
4 'polypeptide(L)'
;MVGIHKTLLVAAVTMASVSAFVPPAPAAPRTRGVMKMGLDGMIGSSAPFKNFDPLGFAAKADQKTLNKYRESELKHGRVA
MLAVLGWIVQEFWHPLYDGKLSSNPLKALTEVPLIGWAQIFVAINVIEYLQNKIKELPGYRPGDYLGTWEWVEQSDEGWD
SYQTKELNNGRLAMVAIAGLIVQDLITGQAALEQITAGNTGVFSGLGK
;
1
5 'polypeptide(L)'
;MSTTRKSTIVDFNPVETSFEKWAKPGQFSRTLAKGPKTTTWIWNLHADAHDFDIQTNSLQEVSRKIFSAHFGQLAVIFLW
LSGMHFHGAYFSNYSAWLTNPTSTKPSAQIVWPIVGQEVLNADVGGNFQGIQITSGFFQLWRAEGITSEVELYWTAVGGL
VASFLMLFAGWFHYHKAAPKLEWFQNVESMLNHHLAGLLGLGSLSWAGHQIHIALPINKLLDLGVSPEEIPLPYEFILNR
DLIAQLYPSFNKGLTPFFTLNWGEYSDFLTFKGGLNPVTGGLWLTDTAHHHLAIAVLFIVAGHMYKTNWFLGHSIKTILE
AHKGPFTGEGHKGLYEVLTTSWHAQLAINLALFGSLSIIVAHHMYAMPPYPYIAIDYPTQLSLFTHHVWIGGFCIVGGAA
HGAIFFVRDYNAANNYNNLIDRVIRHRDAIISHLNWVCIFLGCHSFGLYVHNDTMRALGRSQDLFSDNAIALKPIFAQFI
QNLHTLAPGSTAPNALTTVSYAFGGDVISVGSKIAMMPISLGTADFLVHHIHAFTIHVTVLILLKGVLYSRNSRLIPDKA
NLGFRFPCDGPGRGGTCQVSAWDHVFLGLFWMYNSISIVIFHFSWKMQSDVWGTVSPTGAVSHITGGNFAQSSITINGWL
RDFLWSQAAQVVQSYGSSLSAYGLIFLGAHFIWAFSLMFLFSGRGYWQELIESIVWAHNKLKVAPSIQPRALSITQGRAV
GVAHYLLGGIGTTWAFFLARIISVG
;
a
6 'polypeptide(L)'
;MVYKFPKFSKALAEDPSTRRIWYGIATAHDFESHDAMTESKLYQKIFASHFGHIAIIFLWTAGNLFHVAWQGNFEAWILN
PLKVRPIAHAIWDPHFGQAAYKAFLKTSSPANLALSGVYEWWYTIGMRTNNDLYQGSFFLILLSSLLLFAGWLHLQPSFR
PSLDWFKANEYRLNHHLSGLFGVSSLAWTGHLVHVAIPESRGIHVGWDNFLTVLPHPEGLTPFFSGNWKAYAQNPDTASH
IFGSGEGSGTAILTFLGGFHPQTKSLWLTDMAHHHLAIAVLFIVAGHMYRTNWLIGHQMKLILEAHRPPGGRLGIGHIGL
YETITNSLHFQLGLALAALGVATSLTAQHMYALPPYAFLASNFPTQAALYTHHQYIAGFLMVGAFAHGAIFFVRDYDPAV
NTRNGEKNVLARMLEHKEAIISHLSWVSLFLGFHTLGIYVHNDVVVAFGQPEKQILVEPLFAEWIQAASGKTLYNFDLLL
ASSNSPASVASSQLWLPGWLSAINDGKNSLFLPIGPGDFLVHHAIALGLHTTTLILVKGALDARGSKLMPDKKDFGYSFP
CDGPGRGGTCDISAWDAFYLAMFWMLNTIGWVTFYWHWKHLTLWQGNQVQFNESSNYIMGWLRDYLWLNSSPLINGYNPF
GMNSLSVWAWMFLFGHLVWATGFMFLISWRGYWQELIETIVWAHERTPLANLVRWKDKPVALSIVQARLVGLAHFTIGYV
LTYAAFVIASTIGKLGY
;
b
7 'polypeptide(L)'
;MNLKLKQSDFPKFEGSTGGWLSAAKNEEKYVIIWTSKDASLFEMPTGGTAKMNAGNNVAYFARKEQCLALGSQLRGFKIT
NYKIFRIYPPLDITLLHPFDGVFPEKVNQGRSPVGKRDASIGGNPNPASLKFQSNT
;
d
8 'polypeptide(L)' MIQKGSTVRILRKESYWYNESGTVVVVDQSKVRYPVLVRFTKVNYAGTNTNNFGLNEVEEVVTKKSS e
9 'polypeptide(L)'
;MTKIVKFAFLPLLTFLGLPMISNADIGGLNPCKDSEVFQKRLAKTVKKLENRLKKYEEGTPPQIAIQQQITQTKQRFTRY
ADSNLLCGNDGLPHLITDGRWSHGSEFLLPSILFLYISGWIGWVGRKYIRTVGQTSNPTEKEIIIDVPLAISIMTSGFLW
PFAAWQEFLSGDLIASDETITTSPK
;
f
10 'polypeptide(L)'
;MKTFCILLALVALFNFSNAFMPKAPVHTARPVVARGRTMKMMEESTYWEGKAPPSVVLGPFLSKIPSGVLGPASLVALIV
GSYCTHESNIFNTLTVDTIYPAYVLGSFLTPISWGLHVAAWIQKMNKA
;
h
11 'polypeptide(L)' MSLDLLPSFFVPLVGLVLPLFSIIGLFLYIEKENREVFDPTTYKF i
12 'polypeptide(L)' MKDFLKYLSTAPVLLTAWLTFTAGFVIEINRFYPDALTFPF j
13 'polypeptide(L)'
;MVSFIKPYRQDPFVGHLATPITTSAFTRAYLKVLPAYRPGLTPLSRGAEIGFTHGYFLIGPFYTYGPLRSVEFSLTSLAA
GLLAAITLLLILTVGLSIYGQVTYDVYDNALIVKLVRQMVGSERTQDLPQIKGTSELDTVLGWQKFSEGFFSGGLIGSIV
AAVGIALYSTYL
;
l
14 'polypeptide(L)' MIYDSQVYIALVIAVVASVLAIRLGATLYN m
15 'polypeptide(L)'
;(UNK)(UNK)(UNK)(UNK)(UNK)(UNK)(UNK)(UNK)(UNK)(UNK)(UNK)(UNK)(UNK)(UNK)(UNK)(UNK)
(UNK)(UNK)(UNK)(UNK)(UNK)(UNK)(UNK)(UNK)(UNK)(UNK)(UNK)(UNK)(UNK)(UNK)(UNK)(UNK)
(UNK)(UNK)(UNK)(UNK)(UNK)(UNK)(UNK)(UNK)(UNK)(UNK)(UNK)(UNK)(UNK)(UNK)(UNK)(UNK)
(UNK)(UNK)(UNK)(UNK)(UNK)(UNK)(UNK)
;
g
16 'polypeptide(L)'
;MSHTVKIYDTCIGCTQCVRACPTDVLEMVPWDGCKAGQIASAPRTEDCVGCKRCETACPTDFLSVRVYLGGETTRSLGLA
Y
;
c
#
loop_
_chem_comp.id
_chem_comp.type
_chem_comp.name
_chem_comp.formula
45D non-polymer beta,beta-carotene-4,4'-dione 'C40 H52 O2'
A1L1F non-polymer '[(2~{Z},4~{E},6~{E},8~{E},10~{E},12~{E},14~{E})-17-[(4~{S},6~{R})-4-acetyloxy-2,2,6-trimethyl-6-oxidanyl-cyclohexylidene]-6,11,15-trimethyl-2-[(~{E})-2-[(1~{S},4~{S},6~{R})-2,2,6-trimethyl-4-oxidanyl-7-oxabicyclo[4.1.0]heptan-1-yl]ethenyl]heptadeca-2,4,6,8,10,12,14,16-octaenyl] octanoate' 'C50 H72 O7'
A1L1G non-polymer (1~{R},3~{S})-6-[(3~{E},5~{E},7~{E},9~{E},11~{E},13~{E},15~{Z},17~{E})-16-(hydroxymethyl)-3,7,12-trimethyl-18-[(1~{S},4~{S},6~{R})-2,2,6-trimethyl-4-oxidanyl-7-oxabicyclo[4.1.0]heptan-1-yl]octadeca-1,3,5,7,9,11,13,15,17-nonaenylidene]-1,5,5-trimethyl-cyclohexane-1,3-diol 'C40 H56 O5'
BCR non-polymer BETA-CAROTENE 'C40 H56'
CLA non-polymer 'CHLOROPHYLL A' 'C55 H72 Mg N4 O5'
DGD saccharide 'DIGALACTOSYL DIACYL GLYCEROL (DGDG)' 'C51 H96 O15'
LHG non-polymer 1,2-DIPALMITOYL-PHOSPHATIDYL-GLYCEROLE 'C38 H75 O10 P'
LMG non-polymer 1,2-DISTEAROYL-MONOGALACTOSYL-DIGLYCERIDE 'C45 H86 O10'
PQN non-polymer PHYLLOQUINONE 'C31 H46 O2'
SF4 non-polymer 'IRON/SULFUR CLUSTER' 'Fe4 S4'
SQD non-polymer 1,2-DI-O-ACYL-3-O-[6-DEOXY-6-SULFO-ALPHA-D-GLUCOPYRANOSYL]-SN-GLYCEROL 'C41 H78 O12 S'
XAT non-polymer '(3S,5R,6S,3'S,5'R,6'S)-5,6,5',6'-DIEPOXY-5,6,5',6'- TETRAHYDRO-BETA,BETA-CAROTENE-3,3'-DIOL' 'C40 H56 O4'
#
# COMPACT_ATOMS: atom_id res chain seq x y z
N GLY A 31 27.20 -35.25 -5.66
CA GLY A 31 27.43 -36.38 -4.78
C GLY A 31 28.40 -37.39 -5.36
N THR A 32 28.22 -37.69 -6.64
CA THR A 32 29.07 -38.61 -7.39
C THR A 32 28.88 -38.46 -8.89
N PRO A 33 27.65 -38.42 -9.42
CA PRO A 33 27.47 -38.25 -10.87
C PRO A 33 27.63 -36.82 -11.36
N PHE A 34 28.02 -35.87 -10.52
CA PHE A 34 28.22 -34.50 -10.95
C PHE A 34 29.22 -33.82 -10.03
N ASP A 35 29.64 -32.61 -10.43
CA ASP A 35 30.59 -31.83 -9.67
C ASP A 35 29.83 -30.76 -8.88
N THR A 36 30.05 -30.73 -7.57
CA THR A 36 29.40 -29.72 -6.73
C THR A 36 29.88 -28.31 -7.09
N VAL A 37 31.17 -28.15 -7.32
CA VAL A 37 31.75 -26.87 -7.70
C VAL A 37 32.30 -26.99 -9.11
N SER A 38 31.88 -26.07 -9.98
CA SER A 38 32.35 -26.08 -11.37
C SER A 38 33.83 -25.76 -11.44
N LYS A 39 34.50 -26.33 -12.44
CA LYS A 39 35.92 -26.08 -12.64
C LYS A 39 36.21 -24.63 -12.99
N ASP A 40 35.23 -23.91 -13.54
CA ASP A 40 35.43 -22.52 -13.92
C ASP A 40 35.42 -21.58 -12.72
N GLU A 41 34.91 -22.03 -11.58
CA GLU A 41 34.84 -21.22 -10.36
C GLU A 41 35.76 -21.87 -9.33
N LEU A 42 37.04 -21.49 -9.37
CA LEU A 42 38.04 -22.00 -8.44
C LEU A 42 38.88 -20.85 -7.94
N ALA A 43 39.31 -20.95 -6.68
CA ALA A 43 40.13 -19.90 -6.09
C ALA A 43 41.55 -19.93 -6.67
N VAL A 44 42.12 -18.73 -6.86
CA VAL A 44 43.48 -18.58 -7.33
C VAL A 44 44.27 -17.88 -6.24
N GLU A 45 45.47 -18.39 -5.96
CA GLU A 45 46.31 -17.79 -4.93
C GLU A 45 46.77 -16.41 -5.38
N ASN A 46 46.62 -15.42 -4.51
CA ASN A 46 46.99 -14.04 -4.83
C ASN A 46 48.48 -13.86 -4.60
N LYS A 47 49.26 -13.99 -5.67
CA LYS A 47 50.71 -13.79 -5.59
C LYS A 47 51.08 -12.32 -5.38
N ALA A 48 50.14 -11.39 -5.56
CA ALA A 48 50.42 -9.97 -5.39
C ALA A 48 50.69 -9.60 -3.94
N MET A 49 50.42 -10.51 -2.99
CA MET A 49 50.64 -10.25 -1.57
C MET A 49 51.81 -11.06 -1.03
N ALA A 50 52.74 -11.44 -1.89
CA ALA A 50 53.93 -12.15 -1.43
C ALA A 50 54.75 -11.25 -0.52
N GLY A 51 55.33 -11.85 0.53
CA GLY A 51 55.91 -11.03 1.58
C GLY A 51 54.80 -10.25 2.25
N LYS A 52 54.95 -8.93 2.30
CA LYS A 52 53.85 -8.03 2.64
C LYS A 52 53.26 -8.36 4.01
N SER A 53 54.07 -8.07 5.04
CA SER A 53 53.73 -8.38 6.43
C SER A 53 52.28 -8.04 6.76
N VAL A 54 51.70 -8.80 7.69
CA VAL A 54 50.26 -8.85 7.95
C VAL A 54 49.62 -7.45 7.97
N PHE A 55 50.37 -6.45 8.43
CA PHE A 55 49.84 -5.09 8.43
C PHE A 55 49.64 -4.58 7.02
N GLU A 56 50.66 -4.72 6.17
CA GLU A 56 50.51 -4.32 4.77
C GLU A 56 49.44 -5.15 4.07
N ARG A 57 49.41 -6.46 4.35
CA ARG A 57 48.39 -7.32 3.75
C ARG A 57 46.99 -6.90 4.18
N ALA A 58 46.80 -6.62 5.47
CA ALA A 58 45.49 -6.20 5.96
C ALA A 58 45.08 -4.87 5.36
N MET A 59 46.02 -3.91 5.27
CA MET A 59 45.71 -2.62 4.67
C MET A 59 45.31 -2.77 3.21
N ALA A 60 46.08 -3.57 2.46
CA ALA A 60 45.77 -3.76 1.05
C ALA A 60 44.42 -4.45 0.87
N ASP A 61 44.13 -5.46 1.69
CA ASP A 61 42.86 -6.15 1.61
C ASP A 61 41.70 -5.21 1.92
N PHE A 62 41.84 -4.37 2.96
CA PHE A 62 40.78 -3.42 3.29
C PHE A 62 40.58 -2.41 2.17
N ASN A 63 41.68 -1.88 1.62
CA ASN A 63 41.56 -0.86 0.58
C ASN A 63 40.95 -1.43 -0.70
N GLY A 64 41.38 -2.62 -1.12
CA GLY A 64 40.81 -3.22 -2.30
C GLY A 64 39.36 -3.65 -2.11
N ARG A 65 39.04 -4.19 -0.95
CA ARG A 65 37.70 -4.70 -0.69
C ARG A 65 36.69 -3.59 -0.43
N TYR A 66 37.13 -2.50 0.20
CA TYR A 66 36.23 -1.40 0.57
C TYR A 66 36.80 -0.08 0.05
N PRO A 67 36.70 0.17 -1.25
CA PRO A 67 37.03 1.50 -1.76
C PRO A 67 35.92 2.49 -1.43
N ALA A 68 36.24 3.77 -1.65
CA ALA A 68 35.32 4.89 -1.41
C ALA A 68 35.10 5.13 0.08
N VAL A 69 35.65 4.26 0.93
CA VAL A 69 35.76 4.53 2.35
C VAL A 69 37.25 4.46 2.70
N ALA A 70 37.99 3.67 1.93
CA ALA A 70 39.45 3.70 2.04
C ALA A 70 40.02 4.94 1.37
N ALA A 71 39.42 5.36 0.25
CA ALA A 71 39.86 6.59 -0.42
C ALA A 71 39.59 7.82 0.44
N LEU A 72 38.62 7.75 1.35
CA LEU A 72 38.35 8.84 2.27
C LEU A 72 39.29 8.87 3.46
N GLY A 73 40.14 7.86 3.61
CA GLY A 73 41.00 7.75 4.77
C GLY A 73 40.39 7.05 5.97
N LEU A 74 39.16 6.56 5.85
CA LEU A 74 38.53 5.87 6.96
C LEU A 74 39.10 4.46 7.12
N GLY A 75 38.89 3.89 8.29
CA GLY A 75 39.32 2.54 8.58
C GLY A 75 40.76 2.45 9.02
N PRO A 76 41.39 1.31 8.76
CA PRO A 76 42.80 1.13 9.17
C PRO A 76 43.73 1.98 8.32
N SER A 77 43.78 3.27 8.62
CA SER A 77 44.55 4.22 7.83
C SER A 77 45.36 5.14 8.75
N ALA A 78 46.44 5.69 8.21
CA ALA A 78 47.31 6.56 8.99
C ALA A 78 46.59 7.83 9.43
N LYS A 79 45.73 8.38 8.56
CA LYS A 79 44.94 9.54 8.94
C LYS A 79 44.04 9.23 10.11
N ALA A 80 43.30 8.12 10.02
CA ALA A 80 42.43 7.72 11.12
C ALA A 80 43.22 7.43 12.38
N GLU A 81 44.37 6.78 12.25
CA GLU A 81 45.20 6.49 13.41
C GLU A 81 45.68 7.77 14.07
N ARG A 82 46.12 8.74 13.27
CA ARG A 82 46.59 10.01 13.84
C ARG A 82 45.48 10.74 14.56
N TRP A 83 44.29 10.80 13.94
CA TRP A 83 43.17 11.51 14.58
C TRP A 83 42.75 10.82 15.87
N ASN A 84 42.67 9.48 15.85
CA ASN A 84 42.29 8.75 17.05
C ASN A 84 43.34 8.87 18.15
N GLY A 85 44.62 8.93 17.77
CA GLY A 85 45.65 9.15 18.77
C GLY A 85 45.54 10.52 19.41
N ARG A 86 45.30 11.55 18.61
CA ARG A 86 45.09 12.89 19.17
C ARG A 86 43.92 12.89 20.15
N HIS A 87 42.82 12.24 19.76
CA HIS A 87 41.64 12.21 20.64
C HIS A 87 41.92 11.40 21.89
N ALA A 88 42.71 10.34 21.79
CA ALA A 88 43.03 9.53 22.96
C ALA A 88 43.90 10.31 23.95
N MET A 89 44.87 11.08 23.45
CA MET A 89 45.68 11.91 24.35
C MET A 89 44.82 12.97 25.03
N PHE A 90 44.02 13.70 24.24
CA PHE A 90 43.12 14.68 24.83
C PHE A 90 42.19 14.05 25.84
N GLY A 91 41.78 12.81 25.61
CA GLY A 91 40.88 12.15 26.53
C GLY A 91 41.55 11.63 27.77
N TRP A 92 42.84 11.28 27.69
CA TRP A 92 43.58 11.03 28.92
C TRP A 92 43.61 12.29 29.77
N ILE A 93 43.81 13.43 29.13
CA ILE A 93 43.71 14.71 29.84
C ILE A 93 42.33 14.88 30.46
N VAL A 94 41.28 14.56 29.68
CA VAL A 94 39.92 14.74 30.17
C VAL A 94 39.63 13.81 31.33
N LEU A 95 40.12 12.58 31.29
CA LEU A 95 39.92 11.65 32.40
C LEU A 95 40.62 12.15 33.65
N LEU A 96 41.84 12.68 33.51
CA LEU A 96 42.52 13.27 34.66
C LEU A 96 41.71 14.43 35.23
N ALA A 97 41.19 15.28 34.35
CA ALA A 97 40.38 16.42 34.80
C ALA A 97 39.12 15.96 35.51
N THR A 98 38.47 14.92 34.99
CA THR A 98 37.26 14.39 35.60
C THR A 98 37.55 13.81 36.98
N GLY A 99 38.64 13.07 37.12
CA GLY A 99 39.02 12.56 38.42
C GLY A 99 39.30 13.68 39.40
N TYR A 100 40.01 14.72 38.95
CA TYR A 100 40.28 15.86 39.81
C TYR A 100 39.00 16.55 40.25
N ALA A 101 38.06 16.74 39.31
CA ALA A 101 36.80 17.41 39.63
C ALA A 101 35.98 16.59 40.62
N GLN A 102 35.95 15.27 40.43
CA GLN A 102 35.22 14.42 41.36
C GLN A 102 35.85 14.45 42.74
N ALA A 103 37.19 14.47 42.81
CA ALA A 103 37.86 14.46 44.11
C ALA A 103 37.74 15.79 44.82
N HIS A 104 37.69 16.90 44.09
CA HIS A 104 37.82 18.23 44.70
C HIS A 104 36.48 18.94 44.91
N GLY A 105 35.38 18.19 45.06
CA GLY A 105 34.12 18.78 45.43
C GLY A 105 33.35 19.46 44.31
N LEU A 106 33.88 19.43 43.09
CA LEU A 106 33.18 19.93 41.91
C LEU A 106 32.19 18.86 41.46
N LEU A 107 31.73 18.94 40.20
CA LEU A 107 30.88 17.87 39.66
C LEU A 107 29.55 17.81 40.39
N PRO A 108 28.60 18.72 40.06
CA PRO A 108 27.38 18.92 40.87
C PRO A 108 26.67 17.65 41.35
N GLU A 109 25.95 17.80 42.45
CA GLU A 109 25.36 16.69 43.18
C GLU A 109 23.86 16.58 42.86
N GLY A 110 23.34 15.35 43.00
CA GLY A 110 21.92 15.11 42.83
C GLY A 110 21.55 14.54 41.47
N GLY A 111 20.32 14.79 41.03
CA GLY A 111 19.86 14.33 39.75
C GLY A 111 19.14 15.44 39.00
N MET A 112 18.91 15.19 37.71
CA MET A 112 18.23 16.17 36.88
C MET A 112 16.76 16.28 37.29
N ASP A 113 16.18 17.44 37.02
CA ASP A 113 14.78 17.71 37.38
C ASP A 113 13.88 17.22 36.25
N ALA A 114 13.12 16.16 36.52
CA ALA A 114 12.22 15.62 35.52
C ALA A 114 11.14 16.62 35.15
N LYS A 115 10.65 17.38 36.14
CA LYS A 115 9.67 18.42 35.85
C LYS A 115 10.24 19.49 34.93
N GLU A 116 11.55 19.73 34.99
CA GLU A 116 12.17 20.73 34.14
C GLU A 116 12.60 20.20 32.79
N TRP A 117 13.05 18.95 32.71
CA TRP A 117 13.64 18.41 31.49
C TRP A 117 12.86 17.23 30.92
N GLY A 118 11.60 17.07 31.29
CA GLY A 118 10.77 16.03 30.71
C GLY A 118 11.06 14.66 31.29
N THR A 119 10.31 13.69 30.78
CA THR A 119 10.40 12.31 31.26
C THR A 119 11.58 11.55 30.67
N TRP A 120 12.33 12.16 29.77
CA TRP A 120 13.44 11.47 29.11
C TRP A 120 14.64 11.43 29.96
N VAL A 121 14.63 12.20 31.01
CA VAL A 121 15.72 12.17 31.98
C VAL A 121 15.44 11.22 33.14
N ILE A 122 14.26 10.61 33.17
CA ILE A 122 13.92 9.64 34.21
C ILE A 122 14.54 8.30 33.88
N VAL A 123 15.26 7.73 34.84
CA VAL A 123 15.97 6.47 34.62
C VAL A 123 15.13 5.29 35.07
N SER A 124 14.56 5.36 36.27
CA SER A 124 13.72 4.29 36.79
C SER A 124 12.82 4.82 37.90
N THR A 125 11.79 4.05 38.21
CA THR A 125 10.87 4.36 39.31
C THR A 125 10.80 3.12 40.19
N THR A 126 11.50 3.14 41.32
CA THR A 126 11.62 1.94 42.14
C THR A 126 10.33 1.67 42.91
N ASN A 127 9.97 2.55 43.85
CA ASN A 127 8.64 2.52 44.47
C ASN A 127 8.18 3.95 44.80
N GLY A 128 7.58 4.60 43.82
CA GLY A 128 7.04 5.94 44.02
C GLY A 128 8.04 7.08 43.94
N GLU A 129 9.32 6.81 43.70
CA GLU A 129 10.30 7.85 43.46
C GLU A 129 10.96 7.64 42.11
N GLN A 130 11.19 8.74 41.40
CA GLN A 130 11.77 8.71 40.06
C GLN A 130 13.26 8.97 40.16
N VAL A 131 14.06 7.95 39.91
CA VAL A 131 15.50 8.10 39.82
C VAL A 131 15.82 8.68 38.45
N THR A 132 16.47 9.84 38.43
CA THR A 132 16.77 10.55 37.19
C THR A 132 18.26 10.43 36.86
N ILE A 133 18.61 10.95 35.69
CA ILE A 133 20.02 11.00 35.28
C ILE A 133 20.79 11.91 36.23
N PRO A 134 21.94 11.50 36.74
CA PRO A 134 22.70 12.37 37.65
C PRO A 134 23.08 13.67 36.98
N ALA A 135 23.02 14.76 37.75
CA ALA A 135 23.38 16.07 37.20
C ALA A 135 24.85 16.11 36.79
N ALA A 136 25.70 15.38 37.50
CA ALA A 136 27.11 15.31 37.12
C ALA A 136 27.27 14.70 35.73
N ARG A 137 26.52 13.63 35.45
CA ARG A 137 26.57 13.03 34.12
C ARG A 137 26.11 14.01 33.06
N ALA A 138 25.07 14.78 33.35
CA ALA A 138 24.58 15.79 32.41
C ALA A 138 25.65 16.85 32.13
N ALA A 139 26.32 17.32 33.18
CA ALA A 139 27.35 18.34 32.99
C ALA A 139 28.52 17.79 32.18
N ILE A 140 28.95 16.57 32.47
CA ILE A 140 30.04 15.96 31.72
C ILE A 140 29.64 15.76 30.27
N ALA A 141 28.38 15.39 30.03
CA ALA A 141 27.89 15.24 28.67
C ALA A 141 27.88 16.59 27.95
N ILE A 142 27.58 17.67 28.67
CA ILE A 142 27.61 18.99 28.05
C ILE A 142 29.03 19.39 27.67
N GLY A 143 30.00 19.09 28.54
CA GLY A 143 31.39 19.38 28.18
C GLY A 143 31.85 18.58 26.98
N HIS A 144 31.52 17.28 26.96
CA HIS A 144 31.84 16.46 25.81
C HIS A 144 31.12 16.94 24.56
N LEU A 145 29.91 17.50 24.72
CA LEU A 145 29.20 18.09 23.60
C LEU A 145 29.93 19.31 23.07
N HIS A 146 30.49 20.13 23.97
CA HIS A 146 31.31 21.25 23.52
C HIS A 146 32.46 20.78 22.66
N PHE A 147 33.21 19.79 23.15
CA PHE A 147 34.37 19.31 22.40
C PHE A 147 33.95 18.65 21.08
N GLY A 148 32.89 17.85 21.11
CA GLY A 148 32.42 17.21 19.89
C GLY A 148 31.89 18.20 18.88
N ALA A 149 31.26 19.27 19.35
CA ALA A 149 30.84 20.34 18.45
C ALA A 149 32.05 21.00 17.80
N VAL A 150 33.10 21.26 18.57
CA VAL A 150 34.32 21.80 17.98
C VAL A 150 34.82 20.88 16.88
N GLY A 151 34.80 19.58 17.15
CA GLY A 151 35.21 18.62 16.15
C GLY A 151 34.34 18.64 14.90
N VAL A 152 33.03 18.77 15.08
CA VAL A 152 32.11 18.78 13.94
C VAL A 152 32.33 20.04 13.10
N PHE A 153 32.56 21.18 13.76
CA PHE A 153 32.89 22.40 13.03
C PHE A 153 34.17 22.22 12.21
N ALA A 154 35.21 21.67 12.84
CA ALA A 154 36.44 21.44 12.10
C ALA A 154 36.24 20.47 10.95
N ALA A 155 35.33 19.51 11.11
CA ALA A 155 35.02 18.58 10.03
C ALA A 155 34.36 19.29 8.86
N TYR A 156 33.32 20.09 9.14
CA TYR A 156 32.74 20.93 8.09
C TYR A 156 33.39 22.30 8.03
N SER A 157 34.72 22.32 8.11
CA SER A 157 35.53 23.51 7.86
C SER A 157 36.83 23.13 7.14
N LYS A 158 36.76 22.12 6.27
CA LYS A 158 37.94 21.52 5.68
C LYS A 158 38.87 22.52 4.99
N ASN A 159 38.31 23.55 4.36
CA ASN A 159 39.13 24.49 3.60
C ASN A 159 39.86 25.50 4.48
N SER A 160 39.58 25.54 5.78
CA SER A 160 40.19 26.52 6.66
C SER A 160 40.99 25.90 7.79
N VAL A 161 41.09 24.58 7.86
CA VAL A 161 41.83 23.90 8.93
C VAL A 161 43.16 23.42 8.39
N LYS A 162 44.15 23.34 9.28
CA LYS A 162 45.48 22.88 8.86
C LYS A 162 45.47 21.41 8.47
N ASP A 163 44.89 20.57 9.32
CA ASP A 163 44.79 19.14 9.07
C ASP A 163 43.32 18.77 8.92
N ARG A 164 42.97 18.22 7.75
CA ARG A 164 41.60 17.83 7.49
C ARG A 164 41.28 16.52 8.20
N LEU A 165 39.98 16.23 8.32
CA LEU A 165 39.56 14.98 8.92
C LEU A 165 39.67 13.82 7.93
N LEU A 166 39.19 14.01 6.71
CA LEU A 166 39.19 12.97 5.69
C LEU A 166 40.20 13.29 4.60
N LEU A 167 40.43 12.31 3.74
CA LEU A 167 41.37 12.45 2.63
C LEU A 167 40.67 13.03 1.42
N GLU A 168 41.31 14.01 0.79
CA GLU A 168 40.79 14.54 -0.46
C GLU A 168 40.92 13.49 -1.56
N PRO A 169 40.03 13.52 -2.56
CA PRO A 169 40.22 12.66 -3.74
C PRO A 169 41.55 12.96 -4.41
N GLY A 170 42.46 12.00 -4.37
CA GLY A 170 43.76 12.20 -4.95
C GLY A 170 44.77 12.10 -3.84
N GLU A 171 44.51 12.77 -2.74
CA GLU A 171 45.40 12.70 -1.61
C GLU A 171 45.64 11.25 -1.33
N LYS A 172 46.82 10.93 -0.81
CA LYS A 172 47.15 9.57 -0.53
C LYS A 172 47.48 9.49 0.91
N ASP A 173 47.13 8.37 1.53
CA ASP A 173 47.33 8.28 2.95
C ASP A 173 48.76 8.29 3.32
N GLU A 174 49.11 9.12 4.28
CA GLU A 174 50.46 9.13 4.79
C GLU A 174 50.93 7.72 4.97
N ALA A 175 52.21 7.50 4.89
CA ALA A 175 52.71 6.15 4.94
C ALA A 175 52.78 5.64 6.34
N PRO A 176 52.29 4.44 6.53
CA PRO A 176 52.26 3.85 7.86
C PRO A 176 53.59 3.99 8.52
N ALA A 177 53.60 4.19 9.82
CA ALA A 177 54.84 4.42 10.53
C ALA A 177 55.56 3.17 10.81
N GLY A 178 54.82 2.11 10.90
CA GLY A 178 55.45 0.82 11.12
C GLY A 178 55.35 0.38 12.56
N LEU A 179 56.12 -0.64 12.90
CA LEU A 179 56.15 -1.13 14.28
C LEU A 179 56.64 -0.04 15.23
N PHE A 180 57.76 0.60 14.89
CA PHE A 180 58.32 1.68 15.69
C PHE A 180 58.47 2.91 14.82
N PRO A 181 57.74 3.99 15.07
CA PRO A 181 57.96 5.22 14.33
C PRO A 181 59.33 5.81 14.64
N ALA A 182 59.81 6.66 13.73
CA ALA A 182 61.13 7.26 13.87
C ALA A 182 61.23 8.04 15.17
N LEU A 183 62.37 7.90 15.84
CA LEU A 183 62.60 8.56 17.13
C LEU A 183 63.05 10.00 16.86
N ARG A 184 62.08 10.87 16.62
CA ARG A 184 62.34 12.28 16.33
C ARG A 184 61.68 13.13 17.40
N PRO A 185 62.42 13.55 18.43
CA PRO A 185 61.81 14.31 19.52
C PRO A 185 61.34 15.69 19.08
N GLY A 186 60.40 16.22 19.84
CA GLY A 186 59.86 17.55 19.61
C GLY A 186 58.43 17.52 19.12
N LEU A 187 58.05 18.60 18.43
CA LEU A 187 56.72 18.71 17.83
C LEU A 187 56.76 18.20 16.39
N THR A 188 57.04 16.91 16.25
CA THR A 188 57.19 16.26 14.96
C THR A 188 56.03 15.29 14.73
N LYS A 189 55.82 14.95 13.46
CA LYS A 189 54.78 13.98 13.11
C LYS A 189 55.03 12.64 13.79
N GLU A 190 56.28 12.21 13.84
CA GLU A 190 56.62 10.95 14.48
C GLU A 190 56.35 10.99 15.98
N ALA A 191 56.65 12.12 16.63
CA ALA A 191 56.40 12.25 18.06
C ALA A 191 54.91 12.17 18.37
N GLU A 192 54.10 12.93 17.64
CA GLU A 192 52.65 12.89 17.85
C GLU A 192 52.10 11.51 17.54
N MET A 193 52.62 10.87 16.49
CA MET A 193 52.21 9.52 16.13
C MET A 193 52.48 8.54 17.27
N LEU A 194 53.70 8.55 17.79
CA LEU A 194 54.08 7.64 18.87
C LEU A 194 53.25 7.90 20.12
N ASN A 195 53.05 9.17 20.46
CA ASN A 195 52.29 9.50 21.66
C ASN A 195 50.82 9.11 21.51
N GLY A 196 50.26 9.28 20.31
CA GLY A 196 48.89 8.85 20.10
C GLY A 196 48.74 7.35 20.21
N ARG A 197 49.68 6.59 19.63
CA ARG A 197 49.65 5.14 19.80
C ARG A 197 49.75 4.75 21.26
N VAL A 198 50.65 5.41 22.01
CA VAL A 198 50.83 5.11 23.42
C VAL A 198 49.55 5.41 24.20
N ALA A 199 48.91 6.54 23.91
CA ALA A 199 47.70 6.90 24.63
C ALA A 199 46.55 5.95 24.32
N MET A 200 46.41 5.55 23.05
CA MET A 200 45.36 4.59 22.70
C MET A 200 45.61 3.24 23.37
N LEU A 201 46.86 2.79 23.39
CA LEU A 201 47.18 1.56 24.11
C LEU A 201 46.89 1.70 25.60
N GLY A 202 47.17 2.87 26.16
CA GLY A 202 46.87 3.09 27.57
C GLY A 202 45.40 3.02 27.86
N LEU A 203 44.57 3.59 26.98
CA LEU A 203 43.13 3.49 27.14
C LEU A 203 42.66 2.04 27.04
N VAL A 204 43.23 1.29 26.09
CA VAL A 204 42.87 -0.12 25.95
C VAL A 204 43.23 -0.88 27.23
N ALA A 205 44.42 -0.63 27.76
CA ALA A 205 44.85 -1.31 28.98
C ALA A 205 43.99 -0.89 30.17
N LEU A 206 43.61 0.38 30.25
CA LEU A 206 42.76 0.85 31.33
C LEU A 206 41.41 0.16 31.30
N VAL A 207 40.79 0.08 30.12
CA VAL A 207 39.51 -0.60 30.02
C VAL A 207 39.65 -2.08 30.34
N ALA A 208 40.73 -2.71 29.87
CA ALA A 208 40.94 -4.13 30.16
C ALA A 208 41.10 -4.38 31.66
N VAL A 209 41.87 -3.52 32.34
CA VAL A 209 42.06 -3.67 33.77
C VAL A 209 40.76 -3.47 34.52
N SER A 210 39.99 -2.46 34.12
CA SER A 210 38.70 -2.21 34.79
C SER A 210 37.74 -3.37 34.59
N ALA A 211 37.70 -3.94 33.39
CA ALA A 211 36.80 -5.06 33.14
C ALA A 211 37.24 -6.32 33.87
N ALA A 212 38.55 -6.60 33.85
CA ALA A 212 39.04 -7.84 34.45
C ALA A 212 38.92 -7.80 35.97
N THR A 213 39.34 -6.70 36.58
CA THR A 213 39.36 -6.63 38.04
C THR A 213 37.99 -6.26 38.59
N GLY A 214 37.30 -5.29 37.97
CA GLY A 214 35.95 -4.96 38.36
C GLY A 214 35.75 -3.62 39.04
N GLN A 215 36.76 -2.76 39.08
CA GLN A 215 36.59 -1.45 39.70
C GLN A 215 36.20 -0.40 38.66
N ASP A 216 35.91 0.80 39.15
CA ASP A 216 35.57 1.91 38.28
C ASP A 216 36.81 2.35 37.51
N ILE A 217 36.57 3.00 36.36
CA ILE A 217 37.66 3.51 35.54
C ILE A 217 38.49 4.50 36.34
N LEU A 218 37.83 5.43 37.02
CA LEU A 218 38.53 6.39 37.86
C LEU A 218 39.24 5.71 39.02
N SER A 219 38.67 4.63 39.55
CA SER A 219 39.37 3.86 40.57
C SER A 219 40.66 3.26 40.03
N VAL A 220 40.62 2.75 38.80
CA VAL A 220 41.82 2.18 38.19
C VAL A 220 42.87 3.27 37.97
N ILE A 221 42.44 4.45 37.51
CA ILE A 221 43.38 5.55 37.31
C ILE A 221 43.97 5.98 38.64
N ASP A 222 43.16 6.01 39.69
CA ASP A 222 43.64 6.37 41.02
C ASP A 222 44.67 5.37 41.51
N GLN A 223 44.41 4.07 41.31
CA GLN A 223 45.38 3.05 41.68
C GLN A 223 46.66 3.19 40.87
N GLY A 224 46.54 3.48 39.58
CA GLY A 224 47.68 3.65 38.71
C GLY A 224 48.40 4.97 38.86
N LEU A 225 47.89 5.86 39.69
CA LEU A 225 48.61 7.08 40.07
C LEU A 225 49.01 7.09 41.54
N GLY A 226 48.89 5.94 42.21
CA GLY A 226 49.30 5.83 43.61
C GLY A 226 48.26 6.32 44.59
N GLY A 227 47.46 7.30 44.18
CA GLY A 227 46.50 7.91 45.07
C GLY A 227 46.48 9.42 44.95
N LEU A 228 47.30 9.95 44.04
CA LEU A 228 47.47 11.38 43.89
C LEU A 228 46.35 12.03 43.09
N LEU A 229 45.41 11.27 42.54
CA LEU A 229 44.30 11.82 41.78
C LEU A 229 43.05 11.99 42.65
N LEU A 230 42.59 10.90 43.26
CA LEU A 230 41.41 10.94 44.13
C LEU A 230 41.83 11.13 45.59
N LYS A 231 42.53 12.24 45.84
CA LYS A 231 43.04 12.55 47.16
C LYS A 231 42.40 13.82 47.71
N ALA B 36 40.23 -51.93 -3.63
CA ALA B 36 41.29 -52.12 -4.58
C ALA B 36 42.33 -51.05 -4.47
N GLN B 37 41.95 -49.81 -4.71
CA GLN B 37 42.93 -48.78 -4.71
C GLN B 37 43.07 -48.12 -3.35
N SER B 38 42.17 -48.42 -2.42
CA SER B 38 42.31 -47.90 -1.07
C SER B 38 43.24 -48.79 -0.28
N LYS B 39 44.10 -48.21 0.53
CA LYS B 39 45.06 -48.98 1.25
C LYS B 39 44.46 -49.22 2.56
N ALA B 40 43.55 -48.36 2.97
CA ALA B 40 42.94 -48.48 4.26
C ALA B 40 41.80 -49.41 4.22
N LEU B 41 41.11 -49.43 3.11
CA LEU B 41 40.00 -50.32 2.93
C LEU B 41 40.35 -51.01 1.66
N PRO B 42 41.17 -52.03 1.71
CA PRO B 42 41.75 -52.71 0.53
C PRO B 42 40.72 -53.22 -0.45
N PHE B 43 39.46 -53.15 -0.10
CA PHE B 43 38.43 -53.68 -0.97
C PHE B 43 37.71 -52.66 -1.77
N LEU B 44 37.66 -51.42 -1.33
CA LEU B 44 36.92 -50.39 -2.01
C LEU B 44 37.82 -49.76 -3.01
N LYS B 45 37.32 -49.00 -3.94
CA LYS B 45 38.19 -48.31 -4.84
C LYS B 45 38.11 -46.93 -4.31
N ALA B 46 39.19 -46.21 -4.31
CA ALA B 46 39.13 -44.91 -3.73
C ALA B 46 38.43 -44.00 -4.65
N PRO B 47 38.09 -42.83 -4.16
CA PRO B 47 37.49 -41.82 -5.03
C PRO B 47 38.53 -41.18 -5.94
N ALA B 48 38.03 -40.42 -6.92
CA ALA B 48 38.89 -39.90 -7.97
C ALA B 48 39.95 -38.95 -7.41
N LYS B 49 39.57 -38.10 -6.46
CA LYS B 49 40.49 -37.08 -5.97
C LYS B 49 41.56 -37.62 -5.03
N LEU B 50 41.43 -38.85 -4.56
CA LEU B 50 42.45 -39.46 -3.70
C LEU B 50 43.45 -40.20 -4.58
N ASP B 51 44.59 -39.57 -4.84
CA ASP B 51 45.63 -40.20 -5.65
C ASP B 51 46.97 -39.54 -5.35
N GLY B 52 48.02 -40.35 -5.35
CA GLY B 52 49.38 -39.82 -5.42
C GLY B 52 49.76 -38.83 -4.34
N SER B 53 49.79 -37.57 -4.71
CA SER B 53 50.31 -36.49 -3.87
C SER B 53 49.39 -36.28 -2.67
N LEU B 54 49.69 -35.23 -1.90
CA LEU B 54 48.99 -34.93 -0.64
C LEU B 54 49.16 -36.09 0.34
N ALA B 55 50.41 -36.20 0.82
CA ALA B 55 50.88 -37.27 1.70
C ALA B 55 49.89 -37.61 2.79
N GLY B 56 49.91 -38.87 3.24
CA GLY B 56 48.85 -39.39 4.07
C GLY B 56 47.67 -39.91 3.31
N ASP B 57 47.73 -39.90 1.98
CA ASP B 57 46.64 -40.38 1.12
C ASP B 57 46.65 -41.90 1.12
N PHE B 58 45.76 -42.49 1.92
CA PHE B 58 45.62 -43.93 1.99
C PHE B 58 44.30 -44.41 1.37
N GLY B 59 43.68 -43.58 0.54
CA GLY B 59 42.44 -43.96 -0.10
C GLY B 59 41.25 -44.06 0.83
N PHE B 60 41.31 -43.42 1.99
CA PHE B 60 40.26 -43.53 3.00
C PHE B 60 39.25 -42.42 2.81
N ASP B 61 38.23 -42.69 1.98
CA ASP B 61 37.07 -41.81 1.85
C ASP B 61 35.89 -42.65 1.41
N PRO B 62 35.44 -43.57 2.27
CA PRO B 62 34.32 -44.45 1.87
C PRO B 62 33.05 -43.69 1.53
N MET B 63 32.75 -42.61 2.27
CA MET B 63 31.53 -41.86 2.03
C MET B 63 31.62 -40.94 0.82
N GLY B 64 32.79 -40.82 0.20
CA GLY B 64 32.94 -39.98 -0.97
C GLY B 64 32.76 -38.49 -0.68
N ILE B 65 33.23 -38.04 0.48
CA ILE B 65 33.14 -36.61 0.79
C ILE B 65 34.01 -35.78 -0.15
N SER B 66 35.15 -36.33 -0.57
CA SER B 66 36.03 -35.63 -1.49
C SER B 66 35.37 -35.34 -2.84
N ASP B 67 34.30 -36.05 -3.17
CA ASP B 67 33.63 -35.84 -4.45
C ASP B 67 32.89 -34.52 -4.52
N GLN B 68 32.56 -33.92 -3.37
CA GLN B 68 31.84 -32.66 -3.36
C GLN B 68 32.77 -31.46 -3.30
N VAL B 69 33.87 -31.56 -2.55
CA VAL B 69 34.80 -30.45 -2.46
C VAL B 69 35.49 -30.25 -3.80
N ALA B 70 35.69 -28.98 -4.18
CA ALA B 70 36.33 -28.68 -5.45
C ALA B 70 37.76 -29.21 -5.50
N ASN B 71 38.50 -29.05 -4.42
CA ASN B 71 39.85 -29.54 -4.29
C ASN B 71 40.02 -30.16 -2.91
N LEU B 72 41.21 -30.68 -2.63
CA LEU B 72 41.52 -31.22 -1.33
C LEU B 72 42.30 -30.24 -0.47
N LYS B 73 42.49 -29.01 -0.95
CA LYS B 73 43.31 -28.03 -0.21
C LYS B 73 42.65 -27.65 1.11
N TYR B 74 41.37 -27.26 1.07
CA TYR B 74 40.72 -26.78 2.28
C TYR B 74 40.51 -27.89 3.29
N VAL B 75 40.10 -29.08 2.81
CA VAL B 75 39.88 -30.19 3.73
C VAL B 75 41.18 -30.64 4.36
N ARG B 76 42.28 -30.61 3.59
CA ARG B 76 43.58 -30.94 4.18
C ARG B 76 44.01 -29.87 5.18
N ALA B 77 43.72 -28.60 4.90
CA ALA B 77 44.02 -27.55 5.87
C ALA B 77 43.25 -27.76 7.16
N ALA B 78 41.97 -28.10 7.06
CA ALA B 78 41.15 -28.35 8.25
C ALA B 78 41.64 -29.57 9.00
N GLU B 79 41.99 -30.64 8.27
CA GLU B 79 42.48 -31.85 8.92
C GLU B 79 43.78 -31.58 9.66
N LEU B 80 44.69 -30.81 9.05
CA LEU B 80 45.96 -30.53 9.69
C LEU B 80 45.79 -29.59 10.88
N LYS B 81 44.88 -28.62 10.77
CA LYS B 81 44.60 -27.77 11.94
C LYS B 81 44.05 -28.60 13.08
N HIS B 82 43.14 -29.52 12.78
CA HIS B 82 42.62 -30.42 13.81
C HIS B 82 43.72 -31.29 14.39
N CYS B 83 44.61 -31.79 13.53
CA CYS B 83 45.71 -32.63 14.00
C CYS B 83 46.61 -31.88 14.98
N ARG B 84 46.97 -30.65 14.62
CA ARG B 84 47.86 -29.86 15.47
C ARG B 84 47.17 -29.49 16.78
N VAL B 85 45.91 -29.06 16.71
CA VAL B 85 45.18 -28.69 17.92
C VAL B 85 45.00 -29.91 18.81
N ALA B 86 44.79 -31.08 18.22
CA ALA B 86 44.61 -32.29 19.03
C ALA B 86 45.92 -32.75 19.66
N MET B 87 47.03 -32.61 18.94
CA MET B 87 48.32 -32.92 19.53
C MET B 87 48.57 -32.02 20.74
N LEU B 88 48.36 -30.72 20.58
CA LEU B 88 48.54 -29.80 21.69
C LEU B 88 47.57 -30.09 22.82
N GLY B 89 46.34 -30.49 22.48
CA GLY B 89 45.36 -30.81 23.51
C GLY B 89 45.73 -32.04 24.31
N PHE B 90 46.22 -33.09 23.64
CA PHE B 90 46.66 -34.28 24.35
C PHE B 90 47.85 -33.98 25.25
N LEU B 91 48.82 -33.23 24.72
CA LEU B 91 49.98 -32.86 25.54
C LEU B 91 49.56 -32.05 26.75
N GLY B 92 48.66 -31.09 26.55
CA GLY B 92 48.18 -30.30 27.67
C GLY B 92 47.39 -31.13 28.66
N TRP B 93 46.59 -32.07 28.17
CA TRP B 93 45.85 -32.96 29.06
C TRP B 93 46.81 -33.69 29.99
N VAL B 94 47.83 -34.33 29.43
CA VAL B 94 48.76 -35.10 30.26
C VAL B 94 49.53 -34.19 31.20
N VAL B 95 50.03 -33.06 30.69
CA VAL B 95 50.85 -32.18 31.53
C VAL B 95 50.02 -31.61 32.67
N GLN B 96 48.80 -31.14 32.38
CA GLN B 96 47.92 -30.67 33.44
C GLN B 96 47.58 -31.78 34.43
N GLN B 97 47.53 -33.02 33.95
CA GLN B 97 47.39 -34.14 34.88
C GLN B 97 48.55 -34.20 35.85
N TYR B 98 49.77 -33.95 35.37
CA TYR B 98 50.96 -34.12 36.20
C TYR B 98 51.58 -32.81 36.68
N VAL B 99 51.58 -31.76 35.87
CA VAL B 99 52.28 -30.51 36.18
C VAL B 99 51.28 -29.36 36.21
N HIS B 100 51.47 -28.44 37.14
CA HIS B 100 50.61 -27.27 37.26
C HIS B 100 51.47 -26.02 37.47
N LEU B 101 50.89 -24.88 37.13
CA LEU B 101 51.53 -23.60 37.35
C LEU B 101 51.55 -23.28 38.85
N PRO B 102 52.48 -22.43 39.29
CA PRO B 102 52.58 -22.14 40.73
C PRO B 102 51.32 -21.58 41.35
N GLY B 103 50.50 -20.86 40.59
CA GLY B 103 49.32 -20.23 41.16
C GLY B 103 48.26 -21.23 41.57
N GLU B 104 47.33 -20.76 42.40
CA GLU B 104 46.26 -21.62 42.89
C GLU B 104 45.18 -21.83 41.83
N ILE B 105 44.91 -20.81 41.01
CA ILE B 105 43.85 -20.92 40.02
C ILE B 105 44.13 -22.03 39.01
N TYR B 106 45.39 -22.41 38.85
CA TYR B 106 45.78 -23.48 37.95
C TYR B 106 46.01 -24.81 38.67
N ALA B 107 45.44 -24.98 39.86
CA ALA B 107 45.66 -26.18 40.66
C ALA B 107 44.68 -27.29 40.35
N GLU B 108 43.70 -27.06 39.47
CA GLU B 108 42.74 -28.10 39.15
C GLU B 108 43.39 -29.17 38.28
N SER B 109 43.22 -30.44 38.67
CA SER B 109 43.81 -31.53 37.92
C SER B 109 42.92 -31.97 36.76
N ASN B 110 41.62 -31.98 36.97
CA ASN B 110 40.70 -32.38 35.91
C ASN B 110 40.64 -31.29 34.85
N PRO B 111 41.01 -31.57 33.59
CA PRO B 111 41.00 -30.52 32.57
C PRO B 111 39.62 -29.94 32.33
N LEU B 112 38.57 -30.77 32.35
CA LEU B 112 37.23 -30.26 32.14
C LEU B 112 36.76 -29.42 33.33
N LYS B 113 37.18 -29.79 34.54
CA LYS B 113 36.88 -28.95 35.69
C LYS B 113 37.71 -27.67 35.68
N ALA B 114 38.97 -27.77 35.21
CA ALA B 114 39.78 -26.58 35.05
C ALA B 114 39.24 -25.64 34.01
N LEU B 115 38.44 -26.15 33.06
CA LEU B 115 37.79 -25.28 32.09
C LEU B 115 36.90 -24.25 32.76
N THR B 116 36.31 -24.59 33.91
CA THR B 116 35.46 -23.67 34.65
C THR B 116 36.17 -23.04 35.85
N SER B 117 37.14 -23.73 36.44
CA SER B 117 37.85 -23.16 37.59
C SER B 117 38.79 -22.04 37.18
N VAL B 118 39.41 -22.17 36.01
CA VAL B 118 40.36 -21.14 35.56
C VAL B 118 39.60 -19.84 35.31
N PRO B 119 40.13 -18.69 35.73
CA PRO B 119 39.41 -17.42 35.52
C PRO B 119 39.19 -17.14 34.05
N LEU B 120 38.09 -16.43 33.77
CA LEU B 120 37.76 -16.09 32.39
C LEU B 120 38.81 -15.22 31.72
N LEU B 121 39.63 -14.52 32.51
CA LEU B 121 40.66 -13.65 31.93
C LEU B 121 41.68 -14.47 31.14
N SER B 122 42.14 -15.59 31.72
CA SER B 122 43.11 -16.42 31.03
C SER B 122 42.53 -17.00 29.74
N GLN B 123 41.30 -17.49 29.81
CA GLN B 123 40.68 -18.12 28.65
C GLN B 123 40.40 -17.09 27.56
N ILE B 124 39.97 -15.88 27.93
CA ILE B 124 39.73 -14.86 26.92
C ILE B 124 41.05 -14.41 26.30
N GLN B 125 42.14 -14.36 27.07
CA GLN B 125 43.43 -14.03 26.49
C GLN B 125 43.87 -15.10 25.50
N ILE B 126 43.69 -16.37 25.85
CA ILE B 126 44.02 -17.46 24.93
C ILE B 126 43.18 -17.36 23.67
N PHE B 127 41.88 -17.10 23.82
CA PHE B 127 40.99 -17.01 22.67
C PHE B 127 41.36 -15.83 21.77
N LEU B 128 41.72 -14.69 22.36
CA LEU B 128 42.12 -13.54 21.58
C LEU B 128 43.43 -13.81 20.83
N PHE B 129 44.38 -14.48 21.47
CA PHE B 129 45.61 -14.85 20.78
C PHE B 129 45.31 -15.77 19.60
N ILE B 130 44.45 -16.76 19.82
CA ILE B 130 44.11 -17.68 18.74
C ILE B 130 43.40 -16.95 17.62
N GLY B 131 42.48 -16.04 17.95
CA GLY B 131 41.79 -15.29 16.91
C GLY B 131 42.70 -14.37 16.12
N ALA B 132 43.67 -13.77 16.80
CA ALA B 132 44.67 -12.96 16.09
C ALA B 132 45.47 -13.81 15.12
N ILE B 133 45.87 -15.01 15.55
CA ILE B 133 46.52 -15.93 14.61
C ILE B 133 45.57 -16.36 13.51
N GLU B 134 44.26 -16.42 13.82
CA GLU B 134 43.30 -17.04 12.92
C GLU B 134 42.80 -16.10 11.84
N LEU B 135 42.81 -14.79 12.06
CA LEU B 135 42.24 -13.89 11.06
C LEU B 135 43.12 -13.77 9.81
N ALA B 136 44.43 -13.61 10.01
CA ALA B 136 45.34 -13.59 8.86
C ALA B 136 45.29 -14.90 8.10
N THR B 137 45.31 -16.02 8.82
CA THR B 137 45.17 -17.32 8.18
C THR B 137 43.78 -17.51 7.58
N LEU B 138 42.77 -16.77 8.06
CA LEU B 138 41.46 -16.79 7.43
C LEU B 138 41.52 -16.17 6.05
N ASP B 139 42.20 -15.03 5.95
CA ASP B 139 42.45 -14.46 4.63
C ASP B 139 43.25 -15.45 3.76
N GLN B 140 44.18 -16.17 4.39
CA GLN B 140 45.10 -17.03 3.64
C GLN B 140 44.45 -18.31 3.12
N THR B 141 43.63 -18.98 3.93
CA THR B 141 43.28 -20.38 3.68
C THR B 141 42.37 -20.55 2.46
N TYR B 142 41.38 -19.68 2.31
CA TYR B 142 40.34 -19.91 1.31
C TYR B 142 40.83 -19.72 -0.12
N THR B 143 42.05 -19.21 -0.33
CA THR B 143 42.55 -18.92 -1.66
C THR B 143 43.85 -19.60 -2.02
N ALA B 144 44.67 -19.98 -1.04
CA ALA B 144 46.03 -20.42 -1.34
C ALA B 144 46.05 -21.88 -1.80
N ASP B 145 47.16 -22.25 -2.44
CA ASP B 145 47.36 -23.62 -2.91
C ASP B 145 47.72 -24.58 -1.79
N LYS B 146 48.37 -24.08 -0.73
CA LYS B 146 48.73 -24.88 0.43
C LYS B 146 48.28 -24.13 1.67
N PRO B 147 46.98 -24.14 1.97
CA PRO B 147 46.48 -23.36 3.11
C PRO B 147 47.06 -23.80 4.44
N TRP B 148 47.50 -25.06 4.57
CA TRP B 148 48.09 -25.53 5.81
C TRP B 148 49.51 -25.04 6.01
N ASP B 149 50.16 -24.57 4.95
CA ASP B 149 51.53 -24.05 5.05
C ASP B 149 51.46 -22.63 5.56
N LEU B 150 51.58 -22.48 6.89
CA LEU B 150 51.55 -21.18 7.53
C LEU B 150 52.91 -20.53 7.62
N GLY B 151 53.94 -21.14 7.05
CA GLY B 151 55.28 -20.59 7.16
C GLY B 151 55.87 -20.70 8.53
N PHE B 152 55.40 -21.62 9.35
CA PHE B 152 55.88 -21.79 10.72
C PHE B 152 57.00 -22.82 10.73
N ASP B 153 58.23 -22.35 10.87
CA ASP B 153 59.39 -23.21 11.01
C ASP B 153 60.51 -22.45 11.69
N PRO B 154 60.33 -22.02 12.94
CA PRO B 154 61.37 -21.20 13.59
C PRO B 154 62.70 -21.91 13.73
N LEU B 155 62.71 -23.21 13.95
CA LEU B 155 63.95 -23.97 14.12
C LEU B 155 64.53 -24.48 12.80
N ASN B 156 63.85 -24.21 11.68
CA ASN B 156 64.31 -24.61 10.35
C ASN B 156 64.57 -26.11 10.27
N PHE B 157 63.60 -26.89 10.75
CA PHE B 157 63.69 -28.35 10.63
C PHE B 157 63.48 -28.83 9.21
N SER B 158 63.01 -27.97 8.31
CA SER B 158 62.77 -28.35 6.92
C SER B 158 63.78 -27.76 5.95
N LYS B 159 64.65 -26.86 6.40
CA LYS B 159 65.67 -26.30 5.52
C LYS B 159 66.75 -27.35 5.25
N GLY B 160 66.95 -27.68 3.98
CA GLY B 160 67.90 -28.69 3.58
C GLY B 160 67.34 -30.08 3.41
N LYS B 161 66.13 -30.33 3.89
CA LYS B 161 65.52 -31.64 3.73
C LYS B 161 65.09 -31.86 2.28
N SER B 162 65.26 -33.10 1.80
CA SER B 162 64.87 -33.42 0.45
C SER B 162 63.35 -33.63 0.36
N GLU B 163 62.87 -33.80 -0.87
CA GLU B 163 61.44 -33.95 -1.08
C GLU B 163 60.89 -35.21 -0.42
N GLN B 164 61.62 -36.32 -0.52
CA GLN B 164 61.19 -37.55 0.14
C GLN B 164 61.16 -37.38 1.65
N GLN B 165 62.18 -36.74 2.21
CA GLN B 165 62.20 -36.50 3.66
C GLN B 165 61.08 -35.57 4.08
N MET B 166 60.79 -34.54 3.29
CA MET B 166 59.69 -33.64 3.61
C MET B 166 58.35 -34.37 3.58
N LYS B 167 58.14 -35.22 2.57
CA LYS B 167 56.91 -35.99 2.51
C LYS B 167 56.80 -36.96 3.68
N ASP B 168 57.92 -37.56 4.08
CA ASP B 168 57.93 -38.43 5.24
C ASP B 168 57.55 -37.66 6.51
N LEU B 169 58.07 -36.44 6.65
CA LEU B 169 57.70 -35.61 7.80
C LEU B 169 56.22 -35.29 7.79
N GLU B 170 55.67 -34.97 6.61
CA GLU B 170 54.24 -34.70 6.51
C GLU B 170 53.42 -35.92 6.89
N VAL B 171 53.84 -37.10 6.45
CA VAL B 171 53.14 -38.34 6.81
C VAL B 171 53.19 -38.56 8.32
N LYS B 172 54.36 -38.33 8.93
CA LYS B 172 54.49 -38.46 10.38
C LYS B 172 53.53 -37.52 11.09
N GLU B 173 53.48 -36.26 10.66
CA GLU B 173 52.60 -35.29 11.28
C GLU B 173 51.14 -35.72 11.17
N LEU B 174 50.73 -36.16 9.97
CA LEU B 174 49.33 -36.54 9.79
C LEU B 174 48.96 -37.75 10.63
N LYS B 175 49.83 -38.75 10.65
CA LYS B 175 49.57 -39.93 11.46
C LYS B 175 49.41 -39.55 12.91
N ASN B 176 50.42 -38.89 13.46
CA ASN B 176 50.38 -38.51 14.87
C ASN B 176 49.15 -37.68 15.17
N GLY B 177 48.76 -36.79 14.25
CA GLY B 177 47.59 -35.95 14.49
C GLY B 177 46.31 -36.76 14.51
N ARG B 178 46.14 -37.70 13.59
CA ARG B 178 44.94 -38.53 13.60
C ARG B 178 44.85 -39.35 14.88
N VAL B 179 45.97 -39.93 15.30
CA VAL B 179 45.98 -40.70 16.53
C VAL B 179 45.63 -39.80 17.72
N ALA B 180 46.17 -38.58 17.74
CA ALA B 180 45.88 -37.66 18.83
C ALA B 180 44.40 -37.27 18.85
N MET B 181 43.85 -36.94 17.68
CA MET B 181 42.42 -36.63 17.59
C MET B 181 41.59 -37.73 18.21
N ILE B 182 41.85 -38.98 17.79
CA ILE B 182 41.13 -40.10 18.40
C ILE B 182 41.36 -40.11 19.91
N ALA B 183 42.61 -39.89 20.34
CA ALA B 183 42.95 -39.95 21.75
C ALA B 183 42.33 -38.80 22.54
N ILE B 184 42.35 -37.59 22.00
CA ILE B 184 41.80 -36.46 22.75
C ILE B 184 40.29 -36.59 22.86
N MET B 185 39.63 -37.07 21.80
CA MET B 185 38.20 -37.33 21.91
C MET B 185 37.91 -38.42 22.94
N GLY B 186 38.74 -39.47 22.96
CA GLY B 186 38.56 -40.49 23.97
C GLY B 186 38.75 -39.97 25.39
N LEU B 187 39.75 -39.11 25.59
CA LEU B 187 39.97 -38.53 26.90
C LEU B 187 38.79 -37.67 27.33
N ILE B 188 38.27 -36.85 26.42
CA ILE B 188 37.11 -36.02 26.75
C ILE B 188 35.91 -36.90 27.10
N ALA B 189 35.68 -37.95 26.31
CA ALA B 189 34.54 -38.83 26.56
C ALA B 189 34.68 -39.54 27.89
N GLN B 190 35.87 -40.05 28.22
CA GLN B 190 36.05 -40.78 29.46
C GLN B 190 35.99 -39.86 30.67
N THR B 191 36.38 -38.59 30.50
CA THR B 191 36.24 -37.64 31.61
C THR B 191 34.78 -37.25 31.81
N LEU B 192 34.03 -37.12 30.71
CA LEU B 192 32.61 -36.79 30.82
C LEU B 192 31.77 -37.97 31.28
N TYR B 193 32.26 -39.19 31.12
CA TYR B 193 31.47 -40.38 31.43
C TYR B 193 31.85 -41.04 32.74
N THR B 194 33.10 -40.89 33.18
CA THR B 194 33.56 -41.51 34.42
C THR B 194 34.20 -40.55 35.40
N GLY B 195 34.65 -39.38 34.97
CA GLY B 195 35.32 -38.45 35.84
C GLY B 195 36.80 -38.71 36.03
N VAL B 196 37.33 -39.78 35.46
CA VAL B 196 38.76 -40.09 35.54
C VAL B 196 39.42 -39.46 34.30
N PRO B 197 40.24 -38.43 34.47
CA PRO B 197 40.80 -37.75 33.29
C PRO B 197 41.86 -38.54 32.56
N LEU B 198 42.39 -39.61 33.14
CA LEU B 198 43.47 -40.35 32.50
C LEU B 198 43.48 -41.77 33.05
N PHE B 199 43.60 -42.75 32.15
CA PHE B 199 43.64 -44.17 32.50
C PHE B 199 42.38 -44.63 33.22
N LYS C 36 18.56 -80.93 -15.48
CA LYS C 36 19.74 -80.19 -15.87
C LYS C 36 20.56 -79.77 -14.64
N SER C 37 19.89 -79.63 -13.51
CA SER C 37 20.55 -79.20 -12.29
C SER C 37 21.40 -80.34 -11.71
N LYS C 38 22.50 -79.97 -11.06
CA LYS C 38 23.37 -80.97 -10.43
C LYS C 38 22.86 -81.37 -9.06
N ALA C 39 22.32 -80.42 -8.30
CA ALA C 39 21.80 -80.73 -6.97
C ALA C 39 20.42 -81.35 -7.03
N VAL C 40 19.52 -80.79 -7.84
CA VAL C 40 18.17 -81.32 -7.96
C VAL C 40 18.00 -81.91 -9.35
N PRO C 41 18.14 -83.23 -9.50
CA PRO C 41 18.01 -83.83 -10.84
C PRO C 41 16.65 -83.63 -11.48
N PHE C 42 15.58 -83.57 -10.67
CA PHE C 42 14.24 -83.40 -11.22
C PHE C 42 14.07 -82.01 -11.82
N LEU C 43 14.26 -80.98 -11.01
CA LEU C 43 14.03 -79.61 -11.46
C LEU C 43 15.16 -79.17 -12.40
N PRO C 44 14.87 -78.27 -13.34
CA PRO C 44 15.91 -77.80 -14.26
C PRO C 44 16.94 -76.94 -13.56
N ARG C 45 18.09 -76.82 -14.21
CA ARG C 45 19.17 -76.03 -13.64
C ARG C 45 18.76 -74.55 -13.59
N PRO C 46 19.09 -73.85 -12.49
CA PRO C 46 18.76 -72.42 -12.43
C PRO C 46 19.45 -71.64 -13.55
N ALA C 47 18.73 -70.63 -14.06
CA ALA C 47 19.23 -69.89 -15.21
C ALA C 47 20.45 -69.05 -14.88
N ALA C 48 20.53 -68.52 -13.66
CA ALA C 48 21.62 -67.64 -13.27
C ALA C 48 22.83 -68.37 -12.71
N LEU C 49 22.74 -69.68 -12.51
CA LEU C 49 23.82 -70.47 -11.93
C LEU C 49 24.44 -71.33 -13.04
N ASP C 50 25.57 -70.89 -13.57
CA ASP C 50 26.34 -71.67 -14.54
C ASP C 50 27.67 -72.14 -13.98
N GLY C 51 28.49 -71.23 -13.46
CA GLY C 51 29.75 -71.61 -12.85
C GLY C 51 30.26 -70.55 -11.90
N SER C 52 30.57 -70.97 -10.68
CA SER C 52 31.16 -70.08 -9.68
C SER C 52 31.88 -70.94 -8.66
N VAL C 53 33.10 -70.53 -8.29
CA VAL C 53 33.97 -71.31 -7.42
C VAL C 53 33.41 -71.32 -6.00
N VAL C 54 32.27 -70.66 -5.80
CA VAL C 54 31.62 -70.62 -4.49
C VAL C 54 30.84 -71.90 -4.19
N GLY C 55 30.89 -72.89 -5.07
CA GLY C 55 30.19 -74.14 -4.82
C GLY C 55 28.87 -74.23 -5.57
N ASP C 56 28.88 -73.82 -6.83
CA ASP C 56 27.68 -73.83 -7.67
C ASP C 56 27.35 -75.28 -8.04
N VAL C 57 26.38 -75.87 -7.34
CA VAL C 57 25.85 -77.18 -7.70
C VAL C 57 24.42 -77.05 -8.23
N GLY C 58 24.00 -75.84 -8.59
CA GLY C 58 22.69 -75.62 -9.16
C GLY C 58 21.53 -75.91 -8.21
N PHE C 59 21.64 -75.48 -6.95
CA PHE C 59 20.57 -75.67 -5.98
C PHE C 59 19.86 -74.34 -5.78
N ASP C 60 18.75 -74.16 -6.50
CA ASP C 60 17.88 -72.99 -6.33
C ASP C 60 16.48 -73.36 -6.82
N PRO C 61 15.79 -74.23 -6.09
CA PRO C 61 14.45 -74.64 -6.53
C PRO C 61 13.45 -73.50 -6.63
N VAL C 62 13.55 -72.49 -5.76
CA VAL C 62 12.61 -71.38 -5.77
C VAL C 62 13.05 -70.25 -6.68
N GLY C 63 14.21 -70.38 -7.34
CA GLY C 63 14.66 -69.37 -8.28
C GLY C 63 14.93 -68.02 -7.67
N PHE C 64 15.55 -67.99 -6.49
CA PHE C 64 15.89 -66.72 -5.87
C PHE C 64 16.95 -65.96 -6.66
N THR C 65 17.81 -66.68 -7.39
CA THR C 65 18.82 -66.03 -8.20
C THR C 65 18.21 -65.21 -9.33
N SER C 66 16.98 -65.53 -9.75
CA SER C 66 16.30 -64.70 -10.72
C SER C 66 15.82 -63.39 -10.09
N TRP C 67 15.42 -63.44 -8.82
CA TRP C 67 14.94 -62.27 -8.11
C TRP C 67 16.05 -61.22 -7.97
N LEU C 68 17.07 -61.58 -7.20
CA LEU C 68 18.19 -60.71 -6.84
C LEU C 68 19.37 -60.96 -7.77
N PRO C 69 20.29 -60.00 -7.87
CA PRO C 69 21.58 -60.30 -8.49
C PRO C 69 22.28 -61.40 -7.72
N LEU C 70 22.94 -62.30 -8.47
CA LEU C 70 23.63 -63.42 -7.83
C LEU C 70 24.71 -62.94 -6.87
N SER C 71 25.34 -61.81 -7.20
CA SER C 71 26.44 -61.30 -6.37
C SER C 71 25.96 -60.90 -4.98
N TYR C 72 24.81 -60.22 -4.91
CA TYR C 72 24.27 -59.81 -3.61
C TYR C 72 23.92 -61.03 -2.76
N LEU C 73 23.29 -62.03 -3.36
CA LEU C 73 22.96 -63.25 -2.62
C LEU C 73 24.22 -63.96 -2.16
N GLN C 74 25.27 -63.98 -2.99
CA GLN C 74 26.52 -64.59 -2.60
C GLN C 74 27.14 -63.87 -1.41
N GLU C 75 27.11 -62.53 -1.43
CA GLU C 75 27.63 -61.77 -0.30
C GLU C 75 26.84 -62.07 0.97
N ALA C 76 25.51 -62.12 0.86
CA ALA C 76 24.69 -62.45 2.02
C ALA C 76 25.00 -63.84 2.55
N GLU C 77 25.16 -64.81 1.65
CA GLU C 77 25.46 -66.19 2.06
C GLU C 77 26.81 -66.26 2.77
N ILE C 78 27.83 -65.56 2.24
CA ILE C 78 29.13 -65.61 2.86
C ILE C 78 29.11 -64.92 4.23
N LYS C 79 28.38 -63.82 4.34
CA LYS C 79 28.23 -63.14 5.63
C LYS C 79 27.57 -64.07 6.65
N HIS C 80 26.49 -64.75 6.23
CA HIS C 80 25.83 -65.69 7.13
C HIS C 80 26.76 -66.84 7.49
N CYS C 81 27.53 -67.34 6.52
CA CYS C 81 28.49 -68.40 6.79
C CYS C 81 29.46 -68.00 7.90
N ARG C 82 30.11 -66.85 7.72
CA ARG C 82 31.13 -66.43 8.68
C ARG C 82 30.52 -66.16 10.06
N ILE C 83 29.37 -65.48 10.09
CA ILE C 83 28.71 -65.20 11.37
C ILE C 83 28.36 -66.50 12.08
N ALA C 84 27.81 -67.48 11.34
CA ALA C 84 27.38 -68.72 11.94
C ALA C 84 28.56 -69.54 12.45
N MET C 85 29.67 -69.57 11.70
CA MET C 85 30.85 -70.28 12.17
C MET C 85 31.39 -69.67 13.46
N LEU C 86 31.54 -68.35 13.47
CA LEU C 86 32.01 -67.69 14.68
C LEU C 86 31.07 -67.95 15.84
N ALA C 87 29.76 -67.89 15.59
CA ALA C 87 28.78 -68.06 16.65
C ALA C 87 28.77 -69.48 17.19
N THR C 88 28.86 -70.48 16.31
CA THR C 88 28.89 -71.86 16.77
C THR C 88 30.12 -72.12 17.63
N LEU C 89 31.29 -71.69 17.15
CA LEU C 89 32.51 -71.87 17.94
C LEU C 89 32.41 -71.15 19.28
N GLY C 90 31.88 -69.92 19.26
CA GLY C 90 31.77 -69.16 20.49
C GLY C 90 30.80 -69.77 21.49
N TRP C 91 29.64 -70.22 21.02
CA TRP C 91 28.68 -70.87 21.89
C TRP C 91 29.29 -72.10 22.54
N ILE C 92 29.91 -72.96 21.73
CA ILE C 92 30.47 -74.21 22.24
C ILE C 92 31.58 -73.92 23.24
N VAL C 93 32.49 -72.99 22.91
CA VAL C 93 33.62 -72.72 23.78
C VAL C 93 33.16 -72.04 25.07
N ALA C 94 32.30 -71.02 24.95
CA ALA C 94 31.83 -70.28 26.11
C ALA C 94 30.98 -71.14 27.04
N ASP C 95 30.57 -72.29 26.64
CA ASP C 95 29.86 -73.11 27.59
C ASP C 95 30.85 -73.97 28.32
N PHE C 96 32.00 -74.18 27.73
CA PHE C 96 32.98 -75.06 28.36
C PHE C 96 33.99 -74.32 29.22
N VAL C 97 34.76 -73.41 28.62
CA VAL C 97 35.79 -72.65 29.34
C VAL C 97 35.61 -71.17 28.98
N HIS C 98 34.85 -70.45 29.80
CA HIS C 98 34.69 -69.01 29.64
C HIS C 98 34.35 -68.45 31.03
N LEU C 99 35.37 -68.01 31.75
CA LEU C 99 35.16 -67.33 33.02
C LEU C 99 36.40 -66.57 33.47
N PRO C 100 36.86 -65.54 32.71
CA PRO C 100 37.93 -64.67 33.20
C PRO C 100 37.39 -63.53 34.05
N GLY C 101 36.48 -63.86 34.96
CA GLY C 101 35.82 -62.86 35.78
C GLY C 101 34.59 -63.45 36.44
N ALA C 102 33.72 -62.55 36.91
CA ALA C 102 32.50 -62.93 37.61
C ALA C 102 31.26 -62.91 36.71
N VAL C 103 31.08 -61.83 35.94
CA VAL C 103 29.92 -61.72 35.06
C VAL C 103 29.94 -62.73 33.92
N HIS C 104 31.07 -63.38 33.68
CA HIS C 104 31.18 -64.39 32.64
C HIS C 104 30.94 -65.81 33.15
N GLU C 105 30.11 -65.97 34.17
CA GLU C 105 29.79 -67.27 34.74
C GLU C 105 28.44 -67.78 34.26
N VAL C 106 28.13 -67.55 32.98
CA VAL C 106 26.82 -67.87 32.41
C VAL C 106 26.97 -69.03 31.44
N SER C 107 25.85 -69.49 30.88
CA SER C 107 25.81 -70.74 30.10
C SER C 107 25.46 -70.49 28.63
N SER C 108 25.86 -69.34 28.09
CA SER C 108 25.66 -68.97 26.68
C SER C 108 24.20 -68.99 26.26
N LEU C 109 23.28 -69.18 27.20
CA LEU C 109 21.85 -69.03 26.95
C LEU C 109 21.27 -67.85 27.71
N ALA C 110 21.70 -67.65 28.95
CA ALA C 110 21.47 -66.41 29.66
C ALA C 110 22.60 -65.41 29.45
N ALA C 111 23.58 -65.74 28.62
CA ALA C 111 24.72 -64.86 28.40
C ALA C 111 24.30 -63.57 27.70
N HIS C 112 23.32 -63.64 26.80
CA HIS C 112 22.95 -62.46 26.03
C HIS C 112 22.49 -61.31 26.93
N ASP C 113 21.52 -61.58 27.80
CA ASP C 113 21.00 -60.53 28.67
C ASP C 113 22.06 -60.08 29.68
N VAL C 114 22.79 -61.02 30.26
CA VAL C 114 23.80 -60.68 31.26
C VAL C 114 24.86 -59.76 30.66
N ALA C 115 25.31 -60.07 29.45
CA ALA C 115 26.40 -59.32 28.84
C ALA C 115 25.93 -58.13 28.02
N VAL C 116 24.62 -57.97 27.77
CA VAL C 116 24.15 -56.66 27.33
C VAL C 116 23.99 -55.74 28.54
N LYS C 117 23.68 -56.31 29.70
CA LYS C 117 23.69 -55.50 30.92
C LYS C 117 25.11 -55.08 31.28
N SER C 118 26.09 -55.98 31.09
CA SER C 118 27.47 -55.65 31.40
C SER C 118 28.02 -54.56 30.47
N GLY C 119 27.70 -54.64 29.19
CA GLY C 119 28.15 -53.66 28.22
C GLY C 119 29.08 -54.17 27.15
N ALA C 120 29.40 -55.46 27.14
CA ALA C 120 30.28 -56.00 26.11
C ALA C 120 29.57 -56.05 24.76
N LEU C 121 28.32 -56.54 24.75
CA LEU C 121 27.56 -56.61 23.52
C LEU C 121 27.38 -55.25 22.87
N ALA C 122 27.32 -54.19 23.69
CA ALA C 122 27.22 -52.85 23.11
C ALA C 122 28.47 -52.49 22.31
N GLN C 123 29.65 -52.81 22.84
CA GLN C 123 30.88 -52.52 22.11
C GLN C 123 30.99 -53.37 20.84
N ILE C 124 30.66 -54.66 20.95
CA ILE C 124 30.71 -55.52 19.77
C ILE C 124 29.72 -55.02 18.72
N LEU C 125 28.55 -54.55 19.15
CA LEU C 125 27.58 -54.01 18.21
C LEU C 125 28.07 -52.72 17.58
N ILE C 126 28.76 -51.87 18.34
CA ILE C 126 29.30 -50.64 17.77
C ILE C 126 30.29 -50.96 16.67
N TRP C 127 31.24 -51.86 16.95
CA TRP C 127 32.25 -52.18 15.93
C TRP C 127 31.64 -52.94 14.76
N THR C 128 30.66 -53.81 15.02
CA THR C 128 29.96 -54.50 13.96
C THR C 128 29.19 -53.52 13.08
N SER C 129 28.59 -52.50 13.69
CA SER C 129 27.88 -51.48 12.92
C SER C 129 28.84 -50.68 12.06
N ILE C 130 30.01 -50.35 12.58
CA ILE C 130 31.01 -49.66 11.78
C ILE C 130 31.41 -50.51 10.57
N ALA C 131 31.69 -51.79 10.83
CA ALA C 131 32.10 -52.68 9.75
C ALA C 131 31.00 -52.85 8.71
N GLU C 132 29.75 -52.95 9.16
CA GLU C 132 28.64 -53.14 8.23
C GLU C 132 28.35 -51.87 7.44
N ALA C 133 28.47 -50.71 8.08
CA ALA C 133 28.30 -49.45 7.36
C ALA C 133 29.36 -49.29 6.29
N ILE C 134 30.59 -49.72 6.58
CA ILE C 134 31.60 -49.77 5.54
C ILE C 134 31.22 -50.79 4.48
N SER C 135 30.58 -51.88 4.89
CA SER C 135 30.20 -52.95 3.97
C SER C 135 29.11 -52.53 3.00
N VAL C 136 28.33 -51.52 3.33
CA VAL C 136 27.33 -51.02 2.40
C VAL C 136 28.02 -50.52 1.14
N ILE C 137 29.07 -49.72 1.34
CA ILE C 137 29.82 -49.17 0.21
C ILE C 137 30.52 -50.28 -0.55
N ALA C 138 31.03 -51.29 0.16
CA ALA C 138 31.63 -52.44 -0.51
C ALA C 138 30.60 -53.17 -1.36
N ILE C 139 29.40 -53.38 -0.83
CA ILE C 139 28.34 -54.00 -1.61
C ILE C 139 27.87 -53.07 -2.71
N SER C 140 27.88 -51.75 -2.46
CA SER C 140 27.47 -50.80 -3.49
C SER C 140 28.56 -50.54 -4.53
N GLN C 141 29.84 -50.77 -4.19
CA GLN C 141 30.89 -50.62 -5.20
C GLN C 141 30.87 -51.78 -6.19
N MET C 142 30.62 -52.99 -5.70
CA MET C 142 30.13 -54.05 -6.56
C MET C 142 28.65 -53.79 -6.84
N LEU C 143 28.05 -54.63 -7.69
CA LEU C 143 26.68 -54.43 -8.18
C LEU C 143 26.60 -53.13 -8.99
N GLU C 144 27.74 -52.46 -9.14
CA GLU C 144 27.84 -51.19 -9.85
C GLU C 144 29.03 -51.15 -10.80
N GLY C 145 30.05 -51.97 -10.58
CA GLY C 145 31.25 -51.98 -11.39
C GLY C 145 32.38 -52.58 -10.58
N SER C 146 33.54 -51.93 -10.58
CA SER C 146 34.70 -52.34 -9.79
C SER C 146 35.04 -53.80 -10.14
N GLY C 147 35.67 -54.51 -9.20
CA GLY C 147 36.00 -55.90 -9.43
C GLY C 147 35.89 -56.76 -8.19
N ARG C 148 35.28 -56.23 -7.13
CA ARG C 148 35.23 -56.93 -5.86
C ARG C 148 34.32 -58.15 -5.96
N GLN C 149 34.89 -59.33 -5.72
CA GLN C 149 34.09 -60.54 -5.66
C GLN C 149 33.25 -60.55 -4.39
N PRO C 150 32.09 -61.21 -4.42
CA PRO C 150 31.25 -61.25 -3.22
C PRO C 150 31.99 -61.87 -2.05
N GLY C 151 31.85 -61.23 -0.88
CA GLY C 151 32.48 -61.71 0.33
C GLY C 151 33.97 -61.43 0.42
N ASP C 152 34.55 -60.73 -0.55
CA ASP C 152 35.98 -60.46 -0.57
C ASP C 152 36.26 -59.17 0.18
N PHE C 153 37.13 -59.24 1.18
CA PHE C 153 37.57 -58.07 1.94
C PHE C 153 39.08 -57.92 1.94
N LYS C 154 39.79 -58.70 1.13
CA LYS C 154 41.25 -58.66 1.04
C LYS C 154 41.89 -58.88 2.40
N PHE C 155 41.28 -59.74 3.22
CA PHE C 155 41.78 -60.06 4.55
C PHE C 155 42.44 -61.44 4.49
N ASP C 156 43.70 -61.46 4.11
CA ASP C 156 44.53 -62.68 4.18
C ASP C 156 45.89 -62.30 4.76
N PRO C 157 45.93 -61.87 6.02
CA PRO C 157 47.21 -61.45 6.60
C PRO C 157 48.25 -62.56 6.67
N LEU C 158 47.82 -63.80 6.91
CA LEU C 158 48.74 -64.92 7.01
C LEU C 158 48.95 -65.64 5.68
N ASN C 159 48.26 -65.21 4.63
CA ASN C 159 48.42 -65.75 3.27
C ASN C 159 48.23 -67.26 3.25
N PHE C 160 47.09 -67.70 3.79
CA PHE C 160 46.76 -69.13 3.75
C PHE C 160 46.45 -69.59 2.34
N ALA C 161 45.92 -68.70 1.50
CA ALA C 161 45.67 -68.99 0.10
C ALA C 161 46.74 -68.32 -0.74
N LYS C 162 47.30 -69.08 -1.70
CA LYS C 162 48.42 -68.61 -2.50
C LYS C 162 48.03 -68.34 -3.95
N ASP C 163 47.45 -69.31 -4.63
CA ASP C 163 47.09 -69.18 -6.04
C ASP C 163 45.56 -69.27 -6.19
N GLU C 164 45.12 -69.24 -7.45
CA GLU C 164 43.69 -69.32 -7.73
C GLU C 164 43.11 -70.66 -7.31
N LYS C 165 43.84 -71.76 -7.58
CA LYS C 165 43.32 -73.08 -7.25
C LYS C 165 43.10 -73.22 -5.76
N SER C 166 44.06 -72.79 -4.95
CA SER C 166 43.88 -72.79 -3.50
C SER C 166 42.74 -71.86 -3.10
N LEU C 167 42.64 -70.71 -3.75
CA LEU C 167 41.58 -69.76 -3.42
C LEU C 167 40.20 -70.36 -3.70
N LYS C 168 40.04 -71.00 -4.85
CA LYS C 168 38.75 -71.61 -5.18
C LYS C 168 38.44 -72.78 -4.25
N LYS C 169 39.43 -73.65 -4.00
CA LYS C 169 39.23 -74.78 -3.13
C LYS C 169 38.81 -74.33 -1.73
N MET C 170 39.49 -73.32 -1.20
CA MET C 170 39.19 -72.87 0.15
C MET C 170 37.94 -72.00 0.21
N GLN C 171 37.54 -71.36 -0.90
CA GLN C 171 36.24 -70.71 -0.94
C GLN C 171 35.12 -71.74 -0.84
N LEU C 172 35.24 -72.83 -1.61
CA LEU C 172 34.26 -73.90 -1.50
C LEU C 172 34.25 -74.49 -0.10
N SER C 173 35.44 -74.71 0.47
CA SER C 173 35.53 -75.24 1.83
C SER C 173 34.89 -74.30 2.85
N GLU C 174 35.16 -73.00 2.73
CA GLU C 174 34.60 -72.02 3.66
C GLU C 174 33.09 -71.99 3.57
N LEU C 175 32.54 -72.03 2.35
CA LEU C 175 31.10 -71.97 2.21
C LEU C 175 30.42 -73.25 2.70
N LYS C 176 31.03 -74.41 2.46
CA LYS C 176 30.47 -75.65 2.99
C LYS C 176 30.49 -75.65 4.51
N ASN C 177 31.62 -75.24 5.09
CA ASN C 177 31.71 -75.15 6.55
C ASN C 177 30.72 -74.14 7.10
N GLY C 178 30.51 -73.03 6.39
CA GLY C 178 29.58 -72.03 6.86
C GLY C 178 28.13 -72.49 6.82
N ARG C 179 27.75 -73.22 5.77
CA ARG C 179 26.41 -73.80 5.73
C ARG C 179 26.21 -74.81 6.84
N LEU C 180 27.21 -75.69 7.05
CA LEU C 180 27.14 -76.63 8.14
C LEU C 180 27.03 -75.91 9.48
N ALA C 181 27.76 -74.81 9.64
CA ALA C 181 27.72 -74.05 10.89
C ALA C 181 26.38 -73.34 11.07
N MET C 182 25.78 -72.86 9.99
CA MET C 182 24.43 -72.29 10.08
C MET C 182 23.47 -73.33 10.64
N LEU C 183 23.43 -74.51 10.02
CA LEU C 183 22.52 -75.55 10.47
C LEU C 183 22.84 -75.98 11.90
N ALA C 184 24.14 -76.08 12.21
CA ALA C 184 24.55 -76.53 13.54
C ALA C 184 24.17 -75.52 14.62
N PHE C 185 24.36 -74.22 14.35
CA PHE C 185 23.97 -73.22 15.34
C PHE C 185 22.46 -73.17 15.49
N SER C 186 21.72 -73.32 14.39
CA SER C 186 20.27 -73.43 14.50
C SER C 186 19.88 -74.55 15.43
N GLY C 187 20.48 -75.73 15.23
CA GLY C 187 20.21 -76.85 16.12
C GLY C 187 20.61 -76.57 17.55
N ILE C 188 21.76 -75.91 17.75
CA ILE C 188 22.25 -75.65 19.09
C ILE C 188 21.28 -74.75 19.84
N VAL C 189 20.82 -73.67 19.21
CA VAL C 189 19.93 -72.76 19.92
C VAL C 189 18.57 -73.40 20.14
N THR C 190 18.04 -74.12 19.14
CA THR C 190 16.75 -74.74 19.31
C THR C 190 16.77 -75.80 20.40
N GLN C 191 17.85 -76.58 20.48
CA GLN C 191 17.94 -77.60 21.52
C GLN C 191 18.18 -76.98 22.90
N ALA C 192 19.10 -76.02 22.99
CA ALA C 192 19.40 -75.37 24.25
C ALA C 192 18.28 -74.48 24.75
N ALA C 193 17.28 -74.19 23.91
CA ALA C 193 16.06 -73.55 24.37
C ALA C 193 14.94 -74.55 24.64
N LEU C 194 14.95 -75.70 23.97
CA LEU C 194 14.00 -76.77 24.26
C LEU C 194 14.34 -77.50 25.55
N THR C 195 15.54 -77.31 26.09
CA THR C 195 15.94 -77.94 27.34
C THR C 195 17.08 -77.13 27.94
N GLY C 196 17.61 -77.59 29.06
CA GLY C 196 18.78 -76.98 29.65
C GLY C 196 19.86 -78.02 29.89
N HIS C 197 20.98 -77.89 29.21
CA HIS C 197 22.02 -78.93 29.23
C HIS C 197 23.33 -78.34 28.78
N ALA C 198 24.28 -79.22 28.47
CA ALA C 198 25.63 -78.91 28.03
C ALA C 198 25.79 -79.40 26.59
N PHE C 199 27.04 -79.42 26.11
CA PHE C 199 27.43 -79.66 24.72
C PHE C 199 26.56 -80.63 23.94
N PRO C 200 26.14 -81.77 24.51
CA PRO C 200 25.16 -82.60 23.77
C PRO C 200 23.88 -81.86 23.42
N TYR C 201 23.38 -81.02 24.31
CA TYR C 201 22.15 -80.25 24.09
C TYR C 201 20.95 -81.12 23.72
N LEU D 39 6.90 72.43 -13.98
CA LEU D 39 6.87 73.53 -14.94
C LEU D 39 7.57 73.14 -16.24
N ASP D 40 7.29 71.92 -16.70
CA ASP D 40 7.89 71.32 -17.88
C ASP D 40 6.84 70.47 -18.57
N GLY D 41 7.28 69.56 -19.44
CA GLY D 41 6.41 68.52 -19.94
C GLY D 41 6.24 67.40 -18.94
N MET D 42 6.59 67.67 -17.68
CA MET D 42 6.47 66.69 -16.62
C MET D 42 5.01 66.37 -16.33
N ILE D 43 4.80 65.18 -15.78
CA ILE D 43 3.46 64.74 -15.38
C ILE D 43 3.07 65.45 -14.09
N GLY D 44 1.80 65.84 -14.00
CA GLY D 44 1.30 66.47 -12.79
C GLY D 44 0.62 67.80 -13.04
N SER D 45 0.48 68.17 -14.31
CA SER D 45 -0.18 69.41 -14.68
C SER D 45 -1.67 69.16 -14.88
N SER D 46 -2.49 69.79 -14.04
CA SER D 46 -3.93 69.59 -14.06
C SER D 46 -4.64 70.87 -14.49
N ALA D 47 -5.95 70.77 -14.66
CA ALA D 47 -6.74 71.87 -15.21
C ALA D 47 -6.71 73.14 -14.37
N PRO D 48 -6.94 73.11 -13.04
CA PRO D 48 -7.08 74.38 -12.30
C PRO D 48 -5.89 75.30 -12.45
N PHE D 49 -4.67 74.76 -12.43
CA PHE D 49 -3.46 75.57 -12.56
C PHE D 49 -2.43 74.72 -13.30
N LYS D 50 -2.39 74.88 -14.62
CA LYS D 50 -1.44 74.12 -15.42
C LYS D 50 -0.02 74.65 -15.22
N ASN D 51 0.92 73.73 -14.98
CA ASN D 51 2.32 74.07 -14.73
C ASN D 51 2.43 75.10 -13.60
N PHE D 52 1.93 74.70 -12.43
CA PHE D 52 1.79 75.59 -11.29
C PHE D 52 3.16 75.84 -10.65
N ASP D 53 3.83 76.89 -11.13
CA ASP D 53 5.06 77.37 -10.52
C ASP D 53 5.00 78.89 -10.40
N PRO D 54 4.12 79.41 -9.55
CA PRO D 54 3.99 80.88 -9.43
C PRO D 54 5.27 81.56 -8.96
N LEU D 55 6.07 80.89 -8.12
CA LEU D 55 7.30 81.47 -7.61
C LEU D 55 8.52 81.14 -8.46
N GLY D 56 8.34 80.41 -9.56
CA GLY D 56 9.43 80.14 -10.47
C GLY D 56 10.55 79.31 -9.90
N PHE D 57 10.21 78.31 -9.09
CA PHE D 57 11.24 77.41 -8.55
C PHE D 57 11.85 76.55 -9.64
N ALA D 58 11.07 76.20 -10.66
CA ALA D 58 11.52 75.29 -11.71
C ALA D 58 12.03 76.00 -12.95
N ALA D 59 11.74 77.30 -13.11
CA ALA D 59 12.17 78.01 -14.30
C ALA D 59 13.69 78.11 -14.41
N LYS D 60 14.40 78.04 -13.28
CA LYS D 60 15.85 78.15 -13.27
C LYS D 60 16.56 76.84 -12.95
N ALA D 61 15.87 75.86 -12.38
CA ALA D 61 16.50 74.61 -12.00
C ALA D 61 16.79 73.74 -13.22
N ASP D 62 17.85 72.94 -13.12
CA ASP D 62 18.22 72.00 -14.16
C ASP D 62 17.37 70.74 -14.02
N GLN D 63 17.69 69.71 -14.83
CA GLN D 63 16.91 68.49 -14.78
C GLN D 63 17.11 67.72 -13.49
N LYS D 64 18.34 67.74 -12.95
CA LYS D 64 18.61 67.00 -11.72
C LYS D 64 17.84 67.59 -10.54
N THR D 65 17.83 68.93 -10.42
CA THR D 65 17.08 69.56 -9.34
C THR D 65 15.58 69.31 -9.48
N LEU D 66 15.09 69.27 -10.72
CA LEU D 66 13.67 69.00 -10.93
C LEU D 66 13.32 67.56 -10.59
N ASN D 67 14.23 66.62 -10.90
CA ASN D 67 14.03 65.24 -10.48
C ASN D 67 14.00 65.14 -8.96
N LYS D 68 14.89 65.87 -8.29
CA LYS D 68 14.88 65.90 -6.83
C LYS D 68 13.55 66.46 -6.31
N TYR D 69 13.06 67.53 -6.93
CA TYR D 69 11.80 68.13 -6.51
C TYR D 69 10.65 67.15 -6.68
N ARG D 70 10.62 66.42 -7.81
CA ARG D 70 9.56 65.45 -8.04
C ARG D 70 9.64 64.32 -7.03
N GLU D 71 10.86 63.85 -6.73
CA GLU D 71 11.03 62.81 -5.71
C GLU D 71 10.48 63.28 -4.37
N SER D 72 10.84 64.50 -3.97
CA SER D 72 10.38 65.03 -2.70
C SER D 72 8.86 65.16 -2.68
N GLU D 73 8.28 65.66 -3.77
CA GLU D 73 6.84 65.84 -3.83
C GLU D 73 6.12 64.50 -3.73
N LEU D 74 6.59 63.49 -4.47
CA LEU D 74 5.92 62.20 -4.44
C LEU D 74 6.07 61.52 -3.08
N LYS D 75 7.25 61.60 -2.47
CA LYS D 75 7.43 61.02 -1.15
C LYS D 75 6.54 61.72 -0.13
N HIS D 76 6.49 63.05 -0.16
CA HIS D 76 5.63 63.78 0.74
C HIS D 76 4.17 63.42 0.54
N GLY D 77 3.75 63.30 -0.72
CA GLY D 77 2.36 62.96 -1.00
C GLY D 77 1.98 61.59 -0.48
N ARG D 78 2.85 60.60 -0.72
CA ARG D 78 2.56 59.25 -0.27
C ARG D 78 2.53 59.18 1.26
N VAL D 79 3.53 59.79 1.91
CA VAL D 79 3.56 59.80 3.37
C VAL D 79 2.34 60.51 3.92
N ALA D 80 1.88 61.57 3.25
CA ALA D 80 0.75 62.34 3.74
C ALA D 80 -0.56 61.57 3.55
N MET D 81 -0.70 60.86 2.44
CA MET D 81 -1.87 60.00 2.27
C MET D 81 -1.93 58.94 3.37
N LEU D 82 -0.80 58.29 3.64
CA LEU D 82 -0.78 57.33 4.73
C LEU D 82 -1.10 57.99 6.06
N ALA D 83 -0.56 59.19 6.28
CA ALA D 83 -0.76 59.87 7.56
C ALA D 83 -2.22 60.28 7.76
N VAL D 84 -2.88 60.77 6.71
CA VAL D 84 -4.28 61.16 6.83
C VAL D 84 -5.14 59.94 7.10
N LEU D 85 -4.94 58.87 6.32
CA LEU D 85 -5.72 57.65 6.53
C LEU D 85 -5.51 57.12 7.95
N GLY D 86 -4.26 57.10 8.41
CA GLY D 86 -3.99 56.65 9.76
C GLY D 86 -4.61 57.54 10.81
N TRP D 87 -4.54 58.86 10.60
CA TRP D 87 -5.16 59.79 11.54
C TRP D 87 -6.64 59.45 11.74
N ILE D 88 -7.38 59.36 10.65
CA ILE D 88 -8.81 59.11 10.77
C ILE D 88 -9.08 57.74 11.38
N VAL D 89 -8.45 56.69 10.81
CA VAL D 89 -8.75 55.33 11.24
C VAL D 89 -8.38 55.14 12.70
N GLN D 90 -7.21 55.62 13.11
CA GLN D 90 -6.82 55.60 14.51
C GLN D 90 -7.86 56.30 15.37
N GLU D 91 -8.40 57.43 14.88
CA GLU D 91 -9.39 58.14 15.67
C GLU D 91 -10.62 57.28 15.92
N PHE D 92 -11.13 56.59 14.91
CA PHE D 92 -12.33 55.79 15.14
C PHE D 92 -12.06 54.28 15.20
N TRP D 93 -10.81 53.85 15.21
CA TRP D 93 -10.50 52.43 15.38
C TRP D 93 -9.05 52.26 15.78
N HIS D 94 -8.79 51.75 16.98
CA HIS D 94 -7.44 51.42 17.44
C HIS D 94 -7.45 50.05 18.10
N PRO D 95 -7.64 49.00 17.32
CA PRO D 95 -7.71 47.64 17.91
C PRO D 95 -6.43 47.20 18.59
N LEU D 96 -5.27 47.63 18.10
CA LEU D 96 -4.02 47.15 18.62
C LEU D 96 -3.74 47.71 20.02
N TYR D 97 -2.74 47.12 20.68
CA TYR D 97 -2.31 47.53 22.02
C TYR D 97 -3.43 47.39 23.05
N ASP D 98 -4.31 46.41 22.83
CA ASP D 98 -5.41 46.10 23.74
C ASP D 98 -6.20 47.36 24.09
N GLY D 99 -6.74 47.98 23.04
CA GLY D 99 -7.33 49.30 23.22
C GLY D 99 -6.24 50.27 23.65
N LYS D 100 -6.55 51.06 24.67
CA LYS D 100 -5.63 52.06 25.20
C LYS D 100 -5.15 52.94 24.04
N LEU D 101 -3.96 53.53 24.17
CA LEU D 101 -3.34 54.28 23.08
C LEU D 101 -4.32 55.33 22.53
N SER D 102 -4.58 56.31 23.39
CA SER D 102 -5.69 57.25 23.23
C SER D 102 -5.92 57.65 21.78
N SER D 103 -7.20 57.66 21.39
CA SER D 103 -7.58 57.79 20.00
C SER D 103 -7.11 59.11 19.39
N ASN D 104 -6.81 60.11 20.20
CA ASN D 104 -6.32 61.37 19.67
C ASN D 104 -4.88 61.19 19.21
N PRO D 105 -4.58 61.42 17.93
CA PRO D 105 -3.18 61.42 17.50
C PRO D 105 -2.41 62.56 18.16
N LEU D 106 -1.09 62.49 18.05
CA LEU D 106 -0.16 63.39 18.73
C LEU D 106 -0.19 63.15 20.24
N LYS D 107 -1.08 62.27 20.69
CA LYS D 107 -1.08 61.74 22.05
C LYS D 107 -0.69 60.28 22.10
N ALA D 108 -1.17 59.48 21.15
CA ALA D 108 -0.66 58.13 20.98
C ALA D 108 0.77 58.11 20.46
N LEU D 109 1.24 59.23 19.91
CA LEU D 109 2.64 59.34 19.49
C LEU D 109 3.58 59.16 20.67
N THR D 110 3.16 59.58 21.86
CA THR D 110 3.97 59.45 23.07
C THR D 110 3.52 58.27 23.93
N GLU D 111 2.71 57.36 23.40
CA GLU D 111 2.24 56.20 24.14
C GLU D 111 2.67 54.87 23.55
N VAL D 112 3.15 54.85 22.31
CA VAL D 112 3.66 53.60 21.71
C VAL D 112 4.87 53.14 22.51
N PRO D 113 5.05 51.82 22.74
CA PRO D 113 6.11 51.34 23.64
C PRO D 113 7.52 51.86 23.40
N LEU D 114 7.74 52.58 22.30
CA LEU D 114 9.02 53.23 21.98
C LEU D 114 10.04 52.18 21.53
N ILE D 115 9.70 50.90 21.69
CA ILE D 115 10.42 49.83 21.02
C ILE D 115 9.68 49.40 19.75
N GLY D 116 8.39 49.70 19.65
CA GLY D 116 7.71 49.60 18.36
C GLY D 116 8.00 50.79 17.46
N TRP D 117 8.30 51.95 18.06
CA TRP D 117 8.76 53.07 17.26
C TRP D 117 10.07 52.75 16.57
N ALA D 118 10.99 52.09 17.27
CA ALA D 118 12.28 51.77 16.70
C ALA D 118 12.14 50.83 15.51
N GLN D 119 11.24 49.86 15.61
CA GLN D 119 11.07 48.91 14.51
C GLN D 119 10.46 49.58 13.29
N ILE D 120 9.48 50.49 13.49
CA ILE D 120 8.93 51.24 12.37
C ILE D 120 10.01 52.11 11.73
N PHE D 121 10.84 52.74 12.56
CA PHE D 121 11.92 53.56 12.05
C PHE D 121 12.90 52.74 11.22
N VAL D 122 13.26 51.55 11.73
CA VAL D 122 14.21 50.70 11.02
C VAL D 122 13.61 50.18 9.72
N ALA D 123 12.31 49.86 9.73
CA ALA D 123 11.67 49.40 8.50
C ALA D 123 11.63 50.50 7.45
N ILE D 124 11.29 51.73 7.85
CA ILE D 124 11.31 52.85 6.91
C ILE D 124 12.71 53.06 6.39
N ASN D 125 13.71 52.93 7.25
CA ASN D 125 15.10 53.11 6.85
C ASN D 125 15.53 52.07 5.83
N VAL D 126 15.16 50.81 6.06
CA VAL D 126 15.51 49.75 5.11
C VAL D 126 14.80 49.97 3.78
N ILE D 127 13.54 50.42 3.83
CA ILE D 127 12.79 50.70 2.61
C ILE D 127 13.48 51.80 1.82
N GLU D 128 13.93 52.85 2.50
CA GLU D 128 14.58 53.95 1.79
C GLU D 128 15.99 53.59 1.34
N TYR D 129 16.67 52.68 2.03
CA TYR D 129 17.91 52.13 1.51
C TYR D 129 17.67 51.38 0.21
N LEU D 130 16.60 50.58 0.17
CA LEU D 130 16.23 49.90 -1.08
C LEU D 130 15.87 50.89 -2.17
N GLN D 131 15.18 51.97 -1.82
CA GLN D 131 14.87 53.01 -2.80
C GLN D 131 16.13 53.67 -3.33
N ASN D 132 17.10 53.93 -2.45
CA ASN D 132 18.38 54.47 -2.88
C ASN D 132 19.07 53.52 -3.85
N LYS D 133 19.03 52.22 -3.56
CA LYS D 133 19.61 51.24 -4.48
C LYS D 133 18.88 51.25 -5.82
N ILE D 134 17.56 51.42 -5.78
CA ILE D 134 16.77 51.51 -7.01
C ILE D 134 17.19 52.72 -7.84
N LYS D 135 17.48 53.84 -7.17
CA LYS D 135 17.76 55.09 -7.86
C LYS D 135 18.95 55.00 -8.80
N GLU D 136 19.85 54.03 -8.60
CA GLU D 136 21.00 53.87 -9.49
C GLU D 136 20.75 52.87 -10.61
N LEU D 137 19.58 52.26 -10.67
CA LEU D 137 19.26 51.38 -11.78
C LEU D 137 19.13 52.18 -13.06
N PRO D 138 19.59 51.64 -14.20
CA PRO D 138 19.54 52.41 -15.45
C PRO D 138 18.12 52.76 -15.84
N GLY D 139 17.95 53.95 -16.40
CA GLY D 139 16.64 54.40 -16.82
C GLY D 139 15.73 54.82 -15.68
N TYR D 140 16.28 55.11 -14.50
CA TYR D 140 15.46 55.44 -13.35
C TYR D 140 14.73 56.76 -13.56
N ARG D 141 13.46 56.78 -13.14
CA ARG D 141 12.62 57.96 -13.13
C ARG D 141 12.39 58.44 -11.71
N PRO D 142 12.21 59.77 -11.50
CA PRO D 142 12.30 60.32 -10.14
C PRO D 142 11.50 59.59 -9.07
N GLY D 143 10.19 59.49 -9.21
CA GLY D 143 9.37 58.83 -8.23
C GLY D 143 9.06 57.38 -8.50
N ASP D 144 9.60 56.81 -9.58
CA ASP D 144 9.24 55.47 -10.02
C ASP D 144 10.12 54.46 -9.30
N TYR D 145 9.58 53.84 -8.25
CA TYR D 145 10.27 52.76 -7.56
C TYR D 145 9.77 51.38 -7.97
N LEU D 146 8.71 51.32 -8.76
CA LEU D 146 8.26 50.07 -9.35
C LEU D 146 8.99 49.73 -10.64
N GLY D 147 9.77 50.66 -11.19
CA GLY D 147 10.45 50.43 -12.45
C GLY D 147 9.52 50.35 -13.64
N THR D 148 8.49 51.19 -13.67
CA THR D 148 7.55 51.15 -14.79
C THR D 148 8.18 51.58 -16.10
N TRP D 149 9.34 52.23 -16.07
CA TRP D 149 10.04 52.56 -17.30
C TRP D 149 10.46 51.33 -18.09
N GLU D 150 10.55 50.18 -17.43
CA GLU D 150 10.88 48.94 -18.13
C GLU D 150 9.77 48.56 -19.11
N TRP D 151 8.51 48.71 -18.70
CA TRP D 151 7.38 48.38 -19.56
C TRP D 151 6.81 49.58 -20.30
N VAL D 152 6.83 50.76 -19.68
CA VAL D 152 6.17 51.93 -20.24
C VAL D 152 7.21 52.72 -21.02
N GLU D 153 7.32 52.40 -22.31
CA GLU D 153 7.95 53.26 -23.29
C GLU D 153 6.86 53.82 -24.19
N GLN D 154 6.95 55.11 -24.50
CA GLN D 154 5.87 55.83 -25.20
C GLN D 154 4.58 55.79 -24.36
N SER D 155 4.66 56.47 -23.22
CA SER D 155 3.54 56.51 -22.29
C SER D 155 2.26 57.00 -22.97
N ASP D 156 1.13 56.51 -22.46
CA ASP D 156 -0.18 56.86 -22.98
C ASP D 156 -0.72 58.09 -22.25
N GLU D 157 -1.98 58.44 -22.52
CA GLU D 157 -2.65 59.48 -21.74
C GLU D 157 -3.25 58.92 -20.47
N GLY D 158 -3.61 57.64 -20.46
CA GLY D 158 -4.11 57.02 -19.24
C GLY D 158 -3.04 56.91 -18.17
N TRP D 159 -1.81 56.54 -18.57
CA TRP D 159 -0.72 56.45 -17.61
C TRP D 159 -0.39 57.81 -17.02
N ASP D 160 -0.29 58.83 -17.88
CA ASP D 160 -0.04 60.19 -17.40
C ASP D 160 -1.17 60.67 -16.50
N SER D 161 -2.41 60.37 -16.88
CA SER D 161 -3.55 60.78 -16.06
C SER D 161 -3.54 60.10 -14.70
N TYR D 162 -3.17 58.82 -14.65
CA TYR D 162 -3.11 58.13 -13.36
C TYR D 162 -1.97 58.66 -12.49
N GLN D 163 -0.83 58.96 -13.09
CA GLN D 163 0.27 59.57 -12.34
C GLN D 163 -0.15 60.94 -11.79
N THR D 164 -0.86 61.72 -12.60
CA THR D 164 -1.37 63.00 -12.15
C THR D 164 -2.40 62.83 -11.03
N LYS D 165 -3.22 61.78 -11.12
CA LYS D 165 -4.18 61.50 -10.06
C LYS D 165 -3.46 61.20 -8.75
N GLU D 166 -2.41 60.38 -8.81
CA GLU D 166 -1.64 60.10 -7.61
C GLU D 166 -1.01 61.37 -7.05
N LEU D 167 -0.45 62.21 -7.92
CA LEU D 167 0.19 63.43 -7.47
C LEU D 167 -0.82 64.38 -6.82
N ASN D 168 -1.99 64.54 -7.43
CA ASN D 168 -2.99 65.45 -6.90
C ASN D 168 -3.57 64.95 -5.59
N ASN D 169 -3.81 63.64 -5.48
CA ASN D 169 -4.25 63.08 -4.21
C ASN D 169 -3.18 63.26 -3.13
N GLY D 170 -1.92 63.10 -3.51
CA GLY D 170 -0.85 63.35 -2.55
C GLY D 170 -0.78 64.78 -2.09
N ARG D 171 -0.99 65.73 -3.01
CA ARG D 171 -0.98 67.14 -2.64
C ARG D 171 -2.14 67.47 -1.70
N LEU D 172 -3.33 66.95 -2.02
CA LEU D 172 -4.48 67.18 -1.16
C LEU D 172 -4.25 66.57 0.21
N ALA D 173 -3.63 65.38 0.26
CA ALA D 173 -3.33 64.76 1.54
C ALA D 173 -2.26 65.52 2.31
N MET D 174 -1.29 66.12 1.62
CA MET D 174 -0.32 66.96 2.32
C MET D 174 -1.00 68.15 2.99
N VAL D 175 -1.86 68.85 2.24
CA VAL D 175 -2.59 69.96 2.83
C VAL D 175 -3.46 69.48 3.99
N ALA D 176 -4.13 68.33 3.81
CA ALA D 176 -5.03 67.82 4.83
C ALA D 176 -4.28 67.43 6.11
N ILE D 177 -3.11 66.80 5.98
CA ILE D 177 -2.38 66.37 7.16
C ILE D 177 -1.76 67.57 7.87
N ALA D 178 -1.32 68.58 7.11
CA ALA D 178 -0.86 69.81 7.75
C ALA D 178 -1.98 70.45 8.55
N GLY D 179 -3.17 70.52 7.95
CA GLY D 179 -4.32 71.06 8.67
C GLY D 179 -4.67 70.24 9.89
N LEU D 180 -4.63 68.91 9.76
CA LEU D 180 -4.93 68.03 10.89
C LEU D 180 -3.99 68.30 12.06
N ILE D 181 -2.69 68.31 11.79
CA ILE D 181 -1.73 68.50 12.86
C ILE D 181 -1.90 69.88 13.49
N VAL D 182 -2.08 70.91 12.67
CA VAL D 182 -2.21 72.26 13.22
C VAL D 182 -3.48 72.38 14.06
N GLN D 183 -4.60 71.84 13.57
CA GLN D 183 -5.84 71.91 14.33
C GLN D 183 -5.73 71.15 15.64
N ASP D 184 -5.13 69.96 15.62
CA ASP D 184 -4.99 69.20 16.86
C ASP D 184 -4.04 69.90 17.83
N LEU D 185 -3.06 70.64 17.32
CA LEU D 185 -2.16 71.37 18.19
C LEU D 185 -2.86 72.54 18.85
N ILE D 186 -3.59 73.34 18.06
CA ILE D 186 -4.17 74.57 18.61
C ILE D 186 -5.41 74.28 19.45
N THR D 187 -6.24 73.32 19.02
CA THR D 187 -7.49 73.05 19.72
C THR D 187 -7.35 71.94 20.76
N GLY D 188 -6.60 70.90 20.46
CA GLY D 188 -6.45 69.77 21.34
C GLY D 188 -7.38 68.60 21.05
N GLN D 189 -8.33 68.78 20.14
CA GLN D 189 -9.25 67.72 19.74
C GLN D 189 -8.82 67.14 18.40
N ALA D 190 -9.21 65.89 18.18
CA ALA D 190 -8.88 65.21 16.94
C ALA D 190 -9.90 65.59 15.85
N ALA D 191 -9.73 65.00 14.67
CA ALA D 191 -10.53 65.37 13.51
C ALA D 191 -12.02 65.11 13.72
N LEU D 192 -12.40 63.84 13.88
CA LEU D 192 -13.80 63.50 14.05
C LEU D 192 -14.35 63.94 15.40
N GLU D 193 -13.48 64.26 16.36
CA GLU D 193 -13.95 64.80 17.63
C GLU D 193 -14.27 66.28 17.52
N GLN D 194 -13.39 67.05 16.88
CA GLN D 194 -13.65 68.47 16.67
C GLN D 194 -14.86 68.69 15.77
N ILE D 195 -14.98 67.86 14.71
CA ILE D 195 -16.12 67.97 13.81
C ILE D 195 -17.42 67.63 14.55
N THR D 196 -17.40 66.57 15.35
CA THR D 196 -18.61 66.14 16.05
C THR D 196 -19.11 67.21 17.01
N ALA D 197 -18.21 67.78 17.81
CA ALA D 197 -18.61 68.84 18.73
C ALA D 197 -19.09 70.08 17.99
N GLY D 198 -18.38 70.46 16.93
CA GLY D 198 -18.74 71.65 16.18
C GLY D 198 -17.75 72.78 16.36
N ASN D 199 -16.50 72.44 16.68
CA ASN D 199 -15.45 73.43 16.87
C ASN D 199 -14.86 73.85 15.52
N THR D 200 -15.72 74.44 14.70
CA THR D 200 -15.33 74.90 13.37
C THR D 200 -15.57 76.40 13.21
N LYS E 6 -45.02 32.95 -40.68
CA LYS E 6 -43.64 33.31 -41.02
C LYS E 6 -43.11 34.37 -40.05
N SER E 7 -43.20 34.09 -38.76
CA SER E 7 -42.74 35.02 -37.75
C SER E 7 -41.23 35.18 -37.80
N THR E 8 -40.75 36.30 -37.29
CA THR E 8 -39.34 36.63 -37.29
C THR E 8 -38.59 36.09 -36.08
N ILE E 9 -39.28 35.38 -35.17
CA ILE E 9 -38.65 34.89 -33.95
C ILE E 9 -38.72 33.38 -33.88
N VAL E 10 -39.73 32.78 -34.53
CA VAL E 10 -39.96 31.34 -34.42
C VAL E 10 -40.08 30.73 -35.82
N ASP E 11 -39.82 29.44 -35.88
CA ASP E 11 -40.05 28.63 -37.06
C ASP E 11 -41.23 27.69 -36.79
N PHE E 12 -42.17 27.63 -37.74
CA PHE E 12 -43.41 26.92 -37.53
C PHE E 12 -43.30 25.49 -38.05
N ASN E 13 -43.75 24.54 -37.23
CA ASN E 13 -43.72 23.12 -37.56
C ASN E 13 -42.34 22.64 -38.00
N PRO E 14 -41.31 22.79 -37.16
CA PRO E 14 -39.97 22.35 -37.57
C PRO E 14 -39.82 20.84 -37.55
N VAL E 15 -40.34 20.17 -36.52
CA VAL E 15 -40.20 18.73 -36.35
C VAL E 15 -41.58 18.11 -36.26
N GLU E 16 -41.80 17.04 -37.01
CA GLU E 16 -43.09 16.35 -36.99
C GLU E 16 -43.22 15.52 -35.73
N THR E 17 -44.42 15.55 -35.14
CA THR E 17 -44.72 14.76 -33.95
C THR E 17 -45.01 13.33 -34.39
N SER E 18 -44.02 12.45 -34.25
CA SER E 18 -44.15 11.08 -34.71
C SER E 18 -43.49 10.13 -33.71
N PHE E 19 -44.00 8.91 -33.65
CA PHE E 19 -43.44 7.87 -32.80
C PHE E 19 -42.40 7.02 -33.52
N GLU E 20 -42.08 7.34 -34.78
CA GLU E 20 -41.17 6.51 -35.55
C GLU E 20 -39.78 6.51 -34.94
N LYS E 21 -39.28 7.66 -34.50
CA LYS E 21 -37.95 7.74 -33.92
C LYS E 21 -37.90 7.19 -32.50
N TRP E 22 -39.05 7.00 -31.85
CA TRP E 22 -39.06 6.35 -30.55
C TRP E 22 -38.66 4.89 -30.65
N ALA E 23 -38.94 4.27 -31.80
CA ALA E 23 -38.62 2.86 -32.02
C ALA E 23 -37.25 2.65 -32.62
N LYS E 24 -36.45 3.72 -32.77
CA LYS E 24 -35.09 3.64 -33.31
C LYS E 24 -34.16 4.25 -32.27
N PRO E 25 -33.76 3.47 -31.26
CA PRO E 25 -32.86 4.02 -30.23
C PRO E 25 -31.54 4.46 -30.83
N GLY E 26 -31.01 5.56 -30.31
CA GLY E 26 -29.76 6.09 -30.80
C GLY E 26 -29.86 6.85 -32.11
N GLN E 27 -31.06 7.23 -32.51
CA GLN E 27 -31.22 7.94 -33.79
C GLN E 27 -30.53 9.30 -33.77
N PHE E 28 -30.37 9.89 -32.59
CA PHE E 28 -29.78 11.22 -32.50
C PHE E 28 -28.30 11.21 -32.87
N SER E 29 -27.59 10.15 -32.54
CA SER E 29 -26.15 10.08 -32.75
C SER E 29 -25.85 9.49 -34.13
N ARG E 30 -24.85 10.05 -34.79
CA ARG E 30 -24.41 9.51 -36.07
C ARG E 30 -23.76 8.14 -35.90
N THR E 31 -23.09 7.92 -34.77
CA THR E 31 -22.39 6.65 -34.55
C THR E 31 -23.32 5.57 -34.00
N LEU E 32 -24.26 5.96 -33.12
CA LEU E 32 -25.16 4.98 -32.51
C LEU E 32 -26.35 4.62 -33.38
N ALA E 33 -26.59 5.36 -34.47
CA ALA E 33 -27.78 5.11 -35.28
C ALA E 33 -27.70 3.78 -36.01
N LYS E 34 -26.48 3.29 -36.28
CA LYS E 34 -26.34 2.04 -37.03
C LYS E 34 -26.81 0.83 -36.25
N GLY E 35 -26.96 0.94 -34.94
CA GLY E 35 -27.43 -0.15 -34.12
C GLY E 35 -26.35 -0.75 -33.26
N PRO E 36 -26.73 -1.44 -32.19
CA PRO E 36 -25.73 -2.01 -31.28
C PRO E 36 -25.03 -3.21 -31.88
N LYS E 37 -23.72 -3.26 -31.66
CA LYS E 37 -22.92 -4.46 -31.93
C LYS E 37 -22.29 -5.04 -30.68
N THR E 38 -21.99 -4.21 -29.69
CA THR E 38 -21.52 -4.64 -28.38
C THR E 38 -22.34 -3.94 -27.31
N THR E 39 -22.19 -4.41 -26.07
CA THR E 39 -22.91 -3.80 -24.96
C THR E 39 -22.44 -2.38 -24.67
N THR E 40 -21.30 -1.95 -25.23
CA THR E 40 -20.86 -0.56 -25.08
C THR E 40 -21.85 0.40 -25.73
N TRP E 41 -22.56 -0.05 -26.76
CA TRP E 41 -23.54 0.80 -27.42
C TRP E 41 -24.64 1.22 -26.46
N ILE E 42 -25.08 0.30 -25.60
CA ILE E 42 -26.14 0.61 -24.65
C ILE E 42 -25.72 1.74 -23.71
N TRP E 43 -24.51 1.65 -23.17
CA TRP E 43 -24.03 2.68 -22.26
C TRP E 43 -23.77 3.99 -23.01
N ASN E 44 -23.27 3.92 -24.24
CA ASN E 44 -23.06 5.12 -25.03
C ASN E 44 -24.38 5.80 -25.35
N LEU E 45 -25.46 5.03 -25.42
CA LEU E 45 -26.77 5.61 -25.74
C LEU E 45 -27.21 6.59 -24.66
N HIS E 46 -27.02 6.25 -23.39
CA HIS E 46 -27.43 7.12 -22.31
C HIS E 46 -26.40 8.21 -22.01
N ALA E 47 -25.13 7.96 -22.32
CA ALA E 47 -24.10 8.96 -22.07
C ALA E 47 -24.14 10.11 -23.08
N ASP E 48 -24.78 9.92 -24.23
CA ASP E 48 -24.85 10.93 -25.27
C ASP E 48 -26.27 11.45 -25.48
N ALA E 49 -27.21 11.08 -24.61
CA ALA E 49 -28.60 11.44 -24.82
C ALA E 49 -28.80 12.96 -24.81
N HIS E 50 -28.21 13.64 -23.83
CA HIS E 50 -28.39 15.07 -23.68
C HIS E 50 -27.21 15.87 -24.19
N ASP E 51 -26.24 15.22 -24.84
CA ASP E 51 -25.12 15.92 -25.45
C ASP E 51 -25.55 16.42 -26.83
N PHE E 52 -26.39 17.47 -26.81
CA PHE E 52 -26.98 17.98 -28.03
C PHE E 52 -25.94 18.62 -28.95
N ASP E 53 -24.74 18.93 -28.44
CA ASP E 53 -23.71 19.52 -29.27
C ASP E 53 -23.24 18.56 -30.35
N ILE E 54 -23.12 17.28 -30.02
CA ILE E 54 -22.65 16.29 -31.00
C ILE E 54 -23.79 15.69 -31.81
N GLN E 55 -25.04 16.01 -31.50
CA GLN E 55 -26.17 15.50 -32.26
C GLN E 55 -26.52 16.39 -33.44
N THR E 56 -26.25 17.69 -33.34
CA THR E 56 -26.49 18.62 -34.44
C THR E 56 -25.30 19.55 -34.57
N ASN E 57 -25.09 20.06 -35.79
CA ASN E 57 -24.02 21.00 -36.07
C ASN E 57 -24.51 22.44 -36.07
N SER E 58 -25.76 22.68 -35.69
CA SER E 58 -26.35 24.02 -35.70
C SER E 58 -26.64 24.45 -34.27
N LEU E 59 -26.18 25.66 -33.92
CA LEU E 59 -26.47 26.21 -32.60
C LEU E 59 -27.96 26.40 -32.39
N GLN E 60 -28.70 26.69 -33.45
CA GLN E 60 -30.14 26.88 -33.34
C GLN E 60 -30.84 25.62 -32.85
N GLU E 61 -30.48 24.47 -33.42
CA GLU E 61 -31.09 23.21 -33.03
C GLU E 61 -30.75 22.86 -31.58
N VAL E 62 -29.50 23.07 -31.19
CA VAL E 62 -29.08 22.82 -29.82
C VAL E 62 -29.88 23.71 -28.87
N SER E 63 -30.04 24.98 -29.22
CA SER E 63 -30.79 25.90 -28.37
C SER E 63 -32.24 25.47 -28.22
N ARG E 64 -32.86 25.05 -29.32
CA ARG E 64 -34.26 24.60 -29.26
C ARG E 64 -34.40 23.35 -28.41
N LYS E 65 -33.47 22.41 -28.56
CA LYS E 65 -33.49 21.20 -27.73
C LYS E 65 -33.34 21.56 -26.25
N ILE E 66 -32.44 22.50 -25.95
CA ILE E 66 -32.22 22.92 -24.57
C ILE E 66 -33.48 23.57 -24.01
N PHE E 67 -34.15 24.40 -24.81
CA PHE E 67 -35.36 25.07 -24.37
C PHE E 67 -36.46 24.07 -24.04
N SER E 68 -36.67 23.09 -24.92
CA SER E 68 -37.68 22.07 -24.64
C SER E 68 -37.28 21.18 -23.46
N ALA E 69 -35.99 20.90 -23.29
CA ALA E 69 -35.55 20.14 -22.13
C ALA E 69 -35.79 20.89 -20.85
N HIS E 70 -35.60 22.22 -20.86
CA HIS E 70 -35.93 23.04 -19.71
C HIS E 70 -37.42 22.93 -19.39
N PHE E 71 -38.27 22.96 -20.42
CA PHE E 71 -39.69 22.82 -20.18
C PHE E 71 -40.02 21.46 -19.56
N GLY E 72 -39.40 20.39 -20.07
CA GLY E 72 -39.62 19.08 -19.47
C GLY E 72 -39.17 19.02 -18.03
N GLN E 73 -38.02 19.63 -17.72
CA GLN E 73 -37.53 19.65 -16.35
C GLN E 73 -38.47 20.42 -15.43
N LEU E 74 -38.99 21.56 -15.90
CA LEU E 74 -39.93 22.31 -15.08
C LEU E 74 -41.24 21.55 -14.90
N ALA E 75 -41.67 20.80 -15.91
CA ALA E 75 -42.84 19.94 -15.74
C ALA E 75 -42.59 18.87 -14.68
N VAL E 76 -41.40 18.29 -14.69
CA VAL E 76 -41.05 17.28 -13.67
C VAL E 76 -41.06 17.92 -12.29
N ILE E 77 -40.50 19.12 -12.16
CA ILE E 77 -40.48 19.82 -10.87
C ILE E 77 -41.89 20.12 -10.40
N PHE E 78 -42.76 20.56 -11.32
CA PHE E 78 -44.14 20.85 -10.96
C PHE E 78 -44.87 19.58 -10.53
N LEU E 79 -44.61 18.45 -11.20
CA LEU E 79 -45.20 17.19 -10.79
C LEU E 79 -44.73 16.78 -9.40
N TRP E 80 -43.45 17.00 -9.10
CA TRP E 80 -42.91 16.70 -7.78
C TRP E 80 -43.58 17.56 -6.71
N LEU E 81 -43.74 18.86 -6.98
CA LEU E 81 -44.40 19.75 -6.04
C LEU E 81 -45.87 19.36 -5.84
N SER E 82 -46.54 18.99 -6.93
CA SER E 82 -47.93 18.54 -6.83
C SER E 82 -48.03 17.29 -5.98
N GLY E 83 -47.07 16.36 -6.14
CA GLY E 83 -47.06 15.19 -5.29
C GLY E 83 -46.85 15.53 -3.83
N MET E 84 -45.96 16.48 -3.54
CA MET E 84 -45.74 16.88 -2.16
C MET E 84 -47.01 17.47 -1.55
N HIS E 85 -47.69 18.34 -2.30
CA HIS E 85 -48.91 18.95 -1.79
C HIS E 85 -50.03 17.91 -1.64
N PHE E 86 -50.10 16.96 -2.57
CA PHE E 86 -51.11 15.90 -2.47
C PHE E 86 -50.87 15.03 -1.26
N HIS E 87 -49.62 14.70 -0.97
CA HIS E 87 -49.30 13.92 0.23
C HIS E 87 -49.63 14.71 1.49
N GLY E 88 -49.35 16.01 1.49
CA GLY E 88 -49.75 16.84 2.62
C GLY E 88 -51.26 16.86 2.80
N ALA E 89 -52.00 16.83 1.70
CA ALA E 89 -53.45 16.91 1.78
C ALA E 89 -54.06 15.60 2.25
N TYR E 90 -53.52 14.47 1.79
CA TYR E 90 -54.18 13.18 1.97
C TYR E 90 -53.50 12.26 2.96
N PHE E 91 -52.17 12.22 3.00
CA PHE E 91 -51.44 11.25 3.81
C PHE E 91 -50.59 11.96 4.86
N SER E 92 -51.13 13.00 5.49
CA SER E 92 -50.36 13.79 6.44
C SER E 92 -51.22 14.13 7.65
N ASN E 93 -50.55 14.58 8.71
CA ASN E 93 -51.19 15.06 9.93
C ASN E 93 -51.03 16.57 10.04
N TYR E 94 -51.15 17.27 8.91
CA TYR E 94 -50.91 18.71 8.90
C TYR E 94 -51.94 19.45 9.76
N SER E 95 -53.20 19.02 9.72
CA SER E 95 -54.22 19.65 10.55
C SER E 95 -53.92 19.48 12.03
N ALA E 96 -53.48 18.28 12.43
CA ALA E 96 -53.12 18.06 13.82
C ALA E 96 -51.86 18.84 14.20
N TRP E 97 -50.91 18.94 13.27
CA TRP E 97 -49.69 19.69 13.55
C TRP E 97 -49.95 21.18 13.69
N LEU E 98 -50.97 21.69 12.98
CA LEU E 98 -51.30 23.11 13.09
C LEU E 98 -51.72 23.48 14.50
N THR E 99 -52.51 22.62 15.14
CA THR E 99 -53.01 22.88 16.49
C THR E 99 -51.97 22.61 17.57
N ASN E 100 -50.87 21.92 17.24
CA ASN E 100 -49.83 21.60 18.22
C ASN E 100 -48.48 21.52 17.50
N PRO E 101 -47.97 22.66 17.03
CA PRO E 101 -46.69 22.63 16.28
C PRO E 101 -45.51 22.19 17.12
N THR E 102 -45.52 22.45 18.42
CA THR E 102 -44.37 22.19 19.27
C THR E 102 -44.35 20.78 19.84
N SER E 103 -45.43 20.01 19.69
CA SER E 103 -45.50 18.67 20.26
C SER E 103 -45.85 17.59 19.24
N THR E 104 -46.16 17.94 18.01
CA THR E 104 -46.48 16.98 16.96
C THR E 104 -45.38 16.99 15.91
N LYS E 105 -44.88 15.83 15.56
CA LYS E 105 -43.82 15.74 14.54
C LYS E 105 -44.45 15.68 13.16
N PRO E 106 -43.97 16.48 12.21
CA PRO E 106 -44.58 16.50 10.87
C PRO E 106 -44.37 15.18 10.15
N SER E 107 -45.47 14.60 9.67
CA SER E 107 -45.43 13.37 8.89
C SER E 107 -46.38 13.52 7.70
N ALA E 108 -45.90 13.13 6.52
CA ALA E 108 -46.70 13.26 5.30
C ALA E 108 -46.54 12.05 4.38
N GLN E 109 -46.15 10.90 4.91
CA GLN E 109 -46.03 9.68 4.11
C GLN E 109 -46.34 8.49 4.99
N ILE E 110 -47.41 7.78 4.69
CA ILE E 110 -47.77 6.57 5.40
C ILE E 110 -47.30 5.37 4.59
N VAL E 111 -46.99 4.28 5.28
CA VAL E 111 -46.37 3.12 4.68
C VAL E 111 -47.37 1.96 4.71
N TRP E 112 -47.52 1.28 3.57
CA TRP E 112 -48.45 0.18 3.48
C TRP E 112 -48.01 -0.97 4.39
N PRO E 113 -48.97 -1.74 4.93
CA PRO E 113 -48.63 -2.88 5.80
C PRO E 113 -48.31 -4.15 5.02
N ILE E 114 -47.07 -4.24 4.52
CA ILE E 114 -46.59 -5.40 3.81
C ILE E 114 -45.27 -5.84 4.44
N VAL E 115 -44.94 -7.12 4.30
CA VAL E 115 -43.71 -7.76 4.76
C VAL E 115 -43.21 -7.19 6.08
N GLY E 116 -44.14 -6.78 6.95
CA GLY E 116 -43.77 -6.25 8.25
C GLY E 116 -43.22 -4.84 8.24
N GLN E 117 -43.30 -4.13 7.12
CA GLN E 117 -42.74 -2.79 7.00
C GLN E 117 -43.58 -1.73 7.70
N GLU E 118 -44.75 -2.08 8.22
CA GLU E 118 -45.62 -1.11 8.87
C GLU E 118 -45.02 -0.56 10.15
N VAL E 119 -43.92 -1.16 10.66
CA VAL E 119 -43.21 -0.59 11.79
C VAL E 119 -42.65 0.79 11.46
N LEU E 120 -42.46 1.09 10.18
CA LEU E 120 -41.95 2.39 9.78
C LEU E 120 -42.95 3.51 10.07
N ASN E 121 -44.22 3.19 10.23
CA ASN E 121 -45.23 4.18 10.60
C ASN E 121 -45.02 4.57 12.06
N ALA E 122 -44.36 5.70 12.28
CA ALA E 122 -43.92 6.10 13.61
C ALA E 122 -45.03 6.79 14.39
N ASP E 123 -44.79 7.01 15.68
CA ASP E 123 -45.75 7.72 16.52
C ASP E 123 -45.46 9.20 16.43
N VAL E 124 -45.76 9.81 15.30
CA VAL E 124 -45.50 11.22 15.04
C VAL E 124 -46.44 12.13 15.81
N GLY E 125 -47.47 11.59 16.44
CA GLY E 125 -48.40 12.39 17.22
C GLY E 125 -49.60 12.83 16.41
N GLY E 126 -50.58 13.38 17.12
CA GLY E 126 -51.82 13.80 16.49
C GLY E 126 -52.66 12.68 15.94
N ASN E 127 -52.72 11.55 16.64
CA ASN E 127 -53.49 10.40 16.17
C ASN E 127 -53.09 10.08 14.73
N PHE E 128 -51.80 9.94 14.49
CA PHE E 128 -51.31 9.66 13.15
C PHE E 128 -50.14 8.70 13.22
N GLN E 129 -50.00 7.88 12.18
CA GLN E 129 -48.87 6.97 12.03
C GLN E 129 -48.27 7.19 10.65
N GLY E 130 -46.95 7.37 10.59
CA GLY E 130 -46.30 7.59 9.33
C GLY E 130 -44.83 7.92 9.53
N ILE E 131 -44.20 8.29 8.43
CA ILE E 131 -42.78 8.63 8.43
C ILE E 131 -42.62 10.11 8.74
N GLN E 132 -41.79 10.43 9.72
CA GLN E 132 -41.53 11.82 10.05
C GLN E 132 -40.86 12.54 8.89
N ILE E 133 -41.34 13.75 8.61
CA ILE E 133 -40.91 14.51 7.45
C ILE E 133 -39.91 15.57 7.88
N THR E 134 -38.76 15.61 7.22
CA THR E 134 -37.70 16.55 7.54
C THR E 134 -37.48 17.59 6.44
N SER E 135 -38.43 17.71 5.52
CA SER E 135 -38.32 18.71 4.46
C SER E 135 -38.95 20.04 4.82
N GLY E 136 -39.58 20.14 5.98
CA GLY E 136 -40.11 21.42 6.44
C GLY E 136 -41.28 21.94 5.67
N PHE E 137 -42.04 21.06 5.00
CA PHE E 137 -43.19 21.52 4.23
C PHE E 137 -44.28 22.06 5.14
N PHE E 138 -44.45 21.46 6.32
CA PHE E 138 -45.49 21.91 7.24
C PHE E 138 -45.26 23.35 7.66
N GLN E 139 -44.02 23.68 7.99
CA GLN E 139 -43.69 25.05 8.39
C GLN E 139 -43.86 26.01 7.22
N LEU E 140 -43.46 25.59 6.02
CA LEU E 140 -43.64 26.43 4.84
C LEU E 140 -45.12 26.68 4.55
N TRP E 141 -45.94 25.63 4.66
CA TRP E 141 -47.37 25.78 4.41
C TRP E 141 -48.00 26.69 5.46
N ARG E 142 -47.57 26.56 6.72
CA ARG E 142 -48.07 27.45 7.76
C ARG E 142 -47.67 28.90 7.49
N ALA E 143 -46.44 29.11 7.03
CA ALA E 143 -46.01 30.46 6.68
C ALA E 143 -46.79 31.01 5.49
N GLU E 144 -47.27 30.12 4.60
CA GLU E 144 -48.09 30.54 3.49
C GLU E 144 -49.53 30.86 3.90
N GLY E 145 -49.89 30.59 5.14
CA GLY E 145 -51.27 30.78 5.58
C GLY E 145 -52.19 29.61 5.29
N ILE E 146 -51.67 28.49 4.81
CA ILE E 146 -52.48 27.32 4.51
C ILE E 146 -52.91 26.70 5.83
N THR E 147 -54.20 26.75 6.14
CA THR E 147 -54.73 26.23 7.39
C THR E 147 -55.63 25.02 7.22
N SER E 148 -55.79 24.52 5.99
CA SER E 148 -56.66 23.38 5.74
C SER E 148 -56.01 22.48 4.70
N GLU E 149 -56.35 21.19 4.76
CA GLU E 149 -55.86 20.24 3.78
C GLU E 149 -56.55 20.37 2.43
N VAL E 150 -57.70 21.05 2.38
CA VAL E 150 -58.35 21.32 1.10
C VAL E 150 -57.48 22.24 0.25
N GLU E 151 -56.88 23.24 0.89
CA GLU E 151 -55.97 24.14 0.17
C GLU E 151 -54.76 23.38 -0.37
N LEU E 152 -54.25 22.42 0.40
CA LEU E 152 -53.17 21.58 -0.10
C LEU E 152 -53.60 20.76 -1.31
N TYR E 153 -54.83 20.22 -1.27
CA TYR E 153 -55.34 19.48 -2.41
C TYR E 153 -55.45 20.36 -3.65
N TRP E 154 -55.94 21.59 -3.47
CA TRP E 154 -56.09 22.48 -4.61
C TRP E 154 -54.74 22.93 -5.15
N THR E 155 -53.76 23.12 -4.27
CA THR E 155 -52.41 23.42 -4.73
C THR E 155 -51.82 22.25 -5.49
N ALA E 156 -52.10 21.01 -5.06
CA ALA E 156 -51.65 19.84 -5.81
C ALA E 156 -52.30 19.77 -7.17
N VAL E 157 -53.60 20.06 -7.25
CA VAL E 157 -54.28 20.07 -8.55
C VAL E 157 -53.69 21.13 -9.46
N GLY E 158 -53.44 22.33 -8.92
CA GLY E 158 -52.79 23.37 -9.70
C GLY E 158 -51.40 22.97 -10.16
N GLY E 159 -50.67 22.25 -9.30
CA GLY E 159 -49.36 21.77 -9.71
C GLY E 159 -49.43 20.75 -10.84
N LEU E 160 -50.42 19.87 -10.79
CA LEU E 160 -50.61 18.92 -11.90
C LEU E 160 -50.94 19.67 -13.19
N VAL E 161 -51.84 20.66 -13.11
CA VAL E 161 -52.20 21.43 -14.29
C VAL E 161 -50.97 22.16 -14.83
N ALA E 162 -50.17 22.74 -13.93
CA ALA E 162 -48.97 23.45 -14.36
C ALA E 162 -47.97 22.51 -15.00
N SER E 163 -47.82 21.30 -14.45
CA SER E 163 -46.90 20.33 -15.04
C SER E 163 -47.35 19.94 -16.45
N PHE E 164 -48.65 19.71 -16.64
CA PHE E 164 -49.14 19.44 -17.99
C PHE E 164 -48.90 20.63 -18.90
N LEU E 165 -49.08 21.84 -18.38
CA LEU E 165 -48.84 23.03 -19.19
C LEU E 165 -47.39 23.13 -19.63
N MET E 166 -46.45 22.81 -18.74
CA MET E 166 -45.04 22.89 -19.12
C MET E 166 -44.68 21.79 -20.11
N LEU E 167 -45.26 20.59 -19.97
CA LEU E 167 -45.07 19.55 -20.97
C LEU E 167 -45.57 20.01 -22.33
N PHE E 168 -46.76 20.60 -22.36
CA PHE E 168 -47.32 21.09 -23.62
C PHE E 168 -46.46 22.21 -24.19
N ALA E 169 -45.91 23.07 -23.33
CA ALA E 169 -45.06 24.15 -23.80
C ALA E 169 -43.80 23.60 -24.45
N GLY E 170 -43.19 22.58 -23.83
CA GLY E 170 -42.01 21.97 -24.43
C GLY E 170 -42.30 21.35 -25.77
N TRP E 171 -43.40 20.59 -25.85
CA TRP E 171 -43.79 20.00 -27.13
C TRP E 171 -44.06 21.09 -28.17
N PHE E 172 -44.77 22.14 -27.77
CA PHE E 172 -45.12 23.21 -28.69
C PHE E 172 -43.87 23.90 -29.23
N HIS E 173 -42.92 24.19 -28.35
CA HIS E 173 -41.74 24.94 -28.75
C HIS E 173 -40.64 24.06 -29.33
N TYR E 174 -40.82 22.75 -29.38
CA TYR E 174 -39.94 21.97 -30.24
C TYR E 174 -40.58 21.57 -31.56
N HIS E 175 -41.89 21.32 -31.59
CA HIS E 175 -42.52 20.72 -32.76
C HIS E 175 -43.45 21.65 -33.53
N LYS E 176 -44.01 22.67 -32.89
CA LYS E 176 -44.99 23.55 -33.51
C LYS E 176 -44.47 24.96 -33.77
N ALA E 177 -43.76 25.55 -32.81
CA ALA E 177 -43.19 26.89 -33.00
C ALA E 177 -41.88 26.95 -32.21
N ALA E 178 -40.78 26.65 -32.89
CA ALA E 178 -39.47 26.66 -32.25
C ALA E 178 -38.80 28.01 -32.47
N PRO E 179 -38.32 28.66 -31.41
CA PRO E 179 -37.69 29.97 -31.56
C PRO E 179 -36.39 29.88 -32.34
N LYS E 180 -36.04 30.99 -32.97
CA LYS E 180 -34.83 31.07 -33.78
C LYS E 180 -33.63 31.43 -32.91
N LEU E 181 -32.45 31.36 -33.52
CA LEU E 181 -31.21 31.63 -32.79
C LEU E 181 -31.16 33.06 -32.30
N GLU E 182 -31.63 34.01 -33.13
CA GLU E 182 -31.60 35.42 -32.73
C GLU E 182 -32.46 35.66 -31.51
N TRP E 183 -33.58 34.94 -31.40
CA TRP E 183 -34.41 35.04 -30.20
C TRP E 183 -33.66 34.57 -28.96
N PHE E 184 -32.93 33.45 -29.08
CA PHE E 184 -32.17 32.93 -27.95
C PHE E 184 -31.01 33.85 -27.58
N GLN E 185 -30.43 34.54 -28.55
CA GLN E 185 -29.25 35.36 -28.34
C GLN E 185 -29.57 36.76 -27.85
N ASN E 186 -30.84 37.07 -27.60
CA ASN E 186 -31.22 38.36 -27.03
C ASN E 186 -30.98 38.32 -25.51
N VAL E 187 -29.69 38.31 -25.17
CA VAL E 187 -29.32 38.22 -23.75
C VAL E 187 -29.70 39.49 -23.01
N GLU E 188 -29.71 40.64 -23.68
CA GLU E 188 -30.16 41.86 -23.03
C GLU E 188 -31.64 41.78 -22.68
N SER E 189 -32.47 41.38 -23.65
CA SER E 189 -33.89 41.22 -23.38
C SER E 189 -34.15 40.13 -22.34
N MET E 190 -33.41 39.02 -22.44
CA MET E 190 -33.59 37.93 -21.48
C MET E 190 -33.25 38.39 -20.07
N LEU E 191 -32.14 39.11 -19.92
CA LEU E 191 -31.75 39.61 -18.61
C LEU E 191 -32.77 40.61 -18.09
N ASN E 192 -33.23 41.52 -18.94
CA ASN E 192 -34.24 42.49 -18.53
C ASN E 192 -35.49 41.77 -18.01
N HIS E 193 -35.94 40.76 -18.74
CA HIS E 193 -37.16 40.07 -18.33
C HIS E 193 -36.94 39.23 -17.08
N HIS E 194 -35.86 38.46 -17.03
CA HIS E 194 -35.61 37.63 -15.85
C HIS E 194 -35.40 38.47 -14.60
N LEU E 195 -34.87 39.69 -14.75
CA LEU E 195 -34.64 40.54 -13.59
C LEU E 195 -35.91 41.27 -13.18
N ALA E 196 -36.63 41.86 -14.13
CA ALA E 196 -37.85 42.58 -13.77
C ALA E 196 -39.00 41.60 -13.60
N GLY E 197 -39.45 40.99 -14.69
CA GLY E 197 -40.62 40.12 -14.63
C GLY E 197 -40.42 38.99 -13.65
N LEU E 198 -39.57 38.02 -13.97
CA LEU E 198 -39.44 36.83 -13.12
C LEU E 198 -39.14 37.23 -11.68
N LEU E 199 -37.94 37.76 -11.44
CA LEU E 199 -37.53 38.00 -10.05
C LEU E 199 -38.37 39.09 -9.39
N GLY E 200 -38.39 40.29 -9.97
CA GLY E 200 -39.05 41.40 -9.31
C GLY E 200 -40.55 41.20 -9.18
N LEU E 201 -41.22 40.78 -10.26
CA LEU E 201 -42.66 40.59 -10.16
C LEU E 201 -43.02 39.37 -9.33
N GLY E 202 -42.15 38.35 -9.26
CA GLY E 202 -42.40 37.27 -8.33
C GLY E 202 -42.30 37.73 -6.89
N SER E 203 -41.28 38.55 -6.59
CA SER E 203 -41.18 39.12 -5.25
C SER E 203 -42.38 40.00 -4.93
N LEU E 204 -42.83 40.78 -5.90
CA LEU E 204 -43.98 41.66 -5.69
C LEU E 204 -45.25 40.85 -5.45
N SER E 205 -45.48 39.81 -6.26
CA SER E 205 -46.65 38.98 -6.08
C SER E 205 -46.61 38.24 -4.76
N TRP E 206 -45.43 37.77 -4.35
CA TRP E 206 -45.34 37.07 -3.07
C TRP E 206 -45.52 38.05 -1.92
N ALA E 207 -45.02 39.29 -2.07
CA ALA E 207 -45.27 40.29 -1.04
C ALA E 207 -46.76 40.59 -0.92
N GLY E 208 -47.46 40.67 -2.06
CA GLY E 208 -48.90 40.86 -2.01
C GLY E 208 -49.60 39.71 -1.31
N HIS E 209 -49.22 38.47 -1.66
CA HIS E 209 -49.83 37.32 -0.99
C HIS E 209 -49.55 37.33 0.50
N GLN E 210 -48.31 37.60 0.89
CA GLN E 210 -47.97 37.64 2.31
C GLN E 210 -48.81 38.67 3.03
N ILE E 211 -48.85 39.90 2.49
CA ILE E 211 -49.54 41.01 3.13
C ILE E 211 -51.03 40.70 3.27
N HIS E 212 -51.64 40.10 2.25
CA HIS E 212 -53.09 39.95 2.26
C HIS E 212 -53.58 38.61 2.79
N ILE E 213 -52.71 37.60 2.88
CA ILE E 213 -53.13 36.26 3.27
C ILE E 213 -52.25 35.78 4.43
N ALA E 214 -50.94 35.81 4.24
CA ALA E 214 -50.04 35.19 5.22
C ALA E 214 -49.93 36.05 6.47
N LEU E 215 -49.87 37.37 6.32
CA LEU E 215 -49.79 38.24 7.48
C LEU E 215 -50.99 38.12 8.40
N PRO E 216 -52.24 38.19 7.92
CA PRO E 216 -53.36 38.08 8.87
C PRO E 216 -53.56 36.68 9.41
N ILE E 217 -53.46 35.66 8.56
CA ILE E 217 -53.72 34.29 9.00
C ILE E 217 -52.70 33.86 10.03
N ASN E 218 -51.42 34.15 9.79
CA ASN E 218 -50.38 33.77 10.74
C ASN E 218 -50.47 34.58 12.04
N LYS E 219 -50.85 35.85 11.95
CA LYS E 219 -51.05 36.64 13.16
C LYS E 219 -52.18 36.06 14.00
N LEU E 220 -53.27 35.65 13.36
CA LEU E 220 -54.36 35.00 14.08
C LEU E 220 -53.91 33.67 14.67
N LEU E 221 -53.12 32.90 13.93
CA LEU E 221 -52.62 31.62 14.43
C LEU E 221 -51.74 31.82 15.66
N ASP E 222 -50.86 32.82 15.63
CA ASP E 222 -50.00 33.09 16.78
C ASP E 222 -50.79 33.62 17.96
N LEU E 223 -51.91 34.30 17.70
CA LEU E 223 -52.77 34.79 18.78
C LEU E 223 -53.52 33.67 19.48
N GLY E 224 -53.48 32.45 18.95
CA GLY E 224 -54.17 31.32 19.53
C GLY E 224 -55.48 30.95 18.87
N VAL E 225 -55.87 31.67 17.81
CA VAL E 225 -57.11 31.34 17.11
C VAL E 225 -56.94 30.02 16.38
N SER E 226 -57.88 29.10 16.59
CA SER E 226 -57.79 27.79 15.95
C SER E 226 -58.04 27.93 14.45
N PRO E 227 -57.45 27.04 13.65
CA PRO E 227 -57.58 27.18 12.19
C PRO E 227 -59.01 27.09 11.67
N GLU E 228 -59.92 26.46 12.43
CA GLU E 228 -61.29 26.31 11.95
C GLU E 228 -62.06 27.62 12.00
N GLU E 229 -61.81 28.45 13.01
CA GLU E 229 -62.50 29.73 13.13
C GLU E 229 -61.74 30.87 12.47
N ILE E 230 -60.58 30.60 11.89
CA ILE E 230 -59.89 31.63 11.09
C ILE E 230 -60.65 31.82 9.78
N PRO E 231 -60.87 33.06 9.35
CA PRO E 231 -61.63 33.28 8.11
C PRO E 231 -60.88 32.71 6.91
N LEU E 232 -61.64 32.35 5.88
CA LEU E 232 -61.05 31.86 4.65
C LEU E 232 -60.21 32.97 4.02
N PRO E 233 -59.12 32.62 3.33
CA PRO E 233 -58.18 33.66 2.87
C PRO E 233 -58.80 34.71 1.96
N TYR E 234 -59.79 34.33 1.13
CA TYR E 234 -60.39 35.31 0.25
C TYR E 234 -61.19 36.36 1.02
N GLU E 235 -61.67 36.02 2.22
CA GLU E 235 -62.40 36.99 3.02
C GLU E 235 -61.52 38.12 3.53
N PHE E 236 -60.21 37.90 3.60
CA PHE E 236 -59.30 38.97 4.00
C PHE E 236 -59.13 40.01 2.90
N ILE E 237 -59.53 39.71 1.67
CA ILE E 237 -59.46 40.64 0.56
C ILE E 237 -60.79 41.34 0.34
N LEU E 238 -61.89 40.59 0.35
CA LEU E 238 -63.21 41.20 0.15
C LEU E 238 -63.62 42.07 1.33
N ASN E 239 -63.10 41.78 2.52
CA ASN E 239 -63.45 42.52 3.73
C ASN E 239 -62.19 43.20 4.26
N ARG E 240 -62.15 44.53 4.13
CA ARG E 240 -61.04 45.34 4.62
C ARG E 240 -61.08 45.51 6.14
N ASP E 241 -62.01 44.84 6.82
CA ASP E 241 -62.12 44.96 8.27
C ASP E 241 -61.56 43.76 9.03
N LEU E 242 -61.42 42.61 8.37
CA LEU E 242 -60.79 41.46 9.00
C LEU E 242 -59.29 41.61 9.11
N ILE E 243 -58.68 42.44 8.26
CA ILE E 243 -57.24 42.61 8.24
C ILE E 243 -56.89 43.94 8.91
N ALA E 244 -57.82 44.88 8.91
CA ALA E 244 -57.61 46.17 9.57
C ALA E 244 -57.71 46.08 11.09
N GLN E 245 -58.20 44.95 11.63
CA GLN E 245 -58.18 44.77 13.07
C GLN E 245 -56.82 44.28 13.54
N LEU E 246 -56.20 43.37 12.79
CA LEU E 246 -54.86 42.90 13.15
C LEU E 246 -53.81 43.95 12.82
N TYR E 247 -53.93 44.60 11.67
CA TYR E 247 -53.01 45.66 11.24
C TYR E 247 -53.84 46.91 10.96
N PRO E 248 -53.97 47.82 11.94
CA PRO E 248 -54.85 48.97 11.79
C PRO E 248 -54.28 50.08 10.90
N SER E 249 -53.74 49.67 9.75
CA SER E 249 -53.27 50.59 8.73
C SER E 249 -53.93 50.38 7.39
N PHE E 250 -54.66 49.28 7.21
CA PHE E 250 -55.41 49.07 5.97
C PHE E 250 -56.63 49.96 5.89
N ASN E 251 -57.04 50.58 7.00
CA ASN E 251 -58.18 51.48 6.99
C ASN E 251 -57.92 52.70 6.11
N LYS E 252 -56.67 53.06 5.88
CA LYS E 252 -56.32 54.17 5.01
C LYS E 252 -56.23 53.76 3.54
N GLY E 253 -56.34 52.46 3.24
CA GLY E 253 -56.30 52.03 1.86
C GLY E 253 -54.94 52.23 1.23
N LEU E 254 -54.94 52.42 -0.08
CA LEU E 254 -53.73 52.65 -0.85
C LEU E 254 -53.38 54.12 -0.97
N THR E 255 -54.15 55.00 -0.34
CA THR E 255 -53.82 56.43 -0.38
C THR E 255 -52.44 56.74 0.19
N PRO E 256 -52.00 56.18 1.33
CA PRO E 256 -50.63 56.46 1.77
C PRO E 256 -49.57 56.03 0.77
N PHE E 257 -49.82 54.98 -0.01
CA PHE E 257 -48.84 54.53 -0.99
C PHE E 257 -48.70 55.56 -2.11
N PHE E 258 -49.81 56.03 -2.66
CA PHE E 258 -49.77 56.95 -3.79
C PHE E 258 -49.48 58.38 -3.38
N THR E 259 -49.62 58.70 -2.09
CA THR E 259 -49.28 60.03 -1.58
C THR E 259 -47.90 60.06 -0.94
N LEU E 260 -47.09 59.03 -1.16
CA LEU E 260 -45.73 58.89 -0.64
C LEU E 260 -45.66 58.91 0.88
N ASN E 261 -46.80 58.73 1.55
CA ASN E 261 -46.82 58.64 3.01
C ASN E 261 -46.65 57.18 3.45
N TRP E 262 -45.51 56.61 3.05
CA TRP E 262 -45.24 55.20 3.29
C TRP E 262 -45.02 54.88 4.76
N GLY E 263 -44.87 55.90 5.61
CA GLY E 263 -44.75 55.64 7.04
C GLY E 263 -46.00 55.07 7.66
N GLU E 264 -47.16 55.29 7.05
CA GLU E 264 -48.40 54.75 7.59
C GLU E 264 -48.41 53.23 7.58
N TYR E 265 -47.71 52.61 6.61
CA TYR E 265 -47.69 51.17 6.47
C TYR E 265 -46.68 50.49 7.38
N SER E 266 -46.19 51.18 8.41
CA SER E 266 -45.26 50.57 9.34
C SER E 266 -45.92 49.48 10.19
N ASP E 267 -47.24 49.37 10.16
CA ASP E 267 -47.91 48.32 10.92
C ASP E 267 -47.55 46.94 10.40
N PHE E 268 -47.54 46.75 9.09
CA PHE E 268 -47.28 45.46 8.49
C PHE E 268 -46.02 45.42 7.63
N LEU E 269 -45.34 46.56 7.45
CA LEU E 269 -44.03 46.59 6.79
C LEU E 269 -43.04 47.09 7.83
N THR E 270 -42.54 46.16 8.65
CA THR E 270 -41.65 46.50 9.75
C THR E 270 -40.21 46.21 9.38
N PHE E 271 -39.30 46.66 10.24
CA PHE E 271 -37.89 46.29 10.16
C PHE E 271 -37.46 46.03 11.60
N LYS E 272 -37.62 44.79 12.03
CA LYS E 272 -37.41 44.40 13.42
C LYS E 272 -36.17 43.56 13.64
N GLY E 273 -35.88 42.62 12.76
CA GLY E 273 -34.80 41.71 13.00
C GLY E 273 -35.19 40.68 14.06
N GLY E 274 -34.22 39.84 14.40
CA GLY E 274 -34.47 38.83 15.41
C GLY E 274 -35.48 37.80 14.93
N LEU E 275 -36.22 37.24 15.88
CA LEU E 275 -37.18 36.19 15.61
C LEU E 275 -38.49 36.47 16.35
N ASN E 276 -39.57 35.92 15.82
CA ASN E 276 -40.86 35.99 16.49
C ASN E 276 -40.80 35.18 17.77
N PRO E 277 -41.06 35.77 18.94
CA PRO E 277 -40.98 34.99 20.18
C PRO E 277 -42.00 33.88 20.29
N VAL E 278 -43.10 33.97 19.53
CA VAL E 278 -44.13 32.94 19.60
C VAL E 278 -43.74 31.72 18.77
N THR E 279 -43.30 31.95 17.53
CA THR E 279 -43.02 30.85 16.61
C THR E 279 -41.54 30.55 16.44
N GLY E 280 -40.66 31.48 16.80
CA GLY E 280 -39.24 31.28 16.63
C GLY E 280 -38.72 31.57 15.25
N GLY E 281 -39.59 31.96 14.31
CA GLY E 281 -39.17 32.31 12.97
C GLY E 281 -39.08 33.81 12.78
N LEU E 282 -38.69 34.20 11.57
CA LEU E 282 -38.60 35.61 11.24
C LEU E 282 -39.98 36.25 11.25
N TRP E 283 -40.03 37.52 11.64
CA TRP E 283 -41.27 38.27 11.60
C TRP E 283 -41.79 38.33 10.17
N LEU E 284 -43.02 37.86 9.95
CA LEU E 284 -43.56 37.85 8.60
C LEU E 284 -43.80 39.24 8.07
N THR E 285 -44.00 40.23 8.93
CA THR E 285 -44.02 41.62 8.47
C THR E 285 -42.67 42.01 7.89
N ASP E 286 -41.58 41.61 8.56
CA ASP E 286 -40.25 41.83 8.02
C ASP E 286 -40.07 41.10 6.70
N THR E 287 -40.60 39.88 6.59
CA THR E 287 -40.49 39.12 5.34
C THR E 287 -41.23 39.82 4.20
N ALA E 288 -42.44 40.32 4.48
CA ALA E 288 -43.21 41.02 3.44
C ALA E 288 -42.50 42.30 3.01
N HIS E 289 -41.98 43.07 3.98
CA HIS E 289 -41.23 44.27 3.63
C HIS E 289 -39.99 43.92 2.82
N HIS E 290 -39.32 42.83 3.19
CA HIS E 290 -38.15 42.37 2.45
C HIS E 290 -38.50 42.05 1.01
N HIS E 291 -39.58 41.30 0.80
CA HIS E 291 -39.95 40.92 -0.55
C HIS E 291 -40.38 42.14 -1.36
N LEU E 292 -41.04 43.09 -0.73
CA LEU E 292 -41.40 44.33 -1.41
C LEU E 292 -40.15 45.08 -1.87
N ALA E 293 -39.18 45.24 -0.98
CA ALA E 293 -37.95 45.94 -1.34
C ALA E 293 -37.19 45.21 -2.43
N ILE E 294 -37.15 43.87 -2.33
CA ILE E 294 -36.50 43.06 -3.36
C ILE E 294 -37.19 43.22 -4.70
N ALA E 295 -38.53 43.26 -4.69
CA ALA E 295 -39.28 43.44 -5.92
C ALA E 295 -38.95 44.78 -6.57
N VAL E 296 -38.94 45.86 -5.78
CA VAL E 296 -38.64 47.17 -6.33
C VAL E 296 -37.22 47.19 -6.89
N LEU E 297 -36.27 46.64 -6.14
CA LEU E 297 -34.88 46.64 -6.57
C LEU E 297 -34.69 45.85 -7.86
N PHE E 298 -35.34 44.69 -7.97
CA PHE E 298 -35.17 43.87 -9.15
C PHE E 298 -35.88 44.45 -10.36
N ILE E 299 -37.05 45.06 -10.16
CA ILE E 299 -37.73 45.74 -11.25
C ILE E 299 -36.88 46.88 -11.77
N VAL E 300 -36.28 47.67 -10.87
CA VAL E 300 -35.38 48.73 -11.29
C VAL E 300 -34.19 48.15 -12.04
N ALA E 301 -33.61 47.07 -11.52
CA ALA E 301 -32.45 46.46 -12.16
C ALA E 301 -32.78 45.88 -13.53
N GLY E 302 -34.04 45.59 -13.80
CA GLY E 302 -34.43 45.05 -15.09
C GLY E 302 -34.42 46.06 -16.22
N HIS E 303 -34.40 47.35 -15.89
CA HIS E 303 -34.33 48.41 -16.91
C HIS E 303 -32.89 48.86 -17.14
N MET E 304 -31.99 47.92 -17.42
CA MET E 304 -30.58 48.25 -17.57
C MET E 304 -30.04 48.04 -18.97
N TYR E 305 -30.44 46.97 -19.65
CA TYR E 305 -29.84 46.57 -20.91
C TYR E 305 -30.71 46.99 -22.08
N LYS E 306 -30.07 47.45 -23.15
CA LYS E 306 -30.78 47.93 -24.32
C LYS E 306 -31.35 46.75 -25.10
N THR E 307 -32.66 46.76 -25.31
CA THR E 307 -33.34 45.64 -25.97
C THR E 307 -33.95 46.04 -27.32
N ASN E 308 -34.86 47.02 -27.32
CA ASN E 308 -35.57 47.36 -28.55
C ASN E 308 -35.73 48.86 -28.76
N TRP E 309 -35.32 49.70 -27.83
CA TRP E 309 -35.39 51.15 -27.96
C TRP E 309 -33.99 51.73 -27.84
N PHE E 310 -33.88 53.03 -28.09
CA PHE E 310 -32.62 53.74 -27.83
C PHE E 310 -32.57 54.10 -26.35
N LEU E 311 -32.36 53.06 -25.54
CA LEU E 311 -32.38 53.19 -24.09
C LEU E 311 -31.79 51.91 -23.50
N GLY E 312 -30.92 52.07 -22.51
CA GLY E 312 -30.30 50.94 -21.85
C GLY E 312 -28.86 50.75 -22.27
N HIS E 313 -28.28 49.67 -21.76
CA HIS E 313 -26.89 49.33 -21.99
C HIS E 313 -26.75 48.21 -23.01
N SER E 314 -25.62 48.20 -23.69
CA SER E 314 -25.19 47.06 -24.49
C SER E 314 -24.08 46.36 -23.72
N ILE E 315 -24.28 45.07 -23.43
CA ILE E 315 -23.30 44.32 -22.67
C ILE E 315 -21.97 44.24 -23.41
N LYS E 316 -22.02 44.25 -24.76
CA LYS E 316 -20.80 44.25 -25.54
C LYS E 316 -19.98 45.51 -25.30
N THR E 317 -20.64 46.67 -25.25
CA THR E 317 -19.91 47.92 -25.04
C THR E 317 -19.38 48.03 -23.61
N ILE E 318 -20.11 47.50 -22.63
CA ILE E 318 -19.64 47.52 -21.25
C ILE E 318 -18.38 46.67 -21.10
N LEU E 319 -18.42 45.45 -21.61
CA LEU E 319 -17.29 44.53 -21.46
C LEU E 319 -16.05 45.04 -22.20
N GLU E 320 -16.24 45.55 -23.43
CA GLU E 320 -15.10 45.96 -24.24
C GLU E 320 -14.40 47.20 -23.68
N ALA E 321 -15.07 47.97 -22.83
CA ALA E 321 -14.47 49.15 -22.23
C ALA E 321 -13.68 48.84 -20.97
N HIS E 322 -13.76 47.62 -20.46
CA HIS E 322 -13.10 47.25 -19.21
C HIS E 322 -11.77 46.55 -19.52
N LYS E 323 -10.84 47.33 -20.06
CA LYS E 323 -9.47 46.88 -20.26
C LYS E 323 -8.60 47.41 -19.12
N GLY E 324 -7.30 47.11 -19.18
CA GLY E 324 -6.38 47.57 -18.17
C GLY E 324 -4.94 47.32 -18.53
N PRO E 325 -4.03 47.98 -17.82
CA PRO E 325 -2.59 47.74 -18.08
C PRO E 325 -2.17 46.30 -17.83
N PHE E 326 -2.78 45.63 -16.86
CA PHE E 326 -2.39 44.27 -16.50
C PHE E 326 -3.17 43.21 -17.27
N THR E 327 -4.23 43.57 -17.99
CA THR E 327 -5.13 42.60 -18.58
C THR E 327 -5.29 42.72 -20.09
N GLY E 328 -4.43 43.49 -20.75
CA GLY E 328 -4.42 43.51 -22.20
C GLY E 328 -5.75 43.99 -22.77
N GLU E 329 -6.37 43.15 -23.61
CA GLU E 329 -7.64 43.50 -24.23
C GLU E 329 -8.81 43.45 -23.26
N GLY E 330 -8.61 42.92 -22.05
CA GLY E 330 -9.69 42.91 -21.08
C GLY E 330 -10.80 41.94 -21.47
N HIS E 331 -12.03 42.41 -21.34
CA HIS E 331 -13.22 41.58 -21.55
C HIS E 331 -13.68 41.57 -23.01
N LYS E 332 -12.83 41.96 -23.94
CA LYS E 332 -13.21 41.93 -25.34
C LYS E 332 -13.34 40.48 -25.80
N GLY E 333 -14.48 40.16 -26.42
CA GLY E 333 -14.76 38.81 -26.87
C GLY E 333 -15.54 37.97 -25.89
N LEU E 334 -15.68 38.41 -24.64
CA LEU E 334 -16.45 37.64 -23.66
C LEU E 334 -17.93 37.62 -24.03
N TYR E 335 -18.44 38.70 -24.62
CA TYR E 335 -19.84 38.71 -25.05
C TYR E 335 -20.08 37.67 -26.14
N GLU E 336 -19.14 37.55 -27.09
CA GLU E 336 -19.26 36.52 -28.12
C GLU E 336 -19.14 35.12 -27.53
N VAL E 337 -18.32 34.96 -26.49
CA VAL E 337 -18.18 33.66 -25.84
C VAL E 337 -19.48 33.24 -25.19
N LEU E 338 -20.12 34.16 -24.46
CA LEU E 338 -21.30 33.83 -23.68
C LEU E 338 -22.60 33.88 -24.47
N THR E 339 -22.55 34.32 -25.73
CA THR E 339 -23.72 34.31 -26.60
C THR E 339 -23.63 33.25 -27.69
N THR E 340 -22.52 32.51 -27.76
CA THR E 340 -22.35 31.45 -28.75
C THR E 340 -22.01 30.10 -28.13
N SER E 341 -21.89 30.02 -26.80
CA SER E 341 -21.53 28.78 -26.13
C SER E 341 -22.50 28.56 -24.98
N TRP E 342 -23.29 27.49 -25.06
CA TRP E 342 -24.17 27.12 -23.96
C TRP E 342 -23.36 26.63 -22.76
N HIS E 343 -22.20 26.04 -23.00
CA HIS E 343 -21.42 25.46 -21.92
C HIS E 343 -20.85 26.54 -21.00
N ALA E 344 -20.43 27.67 -21.56
CA ALA E 344 -19.94 28.76 -20.72
C ALA E 344 -21.04 29.32 -19.82
N GLN E 345 -22.24 29.52 -20.40
CA GLN E 345 -23.37 29.97 -19.60
C GLN E 345 -23.71 28.95 -18.52
N LEU E 346 -23.67 27.66 -18.86
CA LEU E 346 -23.94 26.62 -17.87
C LEU E 346 -22.89 26.64 -16.77
N ALA E 347 -21.63 26.85 -17.12
CA ALA E 347 -20.57 26.92 -16.11
C ALA E 347 -20.84 28.05 -15.13
N ILE E 348 -21.05 29.26 -15.64
CA ILE E 348 -21.27 30.40 -14.76
C ILE E 348 -22.52 30.19 -13.92
N ASN E 349 -23.62 29.79 -14.56
CA ASN E 349 -24.89 29.66 -13.85
C ASN E 349 -24.83 28.56 -12.81
N LEU E 350 -24.20 27.43 -13.12
CA LEU E 350 -24.12 26.33 -12.16
C LEU E 350 -23.22 26.68 -10.99
N ALA E 351 -22.08 27.34 -11.25
CA ALA E 351 -21.21 27.72 -10.14
C ALA E 351 -21.91 28.70 -9.20
N LEU E 352 -22.49 29.76 -9.77
CA LEU E 352 -23.17 30.73 -8.94
C LEU E 352 -24.42 30.15 -8.29
N PHE E 353 -25.04 29.16 -8.94
CA PHE E 353 -26.24 28.53 -8.42
C PHE E 353 -25.91 27.65 -7.22
N GLY E 354 -24.82 26.89 -7.30
CA GLY E 354 -24.38 26.11 -6.15
C GLY E 354 -23.93 27.00 -5.00
N SER E 355 -23.21 28.08 -5.31
CA SER E 355 -22.83 29.02 -4.26
C SER E 355 -24.05 29.64 -3.61
N LEU E 356 -25.06 29.97 -4.42
CA LEU E 356 -26.31 30.51 -3.88
C LEU E 356 -27.01 29.48 -3.01
N SER E 357 -26.98 28.20 -3.40
CA SER E 357 -27.60 27.17 -2.58
C SER E 357 -26.91 27.05 -1.23
N ILE E 358 -25.59 27.13 -1.20
CA ILE E 358 -24.86 27.07 0.06
C ILE E 358 -25.18 28.30 0.92
N ILE E 359 -25.24 29.47 0.30
CA ILE E 359 -25.60 30.69 1.03
C ILE E 359 -27.00 30.57 1.60
N VAL E 360 -27.93 30.01 0.83
CA VAL E 360 -29.29 29.77 1.30
C VAL E 360 -29.26 28.85 2.50
N ALA E 361 -28.48 27.77 2.42
CA ALA E 361 -28.38 26.84 3.53
C ALA E 361 -27.91 27.53 4.79
N HIS E 362 -26.91 28.41 4.65
CA HIS E 362 -26.40 29.13 5.83
C HIS E 362 -27.47 30.04 6.41
N HIS E 363 -28.07 30.88 5.56
CA HIS E 363 -29.04 31.86 6.04
C HIS E 363 -30.31 31.21 6.57
N MET E 364 -30.58 29.96 6.19
CA MET E 364 -31.76 29.26 6.67
C MET E 364 -31.70 29.04 8.18
N TYR E 365 -30.74 28.25 8.64
CA TYR E 365 -30.63 28.02 10.08
C TYR E 365 -30.20 29.28 10.81
N ALA E 366 -29.39 30.12 10.17
CA ALA E 366 -28.94 31.33 10.86
C ALA E 366 -30.11 32.21 11.25
N MET E 367 -31.07 32.39 10.34
CA MET E 367 -32.26 33.20 10.59
C MET E 367 -33.46 32.38 10.13
N PRO E 368 -34.02 31.56 11.02
CA PRO E 368 -35.13 30.69 10.62
C PRO E 368 -36.30 31.48 10.08
N PRO E 369 -36.66 31.27 8.82
CA PRO E 369 -37.70 32.09 8.18
C PRO E 369 -39.11 31.53 8.28
N TYR E 370 -39.31 30.37 8.90
CA TYR E 370 -40.62 29.76 8.97
C TYR E 370 -41.05 29.58 10.43
N PRO E 371 -42.36 29.65 10.70
CA PRO E 371 -42.82 29.43 12.07
C PRO E 371 -42.59 27.99 12.52
N TYR E 372 -42.07 27.83 13.73
CA TYR E 372 -41.86 26.52 14.35
C TYR E 372 -40.96 25.62 13.51
N ILE E 373 -40.00 26.21 12.80
CA ILE E 373 -39.01 25.44 12.08
C ILE E 373 -37.67 25.41 12.80
N ALA E 374 -37.37 26.42 13.63
CA ALA E 374 -36.11 26.42 14.37
C ALA E 374 -36.11 25.34 15.45
N ILE E 375 -37.27 25.05 16.04
CA ILE E 375 -37.35 24.02 17.08
C ILE E 375 -37.54 22.62 16.49
N ASP E 376 -37.74 22.51 15.18
CA ASP E 376 -37.74 21.20 14.52
C ASP E 376 -36.33 20.93 14.02
N TYR E 377 -35.52 20.40 14.94
CA TYR E 377 -34.11 20.14 14.63
C TYR E 377 -33.91 19.22 13.42
N PRO E 378 -34.67 18.12 13.25
CA PRO E 378 -34.49 17.32 12.03
C PRO E 378 -34.68 18.12 10.76
N THR E 379 -35.67 19.01 10.73
CA THR E 379 -35.90 19.82 9.53
C THR E 379 -34.72 20.75 9.27
N GLN E 380 -34.21 21.42 10.30
CA GLN E 380 -33.09 22.33 10.10
C GLN E 380 -31.85 21.59 9.61
N LEU E 381 -31.52 20.47 10.26
CA LEU E 381 -30.34 19.70 9.86
C LEU E 381 -30.48 19.21 8.43
N SER E 382 -31.65 18.64 8.10
CA SER E 382 -31.86 18.11 6.76
C SER E 382 -31.79 19.21 5.70
N LEU E 383 -32.42 20.36 5.97
CA LEU E 383 -32.40 21.44 5.00
C LEU E 383 -30.99 21.94 4.76
N PHE E 384 -30.23 22.17 5.84
CA PHE E 384 -28.85 22.63 5.67
C PHE E 384 -28.03 21.63 4.88
N THR E 385 -28.05 20.36 5.29
CA THR E 385 -27.22 19.36 4.64
C THR E 385 -27.61 19.19 3.18
N HIS E 386 -28.90 19.13 2.89
CA HIS E 386 -29.36 18.96 1.52
C HIS E 386 -28.94 20.13 0.65
N HIS E 387 -29.11 21.35 1.14
CA HIS E 387 -28.78 22.51 0.31
C HIS E 387 -27.28 22.64 0.09
N VAL E 388 -26.47 22.29 1.12
CA VAL E 388 -25.02 22.33 0.94
C VAL E 388 -24.58 21.26 -0.06
N TRP E 389 -25.20 20.08 0.00
CA TRP E 389 -24.86 19.03 -0.96
C TRP E 389 -25.21 19.46 -2.39
N ILE E 390 -26.40 20.04 -2.57
CA ILE E 390 -26.80 20.52 -3.89
C ILE E 390 -25.85 21.59 -4.37
N GLY E 391 -25.43 22.48 -3.47
CA GLY E 391 -24.50 23.53 -3.87
C GLY E 391 -23.17 22.98 -4.32
N GLY E 392 -22.63 22.02 -3.56
CA GLY E 392 -21.36 21.43 -3.96
C GLY E 392 -21.44 20.72 -5.30
N PHE E 393 -22.52 19.95 -5.51
CA PHE E 393 -22.69 19.27 -6.78
C PHE E 393 -22.79 20.27 -7.92
N CYS E 394 -23.56 21.34 -7.73
CA CYS E 394 -23.73 22.33 -8.79
C CYS E 394 -22.43 23.07 -9.09
N ILE E 395 -21.61 23.31 -8.06
CA ILE E 395 -20.33 23.97 -8.29
C ILE E 395 -19.41 23.07 -9.10
N VAL E 396 -19.36 21.77 -8.75
CA VAL E 396 -18.55 20.85 -9.53
C VAL E 396 -19.05 20.79 -10.97
N GLY E 397 -20.37 20.85 -11.16
CA GLY E 397 -20.91 20.87 -12.50
C GLY E 397 -20.53 22.10 -13.28
N GLY E 398 -20.53 23.26 -12.61
CA GLY E 398 -20.08 24.47 -13.27
C GLY E 398 -18.64 24.39 -13.72
N ALA E 399 -17.78 23.83 -12.87
CA ALA E 399 -16.39 23.61 -13.27
C ALA E 399 -16.30 22.66 -14.46
N ALA E 400 -17.10 21.58 -14.43
CA ALA E 400 -17.10 20.62 -15.52
C ALA E 400 -17.48 21.27 -16.84
N HIS E 401 -18.51 22.12 -16.81
CA HIS E 401 -18.96 22.72 -18.05
C HIS E 401 -18.05 23.86 -18.51
N GLY E 402 -17.35 24.50 -17.58
CA GLY E 402 -16.27 25.40 -18.00
C GLY E 402 -15.19 24.65 -18.76
N ALA E 403 -14.80 23.47 -18.25
CA ALA E 403 -13.83 22.65 -18.96
C ALA E 403 -14.36 22.20 -20.32
N ILE E 404 -15.66 21.85 -20.37
CA ILE E 404 -16.26 21.44 -21.64
C ILE E 404 -16.24 22.58 -22.64
N PHE E 405 -16.56 23.80 -22.20
CA PHE E 405 -16.47 24.95 -23.08
C PHE E 405 -15.05 25.15 -23.59
N PHE E 406 -14.06 25.02 -22.70
CA PHE E 406 -12.68 25.20 -23.13
C PHE E 406 -12.28 24.18 -24.18
N VAL E 407 -12.71 22.92 -24.00
CA VAL E 407 -12.35 21.88 -24.95
C VAL E 407 -13.05 22.10 -26.29
N ARG E 408 -14.36 22.37 -26.25
CA ARG E 408 -15.20 22.33 -27.45
C ARG E 408 -15.41 23.71 -28.06
N ASP E 409 -15.98 24.64 -27.30
CA ASP E 409 -16.48 25.89 -27.85
C ASP E 409 -15.47 27.03 -27.78
N TYR E 410 -14.25 26.78 -27.33
CA TYR E 410 -13.26 27.83 -27.22
C TYR E 410 -12.57 28.04 -28.56
N ASN E 411 -12.60 29.28 -29.06
CA ASN E 411 -11.93 29.66 -30.29
C ASN E 411 -10.74 30.53 -29.95
N ALA E 412 -9.54 30.07 -30.32
CA ALA E 412 -8.33 30.82 -30.00
C ALA E 412 -8.29 32.14 -30.76
N ALA E 413 -8.71 32.14 -32.02
CA ALA E 413 -8.66 33.36 -32.83
C ALA E 413 -9.56 34.44 -32.26
N ASN E 414 -10.76 34.09 -31.83
CA ASN E 414 -11.71 35.06 -31.30
C ASN E 414 -11.33 35.58 -29.93
N ASN E 415 -10.34 34.99 -29.28
CA ASN E 415 -9.97 35.38 -27.92
C ASN E 415 -8.51 35.77 -27.85
N TYR E 416 -8.06 36.60 -28.77
CA TYR E 416 -6.66 37.02 -28.82
C TYR E 416 -6.39 38.07 -27.75
N ASN E 417 -5.53 37.74 -26.79
CA ASN E 417 -5.04 38.65 -25.76
C ASN E 417 -6.16 39.17 -24.86
N ASN E 418 -7.28 38.46 -24.76
CA ASN E 418 -8.33 38.83 -23.82
C ASN E 418 -8.08 38.14 -22.49
N LEU E 419 -9.06 38.19 -21.59
CA LEU E 419 -8.87 37.62 -20.25
C LEU E 419 -8.67 36.12 -20.31
N ILE E 420 -9.46 35.43 -21.13
CA ILE E 420 -9.34 33.98 -21.22
C ILE E 420 -7.96 33.59 -21.74
N ASP E 421 -7.48 34.28 -22.78
CA ASP E 421 -6.17 33.99 -23.33
C ASP E 421 -5.08 34.22 -22.29
N ARG E 422 -5.14 35.36 -21.58
CA ARG E 422 -4.10 35.69 -20.63
C ARG E 422 -4.11 34.73 -19.43
N VAL E 423 -5.28 34.20 -19.08
CA VAL E 423 -5.32 33.21 -18.00
C VAL E 423 -4.63 31.92 -18.42
N ILE E 424 -4.89 31.45 -19.65
CA ILE E 424 -4.24 30.25 -20.14
C ILE E 424 -2.73 30.47 -20.27
N ARG E 425 -2.31 31.69 -20.61
CA ARG E 425 -0.90 31.96 -20.84
C ARG E 425 -0.07 31.86 -19.58
N HIS E 426 -0.66 32.03 -18.40
CA HIS E 426 0.07 31.89 -17.14
C HIS E 426 -0.60 30.88 -16.23
N ARG E 427 -1.21 29.84 -16.80
CA ARG E 427 -1.87 28.82 -16.00
C ARG E 427 -0.90 28.14 -15.04
N ASP E 428 0.36 28.04 -15.43
CA ASP E 428 1.36 27.42 -14.57
C ASP E 428 1.44 28.16 -13.25
N ALA E 429 1.61 29.47 -13.32
CA ALA E 429 1.74 30.27 -12.11
C ALA E 429 0.53 30.09 -11.20
N ILE E 430 -0.66 30.17 -11.78
CA ILE E 430 -1.89 30.01 -11.00
C ILE E 430 -1.91 28.66 -10.30
N ILE E 431 -1.65 27.59 -11.07
CA ILE E 431 -1.76 26.24 -10.51
C ILE E 431 -0.67 25.97 -9.49
N SER E 432 0.55 26.46 -9.74
CA SER E 432 1.63 26.25 -8.78
C SER E 432 1.37 26.98 -7.47
N HIS E 433 0.90 28.23 -7.54
CA HIS E 433 0.63 28.95 -6.31
C HIS E 433 -0.57 28.38 -5.58
N LEU E 434 -1.58 27.91 -6.32
CA LEU E 434 -2.71 27.24 -5.68
C LEU E 434 -2.28 25.94 -5.04
N ASN E 435 -1.34 25.22 -5.67
CA ASN E 435 -0.75 24.03 -5.07
C ASN E 435 -0.05 24.37 -3.76
N TRP E 436 0.75 25.44 -3.77
CA TRP E 436 1.44 25.83 -2.54
C TRP E 436 0.45 26.21 -1.45
N VAL E 437 -0.60 26.95 -1.81
CA VAL E 437 -1.61 27.35 -0.84
C VAL E 437 -2.31 26.12 -0.27
N CYS E 438 -2.64 25.15 -1.12
CA CYS E 438 -3.30 23.95 -0.66
C CYS E 438 -2.40 23.17 0.30
N ILE E 439 -1.11 23.05 -0.03
CA ILE E 439 -0.19 22.35 0.87
C ILE E 439 -0.07 23.09 2.19
N PHE E 440 0.05 24.42 2.14
CA PHE E 440 0.16 25.21 3.36
C PHE E 440 -1.07 25.03 4.24
N LEU E 441 -2.26 25.16 3.65
CA LEU E 441 -3.50 25.07 4.42
C LEU E 441 -3.70 23.67 4.97
N GLY E 442 -3.43 22.64 4.16
CA GLY E 442 -3.60 21.28 4.65
C GLY E 442 -2.60 20.94 5.74
N CYS E 443 -1.32 21.16 5.48
CA CYS E 443 -0.30 21.03 6.51
C CYS E 443 -0.76 21.67 7.80
N HIS E 444 -1.13 22.94 7.76
CA HIS E 444 -1.47 23.65 8.98
C HIS E 444 -2.74 23.08 9.61
N SER E 445 -3.87 23.19 8.95
CA SER E 445 -5.09 22.75 9.61
C SER E 445 -4.99 21.31 10.10
N PHE E 446 -4.71 20.38 9.20
CA PHE E 446 -4.76 18.98 9.57
C PHE E 446 -3.62 18.62 10.52
N GLY E 447 -2.45 19.24 10.38
CA GLY E 447 -1.34 18.88 11.23
C GLY E 447 -1.46 19.47 12.62
N LEU E 448 -2.30 20.50 12.72
CA LEU E 448 -2.60 21.03 14.02
C LEU E 448 -3.56 20.02 14.64
N TYR E 449 -4.49 19.50 13.84
CA TYR E 449 -5.34 18.43 14.37
C TYR E 449 -4.53 17.24 14.86
N VAL E 450 -3.56 16.81 14.05
CA VAL E 450 -2.74 15.64 14.38
C VAL E 450 -1.82 15.93 15.57
N HIS E 451 -1.31 17.16 15.65
CA HIS E 451 -0.51 17.57 16.80
C HIS E 451 -1.33 17.53 18.07
N ASN E 452 -2.57 18.01 18.01
CA ASN E 452 -3.46 17.89 19.17
C ASN E 452 -3.66 16.42 19.54
N ASP E 453 -3.88 15.57 18.53
CA ASP E 453 -4.12 14.16 18.80
C ASP E 453 -2.91 13.49 19.45
N THR E 454 -1.71 13.77 18.94
CA THR E 454 -0.51 13.13 19.48
C THR E 454 -0.09 13.72 20.81
N MET E 455 -0.39 15.00 21.06
CA MET E 455 -0.14 15.56 22.38
C MET E 455 -1.08 14.95 23.42
N ARG E 456 -2.35 14.76 23.05
CA ARG E 456 -3.28 14.12 23.96
C ARG E 456 -2.90 12.66 24.20
N ALA E 457 -2.45 11.96 23.15
CA ALA E 457 -2.06 10.57 23.30
C ALA E 457 -0.79 10.41 24.14
N LEU E 458 0.05 11.43 24.17
CA LEU E 458 1.28 11.40 24.95
C LEU E 458 1.11 11.97 26.35
N GLY E 459 -0.11 12.32 26.74
CA GLY E 459 -0.34 12.83 28.08
C GLY E 459 0.15 14.24 28.30
N ARG E 460 0.29 15.03 27.24
CA ARG E 460 0.71 16.42 27.33
C ARG E 460 -0.48 17.29 26.93
N SER E 461 -1.35 17.56 27.90
CA SER E 461 -2.57 18.30 27.63
C SER E 461 -2.34 19.80 27.47
N GLN E 462 -1.22 20.32 27.98
CA GLN E 462 -0.92 21.74 27.89
C GLN E 462 -0.21 22.12 26.60
N ASP E 463 0.10 21.14 25.75
CA ASP E 463 0.77 21.38 24.48
C ASP E 463 -0.19 21.35 23.30
N LEU E 464 -1.49 21.25 23.55
CA LEU E 464 -2.47 21.18 22.47
C LEU E 464 -2.75 22.57 21.90
N PHE E 465 -3.44 22.59 20.77
CA PHE E 465 -3.97 23.83 20.22
C PHE E 465 -5.43 24.02 20.67
N SER E 466 -5.58 24.17 21.98
CA SER E 466 -6.88 24.24 22.63
C SER E 466 -7.06 25.60 23.30
N ASP E 467 -8.22 25.80 23.91
CA ASP E 467 -8.51 27.06 24.60
C ASP E 467 -7.74 27.14 25.92
N ASN E 468 -7.61 26.03 26.64
CA ASN E 468 -6.83 25.95 27.86
C ASN E 468 -5.36 25.65 27.60
N ALA E 469 -4.89 25.92 26.39
CA ALA E 469 -3.55 25.61 25.92
C ALA E 469 -3.18 26.68 24.91
N ILE E 470 -2.21 26.38 24.04
CA ILE E 470 -1.92 27.27 22.92
C ILE E 470 -3.24 27.55 22.20
N ALA E 471 -3.67 28.82 22.22
CA ALA E 471 -5.01 29.19 21.79
C ALA E 471 -4.93 29.97 20.49
N LEU E 472 -5.78 29.61 19.54
CA LEU E 472 -5.89 30.29 18.26
C LEU E 472 -7.29 30.89 18.18
N LYS E 473 -7.44 32.08 18.74
CA LYS E 473 -8.74 32.72 18.81
C LYS E 473 -9.09 33.32 17.45
N PRO E 474 -10.25 32.99 16.88
CA PRO E 474 -10.67 33.66 15.64
C PRO E 474 -11.11 35.09 15.90
N ILE E 475 -10.13 35.98 16.10
CA ILE E 475 -10.45 37.35 16.51
C ILE E 475 -11.20 38.10 15.42
N PHE E 476 -10.89 37.84 14.15
CA PHE E 476 -11.55 38.56 13.07
C PHE E 476 -13.04 38.23 13.02
N ALA E 477 -13.40 36.97 13.23
CA ALA E 477 -14.81 36.59 13.20
C ALA E 477 -15.55 37.09 14.43
N GLN E 478 -14.87 37.10 15.58
CA GLN E 478 -15.48 37.62 16.79
C GLN E 478 -15.71 39.13 16.69
N PHE E 479 -14.80 39.84 16.02
CA PHE E 479 -14.99 41.26 15.78
C PHE E 479 -16.24 41.50 14.94
N ILE E 480 -16.44 40.69 13.90
CA ILE E 480 -17.63 40.82 13.07
C ILE E 480 -18.88 40.49 13.87
N GLN E 481 -18.81 39.46 14.71
CA GLN E 481 -19.95 39.11 15.56
C GLN E 481 -20.31 40.28 16.48
N ASN E 482 -19.31 40.93 17.06
CA ASN E 482 -19.57 42.09 17.91
C ASN E 482 -20.18 43.23 17.09
N LEU E 483 -19.71 43.42 15.86
CA LEU E 483 -20.23 44.51 15.04
C LEU E 483 -21.70 44.32 14.73
N HIS E 484 -22.13 43.08 14.51
CA HIS E 484 -23.52 42.83 14.16
C HIS E 484 -24.44 42.99 15.36
N THR E 485 -24.03 42.49 16.52
CA THR E 485 -24.86 42.61 17.71
C THR E 485 -24.99 44.06 18.19
N LEU E 486 -24.07 44.94 17.76
CA LEU E 486 -24.17 46.36 18.05
C LEU E 486 -24.83 47.15 16.92
N ALA E 487 -25.12 46.51 15.79
CA ALA E 487 -25.70 47.22 14.65
C ALA E 487 -27.04 47.87 14.96
N PRO E 488 -28.01 47.21 15.60
CA PRO E 488 -29.29 47.87 15.87
C PRO E 488 -29.11 49.08 16.78
N GLY E 489 -29.40 50.26 16.24
CA GLY E 489 -29.30 51.50 16.98
C GLY E 489 -28.02 52.27 16.74
N SER E 490 -26.99 51.63 16.19
CA SER E 490 -25.72 52.30 15.92
C SER E 490 -25.44 52.41 14.42
N THR E 491 -25.40 51.28 13.71
CA THR E 491 -25.26 51.30 12.27
C THR E 491 -26.54 50.97 11.54
N ALA E 492 -27.43 50.20 12.15
CA ALA E 492 -28.78 50.04 11.62
C ALA E 492 -29.75 50.69 12.60
N PRO E 493 -29.82 52.02 12.64
CA PRO E 493 -30.57 52.69 13.71
C PRO E 493 -32.05 52.39 13.70
N ASN E 494 -32.61 51.96 12.57
CA ASN E 494 -34.03 51.64 12.49
C ASN E 494 -34.31 50.16 12.76
N ALA E 495 -33.28 49.39 13.13
CA ALA E 495 -33.47 48.01 13.55
C ALA E 495 -33.78 47.96 15.05
N LEU E 496 -34.63 47.00 15.42
CA LEU E 496 -34.91 46.75 16.83
C LEU E 496 -34.10 45.60 17.41
N THR E 497 -33.63 44.70 16.57
CA THR E 497 -32.88 43.54 17.03
C THR E 497 -31.90 43.15 15.94
N THR E 498 -30.83 42.44 16.33
CA THR E 498 -29.85 41.96 15.38
C THR E 498 -30.51 41.05 14.34
N VAL E 499 -29.84 40.92 13.19
CA VAL E 499 -30.38 40.10 12.11
C VAL E 499 -30.53 38.66 12.56
N SER E 500 -29.50 38.13 13.24
CA SER E 500 -29.53 36.78 13.75
C SER E 500 -28.95 36.77 15.15
N TYR E 501 -29.57 35.97 16.03
CA TYR E 501 -29.03 35.81 17.37
C TYR E 501 -27.74 35.00 17.39
N ALA E 502 -27.36 34.39 16.26
CA ALA E 502 -26.08 33.71 16.19
C ALA E 502 -24.91 34.65 16.43
N PHE E 503 -25.04 35.92 16.00
CA PHE E 503 -23.99 36.90 16.24
C PHE E 503 -23.94 37.35 17.69
N GLY E 504 -24.98 37.10 18.46
CA GLY E 504 -25.02 37.54 19.84
C GLY E 504 -26.40 38.00 20.25
N GLY E 505 -26.63 38.12 21.55
CA GLY E 505 -27.93 38.51 22.04
C GLY E 505 -28.49 37.56 23.07
N ASP E 506 -29.80 37.36 23.06
CA ASP E 506 -30.48 36.51 24.03
C ASP E 506 -30.73 35.12 23.44
N VAL E 507 -30.97 34.16 24.33
CA VAL E 507 -31.36 32.82 23.92
C VAL E 507 -32.84 32.82 23.60
N ILE E 508 -33.18 32.45 22.37
CA ILE E 508 -34.58 32.42 21.93
C ILE E 508 -35.06 30.98 22.00
N SER E 509 -36.05 30.74 22.85
CA SER E 509 -36.60 29.41 23.06
C SER E 509 -38.10 29.44 22.81
N VAL E 510 -38.59 28.40 22.13
CA VAL E 510 -40.01 28.23 21.87
C VAL E 510 -40.43 26.88 22.45
N GLY E 511 -41.31 26.92 23.45
CA GLY E 511 -41.73 25.68 24.10
C GLY E 511 -40.60 24.93 24.76
N SER E 512 -39.72 25.65 25.47
CA SER E 512 -38.57 25.11 26.18
C SER E 512 -37.51 24.53 25.25
N LYS E 513 -37.61 24.74 23.95
CA LYS E 513 -36.63 24.28 22.98
C LYS E 513 -35.94 25.48 22.36
N ILE E 514 -34.62 25.43 22.28
CA ILE E 514 -33.85 26.57 21.79
C ILE E 514 -34.06 26.72 20.29
N ALA E 515 -34.46 27.93 19.88
CA ALA E 515 -34.58 28.25 18.46
C ALA E 515 -33.27 28.79 17.90
N MET E 516 -32.71 29.82 18.53
CA MET E 516 -31.43 30.37 18.14
C MET E 516 -30.71 30.88 19.37
N MET E 517 -29.39 30.95 19.30
CA MET E 517 -28.58 31.36 20.43
C MET E 517 -27.22 31.78 19.92
N PRO E 518 -26.55 32.76 20.56
CA PRO E 518 -25.21 33.15 20.15
C PRO E 518 -24.26 31.96 19.96
N ILE E 519 -23.70 31.85 18.76
CA ILE E 519 -22.79 30.76 18.42
C ILE E 519 -21.37 31.25 18.75
N SER E 520 -20.85 30.80 19.88
CA SER E 520 -19.51 31.19 20.29
C SER E 520 -18.46 30.57 19.38
N LEU E 521 -17.44 31.36 19.04
CA LEU E 521 -16.34 30.91 18.20
C LEU E 521 -15.07 30.86 19.03
N GLY E 522 -14.47 29.69 19.12
CA GLY E 522 -13.23 29.52 19.85
C GLY E 522 -12.14 28.89 19.00
N THR E 523 -11.15 28.26 19.65
CA THR E 523 -10.07 27.64 18.89
C THR E 523 -10.57 26.43 18.10
N ALA E 524 -11.64 25.80 18.56
CA ALA E 524 -12.20 24.66 17.82
C ALA E 524 -12.80 25.10 16.50
N ASP E 525 -13.43 26.28 16.47
CA ASP E 525 -13.99 26.79 15.24
C ASP E 525 -12.91 27.31 14.29
N PHE E 526 -11.81 27.82 14.84
CA PHE E 526 -10.67 28.23 14.02
C PHE E 526 -10.16 27.07 13.18
N LEU E 527 -9.92 25.93 13.83
CA LEU E 527 -9.35 24.78 13.14
C LEU E 527 -10.30 24.25 12.08
N VAL E 528 -11.59 24.14 12.40
CA VAL E 528 -12.54 23.58 11.45
C VAL E 528 -12.78 24.54 10.29
N HIS E 529 -12.75 25.85 10.56
CA HIS E 529 -12.89 26.81 9.47
C HIS E 529 -11.69 26.75 8.53
N HIS E 530 -10.48 26.59 9.07
CA HIS E 530 -9.33 26.45 8.20
C HIS E 530 -9.34 25.12 7.46
N ILE E 531 -9.93 24.08 8.07
CA ILE E 531 -10.14 22.82 7.35
C ILE E 531 -11.07 23.04 6.17
N HIS E 532 -12.15 23.81 6.38
CA HIS E 532 -13.06 24.14 5.29
C HIS E 532 -12.34 24.89 4.18
N ALA E 533 -11.53 25.89 4.55
CA ALA E 533 -10.78 26.65 3.57
C ALA E 533 -9.84 25.75 2.78
N PHE E 534 -9.15 24.85 3.47
CA PHE E 534 -8.20 23.96 2.81
C PHE E 534 -8.90 23.02 1.83
N THR E 535 -10.00 22.41 2.26
CA THR E 535 -10.72 21.49 1.38
C THR E 535 -11.28 22.22 0.16
N ILE E 536 -11.83 23.41 0.39
CA ILE E 536 -12.35 24.20 -0.73
C ILE E 536 -11.23 24.55 -1.70
N HIS E 537 -10.06 24.91 -1.16
CA HIS E 537 -8.94 25.26 -2.01
C HIS E 537 -8.45 24.07 -2.83
N VAL E 538 -8.44 22.87 -2.25
CA VAL E 538 -8.01 21.71 -3.02
C VAL E 538 -9.02 21.36 -4.10
N THR E 539 -10.31 21.46 -3.79
CA THR E 539 -11.32 21.23 -4.82
C THR E 539 -11.17 22.24 -5.96
N VAL E 540 -10.95 23.51 -5.61
CA VAL E 540 -10.72 24.54 -6.63
C VAL E 540 -9.47 24.21 -7.43
N LEU E 541 -8.43 23.68 -6.76
CA LEU E 541 -7.21 23.34 -7.47
C LEU E 541 -7.46 22.28 -8.51
N ILE E 542 -8.16 21.21 -8.13
CA ILE E 542 -8.43 20.13 -9.09
C ILE E 542 -9.26 20.65 -10.26
N LEU E 543 -10.33 21.39 -9.96
CA LEU E 543 -11.22 21.84 -11.01
C LEU E 543 -10.56 22.88 -11.92
N LEU E 544 -9.78 23.79 -11.35
CA LEU E 544 -9.11 24.81 -12.16
C LEU E 544 -7.98 24.20 -12.98
N LYS E 545 -7.27 23.20 -12.44
CA LYS E 545 -6.29 22.48 -13.24
C LYS E 545 -6.96 21.75 -14.39
N GLY E 546 -8.16 21.21 -14.16
CA GLY E 546 -8.91 20.59 -15.25
C GLY E 546 -9.31 21.58 -16.32
N VAL E 547 -9.79 22.75 -15.91
CA VAL E 547 -10.27 23.74 -16.88
C VAL E 547 -9.10 24.32 -17.68
N LEU E 548 -8.02 24.70 -16.98
CA LEU E 548 -6.92 25.39 -17.64
C LEU E 548 -6.12 24.46 -18.55
N TYR E 549 -5.89 23.22 -18.10
CA TYR E 549 -5.13 22.25 -18.87
C TYR E 549 -6.03 21.33 -19.69
N SER E 550 -7.23 21.80 -20.05
CA SER E 550 -8.15 21.00 -20.83
C SER E 550 -7.78 20.96 -22.32
N ARG E 551 -7.07 21.97 -22.81
CA ARG E 551 -6.75 22.06 -24.23
C ARG E 551 -5.36 21.53 -24.56
N ASN E 552 -4.36 21.83 -23.73
CA ASN E 552 -3.00 21.39 -23.99
C ASN E 552 -2.23 21.41 -22.68
N SER E 553 -1.02 20.86 -22.72
CA SER E 553 -0.13 20.82 -21.58
C SER E 553 1.28 20.53 -22.09
N ARG E 554 2.23 20.41 -21.16
CA ARG E 554 3.56 19.98 -21.54
C ARG E 554 3.59 18.49 -21.84
N LEU E 555 2.72 17.71 -21.20
CA LEU E 555 2.61 16.29 -21.51
C LEU E 555 1.99 16.07 -22.88
N ILE E 556 0.75 16.52 -23.05
CA ILE E 556 0.01 16.32 -24.30
C ILE E 556 -0.24 17.68 -24.92
N PRO E 557 0.55 18.10 -25.90
CA PRO E 557 0.36 19.43 -26.50
C PRO E 557 -0.93 19.55 -27.32
N ASP E 558 -1.59 18.45 -27.62
CA ASP E 558 -2.83 18.45 -28.41
C ASP E 558 -3.94 17.73 -27.64
N LYS E 559 -4.08 18.04 -26.36
CA LYS E 559 -5.11 17.42 -25.54
C LYS E 559 -6.52 17.82 -25.98
N ALA E 560 -6.67 18.97 -26.64
CA ALA E 560 -7.98 19.38 -27.11
C ALA E 560 -8.46 18.50 -28.25
N ASN E 561 -7.55 17.93 -29.03
CA ASN E 561 -7.93 17.02 -30.11
C ASN E 561 -8.43 15.68 -29.60
N LEU E 562 -8.18 15.34 -28.34
CA LEU E 562 -8.69 14.12 -27.74
C LEU E 562 -10.07 14.28 -27.14
N GLY E 563 -10.59 15.51 -27.08
CA GLY E 563 -11.92 15.76 -26.56
C GLY E 563 -11.92 16.04 -25.07
N PHE E 564 -13.12 16.34 -24.57
CA PHE E 564 -13.29 16.57 -23.14
C PHE E 564 -13.24 15.28 -22.35
N ARG E 565 -13.84 14.21 -22.89
CA ARG E 565 -13.98 12.94 -22.18
C ARG E 565 -13.17 11.88 -22.90
N PHE E 566 -12.00 11.55 -22.36
CA PHE E 566 -11.20 10.43 -22.85
C PHE E 566 -10.42 9.87 -21.68
N PRO E 567 -10.11 8.56 -21.69
CA PRO E 567 -9.47 7.97 -20.51
C PRO E 567 -8.03 8.41 -20.32
N CYS E 568 -7.27 8.55 -21.41
CA CYS E 568 -5.83 8.75 -21.30
C CYS E 568 -5.30 9.11 -22.69
N ASP E 569 -3.98 9.21 -22.78
CA ASP E 569 -3.29 9.20 -24.05
C ASP E 569 -2.43 7.96 -24.24
N GLY E 570 -2.23 7.16 -23.19
CA GLY E 570 -1.48 5.94 -23.29
C GLY E 570 -0.56 5.72 -22.10
N PRO E 571 0.06 4.54 -22.02
CA PRO E 571 1.01 4.28 -20.93
C PRO E 571 2.33 5.00 -21.08
N GLY E 572 2.55 5.70 -22.19
CA GLY E 572 3.79 6.40 -22.40
C GLY E 572 3.88 7.67 -21.58
N ARG E 573 5.03 8.34 -21.73
CA ARG E 573 5.37 9.51 -20.92
C ARG E 573 5.39 9.15 -19.44
N GLY E 574 5.71 7.90 -19.13
CA GLY E 574 5.59 7.39 -17.78
C GLY E 574 4.20 7.00 -17.38
N GLY E 575 3.20 7.26 -18.22
CA GLY E 575 1.82 7.02 -17.87
C GLY E 575 0.99 8.29 -17.94
N THR E 576 -0.04 8.29 -18.79
CA THR E 576 -0.87 9.47 -19.01
C THR E 576 -2.33 9.19 -18.66
N CYS E 577 -2.55 8.53 -17.52
CA CYS E 577 -3.90 8.32 -17.03
C CYS E 577 -4.57 9.67 -16.78
N GLN E 578 -5.90 9.66 -16.81
CA GLN E 578 -6.72 10.72 -16.22
C GLN E 578 -6.23 12.12 -16.57
N VAL E 579 -5.71 12.34 -17.74
CA VAL E 579 -5.26 13.66 -18.06
C VAL E 579 -6.39 14.48 -18.61
N SER E 580 -7.58 13.95 -18.73
CA SER E 580 -8.63 14.67 -19.35
C SER E 580 -8.99 15.78 -18.52
N ALA E 581 -10.15 16.29 -18.76
CA ALA E 581 -10.63 17.36 -18.00
C ALA E 581 -11.78 16.77 -17.33
N TRP E 582 -12.22 15.63 -17.76
CA TRP E 582 -13.31 14.96 -17.16
C TRP E 582 -12.81 14.25 -15.99
N ASP E 583 -11.57 13.77 -16.09
CA ASP E 583 -10.99 13.01 -15.00
C ASP E 583 -10.63 13.97 -13.90
N HIS E 584 -10.92 15.25 -14.11
CA HIS E 584 -10.62 16.23 -13.12
C HIS E 584 -11.90 16.58 -12.48
N VAL E 585 -12.99 16.37 -13.17
CA VAL E 585 -14.27 16.60 -12.59
C VAL E 585 -14.59 15.39 -11.81
N PHE E 586 -13.94 14.28 -12.07
CA PHE E 586 -14.13 13.07 -11.28
C PHE E 586 -13.42 13.18 -9.92
N LEU E 587 -12.14 13.57 -9.95
CA LEU E 587 -11.40 13.78 -8.71
C LEU E 587 -11.97 14.95 -7.91
N GLY E 588 -12.41 16.00 -8.60
CA GLY E 588 -13.03 17.12 -7.92
C GLY E 588 -14.35 16.75 -7.27
N LEU E 589 -15.09 15.82 -7.86
CA LEU E 589 -16.28 15.30 -7.21
C LEU E 589 -15.91 14.60 -5.92
N PHE E 590 -14.85 13.79 -5.94
CA PHE E 590 -14.39 13.16 -4.71
C PHE E 590 -14.06 14.21 -3.64
N TRP E 591 -13.30 15.23 -4.02
CA TRP E 591 -12.87 16.22 -3.04
C TRP E 591 -14.02 17.11 -2.58
N MET E 592 -14.99 17.37 -3.45
CA MET E 592 -16.21 18.06 -3.03
C MET E 592 -16.97 17.23 -2.00
N TYR E 593 -17.04 15.92 -2.22
CA TYR E 593 -17.67 15.06 -1.22
C TYR E 593 -16.95 15.20 0.11
N ASN E 594 -15.62 15.17 0.09
CA ASN E 594 -14.85 15.32 1.32
C ASN E 594 -15.16 16.64 2.02
N SER E 595 -15.11 17.74 1.26
CA SER E 595 -15.31 19.07 1.83
C SER E 595 -16.71 19.23 2.41
N ILE E 596 -17.73 18.82 1.65
CA ILE E 596 -19.09 18.98 2.10
C ILE E 596 -19.38 18.08 3.30
N SER E 597 -18.79 16.87 3.31
CA SER E 597 -18.96 15.99 4.47
C SER E 597 -18.38 16.65 5.72
N ILE E 598 -17.20 17.25 5.61
CA ILE E 598 -16.63 17.93 6.76
C ILE E 598 -17.49 19.12 7.17
N VAL E 599 -18.04 19.85 6.20
CA VAL E 599 -18.86 21.01 6.51
C VAL E 599 -20.11 20.60 7.27
N ILE E 600 -20.79 19.55 6.79
CA ILE E 600 -22.02 19.13 7.44
C ILE E 600 -21.73 18.49 8.80
N PHE E 601 -20.60 17.80 8.93
CA PHE E 601 -20.20 17.28 10.25
C PHE E 601 -19.97 18.41 11.23
N HIS E 602 -19.26 19.45 10.80
CA HIS E 602 -19.05 20.61 11.65
C HIS E 602 -20.36 21.24 12.06
N PHE E 603 -21.28 21.41 11.10
CA PHE E 603 -22.57 22.00 11.41
C PHE E 603 -23.33 21.15 12.43
N SER E 604 -23.45 19.85 12.16
CA SER E 604 -24.20 18.98 13.04
C SER E 604 -23.65 19.00 14.46
N TRP E 605 -22.34 18.77 14.59
CA TRP E 605 -21.75 18.72 15.93
C TRP E 605 -21.84 20.05 16.64
N LYS E 606 -21.50 21.14 15.95
CA LYS E 606 -21.51 22.45 16.60
C LYS E 606 -22.92 22.83 17.03
N MET E 607 -23.92 22.61 16.18
CA MET E 607 -25.28 22.95 16.56
C MET E 607 -25.75 22.10 17.74
N GLN E 608 -25.56 20.78 17.66
CA GLN E 608 -26.00 19.90 18.74
C GLN E 608 -25.29 20.21 20.06
N SER E 609 -24.05 20.66 19.99
CA SER E 609 -23.24 20.83 21.19
C SER E 609 -23.32 22.23 21.78
N ASP E 610 -23.58 23.25 20.97
CA ASP E 610 -23.46 24.62 21.44
C ASP E 610 -24.59 25.54 20.97
N VAL E 611 -25.64 25.01 20.33
CA VAL E 611 -26.81 25.84 20.05
C VAL E 611 -28.09 25.15 20.51
N TRP E 612 -28.33 23.96 19.98
CA TRP E 612 -29.59 23.27 20.23
C TRP E 612 -29.63 22.69 21.64
N GLY E 613 -30.85 22.49 22.13
CA GLY E 613 -31.05 21.93 23.45
C GLY E 613 -32.34 22.43 24.04
N THR E 614 -32.41 22.39 25.37
CA THR E 614 -33.57 22.84 26.11
C THR E 614 -33.16 23.91 27.12
N VAL E 615 -34.10 24.76 27.48
CA VAL E 615 -33.89 25.84 28.43
C VAL E 615 -34.77 25.59 29.65
N SER E 616 -34.16 25.55 30.83
CA SER E 616 -34.88 25.35 32.06
C SER E 616 -35.73 26.59 32.38
N PRO E 617 -36.76 26.44 33.20
CA PRO E 617 -37.60 27.62 33.54
C PRO E 617 -36.82 28.75 34.18
N THR E 618 -35.73 28.46 34.89
CA THR E 618 -34.91 29.49 35.50
C THR E 618 -33.88 30.07 34.54
N GLY E 619 -33.78 29.55 33.32
CA GLY E 619 -32.87 30.08 32.33
C GLY E 619 -31.58 29.31 32.12
N ALA E 620 -31.48 28.09 32.64
CA ALA E 620 -30.30 27.27 32.45
C ALA E 620 -30.39 26.53 31.13
N VAL E 621 -29.32 26.61 30.33
CA VAL E 621 -29.29 26.03 29.00
C VAL E 621 -28.56 24.70 29.06
N SER E 622 -29.23 23.63 28.63
CA SER E 622 -28.64 22.31 28.52
C SER E 622 -28.75 21.86 27.07
N HIS E 623 -27.62 21.48 26.47
CA HIS E 623 -27.57 21.17 25.06
C HIS E 623 -27.76 19.68 24.82
N ILE E 624 -27.84 19.31 23.54
CA ILE E 624 -28.08 17.92 23.17
C ILE E 624 -26.91 17.03 23.61
N THR E 625 -25.68 17.48 23.34
CA THR E 625 -24.49 16.72 23.72
C THR E 625 -23.83 17.24 24.98
N GLY E 626 -23.84 18.55 25.22
CA GLY E 626 -23.32 19.09 26.45
C GLY E 626 -22.04 19.89 26.31
N GLY E 627 -21.85 20.54 25.17
CA GLY E 627 -20.69 21.40 25.00
C GLY E 627 -19.38 20.68 24.79
N ASN E 628 -19.41 19.42 24.32
CA ASN E 628 -18.18 18.68 24.08
C ASN E 628 -17.45 19.13 22.82
N PHE E 629 -18.07 19.98 22.00
CA PHE E 629 -17.42 20.44 20.77
C PHE E 629 -16.17 21.26 21.08
N ALA E 630 -16.23 22.10 22.12
CA ALA E 630 -15.15 23.04 22.38
C ALA E 630 -13.84 22.32 22.68
N GLN E 631 -13.90 21.21 23.41
CA GLN E 631 -12.69 20.55 23.88
C GLN E 631 -12.37 19.24 23.18
N SER E 632 -13.34 18.62 22.51
CA SER E 632 -13.14 17.31 21.91
C SER E 632 -13.24 17.31 20.39
N SER E 633 -13.53 18.44 19.76
CA SER E 633 -13.52 18.53 18.31
C SER E 633 -12.18 18.98 17.76
N ILE E 634 -11.16 19.06 18.61
CA ILE E 634 -9.84 19.54 18.21
C ILE E 634 -8.88 18.39 17.90
N THR E 635 -9.30 17.15 18.08
CA THR E 635 -8.49 15.98 17.76
C THR E 635 -9.30 15.04 16.87
N ILE E 636 -8.59 14.29 16.02
CA ILE E 636 -9.27 13.34 15.15
C ILE E 636 -9.89 12.21 15.97
N ASN E 637 -9.23 11.82 17.06
CA ASN E 637 -9.84 10.84 17.95
C ASN E 637 -11.11 11.38 18.58
N GLY E 638 -11.14 12.68 18.86
CA GLY E 638 -12.36 13.29 19.36
C GLY E 638 -13.49 13.21 18.37
N TRP E 639 -13.21 13.52 17.10
CA TRP E 639 -14.23 13.40 16.07
C TRP E 639 -14.69 11.96 15.91
N LEU E 640 -13.76 11.02 15.97
CA LEU E 640 -14.11 9.60 15.83
C LEU E 640 -14.98 9.12 16.98
N ARG E 641 -14.68 9.55 18.21
CA ARG E 641 -15.34 8.99 19.38
C ARG E 641 -16.56 9.80 19.81
N ASP E 642 -16.35 11.08 20.15
CA ASP E 642 -17.42 11.89 20.72
C ASP E 642 -18.44 12.35 19.68
N PHE E 643 -18.15 12.22 18.39
CA PHE E 643 -19.13 12.55 17.36
C PHE E 643 -19.58 11.32 16.59
N LEU E 644 -18.67 10.64 15.89
CA LEU E 644 -19.09 9.53 15.04
C LEU E 644 -19.58 8.36 15.87
N TRP E 645 -18.73 7.84 16.76
CA TRP E 645 -19.12 6.71 17.60
C TRP E 645 -20.29 7.06 18.51
N SER E 646 -20.26 8.26 19.10
CA SER E 646 -21.29 8.61 20.08
C SER E 646 -22.65 8.81 19.43
N GLN E 647 -22.71 9.58 18.35
CA GLN E 647 -23.98 9.89 17.71
C GLN E 647 -24.42 8.82 16.72
N ALA E 648 -23.58 7.82 16.45
CA ALA E 648 -24.02 6.67 15.68
C ALA E 648 -24.75 5.63 16.52
N ALA E 649 -24.89 5.89 17.82
CA ALA E 649 -25.59 4.95 18.70
C ALA E 649 -27.06 4.80 18.29
N GLN E 650 -27.69 5.90 17.90
CA GLN E 650 -29.10 5.86 17.54
C GLN E 650 -29.33 5.08 16.24
N VAL E 651 -28.38 5.14 15.32
CA VAL E 651 -28.53 4.43 14.05
C VAL E 651 -28.40 2.92 14.26
N VAL E 652 -27.40 2.50 15.04
CA VAL E 652 -27.16 1.07 15.23
C VAL E 652 -28.19 0.44 16.15
N GLN E 653 -28.82 1.21 17.03
CA GLN E 653 -29.84 0.71 17.93
C GLN E 653 -31.25 0.97 17.44
N SER E 654 -31.41 1.22 16.14
CA SER E 654 -32.71 1.53 15.56
C SER E 654 -33.49 0.29 15.14
N TYR E 655 -32.89 -0.89 15.20
CA TYR E 655 -33.59 -2.10 14.77
C TYR E 655 -34.75 -2.41 15.70
N GLY E 656 -35.88 -2.79 15.11
CA GLY E 656 -37.09 -3.04 15.86
C GLY E 656 -37.92 -1.82 16.16
N SER E 657 -37.38 -0.62 15.93
CA SER E 657 -38.10 0.62 16.16
C SER E 657 -38.58 1.19 14.84
N SER E 658 -39.23 2.35 14.90
CA SER E 658 -39.73 3.01 13.70
C SER E 658 -38.62 3.66 12.89
N LEU E 659 -37.41 3.73 13.42
CA LEU E 659 -36.25 4.26 12.70
C LEU E 659 -35.40 3.16 12.09
N SER E 660 -35.90 1.93 12.06
CA SER E 660 -35.11 0.81 11.55
C SER E 660 -34.75 1.00 10.08
N ALA E 661 -35.60 1.70 9.31
CA ALA E 661 -35.27 1.98 7.93
C ALA E 661 -33.98 2.78 7.82
N TYR E 662 -33.72 3.64 8.81
CA TYR E 662 -32.47 4.40 8.79
C TYR E 662 -31.27 3.50 9.01
N GLY E 663 -31.39 2.50 9.88
CA GLY E 663 -30.30 1.53 10.03
C GLY E 663 -30.10 0.70 8.78
N LEU E 664 -31.19 0.29 8.15
CA LEU E 664 -31.08 -0.48 6.91
C LEU E 664 -30.40 0.34 5.82
N ILE E 665 -30.78 1.61 5.68
CA ILE E 665 -30.16 2.47 4.69
C ILE E 665 -28.70 2.77 5.05
N PHE E 666 -28.40 2.87 6.35
CA PHE E 666 -27.02 2.99 6.81
C PHE E 666 -26.18 1.82 6.29
N LEU E 667 -26.66 0.60 6.53
CA LEU E 667 -25.93 -0.58 6.08
C LEU E 667 -25.84 -0.63 4.55
N GLY E 668 -26.94 -0.34 3.86
CA GLY E 668 -26.93 -0.39 2.41
C GLY E 668 -26.02 0.65 1.79
N ALA E 669 -25.95 1.83 2.39
CA ALA E 669 -25.06 2.86 1.91
C ALA E 669 -23.60 2.48 2.16
N HIS E 670 -23.32 1.85 3.29
CA HIS E 670 -21.99 1.29 3.50
C HIS E 670 -21.66 0.29 2.41
N PHE E 671 -22.61 -0.59 2.09
CA PHE E 671 -22.41 -1.59 1.05
C PHE E 671 -22.13 -0.96 -0.29
N ILE E 672 -22.90 0.08 -0.65
CA ILE E 672 -22.73 0.73 -1.95
C ILE E 672 -21.39 1.47 -2.01
N TRP E 673 -21.01 2.13 -0.92
CA TRP E 673 -19.72 2.83 -0.89
C TRP E 673 -18.57 1.85 -1.05
N ALA E 674 -18.64 0.70 -0.38
CA ALA E 674 -17.61 -0.32 -0.57
C ALA E 674 -17.66 -0.93 -1.96
N PHE E 675 -18.86 -1.04 -2.54
CA PHE E 675 -19.03 -1.56 -3.89
C PHE E 675 -18.33 -0.65 -4.90
N SER E 676 -18.36 0.66 -4.65
CA SER E 676 -17.72 1.62 -5.56
C SER E 676 -16.24 1.32 -5.72
N LEU E 677 -15.58 0.87 -4.65
CA LEU E 677 -14.14 0.66 -4.69
C LEU E 677 -13.72 -0.43 -5.66
N MET E 678 -14.63 -1.36 -6.00
CA MET E 678 -14.33 -2.32 -7.06
C MET E 678 -14.08 -1.62 -8.39
N PHE E 679 -14.93 -0.64 -8.73
CA PHE E 679 -14.73 0.10 -9.97
C PHE E 679 -13.60 1.11 -9.85
N LEU E 680 -13.41 1.70 -8.67
CA LEU E 680 -12.39 2.73 -8.54
C LEU E 680 -10.98 2.16 -8.51
N PHE E 681 -10.80 0.97 -7.95
CA PHE E 681 -9.46 0.42 -7.77
C PHE E 681 -9.03 -0.49 -8.91
N SER E 682 -9.96 -1.10 -9.65
CA SER E 682 -9.64 -2.09 -10.66
C SER E 682 -9.52 -1.44 -12.03
N GLY E 683 -9.30 -2.28 -13.05
CA GLY E 683 -9.13 -1.82 -14.40
C GLY E 683 -9.92 -2.66 -15.39
N ARG E 684 -10.03 -2.14 -16.60
CA ARG E 684 -10.92 -2.73 -17.59
C ARG E 684 -10.41 -4.06 -18.12
N GLY E 685 -9.09 -4.24 -18.23
CA GLY E 685 -8.55 -5.43 -18.87
C GLY E 685 -8.90 -6.70 -18.12
N TYR E 686 -8.82 -6.67 -16.78
CA TYR E 686 -9.17 -7.85 -16.00
C TYR E 686 -10.61 -8.24 -16.21
N TRP E 687 -11.52 -7.27 -16.21
CA TRP E 687 -12.94 -7.58 -16.37
C TRP E 687 -13.25 -8.07 -17.78
N GLN E 688 -12.57 -7.50 -18.78
CA GLN E 688 -12.75 -7.99 -20.14
C GLN E 688 -12.29 -9.43 -20.27
N GLU E 689 -11.14 -9.76 -19.66
CA GLU E 689 -10.64 -11.12 -19.77
C GLU E 689 -11.46 -12.12 -18.97
N LEU E 690 -12.11 -11.66 -17.88
CA LEU E 690 -13.04 -12.53 -17.16
C LEU E 690 -14.33 -12.74 -17.96
N ILE E 691 -14.82 -11.66 -18.59
CA ILE E 691 -15.97 -11.78 -19.49
C ILE E 691 -15.64 -12.71 -20.64
N GLU E 692 -14.37 -12.80 -21.02
CA GLU E 692 -13.97 -13.75 -22.06
C GLU E 692 -14.30 -15.19 -21.66
N SER E 693 -13.94 -15.58 -20.43
CA SER E 693 -14.24 -16.93 -19.98
C SER E 693 -15.73 -17.15 -19.77
N ILE E 694 -16.43 -16.13 -19.27
CA ILE E 694 -17.88 -16.24 -19.12
C ILE E 694 -18.54 -16.44 -20.49
N VAL E 695 -18.06 -15.70 -21.49
CA VAL E 695 -18.56 -15.84 -22.85
C VAL E 695 -18.22 -17.22 -23.40
N TRP E 696 -17.06 -17.76 -23.03
CA TRP E 696 -16.74 -19.12 -23.44
C TRP E 696 -17.76 -20.10 -22.90
N ALA E 697 -18.14 -19.95 -21.62
CA ALA E 697 -19.14 -20.82 -21.05
C ALA E 697 -20.48 -20.67 -21.78
N HIS E 698 -20.88 -19.43 -22.06
CA HIS E 698 -22.13 -19.21 -22.77
C HIS E 698 -22.12 -19.82 -24.15
N ASN E 699 -21.00 -19.68 -24.88
CA ASN E 699 -20.88 -20.29 -26.20
C ASN E 699 -20.91 -21.81 -26.09
N LYS E 700 -20.29 -22.36 -25.05
CA LYS E 700 -20.36 -23.80 -24.83
C LYS E 700 -21.80 -24.25 -24.62
N LEU E 701 -22.63 -23.42 -24.01
CA LEU E 701 -24.05 -23.72 -23.85
C LEU E 701 -24.92 -23.04 -24.89
N LYS E 702 -24.34 -22.51 -25.96
CA LYS E 702 -25.08 -21.93 -27.08
C LYS E 702 -26.00 -20.80 -26.65
N VAL E 703 -25.58 -20.01 -25.66
CA VAL E 703 -26.43 -18.96 -25.11
C VAL E 703 -25.66 -17.63 -25.11
N ALA E 704 -24.64 -17.53 -25.94
CA ALA E 704 -23.92 -16.27 -26.05
C ALA E 704 -24.79 -15.24 -26.76
N PRO E 705 -24.99 -14.06 -26.17
CA PRO E 705 -25.83 -13.05 -26.83
C PRO E 705 -25.19 -12.52 -28.11
N SER E 706 -26.05 -12.11 -29.04
CA SER E 706 -25.56 -11.51 -30.27
C SER E 706 -24.88 -10.17 -30.00
N ILE E 707 -25.44 -9.38 -29.09
CA ILE E 707 -24.78 -8.16 -28.64
C ILE E 707 -23.61 -8.56 -27.76
N GLN E 708 -22.40 -8.40 -28.28
CA GLN E 708 -21.23 -8.92 -27.59
C GLN E 708 -21.02 -8.19 -26.27
N PRO E 709 -20.95 -8.91 -25.15
CA PRO E 709 -20.76 -8.26 -23.85
C PRO E 709 -19.33 -7.75 -23.69
N ARG E 710 -19.20 -6.46 -23.41
CA ARG E 710 -17.91 -5.84 -23.18
C ARG E 710 -17.89 -5.17 -21.82
N ALA E 711 -16.72 -5.19 -21.19
CA ALA E 711 -16.56 -4.52 -19.92
C ALA E 711 -16.75 -3.01 -20.09
N LEU E 712 -17.21 -2.35 -19.03
CA LEU E 712 -17.46 -0.92 -19.09
C LEU E 712 -16.19 -0.18 -19.47
N SER E 713 -16.33 0.83 -20.33
CA SER E 713 -15.18 1.61 -20.75
C SER E 713 -14.50 2.25 -19.54
N ILE E 714 -13.24 2.66 -19.73
CA ILE E 714 -12.45 3.21 -18.64
C ILE E 714 -13.15 4.41 -18.03
N THR E 715 -13.61 5.34 -18.88
CA THR E 715 -14.31 6.51 -18.39
C THR E 715 -15.61 6.12 -17.70
N GLN E 716 -16.34 5.16 -18.27
CA GLN E 716 -17.56 4.71 -17.61
C GLN E 716 -17.27 3.97 -16.31
N GLY E 717 -16.18 3.22 -16.26
CA GLY E 717 -15.79 2.61 -15.00
C GLY E 717 -15.53 3.65 -13.92
N ARG E 718 -14.82 4.71 -14.27
CA ARG E 718 -14.59 5.80 -13.33
C ARG E 718 -15.90 6.47 -12.92
N ALA E 719 -16.80 6.68 -13.89
CA ALA E 719 -18.07 7.33 -13.60
C ALA E 719 -18.92 6.48 -12.66
N VAL E 720 -18.98 5.17 -12.90
CA VAL E 720 -19.71 4.27 -12.02
C VAL E 720 -19.10 4.28 -10.63
N GLY E 721 -17.77 4.24 -10.56
CA GLY E 721 -17.11 4.26 -9.26
C GLY E 721 -17.43 5.51 -8.47
N VAL E 722 -17.33 6.68 -9.12
CA VAL E 722 -17.56 7.92 -8.40
C VAL E 722 -19.04 8.07 -8.03
N ALA E 723 -19.95 7.63 -8.91
CA ALA E 723 -21.37 7.71 -8.60
C ALA E 723 -21.72 6.84 -7.41
N HIS E 724 -21.21 5.60 -7.39
CA HIS E 724 -21.46 4.71 -6.26
C HIS E 724 -20.81 5.23 -4.99
N TYR E 725 -19.60 5.80 -5.10
CA TYR E 725 -18.93 6.35 -3.93
C TYR E 725 -19.74 7.48 -3.32
N LEU E 726 -20.18 8.42 -4.17
CA LEU E 726 -20.97 9.54 -3.70
C LEU E 726 -22.29 9.06 -3.10
N LEU E 727 -22.96 8.13 -3.78
CA LEU E 727 -24.24 7.63 -3.27
C LEU E 727 -24.06 6.96 -1.91
N GLY E 728 -23.05 6.10 -1.79
CA GLY E 728 -22.85 5.40 -0.54
C GLY E 728 -22.48 6.33 0.60
N GLY E 729 -21.54 7.25 0.37
CA GLY E 729 -21.15 8.16 1.43
C GLY E 729 -22.26 9.09 1.84
N ILE E 730 -22.94 9.69 0.86
CA ILE E 730 -24.01 10.63 1.16
C ILE E 730 -25.18 9.91 1.82
N GLY E 731 -25.48 8.68 1.40
CA GLY E 731 -26.54 7.93 2.04
C GLY E 731 -26.20 7.52 3.46
N THR E 732 -24.94 7.16 3.70
CA THR E 732 -24.53 6.84 5.06
C THR E 732 -24.68 8.05 5.97
N THR E 733 -24.18 9.21 5.51
CA THR E 733 -24.35 10.43 6.30
C THR E 733 -25.82 10.80 6.45
N TRP E 734 -26.62 10.55 5.40
CA TRP E 734 -28.05 10.84 5.43
C TRP E 734 -28.75 10.03 6.52
N ALA E 735 -28.54 8.72 6.51
CA ALA E 735 -29.17 7.86 7.52
C ALA E 735 -28.66 8.21 8.91
N PHE E 736 -27.36 8.42 9.05
CA PHE E 736 -26.80 8.76 10.36
C PHE E 736 -27.41 10.04 10.90
N PHE E 737 -27.40 11.11 10.10
CA PHE E 737 -27.94 12.39 10.53
C PHE E 737 -29.42 12.27 10.88
N LEU E 738 -30.20 11.63 10.00
CA LEU E 738 -31.64 11.59 10.20
C LEU E 738 -32.01 10.79 11.44
N ALA E 739 -31.42 9.59 11.60
CA ALA E 739 -31.73 8.79 12.78
C ALA E 739 -31.30 9.51 14.05
N ARG E 740 -30.09 10.09 14.06
CA ARG E 740 -29.60 10.76 15.25
C ARG E 740 -30.48 11.94 15.63
N ILE E 741 -30.83 12.79 14.65
CA ILE E 741 -31.55 14.02 14.96
C ILE E 741 -33.04 13.79 15.13
N ILE E 742 -33.57 12.65 14.70
CA ILE E 742 -34.95 12.33 14.98
C ILE E 742 -35.09 11.66 16.34
N SER E 743 -34.14 10.81 16.72
CA SER E 743 -34.17 10.18 18.04
C SER E 743 -34.04 11.22 19.15
N VAL E 744 -33.13 12.18 18.99
CA VAL E 744 -32.89 13.17 20.03
C VAL E 744 -33.19 14.58 19.53
N VAL F 2 23.01 10.13 -10.53
CA VAL F 2 21.99 9.64 -11.45
C VAL F 2 22.45 8.34 -12.10
N TYR F 3 23.62 7.86 -11.67
CA TYR F 3 24.20 6.63 -12.17
C TYR F 3 24.58 5.74 -10.99
N LYS F 4 24.92 4.49 -11.31
CA LYS F 4 25.59 3.57 -10.40
C LYS F 4 24.72 3.09 -9.24
N PHE F 5 23.51 3.63 -9.08
CA PHE F 5 22.68 3.08 -8.02
C PHE F 5 22.11 1.73 -8.47
N PRO F 6 21.32 1.68 -9.57
CA PRO F 6 20.91 0.33 -9.98
C PRO F 6 22.04 -0.35 -10.74
N LYS F 7 23.03 -0.80 -9.98
CA LYS F 7 24.18 -1.48 -10.56
C LYS F 7 23.77 -2.69 -11.37
N PHE F 8 22.66 -3.33 -11.00
CA PHE F 8 22.18 -4.53 -11.67
C PHE F 8 21.41 -4.24 -12.95
N SER F 9 21.10 -2.98 -13.24
CA SER F 9 20.29 -2.63 -14.40
C SER F 9 20.83 -1.36 -15.03
N LYS F 10 21.39 -1.48 -16.24
CA LYS F 10 21.87 -0.30 -16.95
C LYS F 10 20.71 0.52 -17.52
N ALA F 11 19.60 -0.14 -17.86
CA ALA F 11 18.44 0.59 -18.39
C ALA F 11 17.89 1.57 -17.37
N LEU F 12 17.86 1.18 -16.10
CA LEU F 12 17.39 2.09 -15.06
C LEU F 12 18.44 3.16 -14.75
N ALA F 13 19.72 2.78 -14.76
CA ALA F 13 20.77 3.73 -14.41
C ALA F 13 20.86 4.88 -15.40
N GLU F 14 20.31 4.73 -16.60
CA GLU F 14 20.28 5.81 -17.58
C GLU F 14 19.01 6.64 -17.51
N ASP F 15 18.11 6.33 -16.59
CA ASP F 15 16.90 7.11 -16.42
C ASP F 15 17.24 8.46 -15.79
N PRO F 16 16.90 9.58 -16.42
CA PRO F 16 17.22 10.89 -15.84
C PRO F 16 16.27 11.34 -14.76
N SER F 17 15.24 10.56 -14.45
CA SER F 17 14.18 10.96 -13.54
C SER F 17 14.33 10.24 -12.20
N THR F 18 13.45 10.61 -11.26
CA THR F 18 13.39 9.94 -9.97
C THR F 18 12.85 8.52 -10.06
N ARG F 19 12.29 8.14 -11.22
CA ARG F 19 11.81 6.78 -11.41
C ARG F 19 12.93 5.76 -11.26
N ARG F 20 14.17 6.16 -11.57
CA ARG F 20 15.30 5.24 -11.43
C ARG F 20 15.49 4.82 -9.98
N ILE F 21 15.38 5.77 -9.04
CA ILE F 21 15.52 5.44 -7.64
C ILE F 21 14.39 4.53 -7.18
N TRP F 22 13.16 4.86 -7.56
CA TRP F 22 12.01 4.06 -7.15
C TRP F 22 12.09 2.64 -7.69
N TYR F 23 12.44 2.50 -8.98
CA TYR F 23 12.53 1.18 -9.58
C TYR F 23 13.79 0.44 -9.15
N GLY F 24 14.82 1.15 -8.70
CA GLY F 24 16.00 0.47 -8.18
C GLY F 24 15.70 -0.31 -6.91
N ILE F 25 14.83 0.22 -6.07
CA ILE F 25 14.43 -0.49 -4.86
C ILE F 25 13.61 -1.72 -5.21
N ALA F 26 12.62 -1.55 -6.09
CA ALA F 26 11.61 -2.56 -6.33
C ALA F 26 12.07 -3.66 -7.27
N THR F 27 13.26 -3.56 -7.85
CA THR F 27 13.80 -4.60 -8.72
C THR F 27 15.09 -5.18 -8.19
N ALA F 28 15.46 -4.86 -6.95
CA ALA F 28 16.75 -5.31 -6.41
C ALA F 28 16.79 -6.82 -6.21
N HIS F 29 15.66 -7.44 -5.87
CA HIS F 29 15.61 -8.86 -5.57
C HIS F 29 15.15 -9.70 -6.75
N ASP F 30 14.78 -9.08 -7.87
CA ASP F 30 14.44 -9.83 -9.09
C ASP F 30 15.74 -10.11 -9.83
N PHE F 31 16.48 -11.11 -9.31
CA PHE F 31 17.81 -11.39 -9.82
C PHE F 31 17.78 -11.86 -11.27
N GLU F 32 16.72 -12.55 -11.67
CA GLU F 32 16.64 -13.08 -13.04
C GLU F 32 16.61 -11.98 -14.08
N SER F 33 16.20 -10.78 -13.73
CA SER F 33 16.10 -9.66 -14.66
C SER F 33 17.31 -8.74 -14.65
N HIS F 34 18.34 -9.09 -13.87
CA HIS F 34 19.50 -8.22 -13.74
C HIS F 34 20.42 -8.34 -14.94
N ASP F 35 21.20 -7.28 -15.16
CA ASP F 35 22.13 -7.26 -16.29
C ASP F 35 23.28 -8.23 -16.06
N ALA F 36 23.77 -8.81 -17.16
CA ALA F 36 24.87 -9.78 -17.14
C ALA F 36 24.59 -10.90 -16.14
N MET F 37 23.53 -11.65 -16.45
CA MET F 37 22.96 -12.60 -15.49
C MET F 37 23.09 -14.01 -16.05
N THR F 38 23.58 -14.94 -15.22
CA THR F 38 23.62 -16.34 -15.55
C THR F 38 22.88 -17.14 -14.47
N GLU F 39 22.63 -18.41 -14.77
CA GLU F 39 21.89 -19.25 -13.82
C GLU F 39 22.73 -19.59 -12.60
N SER F 40 24.02 -19.85 -12.79
CA SER F 40 24.90 -20.20 -11.68
C SER F 40 24.96 -19.05 -10.67
N LYS F 41 25.17 -17.83 -11.17
CA LYS F 41 25.17 -16.66 -10.30
C LYS F 41 23.83 -16.49 -9.61
N LEU F 42 22.74 -16.80 -10.31
CA LEU F 42 21.41 -16.68 -9.72
C LEU F 42 21.27 -17.59 -8.52
N TYR F 43 21.59 -18.87 -8.69
CA TYR F 43 21.43 -19.83 -7.59
C TYR F 43 22.38 -19.51 -6.44
N GLN F 44 23.62 -19.09 -6.76
CA GLN F 44 24.58 -18.76 -5.71
C GLN F 44 24.12 -17.54 -4.90
N LYS F 45 23.63 -16.50 -5.59
CA LYS F 45 23.14 -15.33 -4.88
C LYS F 45 21.91 -15.65 -4.04
N ILE F 46 21.02 -16.49 -4.56
CA ILE F 46 19.85 -16.89 -3.79
C ILE F 46 20.28 -17.67 -2.55
N PHE F 47 21.29 -18.52 -2.69
CA PHE F 47 21.81 -19.30 -1.57
C PHE F 47 22.37 -18.39 -0.48
N ALA F 48 23.19 -17.41 -0.88
CA ALA F 48 23.75 -16.48 0.10
C ALA F 48 22.66 -15.64 0.74
N SER F 49 21.65 -15.22 -0.03
CA SER F 49 20.55 -14.46 0.52
C SER F 49 19.75 -15.29 1.52
N HIS F 50 19.59 -16.58 1.24
CA HIS F 50 18.95 -17.47 2.21
C HIS F 50 19.73 -17.50 3.52
N PHE F 51 21.05 -17.59 3.43
CA PHE F 51 21.87 -17.61 4.63
C PHE F 51 21.70 -16.32 5.43
N GLY F 52 21.75 -15.18 4.74
CA GLY F 52 21.54 -13.91 5.43
C GLY F 52 20.16 -13.81 6.05
N HIS F 53 19.16 -14.36 5.38
CA HIS F 53 17.79 -14.33 5.90
C HIS F 53 17.66 -15.16 7.16
N ILE F 54 18.23 -16.37 7.17
CA ILE F 54 18.17 -17.19 8.38
C ILE F 54 18.92 -16.51 9.52
N ALA F 55 20.03 -15.84 9.19
CA ALA F 55 20.74 -15.08 10.20
C ALA F 55 19.86 -13.97 10.77
N ILE F 56 19.11 -13.29 9.92
CA ILE F 56 18.21 -12.23 10.39
C ILE F 56 17.14 -12.81 11.32
N ILE F 57 16.58 -13.96 10.94
CA ILE F 57 15.55 -14.60 11.78
C ILE F 57 16.12 -14.94 13.15
N PHE F 58 17.31 -15.53 13.17
CA PHE F 58 17.92 -15.91 14.45
C PHE F 58 18.27 -14.69 15.29
N LEU F 59 18.73 -13.61 14.64
CA LEU F 59 19.01 -12.38 15.38
C LEU F 59 17.74 -11.79 15.98
N TRP F 60 16.64 -11.86 15.23
CA TRP F 60 15.36 -11.37 15.76
C TRP F 60 14.92 -12.18 16.98
N THR F 61 15.03 -13.50 16.90
CA THR F 61 14.69 -14.33 18.06
C THR F 61 15.61 -14.04 19.25
N ALA F 62 16.91 -13.87 18.98
CA ALA F 62 17.84 -13.54 20.05
C ALA F 62 17.51 -12.20 20.69
N GLY F 63 17.09 -11.24 19.89
CA GLY F 63 16.68 -9.96 20.44
C GLY F 63 15.45 -10.07 21.33
N ASN F 64 14.48 -10.86 20.91
CA ASN F 64 13.31 -11.10 21.75
C ASN F 64 13.72 -11.73 23.08
N LEU F 65 14.58 -12.74 23.01
CA LEU F 65 15.04 -13.41 24.23
C LEU F 65 15.77 -12.43 25.14
N PHE F 66 16.67 -11.63 24.58
CA PHE F 66 17.46 -10.71 25.39
C PHE F 66 16.57 -9.65 26.04
N HIS F 67 15.60 -9.13 25.30
CA HIS F 67 14.76 -8.08 25.86
C HIS F 67 13.79 -8.62 26.90
N VAL F 68 13.34 -9.87 26.76
CA VAL F 68 12.57 -10.47 27.83
C VAL F 68 13.44 -10.70 29.06
N ALA F 69 14.70 -11.12 28.85
CA ALA F 69 15.59 -11.38 29.98
C ALA F 69 15.98 -10.11 30.71
N TRP F 70 16.11 -8.99 29.99
CA TRP F 70 16.65 -7.76 30.55
C TRP F 70 15.58 -6.85 31.12
N GLN F 71 14.52 -6.58 30.34
CA GLN F 71 13.49 -5.64 30.74
C GLN F 71 12.14 -6.29 31.02
N GLY F 72 12.04 -7.60 30.87
CA GLY F 72 10.80 -8.29 31.14
C GLY F 72 10.63 -8.63 32.60
N ASN F 73 9.54 -9.34 32.89
CA ASN F 73 9.24 -9.87 34.23
C ASN F 73 9.01 -11.35 34.16
N PHE F 74 9.90 -12.06 33.44
CA PHE F 74 9.73 -13.49 33.25
C PHE F 74 9.76 -14.24 34.57
N GLU F 75 10.73 -13.92 35.44
CA GLU F 75 10.86 -14.63 36.70
C GLU F 75 9.66 -14.40 37.59
N ALA F 76 9.15 -13.16 37.66
CA ALA F 76 7.95 -12.90 38.43
C ALA F 76 6.73 -13.59 37.82
N TRP F 77 6.68 -13.66 36.48
CA TRP F 77 5.55 -14.31 35.82
C TRP F 77 5.54 -15.81 36.07
N ILE F 78 6.71 -16.41 36.37
CA ILE F 78 6.76 -17.84 36.64
C ILE F 78 5.96 -18.17 37.88
N LEU F 79 6.08 -17.35 38.93
CA LEU F 79 5.45 -17.64 40.21
C LEU F 79 3.95 -17.34 40.20
N ASN F 80 3.46 -16.57 39.24
CA ASN F 80 2.04 -16.22 39.17
C ASN F 80 1.67 -15.95 37.73
N PRO F 81 1.54 -17.00 36.91
CA PRO F 81 1.30 -16.80 35.47
C PRO F 81 -0.10 -16.30 35.14
N LEU F 82 -1.06 -16.46 36.04
CA LEU F 82 -2.44 -16.08 35.75
C LEU F 82 -2.78 -14.66 36.17
N LYS F 83 -1.92 -14.00 36.94
CA LYS F 83 -2.16 -12.63 37.38
C LYS F 83 -1.13 -11.65 36.85
N VAL F 84 0.13 -12.06 36.74
CA VAL F 84 1.18 -11.20 36.25
C VAL F 84 1.09 -11.11 34.73
N ARG F 85 1.12 -9.89 34.19
CA ARG F 85 1.07 -9.69 32.75
C ARG F 85 2.47 -9.64 32.19
N PRO F 86 2.81 -10.49 31.21
CA PRO F 86 4.17 -10.48 30.67
C PRO F 86 4.54 -9.14 30.04
N ILE F 87 5.82 -8.79 30.17
CA ILE F 87 6.36 -7.53 29.65
C ILE F 87 7.27 -7.85 28.47
N ALA F 88 7.06 -7.16 27.36
CA ALA F 88 7.88 -7.40 26.17
C ALA F 88 9.24 -6.70 26.29
N HIS F 89 9.23 -5.37 26.41
CA HIS F 89 10.47 -4.61 26.54
C HIS F 89 10.13 -3.25 27.14
N ALA F 90 11.16 -2.58 27.64
CA ALA F 90 10.99 -1.28 28.24
C ALA F 90 10.82 -0.21 27.16
N ILE F 91 10.35 0.97 27.58
CA ILE F 91 10.09 2.09 26.69
C ILE F 91 10.95 3.26 27.14
N TRP F 92 11.63 3.89 26.18
CA TRP F 92 12.30 5.17 26.41
C TRP F 92 11.97 6.06 25.22
N ASP F 93 10.97 6.93 25.40
CA ASP F 93 10.53 7.84 24.35
C ASP F 93 10.55 9.25 24.91
N PRO F 94 11.37 10.16 24.37
CA PRO F 94 11.44 11.51 24.93
C PRO F 94 10.15 12.31 24.81
N HIS F 95 9.23 11.91 23.95
CA HIS F 95 7.99 12.66 23.74
C HIS F 95 6.95 12.39 24.82
N PHE F 96 7.19 11.44 25.71
CA PHE F 96 6.22 11.13 26.74
C PHE F 96 6.04 12.30 27.69
N GLY F 97 4.79 12.56 28.08
CA GLY F 97 4.51 13.40 29.21
C GLY F 97 4.60 12.61 30.49
N GLN F 98 4.36 13.29 31.61
CA GLN F 98 4.35 12.59 32.89
C GLN F 98 3.20 11.60 32.95
N ALA F 99 2.04 11.96 32.38
CA ALA F 99 0.89 11.07 32.38
C ALA F 99 1.17 9.80 31.59
N ALA F 100 1.81 9.92 30.42
CA ALA F 100 2.13 8.75 29.62
C ALA F 100 3.14 7.85 30.34
N TYR F 101 4.14 8.46 30.98
CA TYR F 101 5.10 7.69 31.76
C TYR F 101 4.39 6.92 32.87
N LYS F 102 3.49 7.60 33.59
CA LYS F 102 2.79 6.96 34.69
C LYS F 102 1.90 5.82 34.20
N ALA F 103 1.21 6.02 33.07
CA ALA F 103 0.28 5.00 32.58
C ALA F 103 1.03 3.79 32.04
N PHE F 104 2.12 4.00 31.32
CA PHE F 104 2.89 2.89 30.79
C PHE F 104 3.85 2.30 31.81
N LEU F 105 3.96 2.91 32.99
CA LEU F 105 4.91 2.44 33.99
C LEU F 105 4.53 1.04 34.47
N LYS F 106 5.49 0.12 34.36
CA LYS F 106 5.33 -1.25 34.84
C LYS F 106 6.60 -1.62 35.60
N THR F 107 6.45 -1.85 36.91
CA THR F 107 7.56 -2.10 37.82
C THR F 107 8.51 -0.91 37.88
N SER F 108 9.62 -0.94 37.14
CA SER F 108 10.67 0.05 37.27
C SER F 108 10.72 1.06 36.14
N SER F 109 10.14 0.75 34.98
CA SER F 109 10.23 1.63 33.82
C SER F 109 8.99 1.41 32.96
N PRO F 110 8.60 2.40 32.15
CA PRO F 110 7.52 2.16 31.19
C PRO F 110 7.89 1.01 30.26
N ALA F 111 6.90 0.15 30.01
CA ALA F 111 7.17 -1.07 29.26
C ALA F 111 5.91 -1.48 28.51
N ASN F 112 6.10 -2.36 27.53
CA ASN F 112 5.02 -2.87 26.70
C ASN F 112 4.69 -4.29 27.13
N LEU F 113 3.40 -4.58 27.30
CA LEU F 113 2.97 -5.95 27.54
C LEU F 113 3.31 -6.80 26.32
N ALA F 114 3.68 -8.06 26.57
CA ALA F 114 4.07 -8.96 25.50
C ALA F 114 2.85 -9.74 25.02
N LEU F 115 2.49 -9.55 23.76
CA LEU F 115 1.36 -10.24 23.15
C LEU F 115 1.79 -11.37 22.23
N SER F 116 3.09 -11.67 22.18
CA SER F 116 3.59 -12.72 21.33
C SER F 116 3.50 -14.10 21.96
N GLY F 117 3.13 -14.19 23.23
CA GLY F 117 3.05 -15.47 23.90
C GLY F 117 4.38 -16.17 24.09
N VAL F 118 5.48 -15.42 24.02
CA VAL F 118 6.80 -16.04 24.18
C VAL F 118 7.01 -16.50 25.61
N TYR F 119 6.42 -15.80 26.58
CA TYR F 119 6.57 -16.21 27.98
C TYR F 119 6.05 -17.61 28.20
N GLU F 120 4.84 -17.89 27.71
CA GLU F 120 4.25 -19.23 27.88
C GLU F 120 5.04 -20.27 27.10
N TRP F 121 5.46 -19.94 25.88
CA TRP F 121 6.22 -20.89 25.07
C TRP F 121 7.54 -21.25 25.74
N TRP F 122 8.28 -20.24 26.21
CA TRP F 122 9.56 -20.52 26.84
C TRP F 122 9.39 -21.20 28.19
N TYR F 123 8.34 -20.86 28.92
CA TYR F 123 8.06 -21.54 30.19
C TYR F 123 7.72 -23.01 29.96
N THR F 124 6.98 -23.30 28.90
CA THR F 124 6.60 -24.68 28.62
C THR F 124 7.81 -25.55 28.29
N ILE F 125 8.76 -24.99 27.54
CA ILE F 125 9.92 -25.77 27.07
C ILE F 125 10.99 -25.81 28.15
N GLY F 126 10.68 -25.28 29.33
CA GLY F 126 11.56 -25.43 30.47
C GLY F 126 12.55 -24.31 30.71
N MET F 127 12.07 -23.08 30.74
CA MET F 127 12.88 -21.93 31.11
C MET F 127 12.31 -21.29 32.36
N ARG F 128 13.16 -21.11 33.38
CA ARG F 128 12.72 -20.59 34.66
C ARG F 128 13.52 -19.40 35.15
N THR F 129 14.52 -18.94 34.40
CA THR F 129 15.42 -17.90 34.88
C THR F 129 15.71 -16.91 33.77
N ASN F 130 15.96 -15.66 34.16
CA ASN F 130 16.41 -14.65 33.21
C ASN F 130 17.83 -14.92 32.72
N ASN F 131 18.53 -15.88 33.31
CA ASN F 131 19.81 -16.34 32.79
C ASN F 131 19.65 -17.46 31.77
N ASP F 132 18.53 -18.18 31.79
CA ASP F 132 18.26 -19.14 30.72
C ASP F 132 17.96 -18.43 29.41
N LEU F 133 17.20 -17.32 29.48
CA LEU F 133 16.92 -16.54 28.28
C LEU F 133 18.19 -15.91 27.73
N TYR F 134 19.08 -15.43 28.60
CA TYR F 134 20.32 -14.82 28.15
C TYR F 134 21.20 -15.84 27.43
N GLN F 135 21.24 -17.07 27.94
CA GLN F 135 21.98 -18.13 27.26
C GLN F 135 21.42 -18.38 25.87
N GLY F 136 20.08 -18.39 25.75
CA GLY F 136 19.47 -18.57 24.44
C GLY F 136 19.81 -17.45 23.48
N SER F 137 19.80 -16.21 23.97
CA SER F 137 20.17 -15.07 23.13
C SER F 137 21.62 -15.17 22.66
N PHE F 138 22.53 -15.53 23.59
CA PHE F 138 23.93 -15.71 23.24
C PHE F 138 24.10 -16.78 22.17
N PHE F 139 23.44 -17.93 22.38
CA PHE F 139 23.56 -19.03 21.42
C PHE F 139 22.99 -18.65 20.06
N LEU F 140 21.87 -17.91 20.05
CA LEU F 140 21.27 -17.54 18.78
C LEU F 140 22.11 -16.50 18.04
N ILE F 141 22.77 -15.60 18.76
CA ILE F 141 23.69 -14.68 18.07
C ILE F 141 24.88 -15.46 17.52
N LEU F 142 25.35 -16.48 18.24
CA LEU F 142 26.40 -17.34 17.70
C LEU F 142 25.94 -18.04 16.42
N LEU F 143 24.70 -18.54 16.42
CA LEU F 143 24.17 -19.20 15.23
C LEU F 143 24.04 -18.23 14.06
N SER F 144 23.62 -16.99 14.35
CA SER F 144 23.55 -15.98 13.31
C SER F 144 24.93 -15.70 12.72
N SER F 145 25.95 -15.64 13.58
CA SER F 145 27.31 -15.48 13.09
C SER F 145 27.72 -16.65 12.21
N LEU F 146 27.37 -17.87 12.61
CA LEU F 146 27.62 -19.05 11.79
C LEU F 146 26.99 -18.91 10.41
N LEU F 147 25.72 -18.50 10.37
CA LEU F 147 25.02 -18.42 9.09
C LEU F 147 25.58 -17.31 8.21
N LEU F 148 25.95 -16.18 8.81
CA LEU F 148 26.57 -15.11 8.03
C LEU F 148 27.91 -15.56 7.46
N PHE F 149 28.70 -16.28 8.27
CA PHE F 149 29.97 -16.80 7.76
C PHE F 149 29.75 -17.78 6.62
N ALA F 150 28.75 -18.65 6.75
CA ALA F 150 28.45 -19.59 5.67
C ALA F 150 28.01 -18.87 4.40
N GLY F 151 27.18 -17.84 4.56
CA GLY F 151 26.75 -17.08 3.40
C GLY F 151 27.90 -16.39 2.69
N TRP F 152 28.83 -15.82 3.47
CA TRP F 152 30.02 -15.26 2.84
C TRP F 152 30.87 -16.34 2.17
N LEU F 153 31.01 -17.49 2.84
CA LEU F 153 31.89 -18.55 2.34
C LEU F 153 31.40 -19.10 1.02
N HIS F 154 30.10 -19.29 0.88
CA HIS F 154 29.57 -19.91 -0.33
C HIS F 154 29.44 -18.95 -1.48
N LEU F 155 29.99 -17.74 -1.36
CA LEU F 155 30.23 -16.87 -2.50
C LEU F 155 31.69 -16.83 -2.89
N GLN F 156 32.56 -17.51 -2.14
CA GLN F 156 33.97 -17.57 -2.46
C GLN F 156 34.19 -18.47 -3.67
N PRO F 157 35.28 -18.26 -4.42
CA PRO F 157 35.44 -18.98 -5.69
C PRO F 157 35.40 -20.51 -5.57
N SER F 158 36.15 -21.08 -4.64
CA SER F 158 36.24 -22.53 -4.55
C SER F 158 35.09 -23.16 -3.79
N PHE F 159 34.17 -22.36 -3.25
CA PHE F 159 33.07 -22.88 -2.45
C PHE F 159 31.70 -22.51 -3.01
N ARG F 160 31.64 -22.03 -4.25
CA ARG F 160 30.37 -21.69 -4.88
C ARG F 160 29.79 -22.94 -5.54
N PRO F 161 28.62 -23.41 -5.12
CA PRO F 161 28.06 -24.62 -5.71
C PRO F 161 27.64 -24.41 -7.16
N SER F 162 27.63 -25.50 -7.92
CA SER F 162 27.26 -25.46 -9.33
C SER F 162 25.77 -25.71 -9.49
N LEU F 163 25.29 -25.63 -10.73
CA LEU F 163 23.88 -25.84 -11.01
C LEU F 163 23.46 -27.27 -10.72
N ASP F 164 24.34 -28.24 -10.99
CA ASP F 164 24.02 -29.64 -10.73
C ASP F 164 23.74 -29.88 -9.26
N TRP F 165 24.57 -29.30 -8.38
CA TRP F 165 24.33 -29.43 -6.95
C TRP F 165 23.03 -28.77 -6.53
N PHE F 166 22.74 -27.59 -7.09
CA PHE F 166 21.51 -26.89 -6.74
C PHE F 166 20.28 -27.63 -7.24
N LYS F 167 20.37 -28.30 -8.40
CA LYS F 167 19.26 -29.00 -8.99
C LYS F 167 19.25 -30.48 -8.66
N ALA F 168 20.10 -30.92 -7.73
CA ALA F 168 20.11 -32.31 -7.27
C ALA F 168 18.91 -32.49 -6.36
N ASN F 169 17.79 -32.90 -6.96
CA ASN F 169 16.53 -33.00 -6.21
C ASN F 169 16.57 -34.13 -5.20
N GLU F 170 17.04 -35.31 -5.60
CA GLU F 170 16.96 -36.47 -4.73
C GLU F 170 17.78 -36.30 -3.47
N TYR F 171 19.02 -35.80 -3.62
CA TYR F 171 19.87 -35.59 -2.46
C TYR F 171 19.24 -34.58 -1.49
N ARG F 172 18.75 -33.47 -2.03
CA ARG F 172 18.18 -32.42 -1.18
C ARG F 172 16.92 -32.92 -0.47
N LEU F 173 16.09 -33.69 -1.18
CA LEU F 173 14.89 -34.23 -0.54
C LEU F 173 15.24 -35.23 0.56
N ASN F 174 16.13 -36.18 0.27
CA ASN F 174 16.54 -37.13 1.28
C ASN F 174 17.02 -36.40 2.53
N HIS F 175 17.93 -35.44 2.34
CA HIS F 175 18.52 -34.76 3.48
C HIS F 175 17.50 -33.88 4.19
N HIS F 176 16.77 -33.05 3.44
CA HIS F 176 15.76 -32.20 4.05
C HIS F 176 14.80 -33.02 4.89
N LEU F 177 14.11 -33.97 4.27
CA LEU F 177 13.16 -34.80 5.00
C LEU F 177 13.84 -35.44 6.19
N SER F 178 14.75 -36.39 5.96
CA SER F 178 15.31 -37.16 7.07
C SER F 178 16.03 -36.25 8.04
N GLY F 179 17.17 -35.68 7.63
CA GLY F 179 17.93 -34.82 8.50
C GLY F 179 17.08 -33.71 9.09
N LEU F 180 16.65 -32.73 8.29
CA LEU F 180 15.98 -31.57 8.85
C LEU F 180 14.78 -32.00 9.68
N PHE F 181 13.74 -32.56 9.04
CA PHE F 181 12.51 -32.80 9.79
C PHE F 181 12.72 -33.85 10.87
N GLY F 182 13.13 -35.07 10.48
CA GLY F 182 13.20 -36.15 11.45
C GLY F 182 14.22 -35.92 12.53
N VAL F 183 15.44 -35.51 12.17
CA VAL F 183 16.47 -35.33 13.18
C VAL F 183 16.19 -34.12 14.05
N SER F 184 15.61 -33.05 13.50
CA SER F 184 15.24 -31.93 14.35
C SER F 184 14.12 -32.32 15.30
N SER F 185 13.19 -33.15 14.85
CA SER F 185 12.16 -33.67 15.74
C SER F 185 12.76 -34.59 16.80
N LEU F 186 13.76 -35.38 16.43
CA LEU F 186 14.42 -36.26 17.38
C LEU F 186 15.16 -35.46 18.44
N ALA F 187 15.89 -34.42 18.01
CA ALA F 187 16.57 -33.55 18.95
C ALA F 187 15.58 -32.78 19.81
N TRP F 188 14.44 -32.39 19.24
CA TRP F 188 13.44 -31.70 20.03
C TRP F 188 12.79 -32.63 21.04
N THR F 189 12.60 -33.90 20.68
CA THR F 189 12.13 -34.87 21.66
C THR F 189 13.15 -35.06 22.76
N GLY F 190 14.43 -35.11 22.39
CA GLY F 190 15.48 -35.21 23.40
C GLY F 190 15.44 -34.05 24.37
N HIS F 191 15.33 -32.83 23.85
CA HIS F 191 15.23 -31.66 24.73
C HIS F 191 13.95 -31.72 25.55
N LEU F 192 12.81 -31.93 24.89
CA LEU F 192 11.53 -32.03 25.58
C LEU F 192 11.65 -32.94 26.78
N VAL F 193 12.02 -34.21 26.56
CA VAL F 193 12.16 -35.14 27.66
C VAL F 193 13.15 -34.56 28.66
N HIS F 194 14.44 -34.49 28.27
CA HIS F 194 15.52 -34.26 29.21
C HIS F 194 15.31 -33.01 30.05
N VAL F 195 15.01 -31.89 29.42
CA VAL F 195 14.89 -30.62 30.12
C VAL F 195 13.44 -30.38 30.50
N ALA F 196 12.55 -30.33 29.51
CA ALA F 196 11.20 -29.83 29.75
C ALA F 196 10.44 -30.73 30.71
N ILE F 197 10.56 -32.06 30.58
CA ILE F 197 9.71 -32.93 31.39
C ILE F 197 10.07 -32.79 32.86
N PRO F 198 11.34 -32.88 33.28
CA PRO F 198 11.64 -32.67 34.70
C PRO F 198 11.39 -31.25 35.17
N GLU F 199 11.61 -30.25 34.31
CA GLU F 199 11.39 -28.87 34.73
C GLU F 199 9.92 -28.59 35.03
N SER F 200 9.02 -29.26 34.31
CA SER F 200 7.60 -29.19 34.67
C SER F 200 7.30 -29.92 35.95
N ARG F 201 8.22 -30.78 36.41
CA ARG F 201 8.05 -31.52 37.65
C ARG F 201 8.99 -31.03 38.74
N GLY F 202 9.56 -29.84 38.58
CA GLY F 202 10.34 -29.21 39.61
C GLY F 202 11.82 -29.56 39.60
N ILE F 203 12.24 -30.52 38.78
CA ILE F 203 13.65 -30.91 38.72
C ILE F 203 14.32 -30.07 37.65
N HIS F 204 15.41 -29.39 38.02
CA HIS F 204 16.14 -28.53 37.10
C HIS F 204 17.16 -29.36 36.34
N VAL F 205 17.08 -29.33 35.02
CA VAL F 205 18.02 -30.02 34.15
C VAL F 205 18.65 -28.95 33.26
N GLY F 206 19.82 -28.46 33.66
CA GLY F 206 20.53 -27.45 32.92
C GLY F 206 21.72 -28.01 32.17
N TRP F 207 22.56 -27.10 31.66
CA TRP F 207 23.77 -27.51 30.95
C TRP F 207 24.86 -28.00 31.88
N ASP F 208 24.58 -28.25 33.15
CA ASP F 208 25.55 -28.87 34.06
C ASP F 208 25.15 -30.28 34.45
N ASN F 209 23.97 -30.45 35.05
CA ASN F 209 23.50 -31.77 35.47
C ASN F 209 22.53 -32.37 34.46
N PHE F 210 22.99 -32.53 33.22
CA PHE F 210 22.20 -33.25 32.23
C PHE F 210 22.82 -34.57 31.81
N LEU F 211 24.13 -34.73 32.02
CA LEU F 211 24.78 -36.02 31.80
C LEU F 211 24.64 -36.94 33.00
N THR F 212 24.06 -36.46 34.10
CA THR F 212 23.91 -37.27 35.30
C THR F 212 22.48 -37.34 35.83
N VAL F 213 21.54 -36.60 35.25
CA VAL F 213 20.14 -36.66 35.66
C VAL F 213 19.39 -37.49 34.64
N LEU F 214 18.91 -38.65 35.06
CA LEU F 214 18.23 -39.57 34.15
C LEU F 214 16.85 -39.03 33.80
N PRO F 215 16.53 -38.87 32.51
CA PRO F 215 15.17 -38.46 32.15
C PRO F 215 14.11 -39.44 32.59
N HIS F 216 14.44 -40.73 32.66
CA HIS F 216 13.55 -41.75 33.19
C HIS F 216 14.31 -42.57 34.23
N PRO F 217 13.63 -43.02 35.28
CA PRO F 217 14.34 -43.78 36.32
C PRO F 217 15.01 -45.04 35.79
N GLU F 218 14.40 -45.72 34.82
CA GLU F 218 15.00 -46.93 34.26
C GLU F 218 16.15 -46.61 33.33
N GLY F 219 16.12 -45.46 32.65
CA GLY F 219 17.29 -44.95 31.97
C GLY F 219 17.77 -45.72 30.76
N LEU F 220 17.00 -45.66 29.67
CA LEU F 220 17.39 -46.20 28.37
C LEU F 220 17.38 -47.73 28.35
N THR F 221 17.19 -48.35 29.51
CA THR F 221 17.06 -49.81 29.54
C THR F 221 15.79 -50.28 28.82
N PRO F 222 14.60 -49.71 29.06
CA PRO F 222 13.43 -50.17 28.32
C PRO F 222 13.53 -49.98 26.82
N PHE F 223 14.19 -48.93 26.35
CA PHE F 223 14.28 -48.68 24.92
C PHE F 223 15.02 -49.80 24.21
N PHE F 224 16.21 -50.14 24.71
CA PHE F 224 16.98 -51.22 24.10
C PHE F 224 16.34 -52.58 24.37
N SER F 225 15.76 -52.76 25.57
CA SER F 225 15.10 -54.01 25.91
C SER F 225 13.78 -54.20 25.17
N GLY F 226 13.24 -53.15 24.56
CA GLY F 226 11.96 -53.24 23.89
C GLY F 226 10.75 -53.05 24.78
N ASN F 227 10.95 -52.89 26.09
CA ASN F 227 9.85 -52.67 27.03
C ASN F 227 9.45 -51.19 27.02
N TRP F 228 9.03 -50.74 25.82
CA TRP F 228 8.75 -49.33 25.61
C TRP F 228 7.56 -48.84 26.42
N LYS F 229 6.73 -49.74 26.94
CA LYS F 229 5.63 -49.34 27.79
C LYS F 229 6.11 -48.69 29.08
N ALA F 230 7.34 -49.00 29.51
CA ALA F 230 7.84 -48.45 30.78
C ALA F 230 7.93 -46.93 30.74
N TYR F 231 8.16 -46.35 29.57
CA TYR F 231 8.22 -44.90 29.43
C TYR F 231 6.85 -44.25 29.55
N ALA F 232 5.77 -45.03 29.51
CA ALA F 232 4.42 -44.51 29.64
C ALA F 232 3.82 -44.75 31.01
N GLN F 233 4.43 -45.59 31.83
CA GLN F 233 3.89 -45.89 33.14
C GLN F 233 4.01 -44.67 34.06
N ASN F 234 3.01 -44.52 34.93
CA ASN F 234 2.96 -43.46 35.93
C ASN F 234 3.04 -42.08 35.28
N PRO F 235 2.02 -41.65 34.56
CA PRO F 235 2.02 -40.30 33.98
C PRO F 235 1.71 -39.26 35.05
N ASP F 236 1.71 -38.00 34.63
CA ASP F 236 1.36 -36.92 35.54
C ASP F 236 -0.10 -37.04 35.95
N THR F 237 -0.36 -36.88 37.25
CA THR F 237 -1.70 -37.04 37.78
C THR F 237 -2.56 -35.83 37.41
N ALA F 238 -3.82 -35.87 37.83
CA ALA F 238 -4.75 -34.78 37.58
C ALA F 238 -4.61 -33.64 38.59
N SER F 239 -3.75 -33.80 39.59
CA SER F 239 -3.50 -32.75 40.57
C SER F 239 -2.08 -32.21 40.48
N HIS F 240 -1.45 -32.34 39.32
CA HIS F 240 -0.06 -31.90 39.14
C HIS F 240 -0.01 -30.40 38.94
N ILE F 241 0.85 -29.74 39.74
CA ILE F 241 1.08 -28.31 39.59
C ILE F 241 2.29 -28.14 38.68
N PHE F 242 2.10 -27.43 37.57
CA PHE F 242 3.17 -27.27 36.58
C PHE F 242 4.36 -26.55 37.19
N GLY F 243 5.55 -27.05 36.88
CA GLY F 243 6.78 -26.50 37.41
C GLY F 243 7.10 -26.95 38.82
N SER F 244 6.29 -27.82 39.40
CA SER F 244 6.50 -28.31 40.77
C SER F 244 6.33 -29.81 40.80
N GLY F 245 6.96 -30.45 41.78
CA GLY F 245 6.91 -31.89 41.92
C GLY F 245 5.66 -32.44 42.55
N GLU F 246 4.73 -31.58 42.94
CA GLU F 246 3.51 -32.04 43.61
C GLU F 246 2.57 -32.68 42.59
N GLY F 247 2.26 -33.96 42.81
CA GLY F 247 1.36 -34.66 41.92
C GLY F 247 1.95 -35.01 40.58
N SER F 248 3.27 -35.02 40.44
CA SER F 248 3.91 -35.29 39.18
C SER F 248 4.02 -36.80 38.96
N GLY F 249 4.62 -37.17 37.82
CA GLY F 249 4.85 -38.57 37.50
C GLY F 249 6.26 -38.81 37.03
N THR F 250 6.52 -40.01 36.49
CA THR F 250 7.83 -40.35 35.95
C THR F 250 7.81 -40.66 34.46
N ALA F 251 6.64 -40.75 33.85
CA ALA F 251 6.55 -41.09 32.43
C ALA F 251 7.11 -39.97 31.56
N ILE F 252 7.59 -40.34 30.38
CA ILE F 252 8.12 -39.37 29.44
C ILE F 252 7.42 -39.42 28.08
N LEU F 253 6.81 -40.53 27.70
CA LEU F 253 6.08 -40.65 26.44
C LEU F 253 4.75 -41.34 26.73
N THR F 254 3.64 -40.61 26.59
CA THR F 254 2.34 -41.13 26.93
C THR F 254 1.31 -40.72 25.88
N PHE F 255 0.20 -41.45 25.88
CA PHE F 255 -1.05 -40.97 25.30
C PHE F 255 -1.96 -40.54 26.43
N LEU F 256 -2.32 -39.30 26.45
CA LEU F 256 -3.34 -38.86 27.40
C LEU F 256 -4.48 -38.14 26.73
N GLY F 257 -4.21 -37.38 25.68
CA GLY F 257 -5.25 -36.62 25.00
C GLY F 257 -5.75 -35.48 25.85
N GLY F 258 -6.46 -34.54 25.23
CA GLY F 258 -6.98 -33.45 26.02
C GLY F 258 -5.88 -32.54 26.54
N PHE F 259 -6.15 -31.90 27.67
CA PHE F 259 -5.29 -30.86 28.19
C PHE F 259 -4.87 -31.16 29.62
N HIS F 260 -3.81 -30.50 30.05
CA HIS F 260 -3.41 -30.53 31.45
C HIS F 260 -4.52 -29.92 32.30
N PRO F 261 -4.89 -30.55 33.41
CA PRO F 261 -5.99 -30.00 34.23
C PRO F 261 -5.68 -28.64 34.81
N GLN F 262 -4.41 -28.29 34.99
CA GLN F 262 -4.02 -27.01 35.59
C GLN F 262 -3.69 -25.94 34.56
N THR F 263 -2.80 -26.24 33.61
CA THR F 263 -2.40 -25.26 32.62
C THR F 263 -3.37 -25.17 31.45
N LYS F 264 -4.31 -26.12 31.33
CA LYS F 264 -5.26 -26.15 30.22
C LYS F 264 -4.54 -26.17 28.88
N SER F 265 -3.50 -27.00 28.79
CA SER F 265 -2.70 -27.13 27.59
C SER F 265 -2.30 -28.59 27.42
N LEU F 266 -1.75 -28.90 26.26
CA LEU F 266 -1.39 -30.28 25.94
C LEU F 266 -0.33 -30.79 26.91
N TRP F 267 -0.38 -32.09 27.19
CA TRP F 267 0.60 -32.71 28.06
C TRP F 267 1.98 -32.67 27.42
N LEU F 268 2.99 -32.35 28.23
CA LEU F 268 4.36 -32.34 27.71
C LEU F 268 4.78 -33.73 27.26
N THR F 269 4.35 -34.77 27.99
CA THR F 269 4.64 -36.14 27.57
C THR F 269 3.91 -36.49 26.28
N ASP F 270 2.73 -35.89 26.04
CA ASP F 270 2.06 -36.09 24.75
C ASP F 270 2.88 -35.51 23.61
N MET F 271 3.42 -34.30 23.79
CA MET F 271 4.14 -33.64 22.71
C MET F 271 5.49 -34.29 22.45
N ALA F 272 6.16 -34.79 23.50
CA ALA F 272 7.41 -35.52 23.30
C ALA F 272 7.16 -36.79 22.50
N HIS F 273 6.11 -37.54 22.83
CA HIS F 273 5.76 -38.73 22.06
C HIS F 273 5.41 -38.36 20.63
N HIS F 274 4.68 -37.25 20.45
CA HIS F 274 4.33 -36.79 19.11
C HIS F 274 5.58 -36.52 18.28
N HIS F 275 6.54 -35.80 18.85
CA HIS F 275 7.74 -35.46 18.11
C HIS F 275 8.62 -36.68 17.86
N LEU F 276 8.63 -37.64 18.80
CA LEU F 276 9.37 -38.88 18.55
C LEU F 276 8.77 -39.66 17.39
N ALA F 277 7.43 -39.77 17.36
CA ALA F 277 6.79 -40.46 16.25
C ALA F 277 7.04 -39.74 14.93
N ILE F 278 6.95 -38.41 14.93
CA ILE F 278 7.21 -37.63 13.72
C ILE F 278 8.65 -37.80 13.27
N ALA F 279 9.58 -37.83 14.23
CA ALA F 279 10.98 -38.02 13.90
C ALA F 279 11.22 -39.37 13.24
N VAL F 280 10.66 -40.43 13.81
CA VAL F 280 10.83 -41.76 13.23
C VAL F 280 10.24 -41.80 11.82
N LEU F 281 9.03 -41.25 11.67
CA LEU F 281 8.37 -41.29 10.37
C LEU F 281 9.17 -40.52 9.31
N PHE F 282 9.67 -39.33 9.67
CA PHE F 282 10.38 -38.53 8.68
C PHE F 282 11.76 -39.09 8.37
N ILE F 283 12.44 -39.65 9.37
CA ILE F 283 13.71 -40.30 9.11
C ILE F 283 13.52 -41.48 8.17
N VAL F 284 12.45 -42.26 8.38
CA VAL F 284 12.15 -43.36 7.47
C VAL F 284 11.86 -42.83 6.07
N ALA F 285 11.02 -41.80 5.98
CA ALA F 285 10.62 -41.27 4.68
C ALA F 285 11.76 -40.56 3.95
N GLY F 286 12.84 -40.23 4.65
CA GLY F 286 13.96 -39.57 4.03
C GLY F 286 14.90 -40.47 3.25
N HIS F 287 14.61 -41.77 3.20
CA HIS F 287 15.41 -42.73 2.45
C HIS F 287 14.76 -43.10 1.12
N MET F 288 13.74 -42.35 0.71
CA MET F 288 12.95 -42.76 -0.46
C MET F 288 13.72 -42.59 -1.76
N TYR F 289 14.41 -41.47 -1.92
CA TYR F 289 14.97 -41.11 -3.22
C TYR F 289 16.40 -41.60 -3.37
N ARG F 290 16.80 -41.81 -4.63
CA ARG F 290 18.04 -42.48 -4.94
C ARG F 290 19.24 -41.56 -4.78
N THR F 291 20.33 -42.12 -4.27
CA THR F 291 21.59 -41.42 -4.11
C THR F 291 22.70 -42.38 -4.52
N ASN F 292 23.93 -42.09 -4.10
CA ASN F 292 25.12 -42.76 -4.61
C ASN F 292 25.20 -44.26 -4.29
N TRP F 293 24.15 -44.83 -3.67
CA TRP F 293 24.22 -46.22 -3.23
C TRP F 293 23.15 -47.10 -3.88
N LEU F 294 22.79 -46.80 -5.13
CA LEU F 294 22.09 -47.68 -6.06
C LEU F 294 20.66 -48.01 -5.66
N ILE F 295 20.17 -47.58 -4.50
CA ILE F 295 18.81 -47.87 -4.10
C ILE F 295 18.09 -46.55 -3.85
N GLY F 296 16.78 -46.56 -4.08
CA GLY F 296 15.97 -45.37 -3.93
C GLY F 296 15.15 -45.15 -5.18
N HIS F 297 14.67 -43.92 -5.33
CA HIS F 297 13.77 -43.56 -6.42
C HIS F 297 14.38 -42.44 -7.27
N GLN F 298 14.14 -42.51 -8.57
CA GLN F 298 14.43 -41.42 -9.49
C GLN F 298 13.09 -40.77 -9.83
N MET F 299 12.88 -39.56 -9.34
CA MET F 299 11.57 -38.93 -9.42
C MET F 299 11.16 -38.62 -10.86
N LYS F 300 12.13 -38.50 -11.78
CA LYS F 300 11.79 -38.37 -13.19
C LYS F 300 11.01 -39.58 -13.66
N LEU F 301 11.47 -40.78 -13.27
CA LEU F 301 10.77 -42.01 -13.66
C LEU F 301 9.39 -42.08 -13.02
N ILE F 302 9.28 -41.69 -11.75
CA ILE F 302 8.00 -41.71 -11.06
C ILE F 302 7.00 -40.79 -11.77
N LEU F 303 7.44 -39.58 -12.09
CA LEU F 303 6.56 -38.63 -12.77
C LEU F 303 6.18 -39.11 -14.16
N GLU F 304 7.14 -39.67 -14.90
CA GLU F 304 6.85 -40.09 -16.27
C GLU F 304 5.94 -41.31 -16.31
N ALA F 305 6.05 -42.21 -15.33
CA ALA F 305 5.26 -43.43 -15.35
C ALA F 305 3.82 -43.21 -14.91
N HIS F 306 3.46 -42.02 -14.44
CA HIS F 306 2.14 -41.78 -13.88
C HIS F 306 1.24 -41.15 -14.93
N ARG F 307 0.77 -41.99 -15.86
CA ARG F 307 -0.21 -41.61 -16.85
C ARG F 307 -1.36 -42.60 -16.75
N PRO F 308 -2.58 -42.15 -16.44
CA PRO F 308 -3.71 -43.07 -16.36
C PRO F 308 -3.89 -43.83 -17.66
N PRO F 309 -4.13 -45.15 -17.59
CA PRO F 309 -4.14 -45.94 -18.83
C PRO F 309 -5.29 -45.62 -19.75
N GLY F 310 -6.49 -45.41 -19.22
CA GLY F 310 -7.60 -45.01 -20.07
C GLY F 310 -7.34 -43.69 -20.76
N GLY F 311 -6.76 -42.74 -20.04
CA GLY F 311 -6.33 -41.48 -20.60
C GLY F 311 -7.32 -40.38 -20.32
N ARG F 312 -7.05 -39.62 -19.26
CA ARG F 312 -7.85 -38.44 -18.92
C ARG F 312 -7.00 -37.27 -18.47
N LEU F 313 -5.73 -37.49 -18.14
CA LEU F 313 -4.78 -36.44 -17.82
C LEU F 313 -3.81 -36.18 -18.96
N GLY F 314 -4.15 -36.60 -20.17
CA GLY F 314 -3.25 -36.44 -21.29
C GLY F 314 -2.15 -37.47 -21.26
N ILE F 315 -0.90 -37.01 -21.32
CA ILE F 315 0.25 -37.90 -21.23
C ILE F 315 0.78 -38.02 -19.81
N GLY F 316 0.11 -37.43 -18.83
CA GLY F 316 0.53 -37.56 -17.45
C GLY F 316 1.46 -36.47 -16.98
N HIS F 317 2.48 -36.85 -16.22
CA HIS F 317 3.42 -35.91 -15.62
C HIS F 317 4.82 -36.03 -16.23
N ILE F 318 4.91 -36.34 -17.52
CA ILE F 318 6.20 -36.68 -18.12
C ILE F 318 7.14 -35.47 -18.10
N GLY F 319 6.63 -34.30 -18.47
CA GLY F 319 7.46 -33.11 -18.57
C GLY F 319 7.55 -32.29 -17.30
N LEU F 320 7.00 -32.77 -16.19
CA LEU F 320 6.97 -31.98 -14.96
C LEU F 320 8.32 -31.91 -14.28
N TYR F 321 9.14 -32.94 -14.39
CA TYR F 321 10.42 -32.95 -13.69
C TYR F 321 11.32 -31.82 -14.18
N GLU F 322 11.52 -31.74 -15.50
CA GLU F 322 12.35 -30.68 -16.06
C GLU F 322 11.68 -29.32 -15.90
N THR F 323 10.34 -29.28 -15.88
CA THR F 323 9.64 -28.02 -15.68
C THR F 323 9.90 -27.44 -14.30
N ILE F 324 9.74 -28.28 -13.26
CA ILE F 324 9.94 -27.81 -11.89
C ILE F 324 11.42 -27.56 -11.62
N THR F 325 12.29 -28.46 -12.07
CA THR F 325 13.71 -28.33 -11.76
C THR F 325 14.30 -27.04 -12.32
N ASN F 326 13.93 -26.69 -13.56
CA ASN F 326 14.51 -25.54 -14.23
C ASN F 326 13.83 -24.23 -13.88
N SER F 327 12.76 -24.25 -13.09
CA SER F 327 12.03 -23.04 -12.71
C SER F 327 12.10 -22.85 -11.21
N LEU F 328 12.57 -21.67 -10.78
CA LEU F 328 12.57 -21.33 -9.36
C LEU F 328 11.26 -20.71 -8.90
N HIS F 329 10.40 -20.30 -9.83
CA HIS F 329 9.10 -19.76 -9.46
C HIS F 329 8.06 -20.84 -9.22
N PHE F 330 8.14 -21.96 -9.94
CA PHE F 330 7.28 -23.11 -9.63
C PHE F 330 7.55 -23.61 -8.22
N GLN F 331 8.83 -23.83 -7.89
CA GLN F 331 9.18 -24.30 -6.56
C GLN F 331 8.81 -23.28 -5.49
N LEU F 332 9.02 -21.99 -5.77
CA LEU F 332 8.66 -20.96 -4.81
C LEU F 332 7.15 -20.93 -4.58
N GLY F 333 6.36 -21.07 -5.65
CA GLY F 333 4.92 -21.12 -5.50
C GLY F 333 4.47 -22.32 -4.69
N LEU F 334 5.05 -23.49 -4.96
CA LEU F 334 4.70 -24.68 -4.19
C LEU F 334 5.04 -24.49 -2.72
N ALA F 335 6.24 -23.98 -2.44
CA ALA F 335 6.65 -23.77 -1.05
C ALA F 335 5.76 -22.76 -0.35
N LEU F 336 5.39 -21.69 -1.05
CA LEU F 336 4.53 -20.66 -0.44
C LEU F 336 3.14 -21.20 -0.18
N ALA F 337 2.60 -22.01 -1.10
CA ALA F 337 1.28 -22.60 -0.86
C ALA F 337 1.32 -23.55 0.34
N ALA F 338 2.36 -24.39 0.42
CA ALA F 338 2.48 -25.29 1.55
C ALA F 338 2.64 -24.53 2.85
N LEU F 339 3.45 -23.46 2.85
CA LEU F 339 3.63 -22.67 4.05
C LEU F 339 2.35 -21.96 4.46
N GLY F 340 1.58 -21.47 3.49
CA GLY F 340 0.31 -20.84 3.81
C GLY F 340 -0.66 -21.81 4.45
N VAL F 341 -0.77 -23.02 3.89
CA VAL F 341 -1.63 -24.03 4.49
C VAL F 341 -1.11 -24.38 5.89
N ALA F 342 0.22 -24.49 6.04
CA ALA F 342 0.78 -24.86 7.33
C ALA F 342 0.50 -23.81 8.40
N THR F 343 0.65 -22.53 8.06
CA THR F 343 0.40 -21.50 9.06
C THR F 343 -1.09 -21.28 9.31
N SER F 344 -1.94 -21.53 8.31
CA SER F 344 -3.37 -21.62 8.59
C SER F 344 -3.64 -22.73 9.59
N LEU F 345 -2.96 -23.87 9.43
CA LEU F 345 -3.09 -24.97 10.38
C LEU F 345 -2.64 -24.55 11.78
N THR F 346 -1.52 -23.84 11.86
CA THR F 346 -1.03 -23.36 13.16
C THR F 346 -2.07 -22.46 13.82
N ALA F 347 -2.62 -21.52 13.06
CA ALA F 347 -3.64 -20.63 13.62
C ALA F 347 -4.86 -21.42 14.09
N GLN F 348 -5.32 -22.37 13.27
CA GLN F 348 -6.54 -23.09 13.62
C GLN F 348 -6.34 -24.11 14.74
N HIS F 349 -5.11 -24.53 15.00
CA HIS F 349 -4.89 -25.54 16.03
C HIS F 349 -4.34 -24.99 17.33
N MET F 350 -3.64 -23.85 17.31
CA MET F 350 -3.09 -23.31 18.54
C MET F 350 -4.13 -22.60 19.39
N TYR F 351 -5.34 -22.40 18.89
CA TYR F 351 -6.44 -21.90 19.70
C TYR F 351 -7.36 -23.02 20.18
N ALA F 352 -7.62 -24.01 19.32
CA ALA F 352 -8.43 -25.14 19.73
C ALA F 352 -7.66 -26.09 20.65
N LEU F 353 -6.37 -26.27 20.38
CA LEU F 353 -5.50 -27.16 21.15
C LEU F 353 -4.30 -26.35 21.61
N PRO F 354 -4.47 -25.52 22.65
CA PRO F 354 -3.36 -24.70 23.14
C PRO F 354 -2.22 -25.57 23.63
N PRO F 355 -1.02 -25.37 23.08
CA PRO F 355 0.11 -26.24 23.43
C PRO F 355 0.99 -25.72 24.55
N TYR F 356 0.81 -24.48 25.00
CA TYR F 356 1.69 -23.85 25.97
C TYR F 356 0.94 -23.58 27.27
N ALA F 357 1.67 -23.71 28.38
CA ALA F 357 1.05 -23.58 29.70
C ALA F 357 0.52 -22.17 29.91
N PHE F 358 -0.72 -22.09 30.40
CA PHE F 358 -1.37 -20.83 30.77
C PHE F 358 -1.57 -19.89 29.57
N LEU F 359 -1.44 -20.41 28.35
CA LEU F 359 -1.72 -19.61 27.17
C LEU F 359 -3.21 -19.48 26.88
N ALA F 360 -4.02 -20.42 27.36
CA ALA F 360 -5.46 -20.36 27.12
C ALA F 360 -6.09 -19.16 27.82
N SER F 361 -5.58 -18.79 28.99
CA SER F 361 -6.11 -17.68 29.76
C SER F 361 -5.52 -16.33 29.35
N ASN F 362 -4.60 -16.31 28.38
CA ASN F 362 -4.01 -15.07 27.90
C ASN F 362 -4.77 -14.66 26.64
N PHE F 363 -5.96 -14.09 26.85
CA PHE F 363 -6.85 -13.77 25.74
C PHE F 363 -6.24 -12.79 24.74
N PRO F 364 -5.62 -11.67 25.14
CA PRO F 364 -5.03 -10.79 24.12
C PRO F 364 -3.98 -11.47 23.28
N THR F 365 -3.13 -12.30 23.87
CA THR F 365 -2.12 -13.00 23.08
C THR F 365 -2.75 -14.07 22.20
N GLN F 366 -3.82 -14.72 22.66
CA GLN F 366 -4.54 -15.67 21.80
C GLN F 366 -5.05 -14.97 20.55
N ALA F 367 -5.75 -13.84 20.73
CA ALA F 367 -6.28 -13.11 19.59
C ALA F 367 -5.16 -12.62 18.68
N ALA F 368 -4.09 -12.08 19.26
CA ALA F 368 -2.99 -11.58 18.46
C ALA F 368 -2.32 -12.69 17.66
N LEU F 369 -2.12 -13.85 18.28
CA LEU F 369 -1.48 -14.96 17.58
C LEU F 369 -2.35 -15.45 16.43
N TYR F 370 -3.64 -15.64 16.68
CA TYR F 370 -4.52 -16.13 15.63
C TYR F 370 -4.57 -15.14 14.46
N THR F 371 -4.73 -13.85 14.77
CA THR F 371 -4.80 -12.84 13.72
C THR F 371 -3.49 -12.78 12.93
N HIS F 372 -2.36 -12.79 13.63
CA HIS F 372 -1.06 -12.73 12.97
C HIS F 372 -0.88 -13.91 12.02
N HIS F 373 -1.17 -15.12 12.50
CA HIS F 373 -0.93 -16.29 11.66
C HIS F 373 -1.90 -16.35 10.49
N GLN F 374 -3.16 -15.93 10.68
CA GLN F 374 -4.08 -15.93 9.55
C GLN F 374 -3.69 -14.90 8.49
N TYR F 375 -3.24 -13.72 8.92
CA TYR F 375 -2.77 -12.74 7.94
C TYR F 375 -1.54 -13.23 7.20
N ILE F 376 -0.60 -13.86 7.92
CA ILE F 376 0.57 -14.43 7.26
C ILE F 376 0.14 -15.51 6.27
N ALA F 377 -0.88 -16.30 6.65
CA ALA F 377 -1.37 -17.35 5.77
C ALA F 377 -1.93 -16.78 4.47
N GLY F 378 -2.74 -15.73 4.58
CA GLY F 378 -3.27 -15.09 3.38
C GLY F 378 -2.16 -14.53 2.51
N PHE F 379 -1.17 -13.89 3.13
CA PHE F 379 -0.04 -13.35 2.36
C PHE F 379 0.68 -14.48 1.62
N LEU F 380 0.94 -15.59 2.31
CA LEU F 380 1.67 -16.69 1.69
C LEU F 380 0.88 -17.31 0.54
N MET F 381 -0.43 -17.43 0.70
CA MET F 381 -1.24 -18.00 -0.38
C MET F 381 -1.24 -17.10 -1.61
N VAL F 382 -1.40 -15.79 -1.40
CA VAL F 382 -1.36 -14.86 -2.52
C VAL F 382 0.00 -14.88 -3.18
N GLY F 383 1.07 -15.01 -2.40
CA GLY F 383 2.39 -15.11 -2.97
C GLY F 383 2.60 -16.37 -3.79
N ALA F 384 2.05 -17.48 -3.31
CA ALA F 384 2.13 -18.72 -4.07
C ALA F 384 1.46 -18.58 -5.43
N PHE F 385 0.27 -17.98 -5.45
CA PHE F 385 -0.42 -17.83 -6.72
C PHE F 385 0.29 -16.82 -7.63
N ALA F 386 0.83 -15.75 -7.04
CA ALA F 386 1.57 -14.78 -7.83
C ALA F 386 2.80 -15.41 -8.47
N HIS F 387 3.51 -16.27 -7.74
CA HIS F 387 4.68 -16.90 -8.31
C HIS F 387 4.32 -17.99 -9.30
N GLY F 388 3.15 -18.61 -9.15
CA GLY F 388 2.64 -19.47 -10.22
C GLY F 388 2.41 -18.69 -11.50
N ALA F 389 1.83 -17.50 -11.38
CA ALA F 389 1.63 -16.64 -12.54
C ALA F 389 2.97 -16.24 -13.16
N ILE F 390 3.95 -15.92 -12.31
CA ILE F 390 5.28 -15.57 -12.81
C ILE F 390 5.91 -16.74 -13.55
N PHE F 391 5.75 -17.95 -13.01
CA PHE F 391 6.24 -19.14 -13.70
C PHE F 391 5.59 -19.28 -15.07
N PHE F 392 4.27 -19.06 -15.15
CA PHE F 392 3.60 -19.12 -16.44
C PHE F 392 4.17 -18.10 -17.41
N VAL F 393 4.44 -16.88 -16.92
CA VAL F 393 4.90 -15.82 -17.82
C VAL F 393 6.32 -16.12 -18.33
N ARG F 394 7.24 -16.45 -17.43
CA ARG F 394 8.66 -16.41 -17.77
C ARG F 394 9.38 -17.74 -17.71
N ASP F 395 8.80 -18.78 -17.12
CA ASP F 395 9.48 -20.07 -17.01
C ASP F 395 8.78 -21.21 -17.74
N TYR F 396 7.50 -21.08 -18.04
CA TYR F 396 6.75 -22.18 -18.66
C TYR F 396 7.16 -22.35 -20.11
N ASP F 397 7.44 -23.59 -20.51
CA ASP F 397 7.77 -23.92 -21.89
C ASP F 397 6.77 -24.93 -22.41
N PRO F 398 5.91 -24.56 -23.36
CA PRO F 398 4.92 -25.53 -23.87
C PRO F 398 5.54 -26.75 -24.53
N ALA F 399 6.73 -26.62 -25.12
CA ALA F 399 7.35 -27.74 -25.80
C ALA F 399 7.73 -28.85 -24.82
N VAL F 400 8.23 -28.49 -23.65
CA VAL F 400 8.62 -29.49 -22.65
C VAL F 400 7.40 -30.24 -22.14
N ASN F 401 6.28 -29.53 -21.96
CA ASN F 401 5.06 -30.10 -21.43
C ASN F 401 4.16 -30.69 -22.51
N THR F 402 4.69 -30.95 -23.70
CA THR F 402 3.92 -31.51 -24.79
C THR F 402 4.73 -32.60 -25.47
N ARG F 403 4.08 -33.73 -25.75
CA ARG F 403 4.72 -34.86 -26.43
C ARG F 403 3.84 -35.25 -27.61
N ASN F 404 4.31 -34.94 -28.82
CA ASN F 404 3.63 -35.31 -30.07
C ASN F 404 2.20 -34.79 -30.10
N GLY F 405 2.05 -33.49 -29.83
CA GLY F 405 0.74 -32.86 -29.88
C GLY F 405 -0.04 -32.96 -28.59
N GLU F 406 -0.02 -34.12 -27.96
CA GLU F 406 -0.70 -34.31 -26.68
C GLU F 406 0.02 -33.53 -25.59
N LYS F 407 -0.75 -32.98 -24.66
CA LYS F 407 -0.23 -32.13 -23.61
C LYS F 407 -0.26 -32.84 -22.27
N ASN F 408 0.70 -32.50 -21.41
CA ASN F 408 0.85 -33.16 -20.12
C ASN F 408 -0.16 -32.58 -19.13
N VAL F 409 -0.02 -32.96 -17.86
CA VAL F 409 -1.01 -32.61 -16.86
C VAL F 409 -1.03 -31.10 -16.62
N LEU F 410 0.11 -30.43 -16.75
CA LEU F 410 0.16 -29.00 -16.51
C LEU F 410 -0.28 -28.20 -17.73
N ALA F 411 0.16 -28.61 -18.92
CA ALA F 411 -0.23 -27.91 -20.14
C ALA F 411 -1.72 -28.01 -20.41
N ARG F 412 -2.38 -29.07 -19.92
CA ARG F 412 -3.82 -29.19 -20.09
C ARG F 412 -4.60 -28.22 -19.22
N MET F 413 -3.98 -27.63 -18.20
CA MET F 413 -4.66 -26.63 -17.40
C MET F 413 -4.92 -25.36 -18.19
N LEU F 414 -4.17 -25.12 -19.26
CA LEU F 414 -4.37 -23.97 -20.13
C LEU F 414 -5.34 -24.26 -21.26
N GLU F 415 -5.81 -25.50 -21.41
CA GLU F 415 -6.79 -25.83 -22.42
C GLU F 415 -8.21 -25.60 -21.93
N HIS F 416 -8.54 -26.11 -20.74
CA HIS F 416 -9.81 -25.83 -20.09
C HIS F 416 -9.71 -24.68 -19.10
N LYS F 417 -8.82 -23.72 -19.36
CA LYS F 417 -8.71 -22.55 -18.50
C LYS F 417 -10.00 -21.77 -18.46
N GLU F 418 -10.69 -21.68 -19.59
CA GLU F 418 -11.99 -20.99 -19.61
C GLU F 418 -13.00 -21.73 -18.76
N ALA F 419 -13.00 -23.06 -18.80
CA ALA F 419 -13.89 -23.82 -17.94
C ALA F 419 -13.58 -23.57 -16.47
N ILE F 420 -12.30 -23.59 -16.10
CA ILE F 420 -11.91 -23.37 -14.71
C ILE F 420 -12.35 -21.98 -14.25
N ILE F 421 -12.07 -20.96 -15.05
CA ILE F 421 -12.40 -19.59 -14.66
C ILE F 421 -13.91 -19.39 -14.61
N SER F 422 -14.63 -19.96 -15.58
CA SER F 422 -16.09 -19.83 -15.59
C SER F 422 -16.71 -20.49 -14.37
N HIS F 423 -16.21 -21.65 -13.96
CA HIS F 423 -16.79 -22.32 -12.81
C HIS F 423 -16.39 -21.66 -11.51
N LEU F 424 -15.16 -21.12 -11.42
CA LEU F 424 -14.81 -20.32 -10.25
C LEU F 424 -15.71 -19.09 -10.15
N SER F 425 -15.98 -18.44 -11.29
CA SER F 425 -16.88 -17.30 -11.31
C SER F 425 -18.29 -17.71 -10.88
N TRP F 426 -18.77 -18.86 -11.35
CA TRP F 426 -20.10 -19.32 -10.96
C TRP F 426 -20.18 -19.59 -9.47
N VAL F 427 -19.17 -20.26 -8.91
CA VAL F 427 -19.19 -20.53 -7.47
C VAL F 427 -19.14 -19.24 -6.69
N SER F 428 -18.29 -18.29 -7.10
CA SER F 428 -18.20 -17.02 -6.40
C SER F 428 -19.51 -16.27 -6.44
N LEU F 429 -20.15 -16.21 -7.62
CA LEU F 429 -21.43 -15.51 -7.74
C LEU F 429 -22.51 -16.21 -6.93
N PHE F 430 -22.54 -17.54 -6.97
CA PHE F 430 -23.50 -18.32 -6.20
C PHE F 430 -23.39 -18.00 -4.71
N LEU F 431 -22.19 -18.16 -4.16
CA LEU F 431 -21.98 -17.93 -2.74
C LEU F 431 -22.25 -16.49 -2.36
N GLY F 432 -21.76 -15.53 -3.16
CA GLY F 432 -21.97 -14.14 -2.82
C GLY F 432 -23.43 -13.76 -2.84
N PHE F 433 -24.12 -14.09 -3.95
CA PHE F 433 -25.55 -13.81 -4.07
C PHE F 433 -26.30 -14.34 -2.87
N HIS F 434 -26.07 -15.61 -2.51
CA HIS F 434 -26.97 -16.21 -1.53
C HIS F 434 -26.57 -15.89 -0.10
N THR F 435 -25.27 -15.80 0.19
CA THR F 435 -24.85 -15.36 1.52
C THR F 435 -25.32 -13.94 1.79
N LEU F 436 -25.13 -13.04 0.82
CA LEU F 436 -25.60 -11.67 0.99
C LEU F 436 -27.13 -11.64 1.06
N GLY F 437 -27.81 -12.48 0.29
CA GLY F 437 -29.26 -12.50 0.34
C GLY F 437 -29.79 -12.92 1.70
N ILE F 438 -29.22 -13.98 2.27
CA ILE F 438 -29.65 -14.43 3.59
C ILE F 438 -29.30 -13.39 4.66
N TYR F 439 -28.10 -12.80 4.56
CA TYR F 439 -27.71 -11.79 5.54
C TYR F 439 -28.63 -10.57 5.48
N VAL F 440 -28.95 -10.09 4.28
CA VAL F 440 -29.81 -8.93 4.13
C VAL F 440 -31.26 -9.28 4.50
N HIS F 441 -31.68 -10.51 4.23
CA HIS F 441 -33.00 -10.95 4.68
C HIS F 441 -33.10 -10.88 6.20
N ASN F 442 -32.07 -11.39 6.88
CA ASN F 442 -32.04 -11.31 8.34
C ASN F 442 -32.00 -9.85 8.81
N ASP F 443 -31.20 -9.02 8.14
CA ASP F 443 -31.15 -7.60 8.47
C ASP F 443 -32.53 -6.96 8.42
N VAL F 444 -33.22 -7.12 7.29
CA VAL F 444 -34.52 -6.47 7.09
C VAL F 444 -35.54 -7.04 8.05
N VAL F 445 -35.56 -8.36 8.22
CA VAL F 445 -36.56 -9.01 9.06
C VAL F 445 -36.38 -8.62 10.53
N VAL F 446 -35.14 -8.61 11.02
CA VAL F 446 -34.89 -8.19 12.40
C VAL F 446 -35.20 -6.71 12.57
N ALA F 447 -34.81 -5.89 11.60
CA ALA F 447 -35.06 -4.45 11.70
C ALA F 447 -36.54 -4.16 11.82
N PHE F 448 -37.37 -4.89 11.07
CA PHE F 448 -38.82 -4.69 11.14
C PHE F 448 -39.42 -5.27 12.42
N GLY F 449 -38.59 -5.71 13.37
CA GLY F 449 -39.07 -6.13 14.67
C GLY F 449 -39.65 -7.52 14.74
N GLN F 450 -39.37 -8.39 13.76
CA GLN F 450 -39.92 -9.73 13.71
C GLN F 450 -38.80 -10.74 13.51
N PRO F 451 -37.93 -10.91 14.51
CA PRO F 451 -36.75 -11.79 14.33
C PRO F 451 -37.12 -13.24 14.07
N GLU F 452 -38.35 -13.66 14.36
CA GLU F 452 -38.74 -15.05 14.16
C GLU F 452 -38.76 -15.45 12.69
N LYS F 453 -38.86 -14.48 11.78
CA LYS F 453 -38.88 -14.77 10.34
C LYS F 453 -37.48 -14.87 9.76
N GLN F 454 -36.45 -14.92 10.58
CA GLN F 454 -35.08 -15.06 10.10
C GLN F 454 -34.88 -16.43 9.45
N ILE F 455 -33.97 -16.46 8.48
CA ILE F 455 -33.54 -17.73 7.87
C ILE F 455 -32.27 -18.15 8.59
N LEU F 456 -32.39 -19.15 9.46
CA LEU F 456 -31.28 -19.65 10.26
C LEU F 456 -31.08 -21.13 9.94
N VAL F 457 -29.98 -21.46 9.29
CA VAL F 457 -29.68 -22.82 8.87
C VAL F 457 -28.72 -23.43 9.88
N GLU F 458 -29.14 -24.52 10.51
CA GLU F 458 -28.28 -25.19 11.47
C GLU F 458 -27.13 -25.89 10.74
N PRO F 459 -25.88 -25.62 11.09
CA PRO F 459 -24.77 -26.29 10.41
C PRO F 459 -24.66 -27.76 10.77
N LEU F 460 -25.60 -28.56 10.24
CA LEU F 460 -25.65 -29.96 10.62
C LEU F 460 -24.43 -30.74 10.15
N PHE F 461 -23.90 -30.39 8.97
CA PHE F 461 -22.73 -31.10 8.45
C PHE F 461 -21.52 -30.91 9.37
N ALA F 462 -21.30 -29.69 9.84
CA ALA F 462 -20.18 -29.43 10.73
C ALA F 462 -20.44 -29.97 12.13
N GLU F 463 -21.68 -29.86 12.62
CA GLU F 463 -22.03 -30.46 13.90
C GLU F 463 -21.92 -31.98 13.84
N TRP F 464 -22.17 -32.57 12.67
CA TRP F 464 -21.96 -34.00 12.48
C TRP F 464 -20.50 -34.37 12.72
N ILE F 465 -19.58 -33.54 12.22
CA ILE F 465 -18.16 -33.79 12.42
C ILE F 465 -17.79 -33.67 13.89
N GLN F 466 -18.35 -32.66 14.58
CA GLN F 466 -18.07 -32.49 16.01
C GLN F 466 -18.53 -33.71 16.80
N ALA F 467 -19.71 -34.23 16.48
CA ALA F 467 -20.20 -35.43 17.15
C ALA F 467 -19.33 -36.63 16.83
N ALA F 468 -18.79 -36.70 15.61
CA ALA F 468 -17.94 -37.81 15.23
C ALA F 468 -16.67 -37.85 16.07
N SER F 469 -16.19 -36.69 16.52
CA SER F 469 -15.00 -36.62 17.36
C SER F 469 -15.31 -36.73 18.84
N GLY F 470 -16.57 -36.90 19.22
CA GLY F 470 -16.93 -37.17 20.60
C GLY F 470 -17.79 -36.12 21.28
N LYS F 471 -18.20 -35.05 20.61
CA LYS F 471 -18.98 -34.01 21.27
C LYS F 471 -20.42 -34.47 21.40
N THR F 472 -20.86 -34.69 22.63
CA THR F 472 -22.24 -35.07 22.91
C THR F 472 -23.06 -33.83 23.27
N LEU F 473 -23.27 -33.01 22.24
CA LEU F 473 -23.98 -31.75 22.43
C LEU F 473 -25.13 -31.62 21.43
N TYR F 474 -24.99 -32.29 20.28
CA TYR F 474 -25.99 -32.21 19.22
C TYR F 474 -26.86 -33.46 19.14
N ASN F 475 -26.70 -34.40 20.07
CA ASN F 475 -27.51 -35.61 20.14
C ASN F 475 -27.47 -36.37 18.83
N PHE F 476 -26.26 -36.64 18.34
CA PHE F 476 -26.09 -37.40 17.11
C PHE F 476 -25.73 -38.87 17.36
N ASP F 477 -25.00 -39.16 18.44
CA ASP F 477 -24.69 -40.55 18.82
C ASP F 477 -24.00 -41.28 17.67
N LEU F 478 -22.99 -40.63 17.09
CA LEU F 478 -22.51 -41.08 15.78
C LEU F 478 -21.33 -42.03 15.82
N LEU F 479 -20.14 -41.56 16.21
CA LEU F 479 -18.97 -42.43 16.23
C LEU F 479 -18.28 -42.46 17.58
N LEU F 480 -17.89 -41.29 18.07
CA LEU F 480 -17.28 -41.17 19.39
C LEU F 480 -18.24 -40.61 20.42
N ALA F 481 -19.37 -40.05 19.98
CA ALA F 481 -20.49 -39.78 20.88
C ALA F 481 -21.19 -41.05 21.32
N SER F 482 -20.87 -42.18 20.70
CA SER F 482 -21.40 -43.48 21.08
C SER F 482 -20.31 -44.29 21.77
N SER F 483 -20.67 -44.95 22.86
CA SER F 483 -19.74 -45.81 23.58
C SER F 483 -19.68 -47.23 23.01
N ASN F 484 -20.55 -47.57 22.07
CA ASN F 484 -20.59 -48.90 21.49
C ASN F 484 -20.00 -48.97 20.09
N SER F 485 -19.75 -47.82 19.46
CA SER F 485 -19.19 -47.81 18.12
C SER F 485 -17.75 -48.36 18.14
N PRO F 486 -17.33 -49.03 17.07
CA PRO F 486 -15.96 -49.56 17.04
C PRO F 486 -14.89 -48.48 17.17
N ALA F 487 -15.19 -47.25 16.75
CA ALA F 487 -14.23 -46.17 16.89
C ALA F 487 -13.97 -45.85 18.36
N SER F 488 -14.97 -45.99 19.22
CA SER F 488 -14.79 -45.69 20.64
C SER F 488 -14.16 -46.85 21.39
N VAL F 489 -14.61 -48.08 21.14
CA VAL F 489 -14.04 -49.22 21.85
C VAL F 489 -12.56 -49.36 21.53
N ALA F 490 -12.14 -48.95 20.33
CA ALA F 490 -10.75 -49.13 19.92
C ALA F 490 -9.79 -48.30 20.76
N SER F 491 -10.15 -47.05 21.06
CA SER F 491 -9.27 -46.16 21.81
C SER F 491 -9.80 -45.86 23.21
N SER F 492 -10.72 -46.69 23.72
CA SER F 492 -11.26 -46.46 25.05
C SER F 492 -10.20 -46.54 26.14
N GLN F 493 -9.05 -47.15 25.84
CA GLN F 493 -7.99 -47.33 26.82
C GLN F 493 -6.75 -46.51 26.51
N LEU F 494 -6.74 -45.72 25.44
CA LEU F 494 -5.54 -45.00 25.02
C LEU F 494 -5.67 -43.49 25.17
N TRP F 495 -6.61 -42.86 24.49
CA TRP F 495 -6.70 -41.40 24.54
C TRP F 495 -8.11 -40.84 24.55
N LEU F 496 -9.16 -41.67 24.54
CA LEU F 496 -10.51 -41.11 24.64
C LEU F 496 -10.80 -40.43 25.97
N PRO F 497 -10.46 -41.01 27.13
CA PRO F 497 -10.81 -40.32 28.38
C PRO F 497 -10.25 -38.91 28.47
N GLY F 498 -9.03 -38.70 27.99
CA GLY F 498 -8.51 -37.34 27.92
C GLY F 498 -9.18 -36.51 26.85
N TRP F 499 -9.41 -37.09 25.68
CA TRP F 499 -9.99 -36.33 24.57
C TRP F 499 -11.45 -35.98 24.85
N LEU F 500 -12.23 -36.94 25.35
CA LEU F 500 -13.64 -36.68 25.62
C LEU F 500 -13.80 -35.65 26.72
N SER F 501 -12.95 -35.71 27.75
CA SER F 501 -13.03 -34.74 28.84
C SER F 501 -12.72 -33.33 28.38
N ALA F 502 -11.97 -33.17 27.29
CA ALA F 502 -11.63 -31.85 26.78
C ALA F 502 -12.64 -31.35 25.74
N ILE F 503 -13.07 -32.23 24.83
CA ILE F 503 -14.02 -31.81 23.81
C ILE F 503 -15.37 -31.48 24.42
N ASN F 504 -15.77 -32.21 25.47
CA ASN F 504 -17.04 -31.95 26.15
C ASN F 504 -16.82 -31.06 27.37
N ASP F 505 -16.35 -29.85 27.11
CA ASP F 505 -16.10 -28.86 28.15
C ASP F 505 -16.43 -27.49 27.59
N GLY F 506 -17.25 -26.73 28.32
CA GLY F 506 -17.69 -25.43 27.83
C GLY F 506 -16.65 -24.33 27.93
N LYS F 507 -15.59 -24.53 28.70
CA LYS F 507 -14.58 -23.50 28.88
C LYS F 507 -13.45 -23.57 27.88
N ASN F 508 -13.40 -24.63 27.06
CA ASN F 508 -12.35 -24.77 26.06
C ASN F 508 -12.74 -24.05 24.77
N SER F 509 -11.76 -23.91 23.88
CA SER F 509 -12.00 -23.56 22.50
C SER F 509 -11.96 -24.78 21.59
N LEU F 510 -11.75 -25.96 22.16
CA LEU F 510 -11.73 -27.21 21.39
C LEU F 510 -13.12 -27.48 20.85
N PHE F 511 -13.30 -27.33 19.54
CA PHE F 511 -14.57 -27.60 18.87
C PHE F 511 -15.69 -26.75 19.48
N LEU F 512 -15.55 -25.44 19.27
CA LEU F 512 -16.51 -24.51 19.84
C LEU F 512 -17.92 -24.82 19.33
N PRO F 513 -18.93 -24.75 20.18
CA PRO F 513 -20.31 -24.97 19.71
C PRO F 513 -20.67 -23.97 18.64
N ILE F 514 -21.42 -24.44 17.64
CA ILE F 514 -21.71 -23.65 16.46
C ILE F 514 -23.21 -23.58 16.24
N GLY F 515 -23.64 -22.51 15.57
CA GLY F 515 -25.04 -22.32 15.24
C GLY F 515 -25.20 -21.71 13.86
N PRO F 516 -26.38 -21.15 13.60
CA PRO F 516 -26.62 -20.55 12.28
C PRO F 516 -25.67 -19.42 11.93
N GLY F 517 -25.24 -18.63 12.92
CA GLY F 517 -24.26 -17.59 12.64
C GLY F 517 -22.95 -18.17 12.13
N ASP F 518 -22.52 -19.28 12.73
CA ASP F 518 -21.33 -19.97 12.24
C ASP F 518 -21.52 -20.46 10.81
N PHE F 519 -22.71 -20.98 10.50
CA PHE F 519 -23.02 -21.41 9.14
C PHE F 519 -22.87 -20.25 8.15
N LEU F 520 -23.51 -19.12 8.44
CA LEU F 520 -23.47 -18.00 7.52
C LEU F 520 -22.06 -17.45 7.36
N VAL F 521 -21.32 -17.33 8.47
CA VAL F 521 -19.98 -16.76 8.36
C VAL F 521 -19.04 -17.74 7.66
N HIS F 522 -19.26 -19.05 7.81
CA HIS F 522 -18.44 -20.00 7.08
C HIS F 522 -18.72 -19.91 5.58
N HIS F 523 -19.98 -19.67 5.21
CA HIS F 523 -20.28 -19.46 3.80
C HIS F 523 -19.66 -18.16 3.27
N ALA F 524 -19.62 -17.12 4.10
CA ALA F 524 -18.92 -15.90 3.72
C ALA F 524 -17.43 -16.17 3.52
N ILE F 525 -16.84 -16.97 4.40
CA ILE F 525 -15.43 -17.33 4.28
C ILE F 525 -15.20 -18.12 3.00
N ALA F 526 -16.10 -19.05 2.69
CA ALA F 526 -15.98 -19.82 1.45
C ALA F 526 -16.07 -18.91 0.24
N LEU F 527 -16.98 -17.94 0.26
CA LEU F 527 -17.07 -16.97 -0.83
C LEU F 527 -15.78 -16.19 -0.98
N GLY F 528 -15.20 -15.73 0.13
CA GLY F 528 -13.95 -15.00 0.04
C GLY F 528 -12.82 -15.83 -0.52
N LEU F 529 -12.71 -17.08 -0.05
CA LEU F 529 -11.68 -17.98 -0.58
C LEU F 529 -11.87 -18.22 -2.06
N HIS F 530 -13.11 -18.47 -2.49
CA HIS F 530 -13.37 -18.76 -3.88
C HIS F 530 -13.09 -17.55 -4.76
N THR F 531 -13.43 -16.35 -4.30
CA THR F 531 -13.20 -15.16 -5.13
C THR F 531 -11.71 -14.83 -5.22
N THR F 532 -10.98 -14.94 -4.10
CA THR F 532 -9.53 -14.73 -4.16
C THR F 532 -8.88 -15.76 -5.07
N THR F 533 -9.30 -17.02 -4.97
CA THR F 533 -8.80 -18.06 -5.87
C THR F 533 -9.15 -17.76 -7.32
N LEU F 534 -10.36 -17.25 -7.56
CA LEU F 534 -10.75 -16.91 -8.92
C LEU F 534 -9.84 -15.84 -9.50
N ILE F 535 -9.60 -14.78 -8.75
CA ILE F 535 -8.73 -13.71 -9.25
C ILE F 535 -7.33 -14.24 -9.52
N LEU F 536 -6.78 -15.00 -8.56
CA LEU F 536 -5.41 -15.46 -8.70
C LEU F 536 -5.25 -16.48 -9.82
N VAL F 537 -6.19 -17.42 -9.92
CA VAL F 537 -6.13 -18.44 -10.97
C VAL F 537 -6.35 -17.81 -12.34
N LYS F 538 -7.28 -16.85 -12.43
CA LYS F 538 -7.48 -16.15 -13.69
C LYS F 538 -6.22 -15.40 -14.11
N GLY F 539 -5.55 -14.73 -13.17
CA GLY F 539 -4.32 -14.06 -13.51
C GLY F 539 -3.21 -15.00 -13.90
N ALA F 540 -3.14 -16.17 -13.24
CA ALA F 540 -2.10 -17.14 -13.56
C ALA F 540 -2.31 -17.75 -14.93
N LEU F 541 -3.53 -18.21 -15.21
CA LEU F 541 -3.80 -18.88 -16.48
C LEU F 541 -3.79 -17.89 -17.64
N ASP F 542 -4.38 -16.71 -17.45
CA ASP F 542 -4.40 -15.67 -18.47
C ASP F 542 -3.10 -14.88 -18.53
N ALA F 543 -2.08 -15.31 -17.78
CA ALA F 543 -0.81 -14.58 -17.77
C ALA F 543 -0.14 -14.60 -19.13
N ARG F 544 -0.20 -15.74 -19.83
CA ARG F 544 0.49 -15.87 -21.11
C ARG F 544 -0.28 -15.27 -22.28
N GLY F 545 -1.51 -14.85 -22.08
CA GLY F 545 -2.28 -14.22 -23.14
C GLY F 545 -3.77 -14.47 -22.98
N SER F 546 -4.54 -13.65 -23.68
CA SER F 546 -6.00 -13.75 -23.69
C SER F 546 -6.49 -13.26 -25.05
N LYS F 547 -7.80 -13.02 -25.15
CA LYS F 547 -8.33 -12.46 -26.39
C LYS F 547 -7.99 -10.99 -26.52
N LEU F 548 -8.01 -10.26 -25.41
CA LEU F 548 -7.66 -8.84 -25.42
C LEU F 548 -6.17 -8.63 -25.64
N MET F 549 -5.34 -9.61 -25.33
CA MET F 549 -3.88 -9.48 -25.46
C MET F 549 -3.28 -10.85 -25.68
N PRO F 550 -3.34 -11.36 -26.91
CA PRO F 550 -2.84 -12.72 -27.18
C PRO F 550 -1.32 -12.84 -27.19
N ASP F 551 -0.62 -11.77 -26.82
CA ASP F 551 0.83 -11.82 -26.69
C ASP F 551 1.29 -11.27 -25.34
N LYS F 552 0.49 -11.49 -24.29
CA LYS F 552 0.79 -10.93 -22.99
C LYS F 552 2.10 -11.46 -22.42
N LYS F 553 2.52 -12.66 -22.85
CA LYS F 553 3.78 -13.22 -22.36
C LYS F 553 4.97 -12.41 -22.85
N ASP F 554 4.84 -11.73 -24.00
CA ASP F 554 5.93 -10.93 -24.53
C ASP F 554 6.13 -9.63 -23.76
N PHE F 555 5.20 -9.25 -22.90
CA PHE F 555 5.29 -8.02 -22.13
C PHE F 555 5.72 -8.26 -20.68
N GLY F 556 5.87 -9.52 -20.27
CA GLY F 556 6.33 -9.82 -18.94
C GLY F 556 5.21 -9.97 -17.94
N TYR F 557 5.61 -10.28 -16.70
CA TYR F 557 4.64 -10.48 -15.63
C TYR F 557 3.98 -9.17 -15.22
N SER F 558 4.77 -8.10 -15.10
CA SER F 558 4.28 -6.81 -14.61
C SER F 558 4.54 -5.74 -15.66
N PHE F 559 3.47 -5.23 -16.24
CA PHE F 559 3.52 -4.07 -17.12
C PHE F 559 2.28 -3.25 -16.87
N PRO F 560 2.31 -1.94 -17.14
CA PRO F 560 1.14 -1.11 -16.81
C PRO F 560 -0.13 -1.51 -17.52
N CYS F 561 -0.10 -1.62 -18.84
CA CYS F 561 -1.29 -1.85 -19.65
C CYS F 561 -0.85 -2.20 -21.06
N ASP F 562 -1.81 -2.22 -21.98
CA ASP F 562 -1.54 -2.27 -23.41
C ASP F 562 -2.08 -1.05 -24.14
N GLY F 563 -2.49 -0.01 -23.41
CA GLY F 563 -2.98 1.20 -24.03
C GLY F 563 -4.49 1.32 -24.00
N PRO F 564 -5.00 2.48 -24.41
CA PRO F 564 -6.46 2.66 -24.47
C PRO F 564 -7.13 1.99 -25.66
N GLY F 565 -6.35 1.41 -26.58
CA GLY F 565 -6.92 0.78 -27.74
C GLY F 565 -7.66 -0.50 -27.40
N ARG F 566 -8.43 -0.98 -28.38
CA ARG F 566 -9.23 -2.20 -28.25
C ARG F 566 -10.22 -2.09 -27.09
N GLY F 567 -10.72 -0.89 -26.83
CA GLY F 567 -11.69 -0.67 -25.77
C GLY F 567 -11.11 -0.28 -24.44
N GLY F 568 -9.80 -0.40 -24.25
CA GLY F 568 -9.19 -0.10 -22.97
C GLY F 568 -8.63 -1.33 -22.29
N THR F 569 -7.40 -1.26 -21.81
CA THR F 569 -6.69 -2.41 -21.27
C THR F 569 -6.07 -2.08 -19.91
N CYS F 570 -6.86 -1.45 -19.04
CA CYS F 570 -6.39 -1.18 -17.68
C CYS F 570 -6.26 -2.49 -16.90
N ASP F 571 -5.19 -2.59 -16.12
CA ASP F 571 -5.01 -3.71 -15.18
C ASP F 571 -5.07 -5.06 -15.91
N ILE F 572 -4.43 -5.14 -17.08
CA ILE F 572 -4.50 -6.35 -17.90
C ILE F 572 -3.38 -7.33 -17.60
N SER F 573 -2.33 -6.92 -16.90
CA SER F 573 -1.20 -7.80 -16.65
C SER F 573 -1.53 -8.78 -15.53
N ALA F 574 -0.68 -9.82 -15.42
CA ALA F 574 -0.85 -10.79 -14.34
C ALA F 574 -0.53 -10.19 -12.98
N TRP F 575 0.40 -9.23 -12.93
CA TRP F 575 0.69 -8.53 -11.68
C TRP F 575 -0.54 -7.81 -11.17
N ASP F 576 -1.35 -7.25 -12.08
CA ASP F 576 -2.58 -6.59 -11.68
C ASP F 576 -3.58 -7.55 -11.08
N ALA F 577 -3.56 -8.82 -11.50
CA ALA F 577 -4.41 -9.82 -10.88
C ALA F 577 -4.02 -10.06 -9.43
N PHE F 578 -2.72 -10.17 -9.16
CA PHE F 578 -2.24 -10.20 -7.78
C PHE F 578 -2.69 -8.96 -7.04
N TYR F 579 -2.57 -7.80 -7.68
CA TYR F 579 -2.88 -6.54 -7.02
C TYR F 579 -4.35 -6.49 -6.62
N LEU F 580 -5.24 -6.99 -7.50
CA LEU F 580 -6.66 -7.02 -7.20
C LEU F 580 -6.99 -8.08 -6.15
N ALA F 581 -6.29 -9.22 -6.21
CA ALA F 581 -6.56 -10.30 -5.27
C ALA F 581 -6.04 -10.01 -3.88
N MET F 582 -5.11 -9.06 -3.74
CA MET F 582 -4.68 -8.67 -2.40
C MET F 582 -5.81 -8.07 -1.60
N PHE F 583 -6.65 -7.26 -2.24
CA PHE F 583 -7.82 -6.70 -1.56
C PHE F 583 -8.76 -7.81 -1.11
N TRP F 584 -8.98 -8.81 -1.96
CA TRP F 584 -9.88 -9.91 -1.58
C TRP F 584 -9.28 -10.79 -0.51
N MET F 585 -7.96 -11.01 -0.53
CA MET F 585 -7.31 -11.71 0.56
C MET F 585 -7.46 -10.96 1.88
N LEU F 586 -7.25 -9.64 1.84
CA LEU F 586 -7.40 -8.84 3.06
C LEU F 586 -8.83 -8.92 3.57
N ASN F 587 -9.81 -8.85 2.65
CA ASN F 587 -11.22 -8.95 3.05
C ASN F 587 -11.55 -10.31 3.64
N THR F 588 -11.05 -11.39 3.03
CA THR F 588 -11.33 -12.72 3.53
C THR F 588 -10.70 -12.95 4.89
N ILE F 589 -9.44 -12.53 5.05
CA ILE F 589 -8.79 -12.66 6.35
C ILE F 589 -9.48 -11.78 7.38
N GLY F 590 -9.98 -10.61 6.96
CA GLY F 590 -10.75 -9.79 7.88
C GLY F 590 -12.02 -10.47 8.34
N TRP F 591 -12.73 -11.13 7.41
CA TRP F 591 -13.92 -11.88 7.81
C TRP F 591 -13.57 -13.01 8.76
N VAL F 592 -12.51 -13.75 8.46
CA VAL F 592 -12.11 -14.88 9.31
C VAL F 592 -11.75 -14.39 10.71
N THR F 593 -10.95 -13.32 10.78
CA THR F 593 -10.48 -12.83 12.07
C THR F 593 -11.61 -12.15 12.84
N PHE F 594 -12.51 -11.46 12.14
CA PHE F 594 -13.69 -10.90 12.79
C PHE F 594 -14.52 -12.01 13.43
N TYR F 595 -14.77 -13.08 12.68
CA TYR F 595 -15.54 -14.21 13.20
C TYR F 595 -14.87 -14.82 14.41
N TRP F 596 -13.56 -15.11 14.29
CA TRP F 596 -12.83 -15.71 15.41
C TRP F 596 -12.86 -14.82 16.63
N HIS F 597 -12.55 -13.53 16.45
CA HIS F 597 -12.45 -12.62 17.59
C HIS F 597 -13.80 -12.41 18.25
N TRP F 598 -14.87 -12.25 17.47
CA TRP F 598 -16.18 -12.06 18.10
C TRP F 598 -16.62 -13.33 18.82
N LYS F 599 -16.42 -14.50 18.21
CA LYS F 599 -16.78 -15.74 18.87
C LYS F 599 -16.04 -15.88 20.19
N HIS F 600 -14.74 -15.59 20.19
CA HIS F 600 -13.96 -15.76 21.41
C HIS F 600 -14.21 -14.66 22.43
N LEU F 601 -14.53 -13.45 22.00
CA LEU F 601 -14.92 -12.41 22.95
C LEU F 601 -16.21 -12.78 23.65
N THR F 602 -17.19 -13.32 22.91
CA THR F 602 -18.42 -13.77 23.56
C THR F 602 -18.16 -14.97 24.46
N LEU F 603 -17.28 -15.89 24.04
CA LEU F 603 -16.97 -17.04 24.88
C LEU F 603 -16.28 -16.64 26.18
N TRP F 604 -15.33 -15.70 26.10
CA TRP F 604 -14.58 -15.30 27.29
C TRP F 604 -15.44 -14.46 28.22
N GLN F 605 -16.22 -13.52 27.66
CA GLN F 605 -17.10 -12.70 28.48
C GLN F 605 -18.28 -13.49 29.04
N GLY F 606 -18.65 -14.59 28.40
CA GLY F 606 -19.74 -15.43 28.86
C GLY F 606 -21.04 -15.22 28.11
N ASN F 607 -21.18 -14.12 27.37
CA ASN F 607 -22.42 -13.83 26.65
C ASN F 607 -22.40 -14.44 25.25
N GLN F 608 -22.21 -15.76 25.21
CA GLN F 608 -22.24 -16.47 23.94
C GLN F 608 -23.60 -16.38 23.27
N VAL F 609 -24.65 -16.07 24.03
CA VAL F 609 -25.96 -15.83 23.44
C VAL F 609 -25.97 -14.56 22.62
N GLN F 610 -25.09 -13.60 22.91
CA GLN F 610 -25.00 -12.39 22.11
C GLN F 610 -24.54 -12.71 20.68
N PHE F 611 -23.54 -13.58 20.54
CA PHE F 611 -23.10 -13.96 19.20
C PHE F 611 -24.14 -14.81 18.50
N ASN F 612 -24.69 -15.80 19.20
CA ASN F 612 -25.58 -16.76 18.57
C ASN F 612 -26.85 -16.09 18.03
N GLU F 613 -27.23 -14.95 18.59
CA GLU F 613 -28.42 -14.22 18.15
C GLU F 613 -28.10 -13.11 17.16
N SER F 614 -27.07 -12.31 17.43
CA SER F 614 -26.77 -11.14 16.62
C SER F 614 -25.85 -11.42 15.44
N SER F 615 -25.26 -12.61 15.35
CA SER F 615 -24.31 -12.91 14.28
C SER F 615 -24.99 -13.31 12.98
N ASN F 616 -26.30 -13.43 12.97
CA ASN F 616 -27.03 -13.85 11.78
C ASN F 616 -27.38 -12.70 10.85
N TYR F 617 -27.16 -11.45 11.27
CA TYR F 617 -27.47 -10.30 10.44
C TYR F 617 -26.35 -9.27 10.57
N ILE F 618 -26.18 -8.48 9.51
CA ILE F 618 -25.00 -7.62 9.40
C ILE F 618 -24.99 -6.56 10.49
N MET F 619 -26.14 -5.92 10.74
CA MET F 619 -26.19 -4.91 11.78
C MET F 619 -25.82 -5.50 13.14
N GLY F 620 -26.10 -6.78 13.36
CA GLY F 620 -25.63 -7.42 14.57
C GLY F 620 -24.12 -7.36 14.69
N TRP F 621 -23.41 -7.69 13.61
CA TRP F 621 -21.96 -7.55 13.60
C TRP F 621 -21.55 -6.11 13.88
N LEU F 622 -22.08 -5.18 13.08
CA LEU F 622 -21.65 -3.79 13.16
C LEU F 622 -21.88 -3.20 14.55
N ARG F 623 -22.99 -3.56 15.19
CA ARG F 623 -23.34 -2.95 16.47
C ARG F 623 -22.66 -3.66 17.64
N ASP F 624 -22.65 -4.99 17.64
CA ASP F 624 -22.22 -5.73 18.82
C ASP F 624 -20.75 -6.12 18.80
N TYR F 625 -20.11 -6.18 17.63
CA TYR F 625 -18.67 -6.42 17.62
C TYR F 625 -17.92 -5.10 17.54
N LEU F 626 -18.08 -4.40 16.42
CA LEU F 626 -17.25 -3.22 16.17
C LEU F 626 -17.63 -2.06 17.09
N TRP F 627 -18.89 -1.61 17.00
CA TRP F 627 -19.31 -0.46 17.79
C TRP F 627 -19.23 -0.74 19.28
N LEU F 628 -19.55 -1.96 19.69
CA LEU F 628 -19.55 -2.28 21.11
C LEU F 628 -18.13 -2.36 21.67
N ASN F 629 -17.25 -3.13 21.02
CA ASN F 629 -15.92 -3.35 21.58
C ASN F 629 -14.93 -2.24 21.21
N SER F 630 -15.32 -1.28 20.38
CA SER F 630 -14.43 -0.17 20.08
C SER F 630 -14.43 0.90 21.16
N SER F 631 -15.36 0.82 22.13
CA SER F 631 -15.41 1.83 23.18
C SER F 631 -14.14 1.89 24.04
N PRO F 632 -13.60 0.78 24.55
CA PRO F 632 -12.36 0.88 25.32
C PRO F 632 -11.19 1.42 24.50
N LEU F 633 -11.14 1.09 23.21
CA LEU F 633 -10.00 1.50 22.39
C LEU F 633 -9.99 3.00 22.14
N ILE F 634 -11.13 3.57 21.74
CA ILE F 634 -11.16 4.99 21.41
C ILE F 634 -10.96 5.83 22.65
N ASN F 635 -11.32 5.32 23.83
CA ASN F 635 -11.04 6.03 25.08
C ASN F 635 -9.69 5.60 25.65
N GLY F 636 -8.67 5.60 24.79
CA GLY F 636 -7.31 5.38 25.24
C GLY F 636 -6.70 6.70 25.66
N TYR F 637 -7.26 7.76 25.10
CA TYR F 637 -6.95 9.13 25.53
C TYR F 637 -8.15 10.00 25.17
N ASN F 638 -8.62 10.77 26.14
CA ASN F 638 -9.75 11.66 26.00
C ASN F 638 -9.35 13.03 26.50
N PRO F 639 -10.20 14.05 26.34
CA PRO F 639 -9.88 15.37 26.89
C PRO F 639 -9.72 15.39 28.40
N PHE F 640 -9.88 14.24 29.05
CA PHE F 640 -9.74 14.13 30.50
C PHE F 640 -8.50 13.38 30.95
N GLY F 641 -7.97 12.47 30.13
CA GLY F 641 -6.81 11.72 30.52
C GLY F 641 -6.42 10.72 29.46
N MET F 642 -5.69 9.69 29.88
CA MET F 642 -5.26 8.63 28.97
C MET F 642 -4.96 7.38 29.77
N ASN F 643 -4.85 6.26 29.05
CA ASN F 643 -4.58 4.95 29.63
C ASN F 643 -3.40 4.32 28.90
N SER F 644 -3.00 3.14 29.35
CA SER F 644 -1.98 2.38 28.63
C SER F 644 -2.46 1.94 27.25
N LEU F 645 -3.75 2.04 26.97
CA LEU F 645 -4.32 1.78 25.66
C LEU F 645 -4.23 2.98 24.73
N SER F 646 -3.59 4.07 25.17
CA SER F 646 -3.51 5.26 24.33
C SER F 646 -2.73 4.99 23.06
N VAL F 647 -1.67 4.18 23.14
CA VAL F 647 -0.90 3.85 21.94
C VAL F 647 -1.76 3.09 20.94
N TRP F 648 -2.69 2.29 21.42
CA TRP F 648 -3.55 1.52 20.50
C TRP F 648 -4.55 2.43 19.79
N ALA F 649 -5.08 3.45 20.48
CA ALA F 649 -5.95 4.41 19.81
C ALA F 649 -5.18 5.20 18.75
N TRP F 650 -3.95 5.60 19.09
CA TRP F 650 -3.11 6.30 18.11
C TRP F 650 -2.83 5.42 16.90
N MET F 651 -2.55 4.13 17.13
CA MET F 651 -2.35 3.21 16.02
C MET F 651 -3.64 2.99 15.21
N PHE F 652 -4.79 3.01 15.89
CA PHE F 652 -6.07 2.93 15.19
C PHE F 652 -6.22 4.08 14.21
N LEU F 653 -6.02 5.30 14.68
CA LEU F 653 -6.12 6.47 13.80
C LEU F 653 -5.06 6.44 12.72
N PHE F 654 -3.84 5.98 13.07
CA PHE F 654 -2.77 5.87 12.10
C PHE F 654 -3.14 4.90 10.97
N GLY F 655 -3.72 3.76 11.33
CA GLY F 655 -4.16 2.81 10.32
C GLY F 655 -5.24 3.37 9.43
N HIS F 656 -6.20 4.10 10.01
CA HIS F 656 -7.21 4.75 9.18
C HIS F 656 -6.57 5.72 8.20
N LEU F 657 -5.60 6.52 8.67
CA LEU F 657 -4.94 7.50 7.81
C LEU F 657 -4.19 6.83 6.68
N VAL F 658 -3.45 5.76 6.98
CA VAL F 658 -2.70 5.07 5.93
C VAL F 658 -3.65 4.41 4.94
N TRP F 659 -4.76 3.87 5.44
CA TRP F 659 -5.79 3.30 4.57
C TRP F 659 -6.30 4.34 3.58
N ALA F 660 -6.61 5.53 4.07
CA ALA F 660 -7.15 6.55 3.17
C ALA F 660 -6.09 7.12 2.23
N THR F 661 -4.82 7.16 2.66
CA THR F 661 -3.76 7.53 1.72
C THR F 661 -3.62 6.49 0.61
N GLY F 662 -3.80 5.22 0.96
CA GLY F 662 -3.91 4.20 -0.07
C GLY F 662 -5.07 4.48 -1.01
N PHE F 663 -6.19 4.91 -0.46
CA PHE F 663 -7.31 5.31 -1.29
C PHE F 663 -6.90 6.41 -2.28
N MET F 664 -6.16 7.43 -1.80
CA MET F 664 -5.54 8.41 -2.69
C MET F 664 -4.83 7.72 -3.86
N PHE F 665 -3.89 6.85 -3.53
CA PHE F 665 -3.01 6.30 -4.56
C PHE F 665 -3.73 5.35 -5.50
N LEU F 666 -4.88 4.83 -5.08
CA LEU F 666 -5.65 3.89 -5.89
C LEU F 666 -6.67 4.58 -6.77
N ILE F 667 -7.39 5.57 -6.25
CA ILE F 667 -8.45 6.22 -7.02
C ILE F 667 -7.85 7.18 -8.04
N SER F 668 -7.02 8.11 -7.59
CA SER F 668 -6.36 9.05 -8.48
C SER F 668 -5.18 8.39 -9.16
N TRP F 669 -5.16 8.42 -10.48
CA TRP F 669 -4.12 7.78 -11.28
C TRP F 669 -3.14 8.83 -11.77
N ARG F 670 -2.20 8.41 -12.61
CA ARG F 670 -1.12 9.27 -13.08
C ARG F 670 -1.68 10.29 -14.06
N GLY F 671 -0.84 11.08 -14.61
CA GLY F 671 -1.36 11.97 -15.59
C GLY F 671 -1.96 13.15 -14.98
N TYR F 672 -2.52 12.97 -13.80
CA TYR F 672 -3.05 14.09 -13.11
C TYR F 672 -1.98 14.57 -12.18
N TRP F 673 -0.98 13.73 -11.94
CA TRP F 673 0.02 14.07 -11.03
C TRP F 673 1.25 14.43 -11.75
N GLN F 674 1.34 14.16 -13.01
CA GLN F 674 2.48 14.59 -13.81
C GLN F 674 2.37 16.08 -14.15
N GLU F 675 1.18 16.55 -14.51
CA GLU F 675 1.00 17.96 -14.83
C GLU F 675 1.19 18.84 -13.59
N LEU F 676 0.70 18.38 -12.44
CA LEU F 676 0.92 19.12 -11.20
C LEU F 676 2.40 19.18 -10.87
N ILE F 677 3.12 18.09 -11.08
CA ILE F 677 4.56 18.08 -10.83
C ILE F 677 5.27 19.01 -11.79
N GLU F 678 4.79 19.10 -13.04
CA GLU F 678 5.35 20.05 -13.99
C GLU F 678 5.15 21.49 -13.52
N THR F 679 3.97 21.79 -12.99
CA THR F 679 3.73 23.12 -12.43
C THR F 679 4.67 23.41 -11.28
N ILE F 680 4.87 22.43 -10.39
CA ILE F 680 5.81 22.61 -9.27
C ILE F 680 7.22 22.82 -9.79
N VAL F 681 7.60 22.09 -10.84
CA VAL F 681 8.93 22.24 -11.43
C VAL F 681 9.12 23.64 -11.97
N TRP F 682 8.11 24.16 -12.68
CA TRP F 682 8.19 25.54 -13.17
C TRP F 682 8.32 26.51 -12.01
N ALA F 683 7.54 26.31 -10.95
CA ALA F 683 7.60 27.21 -9.81
C ALA F 683 8.98 27.23 -9.18
N HIS F 684 9.59 26.06 -9.02
CA HIS F 684 10.94 26.00 -8.46
C HIS F 684 11.95 26.64 -9.39
N GLU F 685 11.83 26.40 -10.69
CA GLU F 685 12.79 26.93 -11.64
C GLU F 685 12.69 28.44 -11.80
N ARG F 686 11.54 29.03 -11.53
CA ARG F 686 11.32 30.45 -11.79
C ARG F 686 11.26 31.29 -10.52
N THR F 687 11.81 30.81 -9.41
CA THR F 687 11.78 31.57 -8.17
C THR F 687 13.19 31.88 -7.69
N PRO F 688 13.46 33.11 -7.30
CA PRO F 688 14.79 33.45 -6.80
C PRO F 688 15.04 32.83 -5.43
N LEU F 689 16.33 32.74 -5.08
CA LEU F 689 16.82 32.24 -3.79
C LEU F 689 16.63 30.73 -3.69
N ALA F 690 15.94 30.14 -4.66
CA ALA F 690 15.81 28.70 -4.76
C ALA F 690 16.30 28.17 -6.10
N ASN F 691 16.56 29.05 -7.07
CA ASN F 691 17.21 28.63 -8.31
C ASN F 691 18.62 28.12 -8.06
N LEU F 692 19.25 28.54 -6.96
CA LEU F 692 20.58 28.06 -6.63
C LEU F 692 20.61 26.57 -6.37
N VAL F 693 19.47 25.98 -6.01
CA VAL F 693 19.36 24.56 -5.73
C VAL F 693 18.54 23.92 -6.83
N ARG F 694 19.10 22.91 -7.49
CA ARG F 694 18.42 22.21 -8.57
C ARG F 694 18.58 20.71 -8.38
N TRP F 695 17.56 19.97 -8.80
CA TRP F 695 17.56 18.52 -8.66
C TRP F 695 18.54 17.90 -9.66
N LYS F 696 19.05 16.71 -9.29
CA LYS F 696 19.85 15.93 -10.23
C LYS F 696 18.99 14.95 -11.02
N ASP F 697 17.97 14.39 -10.39
CA ASP F 697 16.98 13.55 -11.07
C ASP F 697 15.73 14.36 -11.31
N LYS F 698 15.24 14.34 -12.54
CA LYS F 698 14.04 15.10 -12.88
C LYS F 698 12.85 14.54 -12.13
N PRO F 699 12.16 15.34 -11.32
CA PRO F 699 11.00 14.82 -10.56
C PRO F 699 9.85 14.51 -11.51
N VAL F 700 9.39 13.26 -11.45
CA VAL F 700 8.27 12.80 -12.26
C VAL F 700 7.30 12.06 -11.36
N ALA F 701 6.06 11.93 -11.84
CA ALA F 701 5.05 11.19 -11.11
C ALA F 701 5.38 9.71 -11.07
N LEU F 702 4.88 9.04 -10.03
CA LEU F 702 5.10 7.61 -9.89
C LEU F 702 4.45 6.87 -11.06
N SER F 703 5.10 5.80 -11.51
CA SER F 703 4.57 5.03 -12.63
C SER F 703 3.27 4.34 -12.23
N ILE F 704 2.54 3.86 -13.24
CA ILE F 704 1.23 3.28 -13.01
C ILE F 704 1.34 2.06 -12.11
N VAL F 705 2.27 1.16 -12.42
CA VAL F 705 2.48 -0.03 -11.59
C VAL F 705 2.99 0.36 -10.22
N GLN F 706 3.92 1.32 -10.15
CA GLN F 706 4.41 1.77 -8.86
C GLN F 706 3.31 2.40 -8.04
N ALA F 707 2.43 3.17 -8.68
CA ALA F 707 1.32 3.78 -7.97
C ALA F 707 0.37 2.72 -7.42
N ARG F 708 0.09 1.69 -8.22
CA ARG F 708 -0.73 0.58 -7.74
C ARG F 708 -0.08 -0.11 -6.55
N LEU F 709 1.23 -0.33 -6.61
CA LEU F 709 1.93 -0.96 -5.50
C LEU F 709 1.88 -0.10 -4.25
N VAL F 710 2.07 1.21 -4.40
CA VAL F 710 2.11 2.10 -3.25
C VAL F 710 0.73 2.20 -2.61
N GLY F 711 -0.31 2.29 -3.44
CA GLY F 711 -1.67 2.29 -2.90
C GLY F 711 -2.00 0.98 -2.20
N LEU F 712 -1.59 -0.14 -2.79
CA LEU F 712 -1.81 -1.43 -2.13
C LEU F 712 -1.04 -1.52 -0.81
N ALA F 713 0.18 -1.01 -0.78
CA ALA F 713 0.97 -1.05 0.45
C ALA F 713 0.33 -0.21 1.54
N HIS F 714 -0.14 0.98 1.19
CA HIS F 714 -0.83 1.82 2.16
C HIS F 714 -2.11 1.13 2.66
N PHE F 715 -2.90 0.60 1.72
CA PHE F 715 -4.13 -0.09 2.07
C PHE F 715 -3.85 -1.23 3.04
N THR F 716 -2.85 -2.06 2.73
CA THR F 716 -2.56 -3.23 3.55
C THR F 716 -2.00 -2.84 4.91
N ILE F 717 -1.06 -1.88 4.94
CA ILE F 717 -0.46 -1.47 6.21
C ILE F 717 -1.51 -0.84 7.12
N GLY F 718 -2.34 0.04 6.57
CA GLY F 718 -3.42 0.62 7.36
C GLY F 718 -4.40 -0.44 7.85
N TYR F 719 -4.78 -1.37 6.97
CA TYR F 719 -5.66 -2.47 7.36
C TYR F 719 -5.10 -3.23 8.54
N VAL F 720 -3.85 -3.68 8.43
CA VAL F 720 -3.23 -4.51 9.45
C VAL F 720 -3.10 -3.73 10.76
N LEU F 721 -2.64 -2.47 10.67
CA LEU F 721 -2.42 -1.68 11.88
C LEU F 721 -3.73 -1.40 12.61
N THR F 722 -4.76 -0.97 11.86
CA THR F 722 -6.02 -0.65 12.52
C THR F 722 -6.66 -1.90 13.13
N TYR F 723 -6.58 -3.05 12.44
CA TYR F 723 -7.20 -4.22 13.03
C TYR F 723 -6.41 -4.75 14.21
N ALA F 724 -5.08 -4.70 14.15
CA ALA F 724 -4.28 -5.13 15.30
C ALA F 724 -4.58 -4.26 16.52
N ALA F 725 -4.62 -2.95 16.31
CA ALA F 725 -4.95 -2.04 17.40
C ALA F 725 -6.33 -2.36 17.96
N PHE F 726 -7.32 -2.55 17.08
CA PHE F 726 -8.68 -2.81 17.56
C PHE F 726 -8.74 -4.10 18.35
N VAL F 727 -8.23 -5.20 17.80
CA VAL F 727 -8.38 -6.50 18.46
C VAL F 727 -7.68 -6.48 19.81
N ILE F 728 -6.44 -5.98 19.85
CA ILE F 728 -5.68 -5.99 21.08
C ILE F 728 -6.34 -5.09 22.13
N ALA F 729 -6.66 -3.85 21.76
CA ALA F 729 -7.23 -2.92 22.71
C ALA F 729 -8.60 -3.36 23.20
N SER F 730 -9.42 -3.90 22.29
CA SER F 730 -10.74 -4.36 22.68
C SER F 730 -10.65 -5.53 23.65
N THR F 731 -9.79 -6.51 23.36
CA THR F 731 -9.64 -7.63 24.28
C THR F 731 -9.15 -7.16 25.65
N ILE F 732 -8.14 -6.28 25.66
CA ILE F 732 -7.56 -5.82 26.91
C ILE F 732 -8.58 -5.02 27.72
N GLY F 733 -9.28 -4.08 27.07
CA GLY F 733 -10.19 -3.21 27.77
C GLY F 733 -11.52 -3.85 28.14
N LYS F 734 -11.90 -4.94 27.46
CA LYS F 734 -13.14 -5.61 27.81
C LYS F 734 -12.91 -6.70 28.85
N LEU F 735 -11.91 -7.55 28.63
CA LEU F 735 -11.61 -8.63 29.57
C LEU F 735 -10.53 -8.24 30.57
N GLY F 736 -10.72 -7.11 31.25
CA GLY F 736 -9.78 -6.65 32.26
C GLY F 736 -8.41 -6.33 31.71
N LYS G 4 10.38 44.82 -29.79
CA LYS G 4 9.38 44.06 -29.03
C LYS G 4 9.83 42.62 -28.81
N LEU G 5 10.29 41.98 -29.89
CA LEU G 5 10.73 40.59 -29.84
C LEU G 5 12.16 40.50 -30.36
N LYS G 6 12.83 39.40 -29.98
CA LYS G 6 14.23 39.23 -30.30
C LYS G 6 14.45 39.15 -31.81
N GLN G 7 13.59 38.42 -32.52
CA GLN G 7 13.72 38.25 -33.96
C GLN G 7 12.42 38.68 -34.65
N SER G 8 12.56 39.19 -35.86
CA SER G 8 11.41 39.69 -36.61
C SER G 8 10.53 38.57 -37.13
N ASP G 9 11.05 37.35 -37.24
CA ASP G 9 10.30 36.23 -37.76
C ASP G 9 9.52 35.47 -36.69
N PHE G 10 9.68 35.84 -35.42
CA PHE G 10 8.91 35.20 -34.36
C PHE G 10 7.42 35.50 -34.55
N PRO G 11 6.54 34.54 -34.27
CA PRO G 11 5.11 34.84 -34.28
C PRO G 11 4.78 35.88 -33.22
N LYS G 12 3.76 36.67 -33.48
CA LYS G 12 3.40 37.74 -32.56
C LYS G 12 2.77 37.17 -31.30
N PHE G 13 3.58 36.52 -30.48
CA PHE G 13 3.16 35.89 -29.24
C PHE G 13 3.59 36.74 -28.06
N GLU G 14 2.70 36.87 -27.08
CA GLU G 14 2.96 37.71 -25.91
C GLU G 14 3.73 36.98 -24.82
N GLY G 15 4.14 35.73 -25.05
CA GLY G 15 4.90 34.99 -24.07
C GLY G 15 4.00 34.32 -23.05
N SER G 16 4.28 33.06 -22.75
CA SER G 16 3.49 32.28 -21.80
C SER G 16 4.43 31.57 -20.83
N THR G 17 3.95 31.37 -19.61
CA THR G 17 4.71 30.59 -18.63
C THR G 17 4.44 29.10 -18.88
N GLY G 18 4.58 28.67 -20.13
CA GLY G 18 4.43 27.28 -20.50
C GLY G 18 5.45 26.92 -21.55
N GLY G 19 6.35 27.84 -21.83
CA GLY G 19 7.41 27.62 -22.79
C GLY G 19 8.48 26.72 -22.25
N TRP G 20 9.67 26.79 -22.85
CA TRP G 20 10.73 25.89 -22.44
C TRP G 20 11.34 26.37 -21.12
N LEU G 21 12.11 25.46 -20.51
CA LEU G 21 12.70 25.68 -19.20
C LEU G 21 14.21 25.48 -19.29
N SER G 22 14.88 25.35 -18.15
CA SER G 22 16.33 25.18 -18.14
C SER G 22 16.78 23.96 -18.93
N ALA G 23 15.89 22.99 -19.15
CA ALA G 23 16.24 21.82 -19.95
C ALA G 23 16.59 22.21 -21.37
N ALA G 24 15.79 23.08 -21.99
CA ALA G 24 16.10 23.50 -23.36
C ALA G 24 17.07 24.68 -23.36
N LYS G 25 18.10 24.54 -22.55
CA LYS G 25 19.30 25.37 -22.59
C LYS G 25 20.57 24.57 -22.39
N ASN G 26 20.48 23.33 -21.89
CA ASN G 26 21.64 22.49 -21.65
C ASN G 26 21.47 21.07 -22.15
N GLU G 27 20.28 20.66 -22.59
CA GLU G 27 20.06 19.33 -23.13
C GLU G 27 19.69 19.36 -24.60
N GLU G 28 18.59 20.02 -24.96
CA GLU G 28 18.15 20.13 -26.35
C GLU G 28 16.94 21.04 -26.47
N LYS G 29 16.81 21.73 -27.60
CA LYS G 29 15.65 22.53 -27.90
C LYS G 29 15.23 22.27 -29.34
N TYR G 30 13.95 22.47 -29.62
CA TYR G 30 13.39 22.18 -30.94
C TYR G 30 12.84 23.47 -31.54
N VAL G 31 13.13 23.69 -32.81
CA VAL G 31 12.68 24.86 -33.54
C VAL G 31 11.88 24.40 -34.75
N ILE G 32 10.72 25.02 -34.96
CA ILE G 32 9.87 24.76 -36.11
C ILE G 32 9.80 26.03 -36.95
N ILE G 33 10.04 25.90 -38.25
CA ILE G 33 10.01 27.02 -39.16
C ILE G 33 8.95 26.74 -40.22
N TRP G 34 8.30 27.82 -40.67
CA TRP G 34 7.31 27.71 -41.73
C TRP G 34 7.08 29.09 -42.32
N THR G 35 6.56 29.10 -43.55
CA THR G 35 6.19 30.33 -44.24
C THR G 35 4.68 30.34 -44.44
N SER G 36 4.05 31.45 -44.06
CA SER G 36 2.61 31.61 -44.14
C SER G 36 2.26 32.76 -45.07
N LYS G 37 1.19 32.59 -45.84
CA LYS G 37 0.72 33.66 -46.72
C LYS G 37 -0.01 34.75 -45.94
N ASP G 38 -0.65 34.39 -44.84
CA ASP G 38 -1.47 35.33 -44.08
C ASP G 38 -1.04 35.32 -42.62
N ALA G 39 -1.27 36.45 -41.94
CA ALA G 39 -0.98 36.58 -40.51
C ALA G 39 -2.11 35.96 -39.69
N SER G 40 -2.29 34.66 -39.89
CA SER G 40 -3.37 33.95 -39.23
C SER G 40 -3.13 33.84 -37.73
N LEU G 41 -4.21 33.79 -36.97
CA LEU G 41 -4.16 33.66 -35.53
C LEU G 41 -4.29 32.18 -35.17
N PHE G 42 -3.27 31.63 -34.50
CA PHE G 42 -3.22 30.22 -34.18
C PHE G 42 -2.96 30.06 -32.69
N GLU G 43 -3.23 28.86 -32.19
CA GLU G 43 -3.08 28.54 -30.78
C GLU G 43 -1.73 27.87 -30.54
N MET G 44 -0.98 28.40 -29.57
CA MET G 44 0.31 27.82 -29.25
C MET G 44 0.13 26.45 -28.61
N PRO G 45 1.03 25.50 -28.87
CA PRO G 45 0.99 24.22 -28.15
C PRO G 45 1.23 24.38 -26.66
N THR G 46 1.88 25.47 -26.23
CA THR G 46 2.20 25.68 -24.83
C THR G 46 1.14 26.51 -24.12
N GLY G 47 0.89 27.72 -24.60
CA GLY G 47 -0.02 28.62 -23.93
C GLY G 47 -1.27 28.96 -24.70
N GLY G 48 -1.38 30.19 -25.17
CA GLY G 48 -2.59 30.67 -25.81
C GLY G 48 -2.45 31.01 -27.27
N THR G 49 -3.05 32.13 -27.68
CA THR G 49 -3.14 32.49 -29.09
C THR G 49 -1.95 33.36 -29.49
N ALA G 50 -1.36 33.01 -30.64
CA ALA G 50 -0.29 33.80 -31.25
C ALA G 50 -0.71 34.15 -32.67
N LYS G 51 -0.03 35.14 -33.25
CA LYS G 51 -0.32 35.61 -34.59
C LYS G 51 0.86 35.29 -35.50
N MET G 52 0.57 34.64 -36.62
CA MET G 52 1.60 34.32 -37.60
C MET G 52 2.11 35.60 -38.26
N ASN G 53 3.26 35.47 -38.92
CA ASN G 53 3.80 36.52 -39.77
C ASN G 53 3.47 36.18 -41.22
N ALA G 54 3.14 37.21 -42.00
CA ALA G 54 2.90 37.02 -43.42
C ALA G 54 4.22 36.78 -44.14
N GLY G 55 4.86 35.64 -43.86
CA GLY G 55 6.17 35.34 -44.36
C GLY G 55 6.87 34.29 -43.53
N ASN G 56 8.15 34.49 -43.24
CA ASN G 56 8.90 33.51 -42.45
C ASN G 56 8.44 33.54 -41.00
N ASN G 57 8.20 32.35 -40.44
CA ASN G 57 7.83 32.18 -39.04
C ASN G 57 8.74 31.15 -38.40
N VAL G 58 9.23 31.46 -37.21
CA VAL G 58 10.14 30.59 -36.48
C VAL G 58 9.71 30.53 -35.03
N ALA G 59 9.54 29.31 -34.51
CA ALA G 59 9.11 29.09 -33.13
C ALA G 59 10.01 28.05 -32.47
N TYR G 60 10.30 28.25 -31.19
CA TYR G 60 11.14 27.35 -30.41
C TYR G 60 10.31 26.67 -29.35
N PHE G 61 10.56 25.36 -29.14
CA PHE G 61 9.83 24.59 -28.16
C PHE G 61 10.80 23.65 -27.44
N ALA G 62 10.31 23.06 -26.35
CA ALA G 62 11.14 22.18 -25.53
C ALA G 62 11.01 20.71 -25.92
N ARG G 63 10.00 20.34 -26.70
CA ARG G 63 9.76 18.95 -27.06
C ARG G 63 9.51 18.84 -28.56
N LYS G 64 9.86 17.69 -29.12
CA LYS G 64 9.50 17.40 -30.50
C LYS G 64 8.00 17.28 -30.67
N GLU G 65 7.31 16.75 -29.65
CA GLU G 65 5.86 16.60 -29.73
C GLU G 65 5.16 17.94 -29.81
N GLN G 66 5.67 18.95 -29.11
CA GLN G 66 5.07 20.29 -29.19
C GLN G 66 5.19 20.86 -30.59
N CYS G 67 6.38 20.74 -31.19
CA CYS G 67 6.57 21.23 -32.56
C CYS G 67 5.69 20.49 -33.53
N LEU G 68 5.56 19.17 -33.35
CA LEU G 68 4.73 18.39 -34.27
C LEU G 68 3.24 18.69 -34.08
N ALA G 69 2.80 18.97 -32.85
CA ALA G 69 1.42 19.41 -32.64
C ALA G 69 1.16 20.74 -33.31
N LEU G 70 2.13 21.67 -33.20
CA LEU G 70 1.99 22.94 -33.92
C LEU G 70 1.92 22.71 -35.43
N GLY G 71 2.76 21.82 -35.95
CA GLY G 71 2.73 21.54 -37.37
C GLY G 71 1.42 20.92 -37.82
N SER G 72 0.88 20.01 -37.01
CA SER G 72 -0.42 19.42 -37.32
C SER G 72 -1.51 20.49 -37.32
N GLN G 73 -1.42 21.45 -36.41
CA GLN G 73 -2.34 22.58 -36.45
C GLN G 73 -2.15 23.41 -37.71
N LEU G 74 -0.90 23.56 -38.16
CA LEU G 74 -0.62 24.35 -39.36
C LEU G 74 -1.27 23.75 -40.59
N ARG G 75 -1.41 22.43 -40.63
CA ARG G 75 -2.04 21.79 -41.79
C ARG G 75 -3.47 22.25 -41.98
N GLY G 76 -4.14 22.63 -40.90
CA GLY G 76 -5.48 23.20 -41.01
C GLY G 76 -5.51 24.56 -41.66
N PHE G 77 -4.38 25.26 -41.67
CA PHE G 77 -4.23 26.54 -42.36
C PHE G 77 -3.70 26.38 -43.78
N LYS G 78 -3.73 25.14 -44.31
CA LYS G 78 -3.17 24.82 -45.62
C LYS G 78 -1.67 25.14 -45.68
N ILE G 79 -0.99 25.02 -44.54
CA ILE G 79 0.44 25.21 -44.45
C ILE G 79 1.10 23.84 -44.39
N THR G 80 2.06 23.60 -45.28
CA THR G 80 2.62 22.27 -45.46
C THR G 80 4.14 22.29 -45.37
N ASN G 81 4.75 23.44 -45.67
CA ASN G 81 6.20 23.56 -45.74
C ASN G 81 6.86 23.69 -44.38
N TYR G 82 6.15 23.41 -43.29
CA TYR G 82 6.75 23.52 -41.97
C TYR G 82 7.81 22.44 -41.77
N LYS G 83 8.91 22.82 -41.13
CA LYS G 83 10.03 21.92 -40.90
C LYS G 83 10.53 22.08 -39.47
N ILE G 84 10.83 20.95 -38.83
CA ILE G 84 11.19 20.91 -37.41
C ILE G 84 12.63 20.46 -37.29
N PHE G 85 13.40 21.17 -36.46
CA PHE G 85 14.80 20.88 -36.23
C PHE G 85 15.06 20.66 -34.74
N ARG G 86 16.11 19.90 -34.45
CA ARG G 86 16.58 19.69 -33.09
C ARG G 86 17.89 20.43 -32.90
N ILE G 87 17.97 21.23 -31.84
CA ILE G 87 19.16 22.02 -31.52
C ILE G 87 19.70 21.52 -30.19
N TYR G 88 20.94 21.06 -30.20
CA TYR G 88 21.63 20.62 -29.00
C TYR G 88 22.09 21.85 -28.23
N PRO G 89 22.76 21.69 -27.08
CA PRO G 89 23.12 22.87 -26.27
C PRO G 89 23.85 23.93 -27.07
N PRO G 90 24.82 23.57 -27.95
CA PRO G 90 25.32 24.57 -28.89
C PRO G 90 24.53 24.53 -30.19
N LEU G 91 24.88 25.36 -31.17
CA LEU G 91 24.13 25.41 -32.42
C LEU G 91 24.44 24.15 -33.23
N ASP G 92 23.81 23.05 -32.81
CA ASP G 92 23.90 21.76 -33.50
C ASP G 92 22.51 21.47 -34.07
N ILE G 93 22.27 21.95 -35.29
CA ILE G 93 20.95 21.86 -35.91
C ILE G 93 20.84 20.56 -36.67
N THR G 94 19.74 19.85 -36.47
CA THR G 94 19.46 18.59 -37.16
C THR G 94 18.02 18.61 -37.64
N LEU G 95 17.81 18.48 -38.95
CA LEU G 95 16.46 18.41 -39.48
C LEU G 95 15.80 17.11 -39.05
N LEU G 96 14.59 17.19 -38.54
CA LEU G 96 13.91 16.03 -37.97
C LEU G 96 12.68 15.60 -38.75
N HIS G 97 11.68 16.46 -38.90
CA HIS G 97 10.38 15.95 -39.31
C HIS G 97 10.33 15.64 -40.80
N PRO G 98 10.55 16.62 -41.71
CA PRO G 98 10.61 16.20 -43.12
C PRO G 98 11.99 15.63 -43.44
N PHE G 99 12.23 14.41 -42.93
CA PHE G 99 13.59 13.87 -42.90
C PHE G 99 14.16 13.72 -44.30
N ASP G 100 13.38 13.23 -45.25
CA ASP G 100 13.79 13.13 -46.65
C ASP G 100 13.04 14.10 -47.54
N GLY G 101 12.45 15.15 -46.95
CA GLY G 101 11.68 16.11 -47.70
C GLY G 101 10.26 15.69 -47.99
N VAL G 102 9.91 14.44 -47.72
CA VAL G 102 8.57 13.92 -47.90
C VAL G 102 8.02 13.52 -46.54
N PHE G 103 6.76 13.86 -46.30
CA PHE G 103 6.14 13.53 -45.02
C PHE G 103 6.13 12.02 -44.83
N PRO G 104 6.25 11.55 -43.57
CA PRO G 104 6.36 10.09 -43.34
C PRO G 104 5.14 9.32 -43.80
N GLU G 105 3.98 9.96 -43.95
CA GLU G 105 2.77 9.27 -44.37
C GLU G 105 2.79 8.91 -45.86
N LYS G 106 3.62 9.58 -46.64
CA LYS G 106 3.74 9.32 -48.08
C LYS G 106 4.99 8.51 -48.34
N VAL G 107 4.85 7.44 -49.14
CA VAL G 107 5.97 6.56 -49.42
C VAL G 107 6.97 7.28 -50.31
N ASN G 108 8.24 7.22 -49.91
CA ASN G 108 9.33 7.79 -50.69
C ASN G 108 10.39 6.72 -50.93
N GLN G 109 10.91 6.67 -52.14
CA GLN G 109 12.00 5.76 -52.44
C GLN G 109 13.25 6.18 -51.66
N GLY G 110 14.07 5.19 -51.32
CA GLY G 110 15.25 5.43 -50.52
C GLY G 110 15.07 5.19 -49.04
N ARG G 111 13.92 4.70 -48.62
CA ARG G 111 13.66 4.37 -47.22
C ARG G 111 13.74 2.86 -47.04
N SER G 112 14.47 2.43 -46.01
CA SER G 112 14.56 1.01 -45.72
C SER G 112 13.71 0.66 -44.50
N PRO G 113 13.10 -0.52 -44.47
CA PRO G 113 12.27 -0.89 -43.32
C PRO G 113 13.12 -1.09 -42.08
N VAL G 114 12.71 -0.45 -40.99
CA VAL G 114 13.39 -0.55 -39.70
C VAL G 114 12.41 -1.15 -38.70
N GLY G 115 12.83 -2.20 -38.02
CA GLY G 115 11.98 -2.87 -37.05
C GLY G 115 10.89 -3.73 -37.66
N LYS G 116 11.16 -4.32 -38.83
CA LYS G 116 10.19 -5.18 -39.49
C LYS G 116 10.50 -6.64 -39.21
N ARG G 117 9.48 -7.37 -38.77
CA ARG G 117 9.58 -8.81 -38.54
C ARG G 117 8.79 -9.54 -39.62
N ASP G 118 9.40 -10.57 -40.20
CA ASP G 118 8.78 -11.30 -41.30
C ASP G 118 7.88 -12.42 -40.80
N ALA G 119 6.97 -12.07 -39.88
CA ALA G 119 6.00 -12.99 -39.31
C ALA G 119 4.97 -12.17 -38.56
N SER G 120 3.87 -12.81 -38.20
CA SER G 120 2.82 -12.15 -37.44
C SER G 120 3.18 -12.18 -35.96
N ILE G 121 2.25 -11.76 -35.10
CA ILE G 121 2.51 -11.75 -33.66
C ILE G 121 2.70 -13.16 -33.14
N GLY G 122 1.95 -14.12 -33.68
CA GLY G 122 1.99 -15.48 -33.19
C GLY G 122 3.32 -16.18 -33.36
N GLY G 123 4.19 -15.64 -34.20
CA GLY G 123 5.50 -16.21 -34.41
C GLY G 123 6.57 -15.77 -33.44
N ASN G 124 6.22 -14.98 -32.43
CA ASN G 124 7.21 -14.52 -31.48
C ASN G 124 7.72 -15.67 -30.62
N PRO G 125 9.00 -15.67 -30.25
CA PRO G 125 9.53 -16.78 -29.46
C PRO G 125 9.00 -16.77 -28.03
N ASN G 126 8.97 -17.97 -27.44
CA ASN G 126 8.50 -18.11 -26.07
C ASN G 126 9.48 -17.47 -25.10
N PRO G 127 9.01 -16.70 -24.12
CA PRO G 127 9.93 -16.02 -23.20
C PRO G 127 10.84 -16.95 -22.43
N ALA G 128 10.40 -18.17 -22.13
CA ALA G 128 11.23 -19.10 -21.38
C ALA G 128 12.50 -19.46 -22.14
N SER G 129 12.46 -19.38 -23.47
CA SER G 129 13.63 -19.62 -24.29
C SER G 129 14.50 -18.37 -24.44
N LEU G 130 14.10 -17.25 -23.85
CA LEU G 130 14.83 -15.99 -23.88
C LEU G 130 15.28 -15.60 -22.48
N LYS G 131 15.77 -16.57 -21.71
CA LYS G 131 16.17 -16.36 -20.33
C LYS G 131 17.70 -16.35 -20.24
N PHE G 132 18.23 -15.31 -19.59
CA PHE G 132 19.67 -15.13 -19.40
C PHE G 132 20.40 -14.93 -20.73
N GLN G 133 19.98 -13.90 -21.46
CA GLN G 133 20.72 -13.43 -22.63
C GLN G 133 20.78 -11.91 -22.63
N ILE H 2 -10.72 -22.10 -51.95
CA ILE H 2 -11.59 -21.06 -51.40
C ILE H 2 -11.80 -19.96 -52.43
N GLN H 3 -12.93 -19.26 -52.33
CA GLN H 3 -13.27 -18.20 -53.27
C GLN H 3 -14.20 -17.22 -52.57
N LYS H 4 -14.66 -16.23 -53.33
CA LYS H 4 -15.59 -15.25 -52.80
C LYS H 4 -16.89 -15.92 -52.34
N GLY H 5 -17.32 -15.59 -51.13
CA GLY H 5 -18.52 -16.17 -50.56
C GLY H 5 -18.32 -17.48 -49.84
N SER H 6 -17.13 -18.06 -49.90
CA SER H 6 -16.87 -19.31 -49.20
C SER H 6 -16.82 -19.08 -47.70
N THR H 7 -17.11 -20.14 -46.94
CA THR H 7 -17.07 -20.09 -45.48
C THR H 7 -15.82 -20.82 -45.00
N VAL H 8 -15.02 -20.14 -44.18
CA VAL H 8 -13.74 -20.66 -43.72
C VAL H 8 -13.66 -20.54 -42.20
N ARG H 9 -12.84 -21.40 -41.62
CA ARG H 9 -12.53 -21.35 -40.19
C ARG H 9 -11.15 -20.74 -40.01
N ILE H 10 -11.05 -19.80 -39.08
CA ILE H 10 -9.79 -19.10 -38.84
C ILE H 10 -8.88 -19.98 -38.01
N LEU H 11 -7.67 -20.21 -38.50
CA LEU H 11 -6.66 -21.01 -37.80
C LEU H 11 -5.58 -20.16 -37.16
N ARG H 12 -5.63 -18.83 -37.31
CA ARG H 12 -4.66 -17.96 -36.66
C ARG H 12 -4.98 -17.86 -35.19
N LYS H 13 -4.00 -18.17 -34.34
CA LYS H 13 -4.25 -18.22 -32.90
C LYS H 13 -4.44 -16.83 -32.30
N GLU H 14 -3.68 -15.85 -32.78
CA GLU H 14 -3.77 -14.49 -32.25
C GLU H 14 -4.88 -13.69 -32.94
N SER H 15 -6.06 -14.31 -33.04
CA SER H 15 -7.17 -13.74 -33.78
C SER H 15 -8.40 -13.68 -32.89
N TYR H 16 -9.14 -12.57 -32.99
CA TYR H 16 -10.41 -12.46 -32.31
C TYR H 16 -11.45 -13.43 -32.87
N TRP H 17 -11.18 -14.01 -34.04
CA TRP H 17 -12.11 -14.95 -34.65
C TRP H 17 -11.49 -16.34 -34.79
N TYR H 18 -10.51 -16.67 -33.95
CA TYR H 18 -9.92 -18.00 -33.97
C TYR H 18 -10.98 -19.04 -33.65
N ASN H 19 -10.93 -20.16 -34.37
CA ASN H 19 -11.88 -21.27 -34.29
C ASN H 19 -13.27 -20.88 -34.76
N GLU H 20 -13.49 -19.65 -35.20
CA GLU H 20 -14.78 -19.19 -35.67
C GLU H 20 -14.84 -19.24 -37.19
N SER H 21 -16.05 -19.10 -37.72
CA SER H 21 -16.29 -19.17 -39.15
C SER H 21 -16.59 -17.78 -39.71
N GLY H 22 -16.00 -17.46 -40.86
CA GLY H 22 -16.24 -16.21 -41.53
C GLY H 22 -16.50 -16.43 -43.00
N THR H 23 -16.86 -15.34 -43.67
CA THR H 23 -17.17 -15.36 -45.10
C THR H 23 -16.05 -14.69 -45.87
N VAL H 24 -15.53 -15.38 -46.88
CA VAL H 24 -14.43 -14.84 -47.67
C VAL H 24 -14.97 -13.76 -48.60
N VAL H 25 -14.38 -12.56 -48.52
CA VAL H 25 -14.80 -11.46 -49.38
C VAL H 25 -14.10 -11.52 -50.73
N VAL H 26 -12.80 -11.75 -50.72
CA VAL H 26 -12.02 -11.85 -51.95
C VAL H 26 -10.69 -12.51 -51.62
N VAL H 27 -10.24 -13.38 -52.52
CA VAL H 27 -8.92 -14.00 -52.43
C VAL H 27 -8.05 -13.35 -53.50
N ASP H 28 -7.04 -12.59 -53.07
CA ASP H 28 -6.17 -11.92 -54.01
C ASP H 28 -5.31 -12.93 -54.77
N GLN H 29 -5.16 -12.70 -56.07
CA GLN H 29 -4.36 -13.57 -56.92
C GLN H 29 -2.92 -13.08 -57.10
N SER H 30 -2.56 -11.96 -56.47
CA SER H 30 -1.20 -11.44 -56.58
C SER H 30 -0.30 -12.17 -55.60
N LYS H 31 0.92 -11.65 -55.42
CA LYS H 31 1.93 -12.27 -54.57
C LYS H 31 1.93 -11.71 -53.16
N VAL H 32 0.78 -11.27 -52.66
CA VAL H 32 0.71 -10.74 -51.31
C VAL H 32 0.79 -11.88 -50.29
N ARG H 33 1.19 -11.52 -49.07
CA ARG H 33 1.41 -12.53 -48.03
C ARG H 33 0.11 -13.05 -47.45
N TYR H 34 -0.89 -12.19 -47.31
CA TYR H 34 -2.18 -12.55 -46.71
C TYR H 34 -3.29 -12.16 -47.68
N PRO H 35 -3.57 -13.01 -48.67
CA PRO H 35 -4.53 -12.62 -49.72
C PRO H 35 -5.98 -12.77 -49.33
N VAL H 36 -6.29 -13.73 -48.46
CA VAL H 36 -7.69 -14.04 -48.16
C VAL H 36 -8.26 -12.96 -47.26
N LEU H 37 -9.35 -12.34 -47.71
CA LEU H 37 -10.06 -11.33 -46.94
C LEU H 37 -11.37 -11.94 -46.45
N VAL H 38 -11.55 -11.98 -45.13
CA VAL H 38 -12.68 -12.66 -44.50
C VAL H 38 -13.48 -11.64 -43.72
N ARG H 39 -14.81 -11.70 -43.86
CA ARG H 39 -15.73 -10.84 -43.13
C ARG H 39 -16.47 -11.65 -42.08
N PHE H 40 -16.58 -11.11 -40.88
CA PHE H 40 -17.21 -11.79 -39.76
C PHE H 40 -18.42 -10.99 -39.28
N THR H 41 -19.31 -11.69 -38.57
CA THR H 41 -20.49 -11.05 -38.01
C THR H 41 -20.20 -10.38 -36.67
N LYS H 42 -19.21 -10.89 -35.93
CA LYS H 42 -18.86 -10.35 -34.62
C LYS H 42 -17.70 -9.38 -34.77
N VAL H 43 -17.90 -8.14 -34.33
CA VAL H 43 -16.82 -7.17 -34.32
C VAL H 43 -15.81 -7.54 -33.25
N ASN H 44 -14.53 -7.25 -33.52
CA ASN H 44 -13.49 -7.54 -32.55
C ASN H 44 -13.46 -6.43 -31.49
N TYR H 45 -12.44 -6.44 -30.65
CA TYR H 45 -12.35 -5.44 -29.58
C TYR H 45 -12.09 -4.04 -30.12
N ALA H 46 -11.53 -3.93 -31.33
CA ALA H 46 -11.29 -2.63 -31.95
C ALA H 46 -12.47 -2.14 -32.76
N GLY H 47 -13.50 -2.96 -32.95
CA GLY H 47 -14.67 -2.59 -33.70
C GLY H 47 -14.70 -3.08 -35.13
N THR H 48 -13.58 -3.53 -35.66
CA THR H 48 -13.53 -4.03 -37.03
C THR H 48 -14.20 -5.41 -37.11
N ASN H 49 -14.69 -5.74 -38.31
CA ASN H 49 -15.33 -7.03 -38.55
C ASN H 49 -14.74 -7.73 -39.76
N THR H 50 -13.55 -7.35 -40.21
CA THR H 50 -12.92 -7.96 -41.36
C THR H 50 -11.41 -7.98 -41.15
N ASN H 51 -10.75 -8.93 -41.81
CA ASN H 51 -9.31 -9.05 -41.68
C ASN H 51 -8.76 -9.88 -42.83
N ASN H 52 -7.49 -9.65 -43.17
CA ASN H 52 -6.81 -10.40 -44.20
C ASN H 52 -6.06 -11.57 -43.58
N PHE H 53 -6.25 -12.76 -44.14
CA PHE H 53 -5.65 -13.98 -43.63
C PHE H 53 -4.85 -14.67 -44.72
N GLY H 54 -3.85 -15.45 -44.30
CA GLY H 54 -3.09 -16.23 -45.24
C GLY H 54 -3.83 -17.46 -45.72
N LEU H 55 -3.24 -18.14 -46.70
CA LEU H 55 -3.89 -19.31 -47.26
C LEU H 55 -3.86 -20.50 -46.30
N ASN H 56 -2.84 -20.57 -45.45
CA ASN H 56 -2.72 -21.65 -44.47
C ASN H 56 -3.36 -21.32 -43.14
N GLU H 57 -3.93 -20.13 -42.98
CA GLU H 57 -4.59 -19.73 -41.75
C GLU H 57 -6.11 -19.80 -41.85
N VAL H 58 -6.65 -20.28 -42.96
CA VAL H 58 -8.08 -20.44 -43.15
C VAL H 58 -8.36 -21.86 -43.61
N GLU H 59 -9.43 -22.45 -43.08
CA GLU H 59 -9.84 -23.80 -43.43
C GLU H 59 -11.30 -23.75 -43.86
N GLU H 60 -11.57 -24.15 -45.11
CA GLU H 60 -12.93 -24.07 -45.64
C GLU H 60 -13.86 -25.03 -44.92
N VAL H 61 -15.06 -24.55 -44.62
CA VAL H 61 -16.09 -25.39 -44.03
C VAL H 61 -16.81 -26.15 -45.13
N VAL H 62 -17.12 -27.42 -44.86
CA VAL H 62 -17.76 -28.29 -45.84
C VAL H 62 -19.09 -27.71 -46.32
N ASP I 25 -33.86 -32.62 19.49
CA ASP I 25 -33.91 -33.59 18.39
C ASP I 25 -32.68 -33.48 17.51
N ILE I 26 -32.90 -33.10 16.25
CA ILE I 26 -31.80 -33.00 15.29
C ILE I 26 -30.90 -31.84 15.67
N GLY I 27 -29.63 -32.13 15.92
CA GLY I 27 -28.68 -31.09 16.27
C GLY I 27 -28.90 -30.46 17.63
N GLY I 28 -29.59 -31.16 18.54
CA GLY I 28 -29.87 -30.61 19.85
C GLY I 28 -31.03 -29.63 19.90
N LEU I 29 -31.69 -29.38 18.77
CA LEU I 29 -32.81 -28.45 18.73
C LEU I 29 -34.06 -29.11 19.30
N ASN I 30 -35.07 -28.29 19.60
CA ASN I 30 -36.34 -28.75 20.12
C ASN I 30 -37.46 -28.12 19.31
N PRO I 31 -38.61 -28.79 19.23
CA PRO I 31 -39.75 -28.20 18.51
C PRO I 31 -40.16 -26.87 19.11
N CYS I 32 -40.56 -25.94 18.24
CA CYS I 32 -40.96 -24.62 18.71
C CYS I 32 -42.27 -24.64 19.47
N LYS I 33 -43.08 -25.68 19.30
CA LYS I 33 -44.33 -25.78 20.07
C LYS I 33 -44.07 -26.01 21.55
N ASP I 34 -42.89 -26.50 21.91
CA ASP I 34 -42.54 -26.75 23.32
C ASP I 34 -41.36 -25.90 23.76
N SER I 35 -41.05 -24.84 23.03
CA SER I 35 -39.94 -23.95 23.34
C SER I 35 -40.48 -22.77 24.17
N GLU I 36 -40.07 -22.70 25.43
CA GLU I 36 -40.55 -21.63 26.30
C GLU I 36 -40.10 -20.26 25.79
N VAL I 37 -38.87 -20.16 25.31
CA VAL I 37 -38.34 -18.88 24.83
C VAL I 37 -39.13 -18.40 23.61
N PHE I 38 -39.64 -19.32 22.80
CA PHE I 38 -40.50 -18.93 21.67
C PHE I 38 -41.76 -18.24 22.16
N GLN I 39 -42.42 -18.82 23.17
CA GLN I 39 -43.61 -18.20 23.72
C GLN I 39 -43.28 -16.89 24.44
N LYS I 40 -42.10 -16.80 25.06
CA LYS I 40 -41.68 -15.54 25.64
C LYS I 40 -41.52 -14.46 24.59
N ARG I 41 -40.94 -14.81 23.44
CA ARG I 41 -40.81 -13.87 22.34
C ARG I 41 -42.19 -13.40 21.86
N LEU I 42 -43.11 -14.34 21.70
CA LEU I 42 -44.45 -13.99 21.26
C LEU I 42 -45.12 -13.04 22.27
N ALA I 43 -45.01 -13.36 23.56
CA ALA I 43 -45.63 -12.54 24.59
C ALA I 43 -45.02 -11.15 24.63
N LYS I 44 -43.70 -11.05 24.50
CA LYS I 44 -43.05 -9.73 24.53
C LYS I 44 -43.47 -8.90 23.32
N THR I 45 -43.51 -9.50 22.13
CA THR I 45 -43.93 -8.75 20.95
C THR I 45 -45.37 -8.27 21.09
N VAL I 46 -46.25 -9.15 21.57
CA VAL I 46 -47.65 -8.78 21.74
C VAL I 46 -47.79 -7.67 22.79
N LYS I 47 -47.01 -7.76 23.87
CA LYS I 47 -47.07 -6.74 24.92
C LYS I 47 -46.60 -5.39 24.39
N LYS I 48 -45.51 -5.38 23.60
CA LYS I 48 -45.05 -4.13 23.02
C LYS I 48 -46.10 -3.54 22.08
N LEU I 49 -46.72 -4.39 21.26
CA LEU I 49 -47.75 -3.90 20.34
C LEU I 49 -48.95 -3.35 21.10
N GLU I 50 -49.36 -4.01 22.18
CA GLU I 50 -50.48 -3.52 22.97
C GLU I 50 -50.16 -2.22 23.67
N ASN I 51 -48.93 -2.09 24.19
CA ASN I 51 -48.52 -0.83 24.80
C ASN I 51 -48.54 0.30 23.78
N ARG I 52 -48.10 0.02 22.55
CA ARG I 52 -48.24 1.00 21.48
C ARG I 52 -49.70 1.30 21.21
N LEU I 53 -50.56 0.28 21.25
CA LEU I 53 -51.98 0.46 21.00
C LEU I 53 -52.65 1.33 22.06
N LYS I 54 -52.11 1.35 23.27
CA LYS I 54 -52.74 2.08 24.37
C LYS I 54 -52.75 3.59 24.14
N LYS I 55 -51.79 4.11 23.36
CA LYS I 55 -51.62 5.54 23.21
C LYS I 55 -52.46 6.15 22.09
N TYR I 56 -53.32 5.36 21.46
CA TYR I 56 -54.26 5.86 20.46
C TYR I 56 -55.68 5.76 21.02
N GLU I 57 -56.64 6.26 20.24
CA GLU I 57 -58.00 6.47 20.72
C GLU I 57 -59.01 5.70 19.88
N GLU I 58 -59.92 5.01 20.56
CA GLU I 58 -61.15 4.44 20.00
C GLU I 58 -60.84 3.58 18.77
N GLY I 59 -61.81 3.47 17.86
CA GLY I 59 -61.65 2.67 16.66
C GLY I 59 -61.01 3.45 15.51
N THR I 60 -59.99 4.23 15.84
CA THR I 60 -59.32 5.04 14.84
C THR I 60 -58.36 4.20 14.04
N PRO I 61 -58.10 4.57 12.78
CA PRO I 61 -57.30 3.71 11.90
C PRO I 61 -55.98 3.28 12.52
N PRO I 62 -55.29 4.13 13.31
CA PRO I 62 -54.08 3.63 13.97
C PRO I 62 -54.33 2.43 14.87
N GLN I 63 -55.41 2.44 15.64
CA GLN I 63 -55.71 1.29 16.50
C GLN I 63 -56.06 0.07 15.68
N ILE I 64 -56.77 0.26 14.56
CA ILE I 64 -57.09 -0.87 13.68
C ILE I 64 -55.81 -1.47 13.11
N ALA I 65 -54.87 -0.63 12.69
CA ALA I 65 -53.60 -1.11 12.15
C ALA I 65 -52.80 -1.87 13.20
N ILE I 66 -52.74 -1.33 14.43
CA ILE I 66 -51.99 -2.03 15.48
C ILE I 66 -52.65 -3.35 15.84
N GLN I 67 -53.99 -3.38 15.86
CA GLN I 67 -54.70 -4.62 16.14
C GLN I 67 -54.44 -5.66 15.04
N GLN I 68 -54.41 -5.20 13.78
CA GLN I 68 -54.06 -6.11 12.69
C GLN I 68 -52.63 -6.63 12.84
N GLN I 69 -51.72 -5.77 13.29
CA GLN I 69 -50.35 -6.21 13.56
C GLN I 69 -50.32 -7.29 14.63
N ILE I 70 -51.10 -7.10 15.71
CA ILE I 70 -51.14 -8.08 16.79
C ILE I 70 -51.70 -9.40 16.27
N THR I 71 -52.79 -9.34 15.50
CA THR I 71 -53.41 -10.55 14.96
C THR I 71 -52.44 -11.29 14.04
N GLN I 72 -51.75 -10.56 13.17
CA GLN I 72 -50.80 -11.19 12.26
C GLN I 72 -49.62 -11.80 13.02
N THR I 73 -49.15 -11.12 14.07
CA THR I 73 -48.07 -11.68 14.87
C THR I 73 -48.49 -12.98 15.54
N LYS I 74 -49.70 -12.99 16.12
CA LYS I 74 -50.19 -14.22 16.75
C LYS I 74 -50.35 -15.34 15.73
N GLN I 75 -50.89 -15.02 14.55
CA GLN I 75 -51.08 -16.03 13.52
C GLN I 75 -49.73 -16.60 13.05
N ARG I 76 -48.75 -15.72 12.85
CA ARG I 76 -47.43 -16.18 12.40
C ARG I 76 -46.77 -17.06 13.44
N PHE I 77 -46.84 -16.67 14.73
CA PHE I 77 -46.25 -17.49 15.76
C PHE I 77 -46.96 -18.84 15.88
N THR I 78 -48.29 -18.84 15.79
CA THR I 78 -49.03 -20.09 15.85
C THR I 78 -48.68 -21.00 14.68
N ARG I 79 -48.56 -20.43 13.48
CA ARG I 79 -48.22 -21.23 12.31
C ARG I 79 -46.81 -21.80 12.41
N TYR I 80 -45.87 -21.00 12.92
CA TYR I 80 -44.51 -21.49 13.10
C TYR I 80 -44.46 -22.59 14.15
N ALA I 81 -45.27 -22.48 15.20
CA ALA I 81 -45.30 -23.51 16.22
C ALA I 81 -45.80 -24.84 15.65
N ASP I 82 -46.87 -24.79 14.85
CA ASP I 82 -47.46 -26.00 14.27
C ASP I 82 -46.94 -26.22 12.84
N SER I 83 -45.61 -26.30 12.70
CA SER I 83 -45.02 -26.40 11.38
C SER I 83 -43.85 -27.36 11.31
N ASN I 84 -43.67 -28.23 12.32
CA ASN I 84 -42.51 -29.12 12.38
C ASN I 84 -41.21 -28.31 12.30
N LEU I 85 -41.19 -27.19 13.01
CA LEU I 85 -40.04 -26.30 13.02
C LEU I 85 -39.25 -26.49 14.31
N LEU I 86 -37.94 -26.60 14.19
CA LEU I 86 -37.06 -26.79 15.33
C LEU I 86 -36.50 -25.45 15.76
N CYS I 87 -36.59 -25.16 17.05
CA CYS I 87 -36.12 -23.91 17.62
C CYS I 87 -34.89 -24.16 18.49
N GLY I 88 -33.94 -23.24 18.44
CA GLY I 88 -32.75 -23.35 19.25
C GLY I 88 -32.96 -22.79 20.65
N ASN I 89 -31.84 -22.40 21.27
CA ASN I 89 -31.91 -21.80 22.60
C ASN I 89 -32.32 -20.33 22.56
N ASP I 90 -32.43 -19.73 21.38
CA ASP I 90 -32.87 -18.36 21.24
C ASP I 90 -34.34 -18.23 20.89
N GLY I 91 -35.05 -19.35 20.76
CA GLY I 91 -36.46 -19.29 20.39
C GLY I 91 -36.73 -18.80 18.99
N LEU I 92 -35.91 -19.20 18.03
CA LEU I 92 -36.11 -18.84 16.64
C LEU I 92 -36.07 -20.10 15.78
N PRO I 93 -36.92 -20.18 14.75
CA PRO I 93 -36.96 -21.40 13.93
C PRO I 93 -35.65 -21.61 13.18
N HIS I 94 -35.07 -22.79 13.38
CA HIS I 94 -33.86 -23.19 12.68
C HIS I 94 -34.22 -24.13 11.52
N LEU I 95 -33.51 -23.98 10.41
CA LEU I 95 -33.79 -24.75 9.21
C LEU I 95 -32.91 -25.98 9.16
N ILE I 96 -33.51 -27.14 8.93
CA ILE I 96 -32.81 -28.41 8.83
C ILE I 96 -32.68 -28.73 7.35
N THR I 97 -31.51 -28.43 6.78
CA THR I 97 -31.27 -28.57 5.35
C THR I 97 -30.25 -29.65 5.02
N ASP I 98 -30.14 -30.67 5.87
CA ASP I 98 -29.23 -31.78 5.58
C ASP I 98 -29.75 -32.65 4.45
N GLY I 99 -31.04 -32.60 4.17
CA GLY I 99 -31.60 -33.36 3.07
C GLY I 99 -32.75 -34.27 3.47
N ARG I 100 -32.99 -34.41 4.77
CA ARG I 100 -34.04 -35.30 5.24
C ARG I 100 -35.42 -34.78 4.82
N TRP I 101 -36.29 -35.69 4.39
CA TRP I 101 -37.61 -35.31 3.93
C TRP I 101 -38.53 -34.90 5.07
N SER I 102 -38.17 -35.22 6.31
CA SER I 102 -39.00 -34.81 7.45
C SER I 102 -39.13 -33.29 7.50
N HIS I 103 -38.01 -32.60 7.44
CA HIS I 103 -38.00 -31.14 7.26
C HIS I 103 -37.82 -30.79 5.79
N GLY I 104 -38.63 -31.39 4.91
CA GLY I 104 -38.49 -31.17 3.49
C GLY I 104 -39.12 -29.89 2.98
N SER I 105 -40.05 -29.32 3.74
CA SER I 105 -40.71 -28.09 3.34
C SER I 105 -39.88 -26.85 3.65
N GLU I 106 -38.75 -27.00 4.34
CA GLU I 106 -37.93 -25.85 4.68
C GLU I 106 -36.97 -25.49 3.55
N PHE I 107 -36.29 -26.48 2.99
CA PHE I 107 -35.34 -26.24 1.91
C PHE I 107 -35.67 -27.01 0.63
N LEU I 108 -35.99 -28.29 0.75
CA LEU I 108 -36.05 -29.17 -0.43
C LEU I 108 -37.17 -28.75 -1.38
N LEU I 109 -38.38 -28.58 -0.87
CA LEU I 109 -39.48 -28.16 -1.73
C LEU I 109 -39.27 -26.76 -2.31
N PRO I 110 -38.88 -25.75 -1.53
CA PRO I 110 -38.51 -24.47 -2.15
C PRO I 110 -37.36 -24.60 -3.13
N SER I 111 -36.41 -25.52 -2.87
CA SER I 111 -35.33 -25.75 -3.81
C SER I 111 -35.86 -26.23 -5.15
N ILE I 112 -36.78 -27.20 -5.12
CA ILE I 112 -37.38 -27.72 -6.35
C ILE I 112 -38.15 -26.61 -7.07
N LEU I 113 -38.91 -25.82 -6.31
CA LEU I 113 -39.68 -24.73 -6.92
C LEU I 113 -38.77 -23.73 -7.61
N PHE I 114 -37.69 -23.32 -6.93
CA PHE I 114 -36.78 -22.37 -7.56
C PHE I 114 -36.08 -22.99 -8.76
N LEU I 115 -35.68 -24.26 -8.66
CA LEU I 115 -35.01 -24.88 -9.79
C LEU I 115 -35.93 -24.89 -11.00
N TYR I 116 -37.21 -25.19 -10.80
CA TYR I 116 -38.17 -25.16 -11.90
C TYR I 116 -38.28 -23.76 -12.48
N ILE I 117 -38.46 -22.74 -11.64
CA ILE I 117 -38.67 -21.39 -12.14
C ILE I 117 -37.43 -20.86 -12.86
N SER I 118 -36.26 -21.06 -12.25
CA SER I 118 -35.02 -20.56 -12.83
C SER I 118 -34.66 -21.30 -14.11
N GLY I 119 -34.90 -22.62 -14.16
CA GLY I 119 -34.71 -23.34 -15.40
C GLY I 119 -35.65 -22.85 -16.48
N TRP I 120 -36.88 -22.52 -16.10
CA TRP I 120 -37.82 -21.91 -17.04
C TRP I 120 -37.23 -20.62 -17.62
N ILE I 121 -36.75 -19.74 -16.74
CA ILE I 121 -36.21 -18.45 -17.19
C ILE I 121 -35.02 -18.66 -18.11
N GLY I 122 -34.06 -19.49 -17.68
CA GLY I 122 -32.89 -19.73 -18.49
C GLY I 122 -33.22 -20.38 -19.82
N TRP I 123 -34.16 -21.33 -19.82
CA TRP I 123 -34.53 -21.99 -21.06
C TRP I 123 -35.19 -21.04 -22.04
N VAL I 124 -36.10 -20.19 -21.57
CA VAL I 124 -36.76 -19.28 -22.49
C VAL I 124 -35.76 -18.24 -23.00
N GLY I 125 -34.85 -17.78 -22.14
CA GLY I 125 -33.82 -16.86 -22.61
C GLY I 125 -32.92 -17.47 -23.67
N ARG I 126 -32.47 -18.71 -23.42
CA ARG I 126 -31.61 -19.39 -24.39
C ARG I 126 -32.34 -19.65 -25.69
N LYS I 127 -33.60 -20.07 -25.61
CA LYS I 127 -34.38 -20.33 -26.82
C LYS I 127 -34.58 -19.05 -27.62
N TYR I 128 -34.86 -17.93 -26.95
CA TYR I 128 -35.00 -16.67 -27.67
C TYR I 128 -33.68 -16.24 -28.30
N ILE I 129 -32.57 -16.42 -27.58
CA ILE I 129 -31.27 -16.05 -28.14
C ILE I 129 -30.96 -16.87 -29.38
N ARG I 130 -31.22 -18.19 -29.31
CA ARG I 130 -30.93 -19.04 -30.46
C ARG I 130 -31.90 -18.83 -31.60
N THR I 131 -33.12 -18.38 -31.30
CA THR I 131 -34.12 -18.21 -32.35
C THR I 131 -33.87 -16.93 -33.16
N VAL I 132 -33.66 -15.80 -32.48
CA VAL I 132 -33.34 -14.56 -33.18
C VAL I 132 -31.88 -14.49 -33.59
N GLY I 133 -31.08 -15.49 -33.24
CA GLY I 133 -29.71 -15.56 -33.73
C GLY I 133 -29.58 -16.04 -35.15
N GLN I 134 -30.67 -16.51 -35.75
CA GLN I 134 -30.67 -16.98 -37.13
C GLN I 134 -31.47 -16.05 -38.05
N THR I 135 -31.65 -14.80 -37.66
CA THR I 135 -32.35 -13.81 -38.47
C THR I 135 -31.35 -12.82 -39.05
N SER I 136 -31.84 -11.91 -39.88
CA SER I 136 -30.97 -10.98 -40.57
C SER I 136 -30.26 -10.03 -39.62
N ASN I 137 -30.97 -9.56 -38.58
CA ASN I 137 -30.43 -8.58 -37.63
C ASN I 137 -30.58 -9.13 -36.22
N PRO I 138 -29.71 -10.06 -35.82
CA PRO I 138 -29.83 -10.63 -34.47
C PRO I 138 -29.66 -9.61 -33.36
N THR I 139 -28.80 -8.61 -33.54
CA THR I 139 -28.57 -7.64 -32.48
C THR I 139 -29.73 -6.68 -32.30
N GLU I 140 -30.45 -6.37 -33.38
CA GLU I 140 -31.60 -5.48 -33.28
C GLU I 140 -32.71 -6.11 -32.43
N LYS I 141 -32.92 -7.42 -32.59
CA LYS I 141 -33.97 -8.12 -31.86
C LYS I 141 -33.63 -8.37 -30.40
N GLU I 142 -32.52 -7.84 -29.92
CA GLU I 142 -32.15 -7.98 -28.51
C GLU I 142 -32.40 -6.72 -27.70
N ILE I 143 -32.42 -5.55 -28.32
CA ILE I 143 -32.78 -4.31 -27.64
C ILE I 143 -34.24 -4.01 -27.90
N ILE I 144 -34.75 -4.49 -29.04
CA ILE I 144 -36.16 -4.35 -29.40
C ILE I 144 -36.70 -5.78 -29.51
N ILE I 145 -37.30 -6.26 -28.42
CA ILE I 145 -37.72 -7.65 -28.35
C ILE I 145 -38.87 -7.91 -29.30
N ASP I 146 -38.83 -9.05 -29.99
CA ASP I 146 -39.95 -9.52 -30.79
C ASP I 146 -40.99 -10.08 -29.82
N VAL I 147 -41.88 -9.21 -29.35
CA VAL I 147 -42.84 -9.60 -28.30
C VAL I 147 -43.68 -10.79 -28.72
N PRO I 148 -44.17 -10.92 -29.96
CA PRO I 148 -44.88 -12.17 -30.31
C PRO I 148 -44.03 -13.40 -30.12
N LEU I 149 -42.81 -13.41 -30.67
CA LEU I 149 -41.93 -14.57 -30.51
C LEU I 149 -41.52 -14.75 -29.07
N ALA I 150 -41.30 -13.65 -28.34
CA ALA I 150 -40.95 -13.74 -26.93
C ALA I 150 -42.06 -14.41 -26.13
N ILE I 151 -43.31 -14.02 -26.37
CA ILE I 151 -44.44 -14.64 -25.68
C ILE I 151 -44.56 -16.10 -26.09
N SER I 152 -44.32 -16.39 -27.37
CA SER I 152 -44.38 -17.78 -27.82
C SER I 152 -43.37 -18.66 -27.09
N ILE I 153 -42.16 -18.15 -26.91
CA ILE I 153 -41.10 -18.95 -26.27
C ILE I 153 -41.33 -19.03 -24.76
N MET I 154 -41.75 -17.93 -24.14
CA MET I 154 -41.84 -17.86 -22.68
C MET I 154 -42.85 -18.85 -22.12
N THR I 155 -44.01 -18.97 -22.75
CA THR I 155 -45.03 -19.91 -22.28
C THR I 155 -44.70 -21.35 -22.62
N SER I 156 -43.62 -21.59 -23.37
CA SER I 156 -43.17 -22.93 -23.71
C SER I 156 -42.11 -23.45 -22.76
N GLY I 157 -41.75 -22.70 -21.72
CA GLY I 157 -40.73 -23.11 -20.78
C GLY I 157 -41.19 -24.06 -19.70
N PHE I 158 -42.49 -24.37 -19.64
CA PHE I 158 -42.98 -25.32 -18.65
C PHE I 158 -42.45 -26.72 -18.87
N LEU I 159 -41.96 -27.01 -20.07
CA LEU I 159 -41.35 -28.30 -20.40
C LEU I 159 -39.83 -28.23 -20.41
N TRP I 160 -39.24 -27.22 -19.77
CA TRP I 160 -37.80 -27.07 -19.81
C TRP I 160 -37.04 -28.29 -19.30
N PRO I 161 -37.45 -28.99 -18.23
CA PRO I 161 -36.73 -30.22 -17.88
C PRO I 161 -36.79 -31.27 -18.98
N PHE I 162 -37.92 -31.39 -19.67
CA PHE I 162 -38.05 -32.34 -20.76
C PHE I 162 -37.34 -31.86 -22.02
N ALA I 163 -37.45 -30.57 -22.32
CA ALA I 163 -36.77 -30.03 -23.50
C ALA I 163 -35.26 -30.11 -23.36
N ALA I 164 -34.74 -29.85 -22.16
CA ALA I 164 -33.30 -29.96 -21.93
C ALA I 164 -32.83 -31.40 -22.09
N TRP I 165 -33.55 -32.36 -21.51
CA TRP I 165 -33.22 -33.75 -21.76
C TRP I 165 -33.99 -34.30 -22.95
N GLN I 166 -34.03 -33.51 -24.02
CA GLN I 166 -34.30 -33.96 -25.38
C GLN I 166 -33.41 -33.27 -26.39
N GLU I 167 -32.77 -32.17 -26.01
CA GLU I 167 -31.79 -31.46 -26.82
C GLU I 167 -30.37 -31.88 -26.47
N PHE I 168 -30.12 -32.24 -25.21
CA PHE I 168 -28.82 -32.81 -24.85
C PHE I 168 -28.62 -34.17 -25.50
N LEU I 169 -29.67 -34.96 -25.61
CA LEU I 169 -29.57 -36.27 -26.26
C LEU I 169 -29.23 -36.13 -27.74
N SER I 170 -29.80 -35.12 -28.40
CA SER I 170 -29.56 -34.91 -29.81
C SER I 170 -28.29 -34.14 -30.10
N GLY I 171 -27.54 -33.74 -29.07
CA GLY I 171 -26.31 -33.01 -29.26
C GLY I 171 -26.48 -31.55 -29.61
N ASP I 172 -27.69 -31.02 -29.53
CA ASP I 172 -27.98 -29.64 -29.87
C ASP I 172 -27.81 -28.69 -28.69
N LEU I 173 -27.46 -29.20 -27.52
CA LEU I 173 -27.33 -28.35 -26.33
C LEU I 173 -25.92 -27.81 -26.14
N ILE I 174 -24.90 -28.49 -26.65
CA ILE I 174 -23.51 -28.18 -26.35
C ILE I 174 -22.75 -27.95 -27.65
N ALA I 175 -21.97 -26.87 -27.71
CA ALA I 175 -21.02 -26.68 -28.79
C ALA I 175 -19.76 -27.50 -28.52
N SER I 176 -19.00 -27.78 -29.58
CA SER I 176 -17.86 -28.69 -29.47
C SER I 176 -16.52 -28.00 -29.69
N ASP I 177 -16.28 -27.42 -30.86
CA ASP I 177 -14.99 -26.80 -31.14
C ASP I 177 -15.08 -25.51 -31.95
N GLU I 178 -16.27 -25.04 -32.30
CA GLU I 178 -16.41 -23.72 -32.89
C GLU I 178 -16.25 -22.62 -31.84
N THR I 179 -16.24 -22.98 -30.56
CA THR I 179 -16.01 -22.01 -29.50
C THR I 179 -14.58 -21.48 -29.58
N ILE I 180 -14.44 -20.20 -29.31
CA ILE I 180 -13.15 -19.52 -29.44
C ILE I 180 -12.30 -19.76 -28.20
N THR I 181 -10.98 -19.76 -28.40
CA THR I 181 -10.03 -19.96 -27.32
C THR I 181 -8.92 -18.93 -27.44
N THR I 182 -8.36 -18.53 -26.30
CA THR I 182 -7.26 -17.58 -26.27
C THR I 182 -6.00 -18.22 -26.84
N SER I 183 -4.93 -17.43 -26.90
CA SER I 183 -3.68 -17.90 -27.50
C SER I 183 -3.08 -19.09 -26.77
N PRO I 184 -2.92 -19.10 -25.44
CA PRO I 184 -2.30 -20.29 -24.84
C PRO I 184 -3.29 -21.43 -24.63
N GLU J 44 15.14 -48.13 -19.58
CA GLU J 44 14.50 -46.96 -18.99
C GLU J 44 13.17 -46.67 -19.68
N SER J 45 12.83 -45.38 -19.78
CA SER J 45 11.60 -44.92 -20.42
C SER J 45 10.36 -45.52 -19.74
N THR J 46 10.18 -45.11 -18.48
CA THR J 46 9.02 -45.54 -17.71
C THR J 46 7.72 -45.00 -18.27
N TYR J 47 7.76 -44.02 -19.17
CA TYR J 47 6.55 -43.53 -19.81
C TYR J 47 5.90 -44.61 -20.65
N TRP J 48 4.57 -44.69 -20.58
CA TRP J 48 3.85 -45.73 -21.28
C TRP J 48 2.49 -45.20 -21.74
N GLU J 49 1.98 -45.79 -22.81
CA GLU J 49 0.67 -45.42 -23.33
C GLU J 49 -0.21 -46.62 -23.69
N GLY J 50 0.30 -47.85 -23.55
CA GLY J 50 -0.47 -49.02 -23.93
C GLY J 50 -1.49 -49.42 -22.89
N LYS J 51 -1.64 -50.73 -22.68
CA LYS J 51 -2.58 -51.24 -21.70
C LYS J 51 -1.98 -51.33 -20.31
N ALA J 52 -0.70 -51.69 -20.22
CA ALA J 52 0.01 -51.81 -18.95
C ALA J 52 1.38 -51.19 -19.07
N PRO J 53 1.93 -50.67 -17.98
CA PRO J 53 3.27 -50.11 -18.01
C PRO J 53 4.32 -51.20 -18.19
N PRO J 54 5.50 -50.87 -18.70
CA PRO J 54 6.57 -51.87 -18.79
C PRO J 54 7.02 -52.30 -17.41
N SER J 55 7.60 -53.51 -17.36
CA SER J 55 8.00 -54.08 -16.08
C SER J 55 9.12 -53.30 -15.39
N VAL J 56 9.78 -52.39 -16.11
CA VAL J 56 10.85 -51.60 -15.50
C VAL J 56 10.34 -50.68 -14.41
N VAL J 57 9.05 -50.33 -14.42
CA VAL J 57 8.50 -49.46 -13.38
C VAL J 57 8.42 -50.14 -12.03
N LEU J 58 8.57 -51.47 -11.98
CA LEU J 58 8.52 -52.21 -10.74
C LEU J 58 9.87 -52.28 -10.03
N GLY J 59 10.92 -51.76 -10.64
CA GLY J 59 12.24 -51.83 -10.07
C GLY J 59 12.92 -53.14 -10.43
N PRO J 60 14.26 -53.17 -10.34
CA PRO J 60 14.98 -54.39 -10.71
C PRO J 60 15.02 -55.42 -9.59
N PHE J 61 13.92 -55.55 -8.89
CA PHE J 61 13.65 -56.67 -7.98
C PHE J 61 12.27 -57.26 -8.22
N LEU J 62 11.27 -56.43 -8.50
CA LEU J 62 9.95 -56.92 -8.86
C LEU J 62 9.79 -57.13 -10.36
N SER J 63 10.70 -56.58 -11.17
CA SER J 63 10.62 -56.79 -12.62
C SER J 63 10.83 -58.25 -13.00
N LYS J 64 11.40 -59.06 -12.12
CA LYS J 64 11.75 -60.44 -12.42
C LYS J 64 10.93 -61.45 -11.61
N ILE J 65 9.97 -60.99 -10.84
CA ILE J 65 9.09 -61.91 -10.11
C ILE J 65 7.98 -62.37 -11.04
N PRO J 66 7.76 -63.68 -11.20
CA PRO J 66 6.61 -64.12 -11.98
C PRO J 66 5.30 -63.67 -11.34
N SER J 67 4.30 -63.38 -12.18
CA SER J 67 3.02 -62.93 -11.67
C SER J 67 2.35 -64.00 -10.83
N GLY J 68 2.57 -65.28 -11.15
CA GLY J 68 2.04 -66.36 -10.35
C GLY J 68 2.63 -66.42 -8.95
N VAL J 69 3.73 -65.71 -8.71
CA VAL J 69 4.27 -65.58 -7.36
C VAL J 69 3.75 -64.33 -6.67
N LEU J 70 3.73 -63.19 -7.39
CA LEU J 70 3.29 -61.94 -6.79
C LEU J 70 1.81 -61.98 -6.39
N GLY J 71 0.96 -62.56 -7.25
CA GLY J 71 -0.45 -62.59 -7.00
C GLY J 71 -0.83 -63.26 -5.69
N PRO J 72 -0.55 -64.56 -5.59
CA PRO J 72 -0.81 -65.25 -4.31
C PRO J 72 -0.09 -64.61 -3.13
N ALA J 73 1.14 -64.12 -3.35
CA ALA J 73 1.84 -63.42 -2.27
C ALA J 73 1.09 -62.17 -1.85
N SER J 74 0.55 -61.42 -2.82
CA SER J 74 -0.21 -60.22 -2.49
C SER J 74 -1.47 -60.57 -1.72
N LEU J 75 -2.18 -61.62 -2.14
CA LEU J 75 -3.39 -62.02 -1.42
C LEU J 75 -3.07 -62.47 0.00
N VAL J 76 -2.00 -63.26 0.16
CA VAL J 76 -1.60 -63.72 1.48
C VAL J 76 -1.21 -62.54 2.36
N ALA J 77 -0.47 -61.58 1.81
CA ALA J 77 -0.07 -60.41 2.58
C ALA J 77 -1.28 -59.59 2.99
N LEU J 78 -2.25 -59.42 2.08
CA LEU J 78 -3.45 -58.67 2.43
C LEU J 78 -4.24 -59.36 3.54
N ILE J 79 -4.40 -60.69 3.44
CA ILE J 79 -5.14 -61.42 4.47
C ILE J 79 -4.41 -61.33 5.80
N VAL J 80 -3.09 -61.51 5.80
CA VAL J 80 -2.31 -61.47 7.03
C VAL J 80 -2.39 -60.09 7.65
N GLY J 81 -2.26 -59.04 6.84
CA GLY J 81 -2.33 -57.69 7.38
C GLY J 81 -3.69 -57.34 7.93
N SER J 82 -4.76 -57.74 7.23
CA SER J 82 -6.10 -57.51 7.76
C SER J 82 -6.30 -58.24 9.07
N TYR J 83 -5.85 -59.49 9.16
CA TYR J 83 -6.00 -60.24 10.41
C TYR J 83 -5.18 -59.59 11.54
N CYS J 84 -3.97 -59.13 11.23
CA CYS J 84 -3.15 -58.49 12.25
C CYS J 84 -3.79 -57.20 12.75
N THR J 85 -4.34 -56.40 11.82
CA THR J 85 -5.04 -55.19 12.21
C THR J 85 -6.27 -55.51 13.07
N HIS J 86 -7.03 -56.53 12.67
CA HIS J 86 -8.22 -56.90 13.42
C HIS J 86 -7.91 -57.62 14.72
N GLU J 87 -6.69 -58.08 14.92
CA GLU J 87 -6.32 -58.70 16.18
C GLU J 87 -5.71 -57.67 17.14
N SER J 88 -4.94 -56.72 16.62
CA SER J 88 -4.44 -55.64 17.47
C SER J 88 -5.56 -54.72 17.92
N ASN J 89 -6.52 -54.43 17.02
CA ASN J 89 -7.66 -53.58 17.34
C ASN J 89 -8.95 -54.30 17.00
N ILE J 90 -10.07 -53.59 17.02
CA ILE J 90 -11.36 -54.09 16.53
C ILE J 90 -11.83 -55.29 17.36
N PHE J 91 -11.18 -56.43 17.19
CA PHE J 91 -11.58 -57.62 17.96
C PHE J 91 -11.12 -57.51 19.41
N ASN J 92 -9.91 -57.02 19.64
CA ASN J 92 -9.39 -56.79 20.98
C ASN J 92 -8.95 -55.34 21.06
N THR J 93 -9.49 -54.61 22.04
CA THR J 93 -9.18 -53.19 22.17
C THR J 93 -7.71 -53.00 22.54
N LEU J 94 -7.10 -51.96 21.97
CA LEU J 94 -5.69 -51.71 22.20
C LEU J 94 -5.45 -51.22 23.62
N THR J 95 -4.25 -51.53 24.13
CA THR J 95 -3.86 -51.13 25.47
C THR J 95 -2.35 -50.95 25.47
N VAL J 96 -1.85 -50.20 26.45
CA VAL J 96 -0.40 -49.95 26.54
C VAL J 96 0.36 -51.25 26.64
N ASP J 97 -0.16 -52.21 27.41
CA ASP J 97 0.52 -53.48 27.64
C ASP J 97 0.41 -54.44 26.47
N THR J 98 -0.42 -54.13 25.46
CA THR J 98 -0.66 -55.02 24.32
C THR J 98 -0.44 -54.24 23.04
N ILE J 99 0.78 -54.29 22.49
CA ILE J 99 1.11 -53.63 21.23
C ILE J 99 1.51 -54.62 20.16
N TYR J 100 2.28 -55.65 20.53
CA TYR J 100 2.55 -56.79 19.64
C TYR J 100 3.16 -56.38 18.30
N PRO J 101 4.47 -56.10 18.29
CA PRO J 101 5.14 -55.75 17.03
C PRO J 101 4.82 -56.65 15.87
N ALA J 102 4.46 -57.92 16.10
CA ALA J 102 4.03 -58.78 15.00
C ALA J 102 2.77 -58.25 14.33
N TYR J 103 1.76 -57.89 15.15
CA TYR J 103 0.54 -57.32 14.60
C TYR J 103 0.80 -55.97 13.95
N VAL J 104 1.67 -55.17 14.55
CA VAL J 104 2.00 -53.90 13.95
C VAL J 104 2.75 -54.09 12.64
N LEU J 105 3.85 -54.80 12.72
CA LEU J 105 4.56 -55.06 11.52
C LEU J 105 3.65 -55.72 10.56
N GLY J 106 2.74 -56.54 11.03
CA GLY J 106 1.86 -57.28 10.16
C GLY J 106 1.01 -56.29 9.46
N SER J 107 0.27 -55.51 10.24
CA SER J 107 -0.61 -54.51 9.68
C SER J 107 0.10 -53.72 8.60
N PHE J 108 1.41 -53.52 8.72
CA PHE J 108 2.08 -52.84 7.61
C PHE J 108 2.04 -53.58 6.27
N LEU J 109 1.64 -54.83 6.19
CA LEU J 109 1.51 -55.63 5.02
C LEU J 109 0.27 -55.33 4.24
N THR J 110 -0.71 -54.67 4.88
CA THR J 110 -1.92 -54.25 4.19
C THR J 110 -1.59 -53.13 3.21
N PRO J 111 -0.97 -52.03 3.67
CA PRO J 111 -0.56 -51.05 2.67
C PRO J 111 0.31 -51.71 1.61
N ILE J 112 1.26 -52.53 2.05
CA ILE J 112 2.16 -53.21 1.11
C ILE J 112 1.37 -54.08 0.13
N SER J 113 0.51 -54.94 0.65
CA SER J 113 -0.31 -55.79 -0.21
C SER J 113 -0.79 -55.02 -1.44
N TRP J 114 -1.27 -53.81 -1.26
CA TRP J 114 -1.72 -52.99 -2.37
C TRP J 114 -0.62 -52.96 -3.39
N GLY J 115 0.60 -52.69 -3.01
CA GLY J 115 1.64 -52.57 -4.01
C GLY J 115 1.96 -53.89 -4.67
N LEU J 116 1.93 -54.98 -3.90
CA LEU J 116 2.27 -56.29 -4.43
C LEU J 116 1.27 -56.73 -5.49
N HIS J 117 -0.02 -56.53 -5.26
CA HIS J 117 -0.95 -56.97 -6.30
C HIS J 117 -0.98 -56.02 -7.48
N VAL J 118 -0.68 -54.74 -7.28
CA VAL J 118 -0.52 -53.85 -8.44
C VAL J 118 0.63 -54.35 -9.31
N ALA J 119 1.75 -54.71 -8.68
CA ALA J 119 2.88 -55.28 -9.42
C ALA J 119 2.53 -56.61 -10.04
N ALA J 120 1.70 -57.41 -9.37
CA ALA J 120 1.28 -58.70 -9.92
C ALA J 120 0.48 -58.50 -11.20
N TRP J 121 -0.44 -57.55 -11.21
CA TRP J 121 -1.20 -57.25 -12.42
C TRP J 121 -0.28 -56.75 -13.52
N ILE J 122 0.67 -55.87 -13.16
CA ILE J 122 1.59 -55.33 -14.17
C ILE J 122 2.41 -56.46 -14.79
N GLN J 123 2.89 -57.39 -13.97
CA GLN J 123 3.66 -58.51 -14.48
C GLN J 123 2.79 -59.43 -15.35
N LYS J 124 1.54 -59.68 -14.92
CA LYS J 124 0.67 -60.55 -15.69
C LYS J 124 0.38 -59.98 -17.07
N MET J 125 0.14 -58.67 -17.14
CA MET J 125 -0.17 -58.06 -18.43
C MET J 125 1.05 -57.96 -19.33
N ASN J 126 2.26 -58.04 -18.77
CA ASN J 126 3.49 -57.95 -19.54
C ASN J 126 4.06 -59.32 -19.88
N LYS J 127 3.23 -60.37 -19.85
CA LYS J 127 3.63 -61.73 -20.18
C LYS J 127 4.79 -62.19 -19.28
N ALA J 128 4.55 -62.12 -17.98
CA ALA J 128 5.53 -62.53 -16.99
C ALA J 128 4.86 -63.23 -15.82
N MET K 1 28.29 3.28 35.42
CA MET K 1 27.16 3.32 34.51
C MET K 1 26.24 2.11 34.73
N SER K 2 25.01 2.38 35.16
CA SER K 2 24.06 1.32 35.42
C SER K 2 23.47 0.80 34.11
N LEU K 3 22.76 -0.33 34.20
CA LEU K 3 22.10 -0.90 33.04
C LEU K 3 20.89 -0.10 32.60
N ASP K 4 20.30 0.69 33.49
CA ASP K 4 19.11 1.46 33.15
C ASP K 4 19.44 2.74 32.39
N LEU K 5 20.72 3.11 32.30
CA LEU K 5 21.14 4.22 31.46
C LEU K 5 21.31 3.83 30.00
N LEU K 6 21.36 2.52 29.71
CA LEU K 6 21.52 2.06 28.34
C LEU K 6 20.40 2.51 27.41
N PRO K 7 19.12 2.48 27.79
CA PRO K 7 18.09 3.03 26.89
C PRO K 7 18.34 4.48 26.51
N SER K 8 18.63 5.34 27.49
CA SER K 8 18.88 6.75 27.19
C SER K 8 20.18 6.95 26.40
N PHE K 9 21.12 6.01 26.49
CA PHE K 9 22.32 6.12 25.68
C PHE K 9 22.09 5.65 24.24
N PHE K 10 21.28 4.62 24.05
CA PHE K 10 21.16 3.94 22.77
C PHE K 10 20.00 4.43 21.91
N VAL K 11 18.82 4.65 22.49
CA VAL K 11 17.66 5.05 21.69
C VAL K 11 17.91 6.34 20.92
N PRO K 12 18.41 7.42 21.53
CA PRO K 12 18.75 8.59 20.69
C PRO K 12 19.82 8.26 19.68
N LEU K 13 20.88 7.58 20.12
CA LEU K 13 21.95 7.17 19.22
C LEU K 13 21.41 6.49 17.98
N VAL K 14 20.75 5.34 18.15
CA VAL K 14 20.22 4.61 17.01
C VAL K 14 19.26 5.52 16.25
N GLY K 15 18.14 5.88 16.89
CA GLY K 15 16.99 6.44 16.20
C GLY K 15 17.19 7.82 15.62
N LEU K 16 18.31 8.49 15.91
CA LEU K 16 18.60 9.75 15.27
C LEU K 16 19.91 9.74 14.51
N VAL K 17 21.00 9.27 15.12
CA VAL K 17 22.29 9.27 14.45
C VAL K 17 22.30 8.30 13.28
N LEU K 18 21.82 7.07 13.50
CA LEU K 18 21.83 6.10 12.41
C LEU K 18 21.02 6.56 11.20
N PRO K 19 19.82 7.14 11.35
CA PRO K 19 19.19 7.76 10.19
C PRO K 19 20.05 8.80 9.51
N LEU K 20 20.75 9.66 10.25
CA LEU K 20 21.53 10.72 9.60
C LEU K 20 22.63 10.15 8.74
N PHE K 21 23.45 9.26 9.30
CA PHE K 21 24.56 8.69 8.55
C PHE K 21 24.06 7.79 7.43
N SER K 22 22.97 7.05 7.67
CA SER K 22 22.42 6.19 6.62
C SER K 22 21.89 7.03 5.46
N ILE K 23 21.21 8.15 5.76
CA ILE K 23 20.75 9.05 4.71
C ILE K 23 21.93 9.64 3.94
N ILE K 24 22.97 10.05 4.66
CA ILE K 24 24.15 10.59 3.98
C ILE K 24 24.72 9.56 3.01
N GLY K 25 24.93 8.33 3.49
CA GLY K 25 25.51 7.30 2.65
C GLY K 25 24.63 6.93 1.48
N LEU K 26 23.33 6.76 1.72
CA LEU K 26 22.42 6.36 0.66
C LEU K 26 22.27 7.46 -0.38
N PHE K 27 22.16 8.72 0.04
CA PHE K 27 22.08 9.82 -0.91
C PHE K 27 23.35 9.91 -1.74
N LEU K 28 24.50 9.81 -1.09
CA LEU K 28 25.77 9.85 -1.83
C LEU K 28 25.84 8.71 -2.83
N TYR K 29 25.43 7.51 -2.43
CA TYR K 29 25.51 6.36 -3.31
C TYR K 29 24.56 6.49 -4.51
N ILE K 30 23.31 6.84 -4.26
CA ILE K 30 22.33 6.92 -5.34
C ILE K 30 22.51 8.15 -6.21
N GLU K 31 23.30 9.12 -5.77
CA GLU K 31 23.60 10.28 -6.60
C GLU K 31 24.97 10.21 -7.26
N LYS K 32 25.63 9.05 -7.21
CA LYS K 32 26.93 8.91 -7.84
C LYS K 32 26.81 8.95 -9.36
N GLU K 33 27.97 9.03 -10.01
CA GLU K 33 28.05 8.99 -11.46
C GLU K 33 29.02 7.91 -11.90
N ASN K 34 29.34 7.88 -13.20
CA ASN K 34 30.28 6.89 -13.71
C ASN K 34 31.37 7.55 -14.55
N MET L 1 -50.08 3.73 -34.35
CA MET L 1 -49.78 2.82 -33.26
C MET L 1 -48.93 1.64 -33.73
N LYS L 2 -48.15 1.85 -34.78
CA LYS L 2 -47.24 0.82 -35.27
C LYS L 2 -45.84 1.00 -34.69
N ASP L 3 -45.37 2.24 -34.57
CA ASP L 3 -44.08 2.52 -33.95
C ASP L 3 -44.17 2.69 -32.45
N PHE L 4 -45.34 3.09 -31.94
CA PHE L 4 -45.53 3.13 -30.49
C PHE L 4 -45.45 1.73 -29.89
N LEU L 5 -46.09 0.75 -30.54
CA LEU L 5 -46.00 -0.63 -30.08
C LEU L 5 -44.58 -1.17 -30.24
N LYS L 6 -43.85 -0.69 -31.26
CA LYS L 6 -42.45 -1.05 -31.37
C LYS L 6 -41.62 -0.39 -30.27
N TYR L 7 -41.97 0.83 -29.89
CA TYR L 7 -41.28 1.48 -28.77
C TYR L 7 -41.53 0.73 -27.47
N LEU L 8 -42.78 0.27 -27.25
CA LEU L 8 -43.09 -0.52 -26.08
C LEU L 8 -42.37 -1.87 -26.09
N SER L 9 -41.89 -2.30 -27.25
CA SER L 9 -41.15 -3.55 -27.38
C SER L 9 -39.66 -3.38 -27.11
N THR L 10 -39.20 -2.17 -26.81
CA THR L 10 -37.80 -1.95 -26.51
C THR L 10 -37.43 -2.60 -25.18
N ALA L 11 -36.13 -2.82 -25.00
CA ALA L 11 -35.63 -3.46 -23.79
C ALA L 11 -36.00 -2.74 -22.51
N PRO L 12 -35.89 -1.40 -22.38
CA PRO L 12 -36.17 -0.78 -21.08
C PRO L 12 -37.63 -0.86 -20.69
N VAL L 13 -38.52 -0.55 -21.64
CA VAL L 13 -39.95 -0.56 -21.35
C VAL L 13 -40.40 -1.99 -21.01
N LEU L 14 -39.94 -2.97 -21.78
CA LEU L 14 -40.32 -4.35 -21.50
C LEU L 14 -39.77 -4.83 -20.18
N LEU L 15 -38.51 -4.48 -19.86
CA LEU L 15 -37.95 -4.88 -18.57
C LEU L 15 -38.68 -4.21 -17.42
N THR L 16 -39.01 -2.92 -17.57
CA THR L 16 -39.75 -2.23 -16.52
C THR L 16 -41.12 -2.85 -16.32
N ALA L 17 -41.84 -3.16 -17.40
CA ALA L 17 -43.14 -3.78 -17.28
C ALA L 17 -43.04 -5.15 -16.64
N TRP L 18 -42.06 -5.96 -17.07
CA TRP L 18 -41.93 -7.31 -16.53
C TRP L 18 -41.52 -7.28 -15.06
N LEU L 19 -40.61 -6.39 -14.68
CA LEU L 19 -40.20 -6.30 -13.28
C LEU L 19 -41.31 -5.73 -12.41
N THR L 20 -42.09 -4.79 -12.94
CA THR L 20 -43.23 -4.26 -12.20
C THR L 20 -44.26 -5.36 -11.96
N PHE L 21 -44.57 -6.14 -13.01
CA PHE L 21 -45.49 -7.26 -12.86
C PHE L 21 -44.95 -8.31 -11.88
N THR L 22 -43.64 -8.57 -11.95
CA THR L 22 -43.03 -9.58 -11.08
C THR L 22 -43.09 -9.16 -9.62
N ALA L 23 -42.63 -7.94 -9.34
CA ALA L 23 -42.74 -7.40 -7.99
C ALA L 23 -44.20 -7.36 -7.55
N GLY L 24 -45.11 -7.07 -8.47
CA GLY L 24 -46.51 -7.02 -8.11
C GLY L 24 -47.03 -8.36 -7.63
N PHE L 25 -46.78 -9.43 -8.39
CA PHE L 25 -47.35 -10.70 -7.94
C PHE L 25 -46.61 -11.25 -6.73
N VAL L 26 -45.32 -10.92 -6.59
CA VAL L 26 -44.60 -11.31 -5.38
C VAL L 26 -45.20 -10.61 -4.16
N ILE L 27 -45.38 -9.29 -4.25
CA ILE L 27 -45.93 -8.53 -3.13
C ILE L 27 -47.34 -9.00 -2.79
N GLU L 28 -48.13 -9.34 -3.81
CA GLU L 28 -49.49 -9.76 -3.52
C GLU L 28 -49.56 -11.17 -2.94
N ILE L 29 -48.67 -12.08 -3.37
CA ILE L 29 -48.57 -13.36 -2.70
C ILE L 29 -48.20 -13.15 -1.24
N ASN L 30 -47.25 -12.26 -0.97
CA ASN L 30 -46.84 -12.03 0.41
C ASN L 30 -47.88 -11.26 1.21
N ARG L 31 -48.81 -10.56 0.55
CA ARG L 31 -49.93 -9.96 1.28
C ARG L 31 -50.97 -11.01 1.65
N PHE L 32 -51.36 -11.85 0.68
CA PHE L 32 -52.43 -12.80 0.94
C PHE L 32 -51.98 -13.98 1.79
N TYR L 33 -50.71 -14.37 1.68
CA TYR L 33 -50.13 -15.41 2.54
C TYR L 33 -48.84 -14.87 3.13
N PRO L 34 -48.92 -14.04 4.15
CA PRO L 34 -47.72 -13.42 4.73
C PRO L 34 -46.97 -14.38 5.65
N ASP L 35 -45.73 -14.00 5.95
CA ASP L 35 -44.91 -14.68 6.95
C ASP L 35 -44.73 -16.17 6.62
N ALA L 36 -44.46 -16.47 5.36
CA ALA L 36 -44.28 -17.84 4.91
C ALA L 36 -42.80 -18.19 4.99
N LEU L 37 -42.41 -18.87 6.07
CA LEU L 37 -41.02 -19.26 6.24
C LEU L 37 -40.69 -20.59 5.56
N THR L 38 -41.63 -21.52 5.54
CA THR L 38 -41.45 -22.83 4.91
C THR L 38 -42.49 -23.01 3.81
N PHE L 39 -42.34 -24.10 3.07
CA PHE L 39 -43.31 -24.43 2.03
C PHE L 39 -44.67 -24.68 2.67
N PRO L 40 -45.76 -24.16 2.10
CA PRO L 40 -47.08 -24.34 2.73
C PRO L 40 -47.48 -25.80 2.87
N PHE L 41 -47.10 -26.65 1.93
CA PHE L 41 -47.42 -28.07 2.02
C PHE L 41 -46.57 -28.75 3.09
N VAL M 2 -0.92 51.31 -21.99
CA VAL M 2 0.29 50.65 -21.53
C VAL M 2 -0.01 49.22 -21.10
N SER M 3 1.01 48.37 -21.16
CA SER M 3 0.91 46.99 -20.71
C SER M 3 2.08 46.70 -19.77
N PHE M 4 1.79 46.13 -18.61
CA PHE M 4 2.81 45.88 -17.60
C PHE M 4 3.25 44.42 -17.56
N ILE M 5 2.81 43.60 -18.50
CA ILE M 5 3.28 42.22 -18.64
C ILE M 5 3.72 42.02 -20.09
N LYS M 6 4.97 41.63 -20.28
CA LYS M 6 5.55 41.44 -21.59
C LYS M 6 6.41 40.18 -21.55
N PRO M 7 6.69 39.58 -22.72
CA PRO M 7 7.58 38.42 -22.74
C PRO M 7 8.95 38.76 -22.15
N TYR M 8 9.53 37.78 -21.46
CA TYR M 8 10.77 38.01 -20.74
C TYR M 8 11.93 38.14 -21.70
N ARG M 9 12.62 39.29 -21.66
CA ARG M 9 13.80 39.55 -22.49
C ARG M 9 13.51 39.35 -23.97
N GLN M 10 12.30 39.73 -24.39
CA GLN M 10 11.88 39.69 -25.78
C GLN M 10 11.92 38.27 -26.35
N ASP M 11 11.75 37.26 -25.51
CA ASP M 11 11.68 35.87 -25.94
C ASP M 11 10.30 35.32 -25.61
N PRO M 12 9.39 35.21 -26.59
CA PRO M 12 8.04 34.71 -26.30
C PRO M 12 7.95 33.22 -26.06
N PHE M 13 9.07 32.49 -26.10
CA PHE M 13 9.07 31.05 -25.96
C PHE M 13 9.63 30.57 -24.64
N VAL M 14 10.15 31.46 -23.80
CA VAL M 14 10.58 31.06 -22.46
C VAL M 14 9.36 30.78 -21.60
N GLY M 15 9.52 29.88 -20.63
CA GLY M 15 8.47 29.64 -19.67
C GLY M 15 8.51 30.66 -18.56
N HIS M 16 8.44 31.94 -18.93
CA HIS M 16 8.59 33.02 -17.97
C HIS M 16 7.94 34.28 -18.54
N LEU M 17 7.65 35.23 -17.66
CA LEU M 17 7.03 36.49 -18.05
C LEU M 17 7.68 37.63 -17.30
N ALA M 18 7.65 38.82 -17.91
CA ALA M 18 8.19 40.04 -17.30
C ALA M 18 7.03 40.79 -16.67
N THR M 19 6.65 40.36 -15.48
CA THR M 19 5.56 40.95 -14.72
C THR M 19 6.09 42.05 -13.81
N PRO M 20 5.21 42.87 -13.22
CA PRO M 20 5.69 43.91 -12.30
C PRO M 20 6.27 43.37 -11.00
N ILE M 21 6.49 42.05 -10.94
CA ILE M 21 7.09 41.41 -9.78
C ILE M 21 8.38 40.70 -10.14
N THR M 22 8.44 40.06 -11.31
CA THR M 22 9.67 39.39 -11.71
C THR M 22 10.75 40.39 -12.09
N THR M 23 10.39 41.45 -12.83
CA THR M 23 11.36 42.39 -13.37
C THR M 23 11.02 43.83 -12.98
N SER M 24 10.64 44.05 -11.73
CA SER M 24 10.44 45.40 -11.24
C SER M 24 11.73 45.92 -10.60
N ALA M 25 11.90 47.24 -10.62
CA ALA M 25 13.10 47.84 -10.06
C ALA M 25 13.24 47.49 -8.58
N PHE M 26 12.12 47.46 -7.85
CA PHE M 26 12.16 47.04 -6.46
C PHE M 26 12.68 45.62 -6.33
N THR M 27 12.17 44.71 -7.16
CA THR M 27 12.65 43.33 -7.13
C THR M 27 14.13 43.26 -7.46
N ARG M 28 14.57 44.02 -8.47
CA ARG M 28 15.98 44.03 -8.84
C ARG M 28 16.86 44.45 -7.68
N ALA M 29 16.57 45.61 -7.08
CA ALA M 29 17.41 46.10 -6.00
C ALA M 29 17.33 45.19 -4.78
N TYR M 30 16.13 44.73 -4.42
CA TYR M 30 15.97 43.91 -3.23
C TYR M 30 16.72 42.59 -3.37
N LEU M 31 16.66 41.96 -4.54
CA LEU M 31 17.40 40.72 -4.72
C LEU M 31 18.89 40.96 -4.89
N LYS M 32 19.29 42.14 -5.35
CA LYS M 32 20.71 42.44 -5.47
C LYS M 32 21.34 42.87 -4.16
N VAL M 33 20.55 43.21 -3.14
CA VAL M 33 21.13 43.47 -1.82
C VAL M 33 21.12 42.23 -0.93
N LEU M 34 20.50 41.14 -1.35
CA LEU M 34 20.50 39.93 -0.58
C LEU M 34 21.87 39.26 -0.65
N PRO M 35 22.27 38.54 0.40
CA PRO M 35 23.61 37.92 0.40
C PRO M 35 23.84 36.95 -0.75
N ALA M 36 22.78 36.25 -1.20
CA ALA M 36 22.96 35.27 -2.27
C ALA M 36 23.33 35.94 -3.59
N TYR M 37 22.95 37.19 -3.79
CA TYR M 37 23.21 37.89 -5.04
C TYR M 37 23.95 39.20 -4.87
N ARG M 38 24.31 39.58 -3.65
CA ARG M 38 24.98 40.85 -3.44
C ARG M 38 26.36 40.83 -4.10
N PRO M 39 26.70 41.82 -4.91
CA PRO M 39 28.03 41.85 -5.54
C PRO M 39 29.13 42.11 -4.53
N GLY M 40 30.33 41.62 -4.86
CA GLY M 40 31.48 41.85 -4.03
C GLY M 40 31.62 40.94 -2.83
N LEU M 41 30.89 39.84 -2.79
CA LEU M 41 30.94 38.90 -1.68
C LEU M 41 31.57 37.59 -2.12
N THR M 42 32.53 37.12 -1.34
CA THR M 42 33.07 35.77 -1.53
C THR M 42 32.03 34.74 -1.10
N PRO M 43 32.13 33.50 -1.59
CA PRO M 43 31.13 32.50 -1.19
C PRO M 43 31.11 32.25 0.30
N LEU M 44 32.27 32.35 0.96
CA LEU M 44 32.32 32.22 2.42
C LEU M 44 31.52 33.34 3.08
N SER M 45 31.63 34.57 2.58
CA SER M 45 30.88 35.68 3.15
C SER M 45 29.38 35.50 2.95
N ARG M 46 28.97 35.07 1.76
CA ARG M 46 27.56 34.80 1.51
C ARG M 46 27.03 33.74 2.46
N GLY M 47 27.78 32.64 2.61
CA GLY M 47 27.37 31.60 3.53
C GLY M 47 27.30 32.10 4.95
N ALA M 48 28.28 32.90 5.37
CA ALA M 48 28.30 33.41 6.74
C ALA M 48 27.09 34.29 7.02
N GLU M 49 26.77 35.20 6.10
CA GLU M 49 25.61 36.07 6.31
C GLU M 49 24.31 35.28 6.31
N ILE M 50 24.17 34.34 5.37
CA ILE M 50 22.95 33.53 5.31
C ILE M 50 22.79 32.73 6.59
N GLY M 51 23.87 32.11 7.05
CA GLY M 51 23.81 31.34 8.28
C GLY M 51 23.48 32.19 9.49
N PHE M 52 24.07 33.39 9.57
CA PHE M 52 23.77 34.27 10.69
C PHE M 52 22.28 34.60 10.72
N THR M 53 21.73 35.06 9.59
CA THR M 53 20.31 35.42 9.57
C THR M 53 19.44 34.20 9.89
N HIS M 54 19.80 33.03 9.34
CA HIS M 54 18.95 31.86 9.46
C HIS M 54 18.96 31.32 10.89
N GLY M 55 20.13 31.21 11.51
CA GLY M 55 20.16 30.83 12.91
C GLY M 55 19.45 31.84 13.80
N TYR M 56 19.61 33.13 13.48
CA TYR M 56 18.98 34.18 14.27
C TYR M 56 17.47 34.04 14.28
N PHE M 57 16.86 33.79 13.12
CA PHE M 57 15.41 33.62 13.12
C PHE M 57 14.98 32.19 13.39
N LEU M 58 15.91 31.22 13.42
CA LEU M 58 15.57 29.84 13.69
C LEU M 58 15.48 29.55 15.18
N ILE M 59 16.29 30.24 15.99
CA ILE M 59 16.21 29.99 17.43
C ILE M 59 14.85 30.39 17.98
N GLY M 60 14.16 31.30 17.31
CA GLY M 60 12.89 31.83 17.78
C GLY M 60 11.82 30.79 18.01
N PRO M 61 11.38 30.12 16.94
CA PRO M 61 10.30 29.13 17.11
C PRO M 61 10.64 28.00 18.05
N PHE M 62 11.91 27.56 18.08
CA PHE M 62 12.29 26.47 18.97
C PHE M 62 12.20 26.89 20.43
N TYR M 63 12.69 28.10 20.74
CA TYR M 63 12.63 28.58 22.13
C TYR M 63 11.20 28.89 22.55
N THR M 64 10.41 29.50 21.67
CA THR M 64 9.08 29.96 22.04
C THR M 64 8.11 28.80 22.20
N TYR M 65 8.11 27.85 21.27
CA TYR M 65 7.09 26.81 21.22
C TYR M 65 7.64 25.40 21.47
N GLY M 66 8.87 25.28 21.96
CA GLY M 66 9.48 23.99 22.15
C GLY M 66 8.77 23.11 23.16
N PRO M 67 9.37 21.96 23.49
CA PRO M 67 8.80 21.11 24.53
C PRO M 67 9.08 21.60 25.94
N LEU M 68 9.96 22.56 26.11
CA LEU M 68 10.35 23.09 27.41
C LEU M 68 10.10 24.59 27.50
N ARG M 69 8.93 25.03 27.03
CA ARG M 69 8.61 26.45 27.07
C ARG M 69 8.49 26.94 28.51
N SER M 70 8.39 28.26 28.63
CA SER M 70 8.18 28.91 29.91
C SER M 70 7.59 30.28 29.64
N VAL M 71 6.44 30.58 30.25
CA VAL M 71 5.83 31.89 30.05
C VAL M 71 6.72 32.98 30.64
N GLU M 72 7.51 32.64 31.67
CA GLU M 72 8.57 33.51 32.16
C GLU M 72 9.88 33.12 31.48
N PHE M 73 10.95 33.83 31.80
CA PHE M 73 12.24 33.53 31.20
C PHE M 73 12.93 32.41 31.97
N SER M 74 13.33 31.36 31.25
CA SER M 74 14.04 30.23 31.83
C SER M 74 15.32 29.99 31.05
N LEU M 75 16.43 29.81 31.79
CA LEU M 75 17.68 29.47 31.13
C LEU M 75 17.62 28.12 30.44
N THR M 76 16.86 27.18 31.02
CA THR M 76 16.73 25.87 30.40
C THR M 76 15.99 25.95 29.08
N SER M 77 14.93 26.77 29.01
CA SER M 77 14.21 26.95 27.75
C SER M 77 15.11 27.57 26.68
N LEU M 78 15.89 28.58 27.07
CA LEU M 78 16.80 29.21 26.11
C LEU M 78 17.86 28.24 25.64
N ALA M 79 18.40 27.43 26.56
CA ALA M 79 19.41 26.45 26.17
C ALA M 79 18.82 25.39 25.24
N ALA M 80 17.60 24.95 25.53
CA ALA M 80 16.94 23.96 24.67
C ALA M 80 16.72 24.52 23.27
N GLY M 81 16.21 25.75 23.19
CA GLY M 81 16.00 26.36 21.88
C GLY M 81 17.30 26.56 21.13
N LEU M 82 18.34 27.00 21.83
CA LEU M 82 19.64 27.20 21.19
C LEU M 82 20.21 25.88 20.67
N LEU M 83 20.14 24.81 21.47
CA LEU M 83 20.64 23.52 21.03
C LEU M 83 19.85 22.99 19.85
N ALA M 84 18.52 23.13 19.88
CA ALA M 84 17.70 22.69 18.75
C ALA M 84 18.05 23.45 17.48
N ALA M 85 18.21 24.77 17.60
CA ALA M 85 18.58 25.58 16.43
C ALA M 85 19.94 25.18 15.89
N ILE M 86 20.91 24.95 16.78
CA ILE M 86 22.25 24.57 16.33
C ILE M 86 22.23 23.21 15.65
N THR M 87 21.47 22.25 16.19
CA THR M 87 21.40 20.94 15.56
C THR M 87 20.68 21.01 14.21
N LEU M 88 19.64 21.85 14.11
CA LEU M 88 18.99 22.04 12.82
C LEU M 88 19.94 22.66 11.80
N LEU M 89 20.77 23.62 12.24
CA LEU M 89 21.77 24.18 11.36
C LEU M 89 22.79 23.12 10.94
N LEU M 90 23.13 22.22 11.86
CA LEU M 90 24.02 21.12 11.50
C LEU M 90 23.41 20.21 10.45
N ILE M 91 22.13 19.91 10.58
CA ILE M 91 21.44 19.09 9.58
C ILE M 91 21.42 19.79 8.23
N LEU M 92 21.13 21.10 8.24
CA LEU M 92 21.13 21.86 7.00
C LEU M 92 22.52 21.92 6.37
N THR M 93 23.56 22.02 7.21
CA THR M 93 24.93 22.02 6.68
C THR M 93 25.30 20.68 6.09
N VAL M 94 24.85 19.58 6.71
CA VAL M 94 25.06 18.26 6.15
C VAL M 94 24.40 18.16 4.77
N GLY M 95 23.16 18.64 4.68
CA GLY M 95 22.48 18.66 3.39
C GLY M 95 23.21 19.48 2.35
N LEU M 96 23.70 20.66 2.74
CA LEU M 96 24.47 21.49 1.83
C LEU M 96 25.73 20.79 1.36
N SER M 97 26.43 20.12 2.29
CA SER M 97 27.67 19.44 1.94
C SER M 97 27.43 18.33 0.95
N ILE M 98 26.42 17.49 1.21
CA ILE M 98 26.18 16.37 0.29
C ILE M 98 25.66 16.88 -1.06
N TYR M 99 24.84 17.93 -1.05
CA TYR M 99 24.37 18.51 -2.30
C TYR M 99 25.52 19.03 -3.15
N GLY M 100 26.44 19.77 -2.53
CA GLY M 100 27.60 20.25 -3.25
C GLY M 100 28.51 19.13 -3.70
N GLN M 101 28.61 18.07 -2.91
CA GLN M 101 29.43 16.92 -3.28
C GLN M 101 28.89 16.25 -4.54
N VAL M 102 27.57 16.10 -4.63
CA VAL M 102 27.00 15.37 -5.76
C VAL M 102 26.66 16.26 -6.94
N THR M 103 26.71 17.58 -6.80
CA THR M 103 26.26 18.46 -7.88
C THR M 103 27.39 18.89 -8.81
N TYR M 104 28.43 19.53 -8.27
CA TYR M 104 29.45 20.17 -9.08
C TYR M 104 30.73 19.34 -9.13
N ASP M 105 31.45 19.45 -10.26
CA ASP M 105 32.86 19.08 -10.34
C ASP M 105 33.65 20.20 -11.03
N VAL M 106 33.94 21.26 -10.28
CA VAL M 106 34.70 22.41 -10.77
C VAL M 106 35.42 23.04 -9.58
N TYR M 107 36.59 23.62 -9.84
CA TYR M 107 37.28 24.42 -8.84
C TYR M 107 37.46 25.89 -9.22
N ASP M 108 37.26 26.24 -10.49
CA ASP M 108 37.35 27.64 -10.92
C ASP M 108 36.43 27.81 -12.12
N ASN M 109 35.32 28.51 -11.94
CA ASN M 109 34.31 28.66 -12.96
C ASN M 109 34.49 29.99 -13.69
N ALA M 110 33.61 30.26 -14.65
CA ALA M 110 33.62 31.39 -15.57
C ALA M 110 34.81 31.34 -16.51
N LEU M 111 35.69 30.33 -16.38
CA LEU M 111 36.78 30.11 -17.31
C LEU M 111 36.61 28.82 -18.09
N ILE M 112 36.40 27.69 -17.40
CA ILE M 112 36.29 26.40 -18.06
C ILE M 112 35.30 26.43 -19.20
N VAL M 113 34.20 27.18 -19.02
CA VAL M 113 33.22 27.33 -20.10
C VAL M 113 33.85 27.97 -21.32
N LYS M 114 34.61 29.04 -21.10
CA LYS M 114 35.28 29.71 -22.22
C LYS M 114 36.36 28.82 -22.85
N LEU M 115 37.09 28.08 -22.01
CA LEU M 115 38.13 27.19 -22.51
C LEU M 115 37.54 26.12 -23.42
N VAL M 116 36.40 25.55 -23.04
CA VAL M 116 35.80 24.53 -23.88
C VAL M 116 34.99 25.10 -25.03
N ARG M 117 34.59 26.38 -24.95
CA ARG M 117 34.02 27.05 -26.10
C ARG M 117 35.08 27.53 -27.08
N GLN M 118 36.35 27.54 -26.68
CA GLN M 118 37.44 27.99 -27.53
C GLN M 118 38.37 26.84 -27.92
N MET M 119 38.91 26.12 -26.94
CA MET M 119 39.91 25.09 -27.19
C MET M 119 39.30 23.70 -27.35
N VAL M 120 37.99 23.62 -27.65
CA VAL M 120 37.27 22.37 -27.89
C VAL M 120 37.16 21.54 -26.62
N GLY M 121 36.12 20.72 -26.53
CA GLY M 121 35.86 19.94 -25.34
C GLY M 121 35.60 18.47 -25.61
N SER M 122 36.37 17.88 -26.52
CA SER M 122 36.13 16.50 -26.93
C SER M 122 36.52 15.52 -25.82
N GLU M 123 35.76 15.52 -24.74
CA GLU M 123 36.00 14.64 -23.60
C GLU M 123 34.66 14.08 -23.15
N ARG M 124 34.65 13.48 -21.95
CA ARG M 124 33.45 12.87 -21.39
C ARG M 124 32.36 13.90 -21.07
N THR M 125 32.65 15.19 -21.21
CA THR M 125 31.67 16.27 -21.04
C THR M 125 31.16 16.34 -19.61
N GLN M 126 30.27 17.31 -19.36
CA GLN M 126 29.60 17.54 -18.08
C GLN M 126 30.57 18.12 -17.04
N ASP M 127 31.86 18.14 -17.36
CA ASP M 127 32.84 18.86 -16.56
C ASP M 127 33.58 19.91 -17.37
N LEU M 128 34.13 19.53 -18.52
CA LEU M 128 34.67 20.49 -19.47
C LEU M 128 33.50 21.23 -20.12
N PRO M 129 32.68 20.53 -20.91
CA PRO M 129 31.51 21.18 -21.52
C PRO M 129 30.37 21.34 -20.51
N GLN M 130 29.21 21.77 -21.00
CA GLN M 130 28.02 21.97 -20.17
C GLN M 130 28.27 23.05 -19.13
N ILE M 131 28.32 22.65 -17.85
CA ILE M 131 28.56 23.56 -16.72
C ILE M 131 27.44 24.58 -16.63
N LYS M 132 26.46 24.33 -15.75
CA LYS M 132 25.36 25.24 -15.55
C LYS M 132 25.76 26.32 -14.54
N GLY M 133 25.55 27.58 -14.91
CA GLY M 133 25.87 28.69 -14.03
C GLY M 133 27.35 29.06 -14.03
N THR M 134 27.63 30.36 -13.97
CA THR M 134 29.00 30.85 -13.96
C THR M 134 29.39 31.48 -12.64
N SER M 135 28.53 31.39 -11.62
CA SER M 135 28.83 31.97 -10.33
C SER M 135 29.92 31.18 -9.61
N GLU M 136 30.60 31.85 -8.69
CA GLU M 136 31.59 31.18 -7.85
C GLU M 136 30.95 30.19 -6.89
N LEU M 137 29.64 30.32 -6.63
CA LEU M 137 28.94 29.34 -5.81
C LEU M 137 28.75 28.01 -6.52
N ASP M 138 29.00 27.95 -7.83
CA ASP M 138 28.75 26.75 -8.63
C ASP M 138 30.00 25.93 -8.84
N THR M 139 30.87 25.88 -7.83
CA THR M 139 32.09 25.08 -7.87
C THR M 139 32.17 24.21 -6.62
N VAL M 140 33.00 23.18 -6.69
CA VAL M 140 33.22 22.34 -5.52
C VAL M 140 33.83 23.15 -4.38
N LEU M 141 34.85 23.95 -4.70
CA LEU M 141 35.46 24.81 -3.69
C LEU M 141 34.48 25.88 -3.22
N GLY M 142 33.75 26.49 -4.14
CA GLY M 142 32.84 27.56 -3.76
C GLY M 142 31.73 27.08 -2.84
N TRP M 143 31.12 25.95 -3.18
CA TRP M 143 30.03 25.43 -2.35
C TRP M 143 30.54 24.94 -1.00
N GLN M 144 31.75 24.39 -0.95
CA GLN M 144 32.31 23.96 0.32
C GLN M 144 32.49 25.14 1.27
N LYS M 145 33.06 26.23 0.77
CA LYS M 145 33.20 27.43 1.58
C LYS M 145 31.85 28.03 1.92
N PHE M 146 30.88 27.94 1.01
CA PHE M 146 29.53 28.41 1.29
C PHE M 146 28.92 27.65 2.47
N SER M 147 29.07 26.32 2.46
CA SER M 147 28.54 25.50 3.54
C SER M 147 29.26 25.79 4.86
N GLU M 148 30.59 25.94 4.79
CA GLU M 148 31.36 26.28 5.99
C GLU M 148 30.90 27.61 6.59
N GLY M 149 30.72 28.62 5.73
CA GLY M 149 30.23 29.90 6.20
C GLY M 149 28.83 29.82 6.76
N PHE M 150 27.95 29.07 6.09
CA PHE M 150 26.59 28.89 6.60
C PHE M 150 26.62 28.29 7.99
N PHE M 151 27.47 27.28 8.20
CA PHE M 151 27.51 26.58 9.47
C PHE M 151 28.07 27.48 10.58
N SER M 152 29.19 28.15 10.33
CA SER M 152 29.78 29.03 11.33
C SER M 152 28.86 30.21 11.65
N GLY M 153 28.33 30.86 10.60
CA GLY M 153 27.42 31.97 10.81
C GLY M 153 26.14 31.55 11.50
N GLY M 154 25.66 30.33 11.23
CA GLY M 154 24.49 29.84 11.94
C GLY M 154 24.75 29.72 13.43
N LEU M 155 25.90 29.14 13.79
CA LEU M 155 26.23 29.05 15.21
C LEU M 155 26.31 30.45 15.84
N ILE M 156 27.01 31.37 15.19
CA ILE M 156 27.21 32.69 15.76
C ILE M 156 25.88 33.44 15.88
N GLY M 157 25.06 33.37 14.84
CA GLY M 157 23.78 34.06 14.87
C GLY M 157 22.82 33.48 15.89
N SER M 158 22.82 32.16 16.05
CA SER M 158 22.00 31.55 17.08
C SER M 158 22.43 31.99 18.46
N ILE M 159 23.75 32.05 18.71
CA ILE M 159 24.23 32.52 20.01
C ILE M 159 23.85 33.98 20.23
N VAL M 160 24.00 34.81 19.20
CA VAL M 160 23.67 36.23 19.32
C VAL M 160 22.18 36.41 19.60
N ALA M 161 21.34 35.64 18.91
CA ALA M 161 19.90 35.75 19.13
C ALA M 161 19.51 35.26 20.52
N ALA M 162 20.18 34.21 21.01
CA ALA M 162 19.93 33.77 22.39
C ALA M 162 20.29 34.86 23.38
N VAL M 163 21.43 35.52 23.18
CA VAL M 163 21.84 36.60 24.06
C VAL M 163 20.82 37.73 24.02
N GLY M 164 20.36 38.09 22.81
CA GLY M 164 19.37 39.15 22.69
C GLY M 164 18.06 38.80 23.35
N ILE M 165 17.62 37.54 23.20
CA ILE M 165 16.39 37.09 23.83
C ILE M 165 16.51 37.17 25.35
N ALA M 166 17.65 36.73 25.89
CA ALA M 166 17.86 36.80 27.33
C ALA M 166 17.85 38.24 27.81
N LEU M 167 18.52 39.15 27.09
CA LEU M 167 18.54 40.55 27.49
C LEU M 167 17.13 41.15 27.45
N TYR M 168 16.37 40.85 26.40
CA TYR M 168 15.02 41.38 26.28
C TYR M 168 14.12 40.85 27.39
N SER M 169 14.26 39.57 27.72
CA SER M 169 13.39 39.00 28.75
C SER M 169 13.80 39.44 30.15
N THR M 170 15.07 39.78 30.35
CA THR M 170 15.54 40.17 31.68
C THR M 170 15.36 41.66 31.95
N TYR M 171 15.86 42.52 31.06
CA TYR M 171 15.94 43.95 31.31
C TYR M 171 14.73 44.72 30.79
N LEU M 172 13.71 44.03 30.29
CA LEU M 172 12.51 44.71 29.81
C LEU M 172 11.27 44.19 30.53
N MET N 1 17.82 -10.52 37.29
CA MET N 1 18.54 -9.35 36.78
C MET N 1 19.91 -9.75 36.24
N ILE N 2 20.16 -9.42 34.98
CA ILE N 2 21.44 -9.72 34.35
C ILE N 2 22.42 -8.62 34.67
N TYR N 3 23.71 -8.97 34.68
CA TYR N 3 24.76 -8.04 35.10
C TYR N 3 25.23 -7.18 33.94
N ASP N 4 26.09 -6.21 34.26
CA ASP N 4 26.71 -5.39 33.23
C ASP N 4 27.63 -6.22 32.34
N SER N 5 28.34 -7.19 32.94
CA SER N 5 29.22 -8.04 32.15
C SER N 5 28.43 -8.88 31.15
N GLN N 6 27.26 -9.40 31.56
CA GLN N 6 26.45 -10.20 30.66
C GLN N 6 25.97 -9.39 29.47
N VAL N 7 25.48 -8.17 29.73
CA VAL N 7 24.99 -7.33 28.64
C VAL N 7 26.16 -6.84 27.78
N TYR N 8 27.29 -6.51 28.41
CA TYR N 8 28.43 -5.97 27.67
C TYR N 8 28.98 -7.00 26.67
N ILE N 9 29.16 -8.24 27.12
CA ILE N 9 29.73 -9.25 26.22
C ILE N 9 28.71 -9.63 25.14
N ALA N 10 27.41 -9.58 25.45
CA ALA N 10 26.41 -9.79 24.42
C ALA N 10 26.45 -8.68 23.37
N LEU N 11 26.71 -7.45 23.82
CA LEU N 11 26.88 -6.34 22.87
C LEU N 11 28.12 -6.55 22.03
N VAL N 12 29.22 -7.00 22.65
CA VAL N 12 30.46 -7.24 21.90
C VAL N 12 30.26 -8.34 20.87
N ILE N 13 29.59 -9.43 21.27
CA ILE N 13 29.32 -10.52 20.33
C ILE N 13 28.39 -10.05 19.22
N ALA N 14 27.44 -9.16 19.56
CA ALA N 14 26.57 -8.59 18.54
C ALA N 14 27.36 -7.76 17.53
N VAL N 15 28.39 -7.05 17.99
CA VAL N 15 29.26 -6.31 17.08
C VAL N 15 29.94 -7.27 16.11
N VAL N 16 30.45 -8.39 16.62
CA VAL N 16 31.12 -9.36 15.76
C VAL N 16 30.15 -9.89 14.71
N ALA N 17 28.91 -10.17 15.10
CA ALA N 17 27.89 -10.58 14.14
C ALA N 17 27.57 -9.47 13.15
N SER N 18 27.80 -8.20 13.52
CA SER N 18 27.58 -7.11 12.58
C SER N 18 28.68 -7.05 11.52
N VAL N 19 29.94 -7.23 11.93
CA VAL N 19 31.03 -7.24 10.97
C VAL N 19 30.90 -8.41 10.02
N LEU N 20 30.38 -9.55 10.50
CA LEU N 20 30.09 -10.66 9.63
C LEU N 20 28.95 -10.35 8.67
N ALA N 21 28.03 -9.48 9.08
CA ALA N 21 26.89 -9.15 8.23
C ALA N 21 27.31 -8.23 7.08
N ILE N 22 28.14 -7.22 7.36
CA ILE N 22 28.60 -6.35 6.29
C ILE N 22 29.49 -7.11 5.32
N ARG N 23 30.30 -8.05 5.82
CA ARG N 23 31.11 -8.88 4.93
C ARG N 23 30.23 -9.69 3.99
N LEU N 24 29.13 -10.24 4.50
CA LEU N 24 28.16 -10.89 3.62
C LEU N 24 27.47 -9.87 2.72
N GLY N 25 27.14 -8.70 3.27
CA GLY N 25 26.49 -7.68 2.46
C GLY N 25 27.37 -7.17 1.33
N ALA N 26 28.64 -6.90 1.64
CA ALA N 26 29.56 -6.44 0.61
C ALA N 26 29.90 -7.54 -0.37
N THR N 27 29.88 -8.80 0.08
CA THR N 27 30.18 -9.92 -0.82
C THR N 27 29.03 -10.17 -1.78
N LEU N 28 27.80 -9.88 -1.37
CA LEU N 28 26.66 -9.88 -2.28
C LEU N 28 26.67 -8.69 -3.24
N TYR N 29 27.77 -7.94 -3.18
CA TYR N 29 28.11 -6.87 -4.11
C TYR N 29 27.30 -5.61 -3.87
N ASN N 30 27.77 -4.51 -4.45
CA ASN N 30 27.14 -3.21 -4.34
C ASN N 30 25.66 -3.26 -4.74
N UNK O 1 45.43 31.48 -13.71
CA UNK O 1 44.08 31.34 -14.24
C UNK O 1 43.88 29.95 -14.85
N UNK O 2 44.92 29.42 -15.47
CA UNK O 2 44.86 28.10 -16.08
C UNK O 2 46.27 27.57 -16.37
N UNK O 3 46.55 27.35 -17.66
CA UNK O 3 47.85 26.86 -18.10
C UNK O 3 48.02 27.17 -19.58
N UNK O 4 48.84 26.37 -20.26
CA UNK O 4 49.07 26.51 -21.70
C UNK O 4 49.50 27.93 -22.07
N UNK O 5 49.17 28.34 -23.29
CA UNK O 5 49.52 29.68 -23.78
C UNK O 5 48.81 30.00 -25.09
N UNK O 6 49.46 30.82 -25.90
CA UNK O 6 48.98 31.18 -27.25
C UNK O 6 47.63 31.90 -27.24
N UNK O 7 46.55 31.11 -27.19
CA UNK O 7 45.21 31.65 -27.33
C UNK O 7 44.65 32.25 -26.05
N UNK O 8 45.53 32.84 -25.24
CA UNK O 8 45.11 33.50 -24.01
C UNK O 8 44.47 34.84 -24.34
N UNK O 9 44.71 35.33 -25.55
CA UNK O 9 44.15 36.60 -26.01
C UNK O 9 42.64 36.50 -26.15
N UNK O 10 42.17 35.45 -26.80
CA UNK O 10 40.74 35.23 -26.98
C UNK O 10 40.10 34.81 -25.66
N UNK O 11 40.88 34.19 -24.79
CA UNK O 11 40.39 33.75 -23.49
C UNK O 11 40.17 34.93 -22.56
N UNK O 12 41.18 35.80 -22.45
CA UNK O 12 41.08 36.98 -21.59
C UNK O 12 40.07 37.97 -22.15
N UNK O 13 39.82 37.90 -23.45
CA UNK O 13 38.82 38.74 -24.09
C UNK O 13 37.42 38.32 -23.66
N UNK O 14 37.14 37.02 -23.78
CA UNK O 14 35.85 36.48 -23.38
C UNK O 14 35.68 36.55 -21.87
N UNK O 15 36.78 36.45 -21.15
CA UNK O 15 36.75 36.50 -19.68
C UNK O 15 36.28 37.87 -19.20
N UNK O 16 36.94 38.93 -19.67
CA UNK O 16 36.60 40.28 -19.27
C UNK O 16 35.21 40.66 -19.77
N UNK O 17 34.78 40.05 -20.87
CA UNK O 17 33.47 40.31 -21.44
C UNK O 17 32.38 39.59 -20.65
N UNK O 18 32.65 38.36 -20.25
CA UNK O 18 31.68 37.57 -19.49
C UNK O 18 31.63 38.02 -18.04
N UNK O 19 32.78 38.37 -17.47
CA UNK O 19 32.85 38.87 -16.11
C UNK O 19 32.11 40.18 -16.00
N UNK O 20 32.16 40.97 -17.07
CA UNK O 20 31.43 42.22 -17.13
C UNK O 20 29.94 41.94 -17.25
N UNK O 21 29.55 41.27 -18.33
CA UNK O 21 28.15 40.97 -18.63
C UNK O 21 27.40 40.35 -17.45
N UNK O 22 28.08 39.48 -16.70
CA UNK O 22 27.47 38.84 -15.55
C UNK O 22 27.27 39.84 -14.41
N UNK O 23 28.29 40.64 -14.14
CA UNK O 23 28.26 41.57 -13.02
C UNK O 23 27.60 42.91 -13.38
N UNK O 24 27.89 43.42 -14.58
CA UNK O 24 27.36 44.71 -15.00
C UNK O 24 25.86 44.67 -15.17
N UNK O 25 25.40 44.22 -16.33
CA UNK O 25 23.97 44.17 -16.62
C UNK O 25 23.29 43.11 -15.78
N UNK O 26 22.97 41.97 -16.40
CA UNK O 26 22.17 40.93 -15.76
C UNK O 26 20.89 41.54 -15.21
N UNK O 27 20.99 42.16 -14.03
CA UNK O 27 19.86 42.81 -13.36
C UNK O 27 18.70 41.83 -13.22
N UNK O 28 19.04 40.55 -13.16
CA UNK O 28 18.10 39.45 -13.14
C UNK O 28 18.91 38.17 -13.10
N UNK O 29 20.02 38.21 -12.39
CA UNK O 29 20.92 37.08 -12.25
C UNK O 29 20.18 35.87 -11.66
N UNK O 30 19.12 36.15 -10.91
CA UNK O 30 18.26 35.12 -10.35
C UNK O 30 17.58 34.31 -11.44
N UNK O 31 17.32 34.94 -12.58
CA UNK O 31 16.67 34.28 -13.69
C UNK O 31 17.57 34.27 -14.93
N UNK O 32 18.60 33.44 -14.89
CA UNK O 32 19.57 33.36 -15.99
C UNK O 32 19.27 32.19 -16.91
N UNK O 33 18.49 31.23 -16.42
CA UNK O 33 18.10 30.07 -17.21
C UNK O 33 16.85 30.38 -18.04
N UNK O 34 16.55 31.67 -18.18
CA UNK O 34 15.39 32.11 -18.94
C UNK O 34 15.81 33.01 -20.10
N UNK O 35 17.04 32.81 -20.57
CA UNK O 35 17.56 33.57 -21.69
C UNK O 35 18.53 32.71 -22.50
N UNK O 36 18.81 33.11 -23.73
CA UNK O 36 19.70 32.35 -24.59
C UNK O 36 20.35 33.23 -25.66
N UNK O 37 21.34 32.68 -26.34
CA UNK O 37 22.01 33.37 -27.43
C UNK O 37 22.27 32.40 -28.57
N UNK O 38 21.72 31.20 -28.44
CA UNK O 38 21.87 30.16 -29.45
C UNK O 38 20.62 30.04 -30.32
N UNK O 39 20.32 31.10 -31.05
CA UNK O 39 19.18 31.10 -31.96
C UNK O 39 19.66 31.12 -33.40
N UNK O 40 19.01 30.33 -34.25
CA UNK O 40 19.39 30.24 -35.65
C UNK O 40 18.47 31.07 -36.54
N UNK O 41 19.00 31.49 -37.69
CA UNK O 41 18.21 32.25 -38.65
C UNK O 41 17.36 31.33 -39.50
N UNK O 42 16.26 31.85 -40.02
CA UNK O 42 15.35 31.08 -40.85
C UNK O 42 16.03 30.66 -42.15
N UNK O 43 16.95 31.51 -42.62
CA UNK O 43 17.68 31.23 -43.85
C UNK O 43 18.58 30.01 -43.70
N UNK O 44 19.30 29.95 -42.58
CA UNK O 44 20.21 28.84 -42.32
C UNK O 44 19.46 27.54 -42.09
N UNK O 45 18.32 27.64 -41.42
CA UNK O 45 17.50 26.46 -41.12
C UNK O 45 16.84 25.92 -42.39
N UNK O 46 16.32 26.83 -43.22
CA UNK O 46 15.65 26.42 -44.45
C UNK O 46 16.64 25.83 -45.46
N UNK O 47 17.91 26.19 -45.31
CA UNK O 47 18.94 25.70 -46.22
C UNK O 47 19.34 24.27 -45.90
N UNK O 48 19.61 24.00 -44.62
CA UNK O 48 19.99 22.66 -44.19
C UNK O 48 18.86 21.67 -44.41
N UNK O 49 17.64 22.19 -44.37
CA UNK O 49 16.45 21.37 -44.51
C UNK O 49 16.30 20.81 -45.91
N UNK O 50 16.23 21.69 -46.91
CA UNK O 50 16.10 21.29 -48.31
C UNK O 50 17.28 20.44 -48.75
N UNK O 51 18.41 20.61 -48.06
CA UNK O 51 19.59 19.79 -48.32
C UNK O 51 19.33 18.35 -47.89
N UNK O 52 18.97 18.16 -46.63
CA UNK O 52 18.69 16.83 -46.10
C UNK O 52 17.42 16.26 -46.72
N UNK O 53 16.63 17.13 -47.34
CA UNK O 53 15.40 16.72 -48.01
C UNK O 53 15.72 15.84 -49.23
N UNK O 54 16.08 16.48 -50.33
CA UNK O 54 16.32 15.80 -51.60
C UNK O 54 17.44 14.75 -51.51
N UNK O 55 18.44 15.01 -50.67
CA UNK O 55 19.56 14.09 -50.53
C UNK O 55 19.12 12.78 -49.88
N SER P 2 14.92 3.88 -24.37
CA SER P 2 13.91 4.14 -25.39
C SER P 2 13.04 2.91 -25.63
N HIS P 3 11.78 3.14 -25.97
CA HIS P 3 10.87 2.04 -26.22
C HIS P 3 11.19 1.35 -27.54
N THR P 4 10.65 0.14 -27.71
CA THR P 4 10.89 -0.67 -28.89
C THR P 4 9.60 -0.78 -29.68
N VAL P 5 9.67 -0.51 -30.98
CA VAL P 5 8.53 -0.59 -31.89
C VAL P 5 8.88 -1.56 -33.00
N LYS P 6 8.04 -2.58 -33.19
CA LYS P 6 8.24 -3.58 -34.21
C LYS P 6 7.06 -3.58 -35.19
N ILE P 7 7.36 -3.84 -36.45
CA ILE P 7 6.36 -3.92 -37.50
C ILE P 7 6.33 -5.35 -38.02
N TYR P 8 5.12 -5.87 -38.24
CA TYR P 8 4.91 -7.24 -38.65
C TYR P 8 4.29 -7.28 -40.02
N ASP P 9 4.58 -8.36 -40.76
CA ASP P 9 4.18 -8.44 -42.16
C ASP P 9 2.68 -8.51 -42.37
N THR P 10 1.87 -8.51 -41.31
CA THR P 10 0.43 -8.36 -41.44
C THR P 10 0.04 -6.94 -41.84
N CYS P 11 1.00 -6.01 -41.85
CA CYS P 11 0.81 -4.66 -42.33
C CYS P 11 0.09 -4.65 -43.68
N ILE P 12 -0.97 -3.84 -43.76
CA ILE P 12 -1.69 -3.62 -45.01
C ILE P 12 -1.37 -2.27 -45.61
N GLY P 13 -0.46 -1.51 -45.00
CA GLY P 13 -0.05 -0.22 -45.55
C GLY P 13 -1.15 0.81 -45.61
N CYS P 14 -2.00 0.88 -44.59
CA CYS P 14 -3.10 1.83 -44.57
C CYS P 14 -2.69 3.19 -43.99
N THR P 15 -1.44 3.33 -43.55
CA THR P 15 -0.80 4.58 -43.11
C THR P 15 -1.43 5.18 -41.85
N GLN P 16 -2.43 4.54 -41.25
CA GLN P 16 -3.10 5.15 -40.11
C GLN P 16 -2.16 5.24 -38.90
N CYS P 17 -1.19 4.34 -38.79
CA CYS P 17 -0.24 4.41 -37.69
C CYS P 17 0.67 5.62 -37.83
N VAL P 18 1.18 5.85 -39.05
CA VAL P 18 2.15 6.92 -39.25
C VAL P 18 1.51 8.27 -39.00
N ARG P 19 0.29 8.49 -39.49
CA ARG P 19 -0.38 9.77 -39.32
C ARG P 19 -0.99 9.93 -37.93
N ALA P 20 -0.82 8.95 -37.05
CA ALA P 20 -1.26 9.07 -35.67
C ALA P 20 -0.12 9.24 -34.68
N CYS P 21 1.11 9.00 -35.10
CA CYS P 21 2.27 9.16 -34.23
C CYS P 21 2.46 10.63 -33.86
N PRO P 22 2.47 10.98 -32.58
CA PRO P 22 2.65 12.39 -32.20
C PRO P 22 4.09 12.87 -32.22
N THR P 23 5.07 11.98 -32.35
CA THR P 23 6.48 12.35 -32.26
C THR P 23 7.28 11.96 -33.50
N ASP P 24 6.60 11.65 -34.60
CA ASP P 24 7.24 11.30 -35.87
C ASP P 24 8.26 10.16 -35.67
N VAL P 25 7.74 9.02 -35.27
CA VAL P 25 8.54 7.81 -35.10
C VAL P 25 8.36 6.86 -36.28
N LEU P 26 7.14 6.74 -36.78
CA LEU P 26 6.83 5.81 -37.86
C LEU P 26 6.81 6.53 -39.20
N GLU P 27 7.13 5.77 -40.25
CA GLU P 27 7.09 6.28 -41.61
C GLU P 27 6.76 5.13 -42.54
N MET P 28 6.27 5.46 -43.73
CA MET P 28 5.86 4.47 -44.71
C MET P 28 7.00 4.26 -45.71
N VAL P 29 7.35 3.00 -45.93
CA VAL P 29 8.46 2.65 -46.80
C VAL P 29 7.97 1.65 -47.84
N PRO P 30 8.63 1.58 -49.00
CA PRO P 30 8.19 0.67 -50.04
C PRO P 30 8.25 -0.79 -49.60
N TRP P 31 7.33 -1.59 -50.13
CA TRP P 31 7.23 -3.00 -49.78
C TRP P 31 6.52 -3.72 -50.91
N ASP P 32 6.60 -5.05 -50.90
CA ASP P 32 5.94 -5.88 -51.90
C ASP P 32 5.14 -7.01 -51.27
N GLY P 33 4.77 -6.89 -50.00
CA GLY P 33 4.01 -7.89 -49.30
C GLY P 33 2.53 -7.61 -49.16
N CYS P 34 2.03 -6.52 -49.74
CA CYS P 34 0.63 -6.17 -49.62
C CYS P 34 0.20 -5.40 -50.86
N LYS P 35 -1.11 -5.18 -50.97
CA LYS P 35 -1.67 -4.51 -52.14
C LYS P 35 -1.16 -3.08 -52.27
N ALA P 36 -1.09 -2.37 -51.15
CA ALA P 36 -0.66 -0.97 -51.18
C ALA P 36 0.81 -0.82 -51.54
N GLY P 37 1.59 -1.88 -51.46
CA GLY P 37 3.00 -1.79 -51.77
C GLY P 37 3.80 -0.98 -50.78
N GLN P 38 3.31 -0.84 -49.55
CA GLN P 38 3.96 -0.03 -48.53
C GLN P 38 3.87 -0.75 -47.20
N ILE P 39 4.85 -0.51 -46.33
CA ILE P 39 4.85 -1.05 -44.98
C ILE P 39 5.37 0.02 -44.03
N ALA P 40 4.83 0.02 -42.81
CA ALA P 40 5.28 0.95 -41.79
C ALA P 40 6.69 0.60 -41.33
N SER P 41 7.45 1.62 -40.97
CA SER P 41 8.78 1.45 -40.42
C SER P 41 8.92 2.30 -39.18
N ALA P 42 9.87 1.94 -38.31
CA ALA P 42 10.13 2.65 -37.07
C ALA P 42 11.60 3.02 -36.98
N PRO P 43 12.03 4.00 -37.78
CA PRO P 43 13.46 4.37 -37.78
C PRO P 43 13.85 5.41 -36.74
N ARG P 44 12.89 5.98 -36.00
CA ARG P 44 13.16 7.04 -35.04
C ARG P 44 12.56 6.69 -33.69
N THR P 45 12.79 5.47 -33.22
CA THR P 45 12.26 5.03 -31.94
C THR P 45 12.84 5.80 -30.76
N GLU P 46 13.95 6.52 -30.95
CA GLU P 46 14.46 7.36 -29.88
C GLU P 46 13.49 8.46 -29.49
N ASP P 47 12.59 8.84 -30.40
CA ASP P 47 11.54 9.80 -30.11
C ASP P 47 10.24 9.13 -29.67
N CYS P 48 10.19 7.80 -29.65
CA CYS P 48 8.99 7.11 -29.24
C CYS P 48 8.66 7.43 -27.79
N VAL P 49 7.42 7.83 -27.54
CA VAL P 49 6.98 8.21 -26.20
C VAL P 49 6.20 7.10 -25.52
N GLY P 50 5.72 6.11 -26.27
CA GLY P 50 4.95 5.02 -25.69
C GLY P 50 3.47 5.28 -25.54
N CYS P 51 2.94 6.35 -26.16
CA CYS P 51 1.53 6.66 -26.03
C CYS P 51 0.64 5.62 -26.70
N LYS P 52 1.20 4.81 -27.60
CA LYS P 52 0.49 3.72 -28.26
C LYS P 52 -0.69 4.21 -29.10
N ARG P 53 -0.66 5.47 -29.55
CA ARG P 53 -1.62 5.90 -30.56
C ARG P 53 -1.43 5.14 -31.85
N CYS P 54 -0.21 4.66 -32.11
CA CYS P 54 0.08 3.98 -33.36
C CYS P 54 -0.75 2.71 -33.50
N GLU P 55 -0.87 1.94 -32.43
CA GLU P 55 -1.60 0.68 -32.49
C GLU P 55 -3.07 0.82 -32.13
N THR P 56 -3.50 2.01 -31.71
CA THR P 56 -4.93 2.29 -31.61
C THR P 56 -5.55 2.52 -32.98
N ALA P 57 -4.74 2.92 -33.97
CA ALA P 57 -5.21 3.15 -35.33
C ALA P 57 -4.94 1.96 -36.25
N CYS P 58 -4.45 0.85 -35.71
CA CYS P 58 -4.12 -0.31 -36.52
C CYS P 58 -5.37 -1.13 -36.82
N PRO P 59 -5.73 -1.35 -38.08
CA PRO P 59 -6.93 -2.12 -38.39
C PRO P 59 -6.72 -3.62 -38.47
N THR P 60 -5.48 -4.07 -38.61
CA THR P 60 -5.21 -5.50 -38.71
C THR P 60 -5.63 -6.21 -37.43
N ASP P 61 -5.79 -7.53 -37.51
CA ASP P 61 -6.51 -8.26 -36.48
C ASP P 61 -5.88 -8.12 -35.11
N PHE P 62 -4.72 -8.75 -34.88
CA PHE P 62 -3.95 -8.38 -33.70
C PHE P 62 -2.75 -7.52 -34.07
N LEU P 63 -3.00 -6.34 -34.63
CA LEU P 63 -1.97 -5.33 -34.78
C LEU P 63 -0.88 -5.72 -35.77
N SER P 64 -0.29 -4.74 -36.44
CA SER P 64 0.94 -4.93 -37.19
C SER P 64 2.07 -4.08 -36.66
N VAL P 65 1.77 -3.07 -35.83
CA VAL P 65 2.76 -2.30 -35.10
C VAL P 65 2.59 -2.59 -33.63
N ARG P 66 3.69 -2.96 -32.97
CA ARG P 66 3.67 -3.32 -31.56
C ARG P 66 4.69 -2.48 -30.82
N VAL P 67 4.29 -1.88 -29.71
CA VAL P 67 5.15 -1.02 -28.91
C VAL P 67 5.46 -1.74 -27.62
N TYR P 68 6.75 -2.01 -27.39
CA TYR P 68 7.23 -2.64 -26.17
C TYR P 68 7.93 -1.59 -25.34
N LEU P 69 7.34 -1.24 -24.20
CA LEU P 69 7.93 -0.23 -23.33
C LEU P 69 9.23 -0.76 -22.73
N GLY P 70 10.25 0.09 -22.71
CA GLY P 70 11.55 -0.30 -22.19
C GLY P 70 12.19 0.76 -21.33
N GLY P 71 13.49 0.99 -21.53
CA GLY P 71 14.18 2.00 -20.76
C GLY P 71 13.63 3.39 -21.04
N GLU P 72 13.64 4.22 -19.99
CA GLU P 72 13.06 5.55 -20.07
C GLU P 72 14.13 6.60 -20.36
N THR P 73 13.71 7.64 -21.06
CA THR P 73 14.57 8.76 -21.41
C THR P 73 13.74 10.03 -21.31
N THR P 74 14.43 11.17 -21.18
CA THR P 74 13.72 12.45 -21.11
C THR P 74 12.85 12.67 -22.34
N ARG P 75 13.23 12.11 -23.49
CA ARG P 75 12.36 12.16 -24.66
C ARG P 75 11.20 11.19 -24.52
N SER P 76 11.46 9.97 -24.05
CA SER P 76 10.42 8.97 -23.93
C SER P 76 9.49 9.24 -22.76
N LEU P 77 9.95 9.98 -21.74
CA LEU P 77 9.10 10.34 -20.62
C LEU P 77 8.26 11.58 -20.90
N GLY P 78 8.44 12.22 -22.04
CA GLY P 78 7.69 13.42 -22.36
C GLY P 78 7.95 14.56 -21.40
N LEU P 79 9.21 14.77 -21.03
CA LEU P 79 9.58 15.79 -20.06
C LEU P 79 9.95 17.06 -20.81
N ALA P 80 9.13 18.11 -20.64
CA ALA P 80 9.48 19.42 -21.14
C ALA P 80 10.48 20.15 -20.25
N TYR P 81 10.80 19.57 -19.09
CA TYR P 81 11.76 20.16 -18.16
C TYR P 81 12.95 19.23 -17.99
C1 A1L1G Q . 56.70 9.61 42.30
C5 A1L1G Q . 58.77 9.55 43.73
C4 A1L1G Q . 55.24 10.94 43.84
C3 A1L1G Q . 56.54 9.00 44.72
C2 A1L1G Q . 56.62 8.48 39.96
C10 A1L1G Q . 55.18 11.43 41.40
C11 A1L1G Q . 56.05 10.98 42.55
C12 A1L1G Q . 57.63 7.42 43.11
C14 A1L1G Q . 54.63 0.61 23.26
C17 A1L1G Q . 52.06 1.40 21.95
C18 A1L1G Q . 56.48 2.61 22.04
C19 A1L1G Q . 56.97 0.30 21.25
C20 A1L1G Q . 53.33 1.33 21.15
C21 A1L1G Q . 53.36 2.09 19.88
C22 A1L1G Q . 54.54 1.60 19.06
C23 A1L1G Q . 55.84 1.93 19.76
C24 A1L1G Q . 55.93 1.44 21.22
C25 A1L1G Q . 54.61 0.97 21.80
C26 A1L1G Q . 54.59 -0.55 25.86
C27 A1L1G Q . 53.91 1.66 31.19
C28 A1L1G Q . 56.05 7.90 34.05
C29 A1L1G Q . 54.55 1.42 24.31
C30 A1L1G Q . 54.70 0.93 25.62
C31 A1L1G Q . 54.94 1.78 26.70
C32 A1L1G Q . 54.68 1.55 28.04
C33 A1L1G Q . 54.04 2.45 28.85
C34 A1L1G Q . 54.25 2.72 30.21
C35 A1L1G Q . 54.78 3.92 30.70
C36 A1L1G Q . 55.17 4.17 32.00
C37 A1L1G Q . 55.25 5.35 32.74
C38 A1L1G Q . 55.22 5.57 34.10
C39 A1L1G Q . 55.67 6.69 34.81
C40 A1L1G Q . 55.78 6.72 36.22
C41 A1L1G Q . 55.66 7.80 37.07
C42 A1L1G Q . 56.65 8.71 37.44
C43 A1L1G Q . 57.63 10.49 38.87
C44 A1L1G Q . 56.93 9.19 38.73
C45 A1L1G Q . 56.65 9.08 41.12
C6 A1L1G Q . 57.41 8.90 43.46
C8 A1L1G Q . 56.04 10.40 45.01
O13 A1L1G Q . 53.69 -0.78 26.91
O15 A1L1G Q . 53.89 -0.01 21.01
O16 A1L1G Q . 54.53 2.21 17.78
O7 A1L1G Q . 55.24 10.39 46.19
O9 A1L1G Q . 57.08 11.97 42.80
C8 A1L1F R . 43.20 25.57 13.75
C5 A1L1F R . 44.30 23.84 15.97
C4 A1L1F R . 41.74 25.14 13.65
C6 A1L1F R . 43.26 24.92 16.17
C10 A1L1F R . 40.07 23.49 14.55
C11 A1L1F R . 41.51 23.95 14.56
C2 A1L1F R . 40.35 24.01 17.86
C3 A1L1F R . 43.46 26.04 15.17
C1 A1L1F R . 41.90 24.36 15.94
C12 A1L1F R . 43.33 25.50 17.58
C14 A1L1F R . 29.07 22.37 32.99
C17 A1L1F R . 26.40 22.52 32.30
C18 A1L1F R . 29.56 21.94 35.79
C19 A1L1F R . 29.28 24.38 35.64
C20 A1L1F R . 26.71 23.28 33.57
C21 A1L1F R . 25.73 23.11 34.72
C22 A1L1F R . 26.28 23.82 35.92
C23 A1L1F R . 27.43 22.99 36.44
C24 A1L1F R . 28.58 23.05 35.46
C25 A1L1F R . 28.13 22.93 34.01
C26 A1L1F R . 30.72 21.15 31.07
C27 A1L1F R . 34.16 21.98 27.42
C28 A1L1F R . 36.32 26.62 22.63
C29 A1L1F R . 29.73 23.21 32.20
C30 A1L1F R . 30.63 22.63 31.19
C31 A1L1F R . 31.35 23.44 30.40
C32 A1L1F R . 32.24 22.91 29.38
C33 A1L1F R . 32.83 23.80 28.61
C34 A1L1F R . 33.74 23.40 27.53
C35 A1L1F R . 34.19 24.32 26.67
C36 A1L1F R . 35.09 23.95 25.59
C37 A1L1F R . 35.27 24.75 24.55
C38 A1L1F R . 36.17 24.32 23.49
C39 A1L1F R . 36.66 25.17 22.58
C40 A1L1F R . 37.57 24.66 21.54
C41 A1L1F R . 38.20 25.42 20.65
C42 A1L1F R . 39.03 24.66 19.72
C43 A1L1F R . 39.40 26.42 18.01
C44 A1L1F R . 39.57 25.05 18.57
C45 A1L1F R . 31.88 20.27 33.08
C47 A1L1F R . 33.13 20.31 33.93
C48 A1L1F R . 33.04 19.27 35.04
C49 A1L1F R . 33.94 18.08 34.75
C50 A1L1F R . 34.98 18.40 33.68
C51 A1L1F R . 34.95 17.37 32.56
C52 A1L1F R . 35.05 18.06 31.22
C53 A1L1F R . 34.33 17.27 30.14
C54 A1L1F R . 43.10 26.54 11.53
C56 A1L1F R . 44.19 26.35 10.51
C57 A1L1F R . 41.11 24.21 16.90
O13 A1L1F R . 31.91 20.72 31.71
O15 A1L1F R . 27.76 24.23 33.59
O16 A1L1F R . 25.26 23.89 36.92
O46 A1L1F R . 30.84 19.86 33.53
O55 A1L1F R . 41.93 26.59 11.20
O7 A1L1F R . 43.44 26.69 12.92
O9 A1L1F R . 42.34 22.90 14.07
C1 XAT S . 38.12 9.20 26.24
C2 XAT S . 37.05 9.70 27.19
C3 XAT S . 37.01 11.21 27.24
C4 XAT S . 36.45 11.65 25.90
C5 XAT S . 37.26 11.16 24.70
C6 XAT S . 38.21 9.96 24.90
C7 XAT S . 38.32 9.09 23.66
C8 XAT S . 39.52 8.70 23.24
C9 XAT S . 39.69 7.83 22.06
C10 XAT S . 40.15 6.59 22.25
C11 XAT S . 40.35 5.67 21.14
C12 XAT S . 40.93 4.49 21.41
C13 XAT S . 41.17 3.52 20.34
C14 XAT S . 41.66 2.31 20.63
C15 XAT S . 41.90 1.34 19.56
C16 XAT S . 37.83 7.76 25.90
C17 XAT S . 39.45 9.20 26.97
C18 XAT S . 36.65 11.17 23.30
C19 XAT S . 39.36 8.33 20.69
C20 XAT S . 40.90 3.90 18.91
O3 XAT S . 36.14 11.63 28.29
O4 XAT S . 38.67 11.32 24.81
C21 XAT S . 43.93 -8.83 12.57
C22 XAT S . 44.18 -9.65 11.32
C23 XAT S . 44.94 -8.86 10.28
C24 XAT S . 46.34 -8.73 10.86
C25 XAT S . 46.30 -7.77 12.06
C26 XAT S . 45.00 -7.76 12.89
C27 XAT S . 45.21 -7.43 14.34
C28 XAT S . 44.65 -6.30 14.76
C29 XAT S . 44.72 -5.77 16.13
C30 XAT S . 44.12 -4.60 16.35
C31 XAT S . 44.08 -3.93 17.64
C32 XAT S . 43.51 -2.73 17.63
C33 XAT S . 43.37 -1.88 18.83
C34 XAT S . 42.74 -0.71 18.69
C35 XAT S . 42.53 0.21 19.81
C36 XAT S . 43.84 -9.77 13.77
C37 XAT S . 42.58 -8.13 12.43
C38 XAT S . 47.51 -7.53 12.96
C39 XAT S . 45.42 -6.52 17.22
C40 XAT S . 43.90 -2.31 20.16
O23 XAT S . 44.99 -9.59 9.05
O24 XAT S . 45.34 -6.73 11.95
C1 XAT T . 48.08 19.63 27.26
C2 XAT T . 46.93 20.12 28.12
C3 XAT T . 46.01 20.96 27.24
C4 XAT T . 45.24 19.96 26.41
C5 XAT T . 46.15 19.09 25.52
C6 XAT T . 47.63 18.92 25.95
C7 XAT T . 48.25 17.56 25.60
C8 XAT T . 48.01 16.41 26.22
C9 XAT T . 48.68 15.17 25.80
C10 XAT T . 48.46 14.06 26.52
C11 XAT T . 49.08 12.78 26.22
C12 XAT T . 48.70 11.74 26.96
C13 XAT T . 49.27 10.40 26.77
C14 XAT T . 48.86 9.42 27.58
C15 XAT T . 49.42 8.08 27.46
C16 XAT T . 48.98 18.77 28.16
C17 XAT T . 48.92 20.83 26.86
C18 XAT T . 45.54 17.89 24.77
C19 XAT T . 49.60 15.14 24.63
C20 XAT T . 50.30 10.15 25.71
O3 XAT T . 45.12 21.71 28.06
O4 XAT T . 47.22 19.78 24.87
C21 XAT T . 52.01 -3.90 27.56
C22 XAT T . 52.70 -5.24 27.37
C23 XAT T . 54.17 -5.13 27.73
C24 XAT T . 54.20 -5.02 29.24
C25 XAT T . 53.60 -3.68 29.66
C26 XAT T . 52.54 -3.06 28.74
C27 XAT T . 51.53 -2.21 29.47
C28 XAT T . 51.50 -0.94 29.09
C29 XAT T . 50.61 0.09 29.64
C30 XAT T . 50.64 1.28 29.05
C31 XAT T . 49.84 2.43 29.45
C32 XAT T . 50.10 3.54 28.79
C33 XAT T . 49.43 4.83 29.04
C34 XAT T . 49.68 5.83 28.19
C35 XAT T . 49.09 7.15 28.35
C36 XAT T . 50.52 -4.13 27.76
C37 XAT T . 52.16 -3.11 26.27
C38 XAT T . 53.32 -3.34 31.14
C39 XAT T . 49.72 -0.18 30.83
C40 XAT T . 48.50 5.00 30.21
O23 XAT T . 54.87 -6.31 27.30
O24 XAT T . 53.90 -2.59 28.78
O01 45D U . 53.80 -3.68 23.48
O02 45D U . 33.33 -2.15 7.10
C03 45D U . 55.15 -3.61 19.68
C04 45D U . 34.47 1.55 8.21
C05 45D U . 55.94 -4.32 20.75
C06 45D U . 34.73 1.06 6.80
C07 45D U . 53.68 -3.66 20.00
C08 45D U . 34.54 0.37 9.13
C09 45D U . 55.69 -3.62 22.06
C10 45D U . 33.65 0.07 6.40
C11 45D U . 55.39 -4.25 18.33
C12 45D U . 55.57 -2.15 19.67
C13 45D U . 35.52 2.55 8.63
C14 45D U . 33.08 2.15 8.30
C15 45D U . 53.29 -3.90 21.24
C16 45D U . 33.83 -0.71 8.82
C17 45D U . 54.21 -3.73 22.34
C18 45D U . 33.58 -1.02 7.43
C19 45D U . 52.69 -3.44 18.92
C20 45D U . 35.39 0.41 10.33
C21 45D U . 51.88 -4.34 21.53
C22 45D U . 33.27 -1.59 9.91
C23 45D U . 52.08 -4.48 18.37
C24 45D U . 36.63 -0.05 10.27
C25 45D U . 51.10 -4.32 17.27
C26 45D U . 37.45 0.01 11.47
C27 45D U . 51.35 -5.06 16.01
C28 45D U . 36.86 0.45 12.76
C29 45D U . 50.00 -3.59 17.40
C30 45D U . 38.74 -0.34 11.40
C31 45D U . 49.07 -3.52 16.28
C32 45D U . 39.59 -0.32 12.57
C33 45D U . 48.17 -2.54 16.21
C34 45D U . 40.90 -0.41 12.36
C35 45D U . 47.23 -2.47 15.10
C36 45D U . 41.83 -0.43 13.49
C37 45D U . 46.07 -1.82 15.27
C38 45D U . 43.10 -0.82 13.26
C39 45D U . 47.55 -3.11 13.78
C40 45D U . 41.38 -0.02 14.84
C41 45D U . 45.09 -1.72 14.20
C42 45D U . 44.07 -0.89 14.33
C1 A1L1G V . 35.74 26.69 13.79
C5 A1L1G V . 35.77 29.19 14.10
C4 A1L1G V . 36.65 26.60 11.45
C3 A1L1G V . 34.83 28.19 12.00
C2 A1L1G V . 35.14 25.22 15.85
C10 A1L1G V . 37.25 24.79 13.05
C11 A1L1G V . 36.93 26.28 12.89
C12 A1L1G V . 33.62 27.97 14.18
C14 A1L1G V . 22.42 21.83 29.55
C17 A1L1G V . 22.79 19.42 31.24
C18 A1L1G V . 22.88 23.63 32.32
C19 A1L1G V . 20.99 24.17 30.78
C20 A1L1G V . 21.99 20.59 31.75
C21 A1L1G V . 21.88 20.70 33.24
C22 A1L1G V . 20.89 21.72 33.78
C23 A1L1G V . 20.56 22.83 32.79
C24 A1L1G V . 21.59 23.09 31.68
C25 A1L1G V . 21.81 21.78 30.93
C26 A1L1G V . 22.00 22.98 26.92
C27 A1L1G V . 25.21 23.80 22.76
C28 A1L1G V . 32.56 25.22 21.59
C29 A1L1G V . 23.28 22.70 29.04
C30 A1L1G V . 23.28 23.07 27.69
C31 A1L1G V . 24.43 23.49 27.05
C32 A1L1G V . 24.69 23.50 25.69
C33 A1L1G V . 25.91 23.32 25.07
C34 A1L1G V . 26.28 23.66 23.77
C35 A1L1G V . 27.60 23.89 23.37
C36 A1L1G V . 28.08 24.18 22.11
C37 A1L1G V . 29.27 24.76 21.70
C38 A1L1G V . 30.37 24.21 21.07
C39 A1L1G V . 31.52 24.87 20.61
C40 A1L1G V . 31.73 25.21 19.26
C41 A1L1G V . 32.77 25.93 18.72
C42 A1L1G V . 33.28 25.83 17.44
C43 A1L1G V . 35.60 26.55 17.91
C44 A1L1G V . 34.62 25.84 17.05
C45 A1L1G V . 35.41 25.94 14.79
C6 A1L1G V . 35.00 28.00 13.52
C8 A1L1G V . 36.13 28.01 11.25
O13 A1L1G V . 21.85 21.69 26.37
O15 A1L1G V . 20.74 20.81 31.05
O16 A1L1G V . 21.42 22.31 34.96
O7 A1L1G V . 35.91 28.25 9.85
O9 A1L1G V . 38.09 27.06 13.25
O1 LHG W . 29.37 15.79 4.23
C1 LHG W . 30.07 14.59 4.34
C2 LHG W . 31.28 14.66 3.40
O2 LHG W . 31.97 13.44 3.44
C3 LHG W . 32.21 15.80 3.80
O3 LHG W . 31.94 16.19 5.12
P LHG W . 32.82 15.53 6.33
O4 LHG W . 33.76 14.50 5.76
O5 LHG W . 33.63 16.62 7.00
O6 LHG W . 31.81 14.81 7.44
C4 LHG W . 32.36 14.33 8.66
C5 LHG W . 31.86 12.88 8.88
C6 LHG W . 30.35 12.84 8.74
O7 LHG W . 32.45 12.05 7.90
C7 LHG W . 32.15 10.68 8.05
O9 LHG W . 31.41 10.16 7.28
C8 LHG W . 32.80 9.86 9.19
C9 LHG W . 32.24 8.42 9.26
O8 LHG W . 29.82 14.02 9.24
C23 LHG W . 29.31 13.91 10.53
O10 LHG W . 30.05 13.86 11.46
C24 LHG W . 27.78 13.88 10.75
C25 LHG W . 27.37 14.63 12.03
C26 LHG W . 27.52 14.04 13.24
C27 LHG W . 27.10 14.81 14.53
C28 LHG W . 26.42 13.86 15.57
C29 LHG W . 25.06 13.30 15.09
C30 LHG W . 23.88 13.78 15.98
C31 LHG W . 22.97 14.80 15.28
C32 LHG W . 22.15 14.16 14.13
C33 LHG W . 20.72 13.80 14.56
C34 LHG W . 19.65 14.63 13.79
C35 LHG W . 18.37 13.85 13.50
C36 LHG W . 18.43 13.08 12.17
C37 LHG W . 17.41 13.61 11.15
C38 LHG W . 17.14 12.60 10.03
MG CLA X . 47.86 0.92 14.38
CHA CLA X . 50.08 -0.40 12.10
CHB CLA X . 45.80 1.88 11.83
CHC CLA X . 45.57 1.99 16.70
CHD CLA X . 50.08 0.04 16.99
NA CLA X . 47.95 0.75 12.31
C1A CLA X . 48.96 0.14 11.54
C2A CLA X . 48.64 0.22 10.06
C3A CLA X . 47.36 1.08 10.01
C4A CLA X . 46.97 1.25 11.48
CMA CLA X . 47.61 2.41 9.34
CAA CLA X . 48.31 -1.19 9.58
CBA CLA X . 47.42 -1.93 10.56
CGA CLA X . 46.53 -2.91 9.86
O1A CLA X . 46.55 -3.26 8.68
O2A CLA X . 45.58 -3.45 10.68
NB CLA X . 46.01 1.73 14.29
C1B CLA X . 45.37 2.12 13.15
C2B CLA X . 44.14 2.87 13.48
C3B CLA X . 44.07 2.92 14.86
C4B CLA X . 45.25 2.18 15.39
CMB CLA X . 43.25 3.43 12.47
CAB CLA X . 43.07 3.51 15.72
CBB CLA X . 41.75 3.41 15.56
NC CLA X . 47.84 0.98 16.46
C1C CLA X . 46.78 1.43 17.20
C2C CLA X . 47.08 1.27 18.62
C3C CLA X . 48.38 0.78 18.70
C4C CLA X . 48.85 0.60 17.35
CMC CLA X . 46.17 1.59 19.71
CAC CLA X . 49.12 0.45 19.94
CBC CLA X . 48.79 -0.95 20.43
ND CLA X . 49.68 0.08 14.57
C1D CLA X . 50.49 -0.22 15.69
C2D CLA X . 51.75 -0.84 15.23
C3D CLA X . 51.64 -0.96 13.86
C4D CLA X . 50.33 -0.38 13.51
CMD CLA X . 52.83 -1.26 16.13
CAD CLA X . 52.28 -1.39 12.64
OBD CLA X . 53.37 -1.93 12.46
CBD CLA X . 51.30 -1.06 11.47
CGD CLA X . 51.92 -0.16 10.43
O1D CLA X . 52.30 1.01 10.58
O2D CLA X . 52.05 -0.73 9.20
CED CLA X . 53.28 -1.37 8.89
C1 CLA X . 44.26 -3.58 10.12
C2 CLA X . 43.39 -4.16 11.18
C3 CLA X . 42.06 -4.27 11.05
C4 CLA X . 41.35 -3.80 9.83
C5 CLA X . 41.22 -4.85 12.13
C6 CLA X . 40.68 -3.81 13.09
C7 CLA X . 41.02 -4.17 14.52
C8 CLA X . 39.78 -4.51 15.33
C9 CLA X . 38.70 -3.47 15.12
C10 CLA X . 40.11 -4.64 16.82
C11 CLA X . 40.02 -3.33 17.56
C12 CLA X . 39.17 -3.45 18.81
C13 CLA X . 39.68 -2.56 19.93
C14 CLA X . 40.41 -3.37 20.98
C15 CLA X . 38.54 -1.77 20.56
C16 CLA X . 38.97 -1.07 21.84
C17 CLA X . 37.78 -0.40 22.51
C18 CLA X . 38.18 0.53 23.64
C19 CLA X . 38.15 -0.19 24.97
C20 CLA X . 39.55 1.15 23.42
MG CLA Y . 37.31 6.55 16.46
CHA CLA Y . 37.51 7.67 13.18
CHB CLA Y . 36.47 9.70 17.46
CHC CLA Y . 36.90 5.36 19.65
CHD CLA Y . 38.26 3.33 15.37
NA CLA Y . 37.06 8.37 15.47
C1A CLA Y . 37.17 8.63 14.09
C2A CLA Y . 36.91 10.09 13.78
C3A CLA Y . 36.83 10.73 15.18
C4A CLA Y . 36.76 9.53 16.12
CMA CLA Y . 38.05 11.58 15.43
CAA CLA Y . 35.60 10.25 13.03
CBA CLA Y . 34.44 9.70 13.82
CGA CLA Y . 33.14 9.91 13.10
O1A CLA Y . 32.86 10.76 12.25
O2A CLA Y . 32.18 9.01 13.47
NB CLA Y . 36.84 7.38 18.23
C1B CLA Y . 36.41 8.66 18.41
C2B CLA Y . 35.87 8.83 19.78
C3B CLA Y . 35.99 7.61 20.41
C4B CLA Y . 36.62 6.67 19.43
CMB CLA Y . 35.34 10.10 20.25
CAB CLA Y . 35.63 7.23 21.75
CBB CLA Y . 34.89 6.17 22.09
NC CLA Y . 37.57 4.68 17.35
C1C CLA Y . 37.36 4.42 18.67
C2C CLA Y . 37.63 3.02 18.95
C3C CLA Y . 38.01 2.44 17.74
C4C CLA Y . 37.97 3.49 16.73
CMC CLA Y . 37.51 2.39 20.27
CAC CLA Y . 38.38 1.03 17.51
CBC CLA Y . 37.27 0.24 16.84
ND CLA Y . 37.78 5.65 14.72
C1D CLA Y . 38.18 4.32 14.41
C2D CLA Y . 38.44 4.22 12.96
C3D CLA Y . 38.17 5.47 12.44
C4D CLA Y . 37.78 6.32 13.57
CMD CLA Y . 38.87 3.02 12.26
CAD CLA Y . 38.14 6.30 11.24
OBD CLA Y . 38.38 5.99 10.08
CBD CLA Y . 37.73 7.73 11.68
CGD CLA Y . 38.77 8.75 11.31
O1D CLA Y . 39.61 9.27 12.04
O2D CLA Y . 38.72 9.12 10.00
CED CLA Y . 39.85 9.81 9.47
C1 CLA Y . 30.89 9.56 13.82
MG CLA Z . 29.81 27.53 26.33
CHA CLA Z . 26.47 26.96 27.11
CHB CLA Z . 30.65 27.11 29.61
CHC CLA Z . 33.09 28.15 25.51
CHD CLA Z . 28.90 27.93 22.93
NA CLA Z . 28.71 27.10 28.05
C1A CLA Z . 27.33 26.90 28.18
C2A CLA Z . 26.95 26.62 29.63
C3A CLA Z . 28.30 26.66 30.39
C4A CLA Z . 29.31 26.98 29.29
CMA CLA Z . 28.33 27.68 31.48
CAA CLA Z . 26.28 25.26 29.79
CBA CLA Z . 24.88 25.46 30.31
CGA CLA Z . 24.93 26.25 31.59
O1A CLA Z . 25.71 26.12 32.53
O2A CLA Z . 23.96 27.21 31.67
NB CLA Z . 31.54 27.62 27.36
C1B CLA Z . 31.67 27.40 28.69
C2B CLA Z . 33.11 27.52 29.08
C3B CLA Z . 33.81 27.81 27.92
C4B CLA Z . 32.81 27.88 26.82
CMB CLA Z . 33.58 27.33 30.45
CAB CLA Z . 35.22 28.03 27.70
CBB CLA Z . 36.21 27.33 28.25
NC CLA Z . 30.81 27.95 24.54
C1C CLA Z . 32.14 28.18 24.44
C2C CLA Z . 32.50 28.45 23.05
C3C CLA Z . 31.32 28.38 22.31
C4C CLA Z . 30.26 28.07 23.26
CMC CLA Z . 33.86 28.74 22.57
CAC CLA Z . 31.16 28.60 20.87
CBC CLA Z . 31.00 30.06 20.53
ND CLA Z . 28.13 27.44 25.21
C1D CLA Z . 27.90 27.64 23.82
C2D CLA Z . 26.45 27.47 23.55
C3D CLA Z . 25.86 27.22 24.77
C4D CLA Z . 26.94 27.22 25.77
CMD CLA Z . 25.84 27.59 22.23
CAD CLA Z . 24.61 26.95 25.47
OBD CLA Z . 23.48 26.83 25.03
CBD CLA Z . 24.96 26.79 26.98
CGD CLA Z . 24.18 27.78 27.82
O1D CLA Z . 22.96 27.86 27.93
O2D CLA Z . 24.94 28.66 28.51
CED CLA Z . 24.27 29.59 29.39
C1 CLA Z . 23.48 27.51 33.00
MG CLA AA . 36.77 15.83 17.90
CHA CLA AA . 39.18 18.27 17.39
CHB CLA AA . 37.28 16.06 21.25
CHC CLA AA . 34.17 13.66 18.38
CHD CLA AA . 36.39 15.54 14.40
NA CLA AA . 38.05 16.96 19.09
C1A CLA AA . 38.96 17.95 18.69
C2A CLA AA . 39.68 18.54 19.89
C3A CLA AA . 39.32 17.55 21.00
C4A CLA AA . 38.10 16.82 20.44
CMA CLA AA . 40.44 16.57 21.08
CAA CLA AA . 39.13 19.91 20.22
CBA CLA AA . 39.35 20.29 21.67
CGA CLA AA . 40.14 21.56 21.75
O1A CLA AA . 39.93 22.62 21.18
O2A CLA AA . 41.22 21.46 22.58
NB CLA AA . 35.89 15.02 19.52
C1B CLA AA . 36.19 15.30 20.82
C2B CLA AA . 35.21 14.64 21.72
C3B CLA AA . 34.32 13.95 20.91
C4B CLA AA . 34.75 14.17 19.50
CMB CLA AA . 35.26 14.73 23.18
CAB CLA AA . 33.20 13.13 21.29
CBB CLA AA . 31.97 13.23 20.79
NC CLA AA . 35.54 14.76 16.62
C1C CLA AA . 34.54 13.91 17.03
C2C CLA AA . 33.86 13.34 15.87
C3C CLA AA . 34.48 13.88 14.74
C4C CLA AA . 35.53 14.77 15.22
CMC CLA AA . 32.75 12.40 15.93
CAC CLA AA . 34.15 13.61 13.34
CBC CLA AA . 33.21 14.65 12.77
ND CLA AA . 37.62 16.60 16.23
C1D CLA AA . 37.36 16.40 14.86
C2D CLA AA . 38.27 17.28 14.07
C3D CLA AA . 38.97 18.03 14.99
C4D CLA AA . 38.52 17.58 16.32
CMD CLA AA . 38.32 17.33 12.61
CAD CLA AA . 39.99 19.06 15.21
OBD CLA AA . 40.64 19.69 14.38
CBD CLA AA . 40.14 19.25 16.74
CGD CLA AA . 41.54 18.96 17.21
O1D CLA AA . 42.36 18.20 16.68
O2D CLA AA . 41.93 19.59 18.35
CED CLA AA . 42.02 21.02 18.36
C1 CLA AA . 41.84 22.71 22.97
MG CLA BA . 49.44 17.76 17.37
CHA CLA BA . 49.49 19.54 14.39
CHB CLA BA . 52.82 17.44 17.24
CHC CLA BA . 49.37 16.22 20.44
CHD CLA BA . 45.91 18.07 17.45
NA CLA BA . 50.90 18.39 16.01
C1A CLA BA . 50.73 19.15 14.84
C2A CLA BA . 52.08 19.39 14.16
C3A CLA BA . 53.03 18.48 14.95
C4A CLA BA . 52.21 18.09 16.18
CMA CLA BA . 53.42 17.27 14.14
CAA CLA BA . 52.63 20.79 14.42
CBA CLA BA . 51.94 21.94 13.74
CGA CLA BA . 51.31 22.81 14.78
O1A CLA BA . 50.39 23.62 14.66
O2A CLA BA . 51.88 22.66 16.02
NB CLA BA . 50.83 16.97 18.60
C1B CLA BA . 52.17 16.98 18.39
C2B CLA BA . 52.88 16.39 19.56
C3B CLA BA . 51.90 16.04 20.47
C4B CLA BA . 50.59 16.40 19.87
CMB CLA BA . 54.33 16.25 19.61
CAB CLA BA . 51.99 15.43 21.77
CBB CLA BA . 52.94 14.60 22.21
NC CLA BA . 47.91 17.22 18.69
C1C CLA BA . 48.11 16.60 19.88
C2C CLA BA . 46.83 16.38 20.55
C3C CLA BA . 45.85 16.91 19.71
C4C CLA BA . 46.54 17.43 18.53
CMC CLA BA . 46.66 15.74 21.85
CAC CLA BA . 44.40 16.93 19.96
CBC CLA BA . 43.97 18.17 20.72
ND CLA BA . 47.99 18.56 16.21
C1D CLA BA . 46.57 18.60 16.35
C2D CLA BA . 46.01 19.30 15.17
C3D CLA BA . 47.08 19.67 14.40
C4D CLA BA . 48.29 19.20 15.09
CMD CLA BA . 44.58 19.53 14.94
CAD CLA BA . 47.49 20.34 13.17
OBD CLA BA . 46.81 20.86 12.29
CBD CLA BA . 49.05 20.26 13.14
CGD CLA BA . 49.52 19.55 11.89
O1D CLA BA . 50.00 18.41 11.82
O2D CLA BA . 49.40 20.28 10.75
CED CLA BA . 49.01 19.58 9.56
C1 CLA BA . 50.97 22.48 17.12
MG CLA CA . 54.81 11.68 26.27
CHA CLA CA . 57.63 10.91 24.39
CHB CLA CA . 54.92 14.90 25.14
CHC CLA CA . 52.20 12.46 28.36
CHD CLA CA . 54.73 8.34 27.43
NA CLA CA . 56.05 12.71 24.93
C1A CLA CA . 57.18 12.21 24.26
C2A CLA CA . 57.79 13.30 23.39
C3A CLA CA . 56.83 14.50 23.53
C4A CLA CA . 55.86 14.03 24.61
CMA CLA CA . 57.53 15.77 23.92
CAA CLA CA . 57.91 12.87 21.94
CBA CLA CA . 59.35 12.94 21.50
CGA CLA CA . 59.83 11.65 20.93
O1A CLA CA . 60.98 11.20 20.92
O2A CLA CA . 58.84 10.91 20.37
NB CLA CA . 53.77 13.36 26.68
C1B CLA CA . 53.97 14.58 26.12
C2B CLA CA . 53.02 15.56 26.70
C3B CLA CA . 52.24 14.88 27.61
C4B CLA CA . 52.71 13.46 27.60
CMB CLA CA . 52.97 16.97 26.30
CAB CLA CA . 51.17 15.33 28.45
CBB CLA CA . 51.24 16.37 29.29
NC CLA CA . 53.66 10.58 27.61
C1C CLA CA . 52.63 11.09 28.36
C2C CLA CA . 52.06 10.06 29.21
C3C CLA CA . 52.78 8.89 28.94
C4C CLA CA . 53.78 9.22 27.94
CMC CLA CA . 50.96 10.26 30.14
CAC CLA CA . 52.57 7.56 29.56
CBC CLA CA . 53.24 7.50 30.90
ND CLA CA . 55.82 9.96 25.93
C1D CLA CA . 55.70 8.66 26.49
C2D CLA CA . 56.77 7.79 25.94
C3D CLA CA . 57.54 8.61 25.14
C4D CLA CA . 56.92 9.95 25.18
CMD CLA CA . 56.95 6.38 26.25
CAD CLA CA . 58.68 8.68 24.25
OBD CLA CA . 59.44 7.79 23.87
CBD CLA CA . 58.81 10.18 23.81
CGD CLA CA . 60.09 10.79 24.30
O1D CLA CA . 60.26 11.93 24.77
O2D CLA CA . 61.19 9.97 24.21
CED CLA CA . 62.48 10.58 24.20
C1 CLA CA . 59.21 10.18 19.17
MG CLA DA . 33.42 8.43 29.56
CHA CLA DA . 31.95 9.13 32.63
CHB CLA DA . 35.68 6.42 31.09
CHC CLA DA . 34.54 7.44 26.47
CHD CLA DA . 31.00 10.50 27.99
NA CLA DA . 33.78 7.93 31.54
C1A CLA DA . 33.05 8.30 32.68
C2A CLA DA . 33.66 7.69 33.93
C3A CLA DA . 35.01 7.11 33.43
C4A CLA DA . 34.83 7.13 31.92
CMA CLA DA . 36.18 7.91 33.90
CAA CLA DA . 32.74 6.60 34.47
CBA CLA DA . 32.45 5.50 33.47
CGA CLA DA . 31.19 5.75 32.69
O1A CLA DA . 30.02 5.71 33.08
O2A CLA DA . 31.43 6.07 31.38
NB CLA DA . 34.90 7.24 28.91
C1B CLA DA . 35.59 6.38 29.70
C2B CLA DA . 36.25 5.33 28.88
C3B CLA DA . 35.93 5.59 27.56
C4B CLA DA . 35.08 6.83 27.57
CMB CLA DA . 37.06 4.26 29.46
CAB CLA DA . 36.30 4.89 26.36
CBB CLA DA . 37.49 4.36 26.09
NC CLA DA . 32.94 8.98 27.60
C1C CLA DA . 33.56 8.49 26.49
C2C CLA DA . 33.00 9.09 25.28
C3C CLA DA . 31.94 9.90 25.71
C4C CLA DA . 31.92 9.83 27.16
CMC CLA DA . 33.44 8.80 23.93
CAC CLA DA . 31.06 10.72 24.86
CBC CLA DA . 31.76 11.93 24.28
ND CLA DA . 31.89 9.64 30.12
C1D CLA DA . 30.96 10.40 29.36
C2D CLA DA . 30.00 11.04 30.30
C3D CLA DA . 30.32 10.57 31.56
C4D CLA DA . 31.50 9.69 31.39
CMD CLA DA . 28.92 11.94 29.90
CAD CLA DA . 30.01 10.61 32.97
OBD CLA DA . 29.17 11.28 33.56
CBD CLA DA . 30.99 9.64 33.70
CGD CLA DA . 31.59 10.29 34.91
O1D CLA DA . 30.97 10.82 35.84
O2D CLA DA . 32.94 10.30 35.00
CED CLA DA . 33.49 10.11 36.31
C1 CLA DA . 30.43 5.70 30.41
C2 CLA DA . 30.88 6.22 29.10
C3 CLA DA . 30.39 5.80 27.92
C4 CLA DA . 29.35 4.75 27.83
C5 CLA DA . 30.88 6.35 26.63
C6 CLA DA . 31.12 5.31 25.56
C7 CLA DA . 30.85 5.87 24.20
C8 CLA DA . 31.48 5.05 23.08
C9 CLA DA . 30.99 5.51 21.72
C10 CLA DA . 31.20 3.56 23.26
MG CLA EA . 52.17 4.86 38.26
CHA CLA EA . 52.10 3.22 41.32
CHB CLA EA . 51.54 1.91 36.68
CHC CLA EA . 52.09 6.55 35.27
CHD CLA EA . 52.75 7.91 39.96
NA CLA EA . 51.89 2.90 38.91
C1A CLA EA . 51.88 2.41 40.23
C2A CLA EA . 51.64 0.91 40.27
C3A CLA EA . 51.60 0.51 38.77
C4A CLA EA . 51.67 1.85 38.05
CMA CLA EA . 52.73 -0.40 38.39
CAA CLA EA . 50.32 0.59 40.94
CBA CLA EA . 49.89 -0.85 40.71
NB CLA EA . 51.92 4.32 36.34
C1B CLA EA . 51.60 3.08 35.89
C2B CLA EA . 51.33 3.11 34.43
C3B CLA EA . 51.47 4.42 34.03
C4B CLA EA . 51.86 5.21 35.24
CMB CLA EA . 50.95 1.92 33.67
CAB CLA EA . 51.33 5.03 32.74
CBB CLA EA . 51.68 4.48 31.57
NC CLA EA . 52.42 6.87 37.72
C1C CLA EA . 52.36 7.32 36.44
C2C CLA EA . 52.57 8.77 36.41
C3C CLA EA . 52.74 9.16 37.74
C4C CLA EA . 52.64 7.96 38.56
CMC CLA EA . 52.57 9.58 35.20
CAC CLA EA . 52.96 10.53 38.24
CBC CLA EA . 54.31 11.11 37.87
ND CLA EA . 52.40 5.49 40.17
C1D CLA EA . 52.64 6.77 40.73
C2D CLA EA . 52.74 6.64 42.20
C3D CLA EA . 52.54 5.29 42.48
C4D CLA EA . 52.33 4.63 41.18
CMD CLA EA . 52.99 7.74 43.12
CAD CLA EA . 52.46 4.28 43.52
OBD CLA EA . 52.59 4.38 44.73
CBD CLA EA . 52.16 2.92 42.79
CGD CLA EA . 53.22 1.89 43.10
O1D CLA EA . 53.09 0.66 43.10
O2D CLA EA . 54.44 2.41 43.38
CED CLA EA . 55.37 2.56 42.30
MG CLA FA . 11.84 13.79 18.00
CHA CLA FA . 11.44 16.61 19.98
CHB CLA FA . 14.08 12.54 20.23
CHC CLA FA . 12.10 10.97 16.07
CHD CLA FA . 9.40 15.08 15.78
NA CLA FA . 12.62 14.50 19.81
C1A CLA FA . 12.32 15.69 20.48
C2A CLA FA . 13.12 15.79 21.77
C3A CLA FA . 14.10 14.61 21.70
C4A CLA FA . 13.57 13.80 20.51
CMA CLA FA . 15.52 15.07 21.46
CAA CLA FA . 12.18 15.53 22.95
CBA CLA FA . 11.73 16.77 23.68
CGA CLA FA . 12.64 17.07 24.84
O1A CLA FA . 12.38 17.04 26.05
O2A CLA FA . 13.89 17.43 24.44
NB CLA FA . 12.93 12.11 18.10
C1B CLA FA . 13.70 11.72 19.15
C2B CLA FA . 14.11 10.30 19.00
C3B CLA FA . 13.55 9.86 17.82
C4B CLA FA . 12.81 11.00 17.24
CMB CLA FA . 14.96 9.62 19.97
CAB CLA FA . 13.59 8.59 17.14
CBB CLA FA . 14.06 7.42 17.62
NC CLA FA . 10.95 13.17 16.22
C1C CLA FA . 11.24 11.99 15.59
C2C CLA FA . 10.46 11.89 14.34
C3C CLA FA . 9.66 13.03 14.30
C4C CLA FA . 9.97 13.83 15.48
CMC CLA FA . 10.54 10.78 13.41
CAC CLA FA . 8.70 13.38 13.22
CBC CLA FA . 7.40 12.63 13.35
ND CLA FA . 10.68 15.44 17.84
C1D CLA FA . 9.72 15.85 16.88
C2D CLA FA . 9.20 17.18 17.24
C3D CLA FA . 9.86 17.55 18.40
C4D CLA FA . 10.74 16.42 18.75
CMD CLA FA . 8.22 17.94 16.46
CAD CLA FA . 10.04 18.56 19.41
OBD CLA FA . 9.57 19.69 19.48
CBD CLA FA . 11.02 17.98 20.48
CGD CLA FA . 12.22 18.88 20.61
O1D CLA FA . 12.98 18.98 21.58
O2D CLA FA . 12.46 19.63 19.50
CED CLA FA . 13.82 19.99 19.23
C1 CLA FA . 14.22 18.83 24.54
C2 CLA FA . 15.30 19.08 23.56
C3 CLA FA . 16.43 19.71 23.87
C4 CLA FA . 16.70 20.19 25.26
C5 CLA FA . 17.50 19.92 22.86
C6 CLA FA . 17.63 18.77 21.89
C7 CLA FA . 18.29 19.21 20.61
C8 CLA FA . 19.00 18.07 19.89
C9 CLA FA . 18.05 16.92 19.63
C10 CLA FA . 20.20 17.59 20.70
C11 CLA FA . 21.17 16.82 19.83
C12 CLA FA . 22.59 16.95 20.31
C13 CLA FA . 23.57 16.69 19.18
C14 CLA FA . 24.50 15.55 19.52
C15 CLA FA . 24.37 17.95 18.84
C16 CLA FA . 25.43 17.67 17.78
C17 CLA FA . 26.59 18.63 17.86
C18 CLA FA . 26.21 20.03 17.40
C19 CLA FA . 26.24 21.01 18.55
C20 CLA FA . 27.14 20.49 16.30
O1 LHG GA . 31.70 -2.25 -8.51
C1 LHG GA . 31.44 -1.69 -7.27
C2 LHG GA . 32.75 -1.50 -6.53
O2 LHG GA . 33.38 -0.34 -7.00
C3 LHG GA . 33.65 -2.71 -6.78
O3 LHG GA . 34.31 -3.04 -5.59
P LHG GA . 33.53 -4.01 -4.50
O4 LHG GA . 32.43 -4.77 -5.21
O5 LHG GA . 34.51 -4.98 -3.92
O6 LHG GA . 32.87 -3.06 -3.29
C4 LHG GA . 31.49 -2.71 -3.38
C5 LHG GA . 31.25 -1.47 -2.50
C6 LHG GA . 32.57 -0.97 -1.94
O7 LHG GA . 30.65 -0.45 -3.28
C7 LHG GA . 29.64 0.27 -2.59
O9 LHG GA . 29.64 1.44 -2.63
C8 LHG GA . 28.55 -0.50 -1.79
C9 LHG GA . 27.45 0.43 -1.26
C10 LHG GA . 26.36 -0.33 -0.50
O8 LHG GA . 32.32 0.15 -1.14
C23 LHG GA . 32.51 -0.07 0.23
O10 LHG GA . 33.48 0.38 0.78
C24 LHG GA . 31.51 -0.92 1.03
C11 LHG GA . 25.17 -0.76 -1.41
C12 LHG GA . 23.87 0.08 -1.12
C13 LHG GA . 22.56 -0.76 -1.38
C14 LHG GA . 21.66 -0.85 -0.13
C15 LHG GA . 21.09 -2.28 0.07
C16 LHG GA . 20.86 -2.62 1.55
C17 LHG GA . 19.38 -2.54 1.94
C18 LHG GA . 19.18 -2.21 3.42
C19 LHG GA . 17.72 -2.10 3.81
C25 LHG GA . 30.99 -0.18 2.26
C26 LHG GA . 30.35 1.00 2.12
C27 LHG GA . 29.83 1.74 3.39
C28 LHG GA . 28.62 0.99 4.03
C29 LHG GA . 28.27 1.53 5.44
C30 LHG GA . 29.50 1.55 6.39
C31 LHG GA . 29.46 0.42 7.42
C32 LHG GA . 28.04 0.26 8.06
C33 LHG GA . 27.81 -1.16 8.59
C34 LHG GA . 28.74 -1.49 9.79
C35 LHG GA . 28.31 -2.76 10.52
C36 LHG GA . 29.40 -3.31 11.44
C37 LHG GA . 29.60 -2.47 12.70
C38 LHG GA . 28.28 -2.22 13.45
MG CLA HA . 23.65 11.15 23.92
CHA CLA HA . 23.89 10.86 27.37
CHB CLA HA . 20.55 12.53 24.26
CHC CLA HA . 23.58 11.66 20.53
CHD CLA HA . 26.87 9.73 23.64
NA CLA HA . 22.42 11.57 25.56
C1A CLA HA . 22.71 11.40 26.91
C2A CLA HA . 21.55 11.86 27.78
C3A CLA HA . 20.45 12.19 26.76
C4A CLA HA . 21.17 12.11 25.42
CMA CLA HA . 19.31 11.20 26.84
CAA CLA HA . 22.02 13.11 28.53
CBA CLA HA . 20.93 13.81 29.32
CGA CLA HA . 21.35 15.23 29.51
O1A CLA HA . 22.44 15.64 29.93
O2A CLA HA . 20.40 16.14 29.18
NB CLA HA . 22.32 11.94 22.64
C1B CLA HA . 21.12 12.49 22.98
C2B CLA HA . 20.46 13.02 21.76
C3B CLA HA . 21.30 12.78 20.70
C4B CLA HA . 22.49 12.08 21.24
CMB CLA HA . 19.15 13.67 21.78
CAB CLA HA . 21.13 13.10 19.30
CBB CLA HA . 21.14 12.22 18.31
NC CLA HA . 24.97 10.72 22.37
C1C CLA HA . 24.74 11.01 21.05
C2C CLA HA . 25.88 10.59 20.24
C3C CLA HA . 26.82 10.05 21.12
C4C CLA HA . 26.24 10.14 22.46
CMC CLA HA . 25.98 10.73 18.79
CAC CLA HA . 28.14 9.50 20.79
CBC CLA HA . 28.14 7.99 20.71
ND CLA HA . 25.05 10.35 25.15
C1D CLA HA . 26.34 9.82 24.91
C2D CLA HA . 26.96 9.44 26.20
C3D CLA HA . 26.06 9.81 27.17
C4D CLA HA . 24.90 10.39 26.47
CMD CLA HA . 28.27 8.81 26.34
CAD CLA HA . 25.76 9.84 28.61
OBD CLA HA . 26.40 9.38 29.54
CBD CLA HA . 24.40 10.59 28.76
CGD CLA HA . 23.40 9.82 29.56
O1D CLA HA . 22.87 10.13 30.64
O2D CLA HA . 23.06 8.63 29.00
CED CLA HA . 22.94 7.51 29.85
C1 CLA HA . 20.87 17.43 28.75
C2 CLA HA . 19.99 17.84 27.62
C3 CLA HA . 20.16 17.40 26.37
C4 CLA HA . 19.28 17.81 25.25
C5 CLA HA . 21.27 16.47 26.01
C6 CLA HA . 22.04 17.01 24.83
C7 CLA HA . 22.78 15.90 24.11
C8 CLA HA . 23.92 15.36 24.95
C9 CLA HA . 24.81 16.50 25.43
C10 CLA HA . 24.71 14.32 24.15
C11 CLA HA . 26.20 14.53 24.21
C12 CLA HA . 26.77 14.86 22.85
C13 CLA HA . 27.78 13.83 22.38
C14 CLA HA . 28.48 13.18 23.56
C15 CLA HA . 28.81 14.44 21.45
C16 CLA HA . 28.19 14.78 20.11
C17 CLA HA . 29.25 14.96 19.04
C1 XAT IA . 51.17 -14.96 38.65
C2 XAT IA . 51.99 -14.75 39.91
C3 XAT IA . 52.09 -16.06 40.67
C4 XAT IA . 53.07 -16.92 39.88
C5 XAT IA . 52.60 -17.17 38.44
C6 XAT IA . 51.56 -16.21 37.83
C7 XAT IA . 51.77 -15.99 36.35
C8 XAT IA . 50.89 -16.51 35.50
C9 XAT IA . 51.04 -16.36 34.04
C10 XAT IA . 50.51 -17.29 33.24
C11 XAT IA . 50.61 -17.22 31.78
C12 XAT IA . 50.21 -18.27 31.09
C13 XAT IA . 50.26 -18.29 29.61
C14 XAT IA . 49.67 -19.31 28.97
C15 XAT IA . 49.66 -19.39 27.52
C16 XAT IA . 51.28 -13.72 37.79
C17 XAT IA . 49.70 -15.09 39.04
C18 XAT IA . 53.58 -17.69 37.36
C19 XAT IA . 51.76 -15.18 33.46
C20 XAT IA . 50.94 -17.19 28.86
O3 XAT IA . 52.62 -15.82 41.98
O4 XAT IA . 51.22 -17.52 38.31
C21 XAT IA . 45.54 -22.35 15.80
C22 XAT IA . 45.44 -22.80 14.35
C23 XAT IA . 46.82 -22.96 13.76
C24 XAT IA . 47.35 -24.23 14.38
C25 XAT IA . 47.54 -24.07 15.89
C26 XAT IA . 46.66 -23.02 16.61
C27 XAT IA . 46.34 -23.40 18.05
C28 XAT IA . 46.89 -22.64 18.99
C29 XAT IA . 46.68 -22.85 20.43
C30 XAT IA . 47.31 -22.02 21.27
C31 XAT IA . 47.21 -22.10 22.72
C32 XAT IA . 47.99 -21.29 23.41
C33 XAT IA . 47.98 -21.24 24.88
C34 XAT IA . 48.82 -20.39 25.49
C35 XAT IA . 48.86 -20.28 26.95
C36 XAT IA . 44.21 -22.62 16.48
C37 XAT IA . 45.78 -20.84 15.82
C38 XAT IA . 47.82 -25.27 16.81
C39 XAT IA . 45.80 -23.96 20.93
C40 XAT IA . 47.07 -22.11 25.67
O23 XAT IA . 46.73 -23.11 12.34
O24 XAT IA . 48.05 -22.79 16.29
C1 XAT JA . 42.68 -29.05 27.01
C2 XAT JA . 42.39 -29.32 28.47
C3 XAT JA . 42.06 -28.00 29.15
C4 XAT JA . 40.66 -27.65 28.71
C5 XAT JA . 40.53 -27.54 27.18
C6 XAT JA . 41.62 -28.20 26.30
C7 XAT JA . 41.00 -28.71 25.00
C8 XAT JA . 41.60 -28.44 23.85
C9 XAT JA . 41.03 -28.88 22.55
C10 XAT JA . 41.46 -29.98 21.91
C11 XAT JA . 40.86 -30.32 20.63
C12 XAT JA . 40.84 -31.56 20.15
C13 XAT JA . 40.23 -31.83 18.84
C14 XAT JA . 39.89 -33.07 18.48
C15 XAT JA . 39.30 -33.34 17.17
C16 XAT JA . 42.86 -30.38 26.29
C17 XAT JA . 44.01 -28.32 26.92
C18 XAT JA . 39.16 -27.58 26.50
C19 XAT JA . 39.95 -28.05 21.93
C20 XAT JA . 39.99 -30.69 17.89
O3 XAT JA . 42.11 -28.15 30.57
O4 XAT JA . 41.56 -26.78 26.54
C21 XAT JA . 34.57 -40.84 7.55
C22 XAT JA . 34.55 -41.40 6.13
C23 XAT JA . 34.82 -40.27 5.15
C24 XAT JA . 36.31 -39.99 5.27
C25 XAT JA . 36.65 -39.45 6.67
C26 XAT JA . 35.69 -39.81 7.82
C27 XAT JA . 36.40 -39.91 9.16
C28 XAT JA . 36.13 -38.95 10.04
C29 XAT JA . 36.74 -38.91 11.38
C30 XAT JA . 36.75 -37.74 12.03
C31 XAT JA . 37.33 -37.59 13.36
C32 XAT JA . 37.55 -36.36 13.82
C33 XAT JA . 38.14 -36.12 15.14
C34 XAT JA . 38.43 -34.86 15.52
C35 XAT JA . 39.02 -34.59 16.82
C36 XAT JA . 34.73 -42.00 8.52
C37 XAT JA . 33.23 -40.17 7.83
C38 XAT JA . 38.09 -39.33 7.16
C39 XAT JA . 37.32 -40.15 12.00
C40 XAT JA . 38.41 -37.28 16.06
O23 XAT JA . 34.53 -40.72 3.82
O24 XAT JA . 35.69 -38.52 7.19
C1 XAT KA . 58.95 -26.70 16.35
C2 XAT KA . 59.57 -25.72 15.38
C3 XAT KA . 59.61 -26.30 13.97
C4 XAT KA . 58.18 -26.31 13.50
C5 XAT KA . 57.36 -27.29 14.34
C6 XAT KA . 57.81 -27.57 15.79
C7 XAT KA . 56.68 -27.88 16.74
C8 XAT KA . 56.57 -29.16 17.08
C9 XAT KA . 55.54 -29.68 18.01
C10 XAT KA . 55.32 -31.00 18.00
C11 XAT KA . 54.35 -31.65 18.87
C12 XAT KA . 53.96 -32.87 18.56
C13 XAT KA . 53.01 -33.61 19.39
C14 XAT KA . 52.56 -34.81 18.98
C15 XAT KA . 51.64 -35.58 19.81
C16 XAT KA . 58.44 -25.93 17.56
C17 XAT KA . 60.05 -27.64 16.86
C18 XAT KA . 55.82 -27.34 14.24
C19 XAT KA . 54.80 -28.76 18.93
C20 XAT KA . 52.56 -33.05 20.71
O3 XAT KA . 60.42 -25.47 13.13
O4 XAT KA . 58.03 -28.49 14.70
C21 XAT KA . 45.72 -43.49 27.04
C22 XAT KA . 44.70 -43.97 28.07
C23 XAT KA . 43.69 -42.87 28.32
C24 XAT KA . 42.81 -42.85 27.09
C25 XAT KA . 43.61 -42.39 25.87
C26 XAT KA . 45.13 -42.66 25.90
C27 XAT KA . 45.69 -42.90 24.50
C28 XAT KA . 46.47 -41.93 24.05
C29 XAT KA . 47.15 -41.89 22.75
C30 XAT KA . 47.65 -40.72 22.40
C31 XAT KA . 48.37 -40.40 21.17
C32 XAT KA . 48.89 -39.18 21.17
C33 XAT KA . 49.71 -38.61 20.09
C34 XAT KA . 50.23 -37.40 20.32
C35 XAT KA . 51.09 -36.70 19.38
C36 XAT KA . 46.43 -44.71 26.46
C37 XAT KA . 46.76 -42.64 27.75
C38 XAT KA . 43.03 -42.45 24.46
C39 XAT KA . 47.27 -43.11 21.88
C40 XAT KA . 49.97 -39.35 18.82
O23 XAT KA . 42.90 -43.19 29.48
O24 XAT KA . 44.56 -41.36 26.15
C8 A1L1F LA . 36.91 -6.09 9.18
C5 A1L1F LA . 34.65 -7.70 7.47
C4 A1L1F LA . 38.13 -6.92 9.58
C6 A1L1F LA . 36.17 -7.70 7.43
C10 A1L1F LA . 39.17 -8.89 8.47
C11 A1L1F LA . 37.95 -8.39 9.25
C2 A1L1F LA . 35.43 -10.80 8.78
C3 A1L1F LA . 36.67 -6.30 7.70
C1 A1L1F LA . 36.70 -8.66 8.46
C12 A1L1F LA . 36.64 -8.16 6.06
C14 A1L1F LA . 37.98 -22.66 22.34
C17 A1L1F LA . 36.50 -23.83 24.49
C18 A1L1F LA . 40.77 -22.91 23.01
C19 A1L1F LA . 40.07 -20.60 23.60
C20 A1L1F LA . 37.54 -22.81 24.95
C21 A1L1F LA . 38.36 -23.15 26.19
C22 A1L1F LA . 39.38 -22.06 26.41
C23 A1L1F LA . 40.45 -22.27 25.37
C24 A1L1F LA . 39.93 -22.07 23.96
C25 A1L1F LA . 38.46 -22.48 23.76
C26 A1L1F LA . 36.87 -23.30 19.73
C27 A1L1F LA . 35.43 -20.99 15.45
C28 A1L1F LA . 34.83 -14.23 14.16
C29 A1L1F LA . 37.02 -21.88 21.87
C30 A1L1F LA . 36.58 -22.03 20.49
C31 A1L1F LA . 35.91 -21.03 19.90
C32 A1L1F LA . 35.48 -21.11 18.52
C33 A1L1F LA . 35.79 -20.04 17.81
C34 A1L1F LA . 35.49 -19.84 16.40
C35 A1L1F LA . 35.33 -18.58 15.98
C36 A1L1F LA . 35.08 -18.23 14.60
C37 A1L1F LA . 34.98 -16.94 14.35
C38 A1L1F LA . 34.78 -16.39 13.01
C39 A1L1F LA . 34.72 -15.07 12.92
C40 A1L1F LA . 34.56 -14.40 11.63
C41 A1L1F LA . 35.56 -13.59 11.28
C42 A1L1F LA . 35.58 -12.86 10.04
C43 A1L1F LA . 35.17 -10.80 11.32
C44 A1L1F LA . 35.41 -11.53 10.05
C45 A1L1F LA . 34.87 -24.68 19.26
C47 A1L1F LA . 33.82 -25.65 19.73
C48 A1L1F LA . 32.84 -25.91 18.59
C49 A1L1F LA . 33.11 -27.26 17.92
C50 A1L1F LA . 32.75 -27.20 16.45
C51 A1L1F LA . 32.48 -28.58 15.86
C52 A1L1F LA . 32.21 -28.48 14.37
C53 A1L1F LA . 31.96 -29.85 13.78
C54 A1L1F LA . 37.24 -4.29 10.75
C56 A1L1F LA . 36.21 -4.72 11.74
C57 A1L1F LA . 36.07 -9.73 8.65
O13 A1L1F LA . 35.96 -24.31 20.14
O15 A1L1F LA . 37.61 -21.50 24.39
O16 A1L1F LA . 39.93 -22.17 27.72
O46 A1L1F LA . 34.81 -24.18 18.15
O55 A1L1F LA . 38.16 -3.56 11.07
O7 A1L1F LA . 37.15 -4.71 9.36
O9 A1L1F LA . 37.90 -9.11 10.49
MG CLA MA . 41.83 -50.76 7.50
CHA CLA MA . 44.75 -48.89 7.61
CHB CLA MA . 43.55 -53.38 6.19
CHC CLA MA . 38.90 -52.56 7.45
CHD CLA MA . 40.08 -47.98 8.85
NA CLA MA . 43.83 -51.07 7.00
C1A CLA MA . 44.90 -50.17 7.13
C2A CLA MA . 46.21 -50.81 6.65
C3A CLA MA . 45.77 -52.22 6.16
C4A CLA MA . 44.27 -52.24 6.47
CMA CLA MA . 46.08 -52.44 4.71
CAA CLA MA . 47.18 -50.96 7.81
CBA CLA MA . 46.52 -51.66 8.98
CGA CLA MA . 47.51 -51.99 10.04
NB CLA MA . 41.32 -52.62 6.94
C1B CLA MA . 42.16 -53.54 6.42
C2B CLA MA . 41.41 -54.79 6.08
C3B CLA MA . 40.09 -54.56 6.43
C4B CLA MA . 40.03 -53.17 6.98
CMB CLA MA . 42.07 -55.95 5.49
CAB CLA MA . 38.92 -55.39 6.34
CBB CLA MA . 38.85 -56.68 6.02
NC CLA MA . 39.85 -50.34 8.06
C1C CLA MA . 38.82 -51.23 7.96
C2C CLA MA . 37.60 -50.62 8.45
C3C CLA MA . 37.91 -49.32 8.84
C4C CLA MA . 39.35 -49.15 8.59
CMC CLA MA . 36.29 -51.29 8.50
CAC CLA MA . 37.01 -48.31 9.42
CBC CLA MA . 36.36 -47.43 8.37
ND CLA MA . 42.24 -48.86 8.11
C1D CLA MA . 41.43 -47.82 8.63
C2D CLA MA . 42.27 -46.62 8.86
C3D CLA MA . 43.56 -46.98 8.49
C4D CLA MA . 43.49 -48.39 8.03
CMD CLA MA . 41.78 -45.36 9.39
CAD CLA MA . 44.93 -46.56 8.37
OBD CLA MA . 45.44 -45.47 8.65
CBD CLA MA . 45.74 -47.76 7.79
CGD CLA MA . 46.40 -47.39 6.48
O1D CLA MA . 45.85 -47.03 5.44
O2D CLA MA . 47.76 -47.50 6.49
CED CLA MA . 48.43 -47.58 5.24
MG CLA NA . 52.54 -47.47 12.85
CHA CLA NA . 54.50 -44.80 11.82
CHB CLA NA . 54.50 -49.61 11.06
CHC CLA NA . 50.60 -50.08 13.96
CHD CLA NA . 50.53 -45.20 14.70
NA CLA NA . 54.23 -47.22 11.64
C1A CLA NA . 54.90 -46.02 11.34
C2A CLA NA . 56.10 -46.29 10.42
C3A CLA NA . 56.01 -47.80 10.13
C4A CLA NA . 54.84 -48.26 11.01
CMA CLA NA . 55.79 -48.09 8.67
CAA CLA NA . 57.40 -45.94 11.12
CBA CLA NA . 57.58 -46.75 12.39
CGA CLA NA . 58.57 -46.09 13.30
O1A CLA NA . 59.50 -45.33 13.00
O2A CLA NA . 58.39 -46.42 14.61
NB CLA NA . 52.55 -49.46 12.56
C1B CLA NA . 53.45 -50.15 11.80
C2B CLA NA . 53.14 -51.61 11.88
C3B CLA NA . 52.05 -51.75 12.69
C4B CLA NA . 51.65 -50.38 13.14
CMB CLA NA . 53.93 -52.61 11.17
CAB CLA NA . 51.33 -52.93 13.11
CBB CLA NA . 51.89 -54.01 13.65
NC CLA NA . 50.86 -47.60 14.09
C1C CLA NA . 50.23 -48.77 14.40
C2C CLA NA . 49.09 -48.51 15.29
C3C CLA NA . 49.08 -47.13 15.51
C4C CLA NA . 50.20 -46.57 14.75
CMC CLA NA . 48.19 -49.54 15.81
CAC CLA NA . 48.11 -46.38 16.34
CBC CLA NA . 48.48 -46.41 17.80
ND CLA NA . 52.46 -45.48 13.20
C1D CLA NA . 51.59 -44.68 13.99
C2D CLA NA . 52.01 -43.26 13.88
C3D CLA NA . 53.11 -43.25 13.05
C4D CLA NA . 53.36 -44.65 12.67
CMD CLA NA . 51.34 -42.15 14.56
CAD CLA NA . 54.13 -42.44 12.40
OBD CLA NA . 54.29 -41.22 12.43
CBD CLA NA . 55.06 -43.42 11.61
CGD CLA NA . 55.12 -43.10 10.15
O1D CLA NA . 54.43 -43.57 9.24
O2D CLA NA . 56.08 -42.18 9.82
CED CLA NA . 56.86 -42.44 8.66
C1 CLA NA . 59.08 -45.61 15.59
MG CLA OA . 41.06 -37.71 7.59
CHA CLA OA . 41.97 -38.62 4.37
CHB CLA OA . 39.98 -34.70 6.42
CHC CLA OA . 40.04 -36.92 10.76
CHD CLA OA . 42.25 -40.84 8.75
NA CLA OA . 41.00 -36.83 5.69
C1A CLA OA . 41.42 -37.38 4.48
C2A CLA OA . 41.20 -36.39 3.32
C3A CLA OA . 40.72 -35.11 4.04
C4A CLA OA . 40.53 -35.56 5.48
CMA CLA OA . 41.76 -34.03 3.95
CAA CLA OA . 40.15 -36.89 2.35
CBA CLA OA . 38.89 -37.38 3.05
CGA CLA OA . 37.90 -36.27 3.15
O1A CLA OA . 37.66 -35.37 2.35
O2A CLA OA . 37.16 -36.32 4.31
NB CLA OA . 40.19 -36.11 8.43
C1B CLA OA . 39.79 -34.98 7.78
C2B CLA OA . 39.11 -34.05 8.74
C3B CLA OA . 39.12 -34.68 9.97
C4B CLA OA . 39.81 -36.00 9.78
CMB CLA OA . 38.59 -32.76 8.33
CAB CLA OA . 38.62 -34.27 11.25
CBB CLA OA . 38.48 -33.02 11.69
NC CLA OA . 41.15 -38.70 9.42
C1C CLA OA . 40.68 -38.18 10.59
C2C CLA OA . 40.91 -39.13 11.69
C3C CLA OA . 41.52 -40.25 11.11
C4C CLA OA . 41.67 -39.97 9.69
CMC CLA OA . 40.55 -38.90 13.09
CAC CLA OA . 41.94 -41.47 11.81
CBC CLA OA . 40.90 -42.56 11.70
ND CLA OA . 41.93 -39.37 6.81
C1D CLA OA . 42.37 -40.58 7.41
C2D CLA OA . 42.95 -41.44 6.35
C3D CLA OA . 42.82 -40.74 5.16
C4D CLA OA . 42.18 -39.46 5.51
CMD CLA OA . 43.54 -42.77 6.59
CAD CLA OA . 43.05 -40.74 3.73
OBD CLA OA . 43.54 -41.61 3.01
CBD CLA OA . 42.52 -39.37 3.18
CGD CLA OA . 43.61 -38.57 2.55
O1D CLA OA . 44.78 -38.44 2.94
O2D CLA OA . 43.24 -37.90 1.42
CED CLA OA . 44.08 -36.83 0.98
C1 CLA OA . 36.81 -35.06 4.91
C2 CLA OA . 36.36 -35.39 6.29
C3 CLA OA . 35.45 -34.66 6.95
C4 CLA OA . 34.80 -33.48 6.34
C5 CLA OA . 35.03 -35.03 8.33
C6 CLA OA . 33.54 -35.30 8.40
C7 CLA OA . 33.12 -35.72 9.79
C8 CLA OA . 32.59 -37.15 9.83
C9 CLA OA . 31.09 -37.15 9.65
C10 CLA OA . 33.03 -37.84 11.10
C11 CLA OA . 31.88 -38.26 12.00
C12 CLA OA . 32.36 -38.76 13.35
C13 CLA OA . 33.09 -40.09 13.25
C14 CLA OA . 32.29 -41.10 12.47
C15 CLA OA . 33.43 -40.63 14.63
C16 CLA OA . 34.17 -39.61 15.46
C17 CLA OA . 34.00 -39.86 16.95
C18 CLA OA . 35.15 -40.65 17.57
C19 CLA OA . 34.93 -42.15 17.48
C20 CLA OA . 36.47 -40.26 16.95
MG CLA PA . 35.49 -29.92 13.96
CHA CLA PA . 35.32 -27.87 11.17
CHB CLA PA . 34.73 -32.61 12.03
CHC CLA PA . 35.79 -31.93 16.74
CHD CLA PA . 36.31 -27.10 15.93
NA CLA PA . 35.09 -30.17 11.93
C1A CLA PA . 35.08 -29.19 10.91
C2A CLA PA . 34.75 -29.82 9.55
C3A CLA PA . 34.53 -31.32 9.89
C4A CLA PA . 34.80 -31.39 11.38
CMA CLA PA . 33.12 -31.75 9.57
CAA CLA PA . 35.94 -29.68 8.61
CBA CLA PA . 35.57 -30.07 7.18
CGA CLA PA . 35.27 -28.84 6.37
O1A CLA PA . 35.29 -27.67 6.74
O2A CLA PA . 34.94 -29.10 5.07
NB CLA PA . 35.40 -31.91 14.30
C1B CLA PA . 34.93 -32.82 13.41
C2B CLA PA . 34.64 -34.11 14.10
C3B CLA PA . 34.93 -33.92 15.42
C4B CLA PA . 35.41 -32.52 15.57
CMB CLA PA . 34.11 -35.27 13.37
CAB CLA PA . 34.83 -34.81 16.56
CBB CLA PA . 34.76 -36.14 16.54
NC CLA PA . 35.96 -29.57 15.98
C1C CLA PA . 36.05 -30.55 16.93
C2C CLA PA . 36.43 -29.96 18.21
C3C CLA PA . 36.56 -28.58 17.99
C4C CLA PA . 36.28 -28.36 16.58
CMC CLA PA . 36.61 -30.70 19.45
CAC CLA PA . 36.94 -27.56 18.98
CBC CLA PA . 38.38 -27.11 18.80
ND CLA PA . 35.63 -27.93 13.71
C1D CLA PA . 36.01 -26.88 14.61
C2D CLA PA . 36.03 -25.60 13.87
C3D CLA PA . 35.75 -25.92 12.54
C4D CLA PA . 35.55 -27.38 12.50
CMD CLA PA . 36.30 -24.30 14.46
CAD CLA PA . 35.55 -25.42 11.20
OBD CLA PA . 35.49 -24.25 10.81
CBD CLA PA . 35.37 -26.65 10.27
CGD CLA PA . 34.16 -26.48 9.38
O1D CLA PA . 34.06 -25.72 8.40
O2D CLA PA . 33.09 -27.25 9.70
CED CLA PA . 31.91 -27.10 8.89
C1 CLA PA . 34.13 -30.26 4.79
C2 CLA PA . 32.78 -29.78 4.36
C3 CLA PA . 31.71 -29.87 5.16
C4 CLA PA . 31.79 -30.43 6.53
C5 CLA PA . 30.37 -29.38 4.73
C6 CLA PA . 29.65 -28.61 5.81
C7 CLA PA . 28.19 -29.01 5.93
C8 CLA PA . 27.44 -28.14 6.92
C9 CLA PA . 28.09 -28.23 8.29
C10 CLA PA . 25.97 -28.52 7.02
MG CLA QA . 47.50 -25.84 28.97
CHA CLA QA . 46.96 -24.72 32.21
CHB CLA QA . 44.51 -24.51 28.02
CHC CLA QA . 48.10 -26.92 25.76
CHD CLA QA . 50.63 -27.15 29.99
NA CLA QA . 45.99 -24.80 29.98
C1A CLA QA . 45.95 -24.43 31.33
C2A CLA QA . 44.66 -23.67 31.65
C3A CLA QA . 43.89 -23.67 30.31
C4A CLA QA . 44.85 -24.37 29.36
CMA CLA QA . 42.57 -24.38 30.43
CAA CLA QA . 44.98 -22.23 32.06
CBA CLA QA . 45.79 -21.50 31.01
CGA CLA QA . 47.26 -21.58 31.31
O1A CLA QA . 47.84 -21.25 32.34
O2A CLA QA . 47.99 -22.08 30.28
NB CLA QA . 46.49 -25.74 27.23
C1B CLA QA . 45.29 -25.14 27.04
C2B CLA QA . 44.88 -25.27 25.61
C3B CLA QA . 45.89 -25.95 24.97
C4B CLA QA . 46.93 -26.25 25.99
CMB CLA QA . 43.63 -24.74 25.09
CAB CLA QA . 46.02 -26.35 23.59
CBB CLA QA . 45.07 -26.95 22.86
NC CLA QA . 49.08 -26.86 28.06
C1C CLA QA . 49.11 -27.21 26.73
C2C CLA QA . 50.35 -27.90 26.43
C3C CLA QA . 51.08 -27.97 27.62
C4C CLA QA . 50.26 -27.30 28.65
CMC CLA QA . 50.72 -28.43 25.12
CAC CLA QA . 52.40 -28.58 27.83
CBC CLA QA . 53.51 -27.55 27.84
ND CLA QA . 48.58 -25.97 30.68
C1D CLA QA . 49.86 -26.53 30.96
C2D CLA QA . 50.17 -26.32 32.39
C3D CLA QA . 49.08 -25.66 32.92
C4D CLA QA . 48.13 -25.45 31.81
CMD CLA QA . 51.38 -26.78 33.06
CAD CLA QA . 48.49 -25.07 34.12
OBD CLA QA . 48.92 -25.04 35.27
CBD CLA QA . 47.13 -24.44 33.69
CGD CLA QA . 45.98 -25.01 34.47
O1D CLA QA . 44.95 -24.43 34.84
O2D CLA QA . 46.13 -26.32 34.79
CED CLA QA . 44.96 -27.14 34.77
C1 CLA QA . 49.36 -22.41 30.57
C2 CLA QA . 49.99 -22.89 29.31
C3 CLA QA . 51.24 -23.39 29.28
C4 CLA QA . 52.07 -23.48 30.50
C5 CLA QA . 51.86 -23.87 28.01
C6 CLA QA . 51.07 -23.51 26.77
C7 CLA QA . 51.81 -24.00 25.54
C8 CLA QA . 51.15 -23.56 24.24
C9 CLA QA . 49.96 -24.44 23.91
C10 CLA QA . 52.15 -23.59 23.10
C11 CLA QA . 52.10 -22.31 22.28
C12 CLA QA . 52.37 -21.08 23.15
MG CLA RA . 48.69 -12.72 29.38
CHA CLA RA . 47.73 -13.96 32.47
CHB CLA RA . 49.40 -9.71 30.81
CHC CLA RA . 49.63 -11.54 26.29
CHD CLA RA . 47.83 -15.82 27.92
NA CLA RA . 48.59 -11.98 31.33
C1A CLA RA . 48.17 -12.65 32.49
C2A CLA RA . 48.25 -11.75 33.72
C3A CLA RA . 48.74 -10.40 33.15
C4A CLA RA . 48.95 -10.70 31.66
CMA CLA RA . 47.74 -9.30 33.35
CAA CLA RA . 49.25 -12.28 34.74
CBA CLA RA . 49.53 -11.26 35.83
CGA CLA RA . 48.28 -11.00 36.61
O1A CLA RA . 47.85 -9.92 37.03
O2A CLA RA . 47.56 -12.12 36.88
NB CLA RA . 49.38 -10.96 28.69
C1B CLA RA . 49.61 -9.85 29.43
C2B CLA RA . 50.12 -8.76 28.56
C3B CLA RA . 50.19 -9.26 27.28
C4B CLA RA . 49.72 -10.67 27.34
CMB CLA RA . 50.46 -7.44 29.08
CAB CLA RA . 50.61 -8.64 26.06
CBB CLA RA . 51.86 -8.23 25.79
NC CLA RA . 48.74 -13.54 27.47
C1C CLA RA . 49.19 -12.89 26.35
C2C CLA RA . 49.10 -13.76 25.19
C3C CLA RA . 48.58 -14.97 25.64
C4C CLA RA . 48.35 -14.83 27.08
CMC CLA RA . 49.49 -13.39 23.82
CAC CLA RA . 48.31 -16.18 24.84
CBC CLA RA . 49.55 -17.00 24.62
ND CLA RA . 48.01 -14.52 29.99
C1D CLA RA . 47.66 -15.70 29.29
C2D CLA RA . 47.11 -16.69 30.24
C3D CLA RA . 47.15 -16.08 31.48
C4D CLA RA . 47.69 -14.73 31.27
CMD CLA RA . 46.66 -18.03 29.90
CAD CLA RA . 46.87 -16.22 32.91
OBD CLA RA . 46.48 -17.20 33.53
CBD CLA RA . 47.18 -14.84 33.57
CGD CLA RA . 45.94 -14.23 34.17
O1D CLA RA . 45.49 -13.10 33.97
O2D CLA RA . 45.27 -15.05 35.03
CED CLA RA . 44.44 -14.45 36.01
C1 CLA RA . 46.72 -12.09 38.05
MG CLA SA . 39.22 -21.32 14.18
CHA CLA SA . 38.84 -23.26 11.32
CHB CLA SA . 38.62 -18.52 12.35
CHC CLA SA . 39.28 -19.50 17.08
CHD CLA SA . 39.94 -24.27 16.01
NA CLA SA . 38.82 -20.97 12.16
C1A CLA SA . 38.67 -21.91 11.13
C2A CLA SA . 38.36 -21.23 9.81
C3A CLA SA . 38.59 -19.74 10.13
C4A CLA SA . 38.66 -19.71 11.66
CMA CLA SA . 39.89 -19.29 9.51
CAA CLA SA . 36.91 -21.47 9.46
CBA CLA SA . 35.98 -21.21 10.65
CGA CLA SA . 34.54 -21.21 10.28
O1A CLA SA . 33.91 -21.99 9.57
O2A CLA SA . 33.86 -20.16 10.84
NB CLA SA . 39.01 -19.38 14.63
C1B CLA SA . 38.71 -18.39 13.74
C2B CLA SA . 38.51 -17.10 14.47
C3B CLA SA . 38.69 -17.37 15.82
C4B CLA SA . 39.01 -18.83 15.93
CMB CLA SA . 38.18 -15.86 13.77
CAB CLA SA . 38.60 -16.53 16.98
CBB CLA SA . 38.18 -15.27 17.04
NC CLA SA . 39.57 -21.81 16.18
C1C CLA SA . 39.55 -20.90 17.20
C2C CLA SA . 39.82 -21.58 18.47
C3C CLA SA . 40.02 -22.92 18.16
C4C CLA SA . 39.86 -23.06 16.72
CMC CLA SA . 39.85 -20.92 19.77
CAC CLA SA . 40.31 -24.01 19.11
CBC CLA SA . 41.80 -24.22 19.28
ND CLA SA . 39.40 -23.31 13.82
C1D CLA SA . 39.72 -24.40 14.66
C2D CLA SA . 39.74 -25.65 13.84
C3D CLA SA . 39.38 -25.27 12.56
C4D CLA SA . 39.19 -23.80 12.60
CMD CLA SA . 40.04 -26.98 14.36
CAD CLA SA . 39.16 -25.69 11.19
OBD CLA SA . 39.21 -26.81 10.70
CBD CLA SA . 38.81 -24.42 10.36
CGD CLA SA . 39.80 -24.21 9.25
O1D CLA SA . 40.66 -23.32 9.18
O2D CLA SA . 39.72 -25.11 8.23
CED CLA SA . 40.60 -24.92 7.12
C1 CLA SA . 32.82 -20.50 11.79
C2 CLA SA . 32.10 -19.24 12.11
C3 CLA SA . 31.78 -18.89 13.37
C4 CLA SA . 31.07 -17.63 13.68
C5 CLA SA . 32.15 -19.76 14.52
C6 CLA SA . 31.27 -19.59 15.74
C7 CLA SA . 31.22 -20.88 16.52
C8 CLA SA . 30.94 -20.69 18.01
C9 CLA SA . 31.38 -19.33 18.49
C10 CLA SA . 31.63 -21.79 18.82
C11 CLA SA . 31.68 -21.47 20.30
MG CLA TA . 53.98 -29.36 12.27
CHA CLA TA . 54.63 -27.38 9.49
CHB CLA TA . 55.81 -31.89 10.92
CHC CLA TA . 53.41 -31.20 15.11
CHD CLA TA . 52.12 -26.68 13.66
NA CLA TA . 55.03 -29.58 10.48
C1A CLA TA . 55.20 -28.63 9.47
C2A CLA TA . 56.07 -29.20 8.34
C3A CLA TA . 56.31 -30.66 8.76
C4A CLA TA . 55.69 -30.73 10.16
CMA CLA TA . 55.68 -31.64 7.81
CAA CLA TA . 57.40 -28.45 8.30
CBA CLA TA . 57.97 -28.19 9.67
CGA CLA TA . 58.76 -29.37 10.18
O1A CLA TA . 59.65 -29.99 9.59
O2A CLA TA . 58.42 -29.75 11.45
NB CLA TA . 54.52 -31.19 12.91
C1B CLA TA . 55.27 -32.08 12.19
C2B CLA TA . 55.41 -33.34 12.97
C3B CLA TA . 54.73 -33.17 14.16
C4B CLA TA . 54.16 -31.79 14.13
CMB CLA TA . 56.15 -34.49 12.46
CAB CLA TA . 54.54 -34.06 15.27
CBB CLA TA . 54.29 -35.37 15.19
NC CLA TA . 52.93 -29.00 14.05
C1C CLA TA . 52.82 -29.91 15.08
C2C CLA TA . 52.03 -29.32 16.16
C3C CLA TA . 51.69 -28.04 15.76
C4C CLA TA . 52.26 -27.85 14.43
CMC CLA TA . 51.70 -29.98 17.43
CAC CLA TA . 50.91 -27.05 16.51
CBC CLA TA . 51.80 -26.06 17.24
ND CLA TA . 53.41 -27.49 11.74
C1D CLA TA . 52.64 -26.50 12.40
C2D CLA TA . 52.53 -25.31 11.52
C3D CLA TA . 53.27 -25.60 10.39
C4D CLA TA . 53.81 -26.96 10.59
CMD CLA TA . 51.77 -24.10 11.86
CAD CLA TA . 53.73 -25.13 9.10
OBD CLA TA . 53.49 -24.07 8.52
CBD CLA TA . 54.63 -26.25 8.50
CGD CLA TA . 54.13 -26.72 7.16
O1D CLA TA . 53.18 -27.47 6.94
O2D CLA TA . 54.85 -26.25 6.10
CED CLA TA . 54.72 -26.95 4.86
C1 CLA TA . 59.09 -30.92 11.96
C2 CLA TA . 58.60 -31.12 13.35
C3 CLA TA . 59.12 -32.03 14.20
C4 CLA TA . 60.24 -32.91 13.80
C5 CLA TA . 58.58 -32.19 15.58
C6 CLA TA . 59.68 -32.27 16.63
C7 CLA TA . 59.08 -32.30 18.03
MG CLA UA . 55.10 -39.76 18.46
CHA CLA UA . 57.14 -40.22 15.70
CHB CLA UA . 56.36 -36.62 18.87
CHC CLA UA . 53.14 -39.40 21.26
CHD CLA UA . 53.80 -43.02 17.99
NA CLA UA . 56.50 -38.62 17.41
C1A CLA UA . 57.25 -38.99 16.28
C2A CLA UA . 58.16 -37.84 15.83
C3A CLA UA . 57.85 -36.71 16.84
C4A CLA UA . 56.83 -37.33 17.78
CMA CLA UA . 59.08 -36.26 17.59
CAA CLA UA . 57.84 -37.39 14.42
CBA CLA UA . 58.85 -36.38 13.92
CGA CLA UA . 60.20 -37.02 13.79
O1A CLA UA . 60.49 -38.22 13.79
O2A CLA UA . 61.22 -36.11 13.65
NB CLA UA . 54.77 -38.28 19.77
C1B CLA UA . 55.43 -37.09 19.81
C2B CLA UA . 55.05 -36.32 21.03
C3B CLA UA . 54.13 -37.10 21.72
C4B CLA UA . 53.94 -38.35 20.93
CMB CLA UA . 55.60 -35.01 21.36
CAB CLA UA . 53.47 -36.83 22.97
CBB CLA UA . 52.15 -36.76 23.12
NC CLA UA . 53.71 -40.99 19.42
C1C CLA UA . 53.02 -40.63 20.55
C2C CLA UA . 52.15 -41.73 20.96
C3C CLA UA . 52.33 -42.75 20.03
C4C CLA UA . 53.31 -42.27 19.06
CMC CLA UA . 51.29 -41.72 22.15
CAC CLA UA . 51.67 -44.07 20.02
CBC CLA UA . 52.38 -45.09 20.86
ND CLA UA . 55.35 -41.30 17.17
C1D CLA UA . 54.77 -42.59 17.10
C2D CLA UA . 55.37 -43.33 15.97
C3D CLA UA . 56.31 -42.48 15.41
C4D CLA UA . 56.25 -41.23 16.19
CMD CLA UA . 55.01 -44.70 15.58
CAD CLA UA . 57.30 -42.30 14.37
OBD CLA UA . 57.68 -43.08 13.50
CBD CLA UA . 57.87 -40.85 14.53
CGD CLA UA . 59.36 -40.88 14.80
O1D CLA UA . 59.93 -40.72 15.88
O2D CLA UA . 60.12 -41.11 13.70
CED CLA UA . 61.52 -41.36 13.89
C1 CLA UA . 62.43 -36.39 14.37
MG CLA VA . 38.72 -44.96 25.66
CHA CLA VA . 37.54 -45.88 28.79
CHB CLA VA . 41.71 -46.45 26.34
CHC CLA VA . 39.76 -44.18 22.47
CHD CLA VA . 35.59 -43.45 24.99
NA CLA VA . 39.49 -45.96 27.32
C1A CLA VA . 38.83 -46.28 28.53
C2A CLA VA . 39.76 -47.03 29.47
C3A CLA VA . 41.11 -47.08 28.72
C4A CLA VA . 40.76 -46.46 27.35
CMA CLA VA . 42.19 -46.33 29.43
CAA CLA VA . 39.26 -48.44 29.73
NB CLA VA . 40.41 -45.26 24.61
C1B CLA VA . 41.52 -45.92 25.06
C2B CLA VA . 42.54 -45.97 23.97
C3B CLA VA . 42.00 -45.33 22.88
C4B CLA VA . 40.64 -44.87 23.27
CMB CLA VA . 43.85 -46.60 24.14
CAB CLA VA . 42.56 -45.10 21.57
CBB CLA VA . 42.87 -43.90 21.08
NC CLA VA . 37.84 -43.96 24.05
C1C CLA VA . 38.45 -43.75 22.84
C2C CLA VA . 37.55 -43.04 21.94
C3C CLA VA . 36.36 -42.84 22.64
C4C CLA VA . 36.55 -43.43 23.97
CMC CLA VA . 37.89 -42.66 20.57
CAC CLA VA . 35.14 -42.17 22.15
CBC CLA VA . 35.28 -40.68 22.01
ND CLA VA . 36.98 -44.61 26.65
C1D CLA VA . 35.76 -44.00 26.24
C2D CLA VA . 34.80 -44.08 27.36
C3D CLA VA . 35.43 -44.78 28.36
C4D CLA VA . 36.78 -45.11 27.86
CMD CLA VA . 33.45 -43.51 27.33
CAD CLA VA . 35.33 -45.32 29.71
OBD CLA VA . 34.42 -45.20 30.53
CBD CLA VA . 36.65 -46.10 29.99
CGD CLA VA . 37.30 -45.71 31.29
O1D CLA VA . 37.86 -46.45 32.10
O2D CLA VA . 37.26 -44.38 31.56
CED CLA VA . 38.21 -43.87 32.48
C1A DGD WA . 46.14 -44.82 12.01
C2A DGD WA . 44.68 -44.44 11.87
C3A DGD WA . 43.84 -45.12 12.94
C4A DGD WA . 43.92 -44.35 14.24
O1A DGD WA . 46.94 -43.95 12.27
C1B DGD WA . 43.98 -49.31 11.60
C2B DGD WA . 42.81 -49.68 12.47
C3B DGD WA . 41.62 -50.11 11.62
C4B DGD WA . 41.77 -51.56 11.17
C5B DGD WA . 40.48 -52.34 11.37
C6B DGD WA . 40.61 -53.71 10.73
O1B DGD WA . 44.30 -49.98 10.65
O1G DGD WA . 46.59 -46.19 11.83
C1G DGD WA . 46.61 -47.09 12.92
C2G DGD WA . 45.99 -48.40 12.45
O2G DGD WA . 44.72 -48.11 11.88
C3G DGD WA . 46.90 -48.98 11.39
O3G DGD WA . 48.20 -48.45 11.62
C1D DGD WA . 48.86 -48.21 10.38
C2D DGD WA . 49.64 -46.91 10.49
O2D DGD WA . 48.75 -45.84 10.77
C3D DGD WA . 50.35 -46.66 9.18
O3D DGD WA . 51.12 -45.46 9.27
C4D DGD WA . 51.25 -47.85 8.92
O4D DGD WA . 52.18 -47.95 10.00
C5D DGD WA . 50.42 -49.11 8.86
O5D DGD WA . 50.48 -51.41 8.15
C6D DGD WA . 51.30 -50.31 8.57
O6D DGD WA . 49.76 -49.28 10.10
C1E DGD WA . 51.23 -52.62 8.07
C2E DGD WA . 51.43 -53.00 6.61
O2E DGD WA . 52.21 -51.99 5.96
C3E DGD WA . 50.08 -53.13 5.93
O3E DGD WA . 50.27 -53.62 4.60
C4E DGD WA . 49.18 -54.08 6.70
O4E DGD WA . 49.62 -55.42 6.51
C5E DGD WA . 49.17 -53.76 8.19
O6E DGD WA . 50.49 -53.68 8.68
C6E DGD WA . 48.39 -54.83 8.96
O5E DGD WA . 49.15 -56.03 9.04
C1 XAT XA . 8.83 -81.33 18.59
C2 XAT XA . 7.86 -81.58 19.74
C3 XAT XA . 7.73 -80.33 20.60
C4 XAT XA . 6.92 -79.37 19.75
C5 XAT XA . 7.75 -78.92 18.53
C6 XAT XA . 8.79 -79.90 17.99
C7 XAT XA . 8.98 -79.79 16.49
C8 XAT XA . 10.20 -79.47 16.07
C9 XAT XA . 10.58 -79.32 14.65
C10 XAT XA . 11.86 -79.43 14.35
C11 XAT XA . 12.38 -79.31 12.99
C12 XAT XA . 13.68 -79.56 12.81
C13 XAT XA . 14.33 -79.48 11.49
C14 XAT XA . 15.61 -79.81 11.40
C15 XAT XA . 16.34 -79.76 10.13
C16 XAT XA . 8.54 -82.33 17.48
C17 XAT XA . 10.25 -81.60 19.07
C18 XAT XA . 7.13 -78.09 17.40
C19 XAT XA . 9.54 -79.05 13.60
C20 XAT XA . 13.56 -79.03 10.29
O3 XAT XA . 7.03 -80.64 21.81
O4 XAT XA . 9.14 -78.76 18.78
C21 XAT XA . 26.84 -78.99 3.40
C22 XAT XA . 26.93 -77.84 2.42
C23 XAT XA . 26.75 -78.38 1.03
C24 XAT XA . 25.27 -78.71 0.88
C25 XAT XA . 24.70 -79.60 1.99
C26 XAT XA . 25.55 -79.80 3.26
C27 XAT XA . 24.71 -79.93 4.51
C28 XAT XA . 24.45 -81.11 5.07
C29 XAT XA . 23.65 -81.15 6.30
C30 XAT XA . 22.31 -81.15 6.25
C31 XAT XA . 21.55 -81.18 7.50
C32 XAT XA . 20.35 -80.63 7.55
C33 XAT XA . 19.58 -80.67 8.80
C34 XAT XA . 18.36 -80.14 8.86
C35 XAT XA . 17.60 -80.17 10.10
C36 XAT XA . 26.96 -78.46 4.82
C37 XAT XA . 28.03 -79.93 3.15
C38 XAT XA . 23.19 -79.62 2.27
C39 XAT XA . 24.35 -81.20 7.63
C40 XAT XA . 20.18 -81.30 10.03
O23 XAT XA . 27.13 -77.40 0.07
O24 XAT XA . 25.43 -80.80 2.22
C1 A1L1G YA . 37.45 -58.30 32.21
C5 A1L1G YA . 39.65 -57.32 32.96
C4 A1L1G YA . 36.58 -59.09 34.41
C3 A1L1G YA . 38.94 -59.59 33.76
C2 A1L1G YA . 36.74 -58.20 29.71
C10 A1L1G YA . 35.02 -57.94 32.84
C11 A1L1G YA . 36.45 -58.01 33.34
C12 A1L1G YA . 39.64 -59.24 31.39
C14 A1L1G YA . 30.66 -59.87 12.53
C17 A1L1G YA . 30.10 -57.42 10.92
C18 A1L1G YA . 33.11 -60.54 10.55
C19 A1L1G YA . 31.44 -62.35 10.99
C20 A1L1G YA . 30.44 -58.72 10.25
C21 A1L1G YA . 31.00 -58.65 8.87
C22 A1L1G YA . 30.73 -59.96 8.17
C23 A1L1G YA . 31.41 -61.12 8.87
C24 A1L1G YA . 31.65 -60.95 10.37
C25 A1L1G YA . 30.71 -59.93 11.02
C26 A1L1G YA . 29.99 -60.36 15.31
C27 A1L1G YA . 32.62 -61.58 19.92
C28 A1L1G YA . 37.70 -57.59 23.81
C29 A1L1G YA . 31.61 -60.24 13.39
C30 A1L1G YA . 31.39 -60.49 14.75
C31 A1L1G YA . 32.42 -60.86 15.61
C32 A1L1G YA . 32.39 -60.97 16.98
C33 A1L1G YA . 33.19 -60.30 17.89
C34 A1L1G YA . 33.53 -60.68 19.19
C35 A1L1G YA . 34.69 -60.22 19.84
C36 A1L1G YA . 34.98 -60.27 21.19
C37 A1L1G YA . 35.71 -59.40 22.00
C38 A1L1G YA . 36.66 -59.66 22.96
C39 A1L1G YA . 37.03 -58.87 24.06
C40 A1L1G YA . 36.79 -59.24 25.39
C41 A1L1G YA . 36.75 -58.44 26.51
C42 A1L1G YA . 37.78 -58.16 27.40
C43 A1L1G YA . 38.61 -56.63 29.16
C44 A1L1G YA . 37.69 -57.70 28.71
C45 A1L1G YA . 37.07 -58.26 30.98
C6 A1L1G YA . 38.91 -58.61 32.58
C8 A1L1G YA . 38.02 -59.21 34.90
O13 A1L1G YA . 29.15 -61.28 14.68
O15 A1L1G YA . 29.43 -59.76 10.38
O16 A1L1G YA . 31.21 -59.88 6.82
O7 A1L1G YA . 38.08 -60.21 35.91
O9 A1L1G YA . 36.80 -56.78 34.00
C1 XAT ZA . 26.30 -66.55 20.69
C2 XAT ZA . 25.99 -67.11 22.06
C3 XAT ZA . 25.77 -65.96 23.03
C4 XAT ZA . 24.42 -65.39 22.68
C5 XAT ZA . 24.30 -64.92 21.22
C6 XAT ZA . 25.31 -65.47 20.20
C7 XAT ZA . 24.69 -65.62 18.82
C8 XAT ZA . 25.26 -64.98 17.80
C9 XAT ZA . 24.79 -65.00 16.40
C10 XAT ZA . 24.48 -66.14 15.76
C11 XAT ZA . 24.06 -66.11 14.35
C12 XAT ZA . 23.77 -67.26 13.75
C13 XAT ZA . 23.37 -67.35 12.33
C14 XAT ZA . 22.69 -68.42 11.90
C15 XAT ZA . 22.31 -68.57 10.49
C16 XAT ZA . 26.36 -67.70 19.69
C17 XAT ZA . 27.69 -65.96 20.73
C18 XAT ZA . 22.93 -64.67 20.57
C19 XAT ZA . 24.68 -63.70 15.66
C20 XAT ZA . 23.71 -66.24 11.37
O3 XAT ZA . 25.76 -66.46 24.36
O4 XAT ZA . 25.40 -64.14 20.74
C21 XAT ZA . 18.38 -71.99 -0.12
C22 XAT ZA . 17.80 -71.35 -1.36
C23 XAT ZA . 16.91 -72.34 -2.06
C24 XAT ZA . 15.64 -72.40 -1.24
C25 XAT ZA . 15.89 -72.81 0.22
C26 XAT ZA . 17.33 -72.68 0.77
C27 XAT ZA . 17.37 -72.35 2.26
C28 XAT ZA . 18.16 -73.11 3.02
C29 XAT ZA . 18.33 -72.94 4.47
C30 XAT ZA . 19.09 -71.94 4.94
C31 XAT ZA . 19.31 -71.80 6.38
C32 XAT ZA . 20.11 -70.83 6.82
C33 XAT ZA . 20.39 -70.68 8.26
C34 XAT ZA . 21.12 -69.65 8.70
C35 XAT ZA . 21.45 -69.52 10.11
C36 XAT ZA . 19.15 -70.95 0.67
C37 XAT ZA . 19.40 -73.04 -0.56
C38 XAT ZA . 14.86 -72.56 1.32
C39 XAT ZA . 17.71 -73.92 5.41
C40 XAT ZA . 19.89 -71.73 9.23
O23 XAT ZA . 16.61 -71.90 -3.38
O24 XAT ZA . 16.76 -73.93 0.38
C1 XAT AB . 25.01 -79.82 17.21
C2 XAT AB . 24.59 -80.03 18.65
C3 XAT AB . 24.32 -81.51 18.86
C4 XAT AB . 25.69 -82.17 18.94
C5 XAT AB . 26.54 -81.92 17.68
C6 XAT AB . 26.15 -80.75 16.75
C7 XAT AB . 27.37 -80.11 16.10
C8 XAT AB . 27.36 -79.90 14.78
C9 XAT AB . 28.47 -79.31 14.03
C10 XAT AB . 28.94 -78.09 14.31
C11 XAT AB . 30.03 -77.53 13.51
C12 XAT AB . 30.21 -76.21 13.43
C13 XAT AB . 31.31 -75.66 12.62
C14 XAT AB . 31.95 -74.55 13.01
C15 XAT AB . 33.05 -74.02 12.21
C16 XAT AB . 25.42 -78.37 17.02
C17 XAT AB . 23.80 -80.05 16.32
C18 XAT AB . 28.06 -82.12 17.71
C19 XAT AB . 29.04 -80.08 12.88
C20 XAT AB . 31.72 -76.36 11.35
O3 XAT AB . 23.62 -81.71 20.09
O4 XAT AB . 25.87 -82.13 16.44
C21 XAT AB . 43.01 -65.74 9.93
C22 XAT AB . 44.00 -65.03 9.01
C23 XAT AB . 43.92 -65.56 7.59
C24 XAT AB . 42.58 -65.06 7.08
C25 XAT AB . 41.48 -65.86 7.78
C26 XAT AB . 41.75 -66.30 9.23
C27 XAT AB . 40.51 -66.43 10.09
C28 XAT AB . 40.09 -67.68 10.32
C29 XAT AB . 38.91 -68.03 11.13
C30 XAT AB . 38.41 -69.26 11.04
C31 XAT AB . 37.27 -69.71 11.83
C32 XAT AB . 36.65 -70.83 11.49
C33 XAT AB . 35.50 -71.33 12.27
C34 XAT AB . 34.82 -72.41 11.85
C35 XAT AB . 33.69 -72.93 12.62
C36 XAT AB . 42.56 -64.77 11.01
C37 XAT AB . 43.72 -66.90 10.61
C38 XAT AB . 39.99 -65.56 7.56
C39 XAT AB . 38.30 -67.02 12.06
C40 XAT AB . 35.11 -70.65 13.55
O23 XAT AB . 44.98 -65.01 6.81
O24 XAT AB . 41.84 -67.20 8.12
C1 XAT BB . 18.27 -64.14 22.37
C2 XAT BB . 18.40 -63.69 23.82
C3 XAT BB . 17.71 -64.65 24.77
C4 XAT BB . 18.57 -65.89 24.75
C5 XAT BB . 18.48 -66.58 23.38
C6 XAT BB . 18.24 -65.67 22.16
C7 XAT BB . 18.91 -66.22 20.92
C8 XAT BB . 18.10 -66.62 19.95
C9 XAT BB . 18.61 -67.21 18.71
C10 XAT BB . 17.72 -67.75 17.86
C11 XAT BB . 18.15 -68.39 16.62
C12 XAT BB . 17.25 -69.14 15.98
C13 XAT BB . 17.61 -69.85 14.74
C14 XAT BB . 16.73 -70.70 14.19
C15 XAT BB . 17.10 -71.43 12.99
C16 XAT BB . 19.42 -63.55 21.57
C17 XAT BB . 16.98 -63.56 21.80
C18 XAT BB . 19.37 -67.78 23.03
C19 XAT BB . 20.08 -67.23 18.40
C20 XAT BB . 18.96 -69.64 14.12
O3 XAT BB . 17.65 -64.11 26.09
O4 XAT BB . 17.20 -66.48 22.75
C21 XAT BB . 17.54 -78.62 2.59
C22 XAT BB . 18.10 -79.52 1.51
C23 XAT BB . 19.30 -80.31 2.01
C24 XAT BB . 18.73 -81.28 3.01
C25 XAT BB . 18.28 -80.52 4.26
C26 XAT BB . 17.75 -79.10 4.04
C27 XAT BB . 16.69 -78.69 5.05
C28 XAT BB . 17.05 -77.71 5.88
C29 XAT BB . 16.17 -77.18 6.94
C30 XAT BB . 16.71 -76.29 7.77
C31 XAT BB . 15.99 -75.68 8.88
C32 XAT BB . 16.60 -74.67 9.50
C33 XAT BB . 16.00 -73.97 10.64
C34 XAT BB . 16.76 -73.07 11.29
C35 XAT BB . 16.29 -72.34 12.46
C36 XAT BB . 16.04 -78.45 2.35
C37 XAT BB . 18.19 -77.24 2.45
C38 XAT BB . 17.56 -81.22 5.42
C39 XAT BB . 14.74 -77.61 7.06
C40 XAT BB . 14.60 -74.26 11.09
O23 XAT BB . 19.91 -81.01 0.93
O24 XAT BB . 19.06 -79.36 4.56
MG CLA CB . 20.07 -84.05 -4.06
CHA CLA CB . 23.37 -83.05 -3.65
CHB CLA CB . 21.13 -86.81 -5.76
CHC CLA CB . 16.79 -85.05 -4.36
CHD CLA CB . 19.02 -81.16 -2.31
NA CLA CB . 21.95 -84.78 -4.62
C1A CLA CB . 23.21 -84.22 -4.34
C2A CLA CB . 24.33 -85.09 -4.92
C3A CLA CB . 23.57 -86.22 -5.67
C4A CLA CB . 22.11 -85.94 -5.34
CMA CLA CB . 23.83 -86.17 -7.16
CAA CLA CB . 25.20 -85.66 -3.81
CBA CLA CB . 25.36 -87.16 -3.88
CGA CLA CB . 24.31 -87.83 -3.04
O1A CLA CB . 23.70 -87.39 -2.05
O2A CLA CB . 24.03 -89.10 -3.45
NB CLA CB . 19.14 -85.64 -4.89
C1B CLA CB . 19.75 -86.67 -5.54
C2B CLA CB . 18.72 -87.64 -6.01
C3B CLA CB . 17.49 -87.15 -5.62
C4B CLA CB . 17.75 -85.86 -4.91
CMB CLA CB . 19.07 -88.84 -6.76
CAB CLA CB . 16.17 -87.67 -5.82
CBB CLA CB . 15.80 -88.95 -5.66
NC CLA CB . 18.25 -83.23 -3.46
C1C CLA CB . 17.03 -83.81 -3.69
C2C CLA CB . 15.97 -82.99 -3.13
C3C CLA CB . 16.60 -81.88 -2.55
C4C CLA CB . 18.03 -82.05 -2.76
CMC CLA CB . 14.54 -83.31 -3.19
CAC CLA CB . 15.94 -80.76 -1.84
CBC CLA CB . 15.24 -79.80 -2.77
ND CLA CB . 20.92 -82.43 -3.22
C1D CLA CB . 20.38 -81.33 -2.51
C2D CLA CB . 21.48 -80.44 -2.08
C3D CLA CB . 22.65 -81.05 -2.50
C4D CLA CB . 22.25 -82.29 -3.19
CMD CLA CB . 21.32 -79.18 -1.35
CAD CLA CB . 24.10 -80.97 -2.56
OBD CLA CB . 24.86 -80.08 -2.15
CBD CLA CB . 24.61 -82.27 -3.26
CGD CLA CB . 25.49 -81.98 -4.43
O1D CLA CB . 25.20 -82.05 -5.64
O2D CLA CB . 26.76 -81.61 -4.10
CED CLA CB . 27.84 -82.38 -4.64
C1 CLA CB . 24.85 -90.15 -2.88
C2 CLA CB . 25.45 -90.89 -4.02
C3 CLA CB . 26.35 -90.35 -4.85
MG CLA DB . 31.63 -83.67 2.52
CHA CLA DB . 34.15 -81.40 1.78
CHB CLA DB . 32.78 -85.76 0.09
CHC CLA DB . 29.12 -85.90 3.32
CHD CLA DB . 30.49 -81.51 5.09
NA CLA DB . 33.21 -83.57 1.16
C1A CLA DB . 34.16 -82.55 1.02
C2A CLA DB . 35.15 -82.88 -0.09
C3A CLA DB . 34.66 -84.24 -0.63
C4A CLA DB . 33.47 -84.56 0.27
CMA CLA DB . 34.27 -84.16 -2.08
CAA CLA DB . 36.56 -83.03 0.47
CBA CLA DB . 36.55 -83.81 1.77
CGA CLA DB . 37.93 -84.29 2.10
O1A CLA DB . 38.91 -83.63 2.43
O2A CLA DB . 38.04 -85.65 2.04
NB CLA DB . 31.06 -85.49 1.84
C1B CLA DB . 31.66 -86.17 0.83
C2B CLA DB . 30.94 -87.46 0.60
C3B CLA DB . 29.91 -87.50 1.51
C4B CLA DB . 29.97 -86.24 2.31
CMB CLA DB . 31.34 -88.42 -0.42
CAB CLA DB . 28.91 -88.52 1.71
CBB CLA DB . 27.60 -88.35 1.53
NC CLA DB . 30.08 -83.68 3.93
C1C CLA DB . 29.16 -84.70 4.08
C2C CLA DB . 28.23 -84.36 5.15
C3C CLA DB . 28.62 -83.13 5.66
C4C CLA DB . 29.79 -82.71 4.89
CMC CLA DB . 27.11 -85.22 5.57
CAC CLA DB . 27.99 -82.39 6.75
CBC CLA DB . 28.61 -82.70 8.10
ND CLA DB . 32.12 -81.86 3.28
C1D CLA DB . 31.59 -81.09 4.34
C2D CLA DB . 32.36 -79.85 4.47
C3D CLA DB . 33.34 -79.90 3.50
C4D CLA DB . 33.16 -81.19 2.80
CMD CLA DB . 32.08 -78.79 5.45
CAD CLA DB . 34.49 -79.23 2.89
OBD CLA DB . 34.96 -78.13 3.16
CBD CLA DB . 35.05 -80.19 1.79
CGD CLA DB . 35.16 -79.52 0.44
O1D CLA DB . 34.40 -79.63 -0.52
O2D CLA DB . 36.26 -78.74 0.31
CED CLA DB . 37.53 -79.39 0.18
MG CLA EB . 22.81 -71.29 0.15
CHA CLA EB . 23.35 -71.82 -3.24
CHB CLA EB . 22.44 -67.96 -0.44
CHC CLA EB . 22.21 -70.83 3.50
CHD CLA EB . 23.21 -74.77 0.71
NA CLA EB . 22.90 -70.11 -1.58
C1A CLA EB . 23.13 -70.53 -2.89
C2A CLA EB . 23.10 -69.34 -3.85
C3A CLA EB . 22.96 -68.12 -2.91
C4A CLA EB . 22.74 -68.76 -1.54
CMA CLA EB . 24.20 -67.26 -2.94
CAA CLA EB . 21.94 -69.43 -4.82
CBA CLA EB . 20.63 -69.76 -4.11
CGA CLA EB . 19.95 -68.51 -3.67
O1A CLA EB . 19.45 -67.61 -4.35
O2A CLA EB . 19.92 -68.39 -2.30
NB CLA EB . 22.47 -69.70 1.32
C1B CLA EB . 22.23 -68.43 0.87
C2B CLA EB . 21.75 -67.57 1.99
C3B CLA EB . 21.68 -68.38 3.11
C4B CLA EB . 22.14 -69.73 2.69
CMB CLA EB . 21.41 -66.16 1.80
CAB CLA EB . 21.27 -68.12 4.47
CBB CLA EB . 20.75 -66.99 4.96
NC CLA EB . 22.75 -72.57 1.80
C1C CLA EB . 22.50 -72.17 3.08
C2C CLA EB . 22.56 -73.31 3.98
C3C CLA EB . 22.81 -74.43 3.19
C4C CLA EB . 22.94 -73.96 1.82
CMC CLA EB . 22.35 -73.27 5.43
CAC CLA EB . 22.95 -75.83 3.64
CBC CLA EB . 21.65 -76.59 3.45
ND CLA EB . 23.14 -72.96 -0.95
C1D CLA EB . 23.32 -74.33 -0.60
C2D CLA EB . 23.61 -75.10 -1.82
C3D CLA EB . 23.62 -74.21 -2.86
C4D CLA EB . 23.34 -72.88 -2.26
CMD CLA EB . 23.83 -76.55 -1.85
CAD CLA EB . 23.79 -74.01 -4.29
OBD CLA EB . 23.98 -74.83 -5.18
CBD CLA EB . 23.68 -72.48 -4.56
CGD CLA EB . 24.97 -71.96 -5.11
O1D CLA EB . 26.09 -72.45 -4.98
O2D CLA EB . 24.86 -70.81 -5.83
CED CLA EB . 25.96 -69.89 -5.78
C1 CLA EB . 19.15 -67.31 -1.73
C2 CLA EB . 18.37 -67.96 -0.65
C3 CLA EB . 17.58 -67.34 0.23
C4 CLA EB . 17.40 -65.87 0.26
C5 CLA EB . 16.84 -68.15 1.25
C6 CLA EB . 16.68 -67.47 2.59
C7 CLA EB . 15.20 -67.33 2.94
C8 CLA EB . 14.43 -68.64 2.85
C9 CLA EB . 12.94 -68.35 2.97
C10 CLA EB . 14.89 -69.60 3.94
C11 CLA EB . 13.82 -70.61 4.30
C12 CLA EB . 13.88 -70.99 5.77
C13 CLA EB . 14.42 -72.40 5.96
C14 CLA EB . 13.69 -73.39 5.06
C15 CLA EB . 14.33 -72.85 7.41
MG CLA FB . 19.01 -63.72 8.29
CHA CLA FB . 19.05 -61.14 5.97
CHB CLA FB . 17.69 -65.80 5.95
CHC CLA FB . 19.13 -66.27 10.59
CHD CLA FB . 20.36 -61.50 10.70
NA CLA FB . 18.46 -63.48 6.29
C1A CLA FB . 18.58 -62.34 5.49
C2A CLA FB . 18.09 -62.60 4.08
C3A CLA FB . 17.57 -64.04 4.14
C4A CLA FB . 17.93 -64.50 5.55
CMA CLA FB . 16.07 -64.07 3.91
CAA CLA FB . 19.26 -62.50 3.11
CBA CLA FB . 18.87 -62.88 1.70
CGA CLA FB . 18.16 -61.75 1.04
O1A CLA FB . 18.59 -60.62 0.76
O2A CLA FB . 16.86 -62.04 0.73
NB CLA FB . 18.55 -65.68 8.25
C1B CLA FB . 17.95 -66.32 7.23
C2B CLA FB . 17.56 -67.70 7.66
C3B CLA FB . 17.97 -67.83 8.96
C4B CLA FB . 18.60 -66.54 9.37
CMB CLA FB . 16.88 -68.65 6.77
CAB CLA FB . 17.84 -68.95 9.88
CBB CLA FB . 16.77 -69.72 10.02
NC CLA FB . 19.64 -63.85 10.28
C1C CLA FB . 19.62 -65.01 11.02
C2C CLA FB . 20.17 -64.75 12.34
C3C CLA FB . 20.49 -63.39 12.39
C4C CLA FB . 20.16 -62.84 11.08
CMC CLA FB . 20.30 -65.75 13.40
CAC CLA FB . 21.08 -62.65 13.51
CBC CLA FB . 22.53 -62.28 13.24
ND CLA FB . 19.54 -61.76 8.40
C1D CLA FB . 20.07 -60.97 9.45
C2D CLA FB . 20.25 -59.59 8.97
C3D CLA FB . 19.88 -59.59 7.64
C4D CLA FB . 19.45 -60.98 7.34
CMD CLA FB . 20.74 -58.48 9.79
CAD CLA FB . 19.72 -58.82 6.43
OBD CLA FB . 19.93 -57.63 6.23
CBD CLA FB . 19.20 -59.78 5.32
CGD CLA FB . 17.89 -59.33 4.73
O1D CLA FB . 16.81 -59.16 5.31
O2D CLA FB . 17.94 -59.09 3.39
C1 CLA FB . 15.96 -60.93 0.57
C2 CLA FB . 14.64 -61.49 0.22
C3 CLA FB . 14.00 -62.36 1.02
MG CLA GB . 32.04 -65.10 22.62
CHA CLA GB . 31.80 -64.52 26.03
CHB CLA GB . 29.32 -63.13 22.09
CHC CLA GB . 32.36 -65.66 19.23
CHD CLA GB . 34.89 -67.13 23.21
NA CLA GB . 30.77 -64.02 23.87
C1A CLA GB . 30.83 -63.91 25.28
C2A CLA GB . 29.70 -63.03 25.80
C3A CLA GB . 28.89 -62.68 24.53
C4A CLA GB . 29.70 -63.31 23.41
CMA CLA GB . 27.48 -63.20 24.61
CAA CLA GB . 30.25 -61.75 26.42
CBA CLA GB . 31.26 -61.08 25.51
CGA CLA GB . 32.63 -61.22 26.09
O1A CLA GB . 33.10 -60.68 27.10
O2A CLA GB . 33.44 -62.07 25.38
NB CLA GB . 31.01 -64.53 20.98
C1B CLA GB . 29.96 -63.68 20.97
C2B CLA GB . 29.55 -63.40 19.56
C3B CLA GB . 30.41 -64.11 18.75
C4B CLA GB . 31.34 -64.85 19.64
CMB CLA GB . 28.44 -62.51 19.23
CAB CLA GB . 30.47 -64.21 17.31
CBB CLA GB . 29.44 -64.31 16.49
NC CLA GB . 33.38 -66.20 21.44
C1C CLA GB . 33.32 -66.30 20.08
C2C CLA GB . 34.39 -67.16 19.59
C3C CLA GB . 35.11 -67.57 20.72
C4C CLA GB . 34.46 -66.97 21.87
CMC CLA GB . 34.63 -67.49 18.19
CAC CLA GB . 36.29 -68.46 20.74
CBC CLA GB . 37.58 -67.68 20.82
ND CLA GB . 33.14 -65.70 24.20
C1D CLA GB . 34.29 -66.55 24.30
C2D CLA GB . 34.68 -66.65 25.73
C3D CLA GB . 33.76 -65.88 26.43
C4D CLA GB . 32.82 -65.33 25.44
CMD CLA GB . 35.83 -67.42 26.20
CAD CLA GB . 33.35 -65.38 27.73
OBD CLA GB . 33.88 -65.53 28.83
CBD CLA GB . 32.06 -64.54 27.52
CGD CLA GB . 30.89 -65.11 28.27
O1D CLA GB . 30.19 -64.56 29.12
O2D CLA GB . 30.60 -66.40 27.94
CED CLA GB . 30.16 -67.28 28.97
C1 CLA GB . 33.68 -61.73 23.99
MG CLA HB . 36.53 -53.14 24.13
CHA CLA HB . 35.41 -54.44 27.16
CHB CLA HB . 37.77 -50.42 25.76
CHC CLA HB . 37.69 -51.95 21.12
CHD CLA HB . 35.10 -55.93 22.47
NA CLA HB . 36.58 -52.55 26.14
C1A CLA HB . 36.07 -53.24 27.25
C2A CLA HB . 36.32 -52.45 28.54
C3A CLA HB . 37.01 -51.17 28.05
C4A CLA HB . 37.15 -51.38 26.54
CMA CLA HB . 36.20 -49.93 28.36
CAA CLA HB . 37.25 -53.22 29.47
CBA CLA HB . 36.60 -53.47 30.81
CGA CLA HB . 37.59 -54.12 31.74
O1A CLA HB . 37.45 -55.13 32.43
O2A CLA HB . 38.77 -53.44 31.80
NB CLA HB . 37.57 -51.52 23.56
C1B CLA HB . 37.94 -50.49 24.36
C2B CLA HB . 38.55 -49.41 23.55
C3B CLA HB . 38.53 -49.83 22.24
C4B CLA HB . 37.91 -51.18 22.23
CMB CLA HB . 39.05 -48.18 24.16
CAB CLA HB . 39.00 -49.19 21.04
CBB CLA HB . 40.13 -48.47 20.92
NC CLA HB . 36.43 -53.84 22.16
C1C CLA HB . 37.00 -53.21 21.09
C2C CLA HB . 36.77 -53.98 19.87
C3C CLA HB . 36.01 -55.08 20.25
C4C CLA HB . 35.79 -54.99 21.69
CMC CLA HB . 37.26 -53.62 18.55
CAC CLA HB . 35.53 -56.17 19.37
CBC CLA HB . 34.23 -55.84 18.69
ND CLA HB . 35.50 -54.82 24.62
C1D CLA HB . 34.94 -55.86 23.85
C2D CLA HB . 34.24 -56.81 24.74
C3D CLA HB . 34.43 -56.33 26.02
C4D CLA HB . 35.19 -55.08 25.89
CMD CLA HB . 33.54 -58.02 24.31
CAD CLA HB . 34.15 -56.54 27.43
OBD CLA HB . 33.59 -57.47 28.00
CBD CLA HB . 34.75 -55.31 28.19
CGD CLA HB . 33.67 -54.55 28.94
O1D CLA HB . 33.25 -53.42 28.70
O2D CLA HB . 33.15 -55.24 29.99
CED CLA HB . 32.25 -54.54 30.85
C1 CLA HB . 38.82 -52.30 32.68
MG CLA IB . 23.96 -56.07 8.59
CHA CLA IB . 23.24 -57.67 5.61
CHB CLA IB . 23.89 -53.07 7.00
CHC CLA IB . 24.46 -54.52 11.62
CHD CLA IB . 24.14 -59.23 10.18
NA CLA IB . 23.64 -55.49 6.61
C1A CLA IB . 23.32 -56.31 5.53
C2A CLA IB . 23.16 -55.49 4.25
C3A CLA IB . 23.57 -54.07 4.69
C4A CLA IB . 23.69 -54.19 6.21
CMA CLA IB . 24.88 -53.71 4.04
CAA CLA IB . 21.71 -55.51 3.77
CBA CLA IB . 20.76 -54.89 4.77
CGA CLA IB . 19.35 -55.26 4.43
O1A CLA IB . 18.96 -56.08 3.59
O2A CLA IB . 18.42 -54.59 5.17
NB CLA IB . 24.16 -54.16 9.19
C1B CLA IB . 24.04 -53.07 8.39
C2B CLA IB . 24.15 -51.83 9.22
C3B CLA IB . 24.31 -52.23 10.53
C4B CLA IB . 24.31 -53.72 10.53
CMB CLA IB . 24.09 -50.48 8.64
CAB CLA IB . 24.46 -51.47 11.74
CBB CLA IB . 23.84 -50.33 12.04
NC CLA IB . 24.26 -56.76 10.54
C1C CLA IB . 24.44 -55.95 11.63
C2C CLA IB . 24.60 -56.77 12.83
C3C CLA IB . 24.52 -58.10 12.43
C4C CLA IB . 24.31 -58.09 10.98
CMC CLA IB . 24.80 -56.23 14.18
CAC CLA IB . 24.62 -59.29 13.29
CBC CLA IB . 26.05 -59.75 13.47
ND CLA IB . 23.77 -58.02 8.08
C1D CLA IB . 23.89 -59.22 8.84
C2D CLA IB . 23.66 -60.37 7.93
C3D CLA IB . 23.38 -59.84 6.69
C4D CLA IB . 23.47 -58.37 6.84
CMD CLA IB . 23.70 -61.77 8.34
CAD CLA IB . 23.06 -60.11 5.29
OBD CLA IB . 22.88 -61.18 4.72
CBD CLA IB . 22.99 -58.73 4.56
CGD CLA IB . 23.98 -58.63 3.44
O1D CLA IB . 25.20 -58.43 3.55
O2D CLA IB . 23.46 -58.78 2.20
CED CLA IB . 24.38 -58.83 1.10
C1 CLA IB . 18.37 -54.89 6.58
C2 CLA IB . 16.94 -54.94 6.96
C3 CLA IB . 16.51 -55.38 8.16
MG CLA JB . 37.44 -66.80 5.58
CHA CLA JB . 38.72 -64.59 3.23
CHB CLA JB . 38.59 -69.42 3.74
CHC CLA JB . 36.25 -68.93 8.00
CHD CLA JB . 36.27 -64.02 7.45
NA CLA JB . 38.47 -66.95 3.77
C1A CLA JB . 38.92 -65.92 2.95
C2A CLA JB . 39.66 -66.47 1.72
C3A CLA JB . 39.45 -67.99 1.85
C4A CLA JB . 38.81 -68.15 3.23
CMA CLA JB . 38.58 -68.55 0.75
CAA CLA JB . 41.13 -66.13 1.80
CBA CLA JB . 41.68 -66.17 3.21
CGA CLA JB . 42.03 -67.58 3.60
O1A CLA JB . 42.74 -68.39 2.98
O2A CLA JB . 41.49 -67.99 4.79
NB CLA JB . 37.35 -68.80 5.78
C1B CLA JB . 38.00 -69.69 4.99
C2B CLA JB . 38.01 -71.03 5.62
C3B CLA JB . 37.35 -70.91 6.83
C4B CLA JB . 36.92 -69.48 6.94
CMB CLA JB . 38.65 -72.19 4.99
CAB CLA JB . 37.09 -71.89 7.84
CBB CLA JB . 36.78 -73.17 7.63
NC CLA JB . 36.42 -66.52 7.38
C1C CLA JB . 36.02 -67.54 8.20
C2C CLA JB . 35.31 -66.98 9.36
C3C CLA JB . 35.34 -65.60 9.22
C4C CLA JB . 36.04 -65.31 7.97
CMC CLA JB . 34.72 -67.77 10.44
CAC CLA JB . 34.78 -64.59 10.14
CBC CLA JB . 35.85 -63.93 10.98
ND CLA JB . 37.51 -64.77 5.46
C1D CLA JB . 36.95 -63.75 6.29
C2D CLA JB . 37.23 -62.43 5.67
C3D CLA JB . 37.91 -62.70 4.49
C4D CLA JB . 38.04 -64.16 4.41
CMD CLA JB . 36.84 -61.14 6.23
CAD CLA JB . 38.56 -62.14 3.32
OBD CLA JB . 38.75 -60.96 3.01
CBD CLA JB . 39.04 -63.33 2.44
CGD CLA JB . 38.33 -63.36 1.12
O1D CLA JB . 37.14 -63.12 0.91
O2D CLA JB . 39.11 -63.72 0.06
CED CLA JB . 38.46 -64.17 -1.12
C1 CLA JB . 41.94 -69.28 5.24
C2 CLA JB . 41.31 -69.60 6.55
C3 CLA JB . 41.63 -70.72 7.23
C4 CLA JB . 42.62 -71.71 6.74
C5 CLA JB . 40.99 -71.02 8.54
C6 CLA JB . 42.04 -71.32 9.61
C7 CLA JB . 41.63 -70.75 10.94
C8 CLA JB . 41.87 -71.72 12.09
C10 CLA JB . 41.00 -71.36 13.28
MG CLA KB . 36.29 -78.47 9.46
CHA CLA KB . 38.56 -77.71 6.93
CHB CLA KB . 35.17 -81.14 7.67
CHC CLA KB . 33.89 -79.02 11.87
CHD CLA KB . 37.45 -75.67 11.27
NA CLA KB . 36.84 -79.30 7.62
C1A CLA KB . 37.79 -78.83 6.69
C2A CLA KB . 37.83 -79.77 5.47
C3A CLA KB . 36.96 -80.97 5.92
C4A CLA KB . 36.25 -80.44 7.15
CMA CLA KB . 36.02 -81.51 4.87
CAA CLA KB . 39.21 -80.23 5.06
CBA CLA KB . 40.05 -80.66 6.24
CGA CLA KB . 41.48 -80.24 6.02
O1A CLA KB . 42.44 -80.32 6.79
O2A CLA KB . 41.67 -79.69 4.78
NB CLA KB . 34.78 -79.79 9.69
C1B CLA KB . 34.47 -80.79 8.84
C2B CLA KB . 33.28 -81.54 9.34
C3B CLA KB . 32.92 -80.94 10.53
C4B CLA KB . 33.89 -79.83 10.79
CMB CLA KB . 32.72 -82.70 8.67
CAB CLA KB . 31.88 -81.29 11.46
CBB CLA KB . 31.72 -82.49 12.02
NC CLA KB . 35.82 -77.55 11.27
C1C CLA KB . 34.80 -77.95 12.11
C2C CLA KB . 34.76 -77.08 13.29
C3C CLA KB . 35.75 -76.11 13.10
C4C CLA KB . 36.39 -76.41 11.83
CMC CLA KB . 33.83 -77.24 14.41
CAC CLA KB . 36.10 -75.01 14.01
CBC CLA KB . 37.39 -75.24 14.75
ND CLA KB . 37.77 -77.11 9.30
C1D CLA KB . 38.09 -75.97 10.09
C2D CLA KB . 39.19 -75.23 9.45
C3D CLA KB . 39.43 -75.87 8.25
C4D CLA KB . 38.49 -77.00 8.18
CMD CLA KB . 39.84 -74.06 10.03
CAD CLA KB . 40.25 -75.91 7.06
OBD CLA KB . 41.26 -75.27 6.77
CBD CLA KB . 39.62 -76.99 6.13
CGD CLA KB . 39.02 -76.29 4.94
O1D CLA KB . 38.13 -75.43 4.97
O2D CLA KB . 39.57 -76.64 3.74
CED CLA KB . 40.93 -76.26 3.50
MG CLA LB . 18.63 -81.22 15.84
CHA CLA LB . 16.96 -82.76 18.46
CHB CLA LB . 21.19 -83.43 16.16
CHC CLA LB . 20.23 -79.64 13.23
CHD CLA LB . 15.93 -78.94 15.52
NA CLA LB . 18.99 -82.83 17.11
C1A CLA LB . 18.17 -83.32 18.14
C2A CLA LB . 18.81 -84.53 18.82
C3A CLA LB . 20.16 -84.69 18.09
C4A CLA LB . 20.13 -83.58 17.04
CMA CLA LB . 21.34 -84.56 19.02
CAA CLA LB . 17.97 -85.78 18.62
NB CLA LB . 20.37 -81.48 14.88
C1B CLA LB . 21.29 -82.44 15.16
C2B CLA LB . 22.46 -82.32 14.24
C3B CLA LB . 22.20 -81.24 13.41
C4B CLA LB . 20.87 -80.70 13.81
CMB CLA LB . 23.62 -83.20 14.28
CAB CLA LB . 22.99 -80.67 12.36
CBB CLA LB . 24.12 -79.99 12.54
NC CLA LB . 18.16 -79.59 14.61
C1C CLA LB . 18.96 -79.11 13.60
C2C CLA LB . 18.33 -77.98 12.95
C3C CLA LB . 17.10 -77.78 13.59
C4C CLA LB . 17.01 -78.79 14.63
CMC CLA LB . 18.90 -77.22 11.84
CAC CLA LB . 16.08 -76.76 13.29
CBC CLA LB . 16.28 -75.50 14.09
ND CLA LB . 16.85 -80.86 16.75
C1D CLA LB . 15.84 -79.89 16.51
C2D CLA LB . 14.75 -80.10 17.49
C3D CLA LB . 15.12 -81.18 18.27
C4D CLA LB . 16.44 -81.62 17.76
CMD CLA LB . 13.53 -79.29 17.57
CAD CLA LB . 14.77 -82.05 19.37
OBD CLA LB . 13.77 -82.05 20.08
CBD CLA LB . 15.93 -83.09 19.52
CGD CLA LB . 16.52 -83.03 20.91
O1D CLA LB . 16.53 -82.07 21.68
O2D CLA LB . 17.08 -84.20 21.32
CED CLA LB . 16.24 -85.19 21.89
MG CLA MB . 20.94 -58.60 20.26
CHA CLA MB . 19.55 -56.35 22.50
CHB CLA MB . 17.96 -60.22 20.01
CHC CLA MB . 22.40 -60.85 18.10
CHD CLA MB . 24.03 -56.89 20.52
NA CLA MB . 19.06 -58.29 21.12
C1A CLA MB . 18.69 -57.30 22.04
C2A CLA MB . 17.21 -57.46 22.40
C3A CLA MB . 16.73 -58.66 21.57
C4A CLA MB . 18.00 -59.10 20.84
CMA CLA MB . 16.16 -59.76 22.43
CAA CLA MB . 16.43 -56.20 22.05
CBA CLA MB . 15.46 -56.35 20.91
CGA CLA MB . 14.46 -55.24 20.99
O1A CLA MB . 13.59 -55.05 21.84
O2A CLA MB . 14.58 -54.32 19.98
NB CLA MB . 20.30 -60.23 19.26
C1B CLA MB . 19.04 -60.74 19.29
C2B CLA MB . 18.96 -61.94 18.42
C3B CLA MB . 20.22 -62.13 17.88
C4B CLA MB . 21.09 -61.04 18.41
CMB CLA MB . 17.72 -62.70 18.25
CAB CLA MB . 20.75 -63.11 16.96
CBB CLA MB . 20.18 -64.26 16.61
NC CLA MB . 22.86 -58.80 19.45
C1C CLA MB . 23.23 -59.80 18.58
C2C CLA MB . 24.62 -59.65 18.21
C3C CLA MB . 25.10 -58.53 18.90
C4C CLA MB . 23.99 -58.01 19.68
CMC CLA MB . 25.31 -60.55 17.27
CAC CLA MB . 26.46 -57.95 18.84
CBC CLA MB . 27.56 -58.90 19.23
ND CLA MB . 21.68 -56.97 21.20
C1D CLA MB . 22.97 -56.39 21.24
C2D CLA MB . 22.94 -55.22 22.16
C3D CLA MB . 21.65 -55.16 22.66
C4D CLA MB . 20.90 -56.27 22.05
CMD CLA MB . 24.08 -54.36 22.44
CAD CLA MB . 20.75 -54.44 23.53
OBD CLA MB . 20.94 -53.42 24.20
CBD CLA MB . 19.39 -55.20 23.49
CGD CLA MB . 18.99 -55.62 24.88
O1D CLA MB . 19.02 -54.94 25.90
O2D CLA MB . 18.55 -56.91 24.99
CED CLA MB . 17.99 -57.32 26.24
C1 CLA MB . 14.77 -52.95 20.36
C2 CLA MB . 14.47 -52.14 19.16
C3 CLA MB . 15.24 -51.11 18.77
C4 CLA MB . 16.46 -50.70 19.50
C5 CLA MB . 14.88 -50.32 17.54
C6 CLA MB . 13.79 -50.99 16.72
MG CLA NB . 13.02 -70.67 17.21
CHA CLA NB . 13.16 -69.29 20.41
CHB CLA NB . 11.98 -73.62 18.54
CHC CLA NB . 12.87 -71.97 14.04
CHD CLA NB . 14.15 -67.58 15.89
NA CLA NB . 12.64 -71.32 19.17
C1A CLA NB . 12.74 -70.59 20.36
C2A CLA NB . 12.36 -71.46 21.56
C3A CLA NB . 12.04 -72.84 20.93
C4A CLA NB . 12.22 -72.60 19.43
CMA CLA NB . 12.95 -73.92 21.43
CAA CLA NB . 11.12 -70.91 22.25
CBA CLA NB . 9.93 -70.90 21.31
CGA CLA NB . 9.34 -69.52 21.23
O1A CLA NB . 8.80 -68.86 22.13
O2A CLA NB . 9.46 -68.98 19.98
NB CLA NB . 12.53 -72.45 16.43
C1B CLA NB . 12.12 -73.54 17.14
C2B CLA NB . 11.82 -74.66 16.21
C3B CLA NB . 12.07 -74.21 14.94
C4B CLA NB . 12.52 -72.79 15.06
CMB CLA NB . 11.36 -75.98 16.65
CAB CLA NB . 11.95 -74.89 13.67
CBB CLA NB . 11.14 -74.52 12.68
NC CLA NB . 13.44 -69.90 15.32
C1C CLA NB . 13.30 -70.61 14.15
C2C CLA NB . 13.67 -69.77 13.02
C3C CLA NB . 14.04 -68.53 13.53
C4C CLA NB . 13.89 -68.63 14.98
CMC CLA NB . 13.62 -70.19 11.62
CAC CLA NB . 14.49 -67.35 12.79
CBC CLA NB . 15.99 -67.20 12.79
ND CLA NB . 13.55 -68.84 17.91
C1D CLA NB . 14.00 -67.66 17.26
C2D CLA NB . 14.23 -66.61 18.26
C3D CLA NB . 13.92 -67.18 19.49
C4D CLA NB . 13.50 -68.56 19.22
CMD CLA NB . 14.71 -65.26 17.97
CAD CLA NB . 13.83 -66.96 20.93
OBD CLA NB . 14.06 -65.95 21.59
CBD CLA NB . 13.35 -68.31 21.55
CGD CLA NB . 14.35 -68.81 22.55
O1D CLA NB . 15.37 -69.48 22.34
O2D CLA NB . 14.08 -68.46 23.85
CED CLA NB . 15.17 -68.30 24.74
C1 A1L1G OB . -5.03 82.41 14.73
C5 A1L1G OB . -6.15 80.26 15.41
C4 A1L1G OB . -6.14 83.92 16.38
C3 A1L1G OB . -7.52 82.31 15.06
C2 A1L1G OB . -3.24 82.39 12.83
C10 A1L1G OB . -3.73 84.28 15.84
C11 A1L1G OB . -4.84 83.25 16.00
C12 A1L1G OB . -6.50 81.14 13.11
C14 A1L1G OB . -5.82 72.15 -3.91
C17 A1L1G OB . -4.90 74.19 -5.91
C18 A1L1G OB . -3.39 70.30 -4.70
C19 A1L1G OB . -5.66 69.27 -4.75
C20 A1L1G OB . -4.93 72.73 -6.26
C21 A1L1G OB . -4.04 72.29 -7.37
C22 A1L1G OB . -4.60 70.97 -7.89
C23 A1L1G OB . -4.50 69.88 -6.85
C24 A1L1G OB . -4.76 70.32 -5.40
C25 A1L1G OB . -5.36 71.73 -5.27
C26 A1L1G OB . -7.04 72.55 -1.36
C27 A1L1G OB . -6.67 75.28 2.93
C28 A1L1G OB . -2.41 79.91 6.76
C29 A1L1G OB . -5.10 72.68 -2.94
C30 A1L1G OB . -5.67 73.08 -1.73
C31 A1L1G OB . -5.03 73.95 -0.85
C32 A1L1G OB . -5.46 74.37 0.39
C33 A1L1G OB . -4.83 75.20 1.29
C34 A1L1G OB . -5.35 75.75 2.48
C35 A1L1G OB . -4.68 76.72 3.24
C36 A1L1G OB . -4.72 76.89 4.62
C37 A1L1G OB . -3.98 77.72 5.45
C38 A1L1G OB . -4.37 78.38 6.61
C39 A1L1G OB . -3.62 79.29 7.37
C40 A1L1G OB . -3.94 79.64 8.69
C41 A1L1G OB . -3.71 80.84 9.35
C42 A1L1G OB . -3.43 81.04 10.69
C43 A1L1G OB . -4.43 83.29 10.82
C44 A1L1G OB . -3.68 82.19 11.44
C45 A1L1G OB . -4.13 82.43 13.79
C6 A1L1G OB . -6.29 81.54 14.58
C8 A1L1G OB . -7.32 82.95 16.42
O13 A1L1G OB . -7.97 73.60 -1.39
O15 A1L1G OB . -6.25 72.14 -6.34
O16 A1L1G OB . -3.89 70.59 -9.06
O7 A1L1G OB . -8.51 83.65 16.80
O9 A1L1G OB . -4.52 82.38 17.10
C1 XAT PB . 1.51 44.36 22.73
C2 XAT PB . 0.96 43.78 24.03
C3 XAT PB . -0.51 44.07 24.15
C4 XAT PB . -1.18 43.17 23.13
C5 XAT PB . -0.80 43.57 21.71
C6 XAT PB . 0.56 44.27 21.52
C7 XAT PB . 1.20 43.98 20.18
C8 XAT PB . 1.16 44.97 19.29
C9 XAT PB . 1.75 44.87 17.94
C10 XAT PB . 1.51 45.86 17.08
C11 XAT PB . 2.05 45.87 15.72
C12 XAT PB . 1.91 46.98 15.02
C13 XAT PB . 2.45 47.11 13.66
C14 XAT PB . 2.56 48.35 13.15
C15 XAT PB . 3.11 48.62 11.82
C16 XAT PB . 2.81 43.63 22.38
C17 XAT PB . 1.87 45.81 22.95
C18 XAT PB . -1.17 42.70 20.51
C19 XAT PB . 2.61 43.70 17.56
C20 XAT PB . 2.89 45.92 12.87
O3 XAT PB . -0.97 43.76 25.47
O4 XAT PB . -0.69 44.98 21.49
C21 XAT PB . 8.77 56.06 3.05
C22 XAT PB . 9.20 56.73 1.74
C23 XAT PB . 8.57 56.02 0.57
C24 XAT PB . 7.11 56.40 0.60
C25 XAT PB . 6.43 55.81 1.84
C26 XAT PB . 7.32 55.56 3.07
C27 XAT PB . 6.59 55.71 4.40
C28 XAT PB . 6.37 54.58 5.06
C29 XAT PB . 5.69 54.52 6.37
C30 XAT PB . 5.40 53.31 6.85
C31 XAT PB . 4.76 53.09 8.14
C32 XAT PB . 4.53 51.84 8.50
C33 XAT PB . 3.91 51.51 9.80
C34 XAT PB . 3.81 50.23 10.17
C35 XAT PB . 3.24 49.88 11.46
C36 XAT PB . 8.98 57.04 4.18
C37 XAT PB . 9.69 54.87 3.30
C38 XAT PB . 5.01 56.22 2.26
C39 XAT PB . 5.39 55.75 7.14
C40 XAT PB . 3.44 52.60 10.71
O23 XAT PB . 9.17 56.47 -0.65
O24 XAT PB . 6.87 54.50 2.21
C1 XAT QB . 2.15 60.52 13.97
C2 XAT QB . 1.52 59.56 14.97
C3 XAT QB . 0.02 59.67 14.90
C4 XAT QB . -0.38 58.99 13.61
C5 XAT QB . 0.17 59.74 12.39
C6 XAT QB . 1.44 60.59 12.60
C7 XAT QB . 2.33 60.63 11.37
C8 XAT QB . 2.34 61.77 10.70
C9 XAT QB . 3.14 62.01 9.49
C10 XAT QB . 2.84 63.11 8.78
C11 XAT QB . 3.55 63.53 7.57
C12 XAT QB . 3.15 64.69 7.07
C13 XAT QB . 3.73 65.31 5.87
C14 XAT QB . 3.29 66.52 5.54
C15 XAT QB . 3.83 67.26 4.40
C16 XAT QB . 3.60 60.12 13.76
C17 XAT QB . 2.15 61.91 14.58
C18 XAT QB . 0.12 59.12 10.99
C19 XAT QB . 4.25 61.09 9.08
C20 XAT QB . 4.79 64.61 5.07
O3 XAT QB . -0.59 59.01 16.02
O4 XAT QB . 0.12 61.16 12.49
C21 XAT QB . 4.80 77.34 -3.80
C22 XAT QB . 5.01 78.09 -5.11
C23 XAT QB . 5.76 77.23 -6.10
C24 XAT QB . 4.76 76.16 -6.49
C25 XAT QB . 4.56 75.19 -5.31
C26 XAT QB . 4.66 75.81 -3.91
C27 XAT QB . 3.74 75.17 -2.89
C28 XAT QB . 4.31 74.43 -1.93
C29 XAT QB . 3.50 73.78 -0.89
C30 XAT QB . 4.11 72.89 -0.08
C31 XAT QB . 3.41 72.22 1.01
C32 XAT QB . 3.91 71.08 1.47
C33 XAT QB . 3.28 70.35 2.58
C34 XAT QB . 3.90 69.26 3.05
C35 XAT QB . 3.37 68.48 4.17
C36 XAT QB . 3.54 77.90 -3.14
C37 XAT QB . 5.97 77.64 -2.88
C38 XAT QB . 3.52 74.06 -5.36
C39 XAT QB . 2.06 74.13 -0.71
C40 XAT QB . 1.98 70.81 3.18
O23 XAT QB . 6.13 77.99 -7.24
O24 XAT QB . 5.70 75.01 -4.49
C8 A1L1F RB . -4.81 46.30 -3.92
C5 A1L1F RB . -6.05 48.13 -5.92
C4 A1L1F RB . -3.46 46.94 -3.64
C6 A1L1F RB . -5.81 48.51 -4.47
C10 A1L1F RB . -1.95 48.85 -4.17
C11 A1L1F RB . -3.25 48.15 -4.53
C2 A1L1F RB . -3.97 51.47 -3.75
C3 A1L1F RB . -5.93 47.29 -3.60
C1 A1L1F RB . -4.42 49.06 -4.31
C12 A1L1F RB . -6.83 49.55 -4.02
C14 A1L1F RB . -10.05 67.09 5.08
C17 A1L1F RB . -12.10 65.84 6.53
C18 A1L1F RB . -8.42 67.34 7.93
C19 A1L1F RB . -8.50 69.24 6.39
C20 A1L1F RB . -11.67 67.16 7.13
C21 A1L1F RB . -11.46 67.26 8.64
C22 A1L1F RB . -11.25 68.72 8.98
C23 A1L1F RB . -9.95 69.23 8.37
C24 A1L1F RB . -9.35 68.35 7.29
C25 A1L1F RB . -10.39 67.63 6.45
C26 A1L1F RB . -9.10 66.53 2.36
C27 A1L1F RB . -6.49 62.70 -0.30
C28 A1L1F RB . -4.63 56.03 1.13
C29 A1L1F RB . -9.09 66.18 4.91
C30 A1L1F RB . -8.78 65.68 3.56
C31 A1L1F RB . -8.24 64.47 3.44
C32 A1L1F RB . -7.89 63.84 2.17
C33 A1L1F RB . -7.00 62.86 2.23
C34 A1L1F RB . -6.57 62.09 1.05
C35 A1L1F RB . -6.26 60.80 1.26
C36 A1L1F RB . -5.86 59.91 0.18
C37 A1L1F RB . -5.45 58.68 0.49
C38 A1L1F RB . -5.09 57.75 -0.55
C39 A1L1F RB . -4.72 56.50 -0.28
C40 A1L1F RB . -4.42 55.59 -1.40
C41 A1L1F RB . -4.61 54.28 -1.30
C42 A1L1F RB . -4.32 53.45 -2.47
C43 A1L1F RB . -4.42 51.32 -1.22
C44 A1L1F RB . -4.25 52.13 -2.47
C45 A1L1F RB . -11.21 67.65 1.56
C47 A1L1F RB . -12.70 67.65 1.47
C48 A1L1F RB . -13.18 69.08 1.34
C49 A1L1F RB . -13.88 69.30 0.01
C50 A1L1F RB . -13.27 70.50 -0.72
C51 A1L1F RB . -14.26 71.07 -1.73
C52 A1L1F RB . -15.12 69.98 -2.35
C53 A1L1F RB . -14.78 69.76 -3.80
C54 A1L1F RB . -4.42 43.97 -3.71
C56 A1L1F RB . -4.08 44.01 -5.16
C57 A1L1F RB . -4.22 50.26 -4.00
O13 A1L1F RB . -10.51 66.53 2.18
O15 A1L1F RB . -11.61 68.36 6.36
O16 A1L1F RB . -11.20 68.86 10.40
O46 A1L1F RB . -10.57 68.58 1.11
O55 A1L1F RB . -4.26 42.98 -3.02
O7 A1L1F RB . -4.95 45.16 -3.09
O9 A1L1F RB . -3.19 47.74 -5.88
MG CLA SB . -9.33 68.86 -9.33
CHA CLA SB . -8.35 65.72 -10.41
CHB CLA SB . -10.15 69.71 -12.51
CHC CLA SB . -10.40 71.92 -8.17
CHD CLA SB . -8.52 67.91 -6.02
NA CLA SB . -9.24 67.86 -11.16
C1A CLA SB . -8.80 66.55 -11.41
C2A CLA SB . -8.91 66.20 -12.89
C3A CLA SB . -9.36 67.52 -13.54
C4A CLA SB . -9.61 68.45 -12.34
CMA CLA SB . -8.30 68.05 -14.47
CAA CLA SB . -9.96 65.13 -13.10
CBA CLA SB . -11.30 65.56 -12.53
CGA CLA SB . -12.04 64.38 -11.99
O1A CLA SB . -12.33 63.32 -12.55
O2A CLA SB . -12.41 64.54 -10.68
NB CLA SB . -10.12 70.50 -10.19
C1B CLA SB . -10.41 70.64 -11.50
C2B CLA SB . -11.06 71.98 -11.73
C3B CLA SB . -11.12 72.60 -10.51
C4B CLA SB . -10.53 71.68 -9.51
CMB CLA SB . -11.50 72.43 -13.05
CAB CLA SB . -11.65 73.89 -10.16
CBB CLA SB . -11.26 75.06 -10.70
NC CLA SB . -9.40 69.75 -7.44
C1C CLA SB . -9.86 71.03 -7.20
C2C CLA SB . -9.77 71.33 -5.78
C3C CLA SB . -9.26 70.19 -5.16
C4C CLA SB . -9.04 69.20 -6.21
CMC CLA SB . -10.15 72.60 -5.16
CAC CLA SB . -8.98 70.00 -3.73
CBC CLA SB . -10.09 69.23 -3.04
ND CLA SB . -8.56 67.25 -8.37
C1D CLA SB . -8.28 66.99 -7.02
C2D CLA SB . -7.74 65.62 -6.89
C3D CLA SB . -7.73 65.08 -8.16
C4D CLA SB . -8.26 66.14 -9.05
CMD CLA SB . -7.32 65.00 -5.63
CAD CLA SB . -7.42 63.93 -8.98
OBD CLA SB . -6.95 62.85 -8.67
CBD CLA SB . -7.80 64.30 -10.45
CGD CLA SB . -6.62 64.19 -11.39
O1D CLA SB . -5.45 64.48 -11.14
O2D CLA SB . -6.94 63.71 -12.62
CED CLA SB . -5.91 63.73 -13.62
C1 CLA SB . -13.76 65.01 -10.43
C2 CLA SB . -14.67 63.85 -10.57
C3 CLA SB . -14.77 62.87 -9.65
C4 CLA SB . -15.70 61.73 -9.83
C5 CLA SB . -13.98 62.90 -8.39
C6 CLA SB . -14.85 62.94 -7.15
C7 CLA SB . -14.13 62.34 -5.96
C8 CLA SB . -14.01 60.82 -6.08
C9 CLA SB . -15.35 60.17 -5.86
C10 CLA SB . -12.95 60.27 -5.13
C11 CLA SB . -13.52 59.71 -3.85
C12 CLA SB . -13.50 60.73 -2.72
C13 CLA SB . -13.96 60.09 -1.41
C14 CLA SB . -14.29 61.16 -0.38
C15 CLA SB . -12.90 59.14 -0.87
C16 CLA SB . -13.39 58.43 0.39
MG CLA TB . 4.01 70.66 -6.01
CHA CLA TB . 4.04 71.17 -9.43
CHB CLA TB . 7.33 69.88 -6.08
CHC CLA TB . 3.95 70.26 -2.59
CHD CLA TB . 0.59 71.56 -5.94
NA CLA TB . 5.43 70.53 -7.53
C1A CLA TB . 5.26 70.81 -8.90
C2A CLA TB . 6.57 70.60 -9.66
C3A CLA TB . 7.54 70.08 -8.59
C4A CLA TB . 6.73 70.17 -7.29
CMA CLA TB . 8.01 68.68 -8.88
CAA CLA TB . 7.12 71.88 -10.27
CBA CLA TB . 6.68 73.17 -9.58
CGA CLA TB . 7.23 73.33 -8.19
O1A CLA TB . 6.71 73.93 -7.26
O2A CLA TB . 8.45 72.72 -7.99
NB CLA TB . 5.38 70.18 -4.60
C1B CLA TB . 6.68 69.89 -4.83
C2B CLA TB . 7.37 69.55 -3.55
C3B CLA TB . 6.42 69.65 -2.56
C4B CLA TB . 5.14 70.05 -3.21
CMB CLA TB . 8.78 69.17 -3.49
CAB CLA TB . 6.51 69.43 -1.13
CBB CLA TB . 7.54 69.75 -0.35
NC CLA TB . 2.52 70.84 -4.55
C1C CLA TB . 2.73 70.62 -3.21
C2C CLA TB . 1.48 70.83 -2.49
C3C CLA TB . 0.53 71.23 -3.42
C4C CLA TB . 1.20 71.25 -4.72
CMC CLA TB . 1.26 70.66 -1.05
CAC CLA TB . -0.86 71.58 -3.13
CBC CLA TB . -1.11 73.07 -3.19
ND CLA TB . 2.58 71.16 -7.34
C1D CLA TB . 1.22 71.52 -7.18
C2D CLA TB . 0.64 71.82 -8.51
C3D CLA TB . 1.68 71.67 -9.41
C4D CLA TB . 2.87 71.29 -8.63
CMD CLA TB . -0.76 72.17 -8.75
CAD CLA TB . 2.08 71.74 -10.81
OBD CLA TB . 1.40 71.96 -11.81
CBD CLA TB . 3.62 71.45 -10.86
CGD CLA TB . 3.94 70.31 -11.76
O1D CLA TB . 4.03 69.12 -11.47
O2D CLA TB . 4.17 70.67 -13.06
CED CLA TB . 4.15 69.63 -14.05
C1 CLA TB . 9.37 73.30 -7.04
C2 CLA TB . 8.94 72.93 -5.65
C3 CLA TB . 9.70 73.20 -4.58
C4 CLA TB . 11.02 73.85 -4.69
C5 CLA TB . 9.25 72.82 -3.21
C6 CLA TB . 8.36 73.88 -2.57
C7 CLA TB . 9.18 74.89 -1.80
C8 CLA TB . 8.76 75.05 -0.35
C9 CLA TB . 7.94 73.87 0.12
C10 CLA TB . 8.00 76.36 -0.14
C11 CLA TB . 7.15 76.37 1.12
C12 CLA TB . 5.69 76.58 0.80
C13 CLA TB . 4.86 76.97 2.01
C14 CLA TB . 5.44 76.43 3.30
C15 CLA TB . 3.42 76.52 1.85
C16 CLA TB . 2.61 76.66 3.12
C17 CLA TB . 1.16 76.36 2.88
C18 CLA TB . 0.57 75.34 3.86
C19 CLA TB . -0.59 74.61 3.22
C20 CLA TB . 1.62 74.35 4.32
MG CLA UB . 9.60 68.58 4.23
CHA CLA UB . 12.41 68.24 2.20
CHB CLA UB . 8.70 71.36 2.48
CHC CLA UB . 6.76 68.79 6.15
CHD CLA UB . 10.59 65.70 6.02
NA CLA UB . 10.44 69.61 2.61
C1A CLA UB . 11.61 69.30 1.90
C2A CLA UB . 11.85 70.32 0.78
C3A CLA UB . 10.70 71.34 0.96
C4A CLA UB . 9.86 70.74 2.09
CMA CLA UB . 11.23 72.71 1.33
CAA CLA UB . 11.72 69.65 -0.58
CBA CLA UB . 12.00 70.62 -1.71
CGA CLA UB . 13.47 70.65 -1.99
O1A CLA UB . 14.26 69.70 -2.04
O2A CLA UB . 13.95 71.91 -2.23
NB CLA UB . 8.00 69.81 4.28
C1B CLA UB . 7.85 70.92 3.51
C2B CLA UB . 6.64 71.67 3.95
C3B CLA UB . 6.08 70.95 4.99
C4B CLA UB . 6.94 69.75 5.21
CMB CLA UB . 6.22 72.92 3.33
CAB CLA UB . 4.91 71.19 5.80
CBB CLA UB . 4.41 72.38 6.14
NC CLA UB . 8.82 67.45 5.80
C1C CLA UB . 7.64 67.72 6.44
C2C CLA UB . 7.39 66.72 7.47
C3C CLA UB . 8.49 65.85 7.45
C4C CLA UB . 9.38 66.31 6.39
CMC CLA UB . 6.23 66.68 8.35
CAC CLA UB . 8.70 64.67 8.30
CBC CLA UB . 8.21 63.41 7.65
ND CLA UB . 11.15 67.29 4.22
C1D CLA UB . 11.42 66.14 5.01
C2D CLA UB . 12.70 65.53 4.55
C3D CLA UB . 13.12 66.29 3.47
C4D CLA UB . 12.11 67.36 3.30
CMD CLA UB . 13.32 64.35 5.15
CAD CLA UB . 14.12 66.48 2.45
OBD CLA UB . 15.14 65.85 2.23
CBD CLA UB . 13.69 67.71 1.59
CGD CLA UB . 14.77 68.76 1.55
O1D CLA UB . 15.47 69.07 0.58
O2D CLA UB . 14.95 69.43 2.72
CED CLA UB . 16.13 70.22 2.85
C1 CLA UB . 14.07 72.79 -1.09
C2 CLA UB . 14.31 74.14 -1.63
C3 CLA UB . 14.34 75.25 -0.86
C4 CLA UB . 14.60 76.59 -1.45
C5 CLA UB . 14.14 75.18 0.60
C6 CLA UB . 13.02 76.10 1.07
C7 CLA UB . 13.43 76.86 2.31
C8 CLA UB . 13.17 76.08 3.59
C9 CLA UB . 11.73 76.24 4.02
MG CLA VB . -1.41 53.86 12.18
CHA CLA VB . -2.03 52.59 15.35
CHB CLA VB . 1.33 55.49 13.36
CHC CLA VB . -0.78 54.98 9.00
CHD CLA VB . -4.33 52.22 11.01
NA CLA VB . -0.53 54.01 14.06
C1A CLA VB . -0.93 53.40 15.26
C2A CLA VB . 0.02 53.77 16.40
C3A CLA VB . 0.99 54.78 15.76
C4A CLA VB . 0.60 54.77 14.28
CMA CLA VB . 0.86 56.16 16.38
CAA CLA VB . 0.78 52.54 16.86
CBA CLA VB . 1.55 51.89 15.72
CGA CLA VB . 0.75 50.78 15.11
O1A CLA VB . 0.31 49.76 15.63
O2A CLA VB . 0.50 50.97 13.77
NB CLA VB . -0.02 55.04 11.35
C1B CLA VB . 1.06 55.56 11.99
C2B CLA VB . 1.97 56.22 11.00
C3B CLA VB . 1.37 56.09 9.76
C4B CLA VB . 0.11 55.33 9.97
CMB CLA VB . 3.22 56.87 11.39
CAB CLA VB . 1.80 56.53 8.46
CBB CLA VB . 2.49 57.65 8.18
NC CLA VB . -2.39 53.64 10.35
C1C CLA VB . -1.96 54.19 9.17
C2C CLA VB . -2.87 53.83 8.08
C3C CLA VB . -3.88 53.05 8.66
C4C CLA VB . -3.57 52.94 10.08
CMC CLA VB . -2.71 54.24 6.69
CAC CLA VB . -5.03 52.46 7.96
CBC CLA VB . -4.87 50.97 7.75
ND CLA VB . -2.86 52.66 12.94
C1D CLA VB . -4.01 52.08 12.35
C2D CLA VB . -4.73 51.30 13.39
C3D CLA VB . -4.00 51.44 14.55
C4D CLA VB . -2.86 52.31 14.22
CMD CLA VB . -5.96 50.54 13.13
CAD CLA VB . -3.89 51.09 15.95
OBD CLA VB . -4.59 50.35 16.63
CBD CLA VB . -2.65 51.85 16.52
CGD CLA VB . -3.02 52.76 17.66
O1D CLA VB . -2.57 52.74 18.81
O2D CLA VB . -3.96 53.69 17.35
CED CLA VB . -4.06 54.84 18.20
C1 CLA VB . -0.47 50.08 13.18
C2 CLA VB . -0.52 50.35 11.72
C3 CLA VB . -1.28 49.59 10.90
C4 CLA VB . -2.09 48.45 11.40
C5 CLA VB . -1.35 49.87 9.44
C6 CLA VB . -0.05 50.39 8.87
C7 CLA VB . 0.01 50.14 7.38
C8 CLA VB . 1.13 50.91 6.70
C9 CLA VB . 1.03 52.39 7.01
C10 CLA VB . 1.12 50.69 5.19
C11 CLA VB . 2.30 49.87 4.73
C12 CLA VB . 3.60 50.50 5.16
C13 CLA VB . 4.80 49.86 4.46
C14 CLA VB . 5.59 49.01 5.42
C15 CLA VB . 5.69 50.92 3.83
C16 CLA VB . 5.18 51.36 2.48
C17 CLA VB . 5.83 50.58 1.35
C18 CLA VB . 6.10 51.44 0.12
C19 CLA VB . 5.04 52.49 -0.09
C20 CLA VB . 7.46 52.11 0.23
MG CLA WB . 7.36 43.79 15.40
CHA CLA WB . 6.15 44.93 18.46
CHB CLA WB . 8.51 40.98 16.93
CHC CLA WB . 8.39 42.64 12.34
CHD CLA WB . 6.18 46.76 13.89
NA CLA WB . 7.34 43.10 17.38
C1A CLA WB . 6.77 43.71 18.51
C2A CLA WB . 6.99 42.87 19.76
C3A CLA WB . 7.91 41.72 19.26
C4A CLA WB . 7.93 41.92 17.75
CMA CLA WB . 9.28 41.80 19.86
CAA CLA WB . 5.69 42.36 20.33
CBA CLA WB . 5.03 41.34 19.43
CGA CLA WB . 4.15 40.43 20.23
O1A CLA WB . 3.13 39.84 19.89
O2A CLA WB . 4.60 40.26 21.52
NB CLA WB . 8.35 42.16 14.77
C1B CLA WB . 8.59 41.05 15.53
C2B CLA WB . 8.99 39.91 14.65
C3B CLA WB . 8.96 40.37 13.36
C4B CLA WB . 8.55 41.80 13.41
CMB CLA WB . 9.31 38.58 15.18
CAB CLA WB . 9.24 39.68 12.13
CBB CLA WB . 10.22 39.99 11.28
NC CLA WB . 7.32 44.58 13.47
C1C CLA WB . 7.82 43.94 12.36
C2C CLA WB . 7.65 44.78 11.19
C3C CLA WB . 6.99 45.93 11.62
C4C CLA WB . 6.79 45.80 13.06
CMC CLA WB . 8.07 44.42 9.84
CAC CLA WB . 6.59 47.08 10.79
CBC CLA WB . 7.49 48.28 10.97
ND CLA WB . 6.36 45.46 15.96
C1D CLA WB . 5.96 46.63 15.24
C2D CLA WB . 5.33 47.58 16.18
C3D CLA WB . 5.36 46.97 17.43
C4D CLA WB . 6.03 45.67 17.23
CMD CLA WB . 4.79 48.88 15.81
CAD CLA WB . 5.03 47.09 18.83
OBD CLA WB . 4.48 48.02 19.43
CBD CLA WB . 5.53 45.79 19.53
CGD CLA WB . 6.51 46.03 20.64
O1D CLA WB . 7.72 45.80 20.63
O2D CLA WB . 5.95 46.56 21.78
CED CLA WB . 6.28 45.94 23.01
C1 CLA WB . 5.34 39.05 21.78
MG CLA XB . 13.67 60.16 4.65
CHA CLA XB . 13.75 62.29 1.91
CHB CLA XB . 16.90 59.25 4.01
CHC CLA XB . 13.62 58.21 7.47
CHD CLA XB . 10.31 61.09 5.23
NA CLA XB . 15.07 60.69 3.17
C1A CLA XB . 14.91 61.60 2.13
C2A CLA XB . 16.19 61.69 1.29
C3A CLA XB . 17.09 60.59 1.89
C4A CLA XB . 16.32 60.14 3.13
CMA CLA XB . 17.31 59.46 0.91
CAA CLA XB . 16.83 63.06 1.48
CBA CLA XB . 17.45 63.22 2.85
CGA CLA XB . 17.70 64.67 3.18
O1A CLA XB . 18.07 65.57 2.43
O2A CLA XB . 17.48 64.95 4.50
NB CLA XB . 15.00 58.94 5.54
C1B CLA XB . 16.29 58.76 5.18
C2B CLA XB . 17.00 57.94 6.20
C3B CLA XB . 16.08 57.63 7.17
C4B CLA XB . 14.78 58.26 6.77
CMB CLA XB . 18.41 57.57 6.07
CAB CLA XB . 16.23 56.86 8.38
CBB CLA XB . 17.26 56.96 9.22
NC CLA XB . 12.21 59.71 6.07
C1C CLA XB . 12.41 58.89 7.14
C2C CLA XB . 11.18 58.81 7.94
C3C CLA XB . 10.25 59.63 7.31
C4C CLA XB . 10.90 60.20 6.13
CMC CLA XB . 11.02 58.03 9.16
CAC CLA XB . 8.86 59.88 7.74
CBC CLA XB . 7.88 58.89 7.17
ND CLA XB . 12.29 61.37 3.80
C1D CLA XB . 10.95 61.66 4.14
C2D CLA XB . 10.40 62.62 3.15
C3D CLA XB . 11.44 62.90 2.28
C4D CLA XB . 12.58 62.09 2.72
CMD CLA XB . 9.03 63.15 3.17
CAD CLA XB . 11.86 63.63 1.09
OBD CLA XB . 11.22 64.39 0.37
CBD CLA XB . 13.35 63.28 0.84
CGD CLA XB . 13.57 62.74 -0.55
O1D CLA XB . 13.66 61.57 -0.91
O2D CLA XB . 13.68 63.72 -1.50
CED CLA XB . 14.88 63.75 -2.28
C1 CLA XB . 17.03 66.29 4.81
C2 CLA XB . 16.76 66.30 6.28
C3 CLA XB . 15.81 67.06 6.86
C4 CLA XB . 15.59 67.02 8.32
C5 CLA XB . 14.94 67.98 6.07
C6 CLA XB . 14.61 69.25 6.82
C7 CLA XB . 13.12 69.50 6.91
C8 CLA XB . 12.58 70.36 5.77
C9 CLA XB . 13.61 71.41 5.35
C10 CLA XB . 11.26 71.05 6.10
C11 CLA XB . 10.66 70.63 7.42
C12 CLA XB . 9.36 71.38 7.68
C13 CLA XB . 8.70 70.98 9.00
C14 CLA XB . 8.81 69.49 9.25
C15 CLA XB . 7.25 71.45 9.02
C16 CLA XB . 6.34 70.55 9.85
C17 CLA XB . 4.89 70.75 9.48
C18 CLA XB . 3.97 69.78 10.21
C19 CLA XB . 3.45 70.36 11.50
C20 CLA XB . 2.82 69.38 9.30
MG CLA YB . 1.00 55.05 -5.53
CHA CLA YB . 3.43 53.91 -7.71
CHB CLA YB . -1.09 55.61 -8.15
CHC CLA YB . -1.40 56.13 -3.32
CHD CLA YB . 3.23 54.49 -2.83
NA CLA YB . 1.15 54.77 -7.58
C1A CLA YB . 2.25 54.27 -8.30
C2A CLA YB . 1.95 54.19 -9.80
C3A CLA YB . 0.52 54.80 -9.91
C4A CLA YB . 0.14 55.06 -8.45
CMA CLA YB . 0.53 56.06 -10.73
CAA CLA YB . 1.91 52.74 -10.22
CBA CLA YB . 1.05 51.92 -9.27
CGA CLA YB . 1.17 50.45 -9.53
O1A CLA YB . 1.34 49.87 -10.59
O2A CLA YB . 1.08 49.70 -8.38
NB CLA YB . -0.91 55.69 -5.69
C1B CLA YB . -1.55 55.93 -6.87
C2B CLA YB . -2.84 56.64 -6.59
C3B CLA YB . -2.93 56.78 -5.23
C4B CLA YB . -1.70 56.18 -4.64
CMB CLA YB . -3.76 57.04 -7.66
CAB CLA YB . -3.96 57.38 -4.42
CBB CLA YB . -5.28 57.28 -4.61
NC CLA YB . 0.93 55.25 -3.45
C1C CLA YB . -0.17 55.69 -2.75
C2C CLA YB . 0.11 55.66 -1.32
C3C CLA YB . 1.43 55.24 -1.18
C4C CLA YB . 1.94 54.97 -2.52
CMC CLA YB . -0.83 56.07 -0.28
CAC CLA YB . 2.16 55.04 0.08
CBC CLA YB . 1.80 53.70 0.70
ND CLA YB . 2.89 54.38 -5.26
C1D CLA YB . 3.70 54.22 -4.10
C2D CLA YB . 5.03 53.73 -4.51
C3D CLA YB . 4.98 53.60 -5.88
C4D CLA YB . 3.63 54.01 -6.29
CMD CLA YB . 6.13 53.46 -3.59
CAD CLA YB . 5.71 53.22 -7.09
OBD CLA YB . 6.85 52.81 -7.21
CBD CLA YB . 4.75 53.46 -8.29
CGD CLA YB . 5.27 54.54 -9.19
O1D CLA YB . 5.89 55.54 -8.86
O2D CLA YB . 5.01 54.34 -10.52
CED CLA YB . 5.07 55.50 -11.36
C1 CLA YB . 0.60 48.35 -8.52
C2 CLA YB . 1.78 47.46 -8.63
C3 CLA YB . 2.04 46.46 -7.79
C4 CLA YB . 1.13 46.13 -6.66
C5 CLA YB . 3.24 45.60 -7.95
C6 CLA YB . 3.96 45.33 -6.64
C7 CLA YB . 5.25 44.57 -6.88
C8 CLA YB . 6.01 44.33 -5.58
MG CLA ZB . -9.78 60.77 -3.81
CHA CLA ZB . -9.67 60.40 -7.26
CHB CLA ZB . -8.77 57.55 -3.44
CHC CLA ZB . -9.97 61.17 -0.41
CHD CLA ZB . -10.92 64.09 -4.27
NA CLA ZB . -9.28 59.25 -5.15
C1A CLA ZB . -9.30 59.29 -6.56
C2A CLA ZB . -8.87 57.94 -7.15
C3A CLA ZB . -8.65 57.05 -5.90
C4A CLA ZB . -8.90 58.01 -4.74
CMA CLA ZB . -9.64 55.91 -5.88
CAA CLA ZB . -7.61 58.02 -7.97
CBA CLA ZB . -7.31 56.68 -8.62
CGA CLA ZB . -8.35 56.37 -9.65
O1A CLA ZB . -8.32 56.60 -10.86
O2A CLA ZB . -9.47 55.76 -9.14
NB CLA ZB . -9.45 59.58 -2.22
C1B CLA ZB . -8.98 58.31 -2.28
C2B CLA ZB . -8.73 57.79 -0.91
C3B CLA ZB . -9.06 58.81 -0.03
C4B CLA ZB . -9.53 59.96 -0.86
CMB CLA ZB . -8.23 56.45 -0.64
CAB CLA ZB . -8.98 58.76 1.42
CBB CLA ZB . -9.20 59.74 2.30
NC CLA ZB . -10.34 62.35 -2.58
C1C CLA ZB . -10.35 62.30 -1.21
C2C CLA ZB . -10.83 63.56 -0.66
C3C CLA ZB . -11.08 64.40 -1.76
C4C CLA ZB . -10.78 63.63 -2.95
CMC CLA ZB . -10.98 63.86 0.76
CAC CLA ZB . -11.60 65.77 -1.72
CBC CLA ZB . -13.09 65.83 -1.99
ND CLA ZB . -10.14 62.03 -5.35
C1D CLA ZB . -10.64 63.37 -5.41
C2D CLA ZB . -10.78 63.77 -6.82
C3D CLA ZB . -10.42 62.68 -7.57
C4D CLA ZB . -10.06 61.61 -6.62
CMD CLA ZB . -11.23 65.10 -7.26
CAD CLA ZB . -10.26 62.13 -8.91
OBD CLA ZB . -10.43 62.66 -10.00
CBD CLA ZB . -9.83 60.64 -8.74
CGD CLA ZB . -10.87 59.72 -9.31
O1D CLA ZB . -11.80 59.18 -8.71
O2D CLA ZB . -10.76 59.49 -10.65
CED CLA ZB . -11.85 58.87 -11.32
C1 CLA ZB . -10.60 55.66 -10.03
C2 CLA ZB . -11.83 55.53 -9.21
C3 CLA ZB . -12.40 54.36 -8.92
C4 CLA ZB . -11.84 53.07 -9.37
C5 CLA ZB . -13.64 54.31 -8.08
C6 CLA ZB . -13.53 53.35 -6.92
C7 CLA ZB . -13.22 54.08 -5.64
MG CLA AC . -8.05 74.35 8.55
CHA CLA AC . -9.66 75.76 11.29
CHB CLA AC . -11.03 73.15 7.43
CHC CLA AC . -6.41 73.01 5.85
CHD CLA AC . -4.96 75.52 9.83
NA CLA AC . -10.02 74.46 9.26
C1A CLA AC . -10.48 75.09 10.43
C2A CLA AC . -11.99 74.92 10.58
C3A CLA AC . -12.37 73.98 9.40
C4A CLA AC . -11.06 73.85 8.62
CMA CLA AC . -12.90 72.66 9.87
CAA CLA AC . -12.70 76.26 10.45
NB CLA AC . -8.61 73.22 6.98
C1B CLA AC . -9.89 72.95 6.63
C2B CLA AC . -9.94 72.37 5.25
C3B CLA AC . -8.63 72.33 4.80
C4B CLA AC . -7.77 72.87 5.89
CMB CLA AC . -11.17 71.97 4.60
CAB CLA AC . -8.09 71.87 3.55
CBB CLA AC . -8.24 70.62 3.09
NC CLA AC . -6.05 74.28 7.96
C1C CLA AC . -5.60 73.66 6.81
C2C CLA AC . -4.15 73.80 6.72
C3C CLA AC . -3.74 74.51 7.84
C4C CLA AC . -4.93 74.80 8.62
CMC CLA AC . -3.33 73.26 5.63
CAC CLA AC . -2.36 74.87 8.20
CBC CLA AC . -1.99 76.28 7.81
ND CLA AC . -7.40 75.46 10.12
C1D CLA AC . -6.10 75.84 10.53
C2D CLA AC . -6.20 76.60 11.79
C3D CLA AC . -7.55 76.62 12.12
C4D CLA AC . -8.25 75.86 11.07
CMD CLA AC . -5.07 77.21 12.48
CAD CLA AC . -8.55 77.07 13.07
OBD CLA AC . -8.43 77.79 14.06
CBD CLA AC . -9.93 76.46 12.61
CGD CLA AC . -10.50 75.53 13.63
O1D CLA AC . -11.23 74.55 13.43
O2D CLA AC . -10.18 75.83 14.92
CED CLA AC . -11.09 76.64 15.66
MG CLA BC . 20.59 53.43 10.04
CHA CLA BC . 21.57 54.39 6.85
CHB CLA BC . 20.46 50.18 9.01
CHC CLA BC . 19.55 52.53 13.19
CHD CLA BC . 20.59 56.83 11.02
NA CLA BC . 20.98 52.48 8.23
C1A CLA BC . 21.38 53.05 7.01
C2A CLA BC . 21.55 51.98 5.93
C3A CLA BC . 21.15 50.66 6.65
C4A CLA BC . 20.85 51.12 8.08
CMA CLA BC . 19.94 50.02 6.00
CAA CLA BC . 22.99 51.89 5.45
CBA CLA BC . 23.79 50.86 6.20
CGA CLA BC . 23.98 49.63 5.36
O1A CLA BC . 23.23 48.67 5.21
O2A CLA BC . 25.17 49.64 4.67
NB CLA BC . 20.13 51.68 10.95
C1B CLA BC . 20.13 50.46 10.35
C2B CLA BC . 19.70 49.43 11.34
C3B CLA BC . 19.44 50.08 12.51
C4B CLA BC . 19.70 51.53 12.29
CMB CLA BC . 19.58 48.01 11.00
CAB CLA BC . 18.98 49.55 13.77
CBB CLA BC . 19.64 49.63 14.93
NC CLA BC . 20.17 54.49 11.79
C1C CLA BC . 19.78 53.92 12.97
C2C CLA BC . 19.57 54.96 13.98
C3C CLA BC . 19.84 56.18 13.36
C4C CLA BC . 20.22 55.87 11.99
CMC CLA BC . 19.14 54.70 15.36
CAC CLA BC . 19.79 57.51 13.98
CBC CLA BC . 18.38 58.06 14.08
ND CLA BC . 20.99 55.22 9.20
C1D CLA BC . 20.95 56.55 9.72
C2D CLA BC . 21.35 57.49 8.65
C3D CLA BC . 21.61 56.72 7.53
C4D CLA BC . 21.36 55.31 7.92
CMD CLA BC . 21.44 58.95 8.81
CAD CLA BC . 22.01 56.72 6.14
OBD CLA BC . 22.32 57.66 5.41
CBD CLA BC . 21.99 55.23 5.65
CGD CLA BC . 21.09 55.06 4.45
O1D CLA BC . 21.43 55.03 3.26
O2D CLA BC . 19.77 54.91 4.74
CED CLA BC . 18.85 54.93 3.65
O6 SQD CC . -7.72 55.76 -16.81
C44 SQD CC . -8.36 54.88 -15.89
C45 SQD CC . -8.13 55.41 -14.47
C46 SQD CC . -9.40 56.07 -13.95
O47 SQD CC . -7.65 54.42 -13.55
C7 SQD CC . -8.62 53.41 -13.15
O49 SQD CC . -9.29 52.81 -13.97
C8 SQD CC . -8.80 53.11 -11.68
C9 SQD CC . -7.98 51.87 -11.32
C10 SQD CC . -8.64 51.09 -10.21
C11 SQD CC . -7.92 51.34 -8.89
C12 SQD CC . -8.90 51.31 -7.73
C13 SQD CC . -8.17 51.50 -6.40
C14 SQD CC . -7.57 52.89 -6.29
C15 SQD CC . -7.38 53.26 -4.83
C16 SQD CC . -8.65 52.98 -4.05
C17 SQD CC . -8.53 53.39 -2.58
C18 SQD CC . -7.81 52.32 -1.76
C19 SQD CC . -7.97 52.59 -0.27
O48 SQD CC . -10.55 55.30 -14.30
C23 SQD CC . -11.87 55.91 -14.26
O10 SQD CC . -12.03 57.02 -14.72
C24 SQD CC . -13.04 55.16 -13.66
C25 SQD CC . -14.28 56.05 -13.68
C26 SQD CC . -15.53 55.28 -13.30
C27 SQD CC . -15.50 54.82 -11.85
C28 SQD CC . -16.86 54.34 -11.38
C29 SQD CC . -17.34 53.13 -12.18
C30 SQD CC . -18.37 52.35 -11.38
C31 SQD CC . -17.81 51.94 -10.03
C32 SQD CC . -18.80 51.07 -9.26
C1 SQD CC . -8.66 56.67 -17.37
C2 SQD CC . -7.97 57.97 -17.75
O2 SQD CC . -7.35 58.52 -16.58
C3 SQD CC . -8.98 58.96 -18.30
O3 SQD CC . -8.29 60.08 -18.86
C4 SQD CC . -9.82 58.31 -19.39
O4 SQD CC . -10.92 59.18 -19.72
C5 SQD CC . -10.39 56.96 -18.92
C6 SQD CC . -11.19 56.32 -20.04
O5 SQD CC . -9.31 56.12 -18.52
S SQD CC . -12.78 56.81 -19.92
O7 SQD CC . -12.93 57.61 -18.73
O8 SQD CC . -13.19 57.69 -21.22
O9 SQD CC . -13.63 55.65 -19.80
MG CLA DC . -18.58 3.99 9.09
CHA CLA DC . -19.44 7.04 7.70
CHB CLA DC . -17.13 3.07 6.17
CHC CLA DC . -17.37 1.20 10.65
CHD CLA DC . -20.12 4.98 12.10
NA CLA DC . -18.44 4.88 7.21
C1A CLA DC . -18.83 6.18 6.84
C2A CLA DC . -18.53 6.41 5.36
C3A CLA DC . -18.14 5.00 4.85
C4A CLA DC . -17.86 4.24 6.15
CMA CLA DC . -19.23 4.36 4.04
CAA CLA DC . -17.37 7.34 5.10
CBA CLA DC . -17.13 7.48 3.62
CGA CLA DC . -15.91 8.26 3.31
O1A CLA DC . -15.33 8.38 2.24
O2A CLA DC . -15.38 8.92 4.37
NB CLA DC . -17.51 2.40 8.50
C1B CLA DC . -16.85 2.29 7.31
C2B CLA DC . -15.82 1.23 7.40
C3B CLA DC . -15.88 0.70 8.66
C4B CLA DC . -16.97 1.42 9.37
CMB CLA DC . -14.93 0.86 6.30
CAB CLA DC . -15.14 -0.36 9.26
CBB CLA DC . -15.13 -1.61 8.80
NC CLA DC . -18.80 3.19 10.99
C1C CLA DC . -18.24 2.01 11.42
C2C CLA DC . -18.60 1.76 12.80
C3C CLA DC . -19.36 2.86 13.22
C4C CLA DC . -19.48 3.75 12.08
CMC CLA DC . -18.19 0.59 13.55
CAC CLA DC . -19.97 3.07 14.53
CBC CLA DC . -21.48 3.04 14.42
ND CLA DC . -19.68 5.54 9.75
C1D CLA DC . -20.20 5.84 11.03
C2D CLA DC . -20.84 7.17 10.97
C3D CLA DC . -20.53 7.69 9.75
C4D CLA DC . -19.79 6.65 9.02
CMD CLA DC . -21.57 7.77 12.07
CAD CLA DC . -20.79 8.74 8.80
OBD CLA DC . -21.59 9.65 8.81
CBD CLA DC . -19.81 8.49 7.62
CGD CLA DC . -20.37 8.96 6.32
O1D CLA DC . -21.51 8.87 5.91
O2D CLA DC . -19.42 9.62 5.60
CED CLA DC . -18.45 10.36 6.34
C1 CLA DC . -14.58 10.10 4.11
C2 CLA DC . -14.13 10.57 5.44
C3 CLA DC . -14.34 11.81 5.88
C4 CLA DC . -15.06 12.82 5.08
C5 CLA DC . -13.89 12.21 7.23
C6 CLA DC . -14.26 11.17 8.25
C7 CLA DC . -14.70 11.78 9.56
C8 CLA DC . -13.51 12.27 10.37
C9 CLA DC . -13.24 11.32 11.51
C10 CLA DC . -13.79 13.65 10.93
C11 CLA DC . -12.51 14.43 11.05
C12 CLA DC . -12.68 15.79 10.44
C13 CLA DC . -11.70 16.78 11.03
C14 CLA DC . -12.31 18.14 11.14
C15 CLA DC . -10.44 16.85 10.18
C16 CLA DC . -10.74 16.49 8.75
C17 CLA DC . -9.60 16.91 7.85
C18 CLA DC . -9.82 16.39 6.44
C19 CLA DC . -11.15 15.69 6.33
C20 CLA DC . -9.76 17.54 5.46
MG CLA EC . -15.58 -7.36 -5.87
CHA CLA EC . -15.51 -10.14 -7.93
CHB CLA EC . -18.86 -7.97 -5.19
CHC CLA EC . -15.51 -4.82 -3.55
CHD CLA EC . -12.18 -6.77 -6.63
NA CLA EC . -16.95 -8.79 -6.51
C1A CLA EC . -16.72 -9.89 -7.36
C2A CLA EC . -18.00 -10.69 -7.55
C3A CLA EC . -19.08 -9.78 -6.93
C4A CLA EC . -18.26 -8.78 -6.14
CMA CLA EC . -19.90 -9.10 -8.00
CAA CLA EC . -17.86 -11.97 -6.77
CBA CLA EC . -19.04 -12.91 -6.93
CGA CLA EC . -20.14 -12.54 -6.01
O1A CLA EC . -20.11 -12.34 -4.79
O2A CLA EC . -21.34 -12.40 -6.65
NB CLA EC . -16.91 -6.57 -4.59
C1B CLA EC . -18.20 -6.98 -4.43
C2B CLA EC . -18.85 -6.22 -3.35
C3B CLA EC . -17.92 -5.32 -2.88
C4B CLA EC . -16.67 -5.52 -3.67
CMB CLA EC . -20.25 -6.45 -2.99
CAB CLA EC . -18.02 -4.31 -1.85
CBB CLA EC . -18.78 -4.40 -0.75
NC CLA EC . -14.13 -6.00 -5.26
C1C CLA EC . -14.31 -5.03 -4.32
C2C CLA EC . -13.09 -4.25 -4.15
C3C CLA EC . -12.14 -4.83 -5.00
C4C CLA EC . -12.80 -5.92 -5.69
CMC CLA EC . -12.93 -3.12 -3.25
CAC CLA EC . -10.75 -4.40 -5.20
CBC CLA EC . -10.54 -3.71 -6.52
ND CLA EC . -14.19 -8.11 -7.12
C1D CLA EC . -12.80 -7.80 -7.30
C2D CLA EC . -12.23 -8.74 -8.29
C3D CLA EC . -13.22 -9.67 -8.56
C4D CLA EC . -14.41 -9.24 -7.78
CMD CLA EC . -10.86 -8.66 -8.79
CAD CLA EC . -13.61 -10.83 -9.34
OBD CLA EC . -13.00 -11.42 -10.23
CBD CLA EC . -15.04 -11.24 -8.85
CGD CLA EC . -16.00 -11.56 -9.98
O1D CLA EC . -16.34 -10.83 -10.90
O2D CLA EC . -16.54 -12.80 -9.89
CED CLA EC . -17.45 -13.20 -10.92
C1 CLA EC . -22.46 -11.93 -5.87
C2 CLA EC . -22.50 -10.46 -6.01
C3 CLA EC . -22.79 -9.66 -4.97
C4 CLA EC . -23.11 -10.21 -3.63
C5 CLA EC . -22.84 -8.18 -5.12
C6 CLA EC . -23.86 -7.71 -6.13
C7 CLA EC . -25.26 -8.18 -5.77
C8 CLA EC . -26.25 -7.03 -5.71
C9 CLA EC . -26.57 -6.69 -4.27
C10 CLA EC . -27.53 -7.37 -6.46
C11 CLA EC . -28.56 -6.26 -6.33
C12 CLA EC . -29.57 -6.29 -7.46
C13 CLA EC . -30.54 -5.13 -7.35
MG CLA FC . -9.60 11.38 4.53
CHA CLA FC . -10.02 8.93 6.95
CHB CLA FC . -7.97 13.29 6.81
CHC CLA FC . -9.01 13.66 2.07
CHD CLA FC . -11.44 9.38 2.26
NA CLA FC . -9.13 11.16 6.56
C1A CLA FC . -9.39 10.06 7.39
C2A CLA FC . -8.89 10.32 8.81
C3A CLA FC . -8.53 11.82 8.78
C4A CLA FC . -8.51 12.13 7.28
CMA CLA FC . -9.56 12.65 9.49
CAA CLA FC . -7.67 9.47 9.11
CBA CLA FC . -7.47 9.27 10.60
CGA CLA FC . -6.55 10.32 11.12
O1A CLA FC . -6.11 11.32 10.55
O2A CLA FC . -6.18 10.11 12.43
NB CLA FC . -8.79 13.20 4.49
C1B CLA FC . -7.94 13.66 5.45
C2B CLA FC . -6.95 14.62 4.89
C3B CLA FC . -7.25 14.72 3.55
C4B CLA FC . -8.42 13.85 3.29
CMB CLA FC . -5.93 15.25 5.71
CAB CLA FC . -6.65 15.51 2.51
CBB CLA FC . -5.73 16.45 2.67
NC CLA FC . -10.17 11.52 2.54
C1C CLA FC . -9.86 12.57 1.72
C2C CLA FC . -10.47 12.39 0.40
C3C CLA FC . -11.13 11.15 0.45
C4C CLA FC . -10.95 10.62 1.80
CMC CLA FC . -10.35 13.31 -0.71
CAC CLA FC . -11.92 10.54 -0.63
CBC CLA FC . -13.31 11.12 -0.73
ND CLA FC . -10.47 9.55 4.50
C1D CLA FC . -11.23 8.86 3.52
C2D CLA FC . -11.63 7.55 4.06
C3D CLA FC . -11.14 7.50 5.36
C4D CLA FC . -10.48 8.78 5.60
CMD CLA FC . -12.37 6.53 3.32
CAD CLA FC . -10.99 6.72 6.59
OBD CLA FC . -11.21 5.53 6.79
CBD CLA FC . -10.40 7.67 7.66
CGD CLA FC . -11.39 7.97 8.75
O1D CLA FC . -12.23 8.88 8.76
O2D CLA FC . -11.32 7.14 9.82
CED CLA FC . -12.42 7.17 10.73
C1 CLA FC . -5.13 10.93 12.97
C2 CLA FC . -3.85 10.42 12.40
C3 CLA FC . -2.81 10.06 13.16
C4 CLA FC . -2.85 10.12 14.64
C5 CLA FC . -1.55 9.56 12.53
C6 CLA FC . -0.43 10.58 12.66
C7 CLA FC . 0.76 10.19 11.81
C8 CLA FC . 1.63 11.39 11.49
C9 CLA FC . 1.07 12.16 10.31
C10 CLA FC . 3.06 10.96 11.19
C11 CLA FC . 3.66 10.18 12.34
C12 CLA FC . 5.15 10.01 12.15
C13 CLA FC . 5.74 9.01 13.14
C14 CLA FC . 5.43 9.41 14.56
C15 CLA FC . 7.24 8.87 12.93
C16 CLA FC . 7.82 7.79 13.82
C17 CLA FC . 9.11 7.26 13.26
C18 CLA FC . 10.11 6.94 14.37
C19 CLA FC . 11.49 6.74 13.79
C20 CLA FC . 9.68 5.70 15.13
MG CLA GC . -32.93 2.91 -21.26
CHA CLA GC . -31.26 -0.13 -21.41
CHB CLA GC . -32.73 2.85 -17.86
CHC CLA GC . -34.57 5.93 -21.17
CHD CLA GC . -33.22 2.85 -24.78
NA CLA GC . -32.09 1.58 -19.89
C1A CLA GC . -31.44 0.37 -20.14
C2A CLA GC . -30.98 -0.28 -18.84
C3A CLA GC . -31.56 0.63 -17.74
C4A CLA GC . -32.16 1.79 -18.54
CMA CLA GC . -32.61 -0.09 -16.94
CAA CLA GC . -29.46 -0.24 -18.77
CBA CLA GC . -28.90 -1.27 -17.81
CGA CLA GC . -28.90 -2.59 -18.50
O1A CLA GC . -28.56 -2.85 -19.67
O2A CLA GC . -29.33 -3.62 -17.73
NB CLA GC . -33.57 4.13 -19.80
C1B CLA GC . -33.34 3.97 -18.47
C2B CLA GC . -33.84 5.14 -17.71
C3B CLA GC . -34.36 6.01 -18.64
C4B CLA GC . -34.20 5.39 -19.98
CMB CLA GC . -33.72 5.23 -16.25
CAB CLA GC . -34.96 7.33 -18.48
CBB CLA GC . -35.66 7.74 -17.42
NC CLA GC . -33.72 4.17 -22.73
C1C CLA GC . -34.33 5.36 -22.46
C2C CLA GC . -34.77 5.97 -23.71
C3C CLA GC . -34.41 5.10 -24.74
C4C CLA GC . -33.75 3.97 -24.11
CMC CLA GC . -35.47 7.25 -23.82
CAC CLA GC . -34.65 5.27 -26.18
CBC CLA GC . -35.90 4.57 -26.64
ND CLA GC . -32.27 1.76 -22.80
C1D CLA GC . -32.52 1.82 -24.20
C2D CLA GC . -31.96 0.62 -24.85
C3D CLA GC . -31.44 -0.15 -23.83
C4D CLA GC . -31.70 0.59 -22.58
CMD CLA GC . -31.98 0.36 -26.29
CAD CLA GC . -30.75 -1.37 -23.49
OBD CLA GC . -30.29 -2.25 -24.21
CBD CLA GC . -30.70 -1.45 -21.92
CGD CLA GC . -31.45 -2.67 -21.46
O1D CLA GC . -31.46 -3.77 -22.00
O2D CLA GC . -32.20 -2.51 -20.34
CED CLA GC . -32.21 -3.61 -19.42
C1 CLA GC . -28.85 -4.92 -18.11
C2 CLA GC . -29.90 -5.90 -17.74
C3 CLA GC . -29.70 -7.22 -17.86
C4 CLA GC . -28.42 -7.77 -18.36
C5 CLA GC . -30.76 -8.20 -17.49
C6 CLA GC . -31.52 -7.79 -16.23
C7 CLA GC . -30.71 -8.15 -15.00
C8 CLA GC . -31.54 -8.06 -13.72
C9 CLA GC . -32.93 -8.61 -13.94
C10 CLA GC . -31.62 -6.62 -13.22
MG CLA HC . -34.13 12.17 -21.81
CHA CLA HC . -34.29 11.88 -25.27
CHB CLA HC . -35.72 15.17 -22.00
CHC CLA HC . -34.04 12.35 -18.38
CHD CLA HC . -32.35 9.12 -21.69
NA CLA HC . -34.87 13.32 -23.38
C1A CLA HC . -34.85 13.03 -24.76
C2A CLA HC . -35.49 14.16 -25.56
C3A CLA HC . -35.78 15.24 -24.50
C4A CLA HC . -35.46 14.53 -23.18
CMA CLA HC . -34.89 16.44 -24.67
CAA CLA HC . -36.76 13.68 -26.26
CBA CLA HC . -37.99 13.83 -25.41
CGA CLA HC . -39.12 13.08 -26.05
O1A CLA HC . -39.35 12.92 -27.25
O2A CLA HC . -39.97 12.49 -25.16
NB CLA HC . -34.73 13.53 -20.45
C1B CLA HC . -35.45 14.64 -20.71
C2B CLA HC . -35.91 15.28 -19.45
C3B CLA HC . -35.43 14.49 -18.42
C4B CLA HC . -34.68 13.37 -19.05
CMB CLA HC . -36.70 16.51 -19.43
CAB CLA HC . -35.57 14.60 -16.99
CBB CLA HC . -35.75 15.73 -16.30
NC CLA HC . -33.34 10.94 -20.32
C1C CLA HC . -33.42 11.21 -18.98
C2C CLA HC . -32.76 10.15 -18.22
C3C CLA HC . -32.27 9.25 -19.15
C4C CLA HC . -32.63 9.75 -20.47
CMC CLA HC . -32.65 10.11 -16.76
CAC CLA HC . -31.51 8.02 -18.87
CBC CLA HC . -30.05 8.27 -18.64
ND CLA HC . -33.50 10.75 -23.11
C1D CLA HC . -32.74 9.56 -22.93
C2D CLA HC . -32.50 8.95 -24.26
C3D CLA HC . -33.11 9.77 -25.19
C4D CLA HC . -33.68 10.90 -24.42
CMD CLA HC . -31.79 7.69 -24.48
CAD CLA HC . -33.41 10.01 -26.59
OBD CLA HC . -33.18 9.29 -27.57
CBD CLA HC . -34.10 11.40 -26.69
CGD CLA HC . -33.30 12.39 -27.49
O1D CLA HC . -32.48 13.21 -27.06
O2D CLA HC . -33.52 12.34 -28.83
CED CLA HC . -32.93 13.34 -29.64
C1 CLA HC . -40.81 13.37 -24.38
C2 CLA HC . -42.22 13.03 -24.70
C3 CLA HC . -43.14 12.78 -23.76
C4 CLA HC . -44.55 12.45 -24.11
C5 CLA HC . -42.81 12.85 -22.30
C6 CLA HC . -43.38 11.68 -21.51
C7 CLA HC . -42.67 10.39 -21.83
C8 CLA HC . -42.80 9.34 -20.72
C9 CLA HC . -42.93 7.96 -21.31
C10 CLA HC . -43.97 9.63 -19.79
MG CLA IC . -30.15 22.64 -18.99
CHA CLA IC . -30.46 25.35 -16.92
CHB CLA IC . -32.54 21.02 -17.23
CHC CLA IC . -29.84 20.00 -21.11
CHD CLA IC . -27.63 24.35 -20.74
NA CLA IC . -31.30 23.14 -17.35
C1A CLA IC . -31.27 24.32 -16.63
C2A CLA IC . -32.29 24.28 -15.52
C3A CLA IC . -32.77 22.84 -15.50
C4A CLA IC . -32.19 22.28 -16.79
CMA CLA IC . -32.24 22.12 -14.32
CAA CLA IC . -33.42 25.14 -15.98
CBA CLA IC . -34.57 24.99 -15.04
CGA CLA IC . -34.45 26.19 -14.17
O1A CLA IC . -34.40 27.36 -14.56
O2A CLA IC . -34.35 25.95 -12.83
NB CLA IC . -31.07 20.88 -19.18
C1B CLA IC . -32.03 20.40 -18.37
C2B CLA IC . -32.45 19.07 -18.82
C3B CLA IC . -31.70 18.76 -19.93
C4B CLA IC . -30.80 19.91 -20.16
CMB CLA IC . -33.47 18.30 -18.12
CAB CLA IC . -31.67 17.59 -20.72
CBB CLA IC . -32.68 16.74 -20.85
NC CLA IC . -28.91 22.23 -20.60
C1C CLA IC . -28.93 21.07 -21.30
C2C CLA IC . -27.90 21.12 -22.32
C3C CLA IC . -27.31 22.37 -22.24
C4C CLA IC . -27.96 23.06 -21.16
CMC CLA IC . -27.60 20.03 -23.23
CAC CLA IC . -26.20 22.91 -23.01
CBC CLA IC . -24.93 22.89 -22.21
ND CLA IC . -29.16 24.39 -18.86
C1D CLA IC . -28.19 24.99 -19.68
C2D CLA IC . -27.91 26.34 -19.17
C3D CLA IC . -28.73 26.51 -18.09
C4D CLA IC . -29.50 25.28 -17.96
CMD CLA IC . -26.94 27.25 -19.75
CAD CLA IC . -29.14 27.38 -17.04
OBD CLA IC . -28.70 28.44 -16.70
CBD CLA IC . -30.30 26.70 -16.29
CGD CLA IC . -29.94 26.59 -14.85
O1D CLA IC . -30.66 26.53 -13.87
O2D CLA IC . -28.61 26.56 -14.63
CED CLA IC . -28.24 26.00 -13.37
C1 CLA IC . -35.24 24.99 -12.27
C2 CLA IC . -36.26 25.66 -11.43
C3 CLA IC . -36.09 26.72 -10.63
C4 CLA IC . -34.82 27.44 -10.43
C5 CLA IC . -37.29 27.19 -9.92
C6 CLA IC . -38.41 26.23 -10.24
C7 CLA IC . -39.69 26.67 -9.59
C8 CLA IC . -40.72 25.57 -9.75
C9 CLA IC . -41.05 25.38 -11.21
C10 CLA IC . -41.97 25.86 -8.94
C11 CLA IC . -42.50 27.25 -9.10
C12 CLA IC . -43.55 27.51 -8.05
C13 CLA IC . -44.02 28.94 -8.09
C14 CLA IC . -45.16 29.17 -7.13
C15 CLA IC . -44.45 29.30 -9.49
C16 CLA IC . -45.24 30.58 -9.49
C17 CLA IC . -46.41 30.43 -10.42
C18 CLA IC . -46.88 31.75 -10.98
C19 CLA IC . -46.38 31.94 -12.40
C20 CLA IC . -46.35 32.87 -10.12
MG CLA JC . -33.00 18.12 -11.75
CHA CLA JC . -32.27 15.71 -14.14
CHB CLA JC . -30.20 19.85 -12.63
CHC CLA JC . -33.85 20.52 -9.46
CHD CLA JC . -35.87 16.26 -10.83
NA CLA JC . -31.49 17.80 -13.16
C1A CLA JC . -31.37 16.75 -14.08
C2A CLA JC . -30.11 16.91 -14.93
C3A CLA JC . -29.42 18.15 -14.32
C4A CLA JC . -30.43 18.67 -13.30
CMA CLA JC . -28.13 17.78 -13.64
CAA CLA JC . -30.46 17.17 -16.39
CBA CLA JC . -29.96 16.06 -17.30
CGA CLA JC . -28.50 16.26 -17.60
O1A CLA JC . -27.97 16.56 -18.66
O2A CLA JC . -27.70 16.04 -16.52
NB CLA JC . -32.21 19.88 -11.20
C1B CLA JC . -31.04 20.40 -11.65
C2B CLA JC . -30.73 21.66 -10.91
C3B CLA JC . -31.76 21.86 -10.02
C4B CLA JC . -32.71 20.72 -10.17
CMB CLA JC . -29.53 22.46 -11.16
CAB CLA JC . -31.96 22.90 -9.05
CBB CLA JC . -33.04 23.68 -8.98
NC CLA JC . -34.57 18.33 -10.39
C1C CLA JC . -34.72 19.41 -9.55
C2C CLA JC . -35.93 19.24 -8.75
C3C CLA JC . -36.49 18.03 -9.13
C4C CLA JC . -35.64 17.47 -10.16
CMC CLA JC . -36.40 20.19 -7.73
CAC CLA JC . -37.72 17.41 -8.60
CBC CLA JC . -37.41 16.34 -7.58
ND CLA JC . -33.87 16.37 -12.26
C1D CLA JC . -35.06 15.73 -11.81
C2D CLA JC . -35.23 14.46 -12.56
C3D CLA JC . -34.19 14.41 -13.47
C4D CLA JC . -33.38 15.62 -13.25
CMD CLA JC . -36.32 13.52 -12.35
CAD CLA JC . -33.55 13.65 -14.52
OBD CLA JC . -33.85 12.55 -14.99
CBD CLA JC . -32.32 14.48 -15.02
CGD CLA JC . -31.05 13.69 -14.95
O1D CLA JC . -30.49 13.07 -15.85
O2D CLA JC . -30.47 13.68 -13.70
CED CLA JC . -29.65 12.56 -13.37
C1 CLA JC . -26.91 14.83 -16.52
C2 CLA JC . -26.43 14.62 -15.13
C3 CLA JC . -25.14 14.50 -14.81
C4 CLA JC . -24.07 14.56 -15.84
C5 CLA JC . -24.70 14.29 -13.41
C6 CLA JC . -25.82 13.79 -12.52
C7 CLA JC . -26.37 14.88 -11.63
C8 CLA JC . -26.18 14.58 -10.15
C9 CLA JC . -26.37 13.11 -9.85
C10 CLA JC . -27.14 15.40 -9.30
C11 CLA JC . -26.54 16.72 -8.87
C12 CLA JC . -27.51 17.55 -8.06
C13 CLA JC . -28.60 18.16 -8.93
C14 CLA JC . -28.54 19.67 -8.89
C15 CLA JC . -29.99 17.68 -8.52
C16 CLA JC . -30.54 16.69 -9.52
C17 CLA JC . -31.88 16.12 -9.07
C18 CLA JC . -31.87 14.60 -9.04
C19 CLA JC . -31.24 14.02 -10.28
C20 CLA JC . -33.27 14.07 -8.87
MG CLA KC . -47.92 9.49 -4.84
CHA CLA KC . -49.17 6.83 -3.01
CHB CLA KC . -44.75 8.54 -4.08
CHC CLA KC . -46.74 12.11 -6.73
CHD CLA KC . -51.24 10.47 -5.58
NA CLA KC . -47.11 7.92 -3.72
C1A CLA KC . -47.80 6.90 -3.05
C2A CLA KC . -46.83 5.95 -2.37
C3A CLA KC . -45.43 6.55 -2.68
C4A CLA KC . -45.77 7.76 -3.56
CMA CLA KC . -44.70 6.95 -1.43
CAA CLA KC . -46.93 4.57 -2.98
CBA CLA KC . -46.72 4.63 -4.48
CGA CLA KC . -46.94 3.29 -5.11
O1A CLA KC . -46.79 2.17 -4.61
O2A CLA KC . -47.35 3.37 -6.41
NB CLA KC . -46.09 10.17 -5.35
C1B CLA KC . -44.92 9.68 -4.87
C2B CLA KC . -43.79 10.53 -5.34
C3B CLA KC . -44.34 11.54 -6.08
C4B CLA KC . -45.81 11.32 -6.10
CMB CLA KC . -42.40 10.26 -4.98
CAB CLA KC . -43.70 12.65 -6.75
CBB CLA KC . -43.71 12.86 -8.08
NC CLA KC . -48.84 11.01 -5.95
C1C CLA KC . -48.16 11.97 -6.65
C2C CLA KC . -49.10 12.85 -7.33
C3C CLA KC . -50.38 12.40 -7.00
C4C CLA KC . -50.21 11.24 -6.12
CMC CLA KC . -48.74 13.98 -8.19
CAC CLA KC . -51.66 12.96 -7.44
CBC CLA KC . -52.27 12.15 -8.56
ND CLA KC . -49.80 8.89 -4.39
C1D CLA KC . -51.08 9.36 -4.77
C2D CLA KC . -52.12 8.51 -4.17
C3D CLA KC . -51.44 7.52 -3.48
C4D CLA KC . -50.00 7.80 -3.66
CMD CLA KC . -53.56 8.71 -4.30
CAD CLA KC . -51.56 6.34 -2.64
OBD CLA KC . -52.56 5.77 -2.21
CBD CLA KC . -50.11 5.85 -2.35
CGD CLA KC . -49.84 5.76 -0.87
O1D CLA KC . -49.06 6.44 -0.20
O2D CLA KC . -50.57 4.79 -0.24
CED CLA KC . -50.75 4.92 1.17
C1 CLA KC . -47.13 2.20 -7.23
C2 CLA KC . -47.32 2.63 -8.64
C3 CLA KC . -47.21 1.79 -9.68
C4 CLA KC . -46.90 0.35 -9.51
C5 CLA KC . -47.40 2.27 -11.08
C6 CLA KC . -46.25 1.89 -11.99
MG CLA LC . -39.48 8.86 1.48
CHA CLA LC . -40.03 12.28 1.57
CHB CLA LC . -41.18 8.66 -1.46
CHC CLA LC . -38.68 5.53 1.30
CHD CLA LC . -37.76 9.12 4.56
NA CLA LC . -40.45 10.25 0.28
C1A CLA LC . -40.55 11.64 0.48
C2A CLA LC . -41.32 12.28 -0.67
C3A CLA LC . -41.86 11.09 -1.47
C4A CLA LC . -41.10 9.90 -0.87
CMA CLA LC . -43.36 10.94 -1.31
CAA CLA LC . -40.32 13.08 -1.48
CBA CLA LC . -39.93 12.41 -2.79
CGA CLA LC . -38.47 12.65 -3.04
O1A CLA LC . -37.58 12.73 -2.20
O2A CLA LC . -38.14 12.80 -4.36
NB CLA LC . -39.85 7.38 0.17
C1B CLA LC . -40.55 7.49 -0.99
C2B CLA LC . -40.60 6.18 -1.68
C3B CLA LC . -39.90 5.29 -0.91
C4B CLA LC . -39.41 6.05 0.28
CMB CLA LC . -41.31 6.01 -2.96
CAB CLA LC . -39.61 3.89 -1.07
CBB CLA LC . -40.13 3.04 -1.96
NC CLA LC . -38.44 7.56 2.74
C1C CLA LC . -38.24 6.23 2.47
C2C CLA LC . -37.46 5.63 3.55
C3C CLA LC . -37.20 6.63 4.47
C4C CLA LC . -37.82 7.86 3.95
CMC CLA LC . -37.06 4.21 3.61
CAC CLA LC . -36.44 6.53 5.73
CBC CLA LC . -37.36 6.33 6.92
ND CLA LC . -39.05 10.29 2.84
C1D CLA LC . -38.32 10.27 4.05
C2D CLA LC . -38.27 11.64 4.62
C3D CLA LC . -38.91 12.46 3.70
C4D CLA LC . -39.37 11.57 2.61
CMD CLA LC . -37.63 12.00 5.89
CAD CLA LC . -39.35 13.80 3.38
OBD CLA LC . -39.23 14.83 4.04
CBD CLA LC . -40.03 13.74 1.98
CGD CLA LC . -41.41 14.37 2.01
O1D CLA LC . -41.67 15.57 2.08
O2D CLA LC . -42.43 13.48 1.95
CED CLA LC . -43.76 14.02 1.94
C1 CLA LC . -37.26 11.81 -4.95
C2 CLA LC . -35.87 12.11 -4.53
C3 CLA LC . -34.80 11.51 -5.09
C4 CLA LC . -34.94 10.52 -6.19
C5 CLA LC . -33.42 11.85 -4.65
C6 CLA LC . -32.70 10.66 -4.02
C7 CLA LC . -31.32 11.06 -3.54
C8 CLA LC . -31.15 10.80 -2.05
C9 CLA LC . -31.37 12.06 -1.25
C10 CLA LC . -29.78 10.21 -1.75
C11 CLA LC . -29.67 9.79 -0.30
C12 CLA LC . -29.34 8.31 -0.18
C13 CLA LC . -30.59 7.46 -0.22
C14 CLA LC . -31.33 7.54 1.09
C15 CLA LC . -30.30 6.00 -0.57
C16 CLA LC . -28.82 5.66 -0.49
C17 CLA LC . -28.58 4.33 0.20
C18 CLA LC . -29.12 3.17 -0.61
C19 CLA LC . -28.15 2.78 -1.71
C20 CLA LC . -29.41 1.98 0.27
MG CLA MC . -40.86 -1.35 0.86
CHA CLA MC . -43.20 1.09 0.05
CHB CLA MC . -42.46 -3.56 -1.16
CHC CLA MC . -38.55 -3.74 1.75
CHD CLA MC . -39.31 0.94 3.06
NA CLA MC . -42.54 -1.21 -0.38
C1A CLA MC . -43.37 -0.11 -0.59
C2A CLA MC . -44.49 -0.46 -1.57
C3A CLA MC . -44.20 -1.92 -1.97
C4A CLA MC . -42.97 -2.28 -1.12
CMA CLA MC . -45.36 -2.83 -1.68
CAA CLA MC . -44.53 0.43 -2.80
CBA CLA MC . -43.15 0.73 -3.36
CGA CLA MC . -43.11 2.16 -3.79
O1A CLA MC . -43.04 3.16 -3.08
O2A CLA MC . -43.17 2.34 -5.14
NB CLA MC . -40.52 -3.26 0.32
C1B CLA MC . -41.37 -4.02 -0.42
C2B CLA MC . -40.97 -5.46 -0.32
C3B CLA MC . -39.87 -5.52 0.49
C4B CLA MC . -39.56 -4.12 0.92
CMB CLA MC . -41.69 -6.54 -1.00
CAB CLA MC . -39.08 -6.64 0.93
CBB CLA MC . -38.52 -7.55 0.13
NC CLA MC . -39.20 -1.36 2.13
C1C CLA MC . -38.37 -2.45 2.32
C2C CLA MC . -37.29 -2.10 3.22
C3C CLA MC . -37.53 -0.78 3.65
C4C CLA MC . -38.73 -0.34 2.95
CMC CLA MC . -36.21 -3.00 3.63
CAC CLA MC . -36.70 0.01 4.56
CBC CLA MC . -35.61 0.75 3.84
ND CLA MC . -41.12 0.56 1.47
C1D CLA MC . -40.42 1.37 2.39
C2D CLA MC . -41.10 2.69 2.48
C3D CLA MC . -42.14 2.64 1.59
C4D CLA MC . -42.12 1.30 0.99
CMD CLA MC . -40.66 3.77 3.35
CAD CLA MC . -43.27 3.37 1.02
OBD CLA MC . -43.65 4.51 1.22
CBD CLA MC . -43.98 2.39 0.03
CGD CLA MC . -45.42 2.21 0.38
O1D CLA MC . -45.94 1.24 0.96
O2D CLA MC . -46.21 3.25 0.01
CED CLA MC . -47.41 3.47 0.75
C1 CLA MC . -42.83 3.65 -5.60
C2 CLA MC . -43.80 4.04 -6.65
C3 CLA MC . -43.94 5.32 -7.07
C4 CLA MC . -43.11 6.41 -6.50
C5 CLA MC . -44.91 5.68 -8.12
C6 CLA MC . -44.25 6.30 -9.33
C7 CLA MC . -44.31 5.36 -10.51
C8 CLA MC . -44.56 6.09 -11.83
C9 CLA MC . -44.57 5.12 -12.99
C10 CLA MC . -43.52 7.19 -12.05
C11 CLA MC . -43.65 7.80 -13.42
C12 CLA MC . -43.03 9.19 -13.48
C13 CLA MC . -42.89 9.66 -14.93
C14 CLA MC . -41.73 8.98 -15.61
C15 CLA MC . -42.73 11.18 -15.01
C16 CLA MC . -43.96 11.81 -15.64
C17 CLA MC . -43.62 12.51 -16.94
C18 CLA MC . -42.90 13.83 -16.70
C19 CLA MC . -43.90 14.94 -16.42
C20 CLA MC . -42.05 14.19 -17.91
MG CLA NC . -44.66 30.55 -25.03
CHA CLA NC . -45.59 31.77 -28.15
CHB CLA NC . -41.79 32.36 -25.17
CHC CLA NC . -43.90 29.47 -21.86
CHD CLA NC . -47.62 28.59 -24.98
NA CLA NC . -43.84 31.84 -26.45
C1A CLA NC . -44.38 32.24 -27.67
C2A CLA NC . -43.45 33.20 -28.40
C3A CLA NC . -42.19 33.23 -27.50
C4A CLA NC . -42.62 32.44 -26.27
CMA CLA NC . -41.01 32.62 -28.20
CAA CLA NC . -44.07 34.58 -28.48
CBA CLA NC . -44.68 34.98 -27.15
CGA CLA NC . -44.78 36.48 -27.04
O1A CLA NC . -44.43 37.34 -27.85
O2A CLA NC . -45.33 36.87 -25.86
NB CLA NC . -43.14 30.86 -23.75
C1B CLA NC . -42.06 31.65 -23.98
C2B CLA NC . -41.16 31.63 -22.80
C3B CLA NC . -41.75 30.82 -21.85
C4B CLA NC . -43.02 30.31 -22.45
CMB CLA NC . -39.90 32.38 -22.75
CAB CLA NC . -41.31 30.44 -20.54
CBB CLA NC . -40.06 30.16 -20.18
NC CLA NC . -45.59 29.25 -23.68
C1C CLA NC . -45.10 28.96 -22.44
C2C CLA NC . -46.01 28.05 -21.75
C3C CLA NC . -47.06 27.78 -22.63
C4C CLA NC . -46.78 28.54 -23.85
CMC CLA NC . -45.81 27.54 -20.39
CAC CLA NC . -48.22 26.91 -22.40
CBC CLA NC . -49.45 27.70 -22.02
ND CLA NC . -46.23 30.17 -26.25
C1D CLA NC . -47.38 29.35 -26.11
C2D CLA NC . -48.22 29.48 -27.32
C3D CLA NC . -47.59 30.42 -28.12
C4D CLA NC . -46.35 30.81 -27.41
CMD CLA NC . -49.48 28.77 -27.54
CAD CLA NC . -47.62 31.13 -29.38
OBD CLA NC . -48.45 31.09 -30.29
CBD CLA NC . -46.34 32.04 -29.42
CGD CLA NC . -45.49 31.78 -30.64
O1D CLA NC . -45.23 30.69 -31.15
O2D CLA NC . -44.97 32.91 -31.20
CED CLA NC . -45.26 33.16 -32.57
C1 CLA NC . -46.73 37.24 -25.89
C2 CLA NC . -47.25 37.08 -24.51
C3 CLA NC . -48.57 37.13 -24.22
C4 CLA NC . -49.59 37.34 -25.27
C5 CLA NC . -49.05 36.96 -22.82
C6 CLA NC . -50.00 35.78 -22.69
C7 CLA NC . -50.13 35.35 -21.24
C8 CLA NC . -50.74 33.97 -21.11
C9 CLA NC . -52.12 33.93 -21.75
C10 CLA NC . -50.83 33.54 -19.66
C11 CLA NC . -50.12 32.23 -19.41
MG CLA OC . -40.53 15.11 -28.77
CHA CLA OC . -37.47 14.81 -30.35
CHB CLA OC . -41.84 12.76 -30.85
CHC CLA OC . -43.45 15.23 -26.98
CHD CLA OC . -39.14 17.57 -26.65
NA CLA OC . -39.76 14.00 -30.37
C1A CLA OC . -38.45 14.01 -30.85
C2A CLA OC . -38.30 13.02 -32.00
C3A CLA OC . -39.75 12.54 -32.26
C4A CLA OC . -40.52 13.12 -31.08
CMA CLA OC . -40.26 13.05 -33.58
CAA CLA OC . -37.47 11.84 -31.50
CBA CLA OC . -37.86 11.45 -30.08
CGA CLA OC . -37.11 10.26 -29.56
O1A CLA OC . -36.63 9.31 -30.18
O2A CLA OC . -36.94 10.29 -28.20
NB CLA OC . -42.32 14.19 -28.91
C1B CLA OC . -42.65 13.23 -29.81
C2B CLA OC . -44.03 12.73 -29.55
C3B CLA OC . -44.50 13.44 -28.45
C4B CLA OC . -43.41 14.38 -28.04
CMB CLA OC . -44.67 11.69 -30.35
CAB CLA OC . -45.76 13.38 -27.75
CBB CLA OC . -46.45 12.26 -27.49
NC CLA OC . -41.17 16.22 -27.13
C1C CLA OC . -42.41 16.09 -26.54
C2C CLA OC . -42.51 16.98 -25.39
C3C CLA OC . -41.30 17.66 -25.31
C4C CLA OC . -40.46 17.17 -26.40
CMC CLA OC . -43.68 17.09 -24.52
CAC CLA OC . -40.90 18.64 -24.29
CBC CLA OC . -40.13 17.99 -23.16
ND CLA OC . -38.76 16.05 -28.53
C1D CLA OC . -38.32 17.06 -27.64
C2D CLA OC . -36.92 17.41 -27.94
C3D CLA OC . -36.52 16.54 -28.96
C4D CLA OC . -37.71 15.73 -29.29
CMD CLA OC . -36.12 18.43 -27.26
CAD CLA OC . -35.45 16.14 -29.85
OBD CLA OC . -34.30 16.55 -29.92
CBD CLA OC . -36.03 15.02 -30.77
CGD CLA OC . -35.89 15.36 -32.22
O1D CLA OC . -36.78 15.46 -33.07
O2D CLA OC . -34.60 15.61 -32.63
CED CLA OC . -33.96 14.64 -33.43
C1 CLA OC . -37.93 9.61 -27.39
C2 CLA OC . -37.55 9.88 -25.97
C3 CLA OC . -38.24 9.46 -24.90
C4 CLA OC . -39.48 8.66 -25.01
C5 CLA OC . -37.76 9.80 -23.53
C6 CLA OC . -38.74 10.60 -22.69
C7 CLA OC . -37.95 11.41 -21.68
C8 CLA OC . -38.81 11.86 -20.51
C9 CLA OC . -39.23 13.31 -20.67
C10 CLA OC . -38.05 11.68 -19.20
C11 CLA OC . -38.98 11.63 -18.01
C12 CLA OC . -38.52 10.63 -16.97
C13 CLA OC . -38.71 11.17 -15.57
C14 CLA OC . -37.96 12.48 -15.38
C15 CLA OC . -38.27 10.15 -14.52
C16 CLA OC . -36.79 9.86 -14.63
C17 CLA OC . -36.35 8.78 -13.66
MG CLA PC . -42.04 41.44 -23.00
CHA CLA PC . -40.55 39.92 -25.74
CHB CLA PC . -40.72 44.42 -23.94
CHC CLA PC . -43.58 42.89 -20.29
CHD CLA PC . -43.31 38.28 -22.02
NA CLA PC . -40.84 42.05 -24.60
C1A CLA PC . -40.33 41.27 -25.64
C2A CLA PC . -39.51 42.11 -26.61
C3A CLA PC . -39.51 43.53 -25.96
C4A CLA PC . -40.44 43.34 -24.75
CMA CLA PC . -38.13 43.97 -25.57
CAA CLA PC . -40.20 42.16 -27.97
CBA CLA PC . -41.64 42.63 -27.88
CGA CLA PC . -42.60 41.48 -27.79
O1A CLA PC . -42.91 40.65 -28.65
O2A CLA PC . -43.17 41.38 -26.54
NB CLA PC . -42.12 43.30 -22.25
C1B CLA PC . -41.54 44.40 -22.80
C2B CLA PC . -41.89 45.60 -22.00
C3B CLA PC . -42.70 45.19 -20.97
C4B CLA PC . -42.86 43.71 -21.11
CMB CLA PC . -41.42 46.95 -22.34
CAB CLA PC . -43.30 45.96 -19.91
CBB CLA PC . -44.60 45.98 -19.60
NC CLA PC . -43.23 40.71 -21.45
C1C CLA PC . -43.76 41.49 -20.46
C2C CLA PC . -44.54 40.66 -19.55
C3C CLA PC . -44.46 39.35 -20.02
C4C CLA PC . -43.63 39.39 -21.22
CMC CLA PC . -45.26 41.15 -18.37
CAC CLA PC . -45.09 38.14 -19.45
CBC CLA PC . -46.32 37.73 -20.21
ND CLA PC . -42.01 39.53 -23.68
C1D CLA PC . -42.55 38.32 -23.17
C2D CLA PC . -42.16 37.21 -24.07
C3D CLA PC . -41.40 37.76 -25.08
C4D CLA PC . -41.32 39.21 -24.78
CMD CLA PC . -42.54 35.81 -23.87
CAD CLA PC . -40.64 37.52 -26.29
OBD CLA PC . -40.45 36.47 -26.90
CBD CLA PC . -40.05 38.90 -26.74
CGD CLA PC . -38.55 38.88 -26.82
O1D CLA PC . -37.75 39.32 -25.99
O2D CLA PC . -38.05 38.32 -27.96
CED CLA PC . -36.70 38.62 -28.31
C1 CLA PC . -44.47 40.74 -26.44
C2 CLA PC . -44.93 40.98 -25.05
C3 CLA PC . -46.22 41.09 -24.70
C4 CLA PC . -47.31 41.01 -25.69
C5 CLA PC . -46.60 41.32 -23.28
C6 CLA PC . -47.94 40.70 -22.89
C7 CLA PC . -48.26 40.98 -21.44
C8 CLA PC . -49.72 40.70 -21.11
C9 CLA PC . -49.86 40.23 -19.68
MG CLA QC . -37.96 33.34 -19.83
CHA CLA QC . -36.50 30.30 -19.04
CHB CLA QC . -39.69 33.26 -16.90
CHC CLA QC . -39.27 36.42 -20.58
CHD CLA QC . -36.13 33.37 -22.85
NA CLA QC . -38.07 31.98 -18.26
C1A CLA QC . -37.37 30.78 -18.10
C2A CLA QC . -37.74 30.08 -16.80
C3A CLA QC . -38.84 31.00 -16.20
C4A CLA QC . -38.88 32.17 -17.16
CMA CLA QC . -40.16 30.28 -16.16
CAA CLA QC . -36.55 30.02 -15.85
CBA CLA QC . -36.70 28.88 -14.88
CGA CLA QC . -37.11 29.40 -13.54
O1A CLA QC . -36.62 30.33 -12.88
O2A CLA QC . -38.18 28.73 -13.01
NB CLA QC . -39.21 34.61 -18.90
C1B CLA QC . -39.84 34.39 -17.72
C2B CLA QC . -40.76 35.52 -17.40
C3B CLA QC . -40.65 36.42 -18.44
C4B CLA QC . -39.67 35.85 -19.41
CMB CLA QC . -41.58 35.56 -16.19
CAB CLA QC . -41.30 37.68 -18.66
CBB CLA QC . -41.54 38.61 -17.73
NC CLA QC . -37.74 34.65 -21.44
C1C CLA QC . -38.37 35.85 -21.54
C2C CLA QC . -37.98 36.52 -22.78
C3C CLA QC . -37.09 35.67 -23.43
C4C CLA QC . -36.94 34.49 -22.58
CMC CLA QC . -38.47 37.82 -23.22
CAC CLA QC . -36.43 35.91 -24.72
CBC CLA QC . -35.01 36.42 -24.58
ND CLA QC . -36.67 32.13 -20.82
C1D CLA QC . -36.00 32.26 -22.06
C2D CLA QC . -35.17 31.04 -22.28
C3D CLA QC . -35.33 30.26 -21.15
C4D CLA QC . -36.25 30.99 -20.27
CMD CLA QC . -34.36 30.76 -23.46
CAD CLA QC . -34.98 29.02 -20.50
OBD CLA QC . -34.28 28.09 -20.90
CBD CLA QC . -35.69 29.02 -19.10
CGD CLA QC . -36.55 27.80 -18.91
O1D CLA QC . -36.73 27.16 -17.87
O2D CLA QC . -37.19 27.41 -20.04
CED CLA QC . -38.49 26.85 -19.90
C1 CLA QC . -39.25 29.53 -12.48
C2 CLA QC . -40.51 28.91 -12.95
C3 CLA QC . -41.72 29.40 -12.63
C4 CLA QC . -41.89 30.61 -11.79
C5 CLA QC . -42.96 28.74 -13.13
C6 CLA QC . -44.00 29.69 -13.69
C7 CLA QC . -43.50 30.38 -14.94
C8 CLA QC . -44.55 30.40 -16.04
C9 CLA QC . -44.22 29.36 -17.10
C10 CLA QC . -44.67 31.78 -16.66
C11 CLA QC . -43.74 32.00 -17.85
C12 CLA QC . -43.94 33.35 -18.47
C13 CLA QC . -44.03 33.25 -19.99
C14 CLA QC . -42.87 33.99 -20.64
C15 CLA QC . -45.35 33.80 -20.51
C16 CLA QC . -45.58 33.42 -21.97
C17 CLA QC . -46.91 32.73 -22.15
C18 CLA QC . -47.19 32.39 -23.61
C19 CLA QC . -46.79 33.53 -24.53
C20 CLA QC . -48.64 32.04 -23.82
MG CLA RC . -51.77 33.38 -3.39
CHA CLA RC . -53.85 31.08 -1.85
CHB CLA RC . -49.31 31.04 -3.56
CHC CLA RC . -49.77 35.68 -4.97
CHD CLA RC . -54.34 35.81 -3.12
NA CLA RC . -51.63 31.39 -2.79
C1A CLA RC . -52.60 30.60 -2.16
C2A CLA RC . -52.08 29.20 -1.88
C3A CLA RC . -50.61 29.25 -2.36
C4A CLA RC . -50.49 30.65 -2.96
CMA CLA RC . -49.65 29.04 -1.23
CAA CLA RC . -52.87 28.13 -2.65
CBA CLA RC . -52.62 28.17 -4.14
CGA CLA RC . -53.64 27.34 -4.84
O1A CLA RC . -54.64 26.80 -4.36
O2A CLA RC . -53.41 27.21 -6.18
NB CLA RC . -49.89 33.37 -4.11
C1B CLA RC . -49.07 32.29 -4.14
C2B CLA RC . -47.81 32.64 -4.87
C3B CLA RC . -47.93 33.95 -5.27
C4B CLA RC . -49.25 34.43 -4.79
CMB CLA RC . -46.73 31.68 -5.05
CAB CLA RC . -47.03 34.80 -6.00
CBB CLA RC . -45.69 34.79 -5.92
NC CLA RC . -52.02 35.38 -3.93
C1C CLA RC . -51.05 36.13 -4.57
C2C CLA RC . -51.56 37.49 -4.79
C3C CLA RC . -52.85 37.53 -4.26
C4C CLA RC . -53.13 36.20 -3.74
CMC CLA RC . -50.80 38.56 -5.43
CAC CLA RC . -53.77 38.68 -4.25
CBC CLA RC . -53.59 39.53 -3.01
ND CLA RC . -53.66 33.49 -2.68
C1D CLA RC . -54.61 34.55 -2.63
C2D CLA RC . -55.85 34.06 -1.99
C3D CLA RC . -55.62 32.72 -1.68
C4D CLA RC . -54.24 32.43 -2.12
CMD CLA RC . -57.06 34.85 -1.79
CAD CLA RC . -56.17 31.51 -1.10
OBD CLA RC . -57.28 31.29 -0.64
CBD CLA RC . -55.03 30.43 -1.17
CGD CLA RC . -54.67 29.90 0.19
O1D CLA RC . -54.86 28.76 0.64
O2D CLA RC . -54.07 30.82 1.00
CED CLA RC . -53.37 30.33 2.14
MG CLA SC . -52.28 45.26 -2.33
CHA CLA SC . -55.38 46.50 -1.36
CHB CLA SC . -53.80 43.37 -4.72
CHC CLA SC . -49.20 44.12 -3.29
CHD CLA SC . -50.78 47.20 0.22
NA CLA SC . -54.27 45.01 -2.93
C1A CLA SC . -55.41 45.62 -2.40
C2A CLA SC . -56.67 45.16 -3.14
C3A CLA SC . -56.14 44.09 -4.13
C4A CLA SC . -54.63 44.15 -3.94
CMA CLA SC . -56.70 42.72 -3.83
CAA CLA SC . -57.29 46.31 -3.89
CBA CLA SC . -56.31 46.88 -4.88
CGA CLA SC . -56.64 48.30 -5.25
O1A CLA SC . -57.62 48.98 -4.91
O2A CLA SC . -55.70 48.88 -6.06
NB CLA SC . -51.63 43.98 -3.73
C1B CLA SC . -52.40 43.33 -4.63
C2B CLA SC . -51.54 42.52 -5.55
C3B CLA SC . -50.24 42.72 -5.15
C4B CLA SC . -50.27 43.66 -3.99
CMB CLA SC . -52.11 41.72 -6.63
CAB CLA SC . -49.00 42.20 -5.67
CBB CLA SC . -48.74 41.88 -6.94
NC CLA SC . -50.34 45.61 -1.65
C1C CLA SC . -49.23 45.03 -2.20
C2C CLA SC . -48.04 45.50 -1.49
C3C CLA SC . -48.47 46.37 -0.50
C4C CLA SC . -49.93 46.43 -0.60
CMC CLA SC . -46.67 45.08 -1.83
CAC CLA SC . -47.66 47.11 0.48
CBC CLA SC . -47.54 48.57 0.15
ND CLA SC . -52.87 46.57 -0.90
C1D CLA SC . -52.14 47.28 0.10
C2D CLA SC . -53.09 48.06 0.92
C3D CLA SC . -54.35 47.80 0.40
C4D CLA SC . -54.14 46.87 -0.72
CMD CLA SC . -52.72 48.93 2.04
CAD CLA SC . -55.78 48.06 0.50
OBD CLA SC . -56.39 48.78 1.29
CBD CLA SC . -56.47 47.22 -0.61
CGD CLA SC . -57.47 46.24 -0.05
O1D CLA SC . -58.63 46.04 -0.44
O2D CLA SC . -57.01 45.50 0.99
CED CLA SC . -57.79 44.39 1.42
C1 CLA SC . -56.17 49.56 -7.22
C2 CLA SC . -55.42 49.00 -8.37
C3 CLA SC . -54.70 49.75 -9.21
C4 CLA SC . -54.58 51.23 -9.05
C5 CLA SC . -53.96 49.14 -10.36
MG CLA TC . -60.19 31.75 -4.01
CHA CLA TC . -61.88 28.92 -2.90
CHB CLA TC . -57.38 29.89 -4.48
CHC CLA TC . -58.60 34.55 -5.20
CHD CLA TC . -63.18 33.61 -3.63
NA CLA TC . -59.73 29.73 -3.71
C1A CLA TC . -60.58 28.71 -3.25
C2A CLA TC . -59.84 27.37 -3.19
C3A CLA TC . -58.40 27.73 -3.63
C4A CLA TC . -58.49 29.22 -3.97
CMA CLA TC . -57.38 27.45 -2.55
CAA CLA TC . -60.44 26.40 -4.18
CBA CLA TC . -60.88 27.10 -5.45
CGA CLA TC . -60.34 26.41 -6.67
O1A CLA TC . -60.92 25.63 -7.44
O2A CLA TC . -59.03 26.71 -6.91
NB CLA TC . -58.36 32.14 -4.73
C1B CLA TC . -57.33 31.25 -4.82
C2B CLA TC . -56.11 31.93 -5.30
C3B CLA TC . -56.44 33.25 -5.51
C4B CLA TC . -57.88 33.41 -5.14
CMB CLA TC . -54.83 31.25 -5.48
CAB CLA TC . -55.61 34.34 -5.97
CBB CLA TC . -55.86 35.11 -7.03
NC CLA TC . -60.79 33.73 -4.32
C1C CLA TC . -59.96 34.71 -4.80
C2C CLA TC . -60.70 35.97 -4.90
C3C CLA TC . -62.00 35.71 -4.47
C4C CLA TC . -62.04 34.30 -4.12
CMC CLA TC . -60.13 37.24 -5.36
CAC CLA TC . -63.13 36.66 -4.38
CBC CLA TC . -64.13 36.45 -5.48
ND CLA TC . -62.08 31.45 -3.32
C1D CLA TC . -63.21 32.29 -3.25
C2D CLA TC . -64.36 31.52 -2.73
C3D CLA TC . -63.90 30.23 -2.53
C4D CLA TC . -62.48 30.23 -2.96
CMD CLA TC . -65.69 32.07 -2.47
CAD CLA TC . -64.22 28.89 -2.09
OBD CLA TC . -65.25 28.46 -1.56
CBD CLA TC . -62.98 27.99 -2.39
CGD CLA TC . -62.55 27.17 -1.21
O1D CLA TC . -63.01 26.09 -0.83
O2D CLA TC . -61.54 27.72 -0.48
CED CLA TC . -60.86 26.88 0.46
MG CLA UC . -39.16 50.96 2.79
CHA CLA UC . -38.59 51.83 6.12
CHB CLA UC . -42.50 51.40 3.27
CHC CLA UC . -39.66 50.23 -0.51
CHD CLA UC . -35.67 50.52 2.37
NA CLA UC . -40.33 51.51 4.44
C1A CLA UC . -39.90 51.84 5.73
C2A CLA UC . -41.10 52.20 6.62
C3A CLA UC . -42.32 51.97 5.71
C4A CLA UC . -41.69 51.61 4.36
CMA CLA UC . -43.25 50.90 6.23
CAA CLA UC . -41.03 53.65 7.07
CBA CLA UC . -41.57 54.61 6.04
CGA CLA UC . -40.56 54.93 4.98
O1A CLA UC . -40.31 54.31 3.95
O2A CLA UC . -39.87 56.08 5.25
NB CLA UC . -40.78 50.78 1.61
C1B CLA UC . -42.05 51.09 1.98
C2B CLA UC . -42.94 51.10 0.77
C3B CLA UC . -42.15 50.77 -0.31
C4B CLA UC . -40.76 50.57 0.21
CMB CLA UC . -44.36 51.39 0.84
CAB CLA UC . -42.58 50.67 -1.69
CBB CLA UC . -41.83 50.81 -2.78
NC CLA UC . -37.89 50.43 1.23
C1C CLA UC . -38.31 50.15 -0.05
C2C CLA UC . -37.16 49.80 -0.88
C3C CLA UC . -36.03 49.92 -0.07
C4C CLA UC . -36.50 50.31 1.25
CMC CLA UC . -37.23 49.46 -2.29
CAC CLA UC . -34.63 49.69 -0.47
CBC CLA UC . -34.03 48.44 0.13
ND CLA UC . -37.49 51.11 3.92
C1D CLA UC . -36.11 50.89 3.62
C2D CLA UC . -35.31 51.16 4.83
C3D CLA UC . -36.20 51.53 5.82
C4D CLA UC . -37.55 51.48 5.20
CMD CLA UC . -33.85 51.03 4.90
CAD CLA UC . -36.38 51.94 7.20
OBD CLA UC . -35.53 52.13 8.07
CBD CLA UC . -37.90 52.16 7.44
CGD CLA UC . -38.41 51.35 8.61
O1D CLA UC . -38.06 51.46 9.78
O2D CLA UC . -39.34 50.41 8.31
CED CLA UC . -40.32 50.12 9.31
C1 CLA UC . -40.64 57.30 5.21
C2 CLA UC . -41.19 57.42 3.85
C3 CLA UC . -40.50 57.96 2.83
C4 CLA UC . -39.11 58.49 3.00
C5 CLA UC . -41.10 58.07 1.47
C6 CLA UC . -40.15 57.63 0.37
C7 CLA UC . -40.75 57.87 -0.99
C8 CLA UC . -39.80 57.56 -2.14
C9 CLA UC . -38.42 58.12 -1.86
C10 CLA UC . -40.34 58.12 -3.45
C11 CLA UC . -39.55 57.61 -4.64
MG CLA VC . -33.41 41.40 3.49
CHA CLA VC . -32.70 38.30 4.88
CHB CLA VC . -35.76 41.94 5.89
CHC CLA VC . -34.08 44.44 2.06
CHD CLA VC . -30.90 40.82 1.05
NA CLA VC . -34.11 40.28 5.11
C1A CLA VC . -33.68 39.01 5.52
C2A CLA VC . -34.46 38.56 6.76
C3A CLA VC . -35.47 39.70 7.00
C4A CLA VC . -35.11 40.73 5.93
CMA CLA VC . -36.90 39.22 6.83
CAA CLA VC . -33.54 38.42 7.95
CBA CLA VC . -34.03 39.16 9.18
CGA CLA VC . -33.36 40.49 9.29
O1A CLA VC . -33.23 41.21 10.28
O2A CLA VC . -32.84 40.94 8.11
NB CLA VC . -34.68 42.91 3.90
C1B CLA VC . -35.54 42.96 4.95
C2B CLA VC . -36.27 44.26 4.94
C3B CLA VC . -35.80 44.97 3.87
C4B CLA VC . -34.79 44.12 3.18
CMB CLA VC . -37.27 44.62 5.95
CAB CLA VC . -36.16 46.28 3.41
CBB CLA VC . -35.33 47.31 3.29
NC CLA VC . -32.63 42.43 1.84
C1C CLA VC . -33.07 43.66 1.42
C2C CLA VC . -32.33 44.06 0.23
C3C CLA VC . -31.41 43.05 -0.04
C4C CLA VC . -31.61 42.03 0.98
CMC CLA VC . -32.53 45.31 -0.51
CAC CLA VC . -30.42 43.03 -1.15
CBC CLA VC . -30.72 42.05 -2.25
ND CLA VC . -32.10 39.94 3.00
C1D CLA VC . -31.11 39.83 1.99
C2D CLA VC . -30.43 38.54 2.12
C3D CLA VC . -31.01 37.90 3.20
C4D CLA VC . -32.03 38.82 3.73
CMD CLA VC . -29.36 38.07 1.23
CAD CLA VC . -31.01 36.72 4.04
OBD CLA VC . -30.34 35.70 3.95
CBD CLA VC . -32.10 36.94 5.14
CGD CLA VC . -33.15 35.86 5.08
O1D CLA VC . -34.25 35.93 4.55
O2D CLA VC . -32.79 34.71 5.69
CED CLA VC . -33.68 33.59 5.59
C1 CLA VC . -32.58 42.35 8.01
C2 CLA VC . -32.11 42.61 6.63
C3 CLA VC . -30.99 43.30 6.36
C4 CLA VC . -30.14 43.87 7.42
C5 CLA VC . -30.55 43.53 4.95
C6 CLA VC . -30.77 44.96 4.52
C7 CLA VC . -29.99 45.27 3.25
C8 CLA VC . -30.38 46.61 2.66
C9 CLA VC . -29.67 46.83 1.33
MG CLA WC . -37.87 34.78 -1.14
CHA CLA WC . -39.82 32.85 0.99
CHB CLA WC . -35.70 35.37 1.42
CHC CLA WC . -35.90 36.60 -3.28
CHD CLA WC . -40.17 34.18 -3.74
NA CLA WC . -37.80 34.20 0.87
C1A CLA WC . -38.70 33.38 1.56
C2A CLA WC . -38.27 33.20 3.01
C3A CLA WC . -37.07 34.17 3.16
C4A CLA WC . -36.81 34.61 1.72
CMA CLA WC . -37.41 35.33 4.07
CAA CLA WC . -37.78 31.76 3.18
CBA CLA WC . -36.26 31.62 3.15
CGA CLA WC . -35.72 31.62 1.75
O1A CLA WC . -36.35 31.71 0.69
O2A CLA WC . -34.36 31.47 1.69
NB CLA WC . -36.16 35.82 -0.96
C1B CLA WC . -35.37 35.85 0.15
C2B CLA WC . -34.09 36.54 -0.16
C3B CLA WC . -34.13 36.89 -1.48
C4B CLA WC . -35.45 36.45 -2.01
CMB CLA WC . -33.06 36.72 0.86
CAB CLA WC . -33.17 37.58 -2.31
CBB CLA WC . -32.31 38.52 -1.89
NC CLA WC . -38.02 35.29 -3.15
C1C CLA WC . -37.11 36.06 -3.82
C2C CLA WC . -37.53 36.22 -5.20
C3C CLA WC . -38.73 35.54 -5.35
C4C CLA WC . -39.05 34.96 -4.04
CMC CLA WC . -36.79 36.98 -6.22
CAC CLA WC . -39.55 35.41 -6.57
CBC CLA WC . -39.07 34.27 -7.43
ND CLA WC . -39.58 33.74 -1.40
C1D CLA WC . -40.45 33.60 -2.52
C2D CLA WC . -41.60 32.75 -2.13
C3D CLA WC . -41.41 32.43 -0.80
C4D CLA WC . -40.15 33.08 -0.39
CMD CLA WC . -42.69 32.36 -3.02
CAD CLA WC . -41.91 31.72 0.37
OBD CLA WC . -42.89 30.99 0.48
CBD CLA WC . -40.94 32.02 1.55
CGD CLA WC . -41.64 32.76 2.65
O1D CLA WC . -42.29 33.81 2.57
O2D CLA WC . -41.52 32.20 3.89
CED CLA WC . -41.78 33.00 5.04
C1 CLA WC . -33.56 32.66 1.69
C2 CLA WC . -32.99 32.89 0.33
C3 CLA WC . -31.76 33.41 0.16
C4 CLA WC . -30.91 33.76 1.31
C5 CLA WC . -31.15 33.64 -1.19
C6 CLA WC . -32.07 34.20 -2.25
C7 CLA WC . -31.24 34.80 -3.37
C8 CLA WC . -32.05 35.22 -4.59
C9 CLA WC . -32.65 34.01 -5.28
C10 CLA WC . -31.18 35.99 -5.57
C11 CLA WC . -30.89 37.40 -5.08
C12 CLA WC . -29.47 37.82 -5.38
C13 CLA WC . -29.24 39.29 -5.02
C14 CLA WC . -29.18 40.14 -6.27
C15 CLA WC . -27.96 39.47 -4.20
C16 CLA WC . -27.96 38.57 -2.98
C17 CLA WC . -26.56 38.14 -2.61
C18 CLA WC . -26.51 36.79 -1.91
C19 CLA WC . -27.74 35.94 -2.17
C20 CLA WC . -26.30 36.97 -0.43
MG CLA XC . -40.61 48.49 -18.17
CHA CLA XC . -38.49 48.55 -20.92
CHB CLA XC . -41.00 51.87 -18.39
CHC CLA XC . -42.67 48.38 -15.42
CHD CLA XC . -40.15 45.00 -17.95
NA CLA XC . -39.86 49.96 -19.46
C1A CLA XC . -39.00 49.78 -20.55
C2A CLA XC . -38.70 51.11 -21.22
C3A CLA XC . -39.45 52.15 -20.35
C4A CLA XC . -40.17 51.27 -19.32
CMA CLA XC . -38.52 53.13 -19.70
CAA CLA XC . -39.22 51.14 -22.66
CBA CLA XC . -38.80 52.40 -23.39
CGA CLA XC . -39.89 53.43 -23.30
O1A CLA XC . -39.79 54.65 -23.31
O2A CLA XC . -41.13 52.87 -23.20
NB CLA XC . -41.64 49.87 -17.11
C1B CLA XC . -41.68 51.19 -17.36
C2B CLA XC . -42.57 51.87 -16.38
C3B CLA XC . -43.06 50.89 -15.53
C4B CLA XC . -42.46 49.60 -15.99
CMB CLA XC . -42.81 53.32 -16.38
CAB CLA XC . -43.94 50.96 -14.40
CBB CLA XC . -43.89 51.90 -13.43
NC CLA XC . -41.28 46.97 -16.91
C1C CLA XC . -42.12 47.15 -15.85
C2C CLA XC . -42.38 45.87 -15.19
C3C CLA XC . -41.67 44.90 -15.91
C4C CLA XC . -40.98 45.60 -16.98
CMC CLA XC . -43.23 45.69 -14.01
CAC CLA XC . -41.63 43.47 -15.63
CBC CLA XC . -42.43 42.66 -16.62
ND CLA XC . -39.58 47.06 -19.15
C1D CLA XC . -39.48 45.65 -18.95
C2D CLA XC . -38.58 45.09 -19.98
C3D CLA XC . -38.17 46.15 -20.77
C4D CLA XC . -38.82 47.36 -20.20
CMD CLA XC . -38.24 43.68 -20.10
CAD CLA XC . -37.37 46.58 -21.89
OBD CLA XC . -36.66 45.92 -22.65
CBD CLA XC . -37.56 48.13 -22.04
CGD CLA XC . -36.25 48.86 -22.00
O1D CLA XC . -35.63 49.36 -22.95
O2D CLA XC . -35.71 48.98 -20.75
CED CLA XC . -34.35 49.39 -20.65
MG CLA YC . -26.76 42.55 -12.13
CHA CLA YC . -24.07 43.42 -14.14
CHB CLA YC . -26.54 39.34 -13.24
CHC CLA YC . -29.26 41.67 -9.93
CHD CLA YC . -26.96 45.90 -11.02
NA CLA YC . -25.52 41.57 -13.49
C1A CLA YC . -24.45 42.10 -14.21
C2A CLA YC . -23.79 41.04 -15.09
C3A CLA YC . -24.73 39.82 -14.92
C4A CLA YC . -25.66 40.24 -13.80
CMA CLA YC . -25.46 39.49 -16.19
CAA CLA YC . -22.40 40.73 -14.58
CBA CLA YC . -22.44 40.14 -13.18
CGA CLA YC . -21.32 40.67 -12.34
O1A CLA YC . -20.51 41.57 -12.59
O2A CLA YC . -21.23 40.04 -11.13
NB CLA YC . -27.72 40.84 -11.68
C1B CLA YC . -27.46 39.62 -12.22
C2B CLA YC . -28.31 38.59 -11.57
C3B CLA YC . -29.08 39.23 -10.63
C4B CLA YC . -28.72 40.68 -10.70
CMB CLA YC . -28.25 37.18 -11.94
CAB CLA YC . -30.07 38.71 -9.72
CBB CLA YC . -30.02 37.54 -9.09
NC CLA YC . -27.92 43.62 -10.76
C1C CLA YC . -28.90 43.06 -9.97
C2C CLA YC . -29.50 44.09 -9.13
C3C CLA YC . -28.85 45.28 -9.43
C4C CLA YC . -27.86 44.98 -10.46
CMC CLA YC . -30.58 43.85 -8.17
CAC CLA YC . -29.12 46.61 -8.84
CBC CLA YC . -28.02 47.09 -7.93
ND CLA YC . -25.83 44.31 -12.50
C1D CLA YC . -26.01 45.61 -11.97
C2D CLA YC . -25.00 46.52 -12.59
C3D CLA YC . -24.24 45.73 -13.41
C4D CLA YC . -24.79 44.36 -13.33
CMD CLA YC . -24.89 47.95 -12.31
CAD CLA YC . -23.14 45.68 -14.37
OBD CLA YC . -22.43 46.58 -14.79
CBD CLA YC . -22.98 44.20 -14.82
CGD CLA YC . -23.01 44.05 -16.32
O1D CLA YC . -24.00 44.09 -17.05
O2D CLA YC . -21.79 43.85 -16.87
CED CLA YC . -21.73 43.56 -18.27
C1 CLA YC . -20.03 40.29 -10.37
C2 CLA YC . -19.44 38.96 -10.07
C3 CLA YC . -19.82 38.19 -9.05
C4 CLA YC . -20.88 38.62 -8.10
C5 CLA YC . -19.19 36.86 -8.79
C6 CLA YC . -18.30 36.40 -9.93
C7 CLA YC . -17.92 34.95 -9.73
C8 CLA YC . -17.01 34.42 -10.84
C9 CLA YC . -17.73 33.36 -11.64
C10 CLA YC . -15.72 33.88 -10.24
C11 CLA YC . -14.97 32.97 -11.18
C12 CLA YC . -13.59 32.67 -10.65
C13 CLA YC . -12.85 31.69 -11.54
C14 CLA YC . -11.42 31.50 -11.04
C15 CLA YC . -12.83 32.14 -13.00
C16 CLA YC . -11.90 31.28 -13.84
C17 CLA YC . -11.89 31.74 -15.28
C18 CLA YC . -10.86 30.97 -16.10
C19 CLA YC . -10.73 31.54 -17.49
C20 CLA YC . -11.21 29.50 -16.16
MG CLA ZC . -26.56 53.12 -16.33
CHA CLA ZC . -27.15 54.88 -19.28
CHB CLA ZC . -23.40 54.36 -16.21
CHC CLA ZC . -26.04 51.34 -13.44
CHD CLA ZC . -29.85 51.82 -16.52
NA CLA ZC . -25.48 54.43 -17.55
C1A CLA ZC . -25.90 55.07 -18.73
C2A CLA ZC . -24.79 55.96 -19.29
C3A CLA ZC . -23.63 55.78 -18.28
C4A CLA ZC . -24.20 54.80 -17.26
CMA CLA ZC . -22.39 55.23 -18.95
CAA CLA ZC . -25.23 57.41 -19.36
CBA CLA ZC . -24.66 58.25 -18.22
CGA CLA ZC . -25.37 59.57 -18.17
O1A CLA ZC . -26.13 60.07 -18.99
O2A CLA ZC . -25.09 60.26 -17.01
NB CLA ZC . -25.04 52.94 -15.04
C1B CLA ZC . -23.80 53.45 -15.20
C2B CLA ZC . -22.87 52.90 -14.18
C3B CLA ZC . -23.61 52.05 -13.39
C4B CLA ZC . -25.00 52.06 -13.93
CMB CLA ZC . -21.45 53.29 -14.12
CAB CLA ZC . -23.27 51.23 -12.25
CBB CLA ZC . -22.05 51.02 -11.74
NC CLA ZC . -27.75 51.84 -15.18
C1C CLA ZC . -27.34 51.23 -14.02
C2C CLA ZC . -28.43 50.44 -13.47
C3C CLA ZC . -29.50 50.56 -14.35
C4C CLA ZC . -29.07 51.43 -15.43
CMC CLA ZC . -28.35 49.67 -12.23
CAC CLA ZC . -30.83 49.95 -14.23
CBC CLA ZC . -31.84 50.98 -13.75
ND CLA ZC . -28.16 53.25 -17.58
C1D CLA ZC . -29.46 52.66 -17.53
C2D CLA ZC . -30.23 53.10 -18.72
C3D CLA ZC . -29.38 53.94 -19.44
C4D CLA ZC . -28.12 54.01 -18.67
CMD CLA ZC . -31.59 52.69 -19.02
CAD CLA ZC . -29.23 54.77 -20.61
OBD CLA ZC . -30.01 54.97 -21.54
CBD CLA ZC . -27.80 55.41 -20.53
CGD CLA ZC . -26.99 55.14 -21.77
O1D CLA ZC . -27.07 55.69 -22.87
O2D CLA ZC . -26.07 54.14 -21.61
CED CLA ZC . -25.47 53.60 -22.79
C1 CLA ZC . -26.20 60.96 -16.40
C2 CLA ZC . -25.76 61.30 -15.02
C3 CLA ZC . -26.58 61.23 -13.96
C4 CLA ZC . -28.00 60.82 -14.08
MG CLA AD . -17.26 50.35 -14.60
CHA CLA AD . -18.61 51.93 -17.39
CHB CLA AD . -14.29 51.89 -15.17
CHC CLA AD . -16.01 48.82 -11.79
CHD CLA AD . -20.37 48.76 -14.06
NA CLA AD . -16.58 51.68 -16.06
C1A CLA AD . -17.30 52.23 -17.14
C2A CLA AD . -16.42 53.16 -17.96
C3A CLA AD . -15.02 53.01 -17.32
C4A CLA AD . -15.29 52.15 -16.07
CMA CLA AD . -14.08 52.34 -18.27
CAA CLA AD . -16.90 54.61 -17.86
CBA CLA AD . -17.39 54.95 -16.47
CGA CLA AD . -18.41 56.05 -16.56
O1A CLA AD . -19.21 56.27 -17.46
O2A CLA AD . -18.41 56.87 -15.46
NB CLA AD . -15.48 50.33 -13.67
C1B CLA AD . -14.40 51.10 -14.01
C2B CLA AD . -13.34 50.96 -12.98
C3B CLA AD . -13.82 50.10 -12.01
C4B CLA AD . -15.19 49.68 -12.45
CMB CLA AD . -12.07 51.66 -13.04
CAB CLA AD . -13.19 49.63 -10.81
CBB CLA AD . -13.69 49.76 -9.58
NC CLA AD . -18.05 49.02 -13.20
C1C CLA AD . -17.35 48.51 -12.14
C2C CLA AD . -18.20 47.60 -11.38
C3C CLA AD . -19.45 47.59 -12.00
C4C CLA AD . -19.34 48.48 -13.15
CMC CLA AD . -17.78 46.87 -10.18
CAC CLA AD . -20.64 46.82 -11.60
CBC CLA AD . -20.57 45.38 -12.02
ND CLA AD . -19.09 50.31 -15.46
C1D CLA AD . -20.28 49.60 -15.15
C2D CLA AD . -21.32 49.94 -16.16
C3D CLA AD . -20.73 50.82 -17.04
C4D CLA AD . -19.34 51.02 -16.57
CMD CLA AD . -22.67 49.42 -16.16
CAD CLA AD . -20.90 51.63 -18.23
OBD CLA AD . -21.89 51.77 -18.94
CBD CLA AD . -19.54 52.35 -18.50
CGD CLA AD . -18.98 51.98 -19.84
O1D CLA AD . -17.96 51.35 -20.08
O2D CLA AD . -19.72 52.43 -20.89
CED CLA AD . -19.18 52.29 -22.20
C1 CLA AD . -19.68 57.45 -15.10
MG CLA BD . -13.83 40.33 -14.61
CHA CLA BD . -16.95 41.81 -14.84
CHB CLA BD . -12.74 42.94 -12.72
CHC CLA BD . -10.79 38.77 -14.33
CHD CLA BD . -15.00 37.67 -16.63
NA CLA BD . -14.73 42.08 -13.90
C1A CLA BD . -16.05 42.50 -14.09
C2A CLA BD . -16.30 43.83 -13.38
C3A CLA BD . -14.91 44.21 -12.80
C4A CLA BD . -14.05 42.99 -13.14
CMA CLA BD . -14.37 45.46 -13.44
CAA CLA BD . -17.26 43.64 -12.23
CBA CLA BD . -17.07 42.31 -11.53
CGA CLA BD . -16.84 42.48 -10.06
O1A CLA BD . -16.57 43.50 -9.43
O2A CLA BD . -16.95 41.30 -9.36
NB CLA BD . -12.11 40.75 -13.66
C1B CLA BD . -11.83 41.89 -12.99
C2B CLA BD . -10.40 41.91 -12.59
C3B CLA BD . -9.84 40.74 -13.03
C4B CLA BD . -10.92 39.98 -13.73
CMB CLA BD . -9.79 43.03 -11.85
CAB CLA BD . -8.49 40.26 -12.92
CBB CLA BD . -8.13 39.13 -12.29
NC CLA BD . -13.04 38.54 -15.35
C1C CLA BD . -11.78 38.09 -15.09
C2C CLA BD . -11.58 36.78 -15.73
C3C CLA BD . -12.76 36.48 -16.40
C4C CLA BD . -13.68 37.59 -16.15
CMC CLA BD . -10.35 35.99 -15.65
CAC CLA BD . -13.05 35.29 -17.19
CBC CLA BD . -12.66 35.45 -18.63
ND CLA BD . -15.53 39.81 -15.59
C1D CLA BD . -15.88 38.70 -16.38
C2D CLA BD . -17.27 38.86 -16.86
C3D CLA BD . -17.74 40.03 -16.29
C4D CLA BD . -16.61 40.58 -15.51
CMD CLA BD . -17.97 37.91 -17.72
CAD CLA BD . -18.85 40.95 -16.16
OBD CLA BD . -19.97 40.90 -16.68
CBD CLA BD . -18.39 42.11 -15.22
CGD CLA BD . -18.50 43.45 -15.89
O1D CLA BD . -18.33 43.71 -17.09
O2D CLA BD . -18.82 44.47 -15.04
CED CLA BD . -18.98 45.76 -15.60
C1 CLA BD . -16.03 41.10 -8.27
C2 CLA BD . -15.91 39.63 -8.07
C3 CLA BD . -15.11 39.04 -7.18
C4 CLA BD . -15.05 37.56 -7.04
C5 CLA BD . -14.23 39.84 -6.27
C6 CLA BD . -12.94 39.12 -5.89
C7 CLA BD . -12.07 39.99 -5.03
C8 CLA BD . -10.87 39.24 -4.47
C9 CLA BD . -10.08 40.13 -3.53
C10 CLA BD . -9.97 38.73 -5.58
MG CLA CD . -25.12 36.02 -16.48
CHA CLA CD . -28.26 34.69 -15.84
CHB CLA CD . -24.09 35.10 -13.38
CHC CLA CD . -22.09 37.55 -17.08
CHD CLA CD . -26.20 36.93 -19.73
NA CLA CD . -26.03 35.01 -14.90
C1A CLA CD . -27.36 34.54 -14.82
C2A CLA CD . -27.59 33.86 -13.47
C3A CLA CD . -26.20 33.85 -12.80
C4A CLA CD . -25.37 34.72 -13.74
CMA CLA CD . -26.19 34.37 -11.39
CAA CLA CD . -28.10 32.43 -13.61
CBA CLA CD . -28.63 31.91 -12.29
CGA CLA CD . -29.34 30.60 -12.49
O1A CLA CD . -28.86 29.52 -12.84
O2A CLA CD . -30.68 30.69 -12.25
NB CLA CD . -23.40 36.23 -15.45
C1B CLA CD . -23.21 35.87 -14.16
C2B CLA CD . -21.91 36.39 -13.65
C3B CLA CD . -21.33 37.09 -14.70
C4B CLA CD . -22.28 36.99 -15.85
CMB CLA CD . -21.45 36.14 -12.29
CAB CLA CD . -20.09 37.81 -14.81
CBB CLA CD . -19.12 37.90 -13.89
NC CLA CD . -24.29 37.02 -18.12
C1C CLA CD . -23.03 37.56 -18.15
C2C CLA CD . -22.79 38.18 -19.45
C3C CLA CD . -23.95 38.02 -20.20
C4C CLA CD . -24.89 37.27 -19.37
CMC CLA CD . -21.56 38.87 -19.83
CAC CLA CD . -24.20 38.47 -21.58
CBC CLA CD . -24.06 37.35 -22.59
ND CLA CD . -26.80 35.85 -17.60
C1D CLA CD . -27.11 36.28 -18.92
C2D CLA CD . -28.51 35.92 -19.21
C3D CLA CD . -29.01 35.34 -18.07
C4D CLA CD . -27.90 35.31 -17.09
CMD CLA CD . -29.18 36.20 -20.48
CAD CLA CD . -30.16 34.73 -17.44
OBD CLA CD . -31.30 34.55 -17.87
CBD CLA CD . -29.71 34.29 -16.00
CGD CLA CD . -30.58 34.90 -14.94
O1D CLA CD . -31.52 34.38 -14.33
O2D CLA CD . -30.26 36.20 -14.64
CED CLA CD . -31.27 37.01 -14.05
C1 CLA CD . -31.51 29.66 -12.82
C2 CLA CD . -31.78 30.04 -14.23
C3 CLA CD . -32.67 30.99 -14.57
C4 CLA CD . -33.46 31.71 -13.54
C5 CLA CD . -32.92 31.35 -15.99
C6 CLA CD . -32.03 30.60 -16.97
C7 CLA CD . -31.96 31.34 -18.28
C8 CLA CD . -31.19 30.59 -19.36
C9 CLA CD . -31.56 29.12 -19.34
C10 CLA CD . -29.69 30.74 -19.16
C11 CLA CD . -29.11 31.73 -20.14
C12 CLA CD . -29.48 31.40 -21.58
C13 CLA CD . -28.42 31.85 -22.56
C14 CLA CD . -27.92 33.25 -22.24
C15 CLA CD . -28.92 31.79 -24.00
C16 CLA CD . -27.86 32.23 -24.97
C17 CLA CD . -26.87 31.11 -25.26
C18 CLA CD . -26.45 31.10 -26.72
C19 CLA CD . -25.52 29.95 -27.02
C20 CLA CD . -27.66 31.04 -27.62
MG CLA DD . -16.90 28.37 -2.33
CHA CLA DD . -18.37 29.42 0.62
CHB CLA DD . -16.19 31.62 -3.12
CHC CLA DD . -15.28 27.28 -5.14
CHD CLA DD . -17.74 25.04 -1.52
NA CLA DD . -17.24 30.20 -1.39
C1A CLA DD . -17.85 30.42 -0.15
C2A CLA DD . -17.85 31.91 0.19
C3A CLA DD . -17.36 32.58 -1.11
C4A CLA DD . -16.85 31.40 -1.93
CMA CLA DD . -18.45 33.35 -1.79
CAA CLA DD . -16.80 32.06 1.25
CBA CLA DD . -16.29 33.47 1.41
CGA CLA DD . -15.25 33.46 2.49
O1A CLA DD . -14.91 32.53 3.22
O2A CLA DD . -14.64 34.67 2.64
NB CLA DD . -15.96 29.28 -3.87
C1B CLA DD . -15.70 30.61 -3.96
C2B CLA DD . -14.84 30.88 -5.15
C3B CLA DD . -14.58 29.66 -5.73
C4B CLA DD . -15.28 28.63 -4.93
CMB CLA DD . -14.41 32.23 -5.52
CAB CLA DD . -13.79 29.33 -6.89
CBB CLA DD . -12.63 29.91 -7.25
NC CLA DD . -16.58 26.49 -3.18
C1C CLA DD . -15.87 26.28 -4.33
C2C CLA DD . -15.82 24.85 -4.61
C3C CLA DD . -16.53 24.21 -3.60
C4C CLA DD . -17.01 25.25 -2.69
CMC CLA DD . -15.12 24.25 -5.75
CAC CLA DD . -16.76 22.76 -3.44
CBC CLA DD . -15.93 22.15 -2.34
ND CLA DD . -17.80 27.39 -0.82
C1D CLA DD . -18.12 26.02 -0.62
C2D CLA DD . -18.86 25.88 0.65
C3D CLA DD . -18.96 27.15 1.18
C4D CLA DD . -18.30 28.05 0.21
CMD CLA DD . -19.34 24.61 1.21
CAD CLA DD . -19.45 27.96 2.28
OBD CLA DD . -20.03 27.63 3.31
CBD CLA DD . -19.13 29.45 1.93
CGD CLA DD . -20.39 30.25 1.77
O1D CLA DD . -20.86 30.73 0.74
O2D CLA DD . -21.06 30.45 2.94
CED CLA DD . -22.42 30.89 2.84
C1 CLA DD . -13.97 34.86 3.90
C2 CLA DD . -14.25 36.24 4.33
C3 CLA DD . -13.50 37.29 3.95
C4 CLA DD . -12.32 37.13 3.07
C5 CLA DD . -13.84 38.67 4.41
C6 CLA DD . -14.56 39.47 3.35
C7 CLA DD . -15.51 40.46 3.98
C8 CLA DD . -15.57 41.75 3.17
C9 CLA DD . -16.10 41.47 1.79
C10 CLA DD . -14.20 42.40 3.09
C11 CLA DD . -14.20 43.79 3.69
C12 CLA DD . -14.32 44.86 2.62
C13 CLA DD . -13.61 46.14 3.05
C14 CLA DD . -12.12 45.90 3.24
C15 CLA DD . -14.22 46.72 4.32
C16 CLA DD . -13.84 48.18 4.49
C17 CLA DD . -14.27 49.01 3.30
C18 CLA DD . -13.50 50.33 3.23
C19 CLA DD . -12.02 50.08 3.09
C20 CLA DD . -14.00 51.17 2.08
MG CLA ED . -24.08 36.14 5.16
CHA CLA ED . -21.60 35.21 2.93
CHB CLA ED . -25.06 38.62 3.04
CHC CLA ED . -26.53 36.96 7.39
CHD CLA ED . -23.07 33.47 7.28
NA CLA ED . -23.42 36.80 3.29
C1A CLA ED . -22.37 36.27 2.52
C2A CLA ED . -22.21 37.06 1.23
C3A CLA ED . -23.27 38.19 1.34
C4A CLA ED . -23.99 37.86 2.65
CMA CLA ED . -22.63 39.56 1.37
CAA CLA ED . -22.49 36.19 0.01
CBA CLA ED . -22.22 36.95 -1.26
CGA CLA ED . -22.10 36.00 -2.41
O1A CLA ED . -21.43 34.97 -2.49
O2A CLA ED . -22.87 36.37 -3.47
NB CLA ED . -25.53 37.52 5.20
C1B CLA ED . -25.79 38.44 4.24
C2B CLA ED . -26.98 39.27 4.62
C3B CLA ED . -27.39 38.81 5.85
C4B CLA ED . -26.47 37.70 6.24
CMB CLA ED . -27.49 40.35 3.78
CAB CLA ED . -28.46 39.23 6.70
CBB CLA ED . -29.66 39.68 6.31
NC CLA ED . -24.67 35.36 7.01
C1C CLA ED . -25.69 35.88 7.76
C2C CLA ED . -25.80 35.12 9.00
C3C CLA ED . -24.85 34.11 8.96
C4C CLA ED . -24.14 34.28 7.69
CMC CLA ED . -26.78 35.39 10.04
CAC CLA ED . -24.58 33.08 9.97
CBC CLA ED . -23.63 33.55 11.05
ND CLA ED . -22.66 34.70 5.20
C1D CLA ED . -22.36 33.66 6.12
C2D CLA ED . -21.22 32.87 5.62
C3D CLA ED . -20.87 33.45 4.42
C4D CLA ED . -21.81 34.56 4.18
CMD CLA ED . -20.61 31.74 6.33
CAD CLA ED . -19.98 33.40 3.29
OBD CLA ED . -19.02 32.67 3.12
CBD CLA ED . -20.44 34.49 2.28
CGD CLA ED . -19.34 35.45 1.90
O1D CLA ED . -19.07 35.89 0.78
O2D CLA ED . -18.57 35.84 2.96
CED CLA ED . -17.66 36.91 2.74
C1 CLA ED . -22.95 35.41 -4.55
C2 CLA ED . -24.13 35.80 -5.37
C3 CLA ED . -24.95 34.90 -5.92
C4 CLA ED . -24.71 33.45 -5.75
C5 CLA ED . -26.12 35.31 -6.74
C6 CLA ED . -25.97 36.70 -7.32
C7 CLA ED . -25.16 36.68 -8.60
C8 CLA ED . -25.16 38.03 -9.30
C9 CLA ED . -24.18 38.03 -10.44
C10 CLA ED . -24.85 39.15 -8.32
C11 CLA ED . -24.79 40.49 -9.01
C12 CLA ED . -24.78 41.62 -8.01
C13 CLA ED . -24.74 42.98 -8.70
C14 CLA ED . -23.52 43.11 -9.57
C15 CLA ED . -24.80 44.14 -7.70
C16 CLA ED . -25.33 43.72 -6.35
C17 CLA ED . -26.70 44.28 -6.07
C18 CLA ED . -26.78 44.92 -4.69
C19 CLA ED . -26.39 43.94 -3.61
C20 CLA ED . -28.17 45.46 -4.44
MG CLA FD . -31.72 15.52 -0.29
CHA CLA FD . -35.17 15.66 -0.66
CHB CLA FD . -32.07 15.86 3.07
CHC CLA FD . -28.36 15.03 0.05
CHD CLA FD . -31.41 15.19 -3.81
NA CLA FD . -33.36 15.80 0.96
C1A CLA FD . -34.72 15.80 0.63
C2A CLA FD . -35.59 16.06 1.86
C3A CLA FD . -34.55 16.41 2.96
C4A CLA FD . -33.23 16.00 2.31
CMA CLA FD . -34.57 17.88 3.29
CAA CLA FD . -36.41 14.83 2.23
CBA CLA FD . -35.61 13.77 2.95
CGA CLA FD . -35.01 12.82 1.96
O1A CLA FD . -33.97 12.17 2.04
O2A CLA FD . -35.76 12.69 0.82
NB CLA FD . -30.44 15.55 1.25
C1B CLA FD . -30.82 15.50 2.56
C2B CLA FD . -29.70 14.99 3.41
C3B CLA FD . -28.64 14.75 2.55
C4B CLA FD . -29.10 15.11 1.19
CMB CLA FD . -29.84 14.84 4.86
CAB CLA FD . -27.31 14.26 2.80
CBB CLA FD . -26.71 14.08 3.98
NC CLA FD . -30.16 15.25 -1.65
C1C CLA FD . -28.84 15.11 -1.30
C2C CLA FD . -28.03 14.96 -2.49
C3C CLA FD . -28.89 14.96 -3.58
C4C CLA FD . -30.24 15.15 -3.04
CMC CLA FD . -26.57 14.81 -2.50
CAC CLA FD . -28.54 14.85 -5.01
CBC CLA FD . -28.93 13.51 -5.60
ND CLA FD . -32.94 15.50 -1.91
C1D CLA FD . -32.69 15.34 -3.30
C2D CLA FD . -33.97 15.35 -4.02
C3D CLA FD . -34.96 15.42 -3.06
C4D CLA FD . -34.26 15.52 -1.77
CMD CLA FD . -34.11 15.24 -5.48
CAD CLA FD . -36.38 15.51 -2.80
OBD CLA FD . -37.33 15.50 -3.60
CBD CLA FD . -36.56 15.61 -1.25
CGD CLA FD . -37.40 16.79 -0.87
O1D CLA FD . -37.03 17.83 -0.34
O2D CLA FD . -38.72 16.63 -1.15
CED CLA FD . -39.64 16.85 -0.07
C1 CLA FD . -35.15 11.95 -0.25
C2 CLA FD . -36.04 10.80 -0.53
C3 CLA FD . -35.74 9.54 -0.19
C4 CLA FD . -34.47 9.19 0.51
C5 CLA FD . -36.67 8.41 -0.49
C6 CLA FD . -35.99 7.27 -1.23
C7 CLA FD . -35.69 7.67 -2.67
C8 CLA FD . -34.82 6.63 -3.36
C9 CLA FD . -33.39 7.13 -3.51
C10 CLA FD . -35.41 6.21 -4.70
C11 CLA FD . -34.71 6.79 -5.91
C12 CLA FD . -34.64 5.77 -7.03
C13 CLA FD . -34.87 6.38 -8.41
C14 CLA FD . -34.22 7.74 -8.53
C15 CLA FD . -36.35 6.47 -8.75
C16 CLA FD . -36.56 7.04 -10.14
C17 CLA FD . -38.03 7.20 -10.47
MG CLA GD . -34.66 23.85 -2.21
CHA CLA GD . -36.99 24.96 0.12
CHB CLA GD . -35.93 20.71 -1.97
CHC CLA GD . -32.41 22.85 -4.56
CHD CLA GD . -33.42 27.17 -2.44
NA CLA GD . -36.19 22.99 -1.06
C1A CLA GD . -37.05 23.62 -0.16
C2A CLA GD . -38.00 22.61 0.48
C3A CLA GD . -37.47 21.25 -0.03
C4A CLA GD . -36.46 21.65 -1.11
CMA CLA GD . -36.80 20.51 1.09
CAA CLA GD . -39.45 22.83 0.06
CBA CLA GD . -39.63 22.77 -1.43
CGA CLA GD . -40.49 23.91 -1.87
O1A CLA GD . -41.55 23.90 -2.48
O2A CLA GD . -39.97 25.12 -1.50
NB CLA GD . -34.20 22.09 -3.05
C1B CLA GD . -34.97 20.98 -2.98
C2B CLA GD . -34.63 20.04 -4.09
C3B CLA GD . -33.63 20.64 -4.82
C4B CLA GD . -33.33 21.94 -4.16
CMB CLA GD . -35.29 18.74 -4.25
CAB CLA GD . -32.90 20.19 -5.98
CBB CLA GD . -32.54 18.94 -6.26
NC CLA GD . -33.15 24.82 -3.24
C1C CLA GD . -32.30 24.20 -4.11
C2C CLA GD . -31.31 25.15 -4.60
C3C CLA GD . -31.64 26.40 -4.08
C4C CLA GD . -32.80 26.19 -3.22
CMC CLA GD . -30.22 24.80 -5.48
CAC CLA GD . -30.92 27.67 -4.28
CBC CLA GD . -31.70 28.64 -5.14
ND CLA GD . -35.04 25.66 -1.37
C1D CLA GD . -34.46 26.94 -1.57
C2D CLA GD . -35.16 27.92 -0.72
C3D CLA GD . -36.14 27.21 -0.04
C4D CLA GD . -36.02 25.81 -0.49
CMD CLA GD . -34.81 29.34 -0.67
CAD CLA GD . -37.22 27.27 0.92
OBD CLA GD . -37.64 28.22 1.58
CBD CLA GD . -37.80 25.83 1.04
CGD CLA GD . -37.74 25.29 2.44
O1D CLA GD . -36.75 25.18 3.18
O2D CLA GD . -38.94 24.84 2.93
CED CLA GD . -39.00 24.54 4.32
C1 CLA GD . -40.38 26.24 -2.31
C2 CLA GD . -39.36 27.30 -2.13
C3 CLA GD . -39.64 28.45 -1.48
C4 CLA GD . -40.97 28.71 -0.90
C5 CLA GD . -38.60 29.51 -1.33
C6 CLA GD . -38.21 30.12 -2.66
C7 CLA GD . -37.33 31.33 -2.46
C8 CLA GD . -36.26 31.42 -3.54
C9 CLA GD . -35.26 32.50 -3.20
C10 CLA GD . -36.89 31.69 -4.90
C11 CLA GD . -35.86 31.91 -5.99
C12 CLA GD . -36.33 31.38 -7.32
C13 CLA GD . -35.56 31.99 -8.48
C14 CLA GD . -36.41 31.99 -9.73
C15 CLA GD . -34.25 31.26 -8.73
C16 CLA GD . -33.06 32.15 -8.41
C17 CLA GD . -32.18 32.35 -9.62
C18 CLA GD . -31.54 33.73 -9.62
C19 CLA GD . -31.31 34.23 -11.03
C20 CLA GD . -30.22 33.71 -8.86
MG CLA HD . -23.39 17.78 -16.76
CHA CLA HD . -21.91 16.00 -19.34
CHB CLA HD . -25.82 18.84 -18.89
CHC CLA HD . -24.97 19.31 -14.12
CHD CLA HD . -20.88 16.64 -14.57
NA CLA HD . -23.76 17.48 -18.79
C1A CLA HD . -23.05 16.68 -19.69
C2A CLA HD . -23.68 16.72 -21.08
C3A CLA HD . -24.83 17.74 -20.93
C4A CLA HD . -24.83 18.05 -19.43
CMA CLA HD . -24.56 18.97 -21.76
CAA CLA HD . -24.26 15.35 -21.40
CBA CLA HD . -25.12 14.84 -20.27
CGA CLA HD . -25.70 13.50 -20.58
O1A CLA HD . -25.88 12.98 -21.69
O2A CLA HD . -26.08 12.79 -19.47
NB CLA HD . -25.11 18.81 -16.53
C1B CLA HD . -25.92 19.21 -17.54
C2B CLA HD . -26.93 20.15 -17.02
C3B CLA HD . -26.70 20.30 -15.67
C4B CLA HD . -25.54 19.45 -15.34
CMB CLA HD . -27.92 20.74 -17.88
CAB CLA HD . -27.38 21.09 -14.66
CBB CLA HD . -28.08 22.22 -14.86
NC CLA HD . -22.98 17.95 -14.72
C1C CLA HD . -23.77 18.61 -13.83
C2C CLA HD . -23.23 18.49 -12.49
C3C CLA HD . -22.04 17.76 -12.61
C4C CLA HD . -21.90 17.42 -14.02
CMC CLA HD . -23.85 19.07 -11.30
CAC CLA HD . -21.13 17.35 -11.53
CBC CLA HD . -21.39 15.93 -11.11
ND CLA HD . -21.67 16.72 -16.90
C1D CLA HD . -20.75 16.30 -15.90
C2D CLA HD . -19.71 15.47 -16.55
C3D CLA HD . -20.10 15.32 -17.87
C4D CLA HD . -21.35 16.10 -18.02
CMD CLA HD . -18.56 14.91 -15.86
CAD CLA HD . -19.78 14.76 -19.16
OBD CLA HD . -18.79 14.14 -19.53
CBD CLA HD . -20.98 15.08 -20.11
CGD CLA HD . -20.50 15.65 -21.43
O1D CLA HD . -19.91 15.03 -22.33
O2D CLA HD . -20.74 16.97 -21.62
CED CLA HD . -20.55 17.49 -22.95
C1 CLA HD . -27.20 11.90 -19.64
C2 CLA HD . -27.67 11.52 -18.28
C3 CLA HD . -27.15 10.49 -17.59
C4 CLA HD . -26.07 9.65 -18.14
C5 CLA HD . -27.67 10.15 -16.24
C6 CLA HD . -26.69 9.36 -15.41
C7 CLA HD . -27.28 8.98 -14.06
C8 CLA HD . -26.60 9.69 -12.90
C9 CLA HD . -25.10 9.76 -13.11
C10 CLA HD . -26.90 8.98 -11.59
C11 CLA HD . -28.00 9.68 -10.82
C12 CLA HD . -28.45 8.88 -9.62
C13 CLA HD . -29.66 9.52 -8.96
C14 CLA HD . -29.25 10.61 -7.99
C15 CLA HD . -30.52 8.49 -8.24
C16 CLA HD . -29.69 7.61 -7.33
C17 CLA HD . -30.52 6.96 -6.25
C18 CLA HD . -30.24 5.47 -6.13
C19 CLA HD . -30.82 4.90 -4.86
C20 CLA HD . -30.79 4.73 -7.32
MG CLA ID . -3.18 35.95 -12.25
CHA CLA ID . -2.33 38.18 -14.78
CHB CLA ID . 0.08 35.84 -11.28
CHC CLA ID . -4.08 33.81 -9.73
CHD CLA ID . -6.53 36.01 -13.40
NA CLA ID . -1.43 36.88 -12.93
C1A CLA ID . -1.28 37.79 -14.00
C2A CLA ID . 0.17 38.21 -14.14
C3A CLA ID . 0.92 37.33 -13.12
C4A CLA ID . -0.21 36.64 -12.37
CMA CLA ID . 1.82 36.34 -13.81
CAA CLA ID . 0.32 39.68 -13.79
CBA CLA ID . 0.91 39.86 -12.40
CGA CLA ID . 0.76 41.27 -11.93
O1A CLA ID . 0.81 42.31 -12.59
O2A CLA ID . 0.53 41.36 -10.58
NB CLA ID . -2.19 35.00 -10.79
C1B CLA ID . -0.87 35.12 -10.53
C2B CLA ID . -0.54 34.36 -9.29
C3B CLA ID . -1.70 33.78 -8.85
C4B CLA ID . -2.77 34.18 -9.80
CMB CLA ID . 0.82 34.28 -8.74
CAB CLA ID . -1.94 32.94 -7.70
CBB CLA ID . -1.61 33.26 -6.45
NC CLA ID . -4.98 35.08 -11.68
C1C CLA ID . -5.13 34.23 -10.62
C2C CLA ID . -6.51 33.79 -10.51
C3C CLA ID . -7.22 34.42 -11.54
C4C CLA ID . -6.24 35.23 -12.27
CMC CLA ID . -7.03 32.88 -9.48
CAC CLA ID . -8.64 34.30 -11.85
CBC CLA ID . -9.46 35.43 -11.27
ND CLA ID . -4.25 36.87 -13.71
C1D CLA ID . -5.62 36.80 -14.08
C2D CLA ID . -5.84 37.65 -15.26
C3D CLA ID . -4.62 38.22 -15.57
C4D CLA ID . -3.67 37.69 -14.58
CMD CLA ID . -7.14 37.83 -15.91
CAD CLA ID . -3.89 39.09 -16.47
OBD CLA ID . -4.29 39.71 -17.44
CBD CLA ID . -2.40 39.08 -15.99
CGD CLA ID . -1.46 38.64 -17.08
O1D CLA ID . -0.75 39.35 -17.80
O2D CLA ID . -1.43 37.29 -17.26
CED CLA ID . -0.30 36.74 -17.94
C1 CLA ID . 0.17 42.67 -10.09
C2 CLA ID . 0.11 42.55 -8.61
C3 CLA ID . -0.81 43.19 -7.87
C4 CLA ID . -1.84 44.06 -8.48
C5 CLA ID . -0.84 43.04 -6.39
MG CLA JD . 4.65 34.21 -5.89
CHA CLA JD . 5.33 35.39 -9.09
CHB CLA JD . 7.19 31.97 -6.18
CHC CLA JD . 4.01 33.18 -2.68
CHD CLA JD . 1.94 36.47 -5.70
NA CLA JD . 6.03 33.77 -7.40
C1A CLA JD . 6.16 34.40 -8.65
C2A CLA JD . 7.31 33.77 -9.44
C3A CLA JD . 7.77 32.59 -8.55
C4A CLA JD . 6.96 32.79 -7.27
CMA CLA JD . 7.50 31.26 -9.19
CAA CLA JD . 8.44 34.77 -9.61
CBA CLA JD . 9.03 35.13 -8.27
CGA CLA JD . 9.91 36.34 -8.36
O1A CLA JD . 10.25 36.98 -9.36
O2A CLA JD . 10.37 36.76 -7.14
NB CLA JD . 5.45 32.84 -4.67
C1B CLA JD . 6.49 32.02 -4.96
C2B CLA JD . 6.80 31.15 -3.80
C3B CLA JD . 5.91 31.48 -2.80
C4B CLA JD . 5.03 32.56 -3.34
CMB CLA JD . 7.87 30.16 -3.83
CAB CLA JD . 5.73 30.97 -1.46
CBB CLA JD . 6.09 29.75 -1.03
NC CLA JD . 3.23 34.75 -4.45
C1C CLA JD . 3.16 34.20 -3.20
C2C CLA JD . 2.07 34.81 -2.46
C3C CLA JD . 1.47 35.74 -3.31
C4C CLA JD . 2.22 35.69 -4.57
CMC CLA JD . 1.68 34.48 -1.09
CAC CLA JD . 0.33 36.62 -3.02
CBC CLA JD . -0.95 36.18 -3.70
ND CLA JD . 3.79 35.62 -7.06
C1D CLA JD . 2.64 36.43 -6.88
C2D CLA JD . 2.40 37.21 -8.10
C3D CLA JD . 3.43 36.89 -8.98
C4D CLA JD . 4.26 35.89 -8.28
CMD CLA JD . 1.26 38.12 -8.27
CAD CLA JD . 4.02 37.11 -10.29
OBD CLA JD . 3.71 37.88 -11.19
CBD CLA JD . 5.23 36.12 -10.41
CGD CLA JD . 5.06 35.15 -11.56
O1D CLA JD . 4.55 34.04 -11.52
O2D CLA JD . 5.54 35.62 -12.74
CED CLA JD . 5.66 34.68 -13.82
C1 CLA JD . 10.31 38.17 -6.88
C2 CLA JD . 10.81 38.38 -5.49
C3 CLA JD . 10.39 39.41 -4.74
C4 CLA JD . 9.41 40.40 -5.22
C5 CLA JD . 10.90 39.61 -3.35
C6 CLA JD . 9.80 39.89 -2.36
C7 CLA JD . 10.31 39.83 -0.93
C8 CLA JD . 9.27 40.28 0.09
C9 CLA JD . 8.67 41.60 -0.32
C10 CLA JD . 9.89 40.38 1.47
MG CLA KD . 4.64 27.26 9.23
CHA CLA KD . 5.11 26.33 5.93
CHB CLA KD . 5.37 24.10 10.23
CHC CLA KD . 4.29 28.28 12.49
CHD CLA KD . 3.86 30.54 8.14
NA CLA KD . 5.12 25.50 8.22
C1A CLA KD . 5.28 25.32 6.83
C2A CLA KD . 5.62 23.86 6.51
C3A CLA KD . 5.51 23.16 7.89
C4A CLA KD . 5.33 24.31 8.87
CMA CLA KD . 4.33 22.22 7.92
CAA CLA KD . 7.02 23.71 5.93
CBA CLA KD . 7.30 22.27 5.56
CGA CLA KD . 6.34 21.83 4.49
O1A CLA KD . 5.70 22.53 3.71
O2A CLA KD . 6.21 20.48 4.41
NB CLA KD . 4.74 26.34 11.02
C1B CLA KD . 5.20 25.08 11.22
C2B CLA KD . 5.48 24.86 12.67
C3B CLA KD . 5.17 26.03 13.32
C4B CLA KD . 4.69 27.00 12.27
CMB CLA KD . 5.97 23.60 13.21
CAB CLA KD . 5.25 26.36 14.71
CBB CLA KD . 6.26 27.00 15.29
NC CLA KD . 4.12 29.07 10.14
C1C CLA KD . 4.02 29.26 11.49
C2C CLA KD . 3.61 30.63 11.77
C3C CLA KD . 3.52 31.28 10.55
C4C CLA KD . 3.83 30.29 9.52
CMC CLA KD . 3.39 31.17 13.12
CAC CLA KD . 3.13 32.68 10.31
CBC CLA KD . 1.65 32.84 10.10
ND CLA KD . 4.49 28.26 7.48
C1D CLA KD . 4.16 29.60 7.17
C2D CLA KD . 4.22 29.80 5.71
C3D CLA KD . 4.59 28.57 5.17
C4D CLA KD . 4.74 27.65 6.32
CMD CLA KD . 3.93 31.05 5.01
CAD CLA KD . 4.87 27.81 3.97
OBD CLA KD . 4.86 28.19 2.80
CBD CLA KD . 5.22 26.36 4.41
CGD CLA KD . 4.33 25.34 3.76
O1D CLA KD . 3.29 24.86 4.20
O2D CLA KD . 4.78 24.93 2.54
CED CLA KD . 3.81 24.51 1.59
C1 CLA KD . 5.54 19.98 3.23
C2 CLA KD . 6.09 18.62 2.96
C3 CLA KD . 6.33 18.19 1.72
C4 CLA KD . 6.07 19.02 0.52
C5 CLA KD . 6.88 16.82 1.46
C6 CLA KD . 7.34 16.12 2.73
C7 CLA KD . 8.02 14.81 2.37
C8 CLA KD . 7.80 13.74 3.43
C9 CLA KD . 8.28 14.20 4.78
C10 CLA KD . 8.49 12.44 3.02
C11 CLA KD . 8.37 11.38 4.09
C12 CLA KD . 8.74 10.00 3.56
C13 CLA KD . 7.60 9.42 2.73
C14 CLA KD . 6.63 8.66 3.61
C15 CLA KD . 8.13 8.50 1.64
C16 CLA KD . 8.89 7.33 2.22
C17 CLA KD . 9.08 6.22 1.22
C18 CLA KD . 10.55 5.90 0.96
C19 CLA KD . 11.11 5.04 2.08
C20 CLA KD . 11.36 7.17 0.80
MG CLA LD . 3.89 19.70 16.09
CHA CLA LD . 5.79 20.32 18.93
CHB CLA LD . 3.48 23.06 15.63
CHC CLA LD . 2.11 19.04 13.23
CHD CLA LD . 4.27 16.23 16.64
NA CLA LD . 4.56 21.40 17.12
C1A CLA LD . 5.34 21.44 18.27
C2A CLA LD . 5.60 22.89 18.68
C3A CLA LD . 4.72 23.72 17.72
C4A CLA LD . 4.22 22.67 16.72
CMA CLA LD . 3.58 24.39 18.44
CAA CLA LD . 7.07 23.22 18.46
CBA CLA LD . 7.57 22.79 17.10
CGA CLA LD . 8.88 23.44 16.80
O1A CLA LD . 9.98 23.25 17.33
O2A CLA LD . 8.80 24.37 15.80
NB CLA LD . 2.91 20.84 14.73
C1B CLA LD . 2.95 22.19 14.66
C2B CLA LD . 2.31 22.65 13.40
C3B CLA LD . 1.93 21.52 12.71
C4B CLA LD . 2.31 20.35 13.55
CMB CLA LD . 2.20 24.06 13.04
CAB CLA LD . 1.29 21.39 11.43
CBB CLA LD . 1.66 22.02 10.31
NC CLA LD . 3.29 17.95 15.13
C1C CLA LD . 2.57 17.92 13.97
C2C CLA LD . 2.33 16.53 13.58
C3C CLA LD . 2.93 15.73 14.54
C4C CLA LD . 3.54 16.63 15.51
CMC CLA LD . 1.59 16.14 12.37
CAC CLA LD . 2.95 14.27 14.59
CBC CLA LD . 4.05 13.68 13.73
ND CLA LD . 4.86 18.49 17.39
C1D CLA LD . 4.91 17.09 17.53
C2D CLA LD . 5.71 16.74 18.72
C3D CLA LD . 6.09 17.95 19.29
C4D CLA LD . 5.51 19.01 18.44
CMD CLA LD . 6.01 15.38 19.16
CAD CLA LD . 6.82 18.59 20.36
OBD CLA LD . 7.49 18.09 21.25
CBD CLA LD . 6.60 20.12 20.20
CGD CLA LD . 5.92 20.65 21.45
O1D CLA LD . 5.85 20.08 22.54
O2D CLA LD . 5.34 21.87 21.33
CED CLA LD . 4.21 22.15 22.15
C1 CLA LD . 9.94 24.50 14.92
C2 CLA LD . 9.59 25.59 13.98
C3 CLA LD . 10.43 26.09 13.05
C4 CLA LD . 11.81 25.58 12.88
C5 CLA LD . 9.99 27.19 12.15
C6 CLA LD . 8.95 26.73 11.15
C7 CLA LD . 7.85 27.75 10.96
C8 CLA LD . 8.37 29.07 10.40
C9 CLA LD . 8.07 30.20 11.37
C10 CLA LD . 7.77 29.37 9.04
C11 CLA LD . 8.01 30.81 8.62
C12 CLA LD . 7.41 31.13 7.27
C13 CLA LD . 7.63 32.59 6.91
C14 CLA LD . 6.52 33.45 7.48
C15 CLA LD . 7.74 32.78 5.40
C16 CLA LD . 7.86 34.24 5.03
C17 CLA LD . 9.25 34.79 5.31
C18 CLA LD . 9.40 36.23 4.84
C19 CLA LD . 9.13 36.35 3.36
C20 CLA LD . 10.77 36.76 5.17
MG CLA MD . -21.12 42.85 8.03
CHA CLA MD . -24.13 44.43 8.71
CHB CLA MD . -22.82 40.16 6.81
CHC CLA MD . -18.12 41.41 7.20
CHD CLA MD . -19.41 45.66 9.32
NA CLA MD . -23.15 42.39 7.83
C1A CLA MD . -24.25 43.20 8.14
C2A CLA MD . -25.56 42.48 7.81
C3A CLA MD . -25.10 41.07 7.41
C4A CLA MD . -23.58 41.20 7.32
CMA CLA MD . -25.49 40.07 8.47
CAA CLA MD . -26.26 43.17 6.66
CBA CLA MD . -25.32 43.38 5.49
CGA CLA MD . -25.93 44.25 4.43
O1A CLA MD . -26.03 45.47 4.42
O2A CLA MD . -26.44 43.55 3.38
NB CLA MD . -20.57 41.11 7.16
C1B CLA MD . -21.42 40.16 6.70
C2B CLA MD . -20.63 39.06 6.09
C3B CLA MD . -19.31 39.40 6.19
C4B CLA MD . -19.25 40.72 6.89
CMB CLA MD . -21.23 37.86 5.50
CAB CLA MD . -18.14 38.67 5.75
CBB CLA MD . -17.18 38.21 6.56
NC CLA MD . -19.13 43.42 8.26
C1C CLA MD . -18.06 42.68 7.85
C2C CLA MD . -16.82 43.38 8.15
C3C CLA MD . -17.18 44.59 8.74
C4C CLA MD . -18.64 44.61 8.80
CMC CLA MD . -15.47 42.87 7.86
CAC CLA MD . -16.27 45.64 9.21
CBC CLA MD . -16.20 46.80 8.23
ND CLA MD . -21.58 44.61 8.92
C1D CLA MD . -20.79 45.69 9.38
C2D CLA MD . -21.67 46.75 9.91
C3D CLA MD . -22.97 46.33 9.68
C4D CLA MD . -22.86 44.99 9.04
CMD CLA MD . -21.20 47.99 10.53
CAD CLA MD . -24.38 46.61 9.85
OBD CLA MD . -24.94 47.55 10.40
CBD CLA MD . -25.17 45.44 9.16
CGD CLA MD . -26.19 44.82 10.06
O1D CLA MD . -26.00 44.08 11.03
O2D CLA MD . -27.49 45.12 9.73
CED CLA MD . -28.48 45.02 10.74
C1 CLA MD . -25.65 43.54 2.16
C2 CLA MD . -26.41 42.72 1.18
C3 CLA MD . -25.86 42.25 0.04
C4 CLA MD . -24.44 42.51 -0.32
C5 CLA MD . -26.67 41.45 -0.91
MG CLA ND . -25.69 51.54 7.84
CHA CLA ND . -29.10 51.97 7.41
CHB CLA ND . -25.91 48.42 6.52
CHC CLA ND . -22.30 51.17 8.30
CHD CLA ND . -25.53 54.75 9.34
NA CLA ND . -27.27 50.41 7.07
C1A CLA ND . -28.62 50.77 6.98
C2A CLA ND . -29.43 49.63 6.36
C3A CLA ND . -28.41 48.49 6.19
C4A CLA ND . -27.09 49.14 6.60
CMA CLA ND . -28.75 47.29 7.04
CAA CLA ND . -29.99 50.05 5.01
CBA CLA ND . -28.88 50.54 4.11
CGA CLA ND . -29.44 51.03 2.81
O1A CLA ND . -30.62 51.18 2.48
O2A CLA ND . -28.47 51.31 1.88
NB CLA ND . -24.38 50.05 7.54
C1B CLA ND . -24.65 48.89 6.88
C2B CLA ND . -23.38 48.16 6.59
C3B CLA ND . -22.36 48.93 7.09
C4B CLA ND . -22.97 50.14 7.70
CMB CLA ND . -23.35 46.87 5.89
CAB CLA ND . -20.94 48.69 7.07
CBB CLA ND . -20.03 49.47 6.46
NC CLA ND . -24.19 52.75 8.66
C1C CLA ND . -22.87 52.39 8.75
C2C CLA ND . -22.12 53.46 9.39
C3C CLA ND . -23.02 54.47 9.69
C4C CLA ND . -24.33 54.02 9.23
CMC CLA ND . -20.67 53.43 9.65
CAC CLA ND . -22.74 55.76 10.34
CBC CLA ND . -22.69 56.91 9.36
ND CLA ND . -26.94 53.09 8.19
C1D CLA ND . -26.76 54.33 8.87
C2D CLA ND . -28.05 55.04 8.95
C3D CLA ND . -28.98 54.19 8.37
C4D CLA ND . -28.25 52.98 7.96
CMD CLA ND . -28.24 56.38 9.52
CAD CLA ND . -30.37 54.01 8.01
OBD CLA ND . -31.32 54.78 8.09
CBD CLA ND . -30.50 52.54 7.48
CGD CLA ND . -31.38 51.73 8.39
O1D CLA ND . -31.70 52.00 9.55
O2D CLA ND . -31.84 50.58 7.84
CED CLA ND . -33.12 50.12 8.26
MG CLA OD . -18.75 30.06 8.93
CHA CLA OD . -18.53 33.26 10.26
CHB CLA OD . -16.74 31.00 6.36
CHC CLA OD . -19.02 26.90 7.64
CHD CLA OD . -20.90 29.15 11.59
NA CLA OD . -17.79 31.85 8.42
C1A CLA OD . -17.81 33.07 9.11
C2A CLA OD . -16.99 34.13 8.37
C3A CLA OD . -16.49 33.39 7.11
C4A CLA OD . -17.03 31.97 7.29
CMA CLA OD . -17.00 34.04 5.85
CAA CLA OD . -15.82 34.68 9.18
CBA CLA OD . -15.61 36.13 8.83
CGA CLA OD . -14.22 36.59 9.17
O1A CLA OD . -13.55 36.32 10.17
O2A CLA OD . -13.67 37.41 8.23
NB CLA OD . -18.03 29.14 7.30
C1B CLA OD . -17.20 29.68 6.39
C2B CLA OD . -16.81 28.64 5.38
C3B CLA OD . -17.45 27.48 5.74
C4B CLA OD . -18.23 27.78 6.96
CMB CLA OD . -15.91 28.93 4.25
CAB CLA OD . -17.46 26.17 5.14
CBB CLA OD . -17.31 25.89 3.84
NC CLA OD . -19.78 28.34 9.51
C1C CLA OD . -19.74 27.15 8.84
C2C CLA OD . -20.57 26.17 9.52
C3C CLA OD . -21.11 26.80 10.63
C4C CLA OD . -20.60 28.16 10.63
CMC CLA OD . -20.78 24.79 9.07
CAC CLA OD . -22.02 26.21 11.63
CBC CLA OD . -21.34 25.96 12.96
ND CLA OD . -19.54 30.92 10.58
C1D CLA OD . -20.41 30.44 11.59
C2D CLA OD . -20.69 31.52 12.56
C3D CLA OD . -19.99 32.62 12.09
C4D CLA OD . -19.30 32.20 10.86
CMD CLA OD . -21.54 31.40 13.74
CAD CLA OD . -19.67 34.02 12.31
OBD CLA OD . -20.03 34.77 13.20
CBD CLA OD . -18.73 34.47 11.15
CGD CLA OD . -19.31 35.61 10.37
O1D CLA OD . -18.82 36.74 10.20
O2D CLA OD . -20.51 35.33 9.80
CED CLA OD . -20.95 36.17 8.74
C1 CLA OD . -13.01 38.59 8.72
C2 CLA OD . -12.37 39.26 7.56
C3 CLA OD . -11.82 40.48 7.64
C4 CLA OD . -11.80 41.25 8.91
C5 CLA OD . -11.19 41.12 6.45
C6 CLA OD . -11.44 42.61 6.38
MG CLA PD . -7.20 32.69 8.17
CHA CLA PD . -10.23 33.42 9.66
CHB CLA PD . -8.84 31.40 5.47
CHC CLA PD . -4.16 32.12 6.66
CHD CLA PD . -5.54 34.07 10.97
NA CLA PD . -9.21 32.45 7.68
C1A CLA PD . -10.32 32.82 8.44
C2A CLA PD . -11.62 32.48 7.71
C3A CLA PD . -11.14 31.73 6.43
C4A CLA PD . -9.62 31.86 6.51
CMA CLA PD . -11.60 30.29 6.42
CAA CLA PD . -12.36 33.74 7.33
CBA CLA PD . -11.53 34.64 6.42
CGA CLA PD . -10.72 35.63 7.20
O1A CLA PD . -10.99 36.17 8.27
O2A CLA PD . -9.53 35.93 6.60
NB CLA PD . -6.61 31.92 6.39
C1B CLA PD . -7.43 31.46 5.43
C2B CLA PD . -6.63 30.97 4.26
C3B CLA PD . -5.30 31.18 4.60
C4B CLA PD . -5.27 31.77 5.96
CMB CLA PD . -7.24 30.41 3.06
CAB CLA PD . -4.09 30.89 3.87
CBB CLA PD . -3.92 30.97 2.55
NC CLA PD . -5.21 33.01 8.73
C1C CLA PD . -4.12 32.69 7.97
C2C CLA PD . -2.90 33.05 8.67
C3C CLA PD . -3.28 33.61 9.89
C4C CLA PD . -4.74 33.58 9.92
CMC CLA PD . -1.54 32.84 8.15
CAC CLA PD . -2.40 34.13 10.94
CBC CLA PD . -2.29 35.64 10.89
ND CLA PD . -7.70 33.49 9.95
C1D CLA PD . -6.91 34.04 11.01
C2D CLA PD . -7.82 34.55 12.07
C3D CLA PD . -9.10 34.34 11.60
C4D CLA PD . -8.97 33.69 10.28
CMD CLA PD . -7.38 35.16 13.32
CAD CLA PD . -10.53 34.49 11.86
OBD CLA PD . -11.10 34.96 12.84
CBD CLA PD . -11.29 33.93 10.61
CGD CLA PD . -12.32 32.89 10.95
O1D CLA PD . -13.46 32.78 10.48
O2D CLA PD . -11.93 31.98 11.88
CED CLA PD . -12.90 31.02 12.31
C1 CLA PD . -8.34 35.77 7.41
C2 CLA PD . -7.66 37.10 7.42
C3 CLA PD . -6.32 37.23 7.30
C4 CLA PD . -5.68 38.56 7.32
C5 CLA PD . -5.45 36.04 7.14
C6 CLA PD . -4.05 36.36 6.65
C7 CLA PD . -3.96 36.25 5.13
C8 CLA PD . -2.52 36.38 4.65
C9 CLA PD . -2.46 37.18 3.36
C10 CLA PD . -1.89 35.00 4.45
C11 CLA PD . -0.43 35.11 4.06
C12 CLA PD . 0.28 33.78 4.17
C13 CLA PD . 1.79 33.98 4.28
C14 CLA PD . 2.13 34.76 5.52
C15 CLA PD . 2.33 34.69 3.04
C16 CLA PD . 3.77 35.13 3.23
C17 CLA PD . 4.75 34.23 2.49
C18 CLA PD . 4.91 34.62 1.03
C19 CLA PD . 6.20 34.05 0.46
C20 CLA PD . 4.89 36.13 0.86
MG CLA QD . -7.62 32.06 -2.00
CHA CLA QD . -10.36 32.31 0.11
CHB CLA QD . -9.58 30.64 -4.39
CHC CLA QD . -4.86 31.83 -4.03
CHD CLA QD . -5.59 33.41 0.58
NA CLA QD . -9.65 31.58 -2.10
C1A CLA QD . -10.63 31.76 -1.12
C2A CLA QD . -11.98 31.24 -1.60
C3A CLA QD . -11.68 30.69 -3.02
C4A CLA QD . -10.20 30.99 -3.20
CMA CLA QD . -11.98 29.23 -3.14
CAA CLA QD . -13.06 32.31 -1.64
CBA CLA QD . -12.62 33.59 -2.32
CGA CLA QD . -13.60 34.66 -2.00
O1A CLA QD . -14.06 34.97 -0.90
O2A CLA QD . -14.03 35.36 -3.11
NB CLA QD . -7.26 31.29 -3.82
C1B CLA QD . -8.22 30.86 -4.69
C2B CLA QD . -7.63 30.65 -6.04
C3B CLA QD . -6.30 30.97 -5.95
C4B CLA QD . -6.05 31.39 -4.54
CMB CLA QD . -8.41 30.19 -7.19
CAB CLA QD . -5.29 30.97 -6.98
CBB CLA QD . -4.07 30.43 -6.88
NC CLA QD . -5.60 32.56 -1.77
C1C CLA QD . -4.64 32.38 -2.74
C2C CLA QD . -3.35 32.83 -2.25
C3C CLA QD . -3.55 33.26 -0.93
C4C CLA QD . -4.96 33.07 -0.64
CMC CLA QD . -2.10 32.82 -3.02
CAC CLA QD . -2.53 33.79 -0.01
CBC CLA QD . -2.58 35.30 0.08
ND CLA QD . -7.87 32.86 -0.15
C1D CLA QD . -6.95 33.33 0.82
C2D CLA QD . -7.68 33.68 2.06
C3D CLA QD . -9.00 33.35 1.82
C4D CLA QD . -9.06 32.79 0.45
CMD CLA QD . -7.07 34.27 3.25
CAD CLA QD . -10.35 33.33 2.35
OBD CLA QD . -10.79 33.81 3.39
CBD CLA QD . -11.23 32.54 1.33
CGD CLA QD . -11.70 31.24 1.90
O1D CLA QD . -11.11 30.50 2.69
O2D CLA QD . -12.94 30.85 1.47
CED CLA QD . -13.33 29.51 1.74
C1 CLA QD . -15.13 36.28 -2.91
C2 CLA QD . -14.55 37.56 -2.46
C3 CLA QD . -14.97 38.19 -1.36
C4 CLA QD . -16.04 37.65 -0.50
C5 CLA QD . -14.36 39.49 -0.93
C6 CLA QD . -14.31 40.53 -2.03
C7 CLA QD . -14.26 41.93 -1.44
C8 CLA QD . -13.98 43.01 -2.48
C9 CLA QD . -14.20 44.37 -1.85
C10 CLA QD . -14.85 42.83 -3.72
C11 CLA QD . -15.01 44.12 -4.50
C12 CLA QD . -15.36 43.86 -5.94
C13 CLA QD . -15.90 45.10 -6.63
C14 CLA QD . -14.83 46.17 -6.74
C15 CLA QD . -17.12 45.66 -5.90
C16 CLA QD . -18.42 45.15 -6.52
C17 CLA QD . -18.97 43.96 -5.77
C18 CLA QD . -20.23 43.40 -6.42
C19 CLA QD . -21.16 44.52 -6.85
C20 CLA QD . -20.95 42.46 -5.47
MG CLA RD . -25.54 -16.00 -17.54
CHA CLA RD . -22.93 -17.57 -15.88
CHB CLA RD . -26.81 -19.03 -18.41
CHC CLA RD . -28.21 -14.40 -18.98
CHD CLA RD . -24.15 -12.87 -16.64
NA CLA RD . -24.93 -17.96 -17.21
C1A CLA RD . -23.83 -18.41 -16.48
C2A CLA RD . -23.77 -19.93 -16.47
C3A CLA RD . -24.88 -20.33 -17.46
C4A CLA RD . -25.62 -19.02 -17.71
CMA CLA RD . -24.27 -20.81 -18.74
CAA CLA RD . -24.06 -20.48 -15.07
CBA CLA RD . -25.39 -20.00 -14.52
CGA CLA RD . -25.21 -18.72 -13.75
O1A CLA RD . -24.28 -18.40 -13.02
O2A CLA RD . -26.22 -17.82 -13.94
NB CLA RD . -27.22 -16.59 -18.48
C1B CLA RD . -27.55 -17.89 -18.75
C2B CLA RD . -28.82 -17.93 -19.52
C3B CLA RD . -29.23 -16.62 -19.69
C4B CLA RD . -28.21 -15.76 -19.03
CMB CLA RD . -29.44 -19.17 -19.98
CAB CLA RD . -30.37 -16.12 -20.38
CBB CLA RD . -31.37 -15.42 -19.83
NC CLA RD . -26.06 -13.99 -17.79
C1C CLA RD . -27.20 -13.56 -18.42
C2C CLA RD . -27.25 -12.11 -18.39
C3C CLA RD . -26.11 -11.67 -17.74
C4C CLA RD . -25.36 -12.87 -17.35
CMC CLA RD . -28.34 -11.31 -18.96
CAC CLA RD . -25.72 -10.28 -17.46
CBC CLA RD . -25.99 -9.87 -16.02
ND CLA RD . -23.89 -15.31 -16.60
C1D CLA RD . -23.45 -13.99 -16.27
C2D CLA RD . -22.19 -14.09 -15.50
C3D CLA RD . -21.94 -15.44 -15.32
C4D CLA RD . -23.04 -16.15 -16.01
CMD CLA RD . -21.42 -12.95 -15.02
CAD CLA RD . -21.05 -16.44 -14.77
OBD CLA RD . -19.98 -16.31 -14.19
CBD CLA RD . -21.70 -17.83 -15.05
CGD CLA RD . -20.75 -18.78 -15.74
O1D CLA RD . -20.03 -18.56 -16.72
O2D CLA RD . -20.74 -20.03 -15.20
CED CLA RD . -20.44 -21.14 -16.06
C1 CLA RD . -25.81 -16.43 -13.92
C2 CLA RD . -27.03 -15.58 -13.98
C3 CLA RD . -27.01 -14.30 -13.62
C4 CLA RD . -25.77 -13.63 -13.13
C5 CLA RD . -28.23 -13.45 -13.67
C6 CLA RD . -28.82 -13.34 -15.07
C7 CLA RD . -29.73 -12.13 -15.17
C8 CLA RD . -31.12 -12.47 -15.66
C9 CLA RD . -31.88 -13.30 -14.64
C10 CLA RD . -31.08 -13.20 -16.99
C11 CLA RD . -31.67 -12.38 -18.10
C12 CLA RD . -33.10 -12.78 -18.41
C13 CLA RD . -33.48 -12.36 -19.82
C14 CLA RD . -33.72 -10.86 -19.88
C15 CLA RD . -34.71 -13.12 -20.32
C16 CLA RD . -35.14 -12.60 -21.68
C17 CLA RD . -35.70 -13.71 -22.54
C18 CLA RD . -37.05 -13.33 -23.15
C19 CLA RD . -37.65 -14.49 -23.92
C20 CLA RD . -36.91 -12.11 -24.03
MG CLA SD . -25.54 0.34 -10.03
CHA CLA SD . -25.12 2.97 -12.27
CHB CLA SD . -27.18 2.43 -7.91
CHC CLA SD . -26.00 -2.30 -7.90
CHD CLA SD . -23.72 -1.75 -12.23
NA CLA SD . -26.06 2.37 -10.10
C1A CLA SD . -25.79 3.29 -11.13
C2A CLA SD . -26.35 4.67 -10.77
C3A CLA SD . -26.88 4.49 -9.33
C4A CLA SD . -26.72 2.99 -9.08
CMA CLA SD . -26.11 5.33 -8.35
CAA CLA SD . -27.48 5.05 -11.71
CBA CLA SD . -28.38 3.86 -11.98
CGA CLA SD . -29.77 4.14 -11.50
O1A CLA SD . -30.13 4.78 -10.50
O2A CLA SD . -30.73 3.59 -12.31
NB CLA SD . -26.41 0.11 -8.23
C1B CLA SD . -27.08 1.07 -7.55
C2B CLA SD . -27.69 0.49 -6.31
C3B CLA SD . -27.36 -0.85 -6.30
C4B CLA SD . -26.54 -1.11 -7.53
CMB CLA SD . -28.47 1.28 -5.36
CAB CLA SD . -27.71 -1.86 -5.34
CBB CLA SD . -26.90 -2.78 -4.81
NC CLA SD . -24.96 -1.66 -10.06
C1C CLA SD . -25.26 -2.57 -9.08
C2C CLA SD . -24.70 -3.88 -9.43
C3C CLA SD . -24.05 -3.71 -10.66
C4C CLA SD . -24.22 -2.32 -11.04
CMC CLA SD . -24.84 -5.08 -8.62
CAC CLA SD . -23.33 -4.75 -11.42
CBC CLA SD . -21.84 -4.74 -11.18
ND CLA SD . -24.63 0.49 -11.83
C1D CLA SD . -23.91 -0.44 -12.61
C2D CLA SD . -23.43 0.22 -13.85
C3D CLA SD . -23.90 1.52 -13.79
C4D CLA SD . -24.62 1.64 -12.50
CMD CLA SD . -22.66 -0.43 -14.91
CAD CLA SD . -23.96 2.81 -14.44
OBD CLA SD . -23.53 3.16 -15.54
CBD CLA SD . -24.71 3.78 -13.47
CGD CLA SD . -23.85 4.95 -13.08
O1D CLA SD . -23.44 5.23 -11.95
O2D CLA SD . -23.53 5.77 -14.12
CED CLA SD . -22.77 6.94 -13.83
C1 CLA SD . -32.01 3.33 -11.71
C2 CLA SD . -32.93 3.01 -12.82
C3 CLA SD . -34.26 3.03 -12.69
C4 CLA SD . -34.93 3.37 -11.42
C5 CLA SD . -35.14 2.70 -13.85
C6 CLA SD . -36.09 1.55 -13.56
C7 CLA SD . -35.32 0.26 -13.39
C8 CLA SD . -36.23 -0.88 -12.96
C9 CLA SD . -37.17 -1.24 -14.10
C10 CLA SD . -37.02 -0.53 -11.71
C11 CLA SD . -38.03 -1.59 -11.37
C12 CLA SD . -38.20 -1.75 -9.88
C13 CLA SD . -38.97 -3.04 -9.56
C14 CLA SD . -40.33 -2.72 -9.00
C15 CLA SD . -38.19 -3.92 -8.59
C16 CLA SD . -38.30 -5.38 -8.99
C17 CLA SD . -37.60 -6.29 -8.01
C18 CLA SD . -37.67 -7.75 -8.46
C19 CLA SD . -36.93 -8.65 -7.50
C20 CLA SD . -39.11 -8.19 -8.59
C1 PQN TD . -15.41 -3.17 -12.79
O1 PQN TD . -15.12 -3.17 -11.57
C2 PQN TD . -16.42 -4.12 -13.30
C2M PQN TD . -17.08 -5.07 -12.34
C3 PQN TD . -16.76 -4.13 -14.75
C4 PQN TD . -16.10 -3.18 -15.67
O4 PQN TD . -16.38 -3.18 -16.88
C5 PQN TD . -15.08 -2.22 -15.15
C6 PQN TD . -14.44 -1.33 -16.00
C7 PQN TD . -13.49 -0.45 -15.48
C8 PQN TD . -13.18 -0.45 -14.13
C9 PQN TD . -13.79 -1.32 -13.24
C10 PQN TD . -14.74 -2.22 -13.70
C11 PQN TD . -17.80 -5.09 -15.27
C12 PQN TD . -19.16 -4.49 -15.02
C13 PQN TD . -20.20 -4.65 -15.85
C14 PQN TD . -20.05 -5.48 -17.10
C15 PQN TD . -21.51 -3.99 -15.50
C16 PQN TD . -22.67 -4.97 -15.64
C17 PQN TD . -23.97 -4.23 -15.35
C18 PQN TD . -25.19 -5.12 -15.53
C19 PQN TD . -25.10 -5.95 -16.80
C20 PQN TD . -26.45 -4.25 -15.53
C21 PQN TD . -26.73 -3.66 -14.16
C22 PQN TD . -27.40 -4.69 -13.25
C23 PQN TD . -27.77 -4.08 -11.90
C24 PQN TD . -28.42 -5.13 -11.01
C25 PQN TD . -28.69 -2.88 -12.12
C26 PQN TD . -28.35 -1.74 -11.16
C27 PQN TD . -29.19 -1.78 -9.89
C28 PQN TD . -30.36 -0.80 -9.96
C29 PQN TD . -31.08 -0.70 -8.62
C30 PQN TD . -29.88 0.58 -10.41
MG CLA UD . -7.37 49.22 -13.06
CHA CLA UD . -4.30 50.77 -12.63
CHB CLA UD . -6.94 47.56 -10.11
CHC CLA UD . -10.56 47.97 -13.35
CHD CLA UD . -7.82 51.04 -16.04
NA CLA UD . -5.82 49.14 -11.65
C1A CLA UD . -4.64 49.88 -11.64
C2A CLA UD . -3.79 49.53 -10.43
C3A CLA UD . -4.56 48.37 -9.75
C4A CLA UD . -5.88 48.33 -10.54
CMA CLA UD . -3.80 47.07 -9.82
CAA CLA UD . -3.72 50.72 -9.50
CBA CLA UD . -3.05 50.41 -8.18
CGA CLA UD . -2.76 51.70 -7.47
O1A CLA UD . -3.50 52.67 -7.30
O2A CLA UD . -1.50 51.74 -6.95
NB CLA UD . -8.52 47.98 -11.95
C1B CLA UD . -8.18 47.45 -10.75
C2B CLA UD . -9.33 46.69 -10.18
C3B CLA UD . -10.37 46.80 -11.10
C4B CLA UD . -9.86 47.62 -12.23
CMB CLA UD . -9.26 45.99 -8.90
CAB CLA UD . -11.72 46.28 -11.10
CBB CLA UD . -12.28 45.47 -10.21
NC CLA UD . -8.88 49.41 -14.48
C1C CLA UD . -10.10 48.80 -14.42
C2C CLA UD . -10.91 49.17 -15.57
C3C CLA UD . -10.15 50.07 -16.32
C4C CLA UD . -8.87 50.21 -15.62
CMC CLA UD . -12.27 48.69 -15.82
CAC CLA UD . -10.54 50.74 -17.57
CBC CLA UD . -10.69 52.24 -17.40
ND CLA UD . -6.29 50.48 -14.21
C1D CLA UD . -6.62 51.19 -15.40
C2D CLA UD . -5.48 52.07 -15.76
C3D CLA UD . -4.57 51.96 -14.72
C4D CLA UD . -5.14 50.98 -13.77
CMD CLA UD . -5.42 52.91 -16.96
CAD CLA UD . -3.27 52.35 -14.22
OBD CLA UD . -2.41 53.06 -14.74
CBD CLA UD . -3.12 51.70 -12.81
CGD CLA UD . -1.80 51.03 -12.60
O1D CLA UD . -1.18 50.89 -11.54
O2D CLA UD . -1.23 50.54 -13.74
CED CLA UD . 0.10 50.06 -13.64
C1 CLA UD . -1.38 52.25 -5.61
C2 CLA UD . -0.11 51.71 -5.07
C3 CLA UD . 0.17 51.75 -3.76
C4 CLA UD . -0.76 52.31 -2.75
C5 CLA UD . 1.46 51.20 -3.23
C6 CLA UD . 2.36 50.69 -4.33
C7 CLA UD . 3.70 50.27 -3.75
C8 CLA UD . 4.76 50.05 -4.83
C9 CLA UD . 4.15 49.39 -6.05
C10 CLA UD . 5.91 49.22 -4.29
C11 CLA UD . 7.24 49.89 -4.51
C12 CLA UD . 8.35 49.19 -3.76
C13 CLA UD . 8.63 49.83 -2.41
C14 CLA UD . 10.07 50.27 -2.31
C15 CLA UD . 8.27 48.94 -1.24
C16 CLA UD . 7.94 47.51 -1.62
C17 CLA UD . 7.70 46.65 -0.40
C18 CLA UD . 6.23 46.64 0.00
C19 CLA UD . 6.08 46.66 1.51
C20 CLA UD . 5.54 45.41 -0.57
O1 LHG VD . -20.02 7.08 -28.29
C1 LHG VD . -19.07 7.80 -27.55
C2 LHG VD . -19.49 7.77 -26.09
O2 LHG VD . -20.10 8.97 -25.77
C3 LHG VD . -18.25 7.58 -25.20
O3 LHG VD . -18.63 6.83 -24.09
P LHG VD . -17.75 6.97 -22.71
O4 LHG VD . -16.92 8.23 -22.77
O5 LHG VD . -16.84 5.78 -22.58
O6 LHG VD . -18.77 7.04 -21.40
C4 LHG VD . -18.25 7.57 -20.19
C5 LHG VD . -19.38 7.71 -19.16
C6 LHG VD . -19.62 9.18 -18.86
O7 LHG VD . -20.56 7.14 -19.67
C7 LHG VD . -21.38 6.58 -18.69
O9 LHG VD . -20.97 6.45 -17.58
C8 LHG VD . -22.81 6.12 -19.01
C9 LHG VD . -23.62 5.84 -17.73
C10 LHG VD . -25.14 6.09 -17.91
O8 LHG VD . -20.92 9.51 -19.22
C23 LHG VD . -21.17 10.88 -19.22
O10 LHG VD . -20.27 11.65 -19.31
C24 LHG VD . -22.62 11.40 -19.08
C11 LHG VD . -25.96 4.78 -17.80
C12 LHG VD . -27.37 5.04 -17.16
C13 LHG VD . -28.08 3.73 -16.70
C14 LHG VD . -29.54 3.98 -16.23
C15 LHG VD . -29.88 5.49 -16.12
C16 LHG VD . -30.21 5.91 -14.69
C17 LHG VD . -31.16 7.12 -14.64
C18 LHG VD . -31.11 7.86 -13.31
C19 LHG VD . -32.33 8.72 -13.08
C20 LHG VD . -32.11 9.79 -12.02
C21 LHG VD . -33.41 10.45 -11.56
C25 LHG VD . -23.05 11.43 -17.63
C26 LHG VD . -22.07 11.36 -16.68
C27 LHG VD . -22.43 11.38 -15.16
C28 LHG VD . -21.36 10.62 -14.33
C29 LHG VD . -20.32 11.58 -13.69
C30 LHG VD . -20.39 11.56 -12.14
C31 LHG VD . -21.75 11.06 -11.62
C32 LHG VD . -22.04 11.49 -10.16
C33 LHG VD . -23.32 10.84 -9.62
C34 LHG VD . -23.62 11.26 -8.16
C35 LHG VD . -24.80 10.50 -7.56
C36 LHG VD . -24.85 10.64 -6.04
C37 LHG VD . -26.29 10.75 -5.51
C38 LHG VD . -26.33 11.03 -4.01
O1 LHG WD . -10.94 43.66 -15.19
C1 LHG WD . -10.91 45.01 -15.52
C2 LHG WD . -9.74 45.20 -16.47
O2 LHG WD . -9.23 43.95 -16.81
C3 LHG WD . -8.65 46.01 -15.78
O3 LHG WD . -7.89 45.15 -14.99
P LHG WD . -6.29 45.48 -14.80
O4 LHG WD . -6.12 46.93 -14.41
O5 LHG WD . -5.56 45.21 -16.08
O6 LHG WD . -5.68 44.51 -13.58
C4 LHG WD . -5.58 45.06 -12.29
C5 LHG WD . -5.39 43.91 -11.29
C6 LHG WD . -6.42 44.02 -10.18
O7 LHG WD . -5.56 42.68 -11.96
C7 LHG WD . -4.38 41.93 -12.07
O9 LHG WD . -3.33 42.47 -12.23
C8 LHG WD . -4.43 40.39 -11.94
C9 LHG WD . -3.25 39.84 -11.12
C10 LHG WD . -3.72 38.85 -10.01
O8 LHG WD . -5.80 43.74 -8.97
C23 LHG WD . -6.20 42.51 -8.43
O10 LHG WD . -7.21 42.00 -8.80
C24 LHG WD . -5.34 41.81 -7.35
C11 LHG WD . -2.60 38.56 -8.98
C12 LHG WD . -3.10 37.72 -7.77
C13 LHG WD . -2.46 38.20 -6.42
C25 LHG WD . -6.20 41.07 -6.32
C1 BCR XD . -48.90 26.26 -8.24
C2 BCR XD . -47.82 25.19 -8.24
C3 BCR XD . -47.42 24.75 -6.84
C4 BCR XD . -46.90 25.96 -6.08
C5 BCR XD . -48.01 26.99 -6.02
C6 BCR XD . -48.81 27.21 -7.07
C7 BCR XD . -49.66 28.43 -7.10
C8 BCR XD . -49.15 29.62 -7.37
C9 BCR XD . -50.02 30.82 -7.41
C10 BCR XD . -49.49 31.97 -7.85
C11 BCR XD . -50.26 33.21 -7.94
C33 BCR XD . -48.20 27.73 -4.73
C31 BCR XD . -50.27 25.60 -8.17
C32 BCR XD . -48.79 27.05 -9.54
C34 BCR XD . -51.44 30.75 -6.98
C12 BCR XD . -49.66 34.28 -8.43
C13 BCR XD . -50.34 35.58 -8.58
C14 BCR XD . -49.63 36.61 -9.05
C15 BCR XD . -50.22 37.93 -9.24
C16 BCR XD . -49.45 38.90 -9.72
C17 BCR XD . -49.96 40.25 -9.95
C18 BCR XD . -49.13 41.25 -10.26
C19 BCR XD . -49.66 42.60 -10.51
C20 BCR XD . -48.85 43.61 -10.77
C21 BCR XD . -49.43 44.93 -11.02
C22 BCR XD . -48.66 46.00 -11.25
C23 BCR XD . -49.31 47.30 -11.51
C24 BCR XD . -48.63 48.44 -11.44
C25 BCR XD . -49.29 49.74 -11.72
C26 BCR XD . -49.60 50.06 -12.98
C27 BCR XD . -50.64 51.11 -13.31
C28 BCR XD . -51.33 51.59 -12.03
C29 BCR XD . -50.27 51.93 -11.00
C30 BCR XD . -49.56 50.66 -10.55
C35 BCR XD . -51.78 35.73 -8.21
C36 BCR XD . -47.66 41.00 -10.37
C37 BCR XD . -47.16 45.88 -11.27
C38 BCR XD . -48.91 49.39 -14.12
C39 BCR XD . -50.46 49.94 -9.54
C40 BCR XD . -48.23 51.00 -9.90
C1 BCR YD . -37.64 24.46 -5.71
C2 BCR YD . -36.72 23.60 -6.57
C3 BCR YD . -35.27 23.99 -6.38
C4 BCR YD . -35.08 25.43 -6.83
C5 BCR YD . -36.00 26.31 -6.03
C6 BCR YD . -37.25 25.92 -5.75
C7 BCR YD . -38.29 26.93 -5.48
C8 BCR YD . -38.69 27.73 -6.47
C9 BCR YD . -39.72 28.75 -6.28
C10 BCR YD . -39.81 29.73 -7.19
C11 BCR YD . -40.81 30.78 -7.09
C33 BCR YD . -35.47 27.62 -5.51
C31 BCR YD . -37.60 24.00 -4.26
C32 BCR YD . -39.07 24.32 -6.23
C34 BCR YD . -40.66 28.70 -5.13
C12 BCR YD . -41.05 31.46 -8.19
C13 BCR YD . -42.05 32.54 -8.25
C14 BCR YD . -42.26 33.14 -9.42
C15 BCR YD . -43.24 34.20 -9.55
C16 BCR YD . -43.45 34.74 -10.75
C17 BCR YD . -44.43 35.80 -10.87
C18 BCR YD . -44.69 36.36 -12.05
C19 BCR YD . -45.71 37.42 -12.11
C20 BCR YD . -46.16 37.90 -13.26
C21 BCR YD . -47.18 38.94 -13.17
C22 BCR YD . -47.58 39.63 -14.24
C23 BCR YD . -48.60 40.68 -14.03
C24 BCR YD . -49.17 41.28 -15.06
C25 BCR YD . -50.20 42.33 -14.87
C26 BCR YD . -51.39 42.06 -14.32
C27 BCR YD . -52.30 43.13 -13.78
C28 BCR YD . -51.57 44.46 -13.72
C29 BCR YD . -50.93 44.74 -15.07
C30 BCR YD . -49.82 43.72 -15.34
C35 BCR YD . -42.81 32.93 -7.03
C36 BCR YD . -43.96 35.93 -13.28
C37 BCR YD . -47.01 39.37 -15.60
C38 BCR YD . -51.89 40.64 -14.25
C39 BCR YD . -48.56 44.15 -14.62
C40 BCR YD . -49.56 43.65 -16.84
C1 BCR ZD . -10.42 47.95 -1.14
C2 BCR ZD . -11.10 49.10 -0.40
C3 BCR ZD . -11.65 50.24 -1.25
C4 BCR ZD . -12.28 49.71 -2.53
C5 BCR ZD . -11.15 49.02 -3.24
C6 BCR ZD . -10.59 47.97 -2.64
C7 BCR ZD . -10.14 46.78 -3.39
C8 BCR ZD . -10.88 46.26 -4.37
C9 BCR ZD . -10.43 45.07 -5.11
C10 BCR ZD . -11.25 44.56 -6.03
C11 BCR ZD . -10.91 43.38 -6.80
C33 BCR ZD . -10.66 49.55 -4.57
C31 BCR ZD . -11.00 46.63 -0.63
C32 BCR ZD . -8.92 47.98 -0.85
C34 BCR ZD . -9.10 44.44 -4.83
C12 BCR ZD . -11.81 42.95 -7.66
C13 BCR ZD . -11.60 41.76 -8.51
C14 BCR ZD . -12.62 41.31 -9.24
C15 BCR ZD . -12.49 40.13 -10.08
C16 BCR ZD . -13.58 39.66 -10.66
C17 BCR ZD . -13.48 38.47 -11.50
C18 BCR ZD . -14.56 37.93 -12.05
C19 BCR ZD . -14.39 36.72 -12.87
C20 BCR ZD . -15.42 36.17 -13.51
C21 BCR ZD . -15.13 34.98 -14.30
C22 BCR ZD . -16.04 34.41 -15.08
C23 BCR ZD . -15.64 33.21 -15.82
C24 BCR ZD . -16.52 32.53 -16.56
C25 BCR ZD . -16.09 31.32 -17.29
C26 BCR ZD . -15.87 30.18 -16.64
C27 BCR ZD . -15.17 29.02 -17.30
C28 BCR ZD . -15.72 28.92 -18.71
C29 BCR ZD . -15.39 30.19 -19.46
C30 BCR ZD . -15.95 31.45 -18.80
C35 BCR ZD . -10.28 41.05 -8.52
C36 BCR ZD . -15.91 38.53 -11.82
C37 BCR ZD . -17.42 34.98 -15.21
C38 BCR ZD . -16.31 30.01 -15.22
C39 BCR ZD . -17.33 31.76 -19.36
C40 BCR ZD . -15.01 32.61 -19.11
C1 BCR AE . -13.64 26.65 -10.62
C2 BCR AE . -12.94 26.04 -11.81
C3 BCR AE . -13.12 26.96 -13.01
C4 BCR AE . -14.57 26.95 -13.43
C5 BCR AE . -15.48 27.16 -12.24
C6 BCR AE . -15.03 27.13 -10.97
C7 BCR AE . -15.89 27.58 -9.85
C8 BCR AE . -16.11 28.88 -9.66
C9 BCR AE . -16.96 29.36 -8.54
C10 BCR AE . -17.07 30.67 -8.36
C11 BCR AE . -17.85 31.25 -7.28
C33 BCR AE . -16.94 27.37 -12.52
C31 BCR AE . -12.83 27.83 -10.11
C32 BCR AE . -13.78 25.62 -9.50
C34 BCR AE . -17.66 28.39 -7.65
C12 BCR AE . -17.72 32.56 -7.11
C13 BCR AE . -18.43 33.30 -6.06
C14 BCR AE . -18.11 34.59 -5.87
C15 BCR AE . -18.76 35.39 -4.84
C16 BCR AE . -18.38 36.65 -4.66
C17 BCR AE . -19.01 37.45 -3.64
C18 BCR AE . -18.70 38.75 -3.50
C19 BCR AE . -19.34 39.54 -2.45
C20 BCR AE . -18.98 40.80 -2.25
C21 BCR AE . -19.62 41.56 -1.18
C22 BCR AE . -19.04 42.68 -0.74
C23 BCR AE . -19.66 43.46 0.35
C24 BCR AE . -18.98 43.51 1.49
C25 BCR AE . -19.45 44.24 2.68
C26 BCR AE . -18.83 45.38 3.01
C27 BCR AE . -18.78 45.87 4.43
C28 BCR AE . -20.13 45.61 5.08
C29 BCR AE . -20.48 44.14 4.97
C30 BCR AE . -20.58 43.68 3.52
C35 BCR AE . -19.49 32.66 -5.24
C36 BCR AE . -17.68 39.37 -4.41
C37 BCR AE . -17.75 43.15 -1.34
C38 BCR AE . -18.14 46.18 1.94
C39 BCR AE . -21.91 44.13 2.92
C40 BCR AE . -20.48 42.16 3.48
FE1 SF4 BE . -5.43 2.92 -17.67
FE2 SF4 BE . -3.28 4.94 -18.37
FE3 SF4 BE . -5.31 4.15 -20.41
FE4 SF4 BE . -3.21 2.17 -19.52
S1 SF4 BE . -3.18 4.14 -20.33
S2 SF4 BE . -5.34 2.15 -19.66
S3 SF4 BE . -3.31 2.97 -17.54
S4 SF4 BE . -5.41 4.92 -18.43
C1 XAT CE . -30.93 57.31 -17.52
C2 XAT CE . -29.42 57.32 -17.69
C3 XAT CE . -28.80 57.78 -16.39
C4 XAT CE . -28.93 56.65 -15.40
C5 XAT CE . -30.33 56.03 -15.28
C6 XAT CE . -31.37 56.40 -16.36
C7 XAT CE . -32.30 55.26 -16.71
C8 XAT CE . -33.50 55.32 -16.15
C9 XAT CE . -34.58 54.35 -16.33
C10 XAT CE . -35.21 53.93 -15.23
C11 XAT CE . -36.35 53.03 -15.27
C12 XAT CE . -36.96 52.90 -14.10
C13 XAT CE . -38.18 52.13 -13.88
C14 XAT CE . -38.42 51.57 -12.69
C15 XAT CE . -39.70 50.89 -12.52
C16 XAT CE . -31.59 56.88 -18.81
C17 XAT CE . -31.41 58.72 -17.22
C18 XAT CE . -30.51 54.61 -14.74
C19 XAT CE . -35.00 53.89 -17.69
C20 XAT CE . -39.20 52.04 -14.97
O3 XAT CE . -27.43 58.06 -16.59
O4 XAT CE . -31.39 56.96 -15.03
C21 XAT CE . -50.02 48.32 -5.11
C22 XAT CE . -51.31 47.57 -4.78
C23 XAT CE . -51.94 47.06 -6.05
C24 XAT CE . -51.08 45.88 -6.48
C25 XAT CE . -49.67 46.36 -6.86
C26 XAT CE . -49.17 47.66 -6.22
C27 XAT CE . -47.66 47.73 -6.02
C28 XAT CE . -47.05 48.41 -6.97
C29 XAT CE . -45.61 48.70 -7.05
C30 XAT CE . -45.08 48.85 -8.27
C31 XAT CE . -43.68 49.20 -8.46
C32 XAT CE . -43.17 49.21 -9.67
C33 XAT CE . -41.78 49.67 -9.83
C34 XAT CE . -41.42 50.11 -11.04
C35 XAT CE . -40.11 50.69 -11.28
C36 XAT CE . -49.19 48.44 -3.84
C37 XAT CE . -50.38 49.72 -5.57
C38 XAT CE . -48.52 45.36 -7.10
C39 XAT CE . -44.78 48.86 -5.82
C40 XAT CE . -40.83 49.69 -8.67
O23 XAT CE . -53.26 46.61 -5.80
O24 XAT CE . -49.63 47.59 -7.57
C1 LMG DE . -36.79 56.61 8.78
O1 LMG DE . -36.15 56.97 7.56
C2 LMG DE . -36.48 57.63 9.87
O2 LMG DE . -35.07 57.72 10.05
C3 LMG DE . -37.15 57.20 11.17
O3 LMG DE . -36.97 58.20 12.16
C4 LMG DE . -38.64 56.96 10.95
O4 LMG DE . -39.30 58.22 10.80
C5 LMG DE . -38.91 56.09 9.72
O5 LMG DE . -40.99 54.89 9.92
C6 LMG DE . -40.40 56.08 9.39
O6 LMG DE . -38.20 56.59 8.59
C7 LMG DE . -36.48 56.07 6.52
C8 LMG DE . -35.22 55.35 6.04
C9 LMG DE . -35.54 54.46 4.85
O7 LMG DE . -34.25 56.32 5.65
C10 LMG DE . -33.23 55.74 4.79
O9 LMG DE . -32.23 55.27 5.29
C11 LMG DE . -33.42 55.71 3.30
C12 LMG DE . -32.37 54.81 2.68
C13 LMG DE . -33.00 53.82 1.72
C14 LMG DE . -32.01 53.40 0.64
C15 LMG DE . -32.04 54.36 -0.54
C16 LMG DE . -30.85 54.12 -1.46
C17 LMG DE . -31.30 53.39 -2.72
O8 LMG DE . -36.21 55.23 3.85
C28 LMG DE . -37.09 54.57 2.91
O10 LMG DE . -38.30 54.81 2.96
C29 LMG DE . -36.55 53.64 1.86
C30 LMG DE . -37.52 53.56 0.70
C31 LMG DE . -36.85 53.97 -0.60
C32 LMG DE . -37.75 53.65 -1.79
C33 LMG DE . -36.93 53.65 -3.08
C34 LMG DE . -37.71 54.32 -4.21
MG CLA EE . -26.30 -9.09 -21.54
CHA CLA EE . -29.39 -10.20 -22.64
CHB CLA EE . -27.37 -5.87 -21.81
CHC CLA EE . -23.32 -8.06 -20.17
CHD CLA EE . -25.22 -12.45 -21.33
NA CLA EE . -28.09 -8.20 -22.16
C1A CLA EE . -29.27 -8.84 -22.56
C2A CLA EE . -30.33 -7.82 -22.94
C3A CLA EE . -29.59 -6.47 -22.86
C4A CLA EE . -28.25 -6.85 -22.22
CMA CLA EE . -29.43 -5.85 -24.22
CAA CLA EE . -31.48 -7.85 -21.95
CBA CLA EE . -32.81 -7.65 -22.65
CGA CLA EE . -33.81 -7.05 -21.71
O1A CLA EE . -33.79 -5.93 -21.19
O2A CLA EE . -34.85 -7.89 -21.42
NB CLA EE . -25.49 -7.30 -21.10
C1B CLA EE . -26.11 -6.11 -21.23
C2B CLA EE . -25.24 -5.03 -20.66
C3B CLA EE . -24.10 -5.64 -20.20
C4B CLA EE . -24.23 -7.10 -20.47
CMB CLA EE . -25.61 -3.62 -20.67
CAB CLA EE . -22.94 -5.07 -19.57
CBB CLA EE . -21.76 -4.87 -20.17
NC CLA EE . -24.58 -10.08 -20.90
C1C CLA EE . -23.48 -9.47 -20.37
C2C CLA EE . -22.47 -10.46 -20.01
C3C CLA EE . -23.00 -11.71 -20.35
C4C CLA EE . -24.33 -11.46 -20.90
CMC CLA EE . -21.17 -10.17 -19.41
CAC CLA EE . -22.37 -13.02 -20.18
CBC CLA EE . -21.77 -13.55 -21.45
ND CLA EE . -27.05 -10.93 -21.95
C1D CLA EE . -26.49 -12.24 -21.82
C2D CLA EE . -27.51 -13.22 -22.24
C3D CLA EE . -28.65 -12.50 -22.52
C4D CLA EE . -28.31 -11.09 -22.33
CMD CLA EE . -27.30 -14.68 -22.27
CAD CLA EE . -30.03 -12.56 -22.99
OBD CLA EE . -30.72 -13.53 -23.28
CBD CLA EE . -30.55 -11.10 -23.03
CGD CLA EE . -31.08 -10.73 -24.40
O1D CLA EE . -30.52 -10.04 -25.26
O2D CLA EE . -32.31 -11.24 -24.65
CED CLA EE . -33.05 -10.62 -25.70
C1 CLA EE . -36.15 -7.46 -21.85
C2 CLA EE . -36.99 -8.68 -21.92
C3 CLA EE . -37.67 -9.16 -20.86
C4 CLA EE . -37.63 -8.49 -19.53
C5 CLA EE . -38.49 -10.39 -20.97
C6 CLA EE . -39.97 -10.13 -20.77
C7 CLA EE . -40.59 -9.52 -22.01
C8 CLA EE . -41.90 -10.21 -22.37
C9 CLA EE . -42.29 -9.89 -23.81
C10 CLA EE . -43.02 -9.81 -21.41
C11 CLA EE . -43.66 -8.50 -21.80
C12 CLA EE . -44.08 -7.68 -20.59
C13 CLA EE . -45.53 -7.93 -20.19
C14 CLA EE . -46.44 -7.74 -21.38
C15 CLA EE . -45.95 -7.04 -19.03
C16 CLA EE . -47.38 -7.27 -18.63
C17 CLA EE . -47.58 -8.66 -18.05
C18 CLA EE . -48.97 -9.21 -18.39
C19 CLA EE . -49.00 -10.72 -18.21
C20 CLA EE . -50.01 -8.57 -17.52
MG CLA FE . 10.36 22.15 -2.84
CHA CLA FE . 7.53 24.14 -3.18
CHB CLA FE . 12.29 24.93 -2.64
CHC CLA FE . 13.10 20.13 -2.39
CHD CLA FE . 8.30 19.28 -3.08
NA CLA FE . 9.95 24.19 -2.92
C1A CLA FE . 8.71 24.82 -3.04
C2A CLA FE . 8.87 26.34 -3.05
C3A CLA FE . 10.39 26.55 -2.98
C4A CLA FE . 10.94 25.14 -2.82
CMA CLA FE . 10.91 27.20 -4.23
CAA CLA FE . 8.18 26.98 -1.85
CBA CLA FE . 8.88 26.62 -0.55
CGA CLA FE . 8.01 25.76 0.29
O1A CLA FE . 7.13 26.10 1.09
O2A CLA FE . 8.23 24.43 0.10
NB CLA FE . 12.32 22.46 -2.57
C1B CLA FE . 12.93 23.68 -2.49
C2B CLA FE . 14.38 23.50 -2.22
C3B CLA FE . 14.62 22.15 -2.16
C4B CLA FE . 13.31 21.47 -2.37
CMB CLA FE . 15.31 24.61 -2.08
CAB CLA FE . 15.85 21.45 -1.92
CBB CLA FE . 16.07 20.59 -0.91
NC CLA FE . 10.63 20.08 -2.76
C1C CLA FE . 11.85 19.47 -2.57
C2C CLA FE . 11.69 18.02 -2.56
C3C CLA FE . 10.33 17.77 -2.76
C4C CLA FE . 9.67 19.07 -2.88
CMC CLA FE . 12.76 17.06 -2.36
CAC CLA FE . 9.67 16.46 -2.80
CBC CLA FE . 9.25 15.99 -1.43
ND CLA FE . 8.40 21.73 -3.10
C1D CLA FE . 7.68 20.51 -3.18
C2D CLA FE . 6.24 20.80 -3.38
C3D CLA FE . 6.13 22.18 -3.38
C4D CLA FE . 7.50 22.70 -3.19
CMD CLA FE . 5.20 19.80 -3.52
CAD CLA FE . 5.23 23.31 -3.49
OBD CLA FE . 4.01 23.33 -3.66
CBD CLA FE . 6.10 24.60 -3.35
CGD CLA FE . 5.96 25.50 -4.55
O1D CLA FE . 6.12 25.21 -5.74
O2D CLA FE . 5.59 26.77 -4.25
CED CLA FE . 5.12 27.60 -5.31
C1 CLA FE . 7.89 23.56 1.20
C2 CLA FE . 8.21 22.18 0.78
C3 CLA FE . 9.35 21.55 1.11
C4 CLA FE . 9.61 20.16 0.65
C5 CLA FE . 10.39 22.21 1.94
C6 CLA FE . 11.59 22.71 1.15
C7 CLA FE . 12.71 21.69 1.13
C8 CLA FE . 13.69 21.84 2.28
C9 CLA FE . 14.46 23.13 2.13
C10 CLA FE . 14.63 20.64 2.34
C11 CLA FE . 16.06 21.01 2.71
C12 CLA FE . 16.39 20.64 4.13
C13 CLA FE . 16.41 19.12 4.34
C14 CLA FE . 15.31 18.69 5.28
C15 CLA FE . 17.77 18.66 4.82
C16 CLA FE . 17.68 17.49 5.79
C17 CLA FE . 18.13 16.19 5.16
C18 CLA FE . 19.42 15.69 5.78
C19 CLA FE . 19.16 14.58 6.77
C20 CLA FE . 20.39 15.23 4.71
MG CLA GE . -17.29 -5.60 1.91
CHA CLA GE . -18.60 -3.19 4.02
CHB CLA GE . -20.11 -7.44 2.30
CHC CLA GE . -16.10 -7.76 -0.43
CHD CLA GE . -14.36 -3.65 1.60
NA CLA GE . -19.02 -5.37 3.05
C1A CLA GE . -19.39 -4.29 3.86
C2A CLA GE . -20.73 -4.55 4.54
C3A CLA GE . -20.99 -6.04 4.23
C4A CLA GE . -19.99 -6.33 3.11
CMA CLA GE . -20.76 -6.91 5.43
CAA CLA GE . -21.81 -3.64 3.98
CBA CLA GE . -23.10 -3.76 4.76
CGA CLA GE . -23.99 -4.73 4.04
O1A CLA GE . -23.77 -5.36 3.01
O2A CLA GE . -25.20 -4.89 4.66
NB CLA GE . -17.91 -7.37 1.19
C1B CLA GE . -19.22 -7.76 1.26
C2B CLA GE . -19.59 -8.57 0.07
C3B CLA GE . -18.46 -8.67 -0.70
C4B CLA GE . -17.38 -7.92 0.01
CMB CLA GE . -20.94 -9.12 -0.10
CAB CLA GE . -18.24 -9.34 -1.96
CBB CLA GE . -18.89 -10.39 -2.44
NC CLA GE . -15.50 -5.73 0.85
C1C CLA GE . -15.19 -6.75 -0.02
C2C CLA GE . -13.85 -6.56 -0.54
C3C CLA GE . -13.38 -5.35 -0.02
C4C CLA GE . -14.41 -4.85 0.87
CMC CLA GE . -13.18 -7.45 -1.48
CAC CLA GE . -12.06 -4.74 -0.22
CBC CLA GE . -11.09 -5.07 0.88
ND CLA GE . -16.58 -3.84 2.62
C1D CLA GE . -15.35 -3.15 2.41
C2D CLA GE . -15.40 -1.86 3.12
C3D CLA GE . -16.65 -1.79 3.72
C4D CLA GE . -17.33 -3.07 3.40
CMD CLA GE . -14.32 -0.87 3.11
CAD CLA GE . -17.57 -1.01 4.53
OBD CLA GE . -17.48 0.13 4.95
CBD CLA GE . -18.83 -1.90 4.79
CGD CLA GE . -19.07 -2.13 6.26
O1D CLA GE . -18.99 -3.18 6.88
O2D CLA GE . -19.45 -0.99 6.91
CED CLA GE . -19.22 -0.95 8.32
C1 CLA GE . -26.35 -4.79 3.81
C2 CLA GE . -27.52 -4.73 4.71
C3 CLA GE . -28.66 -4.12 4.39
C4 CLA GE . -29.81 -4.09 5.32
C5 CLA GE . -28.86 -3.45 3.08
C6 CLA GE . -30.26 -3.64 2.54
C7 CLA GE . -30.88 -2.31 2.15
C8 CLA GE . -32.40 -2.41 2.00
C9 CLA GE . -32.81 -3.75 1.42
C10 CLA GE . -32.95 -1.27 1.15
C11 CLA GE . -32.98 -1.59 -0.33
C12 CLA GE . -31.90 -0.86 -1.09
C13 CLA GE . -31.43 -1.67 -2.30
C14 CLA GE . -29.91 -1.72 -2.33
C15 CLA GE . -31.98 -1.11 -3.60
C16 CLA GE . -31.99 0.40 -3.61
C17 CLA GE . -32.71 0.95 -4.82
C18 CLA GE . -34.22 0.74 -4.75
C19 CLA GE . -34.81 1.55 -3.62
C20 CLA GE . -34.87 1.11 -6.06
MG CLA HE . -13.56 2.18 11.07
CHA CLA HE . -12.11 -0.96 10.72
CHB CLA HE . -12.60 2.98 7.92
CHC CLA HE . -15.40 5.07 11.31
CHD CLA HE . -14.54 1.31 14.35
NA CLA HE . -12.44 1.20 9.63
C1A CLA HE . -11.95 -0.12 9.64
C2A CLA HE . -11.18 -0.42 8.37
C3A CLA HE . -11.04 0.97 7.70
C4A CLA HE . -12.10 1.80 8.44
CMA CLA HE . -9.67 1.55 7.88
CAA CLA HE . -11.90 -1.39 7.48
CBA CLA HE . -10.97 -1.90 6.38
CGA CLA HE . -11.75 -2.67 5.37
O1A CLA HE . -11.50 -2.82 4.18
O2A CLA HE . -12.86 -3.27 5.89
NB CLA HE . -13.88 3.76 9.86
C1B CLA HE . -13.56 3.81 8.54
C2B CLA HE . -14.33 4.88 7.86
C3B CLA HE . -15.12 5.48 8.83
C4B CLA HE . -14.83 4.78 10.11
CMB CLA HE . -14.22 5.21 6.44
CAB CLA HE . -16.04 6.57 8.74
CBB CLA HE . -15.78 7.76 8.17
NC CLA HE . -14.67 3.08 12.60
C1C CLA HE . -15.30 4.28 12.50
C2C CLA HE . -15.96 4.60 13.76
C3C CLA HE . -15.76 3.52 14.61
C4C CLA HE . -14.94 2.56 13.87
CMC CLA HE . -16.73 5.81 14.02
CAC CLA HE . -16.22 3.36 15.99
CBC CLA HE . -15.19 3.84 16.98
ND CLA HE . -13.28 0.65 12.35
C1D CLA HE . -13.79 0.40 13.65
C2D CLA HE . -13.39 -0.96 14.07
C3D CLA HE . -12.79 -1.54 12.97
C4D CLA HE . -12.74 -0.50 11.93
CMD CLA HE . -13.70 -1.53 15.38
CAD CLA HE . -12.11 -2.71 12.46
OBD CLA HE . -11.83 -3.77 13.02
CBD CLA HE . -11.76 -2.41 10.97
CGD CLA HE . -10.34 -2.78 10.68
O1D CLA HE . -9.41 -2.75 11.48
O2D CLA HE . -10.10 -3.20 9.41
CED CLA HE . -10.21 -4.60 9.15
C1 CLA HE . -13.44 -4.33 5.10
C2 CLA HE . -14.65 -4.77 5.83
C3 CLA HE . -14.66 -5.85 6.63
C4 CLA HE . -13.46 -6.69 6.83
C5 CLA HE . -15.90 -6.25 7.35
C6 CLA HE . -16.64 -5.03 7.86
C7 CLA HE . -17.45 -5.36 9.09
C8 CLA HE . -18.75 -6.07 8.74
C9 CLA HE . -19.94 -5.30 9.24
C10 CLA HE . -18.76 -7.48 9.32
C11 CLA HE . -18.90 -8.51 8.22
C12 CLA HE . -18.77 -9.92 8.74
C13 CLA HE . -19.60 -10.88 7.91
C14 CLA HE . -19.40 -12.31 8.36
C15 CLA HE . -19.27 -10.75 6.43
C16 CLA HE . -20.51 -10.76 5.57
C17 CLA HE . -20.26 -11.49 4.27
C18 CLA HE . -21.20 -11.06 3.15
C19 CLA HE . -21.24 -12.12 2.07
C20 CLA HE . -22.59 -10.77 3.65
MG CLA IE . -5.59 13.84 -1.35
CHA CLA IE . -4.27 16.66 -2.92
CHB CLA IE . -3.63 14.47 1.36
CHC CLA IE . -6.97 11.12 0.25
CHD CLA IE . -7.20 12.96 -4.34
NA CLA IE . -4.22 15.35 -0.86
C1A CLA IE . -3.82 16.46 -1.64
C2A CLA IE . -2.78 17.28 -0.90
C3A CLA IE . -2.48 16.42 0.34
C4A CLA IE . -3.56 15.35 0.31
CMA CLA IE . -1.13 15.77 0.23
CAA CLA IE . -3.30 18.64 -0.48
CBA CLA IE . -2.16 19.49 0.01
CGA CLA IE . -1.88 19.19 1.45
O1A CLA IE . -2.62 19.34 2.42
O2A CLA IE . -0.64 18.64 1.66
NB CLA IE . -5.40 13.01 0.47
C1B CLA IE . -4.53 13.41 1.43
C2B CLA IE . -4.62 12.53 2.62
C3B CLA IE . -5.57 11.57 2.32
C4B CLA IE . -6.09 11.87 0.96
CMB CLA IE . -3.77 12.70 3.80
CAB CLA IE . -6.01 10.46 3.12
CBB CLA IE . -6.32 10.56 4.41
NC CLA IE . -6.87 12.32 -1.94
C1C CLA IE . -7.32 11.32 -1.12
C2C CLA IE . -8.20 10.44 -1.87
C3C CLA IE . -8.25 10.93 -3.18
C4C CLA IE . -7.40 12.12 -3.22
CMC CLA IE . -8.86 9.26 -1.32
CAC CLA IE . -8.97 10.30 -4.30
CBC CLA IE . -9.96 11.17 -5.00
ND CLA IE . -5.73 14.57 -3.22
C1D CLA IE . -6.43 14.11 -4.36
C2D CLA IE . -6.21 15.06 -5.47
C3D CLA IE . -5.43 16.09 -4.97
C4D CLA IE . -5.14 15.72 -3.57
CMD CLA IE . -6.79 14.92 -6.81
CAD CLA IE . -4.73 17.34 -5.23
OBD CLA IE . -4.67 17.99 -6.27
CBD CLA IE . -3.97 17.75 -3.93
CGD CLA IE . -2.48 17.96 -4.15
O1D CLA IE . -1.76 17.47 -5.01
O2D CLA IE . -1.90 18.82 -3.28
CED CLA IE . -1.99 20.22 -3.53
C1 CLA IE . -0.19 18.62 3.03
C2 CLA IE . -0.15 17.21 3.48
C3 CLA IE . -1.00 16.71 4.41
C4 CLA IE . -2.05 17.53 5.04
C5 CLA IE . -0.91 15.29 4.84
C6 CLA IE . -0.50 15.16 6.29
C7 CLA IE . 0.83 15.86 6.54
C8 CLA IE . 1.12 16.10 8.01
C9 CLA IE . -0.15 16.43 8.77
C10 CLA IE . 2.12 17.23 8.17
C11 CLA IE . 3.52 16.80 7.78
C12 CLA IE . 3.95 15.54 8.52
C13 CLA IE . 5.46 15.39 8.56
C14 CLA IE . 6.10 15.84 7.26
C15 CLA IE . 5.85 13.94 8.86
C16 CLA IE . 7.35 13.77 8.87
C17 CLA IE . 7.77 12.52 9.62
C18 CLA IE . 7.90 11.32 8.69
C19 CLA IE . 9.02 11.52 7.70
C20 CLA IE . 8.14 10.07 9.49
MG CLA JE . 18.50 -5.94 -0.32
CHA CLA JE . 20.82 -5.20 -2.80
CHB CLA JE . 20.05 -8.92 0.25
CHC CLA JE . 16.33 -6.50 2.29
CHD CLA JE . 16.89 -2.86 -0.98
NA CLA JE . 20.14 -6.90 -1.17
C1A CLA JE . 21.00 -6.41 -2.18
C2A CLA JE . 22.09 -7.44 -2.50
C3A CLA JE . 21.70 -8.66 -1.64
C4A CLA JE . 20.55 -8.14 -0.77
CMA CLA JE . 21.27 -9.83 -2.50
CAA CLA JE . 23.43 -6.88 -2.06
CBA CLA JE . 23.43 -6.44 -0.61
CGA CLA JE . 23.90 -5.03 -0.47
O1A CLA JE . 24.47 -4.32 -1.30
O2A CLA JE . 23.65 -4.50 0.77
NB CLA JE . 18.25 -7.42 1.02
C1B CLA JE . 18.99 -8.56 1.10
C2B CLA JE . 18.51 -9.40 2.22
C3B CLA JE . 17.45 -8.72 2.81
C4B CLA JE . 17.28 -7.46 2.04
CMB CLA JE . 19.11 -10.70 2.55
CAB CLA JE . 16.61 -9.08 3.92
CBB CLA JE . 16.16 -10.30 4.21
NC CLA JE . 16.89 -4.88 0.47
C1C CLA JE . 16.14 -5.30 1.55
C2C CLA JE . 15.12 -4.31 1.86
C3C CLA JE . 15.26 -3.28 0.92
C4C CLA JE . 16.38 -3.65 0.07
CMC CLA JE . 14.13 -4.42 2.94
CAC CLA JE . 14.45 -2.05 0.83
CBC CLA JE . 13.06 -2.32 0.28
ND CLA JE . 18.68 -4.41 -1.63
C1D CLA JE . 17.97 -3.19 -1.78
C2D CLA JE . 18.58 -2.40 -2.86
C3D CLA JE . 19.69 -3.12 -3.29
C4D CLA JE . 19.71 -4.35 -2.48
CMD CLA JE . 18.09 -1.11 -3.35
CAD CLA JE . 20.81 -3.18 -4.21
OBD CLA JE . 21.13 -2.40 -5.10
CBD CLA JE . 21.59 -4.50 -3.89
CGD CLA JE . 21.83 -5.34 -5.11
O1D CLA JE . 22.71 -5.19 -5.96
O2D CLA JE . 20.94 -6.36 -5.27
CED CLA JE . 21.20 -7.29 -6.32
C1 CLA JE . 24.54 -3.44 1.21
C2 CLA JE . 24.45 -3.39 2.69
C3 CLA JE . 25.28 -2.64 3.43
C4 CLA JE . 26.35 -1.82 2.83
C5 CLA JE . 25.17 -2.60 4.93
C6 CLA JE . 23.92 -3.28 5.45
C7 CLA JE . 24.25 -4.26 6.55
C8 CLA JE . 25.09 -3.66 7.67
C9 CLA JE . 25.67 -4.76 8.54
C10 CLA JE . 24.25 -2.69 8.51
C11 CLA JE . 24.71 -2.59 9.94
C12 CLA JE . 24.30 -1.29 10.60
C13 CLA JE . 24.40 -1.38 12.11
C14 CLA JE . 23.11 -1.91 12.70
C15 CLA JE . 24.75 -0.02 12.74
C16 CLA JE . 24.60 -0.05 14.24
C17 CLA JE . 23.92 1.21 14.76
C18 CLA JE . 23.51 1.10 16.22
C19 CLA JE . 23.21 -0.32 16.64
C20 CLA JE . 24.54 1.72 17.13
MG CLA KE . 14.23 -16.94 -1.70
CHA CLA KE . 13.07 -19.73 0.02
CHB CLA KE . 14.76 -15.35 1.27
CHC CLA KE . 15.44 -14.24 -3.42
CHD CLA KE . 13.55 -18.61 -4.74
NA CLA KE . 13.95 -17.48 0.30
C1A CLA KE . 13.46 -18.69 0.81
C2A CLA KE . 13.44 -18.66 2.33
C3A CLA KE . 13.78 -17.20 2.67
C4A CLA KE . 14.23 -16.63 1.33
CMA CLA KE . 12.57 -16.48 3.19
CAA CLA KE . 14.56 -19.56 2.81
CBA CLA KE . 14.15 -20.39 4.00
CGA CLA KE . 14.25 -19.58 5.25
O1A CLA KE . 14.84 -18.51 5.43
O2A CLA KE . 13.56 -20.13 6.29
NB CLA KE . 14.96 -15.13 -1.18
C1B CLA KE . 15.16 -14.69 0.09
C2B CLA KE . 15.84 -13.38 0.08
C3B CLA KE . 16.03 -13.05 -1.26
C4B CLA KE . 15.46 -14.16 -2.07
CMB CLA KE . 16.17 -12.64 1.30
CAB CLA KE . 16.63 -11.89 -1.87
CBB CLA KE . 17.57 -11.10 -1.36
NC CLA KE . 14.44 -16.50 -3.72
C1C CLA KE . 14.95 -15.33 -4.21
C2C CLA KE . 14.93 -15.36 -5.67
C3C CLA KE . 14.41 -16.60 -6.04
C4C CLA KE . 14.10 -17.31 -4.81
CMC CLA KE . 15.40 -14.28 -6.54
CAC CLA KE . 14.18 -17.10 -7.41
CBC CLA KE . 12.72 -17.01 -7.80
ND CLA KE . 13.51 -18.73 -2.30
C1D CLA KE . 13.26 -19.29 -3.58
C2D CLA KE . 12.70 -20.64 -3.43
C3D CLA KE . 12.60 -20.86 -2.06
C4D CLA KE . 13.10 -19.64 -1.41
CMD CLA KE . 12.33 -21.53 -4.54
CAD CLA KE . 12.20 -21.79 -1.01
OBD CLA KE . 11.73 -22.92 -1.11
CBD CLA KE . 12.47 -21.08 0.35
CGD CLA KE . 11.21 -20.93 1.15
O1D CLA KE . 11.11 -20.73 2.37
O2D CLA KE . 10.06 -21.03 0.43
CED CLA KE . 8.97 -20.17 0.76
C1 CLA KE . 12.21 -19.65 6.51
C2 CLA KE . 11.29 -20.60 5.84
C3 CLA KE . 10.95 -21.79 6.37
C4 CLA KE . 11.46 -22.25 7.68
C5 CLA KE . 10.01 -22.71 5.66
C6 CLA KE . 10.63 -24.06 5.34
C7 CLA KE . 11.65 -23.93 4.23
C8 CLA KE . 12.01 -25.28 3.60
C9 CLA KE . 12.02 -26.37 4.64
C10 CLA KE . 13.35 -25.21 2.91
C11 CLA KE . 13.23 -24.69 1.48
C12 CLA KE . 14.57 -24.21 0.96
C13 CLA KE . 14.71 -24.53 -0.52
C14 CLA KE . 15.44 -25.84 -0.72
C15 CLA KE . 15.43 -23.41 -1.28
C16 CLA KE . 15.33 -23.64 -2.78
C17 CLA KE . 16.07 -22.59 -3.56
C18 CLA KE . 17.44 -23.09 -4.01
C19 CLA KE . 18.35 -21.94 -4.37
C20 CLA KE . 17.30 -24.03 -5.19
MG CLA LE . 10.90 -12.69 6.03
CHA CLA LE . 12.12 -10.39 3.74
CHB CLA LE . 9.57 -14.51 3.49
CHC CLA LE . 9.93 -15.08 8.31
CHD CLA LE . 12.35 -10.79 8.64
NA CLA LE . 10.83 -12.44 3.96
C1A CLA LE . 11.42 -11.43 3.19
C2A CLA LE . 11.13 -11.64 1.71
C3A CLA LE . 10.15 -12.83 1.69
C4A CLA LE . 10.17 -13.32 3.14
CMA CLA LE . 8.76 -12.39 1.29
CAA CLA LE . 12.41 -12.02 0.97
CBA CLA LE . 12.14 -12.32 -0.49
CGA CLA LE . 12.07 -11.04 -1.27
O1A CLA LE . 12.99 -10.30 -1.61
O2A CLA LE . 10.79 -10.67 -1.58
NB CLA LE . 9.93 -14.45 5.92
C1B CLA LE . 9.51 -15.06 4.78
C2B CLA LE . 8.97 -16.41 5.08
C3B CLA LE . 9.07 -16.57 6.46
C4B CLA LE . 9.67 -15.32 7.00
CMB CLA LE . 8.44 -17.31 4.05
CAB CLA LE . 8.70 -17.67 7.32
CBB CLA LE . 8.55 -18.96 6.99
NC CLA LE . 11.06 -12.86 8.10
C1C CLA LE . 10.58 -13.91 8.84
C2C CLA LE . 10.85 -13.70 10.25
C3C CLA LE . 11.57 -12.51 10.34
C4C CLA LE . 11.70 -11.98 8.98
CMC CLA LE . 10.45 -14.62 11.31
CAC CLA LE . 12.08 -11.87 11.57
CBC CLA LE . 11.08 -10.88 12.13
ND CLA LE . 11.90 -10.96 6.23
C1D CLA LE . 12.47 -10.29 7.36
C2D CLA LE . 13.16 -9.07 6.91
C3D CLA LE . 13.05 -9.06 5.53
C4D CLA LE . 12.28 -10.26 5.16
CMD CLA LE . 13.82 -8.11 7.79
CAD CLA LE . 13.36 -8.34 4.31
OBD CLA LE . 13.93 -7.27 4.16
CBD CLA LE . 12.84 -9.21 3.12
CGD CLA LE . 11.95 -8.43 2.19
O1D CLA LE . 10.71 -8.35 2.21
O2D CLA LE . 12.63 -7.73 1.24
CED CLA LE . 12.01 -6.58 0.67
C1 CLA LE . 10.50 -9.28 -1.46
C2 CLA LE . 9.15 -9.17 -0.86
C3 CLA LE . 8.03 -9.19 -1.60
C4 CLA LE . 8.10 -9.30 -3.08
C5 CLA LE . 6.68 -9.08 -1.00
C6 CLA LE . 6.70 -8.45 0.38
C7 CLA LE . 6.22 -9.42 1.43
C8 CLA LE . 5.43 -8.72 2.53
C9 CLA LE . 6.21 -7.52 3.05
C10 CLA LE . 5.10 -9.66 3.68
C11 CLA LE . 4.81 -11.07 3.22
C12 CLA LE . 4.59 -12.02 4.37
C13 CLA LE . 5.90 -12.70 4.79
C14 CLA LE . 5.69 -14.18 4.98
C15 CLA LE . 6.47 -12.08 6.06
C16 CLA LE . 7.69 -11.26 5.76
C17 CLA LE . 8.32 -10.72 7.03
C18 CLA LE . 8.26 -9.20 7.10
C19 CLA LE . 8.58 -8.56 5.77
C20 CLA LE . 9.20 -8.68 8.17
MG CLA ME . 17.68 -4.24 21.07
CHA CLA ME . 17.23 -1.24 22.75
CHB CLA ME . 14.83 -3.66 19.29
CHC CLA ME . 18.19 -7.19 19.42
CHD CLA ME . 20.56 -4.84 23.03
NA CLA ME . 16.29 -2.68 21.03
C1A CLA ME . 16.28 -1.52 21.81
C2A CLA ME . 15.08 -0.64 21.47
C3A CLA ME . 14.27 -1.51 20.49
C4A CLA ME . 15.19 -2.70 20.22
CMA CLA ME . 12.96 -1.95 21.11
CAA CLA ME . 15.55 0.64 20.81
CBA CLA ME . 16.45 0.39 19.61
CGA CLA ME . 17.90 0.48 20.01
O1A CLA ME . 18.46 1.32 20.71
O2A CLA ME . 18.65 -0.54 19.48
NB CLA ME . 16.67 -5.27 19.67
C1B CLA ME . 15.59 -4.80 18.98
C2B CLA ME . 15.29 -5.71 17.84
C3B CLA ME . 16.23 -6.71 17.86
C4B CLA ME . 17.13 -6.44 19.03
CMB CLA ME . 14.18 -5.49 16.91
CAB CLA ME . 16.44 -7.86 17.01
CBB CLA ME . 16.44 -7.82 15.68
NC CLA ME . 19.12 -5.74 21.21
C1C CLA ME . 19.13 -6.88 20.44
C2C CLA ME . 20.25 -7.72 20.81
C3C CLA ME . 20.94 -7.05 21.83
C4C CLA ME . 20.21 -5.81 22.07
CMC CLA ME . 20.57 -9.01 20.20
CAC CLA ME . 22.15 -7.51 22.54
CBC CLA ME . 23.38 -6.78 22.08
ND CLA ME . 18.76 -3.27 22.48
C1D CLA ME . 19.90 -3.65 23.24
C2D CLA ME . 20.21 -2.58 24.22
C3D CLA ME . 19.22 -1.63 24.06
C4D CLA ME . 18.34 -2.12 22.99
CMD CLA ME . 21.34 -2.60 25.14
CAD CLA ME . 18.71 -0.34 24.50
OBD CLA ME . 19.18 0.45 25.31
CBD CLA ME . 17.36 -0.10 23.74
CGD CLA ME . 16.20 -0.12 24.69
O1D CLA ME . 15.80 -1.07 25.36
O2D CLA ME . 15.53 1.06 24.78
CED CLA ME . 14.36 1.09 25.61
C1 CLA ME . 19.99 -0.69 19.98
C2 CLA ME . 20.39 -2.10 19.74
C3 CLA ME . 21.64 -2.56 19.94
C4 CLA ME . 22.72 -1.68 20.43
C5 CLA ME . 21.99 -3.99 19.68
C6 CLA ME . 21.97 -4.35 18.21
C7 CLA ME . 20.65 -5.00 17.84
C8 CLA ME . 20.81 -6.24 16.97
C9 CLA ME . 22.01 -7.06 17.40
C10 CLA ME . 20.93 -5.86 15.50
C11 CLA ME . 19.79 -6.46 14.70
C12 CLA ME . 19.80 -5.93 13.28
C13 CLA ME . 18.58 -6.40 12.49
C14 CLA ME . 18.57 -7.91 12.39
C15 CLA ME . 18.50 -5.78 11.10
C16 CLA ME . 19.24 -4.45 11.04
C17 CLA ME . 18.67 -3.54 9.98
C18 CLA ME . 19.62 -2.40 9.66
C19 CLA ME . 20.56 -2.77 8.53
C20 CLA ME . 18.86 -1.14 9.31
MG CLA NE . 7.67 -3.46 20.21
CHA CLA NE . 7.55 -6.89 20.76
CHB CLA NE . 10.85 -3.76 19.05
CHC CLA NE . 7.58 -0.15 19.32
CHD CLA NE . 4.31 -3.24 21.30
NA CLA NE . 8.99 -5.06 20.03
C1A CLA NE . 8.74 -6.41 20.29
C2A CLA NE . 9.98 -7.24 19.97
C3A CLA NE . 11.08 -6.18 19.73
C4A CLA NE . 10.26 -4.90 19.58
CMA CLA NE . 12.07 -6.12 20.86
CAA CLA NE . 9.67 -8.02 18.69
CBA CLA NE . 9.57 -7.14 17.45
CGA CLA NE . 8.17 -6.67 17.17
O1A CLA NE . 7.25 -7.30 16.65
O2A CLA NE . 7.89 -5.39 17.50
NB CLA NE . 8.97 -2.18 19.38
C1B CLA NE . 10.20 -2.52 18.88
C2B CLA NE . 10.78 -1.38 18.14
C3B CLA NE . 9.87 -0.35 18.21
C4B CLA NE . 8.71 -0.84 19.02
CMB CLA NE . 12.09 -1.42 17.50
CAB CLA NE . 9.94 0.98 17.67
CBB CLA NE . 9.04 1.53 16.84
NC CLA NE . 6.23 -1.95 20.38
C1C CLA NE . 6.43 -0.66 19.98
C2C CLA NE . 5.22 0.13 20.25
C3C CLA NE . 4.28 -0.76 20.77
C4C CLA NE . 4.93 -2.06 20.87
CMC CLA NE . 5.07 1.54 19.95
CAC CLA NE . 2.91 -0.44 21.19
CBC CLA NE . 1.91 -0.68 20.09
ND CLA NE . 6.28 -4.69 21.03
C1D CLA NE . 4.91 -4.47 21.36
C2D CLA NE . 4.31 -5.75 21.78
C3D CLA NE . 5.28 -6.72 21.58
C4D CLA NE . 6.47 -6.00 21.08
CMD CLA NE . 2.93 -5.89 22.23
CAD CLA NE . 5.63 -8.12 21.69
OBD CLA NE . 4.99 -9.05 22.19
CBD CLA NE . 7.05 -8.29 21.07
CGD CLA NE . 7.95 -9.12 21.94
O1D CLA NE . 7.91 -10.34 22.11
O2D CLA NE . 8.93 -8.43 22.59
CED CLA NE . 9.80 -9.16 23.43
C1 CLA NE . 6.49 -5.03 17.45
C2 CLA NE . 6.39 -3.58 17.16
C3 CLA NE . 5.23 -2.91 17.14
C4 CLA NE . 3.94 -3.58 17.40
C5 CLA NE . 5.17 -1.45 16.84
C6 CLA NE . 5.05 -1.16 15.36
C7 CLA NE . 6.06 -0.11 14.95
C8 CLA NE . 7.09 -0.64 13.96
C9 CLA NE . 6.42 -1.38 12.84
C10 CLA NE . 8.09 -1.55 14.65
C11 CLA NE . 9.11 -2.10 13.68
C12 CLA NE . 9.14 -3.62 13.67
C13 CLA NE . 10.29 -4.16 14.51
C14 CLA NE . 11.57 -3.37 14.28
C15 CLA NE . 10.53 -5.63 14.24
C16 CLA NE . 11.31 -5.85 12.95
C17 CLA NE . 11.92 -7.24 12.88
C18 CLA NE . 13.32 -7.18 12.31
C19 CLA NE . 13.85 -8.57 11.98
C20 CLA NE . 14.26 -6.51 13.28
MG CLA OE . 6.64 6.75 20.38
CHA CLA OE . 8.71 4.07 21.13
CHB CLA OE . 9.17 8.24 18.70
CHC CLA OE . 4.47 9.27 19.47
CHD CLA OE . 4.02 5.18 22.19
NA CLA OE . 8.63 6.24 20.03
C1A CLA OE . 9.30 5.07 20.40
C2A CLA OE . 10.76 5.11 19.95
C3A CLA OE . 10.91 6.53 19.37
C4A CLA OE . 9.48 7.06 19.35
CMA CLA OE . 11.80 7.39 20.23
CAA CLA OE . 11.05 4.06 18.89
CBA CLA OE . 12.42 3.44 19.11
CGA CLA OE . 13.24 3.51 17.86
O1A CLA OE . 14.41 3.17 17.69
O2A CLA OE . 12.54 3.99 16.79
NB CLA OE . 6.81 8.46 19.33
C1B CLA OE . 7.90 8.84 18.63
C2B CLA OE . 7.57 10.01 17.78
C3B CLA OE . 6.24 10.31 17.99
C4B CLA OE . 5.74 9.32 18.99
CMB CLA OE . 8.56 10.63 16.90
CAB CLA OE . 5.40 11.33 17.45
CBB CLA OE . 5.78 12.56 17.05
NC CLA OE . 4.63 7.15 20.79
C1C CLA OE . 3.95 8.26 20.33
C2C CLA OE . 2.57 8.24 20.81
C3C CLA OE . 2.44 7.08 21.57
C4C CLA OE . 3.74 6.40 21.56
CMC CLA OE . 1.57 9.25 20.50
CAC CLA OE . 1.24 6.63 22.27
CBC CLA OE . 1.29 6.94 23.75
ND CLA OE . 6.38 5.06 21.46
C1D CLA OE . 5.24 4.53 22.14
C2D CLA OE . 5.61 3.23 22.74
C3D CLA OE . 6.92 2.99 22.36
C4D CLA OE . 7.34 4.16 21.58
CMD CLA OE . 4.71 2.40 23.53
CAD CLA OE . 8.05 2.08 22.44
OBD CLA OE . 8.15 1.00 23.01
CBD CLA OE . 9.23 2.74 21.64
CGD CLA OE . 10.47 2.89 22.47
O1D CLA OE . 10.68 3.70 23.37
O2D CLA OE . 11.45 1.99 22.14
CED CLA OE . 12.77 2.28 22.58
C1 CLA OE . 13.24 4.07 15.53
C2 CLA OE . 12.43 3.31 14.55
C3 CLA OE . 12.51 1.98 14.44
C4 CLA OE . 13.42 1.18 15.28
C5 CLA OE . 11.69 1.22 13.45
C6 CLA OE . 10.99 2.11 12.43
C7 CLA OE . 10.28 1.25 11.41
C8 CLA OE . 10.45 1.77 9.99
C9 CLA OE . 9.13 2.28 9.47
C10 CLA OE . 11.00 0.69 9.07
C11 CLA OE . 12.46 0.92 8.76
C12 CLA OE . 12.68 2.16 7.93
C13 CLA OE . 12.77 1.85 6.45
C14 CLA OE . 13.85 0.82 6.18
C15 CLA OE . 13.03 3.11 5.63
C16 CLA OE . 14.44 3.62 5.83
C17 CLA OE . 14.53 5.12 5.64
C18 CLA OE . 15.97 5.62 5.60
C19 CLA OE . 16.89 4.80 6.49
C20 CLA OE . 16.00 7.07 6.04
MG CLA PE . 28.38 -25.84 3.78
CHA CLA PE . 30.89 -27.21 1.81
CHB CLA PE . 26.04 -26.97 1.58
CHC CLA PE . 25.93 -24.65 5.87
CHD CLA PE . 30.85 -24.61 5.98
NA CLA PE . 28.48 -26.90 1.98
C1A CLA PE . 29.62 -27.41 1.34
C2A CLA PE . 29.25 -28.14 0.05
C3A CLA PE . 27.74 -27.83 -0.10
C4A CLA PE . 27.37 -27.22 1.25
CMA CLA PE . 27.54 -26.86 -1.23
CAA CLA PE . 29.49 -29.63 0.20
CBA CLA PE . 28.93 -30.15 1.51
CGA CLA PE . 29.16 -31.62 1.67
O1A CLA PE . 29.76 -32.39 0.92
O2A CLA PE . 28.61 -32.11 2.82
NB CLA PE . 26.37 -25.82 3.73
C1B CLA PE . 25.59 -26.37 2.76
C2B CLA PE . 24.15 -26.21 3.12
C3B CLA PE . 24.11 -25.56 4.32
C4B CLA PE . 25.52 -25.29 4.73
CMB CLA PE . 23.07 -26.69 2.27
CAB CLA PE . 22.98 -25.14 5.12
NC CLA PE . 28.40 -24.80 5.59
C1C CLA PE . 27.28 -24.41 6.27
C2C CLA PE . 27.65 -23.71 7.49
C3C CLA PE . 29.05 -23.70 7.52
C4C CLA PE . 29.51 -24.39 6.32
CMC CLA PE . 26.72 -23.16 8.47
CAC CLA PE . 29.92 -23.11 8.56
CBC CLA PE . 30.43 -21.73 8.18
ND CLA PE . 30.40 -25.83 3.90
C1D CLA PE . 31.29 -25.29 4.86
C2D CLA PE . 32.68 -25.58 4.44
C3D CLA PE . 32.59 -26.32 3.28
C4D CLA PE . 31.14 -26.45 2.99
CMD CLA PE . 33.86 -25.15 5.17
CAD CLA PE . 33.30 -26.99 2.20
OBD CLA PE . 34.51 -27.10 2.01
CBD CLA PE . 32.23 -27.59 1.24
CGD CLA PE . 32.36 -27.09 -0.17
O1D CLA PE . 31.64 -26.26 -0.73
O2D CLA PE . 33.39 -27.63 -0.87
CED CLA PE . 33.70 -27.03 -2.14
C1 CLA PE . 29.29 -33.21 3.46
C2 CLA PE . 28.70 -33.31 4.82
C3 CLA PE . 29.42 -33.64 5.90
C4 CLA PE . 30.86 -33.93 5.84
C5 CLA PE . 28.78 -33.74 7.25
C6 CLA PE . 29.40 -32.80 8.26
C7 CLA PE . 28.73 -32.94 9.60
C8 CLA PE . 29.35 -32.02 10.65
C9 CLA PE . 29.95 -32.82 11.78
C10 CLA PE . 28.33 -31.03 11.19
MG CLA QE . 24.90 -35.91 4.09
CHA CLA QE . 25.87 -34.61 1.02
CHB CLA QE . 24.93 -39.05 2.76
CHC CLA QE . 24.03 -37.16 7.17
CHD CLA QE . 24.81 -32.63 5.39
NA CLA QE . 25.34 -36.69 2.20
C1A CLA QE . 25.74 -35.98 1.05
C2A CLA QE . 25.96 -36.93 -0.12
C3A CLA QE . 25.52 -38.30 0.43
C4A CLA QE . 25.25 -38.02 1.91
CMA CLA QE . 24.27 -38.78 -0.28
CAA CLA QE . 27.42 -36.97 -0.53
CBA CLA QE . 28.26 -37.89 0.34
CGA CLA QE . 28.61 -37.23 1.63
O1A CLA QE . 29.07 -36.10 1.82
O2A CLA QE . 28.37 -38.02 2.73
NB CLA QE . 24.59 -37.76 4.84
C1B CLA QE . 24.63 -38.91 4.13
C2B CLA QE . 24.28 -40.06 5.01
C3B CLA QE . 24.02 -39.53 6.27
C4B CLA QE . 24.20 -38.05 6.16
CMB CLA QE . 24.24 -41.45 4.55
CAB CLA QE . 23.62 -40.16 7.49
CBB CLA QE . 24.14 -41.28 8.00
NC CLA QE . 24.48 -35.04 5.93
C1C CLA QE . 24.15 -35.74 7.07
C2C CLA QE . 23.94 -34.83 8.18
C3C CLA QE . 24.16 -33.53 7.69
C4C CLA QE . 24.50 -33.69 6.27
CMC CLA QE . 23.57 -35.23 9.54
CAC CLA QE . 24.07 -32.28 8.43
CBC CLA QE . 25.42 -31.71 8.78
ND CLA QE . 25.19 -34.03 3.42
C1D CLA QE . 25.14 -32.76 4.06
C2D CLA QE . 25.47 -31.71 3.08
C3D CLA QE . 25.75 -32.37 1.90
C4D CLA QE . 25.58 -33.80 2.16
CMD CLA QE . 25.49 -30.28 3.37
CAD CLA QE . 26.12 -32.23 0.50
OBD CLA QE . 26.31 -31.21 -0.17
CBD CLA QE . 26.26 -33.66 -0.09
CGD CLA QE . 25.42 -33.87 -1.32
O1D CLA QE . 24.41 -34.58 -1.43
O2D CLA QE . 25.84 -33.18 -2.41
CED CLA QE . 25.24 -33.47 -3.66
C1 CLA QE . 28.43 -37.37 4.02
C2 CLA QE . 28.72 -38.45 5.01
C3 CLA QE . 28.45 -38.35 6.32
C4 CLA QE . 27.80 -37.14 6.89
C5 CLA QE . 28.76 -39.46 7.26
C6 CLA QE . 27.82 -39.50 8.45
C7 CLA QE . 28.41 -40.33 9.57
C8 CLA QE . 27.89 -41.75 9.57
MG CLA RE . 19.89 -27.86 2.98
CHA CLA RE . 18.55 -24.70 2.56
CHB CLA RE . 19.02 -27.78 6.28
CHC CLA RE . 21.23 -31.00 3.36
CHD CLA RE . 20.75 -27.91 -0.45
NA CLA RE . 18.93 -26.45 4.20
C1A CLA RE . 18.44 -25.20 3.83
C2A CLA RE . 17.80 -24.49 5.03
C3A CLA RE . 18.00 -25.48 6.19
C4A CLA RE . 18.69 -26.67 5.52
CMA CLA RE . 18.85 -24.89 7.29
CAA CLA RE . 16.31 -24.27 4.81
CBA CLA RE . 15.82 -23.03 5.53
CGA CLA RE . 15.57 -23.33 6.97
O1A CLA RE . 16.16 -22.90 7.96
O2A CLA RE . 14.52 -24.19 7.15
NB CLA RE . 20.05 -29.17 4.52
C1B CLA RE . 19.67 -28.93 5.80
C2B CLA RE . 20.06 -30.07 6.67
C3B CLA RE . 20.68 -30.99 5.84
C4B CLA RE . 20.69 -30.42 4.47
CMB CLA RE . 19.79 -30.10 8.10
CAB CLA RE . 21.27 -32.27 6.15
CBB CLA RE . 20.81 -33.17 7.03
NC CLA RE . 20.82 -29.20 1.68
C1C CLA RE . 21.29 -30.43 2.05
C2C CLA RE . 21.89 -31.11 0.89
C3C CLA RE . 21.74 -30.24 -0.19
C4C CLA RE . 21.08 -29.04 0.31
CMC CLA RE . 22.50 -32.43 0.91
CAC CLA RE . 22.22 -30.47 -1.58
CBC CLA RE . 21.40 -31.45 -2.38
ND CLA RE . 19.76 -26.62 1.40
C1D CLA RE . 20.14 -26.77 0.03
C2D CLA RE . 19.79 -25.54 -0.70
C3D CLA RE . 19.20 -24.69 0.22
C4D CLA RE . 19.18 -25.43 1.50
CMD CLA RE . 20.07 -25.30 -2.12
CAD CLA RE . 18.59 -23.40 0.47
OBD CLA RE . 18.46 -22.45 -0.30
CBD CLA RE . 18.12 -23.39 1.95
CGD CLA RE . 18.70 -22.24 2.73
O1D CLA RE . 18.10 -21.42 3.42
O2D CLA RE . 20.06 -22.15 2.65
CED CLA RE . 20.74 -21.39 3.63
C1 CLA RE . 14.19 -24.52 8.51
C2 CLA RE . 13.05 -25.46 8.49
C3 CLA RE . 12.73 -26.24 9.53
C4 CLA RE . 13.51 -26.22 10.78
C5 CLA RE . 11.57 -27.18 9.48
C6 CLA RE . 10.34 -26.59 8.83
C7 CLA RE . 9.10 -27.17 9.48
C8 CLA RE . 7.92 -27.26 8.51
C9 CLA RE . 7.58 -25.89 7.96
C10 CLA RE . 6.70 -27.85 9.23
C11 CLA RE . 6.04 -28.94 8.42
C12 CLA RE . 5.23 -29.87 9.30
C13 CLA RE . 4.00 -30.44 8.59
C14 CLA RE . 4.43 -31.21 7.37
C15 CLA RE . 3.01 -29.35 8.21
C16 CLA RE . 1.87 -29.90 7.37
C17 CLA RE . 0.84 -30.61 8.23
C18 CLA RE . 0.59 -32.03 7.76
C19 CLA RE . 0.55 -32.14 6.25
C20 CLA RE . -0.71 -32.57 8.33
MG CLA SE . 18.16 -28.07 24.14
CHA CLA SE . 18.63 -25.82 26.76
CHB CLA SE . 16.59 -25.64 22.35
CHC CLA SE . 17.83 -30.27 21.53
CHD CLA SE . 19.80 -30.55 26.03
NA CLA SE . 17.69 -26.06 24.53
C1A CLA SE . 17.98 -25.30 25.67
C2A CLA SE . 17.44 -23.87 25.53
C3A CLA SE . 16.72 -23.90 24.15
C4A CLA SE . 17.02 -25.30 23.61
CMA CLA SE . 15.24 -23.73 24.26
CAA CLA SE . 18.47 -22.75 25.56
CBA CLA SE . 19.93 -23.16 25.41
CGA CLA SE . 20.33 -23.26 23.98
O1A CLA SE . 19.72 -23.77 23.04
O2A CLA SE . 21.55 -22.68 23.73
NB CLA SE . 17.41 -27.96 22.28
C1B CLA SE . 16.76 -26.90 21.75
C2B CLA SE . 16.23 -27.23 20.40
C3B CLA SE . 16.57 -28.54 20.15
C4B CLA SE . 17.32 -29.02 21.35
CMB CLA SE . 15.48 -26.26 19.60
CAB CLA SE . 16.31 -29.39 19.02
CBB CLA SE . 15.29 -29.28 18.15
NC CLA SE . 18.70 -30.06 23.86
C1C CLA SE . 18.47 -30.77 22.71
C2C CLA SE . 18.99 -32.13 22.85
C3C CLA SE . 19.55 -32.20 24.12
C4C CLA SE . 19.37 -30.90 24.75
CMC CLA SE . 18.93 -33.16 21.82
CAC CLA SE . 20.21 -33.37 24.73
CBC CLA SE . 19.25 -34.29 25.43
ND CLA SE . 18.93 -28.25 25.99
C1D CLA SE . 19.61 -29.33 26.64
C2D CLA SE . 20.04 -28.89 27.98
C3D CLA SE . 19.68 -27.55 28.09
C4D CLA SE . 19.02 -27.20 26.81
CMD CLA SE . 20.72 -29.73 28.96
CAD CLA SE . 19.66 -26.37 28.93
OBD CLA SE . 20.01 -26.23 30.10
CBD CLA SE . 19.06 -25.21 28.07
CGD CLA SE . 17.98 -24.45 28.78
O1D CLA SE . 17.83 -23.22 28.82
O2D CLA SE . 17.06 -25.22 29.42
CED CLA SE . 16.90 -24.97 30.81
C1 CLA SE . 22.65 -23.07 24.59
C2 CLA SE . 23.37 -24.18 23.91
C3 CLA SE . 24.58 -24.61 24.30
C4 CLA SE . 25.29 -24.01 25.45
C5 CLA SE . 25.29 -25.72 23.59
C6 CLA SE . 24.49 -26.32 22.46
C7 CLA SE . 25.40 -26.89 21.40
C8 CLA SE . 25.10 -28.35 21.10
C9 CLA SE . 26.02 -29.27 21.88
C10 CLA SE . 25.21 -28.64 19.60
MG CLA TE . 18.55 -39.29 25.14
CHA CLA TE . 20.19 -40.61 27.89
CHB CLA TE . 21.40 -37.66 24.23
CHC CLA TE . 16.95 -38.20 22.31
CHD CLA TE . 15.60 -40.96 26.16
NA CLA TE . 20.47 -39.15 25.96
C1A CLA TE . 20.96 -39.80 27.10
C2A CLA TE . 22.43 -39.43 27.35
C3A CLA TE . 22.71 -38.35 26.28
C4A CLA TE . 21.45 -38.38 25.41
CMA CLA TE . 22.92 -37.00 26.90
CAA CLA TE . 23.32 -40.64 27.15
CBA CLA TE . 22.86 -41.49 25.98
CGA CLA TE . 23.70 -42.73 25.88
O1A CLA TE . 24.42 -43.25 26.75
O2A CLA TE . 23.62 -43.34 24.66
NB CLA TE . 19.08 -38.16 23.56
C1B CLA TE . 20.30 -37.59 23.37
C2B CLA TE . 20.30 -36.83 22.08
C3B CLA TE . 19.05 -36.98 21.53
C4B CLA TE . 18.25 -37.82 22.48
CMB CLA TE . 21.48 -36.10 21.60
CAB CLA TE . 18.49 -36.47 20.31
CBB CLA TE . 19.14 -36.36 19.13
NC CLA TE . 16.62 -39.52 24.40
C1C CLA TE . 16.18 -38.99 23.21
C2C CLA TE . 14.80 -39.38 22.98
C3C CLA TE . 14.40 -40.14 24.08
C4C CLA TE . 15.56 -40.23 24.96
CMC CLA TE . 14.02 -38.99 21.80
CAC CLA TE . 13.09 -40.77 24.29
CBC CLA TE . 13.10 -42.25 24.02
ND CLA TE . 17.94 -40.44 26.69
C1D CLA TE . 16.71 -41.08 26.98
C2D CLA TE . 16.85 -41.85 28.23
C3D CLA TE . 18.16 -41.72 28.63
C4D CLA TE . 18.81 -40.83 27.62
CMD CLA TE . 15.77 -42.61 28.86
CAD CLA TE . 19.16 -42.04 29.63
OBD CLA TE . 19.05 -42.67 30.67
CBD CLA TE . 20.51 -41.40 29.15
CGD CLA TE . 21.15 -40.55 30.22
O1D CLA TE . 21.85 -40.94 31.16
O2D CLA TE . 20.90 -39.23 30.09
CED CLA TE . 21.11 -38.41 31.24
MG CLA UE . 5.12 -45.29 19.97
CHA CLA UE . 2.68 -46.41 22.14
CHB CLA UE . 7.45 -45.56 22.46
CHC CLA UE . 7.54 -44.31 17.73
CHD CLA UE . 2.65 -44.89 17.47
NA CLA UE . 5.05 -45.90 21.96
C1A CLA UE . 3.94 -46.34 22.69
C2A CLA UE . 4.31 -46.71 24.11
C3A CLA UE . 5.79 -46.24 24.23
C4A CLA UE . 6.15 -45.90 22.79
CMA CLA UE . 5.92 -45.07 25.14
CAA CLA UE . 4.25 -48.22 24.27
CBA CLA UE . 4.52 -48.93 22.95
CGA CLA UE . 4.99 -50.34 23.12
O1A CLA UE . 4.60 -51.20 23.93
O2A CLA UE . 5.96 -50.69 22.23
NB CLA UE . 7.10 -44.92 20.09
C1B CLA UE . 7.89 -45.20 21.17
C2B CLA UE . 9.32 -45.06 20.81
C3B CLA UE . 9.36 -44.70 19.48
C4B CLA UE . 7.95 -44.61 19.00
CMB CLA UE . 10.40 -45.29 21.77
CAB CLA UE . 10.48 -44.45 18.60
CBB CLA UE . 11.64 -45.13 18.59
NC CLA UE . 5.09 -44.71 17.96
C1C CLA UE . 6.20 -44.36 17.24
C2C CLA UE . 5.81 -44.04 15.87
C3C CLA UE . 4.43 -44.17 15.80
C4C CLA UE . 3.98 -44.59 17.12
CMC CLA UE . 6.74 -43.66 14.80
CAC CLA UE . 3.57 -43.96 14.63
CBC CLA UE . 3.11 -45.25 13.99
ND CLA UE . 3.15 -45.65 19.74
C1D CLA UE . 2.25 -45.38 18.69
C2D CLA UE . 0.87 -45.75 19.13
C3D CLA UE . 1.00 -46.20 20.43
C4D CLA UE . 2.42 -46.07 20.78
CMD CLA UE . -0.32 -45.67 18.28
CAD CLA UE . 0.31 -46.73 21.60
OBD CLA UE . -0.85 -47.09 21.73
CBD CLA UE . 1.36 -46.78 22.75
CGD CLA UE . 1.04 -45.79 23.85
O1D CLA UE . 1.78 -44.93 24.32
O2D CLA UE . -0.23 -45.88 24.35
CED CLA UE . -0.49 -45.17 25.56
C1 CLA UE . 5.86 -51.99 21.62
C2 CLA UE . 6.56 -51.94 20.31
C3 CLA UE . 7.81 -52.39 20.15
C4 CLA UE . 8.59 -52.97 21.26
C5 CLA UE . 8.51 -52.34 18.82
C6 CLA UE . 7.61 -51.99 17.65
C7 CLA UE . 8.45 -51.56 16.47
C8 CLA UE . 7.68 -51.59 15.16
C9 CLA UE . 7.33 -53.02 14.78
C10 CLA UE . 8.48 -50.93 14.05
MG CLA VE . 0.15 -35.80 16.69
CHA CLA VE . -1.41 -32.76 17.15
CHB CLA VE . 0.22 -36.27 20.05
CHC CLA VE . 1.62 -38.87 16.17
CHD CLA VE . 0.10 -35.26 13.18
NA CLA VE . -0.50 -34.68 18.31
C1A CLA VE . -1.15 -33.44 18.31
C2A CLA VE . -1.46 -32.97 19.73
C3A CLA VE . -0.78 -34.04 20.61
C4A CLA VE . -0.33 -35.10 19.61
CMA CLA VE . 0.38 -33.47 21.38
CAA CLA VE . -2.96 -33.02 19.97
CBA CLA VE . -3.28 -33.79 21.24
CGA CLA VE . -4.65 -34.39 21.20
O1A CLA VE . -5.70 -33.93 21.64
O2A CLA VE . -4.69 -35.60 20.57
NB CLA VE . 0.76 -37.30 17.88
C1B CLA VE . 0.71 -37.29 19.24
C2B CLA VE . 1.31 -38.54 19.77
C3B CLA VE . 1.71 -39.29 18.68
C4B CLA VE . 1.37 -38.50 17.46
CMB CLA VE . 1.40 -38.78 21.20
CAB CLA VE . 2.35 -40.57 18.62
CBB CLA VE . 1.82 -41.66 18.05
NC CLA VE . 0.76 -36.86 14.98
C1C CLA VE . 1.35 -38.10 15.01
C2C CLA VE . 1.64 -38.54 13.65
C3C CLA VE . 1.21 -37.51 12.80
C4C CLA VE . 0.65 -36.46 13.64
CMC CLA VE . 2.27 -39.81 13.30
CAC CLA VE . 1.28 -37.50 11.34
CBC CLA VE . -0.02 -37.93 10.69
ND CLA VE . -0.45 -34.37 15.40
C1D CLA VE . -0.42 -34.27 13.99
C2D CLA VE . -1.02 -32.98 13.59
C3D CLA VE . -1.40 -32.36 14.76
C4D CLA VE . -1.04 -33.27 15.87
CMD CLA VE . -1.15 -32.51 12.21
CAD CLA VE . -2.01 -31.18 15.36
OBD CLA VE . -2.40 -30.17 14.82
CBD CLA VE . -2.05 -31.41 16.90
CGD CLA VE . -1.30 -30.33 17.63
O1D CLA VE . -0.07 -30.14 17.60
O2D CLA VE . -2.06 -29.51 18.39
CED CLA VE . -1.51 -28.25 18.76
C1 CLA VE . -5.75 -36.50 20.97
C2 CLA VE . -5.70 -37.64 20.00
C3 CLA VE . -6.20 -37.54 18.76
C4 CLA VE . -6.85 -36.30 18.26
C5 CLA VE . -6.14 -38.69 17.82
C6 CLA VE . -5.15 -38.46 16.69
C7 CLA VE . -3.76 -38.25 17.23
C8 CLA VE . -2.77 -37.79 16.17
C9 CLA VE . -3.25 -36.53 15.51
C10 CLA VE . -2.55 -38.88 15.12
C11 CLA VE . -1.92 -40.12 15.72
C12 CLA VE . -1.51 -41.10 14.65
C13 CLA VE . -1.64 -42.54 15.13
C14 CLA VE . -1.47 -43.50 13.97
MG CLA WE . 6.51 -29.27 16.28
CHA CLA WE . 6.51 -27.34 19.15
CHB CLA WE . 3.18 -29.85 16.66
CHC CLA WE . 6.56 -31.13 13.40
CHD CLA WE . 9.99 -28.72 15.98
NA CLA WE . 5.10 -28.69 17.70
C1A CLA WE . 5.29 -27.88 18.83
C2A CLA WE . 3.99 -27.71 19.60
C3A CLA WE . 3.02 -28.67 18.89
C4A CLA WE . 3.80 -29.10 17.65
CMA CLA WE . 2.64 -29.84 19.76
CAA CLA WE . 3.51 -26.27 19.49
CBA CLA WE . 2.25 -26.15 18.67
CGA CLA WE . 2.57 -25.92 17.23
O1A CLA WE . 3.61 -26.17 16.62
O2A CLA WE . 1.51 -25.37 16.55
NB CLA WE . 5.16 -30.38 15.29
C1B CLA WE . 3.81 -30.32 15.50
C2B CLA WE . 3.08 -30.84 14.32
C3B CLA WE . 4.03 -31.20 13.40
C4B CLA WE . 5.36 -30.93 14.01
CMB CLA WE . 1.63 -30.89 14.24
CAB CLA WE . 3.89 -31.76 12.07
CBB CLA WE . 3.21 -32.88 11.79
NC CLA WE . 8.01 -29.83 14.94
C1C CLA WE . 7.81 -30.62 13.84
C2C CLA WE . 9.07 -30.84 13.14
C3C CLA WE . 10.04 -30.14 13.86
C4C CLA WE . 9.37 -29.51 15.00
CMC CLA WE . 9.23 -31.62 11.92
CAC CLA WE . 11.47 -30.04 13.56
CBC CLA WE . 11.84 -28.71 12.93
ND CLA WE . 7.94 -28.18 17.21
C1D CLA WE . 9.35 -28.09 17.02
C2D CLA WE . 9.93 -27.22 18.07
C3D CLA WE . 8.87 -26.87 18.89
C4D CLA WE . 7.67 -27.54 18.34
CMD CLA WE . 11.33 -26.83 18.16
CAD CLA WE . 8.44 -26.12 20.06
OBD CLA WE . 9.06 -25.32 20.74
CBD CLA WE . 6.96 -26.51 20.34
CGD CLA WE . 6.83 -27.29 21.61
O1D CLA WE . 7.32 -28.40 21.85
O2D CLA WE . 6.10 -26.68 22.59
CED CLA WE . 6.12 -27.27 23.88
C1 CLA WE . 0.65 -26.29 15.85
C2 CLA WE . 1.12 -26.33 14.45
C3 CLA WE . 0.46 -26.97 13.47
C4 CLA WE . -0.81 -27.68 13.73
C5 CLA WE . 0.95 -26.98 12.07
C6 CLA WE . 1.93 -28.11 11.82
C7 CLA WE . 3.21 -27.58 11.23
C8 CLA WE . 4.03 -26.76 12.21
C9 CLA WE . 4.41 -25.44 11.56
C10 CLA WE . 5.26 -27.54 12.66
C11 CLA WE . 6.46 -26.67 12.99
C12 CLA WE . 6.42 -26.15 14.42
C13 CLA WE . 7.78 -25.62 14.87
C14 CLA WE . 7.61 -24.39 15.74
C15 CLA WE . 8.71 -25.31 13.71
MG CLA XE . 6.70 -36.90 0.21
CHA CLA XE . 6.17 -37.73 -3.11
CHB CLA XE . 7.38 -33.69 -0.71
CHC CLA XE . 6.95 -36.08 3.53
CHD CLA XE . 5.95 -40.25 1.11
NA CLA XE . 6.79 -35.91 -1.63
C1A CLA XE . 6.52 -36.42 -2.90
C2A CLA XE . 6.70 -35.35 -3.96
C3A CLA XE . 7.30 -34.16 -3.18
C4A CLA XE . 7.14 -34.59 -1.72
CMA CLA XE . 8.74 -33.93 -3.55
CAA CLA XE . 5.33 -34.95 -4.50
CBA CLA XE . 4.30 -34.82 -3.39
CGA CLA XE . 3.00 -34.29 -3.90
O1A CLA XE . 2.49 -34.41 -5.00
O2A CLA XE . 2.31 -33.58 -2.95
NB CLA XE . 7.13 -35.22 1.22
C1B CLA XE . 7.29 -33.99 0.67
C2B CLA XE . 7.35 -32.96 1.74
C3B CLA XE . 7.23 -33.62 2.94
C4B CLA XE . 7.10 -35.07 2.62
CMB CLA XE . 7.53 -31.54 1.47
CAB CLA XE . 7.23 -33.10 4.27
CBB CLA XE . 6.16 -33.04 5.05
NC CLA XE . 6.53 -37.99 1.99
C1C CLA XE . 6.69 -37.44 3.24
C2C CLA XE . 6.50 -38.48 4.25
C3C CLA XE . 6.20 -39.65 3.57
C4C CLA XE . 6.22 -39.34 2.14
CMC CLA XE . 6.61 -38.25 5.70
CAC CLA XE . 5.91 -40.98 4.16
CBC CLA XE . 4.43 -41.26 4.23
ND CLA XE . 6.22 -38.63 -0.72
C1D CLA XE . 5.94 -39.94 -0.24
C2D CLA XE . 5.66 -40.82 -1.39
C3D CLA XE . 5.73 -40.03 -2.52
C4D CLA XE . 6.08 -38.68 -2.04
CMD CLA XE . 5.35 -42.25 -1.28
CAD CLA XE . 5.64 -39.98 -3.96
OBD CLA XE . 5.41 -40.88 -4.77
CBD CLA XE . 5.89 -38.49 -4.39
CGD CLA XE . 7.03 -38.37 -5.36
O1D CLA XE . 8.22 -38.16 -5.10
O2D CLA XE . 6.68 -38.53 -6.66
CED CLA XE . 7.40 -37.79 -7.64
C1 CLA XE . 0.90 -33.39 -3.18
C2 CLA XE . 0.28 -33.05 -1.88
C3 CLA XE . -1.02 -33.27 -1.62
C4 CLA XE . -1.93 -33.87 -2.62
C5 CLA XE . -1.61 -32.92 -0.30
C6 CLA XE . -1.85 -34.15 0.56
C7 CLA XE . -2.36 -33.76 1.94
C8 CLA XE . -2.37 -34.92 2.91
C9 CLA XE . -2.89 -36.18 2.24
C10 CLA XE . -3.21 -34.60 4.14
MG CLA YE . 20.62 -43.17 6.45
CHA CLA YE . 21.20 -43.15 3.04
CHB CLA YE . 21.09 -46.53 6.53
CHC CLA YE . 19.96 -43.13 9.83
CHD CLA YE . 20.00 -39.69 6.31
NA CLA YE . 21.11 -44.59 5.00
C1A CLA YE . 21.30 -44.38 3.63
C2A CLA YE . 21.65 -45.70 2.93
C3A CLA YE . 21.53 -46.75 4.05
C4A CLA YE . 21.23 -45.92 5.30
CMA CLA YE . 20.43 -47.76 3.77
CAA CLA YE . 23.07 -45.64 2.42
CBA CLA YE . 24.06 -46.38 3.32
CGA CLA YE . 25.07 -45.45 3.90
O1A CLA YE . 25.52 -44.41 3.43
O2A CLA YE . 25.54 -45.87 5.12
NB CLA YE . 20.48 -44.57 7.89
C1B CLA YE . 20.80 -45.88 7.74
C2B CLA YE . 20.81 -46.56 9.07
C3B CLA YE . 20.49 -45.60 10.00
C4B CLA YE . 20.28 -44.32 9.26
CMB CLA YE . 21.14 -47.97 9.24
CAB CLA YE . 20.38 -45.68 11.44
CBB CLA YE . 19.84 -46.70 12.13
NC CLA YE . 20.11 -41.67 7.82
C1C CLA YE . 19.89 -41.87 9.16
C2C CLA YE . 19.55 -40.62 9.80
C3C CLA YE . 19.55 -39.64 8.80
C4C CLA YE . 19.90 -40.32 7.56
CMC CLA YE . 19.26 -40.46 11.23
CAC CLA YE . 19.28 -38.20 8.93
CBC CLA YE . 20.55 -37.40 9.05
ND CLA YE . 20.73 -41.69 5.08
C1D CLA YE . 20.38 -40.31 5.13
C2D CLA YE . 20.51 -39.72 3.78
C3D CLA YE . 20.86 -40.76 2.96
C4D CLA YE . 20.94 -41.98 3.79
CMD CLA YE . 20.31 -38.31 3.46
CAD CLA YE . 21.21 -41.16 1.60
OBD CLA YE . 21.43 -40.47 0.62
CBD CLA YE . 21.27 -42.72 1.60
CGD CLA YE . 20.06 -43.21 0.85
O1D CLA YE . 18.96 -42.65 0.77
O2D CLA YE . 20.22 -44.40 0.20
CED CLA YE . 19.02 -44.98 -0.32
C1 CLA YE . 25.29 -45.00 6.25
C2 CLA YE . 25.69 -45.75 7.47
C3 CLA YE . 25.07 -45.59 8.64
C4 CLA YE . 25.47 -46.34 9.86
C5 CLA YE . 23.91 -44.65 8.79
MG CLA ZE . 9.26 -47.49 -2.55
CHA CLA ZE . 11.71 -49.29 -4.24
CHB CLA ZE . 6.92 -48.57 -4.77
CHC CLA ZE . 6.91 -45.61 -0.90
CHD CLA ZE . 11.73 -46.36 -0.29
NA CLA ZE . 9.32 -48.76 -4.21
C1A CLA ZE . 10.44 -49.42 -4.76
C2A CLA ZE . 10.03 -50.25 -5.98
C3A CLA ZE . 8.50 -50.03 -6.08
C4A CLA ZE . 8.20 -49.06 -4.95
CMA CLA ZE . 8.09 -49.50 -7.42
CAA CLA ZE . 10.34 -51.72 -5.79
CBA CLA ZE . 9.76 -52.26 -4.49
CGA CLA ZE . 10.44 -53.54 -4.14
O1A CLA ZE . 11.64 -53.74 -3.93
O2A CLA ZE . 9.60 -54.61 -4.05
NB CLA ZE . 7.28 -47.18 -2.77
C1B CLA ZE . 6.51 -47.67 -3.77
C2B CLA ZE . 5.13 -47.11 -3.68
C3B CLA ZE . 5.11 -46.28 -2.58
C4B CLA ZE . 6.48 -46.31 -2.00
CMB CLA ZE . 4.08 -47.48 -4.63
CAB CLA ZE . 4.07 -45.47 -2.00
CBB CLA ZE . 2.98 -45.00 -2.62
NC CLA ZE . 9.31 -46.24 -0.89
C1C CLA ZE . 8.23 -45.57 -0.38
C2C CLA ZE . 8.62 -44.80 0.80
C3C CLA ZE . 9.99 -45.00 0.97
C4C CLA ZE . 10.42 -45.91 -0.09
CMC CLA ZE . 7.71 -43.98 1.60
CAC CLA ZE . 10.85 -44.44 2.03
CBC CLA ZE . 11.19 -45.48 3.07
ND CLA ZE . 11.24 -47.74 -2.26
C1D CLA ZE . 12.14 -47.21 -1.29
C2D CLA ZE . 13.51 -47.70 -1.57
C3D CLA ZE . 13.40 -48.49 -2.71
C4D CLA ZE . 11.97 -48.49 -3.09
CMD CLA ZE . 14.69 -47.37 -0.80
CAD CLA ZE . 14.11 -49.32 -3.67
OBD CLA ZE . 15.30 -49.58 -3.75
CBD CLA ZE . 13.04 -49.86 -4.67
CGD CLA ZE . 13.39 -49.49 -6.09
O1D CLA ZE . 14.11 -50.12 -6.88
O2D CLA ZE . 12.81 -48.34 -6.52
CED CLA ZE . 13.02 -47.96 -7.88
C1 CLA ZE . 8.63 -54.60 -2.98
C2 CLA ZE . 9.38 -54.82 -1.71
C3 CLA ZE . 8.91 -55.58 -0.73
C4 CLA ZE . 7.61 -56.30 -0.83
C5 CLA ZE . 9.68 -55.78 0.53
C6 CLA ZE . 8.94 -55.27 1.75
MG CLA AF . 1.92 -45.30 -7.97
CHA CLA AF . 4.92 -46.58 -9.13
CHB CLA AF . 0.24 -47.14 -10.29
CHC CLA AF . -1.03 -44.05 -6.72
CHD CLA AF . 3.72 -43.41 -5.57
NA CLA AF . 2.51 -46.63 -9.46
C1A CLA AF . 3.81 -47.05 -9.78
C2A CLA AF . 3.81 -48.05 -10.92
C3A CLA AF . 2.32 -48.08 -11.37
C4A CLA AF . 1.62 -47.24 -10.30
CMA CLA AF . 2.15 -47.50 -12.75
CAA CLA AF . 4.20 -49.41 -10.36
CBA CLA AF . 3.57 -49.65 -8.99
CGA CLA AF . 3.99 -50.95 -8.37
O1A CLA AF . 3.83 -52.09 -8.79
O2A CLA AF . 4.62 -50.80 -7.17
NB CLA AF . -0.01 -45.48 -8.48
C1B CLA AF . -0.51 -46.40 -9.36
C2B CLA AF . -1.99 -46.48 -9.24
C3B CLA AF . -2.35 -45.61 -8.23
C4B CLA AF . -1.11 -44.96 -7.74
CMB CLA AF . -2.81 -47.37 -10.05
CAB CLA AF . -3.65 -45.30 -7.68
CBB CLA AF . -4.77 -45.10 -8.37
NC CLA AF . 1.45 -43.96 -6.44
C1C CLA AF . 0.17 -43.58 -6.11
C2C CLA AF . 0.21 -42.63 -5.00
C3C CLA AF . 1.55 -42.47 -4.66
C4C CLA AF . 2.32 -43.31 -5.57
CMC CLA AF . -0.97 -42.01 -4.40
CAC CLA AF . 2.09 -41.61 -3.59
CBC CLA AF . 2.21 -40.16 -3.98
ND CLA AF . 3.84 -45.07 -7.38
C1D CLA AF . 4.44 -44.22 -6.41
C2D CLA AF . 5.91 -44.39 -6.48
C3D CLA AF . 6.16 -45.29 -7.50
C4D CLA AF . 4.83 -45.67 -8.04
CMD CLA AF . 6.87 -43.72 -5.62
CAD CLA AF . 7.15 -46.02 -8.26
OBD CLA AF . 8.37 -46.05 -8.13
CBD CLA AF . 6.40 -46.82 -9.36
CGD CLA AF . 6.80 -46.32 -10.72
O1D CLA AF . 6.06 -45.84 -11.59
O2D CLA AF . 8.13 -46.41 -10.98
CED CLA AF . 8.69 -45.51 -11.95
C1 CLA AF . 4.70 -51.96 -6.31
C2 CLA AF . 5.29 -51.50 -5.02
C3 CLA AF . 5.53 -52.30 -3.98
C4 CLA AF . 5.25 -53.75 -3.99
C5 CLA AF . 6.13 -51.75 -2.72
C6 CLA AF . 5.10 -51.47 -1.65
C7 CLA AF . 4.53 -50.07 -1.81
C8 CLA AF . 3.61 -49.68 -0.66
C9 CLA AF . 2.28 -49.19 -1.19
C10 CLA AF . 4.25 -48.60 0.21
C11 CLA AF . 3.57 -48.49 1.55
C12 CLA AF . 4.08 -47.32 2.37
C13 CLA AF . 3.29 -46.06 2.07
C14 CLA AF . 3.79 -44.91 2.93
C15 CLA AF . 1.80 -46.26 2.29
MG CLA BF . -0.60 -34.40 -10.07
CHA CLA BF . 1.96 -36.00 -8.34
CHB CLA BF . -2.61 -37.10 -9.59
CHC CLA BF . -3.15 -32.68 -11.58
CHD CLA BF . 1.56 -31.66 -10.60
NA CLA BF . -0.34 -36.24 -9.14
C1A CLA BF . 0.79 -36.71 -8.45
C2A CLA BF . 0.56 -38.13 -7.92
C3A CLA BF . -0.81 -38.50 -8.50
C4A CLA BF . -1.32 -37.20 -9.12
CMA CLA BF . -0.64 -39.58 -9.54
CAA CLA BF . 0.57 -38.20 -6.40
CBA CLA BF . -0.08 -37.03 -5.72
CGA CLA BF . -0.43 -37.42 -4.32
O1A CLA BF . -1.08 -38.40 -3.93
O2A CLA BF . 0.04 -36.56 -3.36
NB CLA BF . -2.52 -34.81 -10.49
C1B CLA BF . -3.17 -35.96 -10.20
C2B CLA BF . -4.59 -35.87 -10.65
C3B CLA BF . -4.74 -34.62 -11.22
C4B CLA BF . -3.43 -33.93 -11.13
CMB CLA BF . -5.55 -36.96 -10.50
CAB CLA BF . -5.89 -34.00 -11.82
CBB CLA BF . -7.10 -33.92 -11.29
NC CLA BF . -0.75 -32.52 -10.96
C1C CLA BF . -1.89 -32.03 -11.52
C2C CLA BF . -1.64 -30.68 -12.05
C3C CLA BF . -0.31 -30.38 -11.78
C4C CLA BF . 0.25 -31.55 -11.09
CMC CLA BF . -2.64 -29.85 -12.73
CAC CLA BF . 0.42 -29.15 -12.11
CBC CLA BF . 0.71 -28.28 -10.92
ND CLA BF . 1.32 -33.92 -9.68
C1D CLA BF . 2.09 -32.74 -9.94
C2D CLA BF . 3.44 -32.91 -9.39
C3D CLA BF . 3.45 -34.15 -8.76
C4D CLA BF . 2.10 -34.72 -8.96
CMD CLA BF . 4.51 -31.94 -9.49
CAD CLA BF . 4.24 -35.12 -8.03
OBD CLA BF . 5.42 -35.09 -7.70
CBD CLA BF . 3.28 -36.32 -7.70
CGD CLA BF . 3.82 -37.65 -8.18
O1D CLA BF . 4.35 -37.90 -9.26
O2D CLA BF . 3.68 -38.66 -7.27
CED CLA BF . 3.52 -39.98 -7.77
C1 CLA BF . 1.21 -36.97 -2.61
C2 CLA BF . 0.74 -37.86 -1.51
C3 CLA BF . 1.57 -38.28 -0.54
C4 CLA BF . 2.99 -37.88 -0.49
C5 CLA BF . 1.09 -39.16 0.56
C6 CLA BF . 2.00 -40.35 0.81
C7 CLA BF . 1.43 -41.61 0.20
C8 CLA BF . 0.31 -42.20 1.04
MG CLA CF . 8.73 -30.23 -3.86
CHA CLA CF . 10.71 -29.00 -1.29
CHB CLA CF . 5.95 -29.12 -2.25
CHC CLA CF . 6.80 -31.66 -6.32
CHD CLA CF . 11.66 -31.30 -5.53
NA CLA CF . 8.41 -29.19 -2.07
C1A CLA CF . 9.36 -28.77 -1.13
C2A CLA CF . 8.68 -28.02 0.03
C3A CLA CF . 7.20 -27.96 -0.41
C4A CLA CF . 7.17 -28.81 -1.67
CMA CLA CF . 6.26 -28.45 0.65
CAA CLA CF . 9.24 -26.62 0.19
CBA CLA CF . 8.74 -25.93 1.44
CGA CLA CF . 8.81 -26.84 2.62
O1A CLA CF . 9.62 -27.73 2.87
O2A CLA CF . 7.81 -26.60 3.52
NB CLA CF . 6.76 -30.34 -4.22
C1B CLA CF . 5.77 -29.88 -3.41
C2B CLA CF . 4.44 -30.31 -3.93
C3B CLA CF . 4.68 -31.03 -5.07
C4B CLA CF . 6.15 -31.05 -5.29
CMB CLA CF . 3.20 -29.95 -3.26
CAB CLA CF . 3.76 -31.67 -5.99
CBB CLA CF . 2.60 -31.16 -6.41
NC CLA CF . 9.16 -31.27 -5.62
C1C CLA CF . 8.22 -31.76 -6.48
C2C CLA CF . 8.87 -32.41 -7.60
C3C CLA CF . 10.23 -32.32 -7.39
C4C CLA CF . 10.42 -31.60 -6.14
CMC CLA CF . 8.16 -33.05 -8.71
CAC CLA CF . 11.30 -32.84 -8.26
CBC CLA CF . 11.62 -31.91 -9.41
ND CLA CF . 10.73 -30.17 -3.56
C1D CLA CF . 11.82 -30.65 -4.33
C2D CLA CF . 13.08 -30.35 -3.61
C3D CLA CF . 12.71 -29.76 -2.42
C4D CLA CF . 11.24 -29.65 -2.45
CMD CLA CF . 14.42 -30.68 -4.10
CAD CLA CF . 13.16 -29.16 -1.18
OBD CLA CF . 14.30 -29.04 -0.73
CBD CLA CF . 11.90 -28.66 -0.41
CGD CLA CF . 11.81 -29.30 0.95
O1D CLA CF . 12.36 -28.94 1.99
O2D CLA CF . 10.99 -30.39 1.00
CED CLA CF . 11.08 -31.22 2.16
C1 CLA CF . 7.21 -27.75 4.16
C2 CLA CF . 5.86 -27.32 4.59
C3 CLA CF . 4.79 -28.14 4.55
C4 CLA CF . 3.46 -27.67 4.99
C5 CLA CF . 4.89 -29.55 4.07
C6 CLA CF . 3.74 -29.90 3.15
C7 CLA CF . 3.58 -31.40 3.02
C8 CLA CF . 3.40 -31.86 1.57
C9 CLA CF . 3.14 -30.71 0.63
C10 CLA CF . 2.28 -32.89 1.46
C11 CLA CF . 2.81 -34.27 1.20
C12 CLA CF . 1.97 -35.35 1.85
C13 CLA CF . 2.24 -35.49 3.34
C14 CLA CF . 3.70 -35.22 3.67
C15 CLA CF . 1.83 -36.86 3.88
C16 CLA CF . 2.23 -37.03 5.32
C17 CLA CF . 1.43 -36.15 6.25
C18 CLA CF . 2.20 -35.76 7.50
C19 CLA CF . 3.20 -34.65 7.20
C20 CLA CF . 2.90 -36.95 8.09
MG CLA DF . -7.06 -21.87 1.32
CHA CLA DF . -7.76 -22.98 4.52
CHB CLA DF . -7.38 -25.05 0.15
CHC CLA DF . -6.60 -20.68 -1.87
CHD CLA DF . -6.69 -18.59 2.59
NA CLA DF . -7.48 -23.70 2.21
C1A CLA DF . -7.76 -23.95 3.56
C2A CLA DF . -8.04 -25.42 3.79
C3A CLA DF . -7.67 -26.07 2.44
C4A CLA DF . -7.52 -24.87 1.51
CMA CLA DF . -6.39 -26.85 2.56
CAA CLA DF . -9.53 -25.53 4.00
CBA CLA DF . -10.12 -26.89 3.66
CGA CLA DF . -11.60 -26.80 3.77
O1A CLA DF . -12.29 -25.90 4.27
O2A CLA DF . -12.24 -27.88 3.24
NB CLA DF . -6.95 -22.71 -0.51
C1B CLA DF . -7.21 -24.01 -0.78
C2B CLA DF . -7.26 -24.22 -2.26
C3B CLA DF . -7.05 -22.99 -2.84
C4B CLA DF . -6.84 -22.01 -1.73
CMB CLA DF . -7.52 -25.53 -2.85
CAB CLA DF . -6.99 -22.58 -4.22
CBB CLA DF . -6.75 -23.35 -5.28
NC CLA DF . -6.69 -19.98 0.52
C1C CLA DF . -6.52 -19.71 -0.82
C2C CLA DF . -6.28 -18.30 -1.02
C3C CLA DF . -6.32 -17.70 0.24
C4C CLA DF . -6.57 -18.77 1.21
CMC CLA DF . -6.08 -17.66 -2.32
CAC CLA DF . -6.14 -16.28 0.56
CBC CLA DF . -7.45 -15.60 0.86
ND CLA DF . -7.18 -20.93 3.11
C1D CLA DF . -6.98 -19.59 3.50
C2D CLA DF . -7.16 -19.49 4.97
C3D CLA DF . -7.48 -20.76 5.41
C4D CLA DF . -7.47 -21.62 4.22
CMD CLA DF . -7.03 -18.26 5.75
CAD CLA DF . -7.79 -21.60 6.55
OBD CLA DF . -7.92 -21.30 7.73
CBD CLA DF . -7.95 -23.05 6.01
CGD CLA DF . -6.95 -23.99 6.62
O1D CLA DF . -6.04 -24.60 6.06
O2D CLA DF . -7.10 -24.14 7.97
CED CLA DF . -6.23 -25.07 8.62
C1 CLA DF . -13.67 -27.93 3.41
C2 CLA DF . -14.16 -28.93 2.44
C3 CLA DF . -14.54 -30.16 2.79
C4 CLA DF . -14.50 -30.63 4.20
C5 CLA DF . -15.03 -31.14 1.77
C6 CLA DF . -16.50 -30.98 1.46
C7 CLA DF . -16.91 -31.89 0.32
C8 CLA DF . -18.37 -31.71 -0.06
C9 CLA DF . -19.09 -33.05 -0.09
C10 CLA DF . -18.49 -30.98 -1.39
C11 CLA DF . -18.58 -31.91 -2.59
C12 CLA DF . -19.26 -31.25 -3.76
C13 CLA DF . -19.24 -32.14 -5.00
C14 CLA DF . -19.92 -33.46 -4.73
C15 CLA DF . -17.82 -32.36 -5.50
C16 CLA DF . -17.83 -33.08 -6.83
C17 CLA DF . -16.44 -33.19 -7.41
C18 CLA DF . -16.47 -33.51 -8.91
C19 CLA DF . -15.16 -34.12 -9.37
MG CLA EF . -7.98 -29.86 11.89
CHA CLA EF . -7.98 -28.82 8.59
CHB CLA EF . -6.00 -32.49 11.05
CHC CLA EF . -7.96 -30.80 15.19
CHD CLA EF . -10.05 -27.11 12.71
NA CLA EF . -7.15 -30.54 10.10
C1A CLA EF . -7.27 -29.97 8.82
C2A CLA EF . -6.52 -30.79 7.77
C3A CLA EF . -6.02 -32.03 8.58
C4A CLA EF . -6.40 -31.68 10.02
CMA CLA EF . -6.67 -33.30 8.12
CAA CLA EF . -5.37 -30.02 7.17
CBA CLA EF . -4.33 -30.92 6.53
CGA CLA EF . -4.02 -30.40 5.16
O1A CLA EF . -4.78 -30.26 4.20
O2A CLA EF . -2.70 -30.04 5.01
NB CLA EF . -7.25 -31.44 12.91
C1B CLA EF . -6.29 -32.27 12.42
C2B CLA EF . -5.54 -32.92 13.53
C3B CLA EF . -6.09 -32.45 14.70
C4B CLA EF . -7.18 -31.50 14.32
CMB CLA EF . -4.44 -33.85 13.29
CAB CLA EF . -5.79 -32.71 16.08
CBB CLA EF . -5.19 -33.79 16.58
NC CLA EF . -8.87 -29.10 13.62
C1C CLA EF . -8.76 -29.67 14.86
C2C CLA EF . -9.54 -28.92 15.83
C3C CLA EF . -10.10 -27.84 15.14
C4C CLA EF . -9.68 -27.98 13.75
CMC CLA EF . -9.66 -29.24 17.25
CAC CLA EF . -10.99 -26.79 15.67
CBC CLA EF . -12.44 -27.03 15.31
ND CLA EF . -8.75 -28.25 10.96
C1D CLA EF . -9.63 -27.22 11.41
C2D CLA EF . -9.96 -26.35 10.26
C3D CLA EF . -9.33 -26.90 9.16
C4D CLA EF . -8.63 -28.10 9.65
CMD CLA EF . -10.80 -25.14 10.34
CAD CLA EF . -9.07 -26.78 7.75
OBD CLA EF . -9.38 -25.88 6.99
CBD CLA EF . -8.28 -28.06 7.32
CGD CLA EF . -9.10 -28.91 6.38
O1D CLA EF . -10.32 -29.11 6.42
O2D CLA EF . -8.37 -29.51 5.40
CED CLA EF . -9.08 -30.35 4.48
C1 CLA EF . -1.97 -30.72 3.96
C2 CLA EF . -2.09 -29.89 2.74
C3 CLA EF . -1.12 -29.07 2.33
C4 CLA EF . 0.17 -28.93 3.06
C5 CLA EF . -1.28 -28.24 1.10
C6 CLA EF . -0.48 -28.76 -0.08
C7 CLA EF . -0.81 -27.98 -1.34
C8 CLA EF . -0.05 -28.49 -2.55
C9 CLA EF . 0.10 -27.40 -3.58
C10 CLA EF . -0.75 -29.71 -3.16
C11 CLA EF . -2.11 -29.34 -3.72
C12 CLA EF . -2.79 -30.52 -4.38
C13 CLA EF . -4.28 -30.31 -4.52
C14 CLA EF . -4.96 -31.60 -4.93
C15 CLA EF . -4.60 -29.20 -5.52
C16 CLA EF . -6.08 -29.12 -5.85
C17 CLA EF . -6.88 -28.52 -4.71
C18 CLA EF . -8.35 -28.35 -5.06
C19 CLA EF . -9.06 -29.68 -5.15
C20 CLA EF . -8.51 -27.57 -6.35
MG CLA FF . 2.33 -9.58 13.43
CHA CLA FF . 4.93 -9.98 15.71
CHB CLA FF . 0.08 -9.77 15.97
CHC CLA FF . -0.18 -9.07 11.14
CHD CLA FF . 4.72 -9.40 10.83
NA CLA FF . 2.51 -9.86 15.50
C1A CLA FF . 3.67 -10.01 16.26
C2A CLA FF . 3.34 -10.21 17.73
C3A CLA FF . 1.79 -10.34 17.74
C4A CLA FF . 1.41 -9.95 16.31
CMA CLA FF . 1.34 -11.73 18.09
CAA CLA FF . 3.81 -9.02 18.57
CBA CLA FF . 3.52 -7.70 17.88
CGA CLA FF . 2.21 -7.16 18.34
O1A CLA FF . 1.41 -7.65 19.13
O2A CLA FF . 1.91 -5.94 17.78
NB CLA FF . 0.32 -9.51 13.53
C1B CLA FF . -0.39 -9.44 14.69
C2B CLA FF . -1.78 -9.00 14.39
C3B CLA FF . -1.86 -8.81 13.02
C4B CLA FF . -0.52 -9.14 12.46
CMB CLA FF . -2.80 -8.85 15.43
CAB CLA FF . -2.96 -8.39 12.19
CBB CLA FF . -3.89 -7.49 12.49
NC CLA FF . 2.29 -9.34 11.36
C1C CLA FF . 1.14 -9.18 10.62
C2C CLA FF . 1.47 -9.08 9.21
C3C CLA FF . 2.87 -9.13 9.11
C4C CLA FF . 3.37 -9.30 10.47
CMC CLA FF . 0.49 -8.92 8.13
CAC CLA FF . 3.67 -9.07 7.88
CBC CLA FF . 4.44 -7.78 7.73
ND CLA FF . 4.35 -9.65 13.24
C1D CLA FF . 5.20 -9.55 12.10
C2D CLA FF . 6.60 -9.65 12.56
C3D CLA FF . 6.56 -9.79 13.93
C4D CLA FF . 5.13 -9.81 14.30
CMD CLA FF . 7.76 -9.56 11.67
CAD CLA FF . 7.33 -9.95 15.15
OBD CLA FF . 8.55 -9.97 15.31
CBD CLA FF . 6.31 -10.11 16.32
CGD CLA FF . 6.56 -11.38 17.06
O1D CLA FF . 6.37 -12.52 16.65
O2D CLA FF . 7.05 -11.22 18.31
CED CLA FF . 7.90 -12.25 18.82
C1 CLA FF . 0.60 -5.81 17.20
C2 CLA FF . 0.71 -6.19 15.77
C3 CLA FF . 0.80 -5.29 14.78
C4 CLA FF . 0.79 -3.83 15.05
C5 CLA FF . 0.91 -5.72 13.36
C6 CLA FF . 2.26 -5.39 12.74
C7 CLA FF . 3.41 -5.88 13.61
C8 CLA FF . 4.74 -5.86 12.88
C9 CLA FF . 5.88 -5.84 13.89
C10 CLA FF . 4.86 -4.66 11.95
C11 CLA FF . 5.57 -5.00 10.66
C12 CLA FF . 7.01 -4.56 10.68
C13 CLA FF . 7.49 -4.16 9.29
C14 CLA FF . 7.65 -5.38 8.41
C15 CLA FF . 8.78 -3.35 9.35
C16 CLA FF . 9.98 -4.23 9.59
C17 CLA FF . 11.10 -3.94 8.62
C18 CLA FF . 12.11 -2.91 9.15
C19 CLA FF . 13.49 -3.16 8.57
C20 CLA FF . 12.17 -2.91 10.66
MG CLA GF . 5.20 -18.07 13.71
CHA CLA GF . 5.09 -19.15 17.00
CHB CLA GF . 6.05 -14.96 14.76
CHC CLA GF . 5.56 -17.13 10.42
CHD CLA GF . 4.30 -21.34 12.66
NA CLA GF . 5.47 -17.21 15.58
C1A CLA GF . 5.40 -17.83 16.83
C2A CLA GF . 5.67 -16.84 17.96
C3A CLA GF . 5.69 -15.48 17.22
C4A CLA GF . 5.77 -15.89 15.75
CMA CLA GF . 4.44 -14.70 17.52
CAA CLA GF . 7.00 -17.13 18.65
CBA CLA GF . 8.20 -16.53 17.93
CGA CLA GF . 8.98 -17.59 17.25
O1A CLA GF . 8.59 -18.43 16.43
O2A CLA GF . 10.30 -17.57 17.58
NB CLA GF . 5.65 -16.35 12.76
C1B CLA GF . 6.10 -15.23 13.39
C2B CLA GF . 6.67 -14.29 12.38
C3B CLA GF . 6.53 -14.89 11.15
C4B CLA GF . 5.86 -16.21 11.38
CMB CLA GF . 7.24 -13.00 12.74
CAB CLA GF . 6.91 -14.41 9.85
CBB CLA GF . 6.08 -14.28 8.80
NC CLA GF . 4.92 -19.06 11.88
C1C CLA GF . 5.10 -18.46 10.65
C2C CLA GF . 4.80 -19.43 9.59
C3C CLA GF . 4.48 -20.63 10.23
C4C CLA GF . 4.55 -20.38 11.66
CMC CLA GF . 4.88 -19.14 8.16
CAC CLA GF . 4.11 -21.90 9.57
CBC CLA GF . 5.32 -22.74 9.28
ND CLA GF . 4.75 -19.85 14.56
C1D CLA GF . 4.39 -21.11 14.01
C2D CLA GF . 4.16 -22.06 15.13
C3D CLA GF . 4.43 -21.37 16.29
C4D CLA GF . 4.79 -20.00 15.88
CMD CLA GF . 3.77 -23.46 14.96
CAD CLA GF . 4.48 -21.41 17.74
OBD CLA GF . 4.24 -22.35 18.51
CBD CLA GF . 4.91 -20.00 18.24
CGD CLA GF . 3.90 -19.37 19.16
O1D CLA GF . 2.73 -19.08 18.89
O2D CLA GF . 4.35 -19.14 20.42
CED CLA GF . 3.49 -18.43 21.31
C1 CLA GF . 11.25 -17.99 16.58
C2 CLA GF . 11.55 -19.43 16.83
C3 CLA GF . 12.61 -20.06 16.30
C4 CLA GF . 13.58 -19.38 15.42
C5 CLA GF . 12.85 -21.50 16.61
C6 CLA GF . 13.49 -22.25 15.46
C7 CLA GF . 13.93 -23.63 15.91
C8 CLA GF . 13.75 -24.66 14.80
C9 CLA GF . 12.29 -24.82 14.46
C10 CLA GF . 14.33 -26.01 15.20
C11 CLA GF . 15.85 -26.02 15.09
C12 CLA GF . 16.38 -27.43 15.24
C13 CLA GF . 17.85 -27.47 15.65
C14 CLA GF . 18.63 -26.31 15.08
C15 CLA GF . 18.48 -28.78 15.22
C16 CLA GF . 19.39 -29.34 16.29
C17 CLA GF . 19.79 -30.77 15.97
C18 CLA GF . 20.85 -31.28 16.92
C19 CLA GF . 22.13 -30.48 16.80
C20 CLA GF . 21.13 -32.75 16.65
MG CLA HF . 7.56 -12.33 -4.26
CHA CLA HF . 8.32 -10.53 -7.14
CHB CLA HF . 10.77 -13.47 -4.14
CHC CLA HF . 6.84 -13.91 -1.30
CHD CLA HF . 4.27 -11.06 -4.38
NA CLA HF . 9.24 -12.06 -5.47
C1A CLA HF . 9.36 -11.24 -6.61
C2A CLA HF . 10.77 -11.29 -7.17
C3A CLA HF . 11.50 -12.32 -6.27
C4A CLA HF . 10.45 -12.65 -5.21
CMA CLA HF . 11.91 -13.54 -7.05
CAA CLA HF . 11.43 -9.93 -7.01
CBA CLA HF . 11.16 -9.37 -5.62
CGA CLA HF . 11.44 -7.90 -5.58
O1A CLA HF . 11.77 -7.16 -6.52
O2A CLA HF . 11.29 -7.34 -4.35
NB CLA HF . 8.62 -13.40 -2.93
C1B CLA HF . 9.88 -13.85 -3.12
C2B CLA HF . 10.21 -14.86 -2.10
C3B CLA HF . 9.12 -15.01 -1.27
C4B CLA HF . 8.09 -14.07 -1.80
CMB CLA HF . 11.50 -15.51 -2.08
CAB CLA HF . 8.89 -15.86 -0.13
CBB CLA HF . 9.80 -16.42 0.66
NC CLA HF . 5.86 -12.48 -3.08
C1C CLA HF . 5.80 -13.16 -1.89
C2C CLA HF . 4.47 -13.02 -1.30
C3C CLA HF . 3.74 -12.21 -2.17
C4C CLA HF . 4.61 -11.87 -3.28
CMC CLA HF . 4.07 -13.61 -0.02
CAC CLA HF . 2.35 -11.76 -1.99
CBC CLA HF . 2.29 -10.46 -1.22
ND CLA HF . 6.44 -11.23 -5.52
C1D CLA HF . 5.11 -10.75 -5.44
C2D CLA HF . 4.84 -9.90 -6.61
C3D CLA HF . 6.02 -9.79 -7.31
C4D CLA HF . 7.00 -10.60 -6.56
CMD CLA HF . 3.56 -9.29 -6.95
CAD CLA HF . 6.69 -9.23 -8.46
OBD CLA HF . 6.23 -8.59 -9.39
CBD CLA HF . 8.20 -9.61 -8.33
CGD CLA HF . 8.72 -10.17 -9.62
O1D CLA HF . 8.97 -9.55 -10.66
O2D CLA HF . 8.90 -11.52 -9.63
CED CLA HF . 9.58 -12.09 -10.75
C1 CLA HF . 11.04 -5.92 -4.32
C2 CLA HF . 10.84 -5.54 -2.89
C3 CLA HF . 10.10 -4.48 -2.53
C4 CLA HF . 9.42 -3.62 -3.53
C5 CLA HF . 9.92 -4.12 -1.10
C6 CLA HF . 8.46 -4.02 -0.71
C7 CLA HF . 8.31 -3.86 0.79
C8 CLA HF . 6.86 -3.84 1.22
C9 CLA HF . 6.14 -2.67 0.59
C10 CLA HF . 6.74 -3.78 2.74
C11 CLA HF . 7.51 -2.63 3.32
C12 CLA HF . 6.65 -1.74 4.18
C13 CLA HF . 6.86 -2.01 5.67
C14 CLA HF . 5.83 -3.00 6.17
C15 CLA HF . 6.83 -0.70 6.46
C16 CLA HF . 5.93 -0.73 7.68
C17 CLA HF . 5.18 0.58 7.84
C18 CLA HF . 5.14 1.05 9.28
C19 CLA HF . 4.43 0.05 10.17
C20 CLA HF . 4.47 2.40 9.36
MG CLA IF . -10.42 -29.95 -14.78
CHA CLA IF . -9.52 -32.10 -17.34
CHB CLA IF . -13.46 -29.52 -16.22
CHC CLA IF . -11.28 -27.89 -12.17
CHD CLA IF . -7.23 -30.45 -13.31
NA CLA IF . -11.32 -30.71 -16.50
C1A CLA IF . -10.78 -31.61 -17.43
C2A CLA IF . -11.78 -31.91 -18.55
C3A CLA IF . -12.98 -31.00 -18.21
C4A CLA IF . -12.58 -30.37 -16.88
CMA CLA IF . -13.20 -29.96 -19.28
CAA CLA IF . -12.21 -33.37 -18.50
NB CLA IF . -12.06 -28.93 -14.29
C1B CLA IF . -13.21 -28.87 -15.01
C2B CLA IF . -14.18 -27.98 -14.34
C3B CLA IF . -13.58 -27.52 -13.20
C4B CLA IF . -12.22 -28.10 -13.14
CMB CLA IF . -15.52 -27.71 -14.88
CAB CLA IF . -14.08 -26.62 -12.18
CBB CLA IF . -15.22 -26.81 -11.51
NC CLA IF . -9.42 -29.28 -13.06
C1C CLA IF . -9.97 -28.44 -12.14
C2C CLA IF . -9.01 -28.18 -11.06
C3C CLA IF . -7.86 -28.92 -11.38
C4C CLA IF . -8.13 -29.62 -12.63
CMC CLA IF . -9.25 -27.32 -9.92
CAC CLA IF . -6.61 -28.99 -10.59
CBC CLA IF . -6.50 -30.27 -9.81
ND CLA IF . -8.72 -30.97 -15.19
C1D CLA IF . -7.48 -31.09 -14.50
C2D CLA IF . -6.58 -31.96 -15.29
C3D CLA IF . -7.30 -32.35 -16.41
C4D CLA IF . -8.63 -31.72 -16.27
CMD CLA IF . -5.21 -32.29 -14.91
CAD CLA IF . -7.29 -33.10 -17.65
OBD CLA IF . -6.36 -33.69 -18.19
CBD CLA IF . -8.72 -33.00 -18.25
CGD CLA IF . -8.75 -32.45 -19.64
O1D CLA IF . -9.12 -33.00 -20.68
O2D CLA IF . -8.31 -31.15 -19.72
CED CLA IF . -8.42 -30.49 -20.98
MG CLA JF . -20.38 -27.65 -15.27
CHA CLA JF . -18.70 -28.91 -18.04
CHB CLA JF . -22.15 -25.57 -17.31
CHC CLA JF . -22.06 -26.47 -12.51
CHD CLA JF . -18.47 -29.77 -13.20
NA CLA JF . -20.40 -27.32 -17.34
C1A CLA JF . -19.63 -27.95 -18.32
C2A CLA JF . -19.95 -27.40 -19.71
C3A CLA JF . -20.97 -26.26 -19.42
C4A CLA JF . -21.22 -26.38 -17.92
CMA CLA JF . -20.43 -24.91 -19.81
CAA CLA JF . -20.60 -28.48 -20.56
CBA CLA JF . -22.02 -28.78 -20.10
CGA CLA JF . -22.28 -30.25 -20.07
O1A CLA JF . -21.67 -31.15 -20.64
O2A CLA JF . -23.37 -30.58 -19.32
NB CLA JF . -21.79 -26.23 -14.96
C1B CLA JF . -22.46 -25.57 -15.93
C2B CLA JF . -23.60 -24.80 -15.35
C3B CLA JF . -23.58 -25.06 -13.99
C4B CLA JF . -22.43 -25.97 -13.73
CMB CLA JF . -24.50 -23.99 -16.16
CAB CLA JF . -24.44 -24.59 -12.93
CBB CLA JF . -25.74 -24.32 -13.04
NC CLA JF . -20.28 -28.05 -13.23
C1C CLA JF . -21.06 -27.44 -12.28
C2C CLA JF . -20.70 -27.95 -10.96
C3C CLA JF . -19.68 -28.89 -11.14
C4C CLA JF . -19.42 -28.95 -12.58
CMC CLA JF . -21.33 -27.53 -9.71
CAC CLA JF . -19.00 -29.68 -10.10
CBC CLA JF . -19.31 -31.15 -10.16
ND CLA JF . -18.98 -29.08 -15.50
C1D CLA JF . -18.24 -29.85 -14.55
C2D CLA JF . -17.27 -30.70 -15.28
C3D CLA JF . -17.42 -30.39 -16.62
C4D CLA JF . -18.47 -29.36 -16.70
CMD CLA JF . -16.36 -31.66 -14.65
CAD CLA JF . -16.98 -30.67 -17.98
OBD CLA JF . -16.17 -31.49 -18.39
CBD CLA JF . -17.73 -29.67 -18.91
CGD CLA JF . -16.78 -28.74 -19.62
O1D CLA JF . -16.50 -27.58 -19.31
O2D CLA JF . -16.20 -29.27 -20.73
CED CLA JF . -15.57 -28.39 -21.65
C1 CLA JF . -24.31 -31.50 -19.91
C2 CLA JF . -25.63 -31.26 -19.27
C3 CLA JF . -26.07 -31.96 -18.22
C4 CLA JF . -25.27 -33.05 -17.59
MG CLA KF . -31.05 -18.74 -6.37
CHA CLA KF . -28.79 -18.53 -9.00
CHB CLA KF . -31.76 -15.43 -6.73
CHC CLA KF . -33.34 -19.03 -3.83
CHD CLA KF . -30.27 -22.17 -6.05
NA CLA KF . -30.37 -17.24 -7.66
C1A CLA KF . -29.42 -17.35 -8.69
C2A CLA KF . -29.21 -16.01 -9.39
C3A CLA KF . -30.10 -15.04 -8.59
C4A CLA KF . -30.81 -15.95 -7.58
CMA CLA KF . -29.30 -13.96 -7.91
CAA CLA KF . -29.63 -16.09 -10.85
CBA CLA KF . -31.12 -15.84 -11.00
CGA CLA KF . -31.73 -16.76 -12.01
O1A CLA KF . -32.28 -17.85 -11.82
O2A CLA KF . -31.63 -16.28 -13.29
NB CLA KF . -32.27 -17.45 -5.41
C1B CLA KF . -32.49 -16.16 -5.76
C2B CLA KF . -33.61 -15.59 -4.96
C3B CLA KF . -34.05 -16.61 -4.14
C4B CLA KF . -33.21 -17.81 -4.42
CMB CLA KF . -34.06 -14.20 -5.13
CAB CLA KF . -35.12 -16.66 -3.17
CBB CLA KF . -35.72 -15.61 -2.58
NC CLA KF . -31.67 -20.31 -5.15
C1C CLA KF . -32.62 -20.20 -4.17
C2C CLA KF . -32.80 -21.50 -3.51
C3C CLA KF . -31.94 -22.40 -4.15
C4C CLA KF . -31.24 -21.64 -5.18
CMC CLA KF . -33.73 -21.76 -2.41
CAC CLA KF . -31.76 -23.83 -3.86
CBC CLA KF . -32.11 -24.73 -5.02
ND CLA KF . -29.87 -20.10 -7.30
C1D CLA KF . -29.64 -21.47 -7.06
C2D CLA KF . -28.62 -21.97 -8.02
C3D CLA KF . -28.26 -20.88 -8.78
C4D CLA KF . -29.06 -19.74 -8.28
CMD CLA KF . -28.14 -23.35 -8.10
CAD CLA KF . -27.44 -20.40 -9.88
OBD CLA KF . -26.65 -21.02 -10.59
CBD CLA KF . -27.72 -18.86 -10.02
CGD CLA KF . -26.49 -18.05 -9.78
O1D CLA KF . -26.40 -16.99 -9.14
O2D CLA KF . -25.36 -18.55 -10.33
CED CLA KF . -24.13 -17.99 -9.89
C1 CLA KF . -32.31 -17.02 -14.32
C2 CLA KF . -31.41 -18.14 -14.72
C3 CLA KF . -30.33 -17.97 -15.51
C4 CLA KF . -29.95 -16.66 -16.05
C5 CLA KF . -29.46 -19.13 -15.87
C6 CLA KF . -29.97 -20.46 -15.37
C7 CLA KF . -29.41 -20.82 -14.01
C8 CLA KF . -30.32 -21.79 -13.26
C9 CLA KF . -30.09 -21.70 -11.77
C10 CLA KF . -30.10 -23.21 -13.75
C11 CLA KF . -31.03 -24.18 -13.06
C12 CLA KF . -31.16 -25.48 -13.82
C13 CLA KF . -29.87 -26.28 -13.75
C14 CLA KF . -29.87 -27.39 -14.78
C15 CLA KF . -29.65 -26.88 -12.36
C16 CLA KF . -28.26 -26.58 -11.85
C17 CLA KF . -27.52 -27.85 -11.51
C18 CLA KF . -26.72 -27.73 -10.21
C19 CLA KF . -27.65 -27.70 -9.02
C20 CLA KF . -25.86 -26.49 -10.22
MG CLA LF . -12.79 -36.24 11.97
CHA CLA LF . -11.10 -37.74 14.60
CHB CLA LF . -10.74 -33.52 12.22
CHC CLA LF . -14.30 -34.92 9.19
CHD CLA LF . -14.93 -39.05 11.80
NA CLA LF . -11.22 -35.73 13.24
C1A CLA LF . -10.65 -36.50 14.27
C2A CLA LF . -9.51 -35.74 14.96
C3A CLA LF . -9.61 -34.32 14.34
C4A CLA LF . -10.58 -34.51 13.17
CMA CLA LF . -10.18 -33.35 15.34
CAA CLA LF . -8.18 -36.40 14.63
CBA CLA LF . -7.45 -35.68 13.53
CGA CLA LF . -7.09 -36.60 12.40
O1A CLA LF . -7.14 -36.37 11.19
O2A CLA LF . -6.67 -37.82 12.84
NB CLA LF . -12.60 -34.53 10.94
C1B CLA LF . -11.63 -33.58 11.13
C2B CLA LF . -11.65 -32.60 10.01
C3B CLA LF . -12.64 -32.99 9.14
C4B CLA LF . -13.27 -34.21 9.74
CMB CLA LF . -10.72 -31.47 9.94
CAB CLA LF . -13.10 -32.41 7.91
CBB CLA LF . -13.36 -31.11 7.72
NC CLA LF . -14.36 -36.86 10.76
C1C CLA LF . -14.83 -36.16 9.68
C2C CLA LF . -15.93 -36.87 9.05
C3C CLA LF . -16.10 -38.05 9.78
C4C CLA LF . -15.11 -38.03 10.86
CMC CLA LF . -16.66 -36.41 7.88
CAC CLA LF . -17.09 -39.11 9.52
CBC CLA LF . -16.53 -40.22 8.67
ND CLA LF . -13.04 -37.99 12.95
C1D CLA LF . -13.96 -39.05 12.79
C2D CLA LF . -13.67 -40.10 13.81
C3D CLA LF . -12.56 -39.65 14.50
C4D CLA LF . -12.22 -38.34 13.94
CMD CLA LF . -14.40 -41.35 13.99
CAD CLA LF . -11.63 -39.94 15.58
OBD CLA LF . -11.54 -40.92 16.31
CBD CLA LF . -10.67 -38.71 15.67
CGD CLA LF . -10.67 -38.10 17.04
O1D CLA LF . -11.09 -36.98 17.37
O2D CLA LF . -10.14 -38.90 18.01
CED CLA LF . -9.74 -38.31 19.23
C1 CLA LF . -5.36 -38.25 12.41
C2 CLA LF . -5.53 -38.88 11.08
C3 CLA LF . -4.90 -40.01 10.71
C4 CLA LF . -3.97 -40.73 11.62
C5 CLA LF . -5.11 -40.58 9.36
C6 CLA LF . -6.46 -41.26 9.24
C7 CLA LF . -6.99 -41.16 7.83
C8 CLA LF . -8.11 -42.16 7.56
C9 CLA LF . -8.76 -41.90 6.22
C10 CLA LF . -9.16 -42.11 8.66
C11 CLA LF . -9.92 -43.41 8.74
C12 CLA LF . -8.97 -44.59 8.91
C13 CLA LF . -9.71 -45.88 9.25
C14 CLA LF . -11.21 -45.67 9.34
C15 CLA LF . -9.21 -46.49 10.55
C16 CLA LF . -9.91 -47.79 10.85
C17 CLA LF . -8.96 -48.96 10.80
C18 CLA LF . -8.14 -49.06 12.07
C19 CLA LF . -8.30 -50.42 12.73
C20 CLA LF . -6.69 -48.78 11.77
MG CLA MF . -10.95 -44.06 12.87
CHA CLA MF . -8.58 -45.82 14.66
CHB CLA MF . -8.88 -41.36 12.79
CHC CLA MF . -13.27 -42.42 10.93
CHD CLA MF . -13.13 -46.86 13.09
NA CLA MF . -9.05 -43.68 13.62
C1A CLA MF . -8.21 -44.55 14.34
C2A CLA MF . -6.90 -43.87 14.70
C3A CLA MF . -7.11 -42.41 14.24
C4A CLA MF . -8.43 -42.46 13.48
CMA CLA MF . -7.17 -41.46 15.41
CAA CLA MF . -5.75 -44.50 13.92
CBA CLA MF . -6.17 -44.83 12.51
CGA CLA MF . -4.99 -44.85 11.60
O1A CLA MF . -3.86 -44.38 11.79
O2A CLA MF . -5.24 -45.46 10.41
NB CLA MF . -11.09 -42.22 12.07
C1B CLA MF . -10.08 -41.30 12.06
C2B CLA MF . -10.43 -40.18 11.15
C3B CLA MF . -11.66 -40.46 10.62
C4B CLA MF . -12.09 -41.77 11.19
CMB CLA MF . -9.55 -39.03 10.94
CAB CLA MF . -12.44 -39.70 9.68
CBB CLA MF . -12.86 -40.14 8.49
NC CLA MF . -12.86 -44.54 12.16
C1C CLA MF . -13.64 -43.72 11.39
C2C CLA MF . -14.90 -44.37 11.09
C3C CLA MF . -14.87 -45.62 11.69
C4C CLA MF . -13.58 -45.73 12.37
CMC CLA MF . -15.97 -43.75 10.29
CAC CLA MF . -15.93 -46.65 11.68
CBC CLA MF . -16.09 -47.32 10.33
ND CLA MF . -10.92 -45.93 13.64
C1D CLA MF . -11.89 -46.97 13.68
C2D CLA MF . -11.32 -48.12 14.43
C3D CLA MF . -10.04 -47.75 14.81
C4D CLA MF . -9.86 -46.37 14.31
CMD CLA MF . -12.01 -49.38 14.68
CAD CLA MF . -8.83 -48.13 15.50
OBD CLA MF . -8.53 -49.21 16.01
CBD CLA MF . -7.87 -46.90 15.47
CGD CLA MF . -7.56 -46.44 16.87
O1D CLA MF . -6.79 -46.97 17.68
O2D CLA MF . -8.21 -45.31 17.25
CED CLA MF . -9.57 -45.42 17.69
C1 CLA MF . -4.24 -45.30 9.37
C2 CLA MF . -4.97 -45.09 8.10
C3 CLA MF . -4.49 -44.32 7.11
C4 CLA MF . -3.18 -43.62 7.23
C5 CLA MF . -5.24 -44.13 5.85
C6 CLA MF . -4.35 -44.04 4.62
C7 CLA MF . -5.17 -43.87 3.36
C8 CLA MF . -4.34 -43.36 2.20
MG CLA NF . -13.85 -23.38 10.59
CHA CLA NF . -15.32 -26.47 11.19
CHB CLA NF . -13.19 -24.33 7.40
CHC CLA NF . -12.41 -20.31 10.06
CHD CLA NF . -14.50 -22.49 13.96
NA CLA NF . -14.22 -25.12 9.49
C1A CLA NF . -14.86 -26.29 9.91
C2A CLA NF . -14.90 -27.33 8.78
C3A CLA NF . -14.21 -26.61 7.60
C4A CLA NF . -13.84 -25.24 8.19
CMA CLA NF . -12.98 -27.35 7.13
CAA CLA NF . -16.30 -27.75 8.39
CBA CLA NF . -16.22 -28.89 7.39
CGA CLA NF . -17.53 -29.57 7.18
O1A CLA NF . -18.66 -29.20 7.49
O2A CLA NF . -17.38 -30.77 6.55
NB CLA NF . -13.02 -22.47 9.01
C1B CLA NF . -12.78 -23.05 7.81
C2B CLA NF . -11.96 -22.13 6.96
C3B CLA NF . -11.74 -20.98 7.70
C4B CLA NF . -12.41 -21.20 9.02
CMB CLA NF . -11.54 -22.50 5.61
CAB CLA NF . -11.02 -19.77 7.42
CBB CLA NF . -10.40 -19.45 6.28
NC CLA NF . -13.55 -21.70 11.80
C1C CLA NF . -12.95 -20.55 11.36
C2C CLA NF . -12.91 -19.57 12.45
C3C CLA NF . -13.47 -20.18 13.57
C4C CLA NF . -13.87 -21.53 13.15
CMC CLA NF . -12.34 -18.23 12.33
CAC CLA NF . -13.62 -19.58 14.91
CBC CLA NF . -15.01 -19.51 15.47
ND CLA NF . -14.69 -24.23 12.24
C1D CLA NF . -14.90 -23.75 13.55
C2D CLA NF . -15.56 -24.80 14.35
C3D CLA NF . -15.74 -25.87 13.49
C4D CLA NF . -15.18 -25.45 12.19
CMD CLA NF . -15.93 -24.67 15.76
CAD CLA NF . -16.24 -27.22 13.34
OBD CLA NF . -16.72 -27.96 14.19
CBD CLA NF . -16.00 -27.64 11.86
CGD CLA NF . -15.17 -28.88 11.74
O1D CLA NF . -15.35 -29.84 10.97
O2D CLA NF . -14.11 -28.92 12.59
CED CLA NF . -12.90 -29.50 12.12
C1 CLA NF . -18.35 -31.12 5.55
C2 CLA NF . -19.26 -32.12 6.16
C3 CLA NF . -19.46 -33.33 5.63
C4 CLA NF . -20.36 -34.33 6.27
C5 CLA NF . -18.78 -33.75 4.38
C6 CLA NF . -18.17 -35.13 4.48
C7 CLA NF . -18.17 -35.82 3.13
C8 CLA NF . -16.81 -35.73 2.45
C9 CLA NF . -16.89 -36.26 1.03
C10 CLA NF . -15.76 -36.50 3.24
C11 CLA NF . -14.36 -36.11 2.83
C12 CLA NF . -14.08 -34.64 3.08
C13 CLA NF . -14.25 -34.28 4.55
MG CLA OF . -22.46 -25.40 2.37
CHA CLA OF . -21.17 -26.28 5.48
CHB CLA OF . -19.34 -24.46 1.36
CHC CLA OF . -23.75 -24.65 -0.72
CHD CLA OF . -25.67 -26.32 3.50
NA CLA OF . -20.58 -25.37 3.30
C1A CLA OF . -20.26 -25.78 4.60
C2A CLA OF . -18.77 -25.60 4.86
C3A CLA OF . -18.26 -24.87 3.60
C4A CLA OF . -19.46 -24.91 2.66
CMA CLA OF . -17.86 -23.45 3.93
CAA CLA OF . -18.10 -26.95 5.03
CBA CLA OF . -18.12 -27.83 3.78
CGA CLA OF . -19.45 -28.49 3.56
O1A CLA OF . -20.26 -28.92 4.39
O2A CLA OF . -19.75 -28.62 2.24
NB CLA OF . -21.69 -24.69 0.65
C1B CLA OF . -20.39 -24.42 0.41
C2B CLA OF . -20.20 -24.04 -1.01
C3B CLA OF . -21.44 -24.09 -1.61
C4B CLA OF . -22.40 -24.50 -0.55
CMB CLA OF . -18.89 -23.68 -1.57
CAB CLA OF . -21.84 -23.81 -2.96
CBB CLA OF . -21.18 -24.15 -4.07
NC CLA OF . -24.38 -25.45 1.55
C1C CLA OF . -24.68 -25.08 0.28
C2C CLA OF . -26.11 -25.23 0.04
C3C CLA OF . -26.67 -25.70 1.23
C4C CLA OF . -25.56 -25.84 2.19
CMC CLA OF . -26.79 -24.91 -1.21
CAC CLA OF . -28.09 -25.97 1.48
CBC CLA OF . -28.41 -27.39 1.90
ND CLA OF . -23.30 -26.10 4.08
C1D CLA OF . -24.64 -26.46 4.39
C2D CLA OF . -24.68 -26.98 5.78
C3D CLA OF . -23.37 -26.95 6.24
C4D CLA OF . -22.57 -26.39 5.14
CMD CLA OF . -25.88 -27.45 6.46
CAD CLA OF . -22.48 -27.21 7.35
OBD CLA OF . -22.70 -27.67 8.47
CBD CLA OF . -21.04 -26.82 6.89
CGD CLA OF . -20.34 -25.84 7.81
O1D CLA OF . -19.13 -25.76 8.03
O2D CLA OF . -21.16 -24.97 8.45
CED CLA OF . -20.56 -24.11 9.43
C1 CLA OF . -21.14 -28.81 1.91
C2 CLA OF . -21.20 -28.96 0.44
C3 CLA OF . -22.35 -29.05 -0.25
C4 CLA OF . -23.66 -29.00 0.43
C5 CLA OF . -22.34 -29.19 -1.72
C6 CLA OF . -22.96 -28.00 -2.42
C7 CLA OF . -22.60 -27.99 -3.89
C8 CLA OF . -23.83 -27.90 -4.78
C9 CLA OF . -23.44 -27.56 -6.20
C10 CLA OF . -24.82 -26.87 -4.24
C11 CLA OF . -26.10 -26.86 -5.05
C12 CLA OF . -27.25 -27.47 -4.29
C13 CLA OF . -28.53 -27.47 -5.13
C14 CLA OF . -28.74 -26.11 -5.79
C15 CLA OF . -29.75 -27.82 -4.29
C16 CLA OF . -30.42 -29.07 -4.83
C17 CLA OF . -31.85 -29.18 -4.33
C18 CLA OF . -32.33 -30.62 -4.31
C19 CLA OF . -31.92 -31.37 -5.56
C20 CLA OF . -33.84 -30.68 -4.15
MG CLA PF . -14.36 -25.32 -4.33
CHA CLA PF . -14.01 -25.41 -0.88
CHB CLA PF . -11.22 -24.04 -4.61
CHC CLA PF . -14.77 -25.23 -7.73
CHD CLA PF . -17.65 -26.55 -3.97
NA CLA PF . -12.86 -24.83 -2.95
C1A CLA PF . -12.91 -24.92 -1.55
C2A CLA PF . -11.61 -24.44 -0.92
C3A CLA PF . -10.80 -23.90 -2.13
C4A CLA PF . -11.66 -24.29 -3.33
CMA CLA PF . -10.58 -22.42 -2.04
CAA CLA PF . -10.87 -25.57 -0.23
CBA CLA PF . -11.02 -26.89 -0.95
CGA CLA PF . -9.99 -27.87 -0.47
O1A CLA PF . -8.83 -28.03 -0.88
O2A CLA PF . -10.43 -28.66 0.54
NB CLA PF . -13.25 -24.65 -5.87
C1B CLA PF . -11.93 -24.33 -5.79
C2B CLA PF . -11.32 -24.33 -7.14
C3B CLA PF . -12.31 -24.66 -8.03
C4B CLA PF . -13.56 -24.87 -7.23
CMB CLA PF . -9.90 -24.03 -7.38
CAB CLA PF . -12.26 -24.81 -9.46
CBB CLA PF . -12.99 -24.13 -10.33
NC CLA PF . -15.93 -25.82 -5.61
C1C CLA PF . -15.89 -25.68 -6.96
C2C CLA PF . -17.17 -26.08 -7.54
C3C CLA PF . -17.98 -26.48 -6.49
C4C CLA PF . -17.20 -26.29 -5.27
CMC CLA PF . -17.49 -26.08 -8.97
CAC CLA PF . -19.38 -26.95 -6.55
CBC CLA PF . -19.50 -28.44 -6.32
ND CLA PF . -15.54 -26.00 -2.84
C1D CLA PF . -16.89 -26.44 -2.82
C2D CLA PF . -17.29 -26.71 -1.42
C3D CLA PF . -16.22 -26.33 -0.63
C4D CLA PF . -15.17 -25.88 -1.56
CMD CLA PF . -18.59 -27.24 -1.02
CAD CLA PF . -15.68 -26.24 0.70
OBD CLA PF . -16.16 -26.60 1.78
CBD CLA PF . -14.30 -25.54 0.60
CGD CLA PF . -14.31 -24.18 1.25
O1D CLA PF . -14.31 -23.08 0.69
O2D CLA PF . -14.33 -24.22 2.61
CED CLA PF . -14.31 -22.97 3.30
C1 CLA PF . -9.64 -29.82 0.84
C2 CLA PF . -10.04 -30.88 -0.11
C3 CLA PF . -10.61 -32.03 0.30
C4 CLA PF . -10.88 -32.31 1.73
C5 CLA PF . -11.01 -33.08 -0.69
C6 CLA PF . -10.82 -32.65 -2.12
C7 CLA PF . -11.49 -33.62 -3.06
C8 CLA PF . -11.64 -33.05 -4.47
C9 CLA PF . -12.75 -33.74 -5.22
C10 CLA PF . -10.32 -33.18 -5.24
C11 CLA PF . -10.45 -32.70 -6.67
C12 CLA PF . -9.14 -32.79 -7.41
C13 CLA PF . -8.58 -34.20 -7.33
C14 CLA PF . -7.08 -34.18 -7.09
C15 CLA PF . -8.91 -35.00 -8.59
C16 CLA PF . -9.60 -36.31 -8.26
C17 CLA PF . -10.23 -36.91 -9.49
C18 CLA PF . -10.66 -38.36 -9.28
C19 CLA PF . -11.17 -38.97 -10.57
C20 CLA PF . -9.51 -39.16 -8.73
MG CLA QF . 13.30 15.52 -5.28
CHA CLA QF . 16.52 16.45 -4.38
CHB CLA QF . 14.03 12.29 -4.50
CHC CLA QF . 10.08 14.66 -6.10
CHD CLA QF . 12.60 18.90 -6.06
NA CLA QF . 15.02 14.55 -4.55
C1A CLA QF . 16.25 15.13 -4.23
C2A CLA QF . 17.22 14.06 -3.71
C3A CLA QF . 16.41 12.75 -3.79
C4A CLA QF . 15.04 13.21 -4.31
CMA CLA QF . 17.06 11.74 -4.69
CAA CLA QF . 17.56 14.35 -2.26
CBA CLA QF . 16.33 14.32 -1.38
CGA CLA QF . 16.08 15.67 -0.79
O1A CLA QF . 16.69 16.73 -0.98
O2A CLA QF . 15.03 15.68 0.09
NB CLA QF . 12.25 13.80 -5.27
C1B CLA QF . 12.74 12.58 -4.98
C2B CLA QF . 11.72 11.54 -5.26
C3B CLA QF . 10.60 12.20 -5.71
C4B CLA QF . 10.92 13.66 -5.72
CMB CLA QF . 11.96 10.11 -5.04
CAB CLA QF . 9.32 11.67 -6.11
CBB CLA QF . 8.88 11.63 -7.37
NC CLA QF . 11.64 16.59 -5.95
C1C CLA QF . 10.42 16.04 -6.21
C2C CLA QF . 9.49 17.08 -6.63
C3C CLA QF . 10.20 18.28 -6.65
C4C CLA QF . 11.56 17.97 -6.21
CMC CLA QF . 8.08 16.85 -6.98
CAC CLA QF . 9.69 19.62 -6.98
CBC CLA QF . 10.11 20.08 -8.36
ND CLA QF . 14.28 17.29 -5.28
C1D CLA QF . 13.88 18.61 -5.64
C2D CLA QF . 15.03 19.53 -5.45
C3D CLA QF . 16.06 18.76 -4.97
C4D CLA QF . 15.54 17.37 -4.88
CMD CLA QF . 14.99 20.96 -5.73
CAD CLA QF . 17.44 18.73 -4.52
OBD CLA QF . 18.25 19.66 -4.41
CBD CLA QF . 17.78 17.26 -4.15
CGD CLA QF . 18.90 16.74 -5.00
O1D CLA QF . 18.82 15.96 -5.96
O2D CLA QF . 20.14 17.18 -4.65
CED CLA QF . 21.21 16.91 -5.54
C1 CLA QF . 15.27 16.29 1.38
C2 CLA QF . 14.09 15.98 2.23
C3 CLA QF . 12.93 16.64 2.12
C4 CLA QF . 12.73 17.74 1.17
C5 CLA QF . 11.77 16.28 3.00
C6 CLA QF . 10.97 17.50 3.42
C7 CLA QF . 11.59 18.16 4.65
C8 CLA QF . 10.60 19.02 5.43
C9 CLA QF . 9.18 18.82 4.97
C10 CLA QF . 10.99 20.49 5.36
C11 CLA QF . 12.31 20.75 6.03
C12 CLA QF . 12.45 22.20 6.44
C13 CLA QF . 13.84 22.50 7.01
C14 CLA QF . 14.39 21.33 7.80
C15 CLA QF . 13.83 23.75 7.88
C16 CLA QF . 14.95 24.69 7.50
C17 CLA QF . 14.54 25.63 6.40
C18 CLA QF . 15.02 27.05 6.67
C19 CLA QF . 14.69 27.46 8.10
C20 CLA QF . 16.50 27.16 6.43
MG CLA RF . 3.25 7.62 2.70
CHA CLA RF . 5.22 4.91 1.76
CHB CLA RF . 2.76 6.22 5.76
CHC CLA RF . 1.27 10.30 3.55
CHD CLA RF . 3.83 9.07 -0.47
NA CLA RF . 3.89 5.84 3.60
C1A CLA RF . 4.71 4.85 3.04
C2A CLA RF . 4.93 3.71 4.04
C3A CLA RF . 4.16 4.17 5.31
C4A CLA RF . 3.55 5.50 4.88
CMA CLA RF . 3.12 3.17 5.75
CAA CLA RF . 6.41 3.45 4.33
CBA CLA RF . 6.96 4.32 5.43
CGA CLA RF . 8.24 3.71 5.92
O1A CLA RF . 8.43 2.56 6.32
O2A CLA RF . 9.29 4.58 5.92
NB CLA RF . 2.19 8.15 4.34
C1B CLA RF . 2.14 7.45 5.50
C2B CLA RF . 1.30 8.21 6.48
C3B CLA RF . 0.88 9.36 5.87
C4B CLA RF . 1.44 9.33 4.49
CMB CLA RF . 1.05 7.75 7.85
CAB CLA RF . 0.06 10.43 6.39
CBB CLA RF . -0.96 11.02 5.77
NC CLA RF . 2.66 9.35 1.71
C1C CLA RF . 1.84 10.31 2.25
C2C CLA RF . 1.62 11.38 1.29
C3C CLA RF . 2.36 11.06 0.16
C4C CLA RF . 3.00 9.78 0.43
CMC CLA RF . 0.78 12.56 1.56
CAC CLA RF . 2.48 11.83 -1.09
CBC CLA RF . 1.18 11.95 -1.83
ND CLA RF . 4.25 7.16 1.01
C1D CLA RF . 4.42 7.85 -0.22
C2D CLA RF . 5.27 7.04 -1.13
C3D CLA RF . 5.59 5.89 -0.42
C4D CLA RF . 4.94 6.03 0.91
CMD CLA RF . 5.64 7.42 -2.48
CAD CLA RF . 6.29 4.63 -0.44
OBD CLA RF . 6.92 4.10 -1.36
CBD CLA RF . 6.10 3.98 0.96
CGD CLA RF . 5.57 2.57 0.90
O1D CLA RF . 5.65 1.69 1.75
O2D CLA RF . 4.91 2.28 -0.26
CED CLA RF . 5.39 1.15 -1.01
C1 CLA RF . 9.74 5.04 7.20
C2 CLA RF . 10.38 6.36 6.99
C3 CLA RF . 10.56 7.24 7.98
C4 CLA RF . 10.14 6.96 9.37
C5 CLA RF . 11.23 8.55 7.72
C6 CLA RF . 12.26 8.45 6.62
C7 CLA RF . 13.13 9.69 6.58
C8 CLA RF . 12.73 10.65 5.47
C9 CLA RF . 12.47 9.92 4.17
C10 CLA RF . 13.80 11.71 5.27
C11 CLA RF . 13.75 12.76 6.36
C12 CLA RF . 12.38 13.40 6.43
C13 CLA RF . 12.37 14.58 7.40
C14 CLA RF . 11.01 15.25 7.41
C15 CLA RF . 13.46 15.57 7.07
C16 CLA RF . 13.56 16.66 8.12
C17 CLA RF . 14.58 16.33 9.18
C18 CLA RF . 14.36 17.13 10.47
C19 CLA RF . 15.61 17.13 11.33
C20 CLA RF . 13.94 18.54 10.17
MG CLA SF . -5.72 -45.95 -12.00
CHA CLA SF . -4.52 -42.73 -11.62
CHB CLA SF . -8.59 -45.06 -10.39
CHC CLA SF . -6.88 -49.16 -12.42
CHD CLA SF . -2.69 -46.85 -13.60
NA CLA SF . -6.42 -44.16 -11.16
C1A CLA SF . -5.78 -42.93 -11.13
C2A CLA SF . -6.65 -41.87 -10.44
C3A CLA SF . -7.93 -42.65 -10.06
C4A CLA SF . -7.65 -44.06 -10.57
CMA CLA SF . -8.17 -42.63 -8.58
CAA CLA SF . -6.99 -40.73 -11.38
CBA CLA SF . -7.82 -41.23 -12.55
CGA CLA SF . -7.89 -40.17 -13.62
O1A CLA SF . -7.50 -40.23 -14.79
O2A CLA SF . -8.45 -39.01 -13.17
NB CLA SF . -7.46 -46.89 -11.61
C1B CLA SF . -8.43 -46.40 -10.79
C2B CLA SF . -9.33 -47.50 -10.34
C3B CLA SF . -8.85 -48.64 -10.91
C4B CLA SF . -7.66 -48.28 -11.72
CMB CLA SF . -10.46 -47.28 -9.45
CAB CLA SF . -9.33 -49.99 -10.79
CBB CLA SF . -9.36 -50.65 -9.62
NC CLA SF . -4.93 -47.67 -12.88
C1C CLA SF . -5.59 -48.87 -12.97
C2C CLA SF . -4.78 -49.84 -13.69
C3C CLA SF . -3.57 -49.20 -13.97
C4C CLA SF . -3.68 -47.84 -13.47
CMC CLA SF . -5.17 -51.22 -13.98
CAC CLA SF . -2.41 -49.76 -14.69
CBC CLA SF . -1.35 -50.25 -13.73
ND CLA SF . -3.95 -45.08 -12.45
C1D CLA SF . -2.79 -45.55 -13.12
C2D CLA SF . -1.80 -44.47 -13.20
C3D CLA SF . -2.40 -43.35 -12.62
C4D CLA SF . -3.74 -43.79 -12.19
CMD CLA SF . -0.46 -44.58 -13.79
CAD CLA SF . -2.26 -41.96 -12.25
OBD CLA SF . -1.29 -41.22 -12.36
CBD CLA SF . -3.63 -41.51 -11.64
CGD CLA SF . -3.54 -40.97 -10.25
O1D CLA SF . -3.94 -39.87 -9.84
O2D CLA SF . -2.94 -41.81 -9.36
CED CLA SF . -3.33 -41.71 -8.00
C1 CLA SF . -9.08 -38.18 -14.17
C2 CLA SF . -9.09 -36.81 -13.62
C3 CLA SF . -9.68 -35.79 -14.25
C4 CLA SF . -10.35 -35.94 -15.56
C5 CLA SF . -9.67 -34.42 -13.66
C6 CLA SF . -11.00 -34.05 -13.03
C7 CLA SF . -10.79 -32.89 -12.07
C8 CLA SF . -12.10 -32.40 -11.46
C9 CLA SF . -13.01 -31.86 -12.54
C10 CLA SF . -11.81 -31.34 -10.42
C11 CLA SF . -13.08 -30.70 -9.89
C12 CLA SF . -12.77 -29.47 -9.06
C13 CLA SF . -13.49 -29.51 -7.72
C14 CLA SF . -14.93 -29.07 -7.89
C15 CLA SF . -12.78 -28.64 -6.68
C16 CLA SF . -13.60 -28.54 -5.41
C17 CLA SF . -12.92 -29.23 -4.24
C18 CLA SF . -13.90 -29.86 -3.27
C19 CLA SF . -15.35 -29.61 -3.63
C20 CLA SF . -13.63 -29.37 -1.86
C1 PQN TF . -0.73 9.85 -6.75
O1 PQN TF . -1.80 9.62 -6.15
C2 PQN TF . 0.21 10.87 -6.23
C2M PQN TF . -0.13 11.60 -4.97
C3 PQN TF . 1.49 11.15 -6.92
C4 PQN TF . 1.83 10.42 -8.17
O4 PQN TF . 2.89 10.65 -8.76
C5 PQN TF . 0.89 9.40 -8.70
C6 PQN TF . 1.18 8.70 -9.86
C7 PQN TF . 0.28 7.76 -10.33
C8 PQN TF . -0.92 7.50 -9.67
C9 PQN TF . -1.26 8.17 -8.50
C10 PQN TF . -0.39 9.12 -7.99
C11 PQN TF . 2.44 12.19 -6.40
C12 PQN TF . 3.35 11.65 -5.31
C13 PQN TF . 4.68 11.68 -5.48
C14 PQN TF . 5.27 12.22 -6.75
C15 PQN TF . 5.59 11.17 -4.40
C16 PQN TF . 6.21 12.40 -3.75
C17 PQN TF . 7.48 12.06 -3.00
C18 PQN TF . 7.19 11.23 -1.77
C19 PQN TF . 6.41 12.04 -0.74
C20 PQN TF . 8.50 10.73 -1.20
C21 PQN TF . 9.44 11.89 -0.91
C22 PQN TF . 10.75 11.37 -0.34
C23 PQN TF . 11.78 12.47 -0.12
C24 PQN TF . 11.89 13.39 -1.33
C25 PQN TF . 13.12 11.83 0.20
C26 PQN TF . 13.72 11.13 -1.02
C27 PQN TF . 13.68 9.62 -0.91
C28 PQN TF . 14.16 8.95 -2.18
C29 PQN TF . 15.65 9.19 -2.38
C30 PQN TF . 13.83 7.47 -2.20
C1 BCR UF . 14.70 -51.98 -0.21
C2 BCR UF . 13.85 -52.69 -1.27
C3 BCR UF . 12.35 -52.60 -1.07
C4 BCR UF . 11.95 -51.20 -0.65
C5 BCR UF . 12.58 -51.02 0.70
C6 BCR UF . 13.90 -51.20 0.81
C7 BCR UF . 14.66 -50.64 1.96
C8 BCR UF . 14.73 -49.35 2.21
C9 BCR UF . 15.51 -48.94 3.39
C10 BCR UF . 15.05 -47.95 4.18
C11 BCR UF . 15.82 -47.57 5.36
C33 BCR UF . 11.71 -50.68 1.86
C31 BCR UF . 15.67 -51.01 -0.89
C32 BCR UF . 15.51 -53.03 0.55
C34 BCR UF . 16.79 -49.62 3.72
C12 BCR UF . 15.22 -46.89 6.33
C13 BCR UF . 15.96 -46.51 7.52
C14 BCR UF . 15.33 -45.90 8.53
C15 BCR UF . 16.06 -45.52 9.73
C16 BCR UF . 15.38 -45.10 10.80
C17 BCR UF . 16.13 -44.74 11.98
C18 BCR UF . 15.51 -44.24 13.06
C19 BCR UF . 16.34 -43.91 14.23
C20 BCR UF . 15.80 -43.49 15.37
C21 BCR UF . 16.74 -43.21 16.45
C22 BCR UF . 16.38 -42.98 17.71
C23 BCR UF . 17.43 -42.73 18.70
C24 BCR UF . 17.17 -42.16 19.87
C25 BCR UF . 18.28 -41.93 20.83
C26 BCR UF . 19.22 -41.00 20.58
C27 BCR UF . 20.51 -41.01 21.35
C28 BCR UF . 20.16 -41.20 22.81
C29 BCR UF . 19.49 -42.55 22.99
C30 BCR UF . 18.29 -42.78 22.08
C35 BCR UF . 17.43 -46.82 7.65
C36 BCR UF . 14.03 -44.03 13.08
C37 BCR UF . 14.93 -43.00 18.10
C38 BCR UF . 19.01 -39.94 19.54
C39 BCR UF . 17.00 -42.50 22.85
C40 BCR UF . 18.30 -44.25 21.66
C1 BCR VF . 27.23 -36.65 12.90
C2 BCR VF . 28.58 -37.28 13.22
C3 BCR VF . 29.10 -36.89 14.60
C4 BCR VF . 29.22 -35.38 14.65
C5 BCR VF . 27.84 -34.80 14.48
C6 BCR VF . 26.92 -35.42 13.73
C7 BCR VF . 25.54 -34.87 13.72
C8 BCR VF . 25.15 -33.98 12.81
C9 BCR VF . 23.76 -33.47 12.88
C10 BCR VF . 23.46 -32.32 12.23
C11 BCR VF . 22.11 -31.77 12.30
C33 BCR VF . 27.52 -33.52 15.18
C31 BCR VF . 26.14 -37.68 13.17
C32 BCR VF . 27.22 -36.28 11.42
C34 BCR VF . 22.72 -34.19 13.66
C12 BCR VF . 21.87 -30.60 11.72
C13 BCR VF . 20.53 -30.00 11.79
C14 BCR VF . 20.41 -28.68 11.56
C15 BCR VF . 19.13 -28.01 11.66
C16 BCR VF . 19.05 -26.70 11.43
C17 BCR VF . 17.76 -26.05 11.58
C18 BCR VF . 17.58 -24.74 11.34
C19 BCR VF . 16.22 -24.20 11.56
C20 BCR VF . 15.87 -22.94 11.35
C21 BCR VF . 14.47 -22.65 11.67
C22 BCR VF . 13.83 -21.53 11.32
C23 BCR VF . 12.43 -21.39 11.74
C24 BCR VF . 11.60 -20.53 11.18
C25 BCR VF . 10.19 -20.43 11.63
C26 BCR VF . 9.40 -21.52 11.71
C27 BCR VF . 8.29 -21.61 12.74
C28 BCR VF . 8.28 -20.35 13.60
C29 BCR VF . 8.33 -19.13 12.69
C30 BCR VF . 9.68 -19.06 11.99
C35 BCR VF . 19.33 -30.82 12.14
C36 BCR VF . 18.70 -23.87 10.87
C37 BCR VF . 14.52 -20.45 10.53
C38 BCR VF . 9.55 -22.66 10.76
C39 BCR VF . 10.69 -18.40 12.93
C40 BCR VF . 9.55 -18.24 10.71
C1 BCR WF . 26.30 -38.99 20.45
C2 BCR WF . 26.60 -40.24 19.65
C3 BCR WF . 25.56 -41.30 19.94
C4 BCR WF . 25.74 -41.76 21.39
C5 BCR WF . 25.83 -40.58 22.32
C6 BCR WF . 26.07 -39.33 21.91
C7 BCR WF . 26.11 -38.29 22.96
C8 BCR WF . 25.38 -37.18 22.97
C9 BCR WF . 25.54 -36.26 24.10
C10 BCR WF . 25.11 -34.98 24.05
C11 BCR WF . 24.49 -34.39 22.88
C33 BCR WF . 25.69 -40.84 23.79
C31 BCR WF . 25.06 -38.33 19.86
C32 BCR WF . 27.49 -38.04 20.35
C34 BCR WF . 26.17 -36.76 25.36
C12 BCR WF . 23.90 -33.20 23.03
C13 BCR WF . 23.27 -32.48 21.91
C14 BCR WF . 22.70 -31.29 22.15
C15 BCR WF . 22.09 -30.51 21.08
C16 BCR WF . 21.60 -29.31 21.35
C17 BCR WF . 21.02 -28.51 20.29
C18 BCR WF . 20.53 -27.28 20.51
C19 BCR WF . 19.97 -26.50 19.39
C20 BCR WF . 19.38 -25.33 19.56
C21 BCR WF . 18.90 -24.65 18.36
C22 BCR WF . 18.01 -23.65 18.38
C23 BCR WF . 17.42 -23.17 19.64
C24 BCR WF . 16.74 -22.01 19.61
C25 BCR WF . 16.08 -21.41 20.79
C26 BCR WF . 16.80 -20.89 21.80
C27 BCR WF . 16.16 -20.42 23.07
C28 BCR WF . 14.75 -19.93 22.79
C29 BCR WF . 13.97 -21.05 22.12
C30 BCR WF . 14.57 -21.37 20.76
C35 BCR WF . 23.27 -33.05 20.53
C36 BCR WF . 20.57 -26.70 21.90
C37 BCR WF . 17.58 -23.02 17.08
C38 BCR WF . 18.29 -20.74 21.69
C39 BCR WF . 14.14 -20.30 19.76
C40 BCR WF . 14.04 -22.73 20.31
C1 BCR XF . 2.13 -23.52 -9.21
C2 BCR XF . 2.48 -23.87 -10.65
C3 BCR XF . 1.95 -22.87 -11.66
C4 BCR XF . 0.44 -22.76 -11.50
C5 BCR XF . 0.17 -22.25 -10.11
C6 BCR XF . 0.82 -22.77 -9.07
C7 BCR XF . 0.30 -22.61 -7.70
C8 BCR XF . -0.80 -23.28 -7.33
C9 BCR XF . -1.30 -23.14 -5.96
C10 BCR XF . -2.10 -24.11 -5.52
C11 BCR XF . -2.65 -24.14 -4.17
C33 BCR XF . -0.84 -21.16 -9.94
C31 BCR XF . 3.24 -22.67 -8.59
C32 BCR XF . 2.02 -24.82 -8.43
C34 BCR XF . -0.93 -21.99 -5.09
C12 BCR XF . -3.05 -25.34 -3.80
C13 BCR XF . -3.62 -25.66 -2.49
C14 BCR XF . -4.14 -26.88 -2.35
C15 BCR XF . -4.70 -27.33 -1.09
C16 BCR XF . -4.92 -28.63 -1.00
C17 BCR XF . -5.45 -29.20 0.22
C18 BCR XF . -5.75 -30.49 0.26
C19 BCR XF . -6.26 -31.04 1.52
C20 BCR XF . -6.49 -32.34 1.65
C21 BCR XF . -6.98 -32.77 2.95
C22 BCR XF . -7.37 -34.03 3.16
C23 BCR XF . -7.84 -34.37 4.50
C24 BCR XF . -8.40 -35.56 4.72
C25 BCR XF . -8.88 -35.94 6.06
C26 BCR XF . -10.01 -35.44 6.57
C27 BCR XF . -10.46 -35.82 7.95
C28 BCR XF . -9.22 -35.91 8.81
C29 BCR XF . -8.33 -37.04 8.30
C30 BCR XF . -8.05 -36.97 6.80
C35 BCR XF . -3.59 -24.69 -1.34
C36 BCR XF . -5.56 -31.37 -0.94
C37 BCR XF . -7.32 -35.05 2.06
C38 BCR XF . -10.87 -34.50 5.77
C39 BCR XF . -8.38 -38.32 6.17
C40 BCR XF . -6.56 -36.69 6.61
C1 BCR YF . 5.40 4.77 16.88
C2 BCR YF . 4.60 4.58 18.16
C3 BCR YF . 3.12 4.77 17.89
C4 BCR YF . 2.59 3.68 16.96
C5 BCR YF . 3.54 3.46 15.81
C6 BCR YF . 4.72 4.08 15.71
C7 BCR YF . 5.41 4.09 14.40
C8 BCR YF . 5.03 4.98 13.48
C9 BCR YF . 5.65 5.09 12.14
C10 BCR YF . 5.19 6.06 11.37
C11 BCR YF . 5.63 6.35 10.01
C33 BCR YF . 3.12 2.48 14.75
C31 BCR YF . 6.78 4.16 17.04
C32 BCR YF . 5.52 6.25 16.59
C34 BCR YF . 6.73 4.14 11.69
C12 BCR YF . 5.12 7.49 9.53
C13 BCR YF . 5.38 8.00 8.18
C14 BCR YF . 4.72 9.10 7.80
C15 BCR YF . 4.87 9.67 6.47
C16 BCR YF . 4.44 10.90 6.22
C17 BCR YF . 4.57 11.40 4.87
C18 BCR YF . 3.98 12.55 4.51
C19 BCR YF . 4.10 12.97 3.10
C20 BCR YF . 3.73 14.17 2.66
C21 BCR YF . 3.89 14.36 1.22
C22 BCR YF . 3.46 15.43 0.57
C23 BCR YF . 3.66 15.45 -0.89
C24 BCR YF . 3.32 16.50 -1.64
C25 BCR YF . 3.51 16.48 -3.11
C26 BCR YF . 4.71 16.31 -3.70
C27 BCR YF . 4.85 16.05 -5.17
C28 BCR YF . 3.51 15.70 -5.80
C29 BCR YF . 2.51 16.76 -5.40
C30 BCR YF . 2.24 16.68 -3.92
C35 BCR YF . 6.33 7.30 7.24
C36 BCR YF . 3.21 13.36 5.50
C37 BCR YF . 2.79 16.57 1.28
C38 BCR YF . 5.99 16.40 -2.92
C39 BCR YF . 1.31 15.50 -3.63
C40 BCR YF . 1.57 17.97 -3.44
O1 LHG ZF . -8.53 -50.82 -16.54
C1 LHG ZF . -9.49 -49.88 -16.19
C2 LHG ZF . -8.99 -48.51 -16.60
O2 LHG ZF . -7.67 -48.61 -17.01
C3 LHG ZF . -9.09 -47.54 -15.41
O3 LHG ZF . -7.90 -46.82 -15.34
P LHG ZF . -7.98 -45.18 -15.20
O4 LHG ZF . -6.77 -44.67 -14.48
O5 LHG ZF . -8.02 -44.57 -16.58
O6 LHG ZF . -9.36 -44.76 -14.36
C4 LHG ZF . -10.22 -43.79 -14.96
C5 LHG ZF . -11.14 -43.22 -13.88
C6 LHG ZF . -12.53 -43.03 -14.44
O7 LHG ZF . -11.19 -44.10 -12.79
C7 LHG ZF . -11.46 -43.47 -11.57
O9 LHG ZF . -11.09 -42.36 -11.39
C8 LHG ZF . -12.24 -44.21 -10.45
C9 LHG ZF . -12.31 -43.39 -9.15
C10 LHG ZF . -13.75 -43.34 -8.57
O8 LHG ZF . -12.83 -41.67 -14.46
C23 LHG ZF . -14.17 -41.39 -14.73
O10 LHG ZF . -14.53 -41.18 -15.85
C24 LHG ZF . -15.19 -41.36 -13.58
C11 LHG ZF . -14.74 -42.61 -9.50
C12 LHG ZF . -14.99 -41.12 -9.08
C25 LHG ZF . -16.36 -40.42 -13.85
C26 LHG ZF . -17.34 -40.27 -12.93
C27 LHG ZF . -18.55 -39.31 -13.21
C28 LHG ZF . -19.84 -39.78 -12.49
C29 LHG ZF . -21.09 -38.95 -12.92
C30 LHG ZF . -21.38 -39.05 -14.44
C1A DGD AG . 7.88 0.46 -7.87
C2A DGD AG . 7.48 0.48 -6.41
C3A DGD AG . 8.48 1.29 -5.63
C4A DGD AG . 8.77 0.59 -4.32
C5A DGD AG . 9.52 1.51 -3.37
C6A DGD AG . 8.99 1.37 -1.96
C7A DGD AG . 10.08 0.90 -1.01
C8A DGD AG . 9.73 1.25 0.43
C9A DGD AG . 9.97 0.07 1.36
CAA DGD AG . 10.76 0.46 2.59
O1A DGD AG . 8.92 0.95 -8.21
C1B DGD AG . 7.18 -3.79 -8.24
C2B DGD AG . 6.78 -5.22 -8.10
C3B DGD AG . 7.72 -5.91 -7.12
C4B DGD AG . 7.28 -5.73 -5.66
C5B DGD AG . 6.57 -6.97 -5.14
C6B DGD AG . 5.16 -6.65 -4.66
C7B DGD AG . 5.09 -6.52 -3.15
C8B DGD AG . 3.84 -5.77 -2.73
C9B DGD AG . 3.43 -6.10 -1.29
CAB DGD AG . 2.38 -5.14 -0.76
CBB DGD AG . 2.01 -5.47 0.68
CCB DGD AG . 2.47 -4.40 1.65
CDB DGD AG . 3.16 -5.01 2.85
CEB DGD AG . 2.18 -5.21 4.00
CFB DGD AG . 2.81 -4.87 5.34
CGB DGD AG . 1.82 -5.11 6.47
CHB DGD AG . 2.30 -4.50 7.77
O1B DGD AG . 7.61 -3.20 -7.27
O1G DGD AG . 7.01 -0.14 -8.86
C1G DGD AG . 7.56 -0.75 -10.01
C2G DGD AG . 8.12 -2.08 -9.55
O2G DGD AG . 7.08 -3.05 -9.48
C3G DGD AG . 9.13 -2.52 -10.58
O3G DGD AG . 8.41 -3.12 -11.64
C1D DGD AG . 9.30 -3.77 -12.53
C2D DGD AG . 8.47 -4.68 -13.48
O2D DGD AG . 8.01 -5.70 -12.68
C3D DGD AG . 9.50 -5.31 -14.46
O3D DGD AG . 8.80 -5.98 -15.44
C4D DGD AG . 10.31 -4.24 -15.20
O4D DGD AG . 9.49 -3.42 -15.92
C5D DGD AG . 10.96 -3.36 -14.13
O5D DGD AG . 12.60 -2.98 -15.65
C6D DGD AG . 11.82 -2.25 -14.74
O6D DGD AG . 9.96 -2.78 -13.30
C1E DGD AG . 13.91 -2.59 -15.89
C2E DGD AG . 14.41 -3.29 -17.22
O2E DGD AG . 13.43 -3.10 -18.17
C3E DGD AG . 14.65 -4.77 -17.03
O3E DGD AG . 15.23 -5.15 -18.23
C4E DGD AG . 15.65 -4.95 -15.90
O4E DGD AG . 16.79 -4.21 -16.19
C5E DGD AG . 15.01 -4.35 -14.64
O6E DGD AG . 14.67 -2.98 -14.77
C6E DGD AG . 15.97 -4.35 -13.47
O5E DGD AG . 15.80 -5.60 -12.88
C1 BCR BG . -26.81 -20.65 1.15
C2 BCR BG . -25.53 -20.46 0.33
C3 BCR BG . -25.49 -21.46 -0.80
C4 BCR BG . -26.63 -21.21 -1.76
C5 BCR BG . -27.95 -21.08 -1.05
C6 BCR BG . -28.03 -20.78 0.26
C7 BCR BG . -29.34 -20.59 0.93
C8 BCR BG . -30.14 -21.60 1.25
C9 BCR BG . -31.43 -21.32 1.92
C10 BCR BG . -32.58 -21.37 1.24
C11 BCR BG . -33.85 -21.08 1.91
C33 BCR BG . -29.20 -21.29 -1.87
C31 BCR BG . -27.00 -19.44 2.06
C32 BCR BG . -26.70 -21.92 1.96
C34 BCR BG . -31.43 -20.97 3.37
C12 BCR BG . -34.99 -21.28 1.27
C13 BCR BG . -36.28 -21.00 1.91
C14 BCR BG . -37.38 -20.95 1.14
C15 BCR BG . -38.71 -20.66 1.64
C16 BCR BG . -39.72 -20.75 0.78
C17 BCR BG . -41.10 -20.44 1.15
C18 BCR BG . -42.08 -20.67 0.26
C19 BCR BG . -43.48 -20.33 0.58
C20 BCR BG . -44.37 -20.32 -0.39
C21 BCR BG . -45.77 -19.96 -0.13
C22 BCR BG . -46.68 -20.05 -1.11
C23 BCR BG . -48.08 -19.66 -0.85
C24 BCR BG . -49.08 -20.10 -1.62
C25 BCR BG . -50.47 -19.67 -1.36
C26 BCR BG . -50.89 -18.50 -1.84
C27 BCR BG . -52.09 -17.75 -1.30
C28 BCR BG . -52.70 -18.50 -0.13
C29 BCR BG . -52.78 -19.99 -0.42
C30 BCR BG . -51.39 -20.59 -0.59
C35 BCR BG . -36.37 -20.76 3.39
C36 BCR BG . -41.74 -21.23 -1.09
C37 BCR BG . -46.29 -20.54 -2.48
C38 BCR BG . -50.15 -17.89 -3.00
C39 BCR BG . -51.50 -21.90 -1.36
C40 BCR BG . -50.82 -20.89 0.79
C1 BCR CG . -38.63 -19.23 -3.99
C2 BCR CG . -38.77 -19.33 -2.48
C3 BCR CG . -39.59 -18.19 -1.87
C4 BCR CG . -38.98 -16.86 -2.29
C5 BCR CG . -39.11 -16.79 -3.79
C6 BCR CG . -38.73 -17.82 -4.54
C7 BCR CG . -38.40 -17.60 -5.97
C8 BCR CG . -37.32 -16.89 -6.28
C9 BCR CG . -36.88 -16.61 -7.66
C10 BCR CG . -35.98 -15.65 -7.82
C11 BCR CG . -35.42 -15.26 -9.11
C33 BCR CG . -39.69 -15.55 -4.40
C31 BCR CG . -39.68 -20.08 -4.68
C32 BCR CG . -37.24 -19.75 -4.34
C34 BCR CG . -37.44 -17.37 -8.82
C12 BCR CG . -34.52 -14.28 -9.06
C13 BCR CG . -33.81 -13.75 -10.24
C14 BCR CG . -32.76 -12.95 -9.99
C15 BCR CG . -31.91 -12.38 -11.03
C16 BCR CG . -30.82 -11.74 -10.60
C17 BCR CG . -29.85 -11.16 -11.52
C18 BCR CG . -28.81 -10.49 -11.02
C19 BCR CG . -27.79 -9.93 -11.91
C20 BCR CG . -26.58 -9.68 -11.43
C21 BCR CG . -25.51 -9.17 -12.28
C22 BCR CG . -24.26 -9.07 -11.80
C23 BCR CG . -23.16 -8.60 -12.65
C24 BCR CG . -22.19 -9.48 -12.88
C25 BCR CG . -20.97 -9.26 -13.70
C26 BCR CG . -21.02 -9.08 -15.04
C27 BCR CG . -19.80 -9.26 -15.90
C28 BCR CG . -18.56 -8.82 -15.14
C29 BCR CG . -18.48 -9.61 -13.85
C30 BCR CG . -19.66 -9.29 -12.94
C35 BCR CG . -34.23 -14.12 -11.63
C36 BCR CG . -28.66 -10.33 -9.53
C37 BCR CG . -23.97 -9.45 -10.38
C38 BCR CG . -22.29 -8.72 -15.76
C39 BCR CG . -19.45 -7.95 -12.26
C40 BCR CG . -19.77 -10.39 -11.89
MG CLA DG . -39.45 -14.57 -13.48
CHA CLA DG . -41.14 -16.60 -15.73
CHB CLA DG . -41.29 -15.86 -10.92
CHC CLA DG . -37.72 -12.57 -11.29
CHD CLA DG . -37.57 -13.25 -16.17
NA CLA DG . -40.97 -15.99 -13.38
C1A CLA DG . -41.54 -16.74 -14.43
C2A CLA DG . -42.63 -17.68 -13.90
C3A CLA DG . -42.70 -17.35 -12.39
C4A CLA DG . -41.57 -16.33 -12.19
CMA CLA DG . -44.05 -16.81 -11.98
CAA CLA DG . -42.25 -19.13 -14.10
CBA CLA DG . -43.41 -20.05 -13.77
CGA CLA DG . -44.59 -19.70 -14.63
O1A CLA DG . -44.60 -19.24 -15.76
O2A CLA DG . -45.79 -19.95 -14.02
NB CLA DG . -39.54 -14.22 -11.50
C1B CLA DG . -40.29 -14.92 -10.62
C2B CLA DG . -39.92 -14.55 -9.22
C3B CLA DG . -38.90 -13.62 -9.32
C4B CLA DG . -38.66 -13.41 -10.77
CMB CLA DG . -40.56 -15.15 -8.05
CAB CLA DG . -38.15 -12.92 -8.30
CBB CLA DG . -38.59 -12.55 -7.10
NC CLA DG . -37.93 -13.16 -13.70
C1C CLA DG . -37.37 -12.45 -12.67
C2C CLA DG . -36.35 -11.54 -13.18
C3C CLA DG . -36.30 -11.74 -14.57
C4C CLA DG . -37.30 -12.75 -14.88
CMC CLA DG . -35.56 -10.64 -12.36
CAC CLA DG . -35.42 -11.06 -15.54
CBC CLA DG . -36.11 -9.91 -16.23
ND CLA DG . -39.29 -14.86 -15.48
C1D CLA DG . -38.50 -14.22 -16.47
C2D CLA DG . -38.83 -14.79 -17.79
C3D CLA DG . -39.83 -15.71 -17.57
C4D CLA DG . -40.09 -15.71 -16.11
CMD CLA DG . -38.20 -14.40 -19.05
CAD CLA DG . -40.72 -16.71 -18.16
OBD CLA DG . -40.80 -17.08 -19.32
CBD CLA DG . -41.63 -17.24 -17.01
CGD CLA DG . -43.07 -16.93 -17.26
O1D CLA DG . -43.90 -16.49 -16.46
O2D CLA DG . -43.47 -17.17 -18.55
CED CLA DG . -44.87 -17.40 -18.77
C1 CLA DG . -46.07 -21.34 -13.72
C2 CLA DG . -47.13 -21.79 -14.64
C3 CLA DG . -47.62 -23.04 -14.63
C4 CLA DG . -47.11 -24.07 -13.70
C5 CLA DG . -48.69 -23.45 -15.58
C6 CLA DG . -48.20 -24.44 -16.62
C7 CLA DG . -49.35 -25.22 -17.22
C8 CLA DG . -49.42 -26.64 -16.67
C9 CLA DG . -48.63 -27.58 -17.55
C10 CLA DG . -50.86 -27.11 -16.55
C11 CLA DG . -51.65 -26.25 -15.60
C12 CLA DG . -52.83 -26.99 -15.00
C13 CLA DG . -53.79 -26.09 -14.22
C14 CLA DG . -53.49 -24.62 -14.43
C15 CLA DG . -53.78 -26.41 -12.73
C16 CLA DG . -54.38 -27.78 -12.46
C17 CLA DG . -55.42 -27.75 -11.37
C18 CLA DG . -55.74 -29.14 -10.84
C19 CLA DG . -55.38 -29.26 -9.37
C20 CLA DG . -57.20 -29.46 -11.05
MG CLA EG . -27.89 -36.11 3.50
CHA CLA EG . -31.03 -37.34 2.66
CHB CLA EG . -27.24 -35.50 0.21
CHC CLA EG . -24.79 -34.92 4.39
CHD CLA EG . -28.64 -36.70 6.91
NA CLA EG . -28.98 -36.38 1.74
C1A CLA EG . -30.28 -36.89 1.60
C2A CLA EG . -30.71 -36.90 0.13
C3A CLA EG . -29.47 -36.36 -0.62
C4A CLA EG . -28.49 -36.04 0.51
CMA CLA EG . -28.91 -37.37 -1.58
CAA CLA EG . -31.88 -35.95 -0.08
CBA CLA EG . -33.03 -36.61 -0.79
CGA CLA EG . -32.59 -37.11 -2.12
O1A CLA EG . -31.82 -36.59 -2.93
O2A CLA EG . -33.13 -38.33 -2.43
NB CLA EG . -26.34 -35.31 2.50
C1B CLA EG . -26.25 -35.19 1.15
C2B CLA EG . -24.89 -34.69 0.77
C3B CLA EG . -24.19 -34.52 1.95
C4B CLA EG . -25.10 -34.92 3.06
CMB CLA EG . -24.48 -34.46 -0.61
CAB CLA EG . -22.84 -34.07 2.15
CBB CLA EG . -22.47 -33.03 2.89
NC CLA EG . -26.91 -35.86 5.32
C1C CLA EG . -25.64 -35.36 5.46
C2C CLA EG . -25.26 -35.34 6.87
C3C CLA EG . -26.35 -35.83 7.58
C4C CLA EG . -27.38 -36.15 6.60
CMC CLA EG . -23.97 -34.88 7.38
CAC CLA EG . -26.46 -35.98 9.04
CBC CLA EG . -26.43 -37.42 9.48
ND CLA EG . -29.42 -36.89 4.59
C1D CLA EG . -29.60 -37.05 5.99
C2D CLA EG . -30.93 -37.66 6.22
C3D CLA EG . -31.51 -37.83 4.98
C4D CLA EG . -30.54 -37.31 4.00
CMD CLA EG . -31.46 -38.01 7.54
CAD CLA EG . -32.67 -38.29 4.24
OBD CLA EG . -33.68 -38.85 4.65
CBD CLA EG . -32.41 -37.95 2.73
CGD CLA EG . -32.52 -39.16 1.86
O1D CLA EG . -33.49 -39.55 1.22
O2D CLA EG . -31.38 -39.90 1.81
CED CLA EG . -31.25 -40.87 0.77
C1 CLA EG . -32.56 -39.03 -3.55
C2 CLA EG . -31.39 -39.79 -3.05
C3 CLA EG . -30.91 -40.87 -3.68
C4 CLA EG . -31.52 -41.39 -4.92
C5 CLA EG . -29.72 -41.60 -3.14
C6 CLA EG . -28.56 -41.65 -4.11
C7 CLA EG . -28.07 -40.25 -4.43
C1 BCR FG . -29.17 -23.63 -18.89
C2 BCR FG . -30.52 -22.93 -18.93
C3 BCR FG . -31.48 -23.56 -17.92
C4 BCR FG . -31.79 -24.96 -18.38
C5 BCR FG . -30.52 -25.73 -18.65
C6 BCR FG . -29.33 -25.13 -18.71
C7 BCR FG . -28.09 -25.94 -18.62
C8 BCR FG . -27.68 -26.47 -17.46
C9 BCR FG . -26.45 -27.27 -17.42
C10 BCR FG . -26.01 -27.72 -16.24
C11 BCR FG . -24.79 -28.53 -16.17
C33 BCR FG . -30.62 -27.21 -18.86
C31 BCR FG . -28.35 -23.08 -17.74
C32 BCR FG . -28.43 -23.38 -20.19
C34 BCR FG . -25.70 -27.57 -18.68
C12 BCR FG . -24.44 -29.12 -15.03
C13 BCR FG . -23.21 -29.92 -14.97
C14 BCR FG . -22.82 -30.47 -13.81
C15 BCR FG . -23.64 -30.28 -12.62
C16 BCR FG . -23.24 -30.74 -11.44
C17 BCR FG . -24.13 -30.55 -10.29
C18 BCR FG . -23.83 -31.05 -9.08
C19 BCR FG . -24.78 -30.83 -7.98
C20 BCR FG . -24.54 -31.26 -6.76
C21 BCR FG . -25.58 -31.00 -5.75
C22 BCR FG . -25.51 -31.52 -4.52
C23 BCR FG . -26.60 -31.23 -3.58
C24 BCR FG . -26.69 -31.92 -2.45
C25 BCR FG . -27.79 -31.67 -1.48
C26 BCR FG . -28.97 -32.27 -1.67
C27 BCR FG . -30.17 -32.00 -0.78
C28 BCR FG . -30.00 -30.67 -0.07
C29 BCR FG . -28.68 -30.67 0.67
C30 BCR FG . -27.50 -30.80 -0.27
C35 BCR FG . -22.37 -30.13 -16.20
C36 BCR FG . -22.58 -31.84 -8.86
C37 BCR FG . -24.35 -32.37 -4.11
C38 BCR FG . -29.15 -33.25 -2.79
C39 BCR FG . -26.34 -31.44 0.48
C40 BCR FG . -27.07 -29.42 -0.74
C1 BCR GG . -4.27 -47.10 -1.14
C2 BCR GG . -3.48 -48.07 -0.26
C3 BCR GG . -1.97 -48.02 -0.35
C4 BCR GG . -1.49 -46.60 -0.61
C5 BCR GG . -2.09 -46.22 -1.93
C6 BCR GG . -3.41 -46.25 -2.05
C7 BCR GG . -4.08 -45.43 -3.09
C8 BCR GG . -4.07 -44.11 -2.97
C9 BCR GG . -4.71 -43.22 -3.96
C10 BCR GG . -4.39 -41.93 -3.91
C11 BCR GG . -4.92 -40.91 -4.82
C33 BCR GG . -1.19 -45.83 -3.07
C31 BCR GG . -5.08 -46.15 -0.26
C32 BCR GG . -5.23 -47.88 -2.03
C34 BCR GG . -5.65 -43.76 -4.99
C12 BCR GG . -4.22 -39.79 -4.86
C13 BCR GG . -4.59 -38.64 -5.71
C14 BCR GG . -3.79 -37.57 -5.68
C15 BCR GG . -4.07 -36.38 -6.47
C16 BCR GG . -3.18 -35.39 -6.45
C17 BCR GG . -3.45 -34.19 -7.23
C18 BCR GG . -2.58 -33.17 -7.26
C19 BCR GG . -2.94 -31.99 -8.05
C20 BCR GG . -2.26 -30.85 -8.00
C21 BCR GG . -2.77 -29.78 -8.85
C22 BCR GG . -2.40 -28.50 -8.69
C23 BCR GG . -3.01 -27.50 -9.59
C24 BCR GG . -2.86 -26.20 -9.36
C25 BCR GG . -3.47 -25.18 -10.25
C26 BCR GG . -2.95 -24.92 -11.46
C27 BCR GG . -3.56 -23.90 -12.39
C28 BCR GG . -5.02 -23.67 -12.04
C29 BCR GG . -5.10 -23.30 -10.57
C30 BCR GG . -4.69 -24.48 -9.70
C35 BCR GG . -5.81 -38.67 -6.58
C36 BCR GG . -1.28 -33.23 -6.51
C37 BCR GG . -1.43 -28.10 -7.63
C38 BCR GG . -1.72 -25.63 -11.94
C39 BCR GG . -5.83 -25.47 -9.59
C40 BCR GG . -4.33 -23.96 -8.31
C1 BCR HG . 21.20 -44.82 16.92
C2 BCR HG . 22.17 -44.35 18.01
C3 BCR HG . 21.52 -44.42 19.37
C4 BCR HG . 21.18 -45.85 19.75
C5 BCR HG . 20.63 -46.61 18.56
C6 BCR HG . 20.39 -46.00 17.39
C7 BCR HG . 19.33 -46.53 16.50
C8 BCR HG . 18.05 -46.42 16.83
C9 BCR HG . 16.99 -46.93 15.94
C10 BCR HG . 15.73 -46.83 16.33
C11 BCR HG . 14.61 -47.29 15.53
C33 BCR HG . 20.36 -48.08 18.71
C31 BCR HG . 21.98 -45.23 15.68
C32 BCR HG . 20.26 -43.68 16.57
C34 BCR HG . 17.34 -47.55 14.61
C12 BCR HG . 13.40 -46.98 15.97
C13 BCR HG . 12.16 -47.37 15.28
C14 BCR HG . 11.01 -47.18 15.94
C15 BCR HG . 9.71 -47.51 15.37
C16 BCR HG . 8.66 -47.47 16.20
C17 BCR HG . 7.33 -47.77 15.70
C18 BCR HG . 6.31 -47.93 16.54
C19 BCR HG . 4.99 -48.22 15.99
C20 BCR HG . 3.92 -48.38 16.75
C21 BCR HG . 2.68 -48.66 16.04
C22 BCR HG . 1.53 -48.95 16.66
C23 BCR HG . 0.38 -49.20 15.80
C24 BCR HG . -0.86 -49.35 16.28
C25 BCR HG . -1.97 -49.60 15.35
C26 BCR HG . -2.16 -50.84 14.86
C27 BCR HG . -3.17 -51.13 13.79
C28 BCR HG . -3.53 -49.85 13.06
C29 BCR HG . -3.99 -48.81 14.05
C30 BCR HG . -2.88 -48.43 15.02
C35 BCR HG . 12.17 -47.94 13.89
C36 BCR HG . 6.50 -47.82 18.03
C37 BCR HG . 1.43 -49.02 18.15
C38 BCR HG . -1.36 -52.00 15.40
C39 BCR HG . -3.47 -47.93 16.32
C40 BCR HG . -2.06 -47.30 14.39
MG CLA IG . -7.74 -53.69 -7.02
CHA CLA IG . -7.22 -56.26 -9.27
CHB CLA IG . -5.93 -51.59 -9.00
CHC CLA IG . -8.31 -51.16 -4.77
CHD CLA IG . -9.49 -55.93 -4.93
NA CLA IG . -6.76 -53.92 -8.85
C1A CLA IG . -6.66 -55.07 -9.65
C2A CLA IG . -5.85 -54.78 -10.92
C3A CLA IG . -5.35 -53.32 -10.71
C4A CLA IG . -6.07 -52.88 -9.44
CMA CLA IG . -3.85 -53.25 -10.57
CAA CLA IG . -6.61 -54.82 -12.23
CBA CLA IG . -8.07 -55.26 -12.22
CGA CLA IG . -8.95 -54.21 -11.61
O1A CLA IG . -8.74 -53.01 -11.48
O2A CLA IG . -10.14 -54.73 -11.17
NB CLA IG . -7.14 -51.77 -6.85
C1B CLA IG . -6.54 -51.06 -7.84
C2B CLA IG . -6.58 -49.60 -7.53
C3B CLA IG . -7.25 -49.47 -6.34
C4B CLA IG . -7.62 -50.85 -5.89
CMB CLA IG . -6.01 -48.59 -8.43
CAB CLA IG . -7.62 -48.30 -5.59
CBB CLA IG . -6.87 -47.20 -5.44
NC CLA IG . -8.74 -53.57 -5.19
C1C CLA IG . -8.85 -52.43 -4.43
C2C CLA IG . -9.61 -52.71 -3.22
C3C CLA IG . -9.94 -54.07 -3.26
C4C CLA IG . -9.37 -54.60 -4.49
CMC CLA IG . -9.94 -51.72 -2.18
CAC CLA IG . -10.69 -54.83 -2.25
CBC CLA IG . -9.80 -55.48 -1.21
ND CLA IG . -8.40 -55.60 -7.10
C1D CLA IG . -9.05 -56.41 -6.14
C2D CLA IG . -9.13 -57.80 -6.66
C3D CLA IG . -8.46 -57.79 -7.87
C4D CLA IG . -8.00 -56.41 -8.08
CMD CLA IG . -9.78 -58.92 -5.97
CAD CLA IG . -8.05 -58.58 -9.02
OBD CLA IG . -8.30 -59.74 -9.31
CBD CLA IG . -7.14 -57.64 -9.89
CGD CLA IG . -5.73 -58.13 -9.94
O1D CLA IG . -4.95 -58.31 -8.99
O2D CLA IG . -5.27 -58.41 -11.19
CED CLA IG . -4.19 -59.35 -11.32
C1 CLA IG . -10.43 -54.65 -9.77
C2 CLA IG . -11.15 -53.38 -9.54
C3 CLA IG . -11.57 -53.01 -8.32
C4 CLA IG . -11.31 -53.88 -7.15
C5 CLA IG . -12.29 -51.73 -8.06
C6 CLA IG . -11.71 -51.00 -6.86
C7 CLA IG . -12.34 -49.62 -6.73
C8 CLA IG . -11.69 -48.79 -5.64
C9 CLA IG . -12.05 -49.32 -4.26
C10 CLA IG . -12.12 -47.33 -5.75
C11 CLA IG . -11.10 -46.37 -5.20
C12 CLA IG . -11.12 -45.05 -5.94
C13 CLA IG . -11.09 -43.87 -4.98
C14 CLA IG . -11.45 -42.59 -5.70
C15 CLA IG . -9.73 -43.73 -4.30
C16 CLA IG . -9.71 -42.54 -3.37
C17 CLA IG . -8.34 -41.90 -3.30
C18 CLA IG . -8.16 -41.04 -2.05
C19 CLA IG . -9.34 -40.11 -1.85
C20 CLA IG . -7.98 -41.92 -0.83
C8 A1L1F JG . -4.21 -66.43 -8.72
C5 A1L1F JG . -4.25 -62.89 -10.28
C4 A1L1F JG . -5.71 -66.36 -8.48
C6 A1L1F JG . -4.84 -64.20 -9.75
C10 A1L1F JG . -7.57 -65.02 -7.46
C11 A1L1F JG . -6.06 -65.11 -7.69
C2 A1L1F JG . -6.18 -61.60 -7.81
C3 A1L1F JG . -3.72 -65.18 -9.44
C1 A1L1F JG . -5.61 -63.94 -8.50
C12 A1L1F JG . -5.80 -64.79 -10.78
C14 A1L1F JG . -4.44 -48.79 5.96
C17 A1L1F JG . -1.98 -47.31 6.30
C18 A1L1F JG . -5.64 -49.43 8.48
C19 A1L1F JG . -4.10 -51.29 7.96
C20 A1L1F JG . -2.11 -48.53 7.21
C21 A1L1F JG . -1.59 -48.40 8.64
C22 A1L1F JG . -1.96 -49.68 9.37
C23 A1L1F JG . -3.45 -49.62 9.63
C24 A1L1F JG . -4.18 -49.82 8.32
C25 A1L1F JG . -3.58 -49.00 7.18
C26 A1L1F JG . -5.71 -48.28 3.18
C27 A1L1F JG . -6.44 -51.52 -1.14
C28 A1L1F JG . -4.49 -57.96 -2.63
C29 A1L1F JG . -4.09 -49.47 4.88
C30 A1L1F JG . -4.81 -49.42 3.59
C31 A1L1F JG . -4.61 -50.47 2.80
C32 A1L1F JG . -5.22 -50.66 1.49
C33 A1L1F JG . -5.06 -51.89 1.03
C34 A1L1F JG . -5.58 -52.37 -0.26
C35 A1L1F JG . -5.25 -53.61 -0.61
C36 A1L1F JG . -5.73 -54.20 -1.84
C37 A1L1F JG . -5.63 -55.52 -1.96
C38 A1L1F JG . -6.07 -56.18 -3.17
C39 A1L1F JG . -5.53 -57.35 -3.50
C40 A1L1F JG . -5.98 -58.03 -4.72
C41 A1L1F JG . -5.85 -59.34 -4.82
C42 A1L1F JG . -6.30 -59.98 -6.03
C43 A1L1F JG . -4.39 -61.51 -5.96
C44 A1L1F JG . -5.65 -61.00 -6.58
C45 A1L1F JG . -7.68 -48.52 4.68
C47 A1L1F JG . -8.53 -48.00 5.82
C48 A1L1F JG . -9.93 -48.59 5.70
C49 A1L1F JG . -10.72 -47.90 4.61
C50 A1L1F JG . -12.06 -47.41 5.12
C51 A1L1F JG . -11.96 -45.97 5.60
C52 A1L1F JG . -13.32 -45.44 6.04
C53 A1L1F JG . -13.23 -43.98 6.44
C54 A1L1F JG . -2.53 -67.80 -9.72
C56 A1L1F JG . -1.62 -67.94 -8.55
C57 A1L1F JG . -5.87 -62.76 -8.14
O13 A1L1F JG . -6.49 -47.81 4.27
O15 A1L1F JG . -2.48 -49.80 6.71
O16 A1L1F JG . -1.24 -49.75 10.61
O46 A1L1F JG . -8.00 -49.54 4.09
O55 A1L1F JG . -2.13 -67.87 -10.87
O7 A1L1F JG . -3.95 -67.58 -9.51
O9 A1L1F JG . -5.39 -65.13 -6.45
MG CLA KG . -13.67 -55.63 9.03
CHA CLA KG . -13.19 -52.34 9.99
CHB CLA KG . -11.89 -55.06 6.18
CHC CLA KG . -14.10 -58.93 8.17
CHD CLA KG . -15.44 -56.19 12.04
NA CLA KG . -12.71 -53.96 8.23
C1A CLA KG . -12.61 -52.67 8.79
C2A CLA KG . -11.82 -51.74 7.88
C3A CLA KG . -11.51 -52.62 6.64
C4A CLA KG . -12.06 -53.98 7.03
CMA CLA KG . -12.15 -52.07 5.39
CAA CLA KG . -10.53 -51.31 8.55
CBA CLA KG . -9.75 -52.49 9.09
CGA CLA KG . -8.52 -52.70 8.27
O1A CLA KG . -7.45 -52.09 8.33
O2A CLA KG . -8.64 -53.71 7.35
NB CLA KG . -13.12 -56.77 7.47
C1B CLA KG . -12.37 -56.37 6.40
C2B CLA KG . -12.12 -57.50 5.49
C3B CLA KG . -12.74 -58.60 6.04
C4B CLA KG . -13.39 -58.15 7.30
CMB CLA KG . -11.34 -57.38 4.25
CAB CLA KG . -12.82 -59.97 5.58
CBB CLA KG . -13.08 -60.35 4.32
NC CLA KG . -14.62 -57.25 9.94
C1C CLA KG . -14.68 -58.50 9.40
C2C CLA KG . -15.43 -59.39 10.29
C3C CLA KG . -15.78 -58.64 11.41
C4C CLA KG . -15.27 -57.29 11.18
CMC CLA KG . -15.68 -60.80 10.00
CAC CLA KG . -16.53 -59.10 12.59
CBC CLA KG . -17.90 -58.48 12.74
ND CLA KG . -14.24 -54.57 10.65
C1D CLA KG . -14.98 -54.92 11.82
C2D CLA KG . -15.12 -53.71 12.67
C3D CLA KG . -14.47 -52.69 12.00
C4D CLA KG . -13.93 -53.29 10.76
CMD CLA KG . -15.84 -53.67 13.95
CAD CLA KG . -14.11 -51.28 12.01
OBD CLA KG . -14.38 -50.41 12.82
CBD CLA KG . -13.25 -51.03 10.73
CGD CLA KG . -13.90 -50.02 9.82
O1D CLA KG . -15.03 -50.08 9.32
O2D CLA KG . -13.13 -48.93 9.54
CED CLA KG . -13.24 -48.41 8.22
C1 CLA KG . -7.54 -53.88 6.43
C2 CLA KG . -7.76 -52.93 5.31
C3 CLA KG . -8.14 -53.32 4.08
C4 CLA KG . -8.40 -54.75 3.76
C5 CLA KG . -8.35 -52.35 2.99
C6 CLA KG . -9.56 -52.68 2.12
C7 CLA KG . -10.19 -51.42 1.57
C8 CLA KG . -11.70 -51.41 1.80
C9 CLA KG . -12.33 -52.68 1.29
C10 CLA KG . -12.33 -50.19 1.14
C1 BCR LG . 16.39 -2.55 14.77
C2 BCR LG . 17.17 -3.48 15.68
C3 BCR LG . 18.00 -2.64 16.64
C4 BCR LG . 19.09 -1.91 15.87
C5 BCR LG . 18.56 -1.35 14.56
C6 BCR LG . 17.28 -1.47 14.19
C7 BCR LG . 16.65 -0.58 13.21
C8 BCR LG . 16.57 0.74 13.38
C9 BCR LG . 15.92 1.60 12.38
C10 BCR LG . 15.82 2.91 12.62
C11 BCR LG . 15.18 3.83 11.68
C33 BCR LG . 19.55 -0.68 13.66
C31 BCR LG . 15.28 -1.88 15.57
C32 BCR LG . 15.78 -3.32 13.61
C34 BCR LG . 15.37 1.00 11.12
C12 BCR LG . 15.09 5.10 12.07
C13 BCR LG . 14.46 6.15 11.25
C14 BCR LG . 14.40 7.39 11.76
C15 BCR LG . 13.77 8.50 11.06
C16 BCR LG . 13.81 9.71 11.61
C17 BCR LG . 13.17 10.84 10.94
C18 BCR LG . 13.16 12.05 11.51
C19 BCR LG . 12.47 13.17 10.85
C20 BCR LG . 12.08 14.21 11.58
C21 BCR LG . 11.36 15.33 10.98
C22 BCR LG . 10.93 16.31 11.79
C23 BCR LG . 10.17 17.47 11.28
C24 BCR LG . 8.85 17.39 11.37
C25 BCR LG . 7.85 18.42 10.96
C26 BCR LG . 7.84 19.02 9.76
C27 BCR LG . 6.78 20.03 9.42
C28 BCR LG . 5.48 19.57 10.07
C29 BCR LG . 5.68 19.61 11.56
C30 BCR LG . 6.80 18.70 12.02
C35 BCR LG . 13.87 5.85 9.91
C36 BCR LG . 13.85 12.27 12.83
C37 BCR LG . 11.22 16.24 13.24
C38 BCR LG . 8.84 18.73 8.67
C39 BCR LG . 6.23 17.37 12.46
C40 BCR LG . 7.51 19.35 13.21
C1 XAT MG . -37.82 3.51 -19.01
C2 XAT MG . -37.32 3.96 -20.37
C3 XAT MG . -38.42 4.67 -21.12
C4 XAT MG . -38.56 6.01 -20.45
C5 XAT MG . -39.06 5.85 -19.01
C6 XAT MG . -38.73 4.53 -18.29
C7 XAT MG . -38.55 4.73 -16.80
C8 XAT MG . -39.33 3.97 -16.06
C9 XAT MG . -39.42 3.98 -14.60
C10 XAT MG . -39.76 2.85 -13.97
C11 XAT MG . -39.94 2.83 -12.52
C12 XAT MG . -40.83 1.93 -12.13
C13 XAT MG . -41.28 1.73 -10.74
C14 XAT MG . -42.08 0.70 -10.50
C15 XAT MG . -42.66 0.48 -9.18
C16 XAT MG . -36.64 3.15 -18.12
C17 XAT MG . -38.64 2.23 -19.21
C18 XAT MG . -39.09 7.03 -18.03
C19 XAT MG . -39.17 5.24 -13.82
C20 XAT MG . -40.91 2.71 -9.67
O3 XAT MG . -38.06 4.84 -22.50
O4 XAT MG . -40.03 4.83 -18.83
C21 XAT MG . -50.20 -3.88 -0.16
C22 XAT MG . -51.18 -3.99 1.00
C23 XAT MG . -52.02 -2.74 1.13
C24 XAT MG . -52.94 -2.73 -0.06
C25 XAT MG . -52.12 -2.50 -1.35
C26 XAT MG . -50.68 -3.03 -1.34
C27 XAT MG . -50.20 -3.44 -2.72
C28 XAT MG . -49.02 -2.95 -3.08
C29 XAT MG . -48.39 -3.19 -4.39
C30 XAT MG . -47.33 -2.43 -4.69
C31 XAT MG . -46.62 -2.50 -5.95
C32 XAT MG . -45.53 -1.77 -6.09
C33 XAT MG . -44.85 -1.76 -7.39
C34 XAT MG . -44.02 -0.75 -7.66
C35 XAT MG . -43.38 -0.61 -8.95
C36 XAT MG . -49.85 -5.27 -0.67
C37 XAT MG . -48.90 -3.29 0.36
C38 XAT MG . -52.75 -2.60 -2.74
C39 XAT MG . -48.91 -4.24 -5.33
C40 XAT MG . -45.12 -2.83 -8.41
O23 XAT MG . -52.79 -2.80 2.33
O24 XAT MG . -51.00 -1.64 -1.18
MG CLA NG . -36.41 -12.92 1.83
CHA CLA NG . -39.55 -13.19 3.25
CHB CLA NG . -36.39 -16.27 1.22
CHC CLA NG . -33.37 -12.55 0.27
CHD CLA NG . -36.50 -9.43 2.46
NA CLA NG . -37.76 -14.46 2.21
C1A CLA NG . -39.03 -14.37 2.78
C2A CLA NG . -39.71 -15.74 2.85
C3A CLA NG . -38.65 -16.70 2.28
C4A CLA NG . -37.51 -15.76 1.85
CMA CLA NG . -38.20 -17.68 3.32
CAA CLA NG . -41.00 -15.77 2.06
CBA CLA NG . -40.77 -15.91 0.57
CGA CLA NG . -42.04 -15.68 -0.18
O1A CLA NG . -42.64 -14.62 -0.37
O2A CLA NG . -42.58 -16.82 -0.70
NB CLA NG . -35.15 -14.16 0.86
C1B CLA NG . -35.28 -15.51 0.81
C2B CLA NG . -34.04 -16.12 0.25
C3B CLA NG . -33.17 -15.07 -0.02
C4B CLA NG . -33.88 -13.81 0.36
CMB CLA NG . -33.85 -17.56 0.07
CAB CLA NG . -31.84 -15.10 -0.56
CBB CLA NG . -31.47 -14.54 -1.71
NC CLA NG . -35.16 -11.29 1.45
C1C CLA NG . -33.96 -11.36 0.78
C2C CLA NG . -33.38 -10.03 0.66
C3C CLA NG . -34.26 -9.16 1.30
C4C CLA NG . -35.37 -9.95 1.78
CMC CLA NG . -32.11 -9.73 0.00
CAC CLA NG . -34.12 -7.69 1.42
CBC CLA NG . -34.93 -6.95 0.40
ND CLA NG . -37.62 -11.59 2.75
C1D CLA NG . -37.55 -10.18 2.92
C2D CLA NG . -38.76 -9.72 3.63
C3D CLA NG . -39.56 -10.83 3.80
C4D CLA NG . -38.82 -11.96 3.20
CMD CLA NG . -39.02 -8.34 4.04
CAD CLA NG . -40.81 -11.37 4.33
OBD CLA NG . -41.68 -10.81 5.00
CBD CLA NG . -40.87 -12.87 3.91
CGD CLA NG . -41.14 -13.80 5.06
O1D CLA NG . -42.24 -14.20 5.46
O2D CLA NG . -40.03 -14.24 5.70
CED CLA NG . -40.15 -15.46 6.46
C1 CLA NG . -43.88 -16.72 -1.32
C2 CLA NG . -43.67 -16.34 -2.75
C3 CLA NG . -43.24 -17.22 -3.68
C4 CLA NG . -42.95 -18.63 -3.36
C5 CLA NG . -43.05 -16.77 -5.10
C6 CLA NG . -43.14 -17.90 -6.11
C7 CLA NG . -44.57 -18.18 -6.50
C8 CLA NG . -44.71 -18.54 -7.97
C9 CLA NG . -45.64 -17.56 -8.67
C10 CLA NG . -45.20 -19.97 -8.15
C11 CLA NG . -45.70 -20.22 -9.56
C12 CLA NG . -45.24 -21.56 -10.10
C13 CLA NG . -46.10 -22.71 -9.59
MG CLA OG . -53.29 -5.93 -7.31
CHA CLA OG . -56.35 -6.46 -5.73
CHB CLA OG . -53.23 -9.20 -8.28
CHC CLA OG . -50.32 -5.34 -8.92
CHD CLA OG . -53.39 -2.56 -6.25
NA CLA OG . -54.59 -7.55 -7.03
C1A CLA OG . -55.82 -7.56 -6.34
C2A CLA OG . -56.43 -8.97 -6.39
C3A CLA OG . -55.36 -9.82 -7.11
C4A CLA OG . -54.31 -8.80 -7.52
CMA CLA OG . -54.80 -10.90 -6.21
CAA CLA OG . -57.74 -8.97 -7.16
CBA CLA OG . -57.62 -8.21 -8.46
NB CLA OG . -52.00 -7.06 -8.37
C1B CLA OG . -52.19 -8.35 -8.72
C2B CLA OG . -51.10 -8.79 -9.65
C3B CLA OG . -50.28 -7.70 -9.84
C4B CLA OG . -50.84 -6.59 -9.02
CMB CLA OG . -51.02 -10.14 -10.20
CAB CLA OG . -49.09 -7.58 -10.64
CBB CLA OG . -48.88 -6.65 -11.57
NC CLA OG . -52.08 -4.26 -7.53
C1C CLA OG . -50.90 -4.24 -8.22
C2C CLA OG . -50.30 -2.91 -8.16
C3C CLA OG . -51.17 -2.11 -7.42
C4C CLA OG . -52.28 -2.97 -7.01
CMC CLA OG . -49.04 -2.53 -8.80
CAC CLA OG . -51.01 -0.69 -7.08
CBC CLA OG . -50.05 -0.46 -5.93
ND CLA OG . -54.53 -4.74 -6.25
C1D CLA OG . -54.44 -3.36 -5.88
C2D CLA OG . -55.64 -3.00 -5.09
C3D CLA OG . -56.41 -4.14 -5.02
C4D CLA OG . -55.68 -5.20 -5.75
CMD CLA OG . -55.90 -1.67 -4.54
CAD CLA OG . -57.64 -4.74 -4.51
OBD CLA OG . -58.55 -4.21 -3.88
CBD CLA OG . -57.63 -6.24 -4.95
CGD CLA OG . -57.78 -7.19 -3.79
O1D CLA OG . -57.67 -8.42 -3.79
O2D CLA OG . -58.11 -6.59 -2.60
CED CLA OG . -59.26 -7.07 -1.92
C1 BCR PG . -39.12 12.18 -8.96
C2 BCR PG . -39.44 13.09 -10.15
C3 BCR PG . -40.95 13.15 -10.38
C4 BCR PG . -41.44 11.76 -10.76
C5 BCR PG . -41.02 10.75 -9.73
C6 BCR PG . -39.89 10.88 -9.02
C7 BCR PG . -39.33 9.74 -8.26
C8 BCR PG . -39.80 9.38 -7.07
C9 BCR PG . -39.20 8.24 -6.36
C10 BCR PG . -39.62 7.00 -6.63
C11 BCR PG . -39.04 5.86 -5.93
C33 BCR PG . -41.94 9.57 -9.54
C31 BCR PG . -39.48 12.89 -7.66
C32 BCR PG . -37.63 11.86 -8.97
C34 BCR PG . -38.14 8.45 -5.32
C12 BCR PG . -39.56 4.66 -6.17
C13 BCR PG . -39.02 3.45 -5.52
C14 BCR PG . -39.64 2.28 -5.72
C15 BCR PG . -39.15 1.06 -5.11
C16 BCR PG . -39.90 -0.04 -5.18
C17 BCR PG . -39.39 -1.26 -4.58
C18 BCR PG . -40.05 -2.41 -4.70
C19 BCR PG . -39.45 -3.61 -4.09
C20 BCR PG . -39.94 -4.83 -4.32
C21 BCR PG . -39.26 -5.94 -3.70
C22 BCR PG . -39.66 -7.21 -3.87
C23 BCR PG . -38.89 -8.28 -3.21
C24 BCR PG . -39.26 -9.56 -3.31
C25 BCR PG . -38.45 -10.60 -2.65
C26 BCR PG . -37.16 -10.71 -2.94
C27 BCR PG . -36.22 -11.20 -1.86
C28 BCR PG . -36.79 -12.52 -1.43
C29 BCR PG . -38.16 -12.31 -0.79
C30 BCR PG . -39.13 -11.53 -1.66
C35 BCR PG . -37.81 3.53 -4.65
C36 BCR PG . -41.35 -2.48 -5.44
C37 BCR PG . -40.84 -7.53 -4.73
C38 BCR PG . -36.61 -10.44 -4.31
C39 BCR PG . -40.03 -10.68 -0.76
C40 BCR PG . -40.00 -12.54 -2.41
C1 LMG QG . -44.61 -5.11 -32.13
O1 LMG QG . -45.77 -5.88 -31.89
C2 LMG QG . -43.44 -6.08 -32.28
O2 LMG QG . -43.19 -6.78 -31.06
C3 LMG QG . -42.18 -5.30 -32.64
O3 LMG QG . -41.09 -6.19 -32.85
C4 LMG QG . -42.45 -4.48 -33.90
O4 LMG QG . -42.70 -5.36 -35.00
C5 LMG QG . -43.65 -3.58 -33.68
O5 LMG QG . -42.93 -2.80 -35.87
C6 LMG QG . -44.00 -2.77 -34.93
O6 LMG QG . -44.77 -4.38 -33.34
C7 LMG QG . -46.81 -5.13 -31.29
C8 LMG QG . -46.73 -5.37 -29.80
C9 LMG QG . -46.52 -6.85 -29.58
O7 LMG QG . -45.63 -4.64 -29.29
C10 LMG QG . -45.78 -4.34 -27.88
O9 LMG QG . -44.82 -3.94 -27.26
C11 LMG QG . -47.11 -4.53 -27.21
C12 LMG QG . -46.96 -4.23 -25.73
C13 LMG QG . -46.31 -5.41 -25.02
C14 LMG QG . -45.58 -4.93 -23.77
C15 LMG QG . -45.73 -3.43 -23.57
C16 LMG QG . -45.96 -3.14 -22.09
C17 LMG QG . -45.75 -1.67 -21.79
C18 LMG QG . -46.48 -1.27 -20.51
O8 LMG QG . -47.77 -7.50 -29.59
C28 LMG QG . -48.16 -8.31 -28.46
O10 LMG QG . -47.76 -9.46 -28.39
C29 LMG QG . -49.03 -7.73 -27.38
C30 LMG QG . -48.69 -8.40 -26.05
C31 LMG QG . -49.77 -9.39 -25.65
C1 BCR RG . 11.75 30.32 -0.45
C2 BCR RG . 13.06 30.84 -1.04
C3 BCR RG . 14.01 31.26 0.06
C4 BCR RG . 13.42 32.46 0.77
C5 BCR RG . 12.01 32.18 1.22
C6 BCR RG . 11.28 31.19 0.69
C7 BCR RG . 9.91 30.94 1.22
C8 BCR RG . 9.68 30.16 2.27
C9 BCR RG . 8.29 29.98 2.72
C10 BCR RG . 7.97 29.05 3.62
C11 BCR RG . 8.98 28.16 4.19
C33 BCR RG . 11.43 33.05 2.29
C31 BCR RG . 11.96 28.90 0.04
C32 BCR RG . 10.67 30.33 -1.53
C34 BCR RG . 7.22 30.87 2.17
C12 BCR RG . 8.61 27.38 5.21
C13 BCR RG . 9.57 26.46 5.85
C14 BCR RG . 9.27 25.97 7.06
C15 BCR RG . 10.17 25.06 7.76
C16 BCR RG . 9.72 24.35 8.79
C17 BCR RG . 10.65 23.47 9.47
C18 BCR RG . 10.30 22.82 10.60
C19 BCR RG . 11.31 21.95 11.23
C20 BCR RG . 11.13 21.38 12.41
C21 BCR RG . 12.24 20.56 12.89
C22 BCR RG . 12.25 19.95 14.08
C23 BCR RG . 13.45 19.17 14.43
C24 BCR RG . 13.72 18.84 15.69
C25 BCR RG . 14.94 18.07 16.02
C26 BCR RG . 16.12 18.70 16.03
C27 BCR RG . 17.42 17.95 16.12
C28 BCR RG . 17.21 16.52 15.68
C29 BCR RG . 16.14 15.89 16.55
C30 BCR RG . 14.80 16.62 16.42
C35 BCR RG . 10.83 26.06 5.16
C36 BCR RG . 8.94 22.99 11.20
C37 BCR RG . 11.09 20.05 15.02
C38 BCR RG . 16.20 20.20 15.96
C39 BCR RG . 14.09 16.59 17.77
C40 BCR RG . 13.96 15.87 15.40
MG CLA SG . 20.60 41.57 7.09
CHA CLA SG . 23.73 43.05 6.97
CHB CLA SG . 21.38 40.16 10.08
CHC CLA SG . 17.43 40.25 7.23
CHD CLA SG . 19.84 43.03 3.95
NA CLA SG . 22.30 41.61 8.30
C1A CLA SG . 23.49 42.30 8.07
C2A CLA SG . 24.48 42.05 9.21
C3A CLA SG . 23.76 41.01 10.10
C4A CLA SG . 22.37 40.91 9.48
CMA CLA SG . 24.49 39.68 10.06
CAA CLA SG . 24.73 43.32 10.00
CBA CLA SG . 23.44 44.00 10.41
NB CLA SG . 19.61 40.41 8.39
C1B CLA SG . 20.08 39.98 9.59
C2B CLA SG . 19.01 39.25 10.33
C3B CLA SG . 17.89 39.26 9.53
C4B CLA SG . 18.25 40.00 8.29
CMB CLA SG . 19.23 38.65 11.65
CAB CLA SG . 16.57 38.72 9.74
CBB CLA SG . 16.29 37.54 10.29
NC CLA SG . 18.94 41.62 5.81
C1C CLA SG . 17.75 41.01 6.06
C2C CLA SG . 16.82 41.26 4.97
C3C CLA SG . 17.50 42.04 4.04
C4C CLA SG . 18.84 42.27 4.57
CMC CLA SG . 15.44 40.75 4.91
CAC CLA SG . 16.97 42.55 2.76
CBC CLA SG . 16.61 44.02 2.84
ND CLA SG . 21.51 42.76 5.73
C1D CLA SG . 21.09 43.27 4.47
C2D CLA SG . 22.20 44.07 3.88
C3D CLA SG . 23.22 44.04 4.81
C4D CLA SG . 22.75 43.20 5.92
CMD CLA SG . 22.13 44.75 2.60
CAD CLA SG . 24.58 44.46 5.13
OBD CLA SG . 25.34 45.17 4.48
CBD CLA SG . 24.95 43.82 6.50
CGD CLA SG . 26.15 42.93 6.38
O1D CLA SG . 26.48 42.25 5.41
O2D CLA SG . 26.93 42.88 7.50
CED CLA SG . 27.87 41.81 7.61
MG CLA TG . 15.54 32.06 3.50
CHA CLA TG . 17.33 34.92 2.72
CHB CLA TG . 13.69 33.81 5.76
CHC CLA TG . 13.70 29.21 4.13
CHD CLA TG . 17.49 30.28 1.14
NA CLA TG . 15.54 34.05 4.13
C1A CLA TG . 16.34 35.09 3.66
C2A CLA TG . 15.99 36.39 4.35
C3A CLA TG . 14.93 35.98 5.41
C4A CLA TG . 14.67 34.51 5.09
CMA CLA TG . 15.42 36.19 6.82
CAA CLA TG . 15.33 37.30 3.33
CBA CLA TG . 14.05 36.66 2.79
CGA CLA TG . 13.61 37.22 1.48
O1A CLA TG . 13.58 38.40 1.13
O2A CLA TG . 13.18 36.27 0.60
NB CLA TG . 13.99 31.61 4.69
C1B CLA TG . 13.38 32.46 5.56
C2B CLA TG . 12.31 31.74 6.31
C3B CLA TG . 12.31 30.44 5.86
C4B CLA TG . 13.38 30.34 4.83
CMB CLA TG . 11.48 32.40 7.31
CAB CLA TG . 11.48 29.32 6.25
CBB CLA TG . 11.16 28.99 7.51
NC CLA TG . 15.60 30.11 2.77
C1C CLA TG . 14.75 29.11 3.16
C2C CLA TG . 15.05 27.88 2.43
C3C CLA TG . 16.12 28.18 1.58
C4C CLA TG . 16.46 29.58 1.80
CMC CLA TG . 14.33 26.62 2.59
CAC CLA TG . 16.78 27.29 0.62
CBC CLA TG . 16.45 27.66 -0.81
ND CLA TG . 17.08 32.42 2.25
C1D CLA TG . 17.79 31.61 1.33
C2D CLA TG . 18.84 32.41 0.67
C3D CLA TG . 18.72 33.69 1.18
C4D CLA TG . 17.59 33.65 2.14
CMD CLA TG . 19.80 31.90 -0.31
CAD CLA TG . 19.23 35.05 1.17
OBD CLA TG . 20.17 35.52 0.54
CBD CLA TG . 18.34 35.88 2.15
CGD CLA TG . 19.16 36.50 3.24
O1D CLA TG . 20.09 35.97 3.87
O2D CLA TG . 18.83 37.79 3.53
CED CLA TG . 19.48 38.39 4.64
C1 CLA TG . 12.45 36.73 -0.55
C2 CLA TG . 11.41 35.70 -0.85
C3 CLA TG . 11.20 35.21 -2.09
C4 CLA TG . 11.99 35.65 -3.25
C5 CLA TG . 10.15 34.19 -2.33
C6 CLA TG . 9.08 34.65 -3.29
C7 CLA TG . 8.09 35.57 -2.61
C8 CLA TG . 7.06 36.19 -3.55
C9 CLA TG . 7.58 36.27 -4.97
C10 CLA TG . 6.66 37.58 -3.05
C11 CLA TG . 5.31 38.00 -3.60
C12 CLA TG . 4.41 38.54 -2.51
C13 CLA TG . 3.94 39.95 -2.80
C14 CLA TG . 3.05 39.98 -4.03
C15 CLA TG . 5.12 40.91 -2.99
MG CLA UG . 11.16 35.56 15.29
CHA CLA UG . 12.88 37.82 17.27
CHB CLA UG . 9.76 34.19 18.08
CHC CLA UG . 9.40 33.41 13.27
CHD CLA UG . 12.64 37.02 12.42
NA CLA UG . 11.32 35.96 17.33
C1A CLA UG . 12.08 36.94 17.96
C2A CLA UG . 11.90 36.89 19.47
C3A CLA UG . 11.02 35.64 19.70
C4A CLA UG . 10.64 35.22 18.27
CMA CLA UG . 11.75 34.56 20.44
CAA CLA UG . 11.13 38.13 19.91
CBA CLA UG . 11.08 38.27 21.41
CGA CLA UG . 12.41 38.73 21.92
O1A CLA UG . 12.94 38.51 23.01
O2A CLA UG . 13.09 39.47 20.99
NB CLA UG . 9.88 34.04 15.62
C1B CLA UG . 9.35 33.70 16.82
C2B CLA UG . 8.26 32.70 16.64
C3B CLA UG . 8.15 32.47 15.28
C4B CLA UG . 9.19 33.32 14.62
CMB CLA UG . 7.50 32.14 17.75
CAB CLA UG . 7.26 31.62 14.54
CBB CLA UG . 6.97 30.35 14.85
NC CLA UG . 11.06 35.26 13.22
C1C CLA UG . 10.28 34.32 12.61
C2C CLA UG . 10.45 34.39 11.18
C3C CLA UG . 11.36 35.42 10.92
C4C CLA UG . 11.73 35.96 12.22
CMC CLA UG . 9.77 33.51 10.23
CAC CLA UG . 11.85 35.86 9.61
CBC CLA UG . 11.21 37.16 9.16
ND CLA UG . 12.41 37.08 14.86
C1D CLA UG . 12.97 37.56 13.65
C2D CLA UG . 13.90 38.67 13.94
C3D CLA UG . 13.91 38.81 15.31
C4D CLA UG . 12.98 37.79 15.85
CMD CLA UG . 14.64 39.42 12.94
CAD CLA UG . 14.44 39.54 16.45
OBD CLA UG . 15.23 40.49 16.48
CBD CLA UG . 13.83 38.91 17.74
CGD CLA UG . 14.90 38.34 18.61
O1D CLA UG . 15.16 37.15 18.82
O2D CLA UG . 15.67 39.29 19.24
CED CLA UG . 16.78 38.84 20.01
C1 CLA UG . 13.11 40.90 21.19
C1 BCR VG . 17.81 3.38 -1.05
C2 BCR VG . 18.50 2.03 -0.89
C3 BCR VG . 17.57 0.94 -0.34
C4 BCR VG . 17.04 1.37 1.01
C5 BCR VG . 16.28 2.66 0.82
C6 BCR VG . 16.74 3.63 0.02
C7 BCR VG . 16.19 4.99 0.18
C8 BCR VG . 16.69 5.77 1.14
C9 BCR VG . 16.23 7.14 1.40
C10 BCR VG . 17.10 8.14 1.31
C11 BCR VG . 16.75 9.53 1.58
C33 BCR VG . 14.97 2.83 1.53
C31 BCR VG . 17.16 3.47 -2.42
C32 BCR VG . 18.87 4.47 -1.01
C34 BCR VG . 14.80 7.41 1.76
C12 BCR VG . 17.69 10.45 1.37
C13 BCR VG . 17.43 11.87 1.63
C14 BCR VG . 18.38 12.76 1.33
C15 BCR VG . 18.19 14.18 1.59
C16 BCR VG . 19.09 15.07 1.19
C17 BCR VG . 18.86 16.47 1.48
C18 BCR VG . 19.53 17.45 0.86
C19 BCR VG . 19.24 18.84 1.22
C20 BCR VG . 19.79 19.86 0.58
C21 BCR VG . 19.43 21.21 1.02
C22 BCR VG . 19.98 22.29 0.46
C23 BCR VG . 19.58 23.62 0.96
C24 BCR VG . 20.53 24.46 1.37
C25 BCR VG . 20.25 25.81 1.89
C26 BCR VG . 20.47 26.87 1.11
C27 BCR VG . 20.67 28.25 1.67
C28 BCR VG . 19.80 28.42 2.90
C29 BCR VG . 20.08 27.31 3.89
C30 BCR VG . 19.76 25.94 3.32
C35 BCR VG . 16.14 12.32 2.25
C36 BCR VG . 20.55 17.12 -0.19
C37 BCR VG . 20.96 22.17 -0.64
C38 BCR VG . 20.55 26.69 -0.39
C39 BCR VG . 18.25 25.70 3.38
C40 BCR VG . 20.46 24.88 4.14
C1 BCR WG . 22.32 -8.58 4.71
C2 BCR WG . 21.99 -8.49 3.24
C3 BCR WG . 21.70 -7.07 2.84
C4 BCR WG . 20.58 -6.46 3.65
C5 BCR WG . 20.58 -6.90 5.07
C6 BCR WG . 21.35 -7.85 5.57
C7 BCR WG . 21.30 -8.23 6.99
C8 BCR WG . 22.05 -7.60 7.89
C9 BCR WG . 22.11 -7.96 9.28
C10 BCR WG . 22.60 -7.06 10.14
C11 BCR WG . 23.01 -7.35 11.49
C33 BCR WG . 19.61 -6.16 5.90
C31 BCR WG . 22.36 -10.05 5.08
C32 BCR WG . 23.70 -8.00 4.90
C34 BCR WG . 21.99 -9.39 9.64
C12 BCR WG . 23.42 -6.32 12.23
C13 BCR WG . 23.87 -6.40 13.60
C14 BCR WG . 24.16 -5.26 14.24
C15 BCR WG . 24.85 -5.18 15.50
C16 BCR WG . 25.60 -4.12 15.77
C17 BCR WG . 25.80 -3.77 17.15
C18 BCR WG . 26.39 -2.66 17.61
C19 BCR WG . 26.56 -2.50 19.03
C20 BCR WG . 27.41 -1.62 19.56
C21 BCR WG . 27.63 -1.64 20.98
C22 BCR WG . 28.24 -0.69 21.68
C23 BCR WG . 28.25 -0.78 23.14
C24 BCR WG . 29.24 -0.31 23.88
C25 BCR WG . 29.49 -0.69 25.27
C26 BCR WG . 30.10 -1.84 25.58
C27 BCR WG . 30.40 -2.34 26.95
C28 BCR WG . 30.19 -1.28 28.00
C29 BCR WG . 28.97 -0.47 27.68
C30 BCR WG . 29.07 0.25 26.34
C35 BCR WG . 24.21 -7.70 14.20
C36 BCR WG . 26.99 -1.66 16.70
C37 BCR WG . 28.72 0.55 21.03
C38 BCR WG . 30.54 -2.81 24.57
C39 BCR WG . 27.78 0.97 26.00
C40 BCR WG . 30.11 1.33 26.56
FE1 SF4 XG . 3.62 7.28 -29.77
FE2 SF4 XG . 4.21 6.64 -32.65
FE3 SF4 XG . 3.09 4.52 -30.85
FE4 SF4 XG . 5.93 5.50 -30.46
S1 SF4 XG . 4.82 4.68 -32.08
S2 SF4 XG . 4.20 5.31 -29.21
S3 SF4 XG . 5.33 7.46 -31.03
S4 SF4 XG . 2.49 6.49 -31.40
FE1 SF4 YG . -0.88 -1.88 -38.93
FE2 SF4 YG . 0.73 0.62 -39.36
FE3 SF4 YG . -2.19 0.59 -40.06
FE4 SF4 YG . -0.20 -1.01 -41.73
S1 SF4 YG . -0.40 1.02 -41.13
S2 SF4 YG . -2.00 -1.45 -40.69
S3 SF4 YG . 0.93 -1.41 -39.96
S4 SF4 YG . -1.07 0.15 -38.30
#